data_7A7D
#
_entry.id   7A7D
#
loop_
_entity.id
_entity.type
_entity.pdbx_description
1 polymer Desmoglein-2
2 polymer Desmocollin-2
#
loop_
_entity_poly.entity_id
_entity_poly.type
_entity_poly.pdbx_seq_one_letter_code
_entity_poly.pdbx_strand_id
1 'polypeptide(L)'
;AWITAPVALREGEDLSKKNPIAKIHSDLAEERGLKITYKYTGKGITEPPFGIFVFNKDTGELNVTSILDREETPFFLLTG
YALDARGNNVEKPLELRIKVLDINDNEPVFTQDVFVGSVEELSAAHTLVMKINATDADEPNTLNSKISYRIVSLEPAYPP
VFYLNKDTGEIYTTSVTLDREEHSSYTLTVEARDGNGEVTDKPVKQAQVQIRILDVNDNIPVVENKVLEGMVEENQVNVE
VTRIKVFDADEIGSDNWLANFTFASGNEGGYFHIETDAQTNEGIVTLIKEVDYEEMKNLDFSVIVANKAAFHKSIRSKYK
PTPIPIKVKVKNVKEGIHFKSSVISIYVSESMDRSSKGQIIGNFQAFDEDTGLPAHARYVKLEDRDNWISVDSVTSEIKL
AKLPDFESRYVQNGTYTVKIVAISEDYPRKTITGTVLINVEDINDNCPTLIEPVQTICHDAEYVNVTAEDLDGHPNSGPF
SFSVIDKPPGMAEKWKIARQESTSVLLQQSEKKLGRSEIQFLISDNQGFSCPEKQVLTLTVCECLHGSGCREAH
;
A,B,C,D,E,F,G
2 'polypeptide(L)'
;RWAPIPCSMLENSLGPFPLFLQQVQSDTAQNYTIYYSIRGPGVDQEPRNLFYVERDTGNLYCTRPVDREQYESFEIIAFA
TTPDGYTPELPLPLIIKIEDENDNYPIFTEETYTFTIFENCRVGTTVGQVCATDKDEPDTMHTRLKYSIIGQVPPSPTLF
SMHPTTGVITTTSSQLDRELIDKYQLKIKVQDMDGQYFGLQTTSTCIINIDDVNDHLPTFTRTSYVTSVEENTVDVEILR
VTVEDKDLVNTANWRANYTILKGNENGNFKIVTDAKTNEGVLCVVKPLNYEEKQQMILQIGVVNEAPFSREASPRSAMST
ATVTVNVEDQDEGPECNPPIQTVRMKENAEVGTTSNGYKAYDPETRSSSGIRYKKLTDPTGWVTIDENTGSIKVFRSLDR
EAETIKNGIYNITVLASDQGGRTCTGTLGIILQDVNDNSPFIPKKTVIICKPTMSSAEIVAVDPDEPIHGPPFDFSLESS
TSEVQRMWRLKAINDTAARLSYQNDPPFGSYVVPITVRDRLGMSSVTSLDVTLCDCITENDCTH
;
a,b,c,d,e,f,g
#
# COMPACT_ATOMS: atom_id res chain seq x y z
N ALA A 1 9.16 -83.59 -16.63
CA ALA A 1 9.17 -83.63 -15.17
C ALA A 1 9.31 -82.22 -14.61
N TRP A 2 9.01 -81.93 -13.34
CA TRP A 2 8.77 -80.64 -12.72
C TRP A 2 10.11 -79.95 -12.47
N ILE A 3 10.16 -78.64 -12.78
CA ILE A 3 11.34 -77.82 -12.73
C ILE A 3 11.20 -76.68 -11.73
N THR A 4 12.23 -75.94 -11.31
CA THR A 4 12.38 -74.98 -10.25
C THR A 4 12.73 -73.63 -10.85
N ALA A 5 12.51 -72.50 -10.18
CA ALA A 5 12.92 -71.15 -10.54
C ALA A 5 14.03 -70.50 -9.75
N PRO A 6 14.72 -69.49 -10.29
CA PRO A 6 15.58 -68.61 -9.52
C PRO A 6 14.93 -67.70 -8.48
N VAL A 7 15.65 -67.19 -7.49
CA VAL A 7 15.17 -66.32 -6.42
C VAL A 7 15.85 -64.95 -6.37
N ALA A 8 15.20 -63.98 -5.73
CA ALA A 8 15.67 -62.61 -5.69
C ALA A 8 15.54 -61.99 -4.31
N LEU A 9 16.63 -61.46 -3.74
CA LEU A 9 16.67 -61.04 -2.34
C LEU A 9 17.15 -59.60 -2.27
N ARG A 10 16.59 -58.76 -1.41
CA ARG A 10 16.94 -57.35 -1.36
C ARG A 10 18.13 -57.02 -0.48
N GLU A 11 18.84 -55.93 -0.80
CA GLU A 11 20.00 -55.40 -0.10
C GLU A 11 19.50 -54.95 1.26
N GLY A 12 20.37 -55.10 2.27
CA GLY A 12 20.37 -54.23 3.41
C GLY A 12 19.36 -54.56 4.50
N GLU A 13 18.44 -55.52 4.41
CA GLU A 13 17.56 -55.85 5.51
C GLU A 13 17.75 -57.31 5.87
N ASP A 14 17.30 -57.55 7.10
CA ASP A 14 17.23 -58.87 7.71
C ASP A 14 16.24 -59.73 6.94
N LEU A 15 16.66 -60.80 6.25
CA LEU A 15 15.74 -61.68 5.56
C LEU A 15 15.23 -62.86 6.38
N SER A 16 15.45 -62.89 7.70
CA SER A 16 15.08 -63.92 8.64
C SER A 16 13.60 -64.31 8.67
N LYS A 17 12.71 -63.50 8.12
CA LYS A 17 11.30 -63.71 7.87
C LYS A 17 10.94 -64.05 6.43
N LYS A 18 11.90 -64.55 5.64
CA LYS A 18 11.72 -64.95 4.26
C LYS A 18 12.20 -66.39 4.10
N ASN A 19 12.57 -67.20 5.09
CA ASN A 19 13.16 -68.51 4.89
C ASN A 19 12.16 -69.63 5.07
N PRO A 20 12.45 -70.79 4.49
CA PRO A 20 13.66 -71.05 3.72
C PRO A 20 13.49 -70.65 2.27
N ILE A 21 14.57 -70.29 1.59
CA ILE A 21 14.54 -69.77 0.24
C ILE A 21 14.65 -70.85 -0.85
N ALA A 22 15.44 -71.89 -0.60
CA ALA A 22 15.52 -73.03 -1.51
C ALA A 22 15.77 -74.29 -0.69
N LYS A 23 15.78 -75.49 -1.28
CA LYS A 23 15.95 -76.79 -0.67
C LYS A 23 16.42 -77.80 -1.70
N ILE A 24 17.37 -78.64 -1.29
CA ILE A 24 17.91 -79.76 -2.03
C ILE A 24 17.62 -81.02 -1.23
N HIS A 25 16.70 -81.83 -1.74
CA HIS A 25 16.26 -83.02 -1.02
C HIS A 25 15.55 -83.99 -1.95
N SER A 26 15.67 -85.28 -1.65
CA SER A 26 15.26 -86.33 -2.54
C SER A 26 13.83 -86.83 -2.36
N ASP A 27 13.12 -87.15 -3.43
CA ASP A 27 11.72 -87.51 -3.30
C ASP A 27 11.33 -88.94 -2.97
N LEU A 28 12.15 -89.90 -3.40
CA LEU A 28 11.96 -91.32 -3.14
C LEU A 28 12.99 -92.00 -2.24
N ALA A 29 14.01 -91.25 -1.81
CA ALA A 29 15.05 -91.87 -1.02
C ALA A 29 14.67 -92.73 0.17
N GLU A 30 13.70 -92.15 0.89
CA GLU A 30 12.96 -92.74 1.98
C GLU A 30 12.32 -94.09 1.68
N GLU A 31 11.86 -94.41 0.47
CA GLU A 31 11.28 -95.68 0.07
C GLU A 31 12.29 -96.78 -0.25
N ARG A 32 13.59 -96.47 -0.14
CA ARG A 32 14.63 -97.48 -0.07
C ARG A 32 15.43 -97.39 1.22
N GLY A 33 15.01 -96.62 2.22
CA GLY A 33 15.64 -96.36 3.50
C GLY A 33 16.92 -95.54 3.35
N LEU A 34 17.13 -94.96 2.17
CA LEU A 34 18.46 -94.53 1.74
C LEU A 34 18.81 -93.21 2.40
N LYS A 35 19.85 -93.17 3.25
CA LYS A 35 20.22 -91.93 3.88
C LYS A 35 21.09 -91.06 2.99
N ILE A 36 20.78 -89.76 2.86
CA ILE A 36 21.52 -88.80 2.08
C ILE A 36 22.00 -87.69 3.02
N THR A 37 23.10 -86.99 2.73
CA THR A 37 23.50 -85.72 3.28
C THR A 37 23.87 -84.76 2.14
N TYR A 38 23.61 -83.47 2.34
CA TYR A 38 23.39 -82.44 1.36
C TYR A 38 24.38 -81.29 1.47
N LYS A 39 24.95 -80.71 0.40
CA LYS A 39 25.73 -79.49 0.43
C LYS A 39 25.57 -78.61 -0.79
N TYR A 40 25.70 -77.29 -0.61
CA TYR A 40 25.73 -76.25 -1.62
C TYR A 40 27.16 -75.74 -1.73
N THR A 41 27.69 -75.53 -2.94
CA THR A 41 28.83 -74.70 -3.26
C THR A 41 28.45 -73.45 -4.04
N GLY A 42 29.35 -72.47 -3.84
CA GLY A 42 29.06 -71.20 -4.47
C GLY A 42 29.38 -69.97 -3.64
N LYS A 43 29.41 -68.83 -4.32
CA LYS A 43 29.72 -67.53 -3.74
C LYS A 43 28.60 -67.15 -2.79
N GLY A 44 28.99 -66.95 -1.53
CA GLY A 44 28.01 -66.82 -0.45
C GLY A 44 27.91 -68.00 0.50
N ILE A 45 28.45 -69.18 0.19
CA ILE A 45 28.30 -70.35 1.02
C ILE A 45 29.62 -71.10 1.12
N THR A 46 30.40 -71.24 0.05
CA THR A 46 31.72 -71.85 0.12
C THR A 46 32.83 -71.00 -0.46
N GLU A 47 32.54 -69.95 -1.24
CA GLU A 47 33.33 -68.79 -1.61
C GLU A 47 32.72 -67.53 -1.02
N PRO A 48 33.42 -66.40 -1.00
CA PRO A 48 32.93 -65.11 -0.57
C PRO A 48 31.72 -64.48 -1.26
N PRO A 49 30.99 -63.66 -0.51
CA PRO A 49 31.25 -63.21 0.85
C PRO A 49 30.73 -64.27 1.81
N PHE A 50 31.31 -64.14 3.01
CA PHE A 50 31.03 -65.03 4.13
C PHE A 50 29.92 -64.61 5.08
N GLY A 51 29.19 -65.51 5.76
CA GLY A 51 28.18 -65.20 6.75
C GLY A 51 26.76 -65.26 6.20
N ILE A 52 26.63 -65.10 4.88
CA ILE A 52 25.35 -64.68 4.33
C ILE A 52 24.27 -65.73 4.15
N PHE A 53 24.58 -67.01 3.93
CA PHE A 53 23.68 -68.14 3.85
C PHE A 53 24.13 -69.32 4.70
N VAL A 54 23.19 -70.17 5.13
CA VAL A 54 23.50 -71.42 5.77
C VAL A 54 22.59 -72.54 5.27
N PHE A 55 23.03 -73.79 5.37
CA PHE A 55 22.22 -74.95 5.09
C PHE A 55 22.27 -76.08 6.11
N ASN A 56 21.08 -76.68 6.20
CA ASN A 56 20.77 -77.85 7.01
C ASN A 56 21.33 -79.14 6.42
N LYS A 57 22.35 -79.82 6.94
CA LYS A 57 23.07 -80.95 6.37
C LYS A 57 22.31 -82.25 6.16
N ASP A 58 21.12 -82.29 6.77
CA ASP A 58 20.22 -83.43 6.76
C ASP A 58 19.05 -83.21 5.81
N THR A 59 18.37 -82.06 5.79
CA THR A 59 17.20 -81.81 4.98
C THR A 59 17.38 -80.81 3.84
N GLY A 60 18.62 -80.32 3.66
CA GLY A 60 19.05 -79.55 2.52
C GLY A 60 18.35 -78.22 2.30
N GLU A 61 17.65 -77.68 3.31
CA GLU A 61 17.15 -76.33 3.34
C GLU A 61 18.16 -75.19 3.26
N LEU A 62 17.85 -74.16 2.48
CA LEU A 62 18.74 -73.02 2.29
C LEU A 62 18.09 -71.80 2.92
N ASN A 63 18.85 -71.05 3.73
CA ASN A 63 18.40 -69.98 4.60
C ASN A 63 19.35 -68.79 4.46
N VAL A 64 18.83 -67.57 4.37
CA VAL A 64 19.62 -66.37 4.60
C VAL A 64 19.94 -66.18 6.08
N THR A 65 21.15 -65.70 6.35
CA THR A 65 21.67 -65.45 7.69
C THR A 65 22.33 -64.11 7.97
N SER A 66 22.62 -63.25 6.98
CA SER A 66 23.12 -61.93 7.27
C SER A 66 22.82 -60.97 6.12
N ILE A 67 23.18 -59.70 6.26
CA ILE A 67 22.77 -58.58 5.46
C ILE A 67 23.42 -58.74 4.09
N LEU A 68 22.61 -58.68 3.04
CA LEU A 68 23.09 -58.58 1.68
C LEU A 68 23.58 -57.22 1.21
N ASP A 69 24.60 -57.16 0.36
CA ASP A 69 25.15 -55.92 -0.16
C ASP A 69 25.24 -55.97 -1.67
N ARG A 70 24.42 -55.20 -2.39
CA ARG A 70 24.55 -55.20 -3.84
C ARG A 70 25.77 -54.44 -4.34
N GLU A 71 26.43 -53.64 -3.51
CA GLU A 71 27.75 -53.15 -3.84
C GLU A 71 28.91 -54.09 -3.52
N GLU A 72 28.63 -55.40 -3.43
CA GLU A 72 29.58 -56.45 -3.13
C GLU A 72 29.43 -57.63 -4.06
N THR A 73 28.17 -58.00 -4.35
CA THR A 73 27.68 -58.85 -5.41
C THR A 73 26.27 -58.61 -5.92
N PRO A 74 26.01 -58.38 -7.21
CA PRO A 74 24.66 -58.27 -7.74
C PRO A 74 23.93 -59.59 -7.98
N PHE A 75 24.68 -60.66 -8.23
CA PHE A 75 24.26 -62.04 -8.33
C PHE A 75 25.08 -63.04 -7.53
N PHE A 76 24.52 -64.23 -7.25
CA PHE A 76 25.27 -65.42 -6.90
C PHE A 76 24.70 -66.61 -7.66
N LEU A 77 25.54 -67.65 -7.76
CA LEU A 77 25.17 -68.82 -8.53
C LEU A 77 25.77 -70.06 -7.90
N LEU A 78 24.90 -70.72 -7.13
CA LEU A 78 25.15 -71.96 -6.43
C LEU A 78 24.82 -73.19 -7.25
N THR A 79 25.44 -74.28 -6.77
CA THR A 79 25.22 -75.65 -7.19
C THR A 79 25.06 -76.47 -5.93
N GLY A 80 23.96 -77.23 -5.84
CA GLY A 80 23.66 -78.08 -4.71
C GLY A 80 23.77 -79.56 -5.11
N TYR A 81 24.11 -80.35 -4.09
CA TYR A 81 24.53 -81.73 -4.14
C TYR A 81 24.02 -82.61 -3.01
N ALA A 82 23.96 -83.91 -3.29
CA ALA A 82 23.29 -84.97 -2.57
C ALA A 82 24.04 -86.30 -2.61
N LEU A 83 24.79 -86.67 -1.58
CA LEU A 83 25.54 -87.92 -1.55
C LEU A 83 25.02 -88.93 -0.53
N ASP A 84 25.10 -90.21 -0.90
CA ASP A 84 25.10 -91.31 0.05
C ASP A 84 26.33 -91.35 0.94
N ALA A 85 26.42 -92.25 1.93
CA ALA A 85 27.49 -92.38 2.90
C ALA A 85 28.84 -92.76 2.32
N ARG A 86 28.89 -93.26 1.09
CA ARG A 86 30.10 -93.80 0.49
C ARG A 86 30.71 -92.80 -0.50
N GLY A 87 29.89 -92.12 -1.29
CA GLY A 87 30.33 -91.31 -2.41
C GLY A 87 29.41 -91.06 -3.60
N ASN A 88 28.31 -91.81 -3.72
CA ASN A 88 27.48 -91.72 -4.89
C ASN A 88 26.56 -90.51 -4.92
N ASN A 89 26.54 -89.76 -6.02
CA ASN A 89 25.67 -88.63 -6.24
C ASN A 89 24.27 -89.17 -6.47
N VAL A 90 23.37 -89.16 -5.48
CA VAL A 90 22.07 -89.79 -5.54
C VAL A 90 21.18 -89.02 -6.50
N GLU A 91 21.31 -87.69 -6.50
CA GLU A 91 20.68 -86.81 -7.45
C GLU A 91 21.59 -86.05 -8.40
N LYS A 92 21.06 -85.64 -9.55
CA LYS A 92 21.88 -84.81 -10.42
C LYS A 92 21.98 -83.42 -9.81
N PRO A 93 23.14 -82.76 -9.75
CA PRO A 93 23.30 -81.46 -9.13
C PRO A 93 22.40 -80.38 -9.69
N LEU A 94 21.87 -79.55 -8.79
CA LEU A 94 20.88 -78.54 -9.08
C LEU A 94 21.61 -77.20 -9.12
N GLU A 95 21.40 -76.46 -10.20
CA GLU A 95 21.63 -75.03 -10.33
C GLU A 95 20.64 -74.19 -9.53
N LEU A 96 21.16 -73.20 -8.80
CA LEU A 96 20.47 -72.18 -8.04
C LEU A 96 21.11 -70.81 -8.29
N ARG A 97 20.39 -69.88 -8.93
CA ARG A 97 20.73 -68.47 -8.96
C ARG A 97 20.02 -67.61 -7.93
N ILE A 98 20.70 -66.56 -7.44
CA ILE A 98 20.25 -65.65 -6.42
C ILE A 98 20.59 -64.27 -6.99
N LYS A 99 19.59 -63.50 -7.41
CA LYS A 99 19.75 -62.08 -7.65
C LYS A 99 19.71 -61.33 -6.33
N VAL A 100 20.66 -60.41 -6.13
CA VAL A 100 20.53 -59.30 -5.20
C VAL A 100 19.88 -58.07 -5.79
N LEU A 101 18.96 -57.36 -5.13
CA LEU A 101 18.32 -56.13 -5.56
C LEU A 101 18.73 -54.95 -4.69
N ASP A 102 19.21 -53.97 -5.45
CA ASP A 102 19.78 -52.73 -4.97
C ASP A 102 18.79 -51.67 -4.49
N ILE A 103 19.25 -51.06 -3.39
CA ILE A 103 18.77 -49.86 -2.74
C ILE A 103 19.79 -48.73 -2.63
N ASN A 104 19.41 -47.51 -2.25
CA ASN A 104 20.36 -46.46 -1.98
C ASN A 104 20.88 -46.51 -0.55
N ASP A 105 22.16 -46.87 -0.40
CA ASP A 105 22.79 -46.99 0.90
C ASP A 105 24.19 -46.41 1.02
N ASN A 106 24.46 -45.44 0.15
CA ASN A 106 25.72 -44.73 0.20
C ASN A 106 25.55 -43.34 -0.40
N GLU A 107 26.20 -42.34 0.21
CA GLU A 107 25.91 -40.99 -0.23
C GLU A 107 27.10 -40.41 -0.97
N PRO A 108 27.01 -39.45 -1.89
CA PRO A 108 28.03 -39.22 -2.89
C PRO A 108 29.23 -38.46 -2.36
N VAL A 109 30.46 -38.66 -2.83
CA VAL A 109 31.66 -38.13 -2.20
C VAL A 109 32.59 -37.40 -3.16
N PHE A 110 32.68 -36.09 -2.93
CA PHE A 110 33.48 -35.16 -3.71
C PHE A 110 34.92 -35.43 -4.14
N THR A 111 35.30 -35.04 -5.35
CA THR A 111 36.64 -35.22 -5.86
C THR A 111 37.70 -34.39 -5.12
N GLN A 112 37.26 -33.49 -4.25
CA GLN A 112 37.96 -32.53 -3.42
C GLN A 112 37.24 -32.26 -2.11
N ASP A 113 37.98 -32.03 -1.01
CA ASP A 113 37.51 -31.41 0.20
C ASP A 113 37.16 -29.92 0.13
N VAL A 114 37.93 -29.19 -0.68
CA VAL A 114 37.78 -27.78 -0.95
C VAL A 114 38.07 -27.33 -2.37
N PHE A 115 37.00 -26.91 -3.05
CA PHE A 115 37.07 -26.48 -4.44
C PHE A 115 37.39 -24.99 -4.57
N VAL A 116 38.09 -24.64 -5.64
CA VAL A 116 38.63 -23.32 -5.94
C VAL A 116 38.15 -22.76 -7.28
N GLY A 117 37.84 -21.46 -7.21
CA GLY A 117 37.19 -20.82 -8.35
C GLY A 117 37.47 -19.34 -8.56
N SER A 118 37.01 -18.76 -9.66
CA SER A 118 37.16 -17.36 -10.03
C SER A 118 36.03 -16.84 -10.89
N VAL A 119 35.70 -15.55 -10.69
CA VAL A 119 34.63 -14.68 -11.13
C VAL A 119 35.16 -13.26 -10.99
N GLU A 120 34.82 -12.44 -11.99
CA GLU A 120 35.36 -11.11 -12.19
C GLU A 120 34.46 -10.03 -11.60
N GLU A 121 35.00 -8.87 -11.21
CA GLU A 121 34.23 -7.70 -10.84
C GLU A 121 33.41 -7.13 -12.01
N LEU A 122 32.29 -6.50 -11.68
CA LEU A 122 31.37 -5.74 -12.52
C LEU A 122 30.58 -6.55 -13.53
N SER A 123 30.63 -7.88 -13.55
CA SER A 123 30.03 -8.83 -14.46
C SER A 123 28.51 -8.91 -14.38
N ALA A 124 27.92 -9.36 -15.49
CA ALA A 124 26.49 -9.52 -15.63
C ALA A 124 25.90 -10.55 -14.68
N ALA A 125 24.60 -10.56 -14.42
CA ALA A 125 23.91 -11.59 -13.67
C ALA A 125 24.15 -12.95 -14.28
N HIS A 126 23.93 -13.98 -13.47
CA HIS A 126 24.06 -15.41 -13.70
C HIS A 126 25.34 -15.77 -14.41
N THR A 127 26.49 -15.18 -14.06
CA THR A 127 27.84 -15.51 -14.51
C THR A 127 28.18 -16.83 -13.83
N LEU A 128 28.41 -17.81 -14.71
CA LEU A 128 29.00 -19.10 -14.39
C LEU A 128 30.39 -18.86 -13.79
N VAL A 129 30.72 -19.57 -12.72
CA VAL A 129 31.91 -19.45 -11.90
C VAL A 129 32.71 -20.74 -11.91
N MET A 130 32.17 -21.91 -11.54
CA MET A 130 32.96 -23.10 -11.36
C MET A 130 32.07 -24.34 -11.36
N LYS A 131 32.59 -25.56 -11.30
CA LYS A 131 31.93 -26.84 -11.10
C LYS A 131 32.63 -27.67 -10.03
N ILE A 132 31.80 -28.31 -9.21
CA ILE A 132 32.10 -29.22 -8.12
C ILE A 132 31.71 -30.60 -8.60
N ASN A 133 32.49 -31.63 -8.20
CA ASN A 133 32.29 -33.00 -8.61
C ASN A 133 32.38 -34.03 -7.49
N ALA A 134 31.56 -35.07 -7.56
CA ALA A 134 31.48 -36.19 -6.63
C ALA A 134 31.08 -37.45 -7.38
N THR A 135 31.26 -38.55 -6.64
CA THR A 135 31.03 -39.91 -7.06
C THR A 135 30.14 -40.71 -6.11
N ASP A 136 29.36 -41.69 -6.57
CA ASP A 136 28.46 -42.60 -5.88
C ASP A 136 28.72 -44.06 -6.21
N ALA A 137 28.55 -44.84 -5.13
CA ALA A 137 28.85 -46.26 -5.13
C ALA A 137 27.68 -47.13 -5.60
N ASP A 138 26.41 -46.77 -5.47
CA ASP A 138 25.39 -47.54 -6.17
C ASP A 138 25.59 -47.60 -7.68
N GLU A 139 24.77 -48.40 -8.35
CA GLU A 139 24.83 -48.73 -9.76
C GLU A 139 24.66 -47.56 -10.71
N PRO A 140 25.60 -47.19 -11.57
CA PRO A 140 25.53 -46.04 -12.45
C PRO A 140 24.27 -45.93 -13.29
N ASN A 141 23.93 -44.71 -13.72
CA ASN A 141 22.78 -44.21 -14.45
C ASN A 141 21.46 -44.58 -13.80
N THR A 142 21.48 -44.63 -12.47
CA THR A 142 20.26 -44.87 -11.72
C THR A 142 20.07 -43.87 -10.58
N LEU A 143 18.86 -43.76 -10.03
CA LEU A 143 18.39 -42.84 -9.03
C LEU A 143 19.03 -43.07 -7.67
N ASN A 144 19.66 -44.20 -7.33
CA ASN A 144 20.41 -44.44 -6.11
C ASN A 144 21.78 -43.80 -6.16
N SER A 145 22.25 -43.46 -7.36
CA SER A 145 23.55 -42.86 -7.58
C SER A 145 23.44 -41.44 -8.12
N LYS A 146 22.27 -40.98 -8.57
CA LYS A 146 21.98 -39.72 -9.21
C LYS A 146 22.12 -38.56 -8.24
N ILE A 147 23.17 -37.77 -8.44
CA ILE A 147 23.68 -36.75 -7.55
C ILE A 147 22.95 -35.43 -7.67
N SER A 148 22.68 -34.72 -6.57
CA SER A 148 22.23 -33.34 -6.49
C SER A 148 23.12 -32.62 -5.49
N TYR A 149 23.43 -31.35 -5.80
CA TYR A 149 24.34 -30.49 -5.08
C TYR A 149 23.65 -29.24 -4.54
N ARG A 150 23.96 -28.91 -3.29
CA ARG A 150 23.35 -27.76 -2.65
C ARG A 150 24.28 -26.97 -1.74
N ILE A 151 24.04 -25.66 -1.59
CA ILE A 151 24.72 -24.80 -0.64
C ILE A 151 24.11 -24.94 0.74
N VAL A 152 24.93 -25.24 1.75
CA VAL A 152 24.60 -25.26 3.16
C VAL A 152 25.14 -24.16 4.06
N SER A 153 26.16 -23.41 3.63
CA SER A 153 26.59 -22.29 4.45
C SER A 153 27.44 -21.27 3.70
N LEU A 154 27.48 -19.99 4.08
CA LEU A 154 27.98 -18.92 3.22
C LEU A 154 28.56 -17.87 4.17
N GLU A 155 29.62 -17.18 3.75
CA GLU A 155 30.44 -16.25 4.49
C GLU A 155 31.09 -15.20 3.61
N PRO A 156 30.92 -13.91 3.92
CA PRO A 156 29.81 -13.33 4.64
C PRO A 156 28.43 -13.87 4.25
N ALA A 157 27.48 -14.07 5.16
CA ALA A 157 26.26 -14.81 4.90
C ALA A 157 25.20 -13.95 4.21
N TYR A 158 25.38 -12.64 4.04
CA TYR A 158 24.48 -11.64 3.50
C TYR A 158 25.21 -10.53 2.76
N PRO A 159 24.75 -9.99 1.62
CA PRO A 159 23.56 -10.36 0.87
C PRO A 159 23.70 -11.67 0.11
N PRO A 160 22.67 -12.13 -0.62
CA PRO A 160 22.83 -13.28 -1.48
C PRO A 160 23.60 -13.10 -2.79
N VAL A 161 24.59 -13.94 -3.06
CA VAL A 161 25.69 -13.81 -4.01
C VAL A 161 25.79 -14.95 -5.01
N PHE A 162 25.40 -16.17 -4.64
CA PHE A 162 25.59 -17.32 -5.50
C PHE A 162 24.41 -18.28 -5.52
N TYR A 163 24.18 -19.06 -6.57
CA TYR A 163 23.25 -20.17 -6.59
C TYR A 163 24.08 -21.35 -7.08
N LEU A 164 23.61 -22.55 -6.71
CA LEU A 164 24.09 -23.82 -7.18
C LEU A 164 22.99 -24.52 -7.98
N ASN A 165 23.20 -24.76 -9.27
CA ASN A 165 22.38 -25.63 -10.09
C ASN A 165 22.54 -27.05 -9.55
N LYS A 166 21.47 -27.60 -8.98
CA LYS A 166 21.43 -28.88 -8.32
C LYS A 166 21.66 -30.07 -9.24
N ASP A 167 21.39 -29.87 -10.53
CA ASP A 167 21.42 -30.88 -11.57
C ASP A 167 22.74 -30.97 -12.31
N THR A 168 23.68 -30.07 -12.04
CA THR A 168 24.98 -30.12 -12.68
C THR A 168 26.15 -29.93 -11.74
N GLY A 169 25.96 -29.33 -10.57
CA GLY A 169 26.97 -28.88 -9.63
C GLY A 169 27.70 -27.63 -10.10
N GLU A 170 27.15 -26.79 -10.98
CA GLU A 170 27.73 -25.51 -11.36
C GLU A 170 27.23 -24.37 -10.50
N ILE A 171 28.07 -23.34 -10.34
CA ILE A 171 27.86 -22.28 -9.37
C ILE A 171 27.83 -20.98 -10.14
N TYR A 172 26.74 -20.24 -9.92
CA TYR A 172 26.42 -19.01 -10.62
C TYR A 172 26.18 -17.85 -9.66
N THR A 173 26.48 -16.66 -10.17
CA THR A 173 26.20 -15.43 -9.44
C THR A 173 24.79 -14.86 -9.46
N THR A 174 24.40 -14.15 -8.40
CA THR A 174 23.19 -13.35 -8.35
C THR A 174 23.39 -11.96 -8.95
N SER A 175 22.33 -11.18 -9.19
CA SER A 175 22.35 -9.84 -9.72
C SER A 175 23.10 -8.76 -8.96
N VAL A 176 23.60 -9.03 -7.74
CA VAL A 176 24.42 -8.16 -6.92
C VAL A 176 25.77 -8.00 -7.60
N THR A 177 26.30 -6.76 -7.53
CA THR A 177 27.56 -6.46 -8.17
C THR A 177 28.80 -6.82 -7.36
N LEU A 178 29.72 -7.56 -7.99
CA LEU A 178 30.95 -7.95 -7.32
C LEU A 178 32.07 -6.93 -7.49
N ASP A 179 32.85 -6.76 -6.42
CA ASP A 179 33.91 -5.78 -6.34
C ASP A 179 35.16 -6.31 -5.65
N ARG A 180 36.22 -6.27 -6.46
CA ARG A 180 37.51 -6.78 -6.04
C ARG A 180 38.06 -5.98 -4.86
N GLU A 181 37.80 -4.67 -4.95
CA GLU A 181 38.29 -3.77 -3.92
C GLU A 181 37.65 -3.90 -2.55
N GLU A 182 36.63 -4.76 -2.38
CA GLU A 182 35.96 -4.92 -1.10
C GLU A 182 36.00 -6.35 -0.57
N HIS A 183 35.75 -7.33 -1.44
CA HIS A 183 35.80 -8.76 -1.15
C HIS A 183 36.85 -9.40 -2.03
N SER A 184 38.03 -9.50 -1.42
CA SER A 184 39.07 -10.25 -2.10
C SER A 184 38.60 -11.63 -2.52
N SER A 185 37.84 -12.32 -1.67
CA SER A 185 37.28 -13.63 -1.91
C SER A 185 35.89 -13.82 -1.33
N TYR A 186 35.33 -15.03 -1.46
CA TYR A 186 34.27 -15.61 -0.65
C TYR A 186 34.50 -17.05 -0.18
N THR A 187 33.81 -17.59 0.82
CA THR A 187 33.80 -19.01 1.10
C THR A 187 32.38 -19.50 1.36
N LEU A 188 31.92 -20.63 0.83
CA LEU A 188 30.68 -21.28 1.16
C LEU A 188 30.91 -22.77 1.32
N THR A 189 29.87 -23.55 1.63
CA THR A 189 29.90 -24.98 1.86
C THR A 189 28.82 -25.73 1.10
N VAL A 190 29.09 -26.88 0.48
CA VAL A 190 28.25 -27.62 -0.44
C VAL A 190 28.05 -29.02 0.11
N GLU A 191 26.87 -29.57 -0.15
CA GLU A 191 26.44 -30.89 0.27
C GLU A 191 26.00 -31.65 -0.97
N ALA A 192 26.56 -32.83 -1.26
CA ALA A 192 26.14 -33.77 -2.29
C ALA A 192 25.12 -34.71 -1.67
N ARG A 193 24.06 -35.04 -2.41
CA ARG A 193 22.95 -35.87 -2.00
C ARG A 193 22.54 -36.72 -3.19
N ASP A 194 21.73 -37.75 -2.89
CA ASP A 194 21.20 -38.64 -3.90
C ASP A 194 19.75 -39.06 -3.63
N GLY A 195 19.21 -39.53 -4.76
CA GLY A 195 17.88 -40.10 -4.74
C GLY A 195 16.78 -39.07 -4.54
N ASN A 196 15.69 -39.30 -3.81
CA ASN A 196 14.60 -38.34 -3.72
C ASN A 196 14.68 -37.48 -2.46
N GLY A 197 15.39 -37.89 -1.41
CA GLY A 197 15.87 -37.09 -0.30
C GLY A 197 14.94 -36.79 0.86
N GLU A 198 13.64 -37.07 0.75
CA GLU A 198 12.56 -36.82 1.69
C GLU A 198 12.88 -37.61 2.95
N VAL A 199 12.63 -36.89 4.05
CA VAL A 199 12.78 -37.34 5.43
C VAL A 199 14.04 -38.11 5.82
N THR A 200 15.18 -37.59 5.37
CA THR A 200 16.50 -38.10 5.68
C THR A 200 16.91 -37.28 6.90
N ASP A 201 17.58 -37.91 7.88
CA ASP A 201 18.01 -37.35 9.13
C ASP A 201 19.37 -37.77 9.64
N LYS A 202 19.89 -38.88 9.10
CA LYS A 202 21.26 -39.32 9.30
C LYS A 202 22.13 -38.45 8.42
N PRO A 203 23.26 -38.01 8.98
CA PRO A 203 24.10 -36.98 8.39
C PRO A 203 24.66 -37.39 7.04
N VAL A 204 24.98 -36.46 6.14
CA VAL A 204 25.56 -36.70 4.83
C VAL A 204 26.77 -35.81 4.58
N LYS A 205 27.54 -35.91 3.49
CA LYS A 205 28.91 -35.44 3.45
C LYS A 205 29.09 -34.21 2.59
N GLN A 206 30.10 -33.41 2.95
CA GLN A 206 30.16 -31.99 2.64
C GLN A 206 31.56 -31.63 2.14
N ALA A 207 31.67 -30.56 1.36
CA ALA A 207 32.87 -29.86 0.92
C ALA A 207 32.69 -28.35 0.95
N GLN A 208 33.87 -27.73 0.91
CA GLN A 208 34.07 -26.29 0.85
C GLN A 208 34.24 -25.79 -0.58
N VAL A 209 33.79 -24.56 -0.84
CA VAL A 209 33.98 -23.83 -2.08
C VAL A 209 34.59 -22.47 -1.75
N GLN A 210 35.65 -22.05 -2.42
CA GLN A 210 36.37 -20.80 -2.24
C GLN A 210 36.54 -20.04 -3.54
N ILE A 211 36.05 -18.79 -3.61
CA ILE A 211 35.97 -18.01 -4.82
C ILE A 211 36.80 -16.74 -4.83
N ARG A 212 37.73 -16.56 -5.78
CA ARG A 212 38.58 -15.40 -5.93
C ARG A 212 37.88 -14.40 -6.84
N ILE A 213 37.73 -13.15 -6.39
CA ILE A 213 37.22 -12.03 -7.14
C ILE A 213 38.39 -11.41 -7.91
N LEU A 214 38.32 -11.53 -9.23
CA LEU A 214 39.36 -11.09 -10.14
C LEU A 214 39.17 -9.61 -10.45
N ASP A 215 40.32 -8.94 -10.54
CA ASP A 215 40.41 -7.49 -10.63
C ASP A 215 40.16 -7.00 -12.05
N VAL A 216 39.53 -5.82 -12.16
CA VAL A 216 39.45 -4.96 -13.32
C VAL A 216 39.99 -3.57 -13.01
N ASN A 217 40.34 -2.82 -14.06
CA ASN A 217 40.86 -1.48 -14.00
C ASN A 217 39.82 -0.37 -14.02
N ASP A 218 38.95 -0.47 -13.01
CA ASP A 218 37.90 0.45 -12.61
C ASP A 218 38.20 1.64 -11.72
N ASN A 219 39.45 1.73 -11.26
CA ASN A 219 40.00 2.81 -10.47
C ASN A 219 41.19 3.46 -11.18
N ILE A 220 41.30 4.78 -11.06
CA ILE A 220 42.36 5.56 -11.68
C ILE A 220 43.59 5.85 -10.83
N PRO A 221 44.78 6.13 -11.38
CA PRO A 221 45.93 6.52 -10.60
C PRO A 221 45.88 8.01 -10.26
N VAL A 222 45.24 8.31 -9.14
CA VAL A 222 45.27 9.71 -8.76
C VAL A 222 46.65 10.09 -8.21
N VAL A 223 46.95 11.39 -8.25
CA VAL A 223 48.13 11.99 -7.66
C VAL A 223 47.79 13.13 -6.71
N GLU A 224 48.41 13.17 -5.52
CA GLU A 224 48.01 13.99 -4.40
C GLU A 224 48.46 15.45 -4.46
N ASN A 225 49.06 15.83 -5.59
CA ASN A 225 49.58 17.16 -5.83
C ASN A 225 49.11 17.77 -7.13
N LYS A 226 48.73 19.06 -7.14
CA LYS A 226 48.28 19.79 -8.30
C LYS A 226 49.52 20.22 -9.07
N VAL A 227 50.63 20.60 -8.43
CA VAL A 227 51.90 20.89 -9.06
C VAL A 227 53.10 20.54 -8.19
N LEU A 228 54.31 20.55 -8.73
CA LEU A 228 55.53 20.26 -7.98
C LEU A 228 56.70 21.14 -8.39
N GLU A 229 57.53 21.47 -7.41
CA GLU A 229 58.72 22.28 -7.61
C GLU A 229 59.87 22.04 -6.64
N GLY A 230 61.11 22.15 -7.11
CA GLY A 230 62.36 22.11 -6.36
C GLY A 230 63.45 22.37 -7.40
N MET A 231 64.60 22.84 -6.90
CA MET A 231 65.74 23.09 -7.74
C MET A 231 66.70 21.90 -7.74
N VAL A 232 67.61 21.97 -8.72
CA VAL A 232 68.73 21.06 -8.84
C VAL A 232 70.05 21.80 -9.02
N GLU A 233 71.11 21.06 -8.70
CA GLU A 233 72.47 21.49 -8.97
C GLU A 233 72.83 21.22 -10.43
N GLU A 234 73.79 22.02 -10.92
CA GLU A 234 74.51 21.88 -12.16
C GLU A 234 75.53 20.75 -12.03
N ASN A 235 76.11 20.30 -13.15
CA ASN A 235 77.27 19.43 -13.23
C ASN A 235 76.98 18.11 -12.54
N GLN A 236 75.82 17.48 -12.73
CA GLN A 236 75.38 16.15 -12.37
C GLN A 236 74.44 15.63 -13.43
N VAL A 237 74.43 14.31 -13.68
CA VAL A 237 73.49 13.67 -14.58
C VAL A 237 73.35 12.19 -14.25
N ASN A 238 72.31 11.50 -14.73
CA ASN A 238 71.88 10.18 -14.34
C ASN A 238 71.81 10.17 -12.82
N VAL A 239 70.84 10.98 -12.38
CA VAL A 239 70.49 11.18 -10.99
C VAL A 239 69.03 11.54 -10.80
N GLU A 240 68.35 11.13 -9.72
CA GLU A 240 66.98 11.50 -9.41
C GLU A 240 66.86 12.80 -8.63
N VAL A 241 65.79 13.53 -8.96
CA VAL A 241 65.66 14.93 -8.66
C VAL A 241 64.33 15.24 -7.98
N THR A 242 63.28 14.52 -8.36
CA THR A 242 61.85 14.77 -8.23
C THR A 242 61.08 13.46 -8.23
N ARG A 243 60.05 13.37 -7.39
CA ARG A 243 59.08 12.30 -7.27
C ARG A 243 57.62 12.74 -7.32
N ILE A 244 56.80 11.84 -7.88
CA ILE A 244 55.38 12.03 -8.07
C ILE A 244 54.55 10.92 -7.42
N LYS A 245 53.82 11.19 -6.33
CA LYS A 245 53.11 10.23 -5.53
C LYS A 245 51.80 9.73 -6.12
N VAL A 246 51.62 8.42 -6.28
CA VAL A 246 50.50 7.79 -6.94
C VAL A 246 49.78 6.83 -6.01
N PHE A 247 48.45 6.87 -6.19
CA PHE A 247 47.59 5.87 -5.60
C PHE A 247 46.64 5.42 -6.70
N ASP A 248 46.77 4.19 -7.19
CA ASP A 248 45.64 3.46 -7.74
C ASP A 248 44.98 2.48 -6.78
N ALA A 249 43.64 2.45 -6.80
CA ALA A 249 42.93 1.58 -5.89
C ALA A 249 42.75 0.14 -6.32
N ASP A 250 43.26 -0.36 -7.44
CA ASP A 250 43.29 -1.74 -7.89
C ASP A 250 44.39 -2.53 -7.19
N GLU A 251 44.63 -3.77 -7.62
CA GLU A 251 45.48 -4.79 -7.06
C GLU A 251 46.97 -4.49 -7.03
N ILE A 252 47.54 -4.61 -5.82
CA ILE A 252 48.95 -4.31 -5.63
C ILE A 252 49.72 -5.30 -6.49
N GLY A 253 50.75 -4.79 -7.19
CA GLY A 253 51.63 -5.58 -8.02
C GLY A 253 51.16 -5.87 -9.43
N SER A 254 50.14 -5.18 -9.94
CA SER A 254 49.50 -5.43 -11.22
C SER A 254 49.67 -4.30 -12.22
N ASP A 255 49.44 -4.53 -13.52
CA ASP A 255 49.19 -3.53 -14.55
C ASP A 255 48.01 -2.60 -14.30
N ASN A 256 46.92 -3.16 -13.75
CA ASN A 256 45.78 -2.36 -13.33
C ASN A 256 46.09 -1.33 -12.26
N TRP A 257 47.03 -1.60 -11.35
CA TRP A 257 47.47 -0.77 -10.25
C TRP A 257 48.52 0.20 -10.78
N LEU A 258 49.51 -0.34 -11.48
CA LEU A 258 50.75 0.37 -11.74
C LEU A 258 50.60 1.49 -12.77
N ALA A 259 51.27 2.61 -12.49
CA ALA A 259 51.11 3.80 -13.31
C ALA A 259 52.13 4.01 -14.41
N ASN A 260 51.66 4.66 -15.48
CA ASN A 260 52.48 4.90 -16.66
C ASN A 260 52.43 6.38 -17.03
N PHE A 261 53.55 6.90 -17.52
CA PHE A 261 53.74 8.30 -17.85
C PHE A 261 54.04 8.58 -19.31
N THR A 262 53.59 9.77 -19.72
CA THR A 262 54.01 10.49 -20.90
C THR A 262 54.04 11.97 -20.53
N PHE A 263 54.83 12.68 -21.35
CA PHE A 263 54.81 14.12 -21.30
C PHE A 263 53.64 14.71 -22.08
N ALA A 264 53.05 15.68 -21.38
CA ALA A 264 52.03 16.59 -21.84
C ALA A 264 52.67 17.85 -22.39
N SER A 265 53.84 18.24 -21.87
CA SER A 265 54.60 19.37 -22.38
C SER A 265 56.05 19.31 -21.93
N GLY A 266 56.99 19.98 -22.61
CA GLY A 266 58.39 20.07 -22.23
C GLY A 266 59.19 18.82 -22.60
N ASN A 267 58.82 18.06 -23.64
CA ASN A 267 59.47 16.80 -24.00
C ASN A 267 60.60 17.08 -24.98
N GLU A 268 60.60 18.25 -25.62
CA GLU A 268 61.28 18.50 -26.88
C GLU A 268 62.74 18.88 -26.62
N GLY A 269 63.14 18.92 -25.35
CA GLY A 269 64.53 19.02 -24.96
C GLY A 269 65.16 17.66 -24.72
N GLY A 270 64.39 16.62 -24.38
CA GLY A 270 64.94 15.34 -23.98
C GLY A 270 65.77 15.27 -22.71
N TYR A 271 65.62 16.19 -21.75
CA TYR A 271 66.54 16.33 -20.64
C TYR A 271 66.26 15.39 -19.49
N PHE A 272 64.96 15.10 -19.31
CA PHE A 272 64.45 14.30 -18.22
C PHE A 272 64.01 12.91 -18.63
N HIS A 273 63.94 11.92 -17.73
CA HIS A 273 63.34 10.63 -18.02
C HIS A 273 62.52 10.25 -16.79
N ILE A 274 61.50 9.43 -17.04
CA ILE A 274 60.55 9.09 -16.01
C ILE A 274 60.19 7.61 -15.99
N GLU A 275 59.90 7.07 -14.81
CA GLU A 275 59.50 5.69 -14.59
C GLU A 275 58.92 5.50 -13.19
N THR A 276 58.13 4.43 -13.07
CA THR A 276 57.37 3.99 -11.93
C THR A 276 58.08 2.79 -11.32
N ASP A 277 58.14 2.86 -10.00
CA ASP A 277 58.59 1.77 -9.15
C ASP A 277 57.38 0.86 -9.00
N ALA A 278 57.46 -0.27 -9.71
CA ALA A 278 56.67 -1.48 -9.54
C ALA A 278 56.57 -2.14 -8.18
N GLN A 279 57.36 -1.73 -7.19
CA GLN A 279 57.22 -2.14 -5.80
C GLN A 279 56.35 -1.24 -4.93
N THR A 280 56.26 0.07 -5.12
CA THR A 280 55.61 1.06 -4.28
C THR A 280 54.57 1.91 -4.99
N ASN A 281 54.56 1.88 -6.33
CA ASN A 281 53.80 2.72 -7.22
C ASN A 281 54.09 4.19 -6.98
N GLU A 282 55.29 4.61 -7.40
CA GLU A 282 55.86 5.94 -7.27
C GLU A 282 56.54 6.38 -8.55
N GLY A 283 56.25 7.58 -9.05
CA GLY A 283 57.00 8.20 -10.13
C GLY A 283 58.32 8.83 -9.72
N ILE A 284 59.43 8.52 -10.41
CA ILE A 284 60.71 9.15 -10.19
C ILE A 284 61.09 9.81 -11.51
N VAL A 285 61.40 11.11 -11.46
CA VAL A 285 62.05 11.91 -12.48
C VAL A 285 63.56 11.90 -12.27
N THR A 286 64.24 11.62 -13.39
CA THR A 286 65.69 11.64 -13.50
C THR A 286 66.25 12.61 -14.54
N LEU A 287 67.35 13.27 -14.19
CA LEU A 287 68.03 14.06 -15.20
C LEU A 287 68.99 13.27 -16.08
N ILE A 288 68.91 13.27 -17.41
CA ILE A 288 69.70 12.38 -18.24
C ILE A 288 70.53 13.06 -19.32
N LYS A 289 70.26 14.33 -19.62
CA LYS A 289 71.11 15.30 -20.28
C LYS A 289 71.86 16.17 -19.28
N GLU A 290 73.08 16.60 -19.64
CA GLU A 290 73.93 17.39 -18.77
C GLU A 290 73.54 18.87 -18.78
N VAL A 291 73.50 19.46 -17.58
CA VAL A 291 73.14 20.84 -17.36
C VAL A 291 74.19 21.61 -16.57
N ASP A 292 74.52 22.76 -17.14
CA ASP A 292 75.53 23.71 -16.69
C ASP A 292 74.83 25.03 -16.37
N TYR A 293 75.03 25.66 -15.22
CA TYR A 293 74.34 26.90 -14.94
C TYR A 293 74.90 28.11 -15.68
N GLU A 294 76.18 28.10 -16.05
CA GLU A 294 76.91 29.04 -16.87
C GLU A 294 76.37 29.08 -18.30
N GLU A 295 75.40 28.22 -18.60
CA GLU A 295 74.56 28.23 -19.78
C GLU A 295 73.45 29.27 -19.81
N MET A 296 72.90 29.66 -18.66
CA MET A 296 71.85 30.64 -18.52
C MET A 296 70.50 30.32 -19.16
N LYS A 297 70.04 29.12 -18.83
CA LYS A 297 69.04 28.45 -19.65
C LYS A 297 68.26 27.50 -18.77
N ASN A 298 66.93 27.39 -18.83
CA ASN A 298 66.13 26.38 -18.17
C ASN A 298 64.84 26.06 -18.93
N LEU A 299 64.34 24.89 -18.55
CA LEU A 299 63.16 24.18 -19.00
C LEU A 299 62.26 23.74 -17.85
N ASP A 300 60.94 23.98 -17.92
CA ASP A 300 59.88 23.42 -17.11
C ASP A 300 59.16 22.33 -17.89
N PHE A 301 58.55 21.32 -17.26
CA PHE A 301 57.81 20.27 -17.94
C PHE A 301 56.59 19.70 -17.24
N SER A 302 55.86 18.87 -18.01
CA SER A 302 54.60 18.40 -17.50
C SER A 302 54.36 16.95 -17.91
N VAL A 303 53.81 16.09 -17.04
CA VAL A 303 53.43 14.73 -17.36
C VAL A 303 51.95 14.50 -17.03
N ILE A 304 51.39 13.55 -17.78
CA ILE A 304 50.03 13.08 -17.59
C ILE A 304 50.03 11.58 -17.42
N VAL A 305 49.17 10.98 -16.58
CA VAL A 305 49.16 9.62 -16.12
C VAL A 305 48.02 8.76 -16.66
N ALA A 306 48.26 7.46 -16.81
CA ALA A 306 47.32 6.37 -16.97
C ALA A 306 47.86 5.07 -16.41
N ASN A 307 47.13 3.96 -16.58
CA ASN A 307 47.66 2.71 -16.08
C ASN A 307 48.54 2.06 -17.13
N LYS A 308 49.19 0.95 -16.78
CA LYS A 308 50.00 0.19 -17.71
C LYS A 308 49.03 -0.44 -18.69
N ALA A 309 47.81 -0.76 -18.25
CA ALA A 309 46.73 -1.38 -18.98
C ALA A 309 45.49 -0.52 -19.11
N ALA A 310 44.69 -0.86 -20.13
CA ALA A 310 43.44 -0.16 -20.39
C ALA A 310 42.41 -0.16 -19.26
N PHE A 311 41.53 0.84 -19.30
CA PHE A 311 40.48 1.10 -18.32
C PHE A 311 39.20 0.32 -18.59
N HIS A 312 38.42 -0.06 -17.59
CA HIS A 312 37.17 -0.79 -17.79
C HIS A 312 36.13 0.04 -18.52
N LYS A 313 35.40 -0.58 -19.45
CA LYS A 313 34.31 -0.05 -20.24
C LYS A 313 33.30 0.81 -19.50
N SER A 314 33.12 0.50 -18.21
CA SER A 314 32.13 1.14 -17.37
C SER A 314 32.61 2.51 -16.94
N ILE A 315 33.83 2.96 -17.28
CA ILE A 315 34.48 4.14 -16.77
C ILE A 315 35.21 4.96 -17.82
N ARG A 316 34.92 4.81 -19.12
CA ARG A 316 35.67 5.46 -20.18
C ARG A 316 35.10 6.85 -20.38
N SER A 317 35.98 7.83 -20.60
CA SER A 317 35.68 9.24 -20.74
C SER A 317 34.88 9.91 -19.64
N LYS A 318 35.05 9.41 -18.41
CA LYS A 318 34.16 9.49 -17.28
C LYS A 318 34.71 10.44 -16.20
N TYR A 319 36.03 10.56 -16.12
CA TYR A 319 36.81 11.47 -15.30
C TYR A 319 37.89 12.21 -16.08
N LYS A 320 38.01 13.52 -15.83
CA LYS A 320 38.78 14.41 -16.68
C LYS A 320 40.27 14.15 -16.62
N PRO A 321 41.00 14.37 -17.72
CA PRO A 321 42.43 14.16 -17.77
C PRO A 321 43.19 15.34 -17.17
N THR A 322 44.21 15.07 -16.33
CA THR A 322 44.75 16.04 -15.40
C THR A 322 46.26 15.87 -15.45
N PRO A 323 46.98 16.61 -16.31
CA PRO A 323 48.42 16.71 -16.18
C PRO A 323 48.92 17.29 -14.87
N ILE A 324 50.06 16.84 -14.34
CA ILE A 324 50.75 17.50 -13.25
C ILE A 324 51.97 18.19 -13.85
N PRO A 325 52.08 19.52 -13.85
CA PRO A 325 53.33 20.22 -14.03
C PRO A 325 54.34 19.99 -12.91
N ILE A 326 55.62 19.94 -13.25
CA ILE A 326 56.87 19.89 -12.53
C ILE A 326 57.80 21.03 -12.96
N LYS A 327 58.43 21.60 -11.93
CA LYS A 327 59.54 22.51 -12.07
C LYS A 327 60.87 22.02 -11.51
N VAL A 328 61.97 22.20 -12.24
CA VAL A 328 63.31 21.69 -12.01
C VAL A 328 64.26 22.80 -12.41
N LYS A 329 64.31 23.85 -11.59
CA LYS A 329 65.16 25.01 -11.78
C LYS A 329 66.61 24.69 -11.42
N VAL A 330 67.52 25.09 -12.30
CA VAL A 330 68.94 24.80 -12.17
C VAL A 330 69.57 25.94 -11.39
N LYS A 331 70.29 25.59 -10.32
CA LYS A 331 71.08 26.45 -9.47
C LYS A 331 72.57 26.14 -9.54
N ASN A 332 73.29 27.23 -9.31
CA ASN A 332 74.74 27.27 -9.49
C ASN A 332 75.52 26.28 -8.63
N VAL A 333 76.67 25.88 -9.14
CA VAL A 333 77.69 25.21 -8.35
C VAL A 333 78.96 26.01 -8.63
N LYS A 334 79.68 26.31 -7.55
CA LYS A 334 81.05 26.77 -7.67
C LYS A 334 81.87 25.51 -7.89
N GLU A 335 82.22 25.27 -9.16
CA GLU A 335 82.83 24.00 -9.51
C GLU A 335 84.31 24.00 -9.16
N GLY A 336 84.92 25.14 -8.82
CA GLY A 336 86.33 25.31 -8.52
C GLY A 336 87.28 25.11 -9.70
N ILE A 337 88.57 25.00 -9.37
CA ILE A 337 89.63 24.94 -10.36
C ILE A 337 89.60 23.67 -11.18
N HIS A 338 90.03 23.77 -12.45
CA HIS A 338 90.35 22.76 -13.42
C HIS A 338 91.60 23.00 -14.25
N PHE A 339 92.09 22.03 -15.05
CA PHE A 339 93.04 22.30 -16.11
C PHE A 339 92.47 22.08 -17.50
N LYS A 340 92.95 22.85 -18.47
CA LYS A 340 92.75 22.57 -19.88
C LYS A 340 93.50 21.30 -20.28
N SER A 341 94.63 20.98 -19.64
CA SER A 341 95.36 19.74 -19.87
C SER A 341 95.90 19.08 -18.61
N SER A 342 95.24 17.99 -18.21
CA SER A 342 95.62 17.14 -17.10
C SER A 342 96.84 16.30 -17.41
N VAL A 343 97.73 16.75 -18.30
CA VAL A 343 98.86 15.95 -18.71
C VAL A 343 99.71 16.80 -19.65
N ILE A 344 101.04 16.81 -19.47
CA ILE A 344 102.02 17.17 -20.48
C ILE A 344 102.89 16.01 -20.92
N SER A 345 103.22 15.89 -22.21
CA SER A 345 103.95 14.77 -22.77
C SER A 345 105.15 15.39 -23.48
N ILE A 346 106.34 14.95 -23.09
CA ILE A 346 107.63 15.56 -23.35
C ILE A 346 108.57 14.57 -24.00
N TYR A 347 109.44 14.82 -24.99
CA TYR A 347 110.18 13.88 -25.79
C TYR A 347 111.70 14.08 -25.77
N VAL A 348 112.40 13.22 -25.05
CA VAL A 348 113.84 13.32 -24.87
C VAL A 348 114.63 12.08 -25.27
N SER A 349 115.96 12.24 -25.41
CA SER A 349 116.85 11.15 -25.71
C SER A 349 118.12 11.29 -24.87
N GLU A 350 118.92 10.23 -24.80
CA GLU A 350 120.04 10.06 -23.88
C GLU A 350 121.26 10.87 -24.29
N SER A 351 120.96 12.12 -24.65
CA SER A 351 121.89 12.98 -25.35
C SER A 351 121.91 14.38 -24.76
N MET A 352 123.06 15.04 -24.61
CA MET A 352 123.11 16.44 -24.27
C MET A 352 122.34 17.32 -25.26
N ASP A 353 122.24 16.89 -26.51
CA ASP A 353 121.60 17.66 -27.57
C ASP A 353 120.08 17.69 -27.52
N ARG A 354 119.47 16.81 -26.73
CA ARG A 354 118.04 16.54 -26.73
C ARG A 354 117.44 16.68 -25.34
N SER A 355 118.26 16.76 -24.28
CA SER A 355 117.96 16.94 -22.87
C SER A 355 119.11 17.56 -22.11
N SER A 356 118.78 18.68 -21.46
CA SER A 356 119.69 19.54 -20.71
C SER A 356 119.22 19.59 -19.26
N LYS A 357 120.23 19.72 -18.40
CA LYS A 357 120.03 19.76 -16.96
C LYS A 357 119.39 21.09 -16.63
N GLY A 358 118.22 21.15 -15.97
CA GLY A 358 117.59 22.37 -15.50
C GLY A 358 116.76 22.95 -16.62
N GLN A 359 116.46 22.16 -17.67
CA GLN A 359 115.73 22.56 -18.86
C GLN A 359 114.29 22.75 -18.40
N ILE A 360 113.68 23.92 -18.58
CA ILE A 360 112.27 24.12 -18.29
C ILE A 360 111.48 23.48 -19.42
N ILE A 361 110.50 22.64 -19.04
CA ILE A 361 109.85 21.75 -19.98
C ILE A 361 108.36 22.02 -20.08
N GLY A 362 107.78 22.76 -19.13
CA GLY A 362 106.37 23.08 -19.11
C GLY A 362 105.90 23.89 -17.91
N ASN A 363 104.57 23.97 -17.79
CA ASN A 363 103.85 24.53 -16.67
C ASN A 363 102.65 23.64 -16.35
N PHE A 364 101.86 23.99 -15.34
CA PHE A 364 100.54 23.42 -15.16
C PHE A 364 99.44 24.41 -14.82
N GLN A 365 99.12 25.40 -15.67
CA GLN A 365 98.22 26.51 -15.41
C GLN A 365 96.79 26.07 -15.14
N ALA A 366 96.13 26.78 -14.22
CA ALA A 366 94.76 26.52 -13.81
C ALA A 366 93.78 27.63 -14.15
N PHE A 367 92.53 27.19 -14.18
CA PHE A 367 91.37 27.87 -14.74
C PHE A 367 90.13 27.48 -13.93
N ASP A 368 89.18 28.42 -13.91
CA ASP A 368 87.89 28.32 -13.27
C ASP A 368 86.76 28.86 -14.13
N GLU A 369 85.63 28.16 -14.26
CA GLU A 369 84.56 28.37 -15.22
C GLU A 369 83.48 29.38 -14.85
N ASP A 370 83.38 29.69 -13.56
CA ASP A 370 82.47 30.66 -13.00
C ASP A 370 83.08 32.06 -13.06
N THR A 371 84.40 32.29 -12.93
CA THR A 371 85.07 33.44 -13.50
C THR A 371 85.15 33.30 -15.02
N GLY A 372 85.27 32.11 -15.59
CA GLY A 372 85.60 31.97 -17.00
C GLY A 372 87.06 32.28 -17.31
N LEU A 373 87.98 32.17 -16.35
CA LEU A 373 89.26 32.83 -16.50
C LEU A 373 90.45 32.20 -15.79
N PRO A 374 91.70 32.58 -16.00
CA PRO A 374 92.79 31.95 -15.27
C PRO A 374 92.72 32.07 -13.75
N ALA A 375 93.00 30.98 -13.03
CA ALA A 375 92.86 30.90 -11.59
C ALA A 375 94.16 30.71 -10.83
N HIS A 376 94.06 30.80 -9.51
CA HIS A 376 95.12 30.50 -8.58
C HIS A 376 95.22 29.12 -7.94
N ALA A 377 96.41 28.55 -7.76
CA ALA A 377 96.65 27.20 -7.27
C ALA A 377 98.09 27.02 -6.79
N ARG A 378 98.38 26.07 -5.91
CA ARG A 378 99.69 25.64 -5.43
C ARG A 378 100.03 24.24 -5.88
N TYR A 379 101.30 23.90 -6.08
CA TYR A 379 101.61 22.67 -6.79
C TYR A 379 102.47 21.68 -6.01
N VAL A 380 102.21 20.39 -6.20
CA VAL A 380 103.04 19.33 -5.65
C VAL A 380 103.17 18.08 -6.50
N LYS A 381 104.29 17.34 -6.43
CA LYS A 381 104.43 16.11 -7.18
C LYS A 381 103.99 14.91 -6.35
N LEU A 382 103.59 13.85 -7.05
CA LEU A 382 103.39 12.50 -6.58
C LEU A 382 104.14 11.45 -7.40
N GLU A 383 104.38 10.29 -6.80
CA GLU A 383 104.93 9.02 -7.26
C GLU A 383 106.32 8.99 -7.89
N ASP A 384 107.07 10.09 -7.75
CA ASP A 384 108.42 10.17 -8.26
C ASP A 384 109.38 9.22 -7.58
N ARG A 385 110.30 8.63 -8.36
CA ARG A 385 111.22 7.64 -7.84
C ARG A 385 112.65 7.96 -8.26
N ASP A 386 112.95 9.02 -9.02
CA ASP A 386 114.20 9.30 -9.68
C ASP A 386 114.52 10.78 -9.87
N ASN A 387 113.66 11.74 -9.52
CA ASN A 387 113.89 13.17 -9.45
C ASN A 387 114.47 13.83 -10.69
N TRP A 388 114.12 13.27 -11.86
CA TRP A 388 114.30 13.88 -13.16
C TRP A 388 113.53 15.20 -13.29
N ILE A 389 112.31 15.23 -12.74
CA ILE A 389 111.31 16.17 -13.15
C ILE A 389 110.57 16.84 -12.00
N SER A 390 110.77 18.15 -11.84
CA SER A 390 110.40 18.90 -10.66
C SER A 390 109.38 19.95 -11.06
N VAL A 391 108.79 20.63 -10.07
CA VAL A 391 107.75 21.62 -10.24
C VAL A 391 107.86 22.66 -9.12
N ASP A 392 107.45 23.88 -9.41
CA ASP A 392 107.56 25.03 -8.52
C ASP A 392 106.17 25.30 -7.94
N SER A 393 106.15 25.42 -6.62
CA SER A 393 104.94 25.35 -5.83
C SER A 393 103.86 26.42 -6.01
N VAL A 394 104.08 27.56 -6.66
CA VAL A 394 102.97 28.46 -6.95
C VAL A 394 102.89 28.81 -8.43
N THR A 395 104.00 28.96 -9.14
CA THR A 395 104.05 29.43 -10.51
C THR A 395 103.68 28.38 -11.55
N SER A 396 103.73 27.14 -11.07
CA SER A 396 103.41 25.92 -11.78
C SER A 396 104.45 25.40 -12.75
N GLU A 397 105.66 25.97 -12.82
CA GLU A 397 106.67 25.62 -13.80
C GLU A 397 107.23 24.24 -13.52
N ILE A 398 107.38 23.47 -14.62
CA ILE A 398 107.87 22.12 -14.64
C ILE A 398 109.28 22.15 -15.22
N LYS A 399 110.22 21.47 -14.57
CA LYS A 399 111.57 21.42 -15.10
C LYS A 399 112.24 20.06 -15.08
N LEU A 400 113.31 19.83 -15.85
CA LEU A 400 114.07 18.61 -16.00
C LEU A 400 115.35 18.74 -15.20
N ALA A 401 115.24 18.95 -13.88
CA ALA A 401 116.35 19.08 -12.96
C ALA A 401 117.43 18.02 -13.11
N LYS A 402 117.20 16.85 -13.68
CA LYS A 402 118.20 15.81 -13.85
C LYS A 402 118.01 15.15 -15.20
N LEU A 403 119.14 14.71 -15.77
CA LEU A 403 119.24 14.15 -17.11
C LEU A 403 118.61 12.75 -17.08
N PRO A 404 118.15 12.30 -18.25
CA PRO A 404 117.54 10.99 -18.36
C PRO A 404 118.57 9.89 -18.55
N ASP A 405 118.21 8.73 -17.98
CA ASP A 405 118.88 7.47 -18.24
C ASP A 405 117.84 6.43 -18.61
N PHE A 406 117.94 5.89 -19.83
CA PHE A 406 117.10 4.87 -20.44
C PHE A 406 117.24 3.53 -19.73
N GLU A 407 118.32 3.27 -19.00
CA GLU A 407 118.53 2.08 -18.20
C GLU A 407 118.33 2.16 -16.68
N SER A 408 117.69 3.29 -16.38
CA SER A 408 117.28 3.44 -15.00
C SER A 408 116.01 2.67 -14.71
N ARG A 409 115.81 2.17 -13.48
CA ARG A 409 114.82 1.13 -13.27
C ARG A 409 113.36 1.53 -13.20
N TYR A 410 112.98 2.81 -13.22
CA TYR A 410 111.59 3.15 -12.98
C TYR A 410 110.94 3.59 -14.29
N VAL A 411 111.73 3.89 -15.33
CA VAL A 411 111.26 3.91 -16.69
C VAL A 411 110.43 2.70 -17.11
N GLN A 412 109.26 2.97 -17.69
CA GLN A 412 108.22 1.99 -17.94
C GLN A 412 107.37 2.35 -19.14
N ASN A 413 106.89 1.43 -19.99
CA ASN A 413 106.16 1.77 -21.19
C ASN A 413 106.90 2.72 -22.13
N GLY A 414 108.24 2.67 -22.14
CA GLY A 414 109.17 3.54 -22.83
C GLY A 414 109.22 4.94 -22.23
N THR A 415 108.53 5.13 -21.11
CA THR A 415 108.26 6.45 -20.56
C THR A 415 108.85 6.60 -19.17
N TYR A 416 108.90 7.78 -18.55
CA TYR A 416 108.98 7.97 -17.12
C TYR A 416 107.79 8.83 -16.70
N THR A 417 107.11 8.31 -15.68
CA THR A 417 105.91 8.91 -15.14
C THR A 417 106.08 9.55 -13.77
N VAL A 418 105.39 10.67 -13.54
CA VAL A 418 105.27 11.40 -12.29
C VAL A 418 103.91 12.07 -12.35
N LYS A 419 103.23 12.08 -11.21
CA LYS A 419 101.94 12.73 -11.05
C LYS A 419 102.16 14.13 -10.50
N ILE A 420 101.41 15.13 -10.99
CA ILE A 420 101.36 16.50 -10.54
C ILE A 420 99.97 16.79 -9.98
N VAL A 421 99.90 17.58 -8.91
CA VAL A 421 98.66 18.00 -8.28
C VAL A 421 98.71 19.51 -8.19
N ALA A 422 97.53 20.11 -8.36
CA ALA A 422 97.18 21.48 -8.03
C ALA A 422 96.22 21.54 -6.85
N ILE A 423 96.44 22.40 -5.86
CA ILE A 423 95.56 22.67 -4.74
C ILE A 423 95.10 24.12 -4.74
N SER A 424 93.78 24.35 -4.69
CA SER A 424 93.17 25.66 -4.63
C SER A 424 93.41 26.38 -3.31
N GLU A 425 92.87 27.59 -3.22
CA GLU A 425 92.90 28.42 -2.04
C GLU A 425 91.52 28.96 -1.68
N ASP A 426 91.21 28.94 -0.38
CA ASP A 426 89.93 29.21 0.23
C ASP A 426 88.76 28.28 -0.05
N TYR A 427 87.77 28.26 0.84
CA TYR A 427 86.58 27.46 0.59
C TYR A 427 85.66 28.04 -0.46
N PRO A 428 84.98 27.20 -1.25
CA PRO A 428 85.03 25.75 -1.28
C PRO A 428 86.32 25.28 -1.94
N ARG A 429 86.87 24.24 -1.32
CA ARG A 429 88.22 23.79 -1.62
C ARG A 429 88.23 22.79 -2.77
N LYS A 430 89.29 22.77 -3.58
CA LYS A 430 89.36 21.73 -4.58
C LYS A 430 90.82 21.30 -4.76
N THR A 431 91.05 20.01 -5.04
CA THR A 431 92.29 19.41 -5.46
C THR A 431 92.12 18.78 -6.83
N ILE A 432 93.04 18.96 -7.78
CA ILE A 432 93.00 18.49 -9.15
C ILE A 432 94.37 17.93 -9.50
N THR A 433 94.38 16.82 -10.26
CA THR A 433 95.49 15.92 -10.46
C THR A 433 95.70 15.58 -11.93
N GLY A 434 96.95 15.25 -12.25
CA GLY A 434 97.37 15.03 -13.62
C GLY A 434 98.78 14.48 -13.69
N THR A 435 99.46 14.54 -14.83
CA THR A 435 100.67 13.80 -15.13
C THR A 435 101.67 14.60 -15.93
N VAL A 436 102.91 14.10 -15.94
CA VAL A 436 104.01 14.51 -16.78
C VAL A 436 104.55 13.20 -17.34
N LEU A 437 104.52 13.06 -18.67
CA LEU A 437 105.06 11.95 -19.42
C LEU A 437 106.39 12.31 -20.05
N ILE A 438 107.50 11.95 -19.39
CA ILE A 438 108.83 12.05 -19.97
C ILE A 438 109.12 10.87 -20.88
N ASN A 439 108.82 10.95 -22.18
CA ASN A 439 109.13 9.96 -23.19
C ASN A 439 110.63 9.95 -23.41
N VAL A 440 111.23 8.78 -23.62
CA VAL A 440 112.66 8.58 -23.63
C VAL A 440 113.12 7.65 -24.75
N GLU A 441 114.16 8.05 -25.49
CA GLU A 441 114.87 7.34 -26.54
C GLU A 441 116.25 6.90 -26.06
N ASP A 442 116.58 5.63 -26.28
CA ASP A 442 117.90 5.04 -26.17
C ASP A 442 118.93 5.59 -27.15
N ILE A 443 120.08 5.92 -26.54
CA ILE A 443 121.40 6.15 -27.08
C ILE A 443 122.35 5.12 -26.47
N ASN A 444 123.35 4.61 -27.19
CA ASN A 444 124.20 3.58 -26.64
C ASN A 444 125.21 4.22 -25.70
N ASP A 445 125.25 3.80 -24.44
CA ASP A 445 125.94 4.36 -23.28
C ASP A 445 126.40 3.40 -22.21
N ASN A 446 126.33 2.12 -22.60
CA ASN A 446 126.73 0.93 -21.87
C ASN A 446 127.41 -0.08 -22.78
N CYS A 447 128.26 -0.86 -22.12
CA CYS A 447 129.25 -1.72 -22.73
C CYS A 447 128.88 -3.16 -22.44
N PRO A 448 129.26 -4.08 -23.33
CA PRO A 448 129.04 -5.47 -22.98
C PRO A 448 129.76 -6.00 -21.75
N THR A 449 129.16 -6.95 -21.04
CA THR A 449 129.59 -7.70 -19.87
C THR A 449 129.52 -9.21 -20.00
N LEU A 450 130.16 -9.98 -19.11
CA LEU A 450 130.11 -11.42 -18.96
C LEU A 450 129.20 -11.82 -17.81
N ILE A 451 128.27 -12.75 -18.02
CA ILE A 451 127.11 -12.92 -17.17
C ILE A 451 127.21 -14.01 -16.10
N GLU A 452 128.05 -15.02 -16.33
CA GLU A 452 128.64 -15.95 -15.39
C GLU A 452 130.16 -15.99 -15.45
N PRO A 453 130.87 -15.02 -14.86
CA PRO A 453 132.26 -14.78 -15.14
C PRO A 453 133.20 -15.66 -14.33
N VAL A 454 132.63 -16.55 -13.52
CA VAL A 454 133.21 -17.56 -12.66
C VAL A 454 132.44 -18.84 -13.00
N GLN A 455 133.04 -19.75 -13.76
CA GLN A 455 132.36 -20.89 -14.34
C GLN A 455 133.23 -22.12 -14.17
N THR A 456 132.67 -23.25 -13.73
CA THR A 456 133.34 -24.54 -13.75
C THR A 456 133.10 -25.23 -15.08
N ILE A 457 133.98 -26.11 -15.55
CA ILE A 457 133.82 -26.97 -16.70
C ILE A 457 134.34 -28.39 -16.52
N CYS A 458 133.77 -29.34 -17.27
CA CYS A 458 134.16 -30.73 -17.22
C CYS A 458 135.58 -30.98 -17.68
N HIS A 459 136.28 -31.93 -17.05
CA HIS A 459 137.63 -32.39 -17.32
C HIS A 459 137.85 -32.73 -18.80
N ASP A 460 136.88 -33.41 -19.41
CA ASP A 460 136.89 -33.88 -20.78
C ASP A 460 136.40 -32.87 -21.82
N ALA A 461 136.02 -31.65 -21.42
CA ALA A 461 135.70 -30.56 -22.32
C ALA A 461 136.95 -30.13 -23.08
N GLU A 462 136.92 -29.76 -24.36
CA GLU A 462 137.95 -29.11 -25.13
C GLU A 462 137.48 -27.77 -25.69
N TYR A 463 136.19 -27.45 -25.53
CA TYR A 463 135.65 -26.15 -25.83
C TYR A 463 134.86 -25.65 -24.62
N VAL A 464 134.81 -24.33 -24.45
CA VAL A 464 133.96 -23.62 -23.52
C VAL A 464 133.18 -22.47 -24.16
N ASN A 465 131.90 -22.54 -23.80
CA ASN A 465 130.96 -21.54 -24.27
C ASN A 465 130.58 -20.57 -23.17
N VAL A 466 130.62 -19.27 -23.49
CA VAL A 466 130.16 -18.20 -22.63
C VAL A 466 129.41 -17.15 -23.43
N THR A 467 128.32 -16.72 -22.80
CA THR A 467 127.46 -15.63 -23.24
C THR A 467 127.99 -14.29 -22.76
N ALA A 468 127.79 -13.19 -23.49
CA ALA A 468 127.81 -11.82 -23.00
C ALA A 468 126.48 -11.12 -23.11
N GLU A 469 126.21 -10.15 -22.22
CA GLU A 469 125.03 -9.32 -22.21
C GLU A 469 125.45 -7.85 -22.15
N ASP A 470 124.64 -6.93 -22.66
CA ASP A 470 124.82 -5.49 -22.68
C ASP A 470 123.65 -4.78 -22.03
N LEU A 471 123.81 -3.75 -21.19
CA LEU A 471 122.67 -3.14 -20.54
C LEU A 471 121.73 -2.47 -21.52
N ASP A 472 122.25 -2.01 -22.67
CA ASP A 472 121.50 -1.42 -23.75
C ASP A 472 121.65 -2.11 -25.10
N GLY A 473 120.67 -2.10 -26.00
CA GLY A 473 120.57 -2.96 -27.15
C GLY A 473 119.90 -2.47 -28.43
N HIS A 474 119.05 -3.36 -28.93
CA HIS A 474 118.35 -3.03 -30.16
C HIS A 474 117.42 -1.87 -29.80
N PRO A 475 117.31 -0.83 -30.62
CA PRO A 475 117.67 -0.81 -32.02
C PRO A 475 119.14 -0.62 -32.39
N ASN A 476 119.92 -0.04 -31.48
CA ASN A 476 121.26 0.51 -31.63
C ASN A 476 122.38 -0.52 -31.65
N SER A 477 122.05 -1.78 -31.94
CA SER A 477 122.86 -2.97 -31.83
C SER A 477 123.22 -3.55 -33.19
N GLY A 478 124.15 -4.51 -33.14
CA GLY A 478 124.25 -5.63 -34.04
C GLY A 478 124.91 -6.82 -33.37
N PRO A 479 125.70 -7.63 -34.06
CA PRO A 479 126.48 -8.67 -33.41
C PRO A 479 127.61 -8.05 -32.60
N PHE A 480 127.96 -8.57 -31.41
CA PHE A 480 129.15 -8.14 -30.71
C PHE A 480 130.48 -8.54 -31.30
N SER A 481 131.62 -7.90 -30.99
CA SER A 481 132.96 -8.32 -31.37
C SER A 481 133.62 -8.83 -30.10
N PHE A 482 134.05 -10.10 -30.04
CA PHE A 482 134.90 -10.68 -29.03
C PHE A 482 136.35 -10.92 -29.43
N SER A 483 137.24 -10.61 -28.49
CA SER A 483 138.65 -10.95 -28.62
C SER A 483 139.16 -11.26 -27.22
N VAL A 484 140.23 -12.05 -27.10
CA VAL A 484 140.96 -12.21 -25.86
C VAL A 484 142.32 -11.54 -25.97
N ILE A 485 143.18 -11.69 -24.96
CA ILE A 485 144.44 -11.05 -24.65
C ILE A 485 145.54 -12.10 -24.63
N ASP A 486 146.67 -11.87 -25.29
CA ASP A 486 147.80 -12.76 -25.40
C ASP A 486 149.09 -12.28 -24.75
N LYS A 487 149.23 -11.01 -24.39
CA LYS A 487 150.43 -10.46 -23.79
C LYS A 487 150.21 -10.37 -22.29
N PRO A 488 151.20 -10.68 -21.45
CA PRO A 488 152.54 -11.17 -21.67
C PRO A 488 152.75 -12.64 -21.99
N PRO A 489 153.95 -13.08 -22.38
CA PRO A 489 154.09 -14.50 -22.61
C PRO A 489 154.08 -15.43 -21.39
N GLY A 490 153.84 -16.73 -21.55
CA GLY A 490 153.90 -17.70 -20.49
C GLY A 490 152.78 -17.57 -19.45
N MET A 491 152.07 -16.44 -19.37
CA MET A 491 151.18 -16.13 -18.27
C MET A 491 149.78 -15.80 -18.76
N ALA A 492 149.60 -15.11 -19.89
CA ALA A 492 148.33 -14.51 -20.22
C ALA A 492 147.38 -15.48 -20.91
N GLU A 493 147.93 -16.08 -21.97
CA GLU A 493 147.27 -16.93 -22.94
C GLU A 493 147.09 -18.40 -22.55
N LYS A 494 146.03 -18.61 -21.78
CA LYS A 494 145.62 -19.96 -21.44
C LYS A 494 144.50 -20.50 -22.31
N TRP A 495 143.66 -19.63 -22.88
CA TRP A 495 142.59 -19.80 -23.84
C TRP A 495 142.63 -18.85 -25.04
N LYS A 496 141.97 -19.24 -26.13
CA LYS A 496 141.85 -18.58 -27.42
C LYS A 496 140.45 -18.85 -27.93
N ILE A 497 140.07 -18.24 -29.05
CA ILE A 497 138.75 -18.27 -29.64
C ILE A 497 138.62 -19.22 -30.82
N ALA A 498 137.54 -20.00 -30.93
CA ALA A 498 137.35 -20.90 -32.04
C ALA A 498 136.17 -20.51 -32.92
N ARG A 499 135.07 -20.11 -32.29
CA ARG A 499 133.86 -19.66 -32.96
C ARG A 499 133.30 -18.46 -32.21
N GLN A 500 132.57 -17.64 -32.98
CA GLN A 500 131.91 -16.47 -32.42
C GLN A 500 130.56 -16.30 -33.09
N GLU A 501 129.55 -15.91 -32.30
CA GLU A 501 128.16 -15.73 -32.67
C GLU A 501 127.79 -14.32 -32.21
N SER A 502 126.57 -13.84 -32.46
CA SER A 502 126.22 -12.50 -32.05
C SER A 502 126.34 -12.03 -30.60
N THR A 503 125.96 -12.94 -29.69
CA THR A 503 125.87 -12.73 -28.25
C THR A 503 126.63 -13.73 -27.39
N SER A 504 127.33 -14.69 -27.99
CA SER A 504 128.10 -15.68 -27.25
C SER A 504 129.34 -16.09 -28.02
N VAL A 505 130.29 -16.66 -27.28
CA VAL A 505 131.57 -17.06 -27.83
C VAL A 505 131.95 -18.48 -27.44
N LEU A 506 132.72 -19.16 -28.29
CA LEU A 506 133.23 -20.50 -28.10
C LEU A 506 134.75 -20.58 -28.14
N LEU A 507 135.38 -20.96 -27.02
CA LEU A 507 136.78 -20.85 -26.65
C LEU A 507 137.36 -22.26 -26.71
N GLN A 508 138.68 -22.30 -26.85
CA GLN A 508 139.56 -23.45 -26.99
C GLN A 508 140.92 -23.21 -26.37
N GLN A 509 141.52 -24.25 -25.78
CA GLN A 509 142.76 -24.05 -25.05
C GLN A 509 144.01 -23.89 -25.89
N SER A 510 145.07 -23.31 -25.32
CA SER A 510 146.38 -23.08 -25.88
C SER A 510 147.31 -24.19 -25.42
N GLU A 511 147.38 -24.63 -24.16
CA GLU A 511 148.29 -25.63 -23.63
C GLU A 511 147.55 -26.78 -22.97
N LYS A 512 146.22 -26.73 -22.85
CA LYS A 512 145.32 -27.80 -22.44
C LYS A 512 145.52 -28.20 -20.99
N LYS A 513 145.92 -27.28 -20.11
CA LYS A 513 146.16 -27.73 -18.76
C LYS A 513 144.85 -27.65 -17.99
N LEU A 514 144.79 -28.29 -16.83
CA LEU A 514 143.66 -28.37 -15.93
C LEU A 514 143.77 -27.52 -14.67
N GLY A 515 142.79 -26.70 -14.32
CA GLY A 515 142.81 -25.98 -13.06
C GLY A 515 142.37 -24.52 -13.14
N ARG A 516 142.84 -23.70 -12.21
CA ARG A 516 142.38 -22.32 -12.19
C ARG A 516 143.26 -21.39 -13.00
N SER A 517 142.61 -20.68 -13.92
CA SER A 517 143.12 -19.74 -14.91
C SER A 517 142.20 -18.57 -15.17
N GLU A 518 142.76 -17.39 -15.42
CA GLU A 518 141.94 -16.28 -15.89
C GLU A 518 142.01 -16.14 -17.40
N ILE A 519 140.95 -15.61 -17.99
CA ILE A 519 140.83 -15.32 -19.41
C ILE A 519 140.46 -13.85 -19.61
N GLN A 520 141.41 -13.00 -20.00
CA GLN A 520 141.29 -11.56 -20.09
C GLN A 520 140.61 -11.17 -21.39
N PHE A 521 139.55 -10.36 -21.44
CA PHE A 521 138.73 -10.12 -22.61
C PHE A 521 138.76 -8.67 -23.07
N LEU A 522 138.42 -8.53 -24.35
CA LEU A 522 138.07 -7.31 -25.06
C LEU A 522 136.72 -7.53 -25.74
N ILE A 523 135.63 -6.86 -25.36
CA ILE A 523 134.32 -7.05 -25.96
C ILE A 523 133.83 -5.64 -26.21
N SER A 524 133.41 -5.38 -27.45
CA SER A 524 132.61 -4.25 -27.88
C SER A 524 131.28 -4.59 -28.57
N ASP A 525 130.25 -3.80 -28.29
CA ASP A 525 128.98 -3.76 -28.99
C ASP A 525 129.22 -3.11 -30.35
N ASN A 526 128.17 -3.08 -31.17
CA ASN A 526 128.22 -2.72 -32.56
C ASN A 526 128.69 -1.28 -32.72
N GLN A 527 128.09 -0.32 -32.02
CA GLN A 527 128.37 1.08 -32.28
C GLN A 527 129.61 1.53 -31.53
N GLY A 528 130.14 0.85 -30.50
CA GLY A 528 131.47 0.89 -29.94
C GLY A 528 131.51 1.91 -28.80
N PHE A 529 130.70 1.82 -27.75
CA PHE A 529 130.91 2.58 -26.54
C PHE A 529 131.86 1.96 -25.51
N SER A 530 132.57 2.75 -24.70
CA SER A 530 133.62 2.22 -23.86
C SER A 530 133.50 2.84 -22.48
N CYS A 531 133.78 1.95 -21.52
CA CYS A 531 133.56 2.16 -20.10
C CYS A 531 134.80 1.67 -19.37
N PRO A 532 135.00 2.10 -18.12
CA PRO A 532 136.30 1.94 -17.51
C PRO A 532 136.53 0.60 -16.82
N GLU A 533 135.44 -0.17 -16.77
CA GLU A 533 135.41 -1.56 -16.38
C GLU A 533 136.13 -2.48 -17.35
N LYS A 534 136.94 -3.41 -16.83
CA LYS A 534 137.62 -4.48 -17.51
C LYS A 534 136.85 -5.80 -17.50
N GLN A 535 136.79 -6.49 -18.64
CA GLN A 535 135.92 -7.61 -18.90
C GLN A 535 136.73 -8.88 -18.68
N VAL A 536 136.24 -9.81 -17.85
CA VAL A 536 137.05 -10.97 -17.57
C VAL A 536 136.26 -12.24 -17.29
N LEU A 537 136.93 -13.38 -17.50
CA LEU A 537 136.41 -14.70 -17.16
C LEU A 537 137.42 -15.44 -16.30
N THR A 538 136.99 -16.27 -15.35
CA THR A 538 137.80 -17.20 -14.57
C THR A 538 137.17 -18.58 -14.71
N LEU A 539 138.03 -19.55 -15.02
CA LEU A 539 137.65 -20.92 -15.32
C LEU A 539 138.43 -21.83 -14.40
N THR A 540 137.74 -22.87 -13.92
CA THR A 540 138.29 -24.05 -13.28
C THR A 540 137.50 -25.32 -13.60
N VAL A 541 137.97 -26.52 -13.29
CA VAL A 541 137.61 -27.84 -13.76
C VAL A 541 137.03 -28.68 -12.63
N CYS A 542 135.97 -29.42 -12.97
CA CYS A 542 135.67 -30.59 -12.17
C CYS A 542 135.63 -31.92 -12.91
N GLU A 543 135.85 -32.99 -12.14
CA GLU A 543 135.57 -34.33 -12.63
C GLU A 543 134.09 -34.50 -12.88
N CYS A 544 133.66 -34.63 -14.13
CA CYS A 544 132.26 -34.81 -14.48
C CYS A 544 131.78 -36.25 -14.61
N LEU A 545 130.60 -36.62 -14.15
CA LEU A 545 129.97 -37.92 -14.30
C LEU A 545 128.47 -37.83 -14.54
N HIS A 546 127.68 -36.82 -14.14
CA HIS A 546 126.23 -36.91 -14.13
C HIS A 546 125.63 -36.10 -15.26
N GLY A 547 126.26 -36.29 -16.42
CA GLY A 547 126.17 -35.43 -17.58
C GLY A 547 127.26 -34.37 -17.47
N SER A 548 126.84 -33.10 -17.38
CA SER A 548 127.60 -31.88 -17.15
C SER A 548 128.06 -31.76 -15.71
N GLY A 549 127.40 -32.51 -14.83
CA GLY A 549 127.51 -32.42 -13.38
C GLY A 549 128.83 -32.94 -12.84
N CYS A 550 129.41 -32.18 -11.90
CA CYS A 550 130.52 -32.48 -11.01
C CYS A 550 130.15 -33.63 -10.09
N ARG A 551 130.96 -34.69 -10.05
CA ARG A 551 130.67 -35.90 -9.31
C ARG A 551 130.71 -35.77 -7.79
N GLU A 552 131.18 -34.61 -7.33
CA GLU A 552 131.66 -34.34 -6.00
C GLU A 552 130.57 -34.53 -4.95
N ALA A 553 130.98 -34.52 -3.67
CA ALA A 553 130.03 -34.70 -2.58
C ALA A 553 129.93 -33.41 -1.80
N HIS A 554 128.91 -33.22 -0.96
CA HIS A 554 128.71 -32.08 -0.09
C HIS A 554 129.70 -31.98 1.07
N ALA B 1 46.35 -105.55 62.47
CA ALA B 1 45.40 -106.35 61.70
C ALA B 1 45.94 -106.75 60.33
N TRP B 2 45.09 -107.20 59.40
CA TRP B 2 45.39 -107.64 58.05
C TRP B 2 44.48 -106.90 57.08
N ILE B 3 45.01 -106.34 55.99
CA ILE B 3 44.33 -105.60 54.95
C ILE B 3 43.90 -106.58 53.87
N THR B 4 42.61 -106.50 53.51
CA THR B 4 41.85 -107.33 52.61
C THR B 4 40.92 -106.58 51.65
N ALA B 5 40.57 -107.04 50.45
CA ALA B 5 39.76 -106.31 49.48
C ALA B 5 38.32 -106.21 49.95
N PRO B 6 37.61 -105.11 49.64
CA PRO B 6 36.23 -104.97 50.02
C PRO B 6 35.26 -105.73 49.12
N VAL B 7 34.05 -105.95 49.66
CA VAL B 7 32.84 -106.03 48.85
C VAL B 7 32.47 -104.65 48.35
N ALA B 8 31.98 -104.40 47.14
CA ALA B 8 31.73 -103.07 46.59
C ALA B 8 30.33 -102.89 46.02
N LEU B 9 29.61 -101.93 46.58
CA LEU B 9 28.25 -101.55 46.24
C LEU B 9 28.18 -100.23 45.50
N ARG B 10 27.01 -99.79 45.00
CA ARG B 10 26.82 -98.62 44.18
C ARG B 10 25.87 -97.59 44.78
N GLU B 11 26.21 -96.33 44.50
CA GLU B 11 25.47 -95.14 44.80
C GLU B 11 24.07 -95.06 44.20
N GLY B 12 23.20 -94.39 44.96
CA GLY B 12 22.05 -93.71 44.39
C GLY B 12 20.97 -94.64 43.88
N GLU B 13 20.85 -95.85 44.44
CA GLU B 13 19.81 -96.83 44.21
C GLU B 13 19.49 -97.61 45.48
N ASP B 14 18.26 -98.12 45.55
CA ASP B 14 17.86 -99.11 46.52
C ASP B 14 18.36 -100.52 46.23
N LEU B 15 19.07 -101.12 47.19
CA LEU B 15 19.68 -102.43 47.20
C LEU B 15 19.02 -103.53 48.03
N SER B 16 17.83 -103.31 48.58
CA SER B 16 17.23 -104.09 49.65
C SER B 16 16.83 -105.49 49.20
N LYS B 17 16.26 -105.72 48.02
CA LYS B 17 15.98 -106.98 47.36
C LYS B 17 17.23 -107.77 47.00
N LYS B 18 18.46 -107.38 47.32
CA LYS B 18 19.67 -108.14 47.06
C LYS B 18 20.49 -108.41 48.31
N ASN B 19 19.90 -108.18 49.49
CA ASN B 19 20.36 -108.57 50.79
C ASN B 19 20.32 -110.09 50.87
N PRO B 20 21.17 -110.74 51.67
CA PRO B 20 22.35 -110.20 52.33
C PRO B 20 23.48 -109.84 51.39
N ILE B 21 24.43 -109.01 51.87
CA ILE B 21 25.68 -108.68 51.20
C ILE B 21 26.87 -109.42 51.81
N ALA B 22 26.76 -110.04 52.99
CA ALA B 22 27.77 -110.88 53.60
C ALA B 22 27.16 -111.83 54.63
N LYS B 23 27.85 -112.93 54.94
CA LYS B 23 27.29 -114.03 55.71
C LYS B 23 28.35 -114.82 56.47
N ILE B 24 28.20 -114.97 57.79
CA ILE B 24 29.14 -115.65 58.67
C ILE B 24 28.56 -116.91 59.29
N HIS B 25 29.38 -117.92 59.54
CA HIS B 25 28.85 -119.16 60.10
C HIS B 25 29.80 -120.08 60.84
N SER B 26 29.54 -120.34 62.12
CA SER B 26 30.23 -121.29 62.98
C SER B 26 29.20 -122.22 63.59
N ASP B 27 29.69 -123.37 64.04
CA ASP B 27 28.80 -124.40 64.54
C ASP B 27 29.44 -125.16 65.70
N LEU B 28 28.61 -125.79 66.52
CA LEU B 28 29.06 -126.70 67.54
C LEU B 28 28.18 -127.94 67.60
N ALA B 29 27.23 -128.13 66.68
CA ALA B 29 26.09 -129.00 66.88
C ALA B 29 26.40 -130.49 66.93
N GLU B 30 27.53 -130.92 66.38
CA GLU B 30 28.04 -132.28 66.49
C GLU B 30 29.14 -132.42 67.53
N GLU B 31 29.84 -131.31 67.83
CA GLU B 31 30.90 -131.35 68.82
C GLU B 31 30.32 -131.15 70.22
N ARG B 32 29.43 -130.18 70.42
CA ARG B 32 28.96 -129.83 71.76
C ARG B 32 27.45 -129.73 71.80
N GLY B 33 26.70 -129.99 70.72
CA GLY B 33 25.26 -129.86 70.69
C GLY B 33 24.73 -128.46 70.97
N LEU B 34 25.52 -127.40 70.81
CA LEU B 34 25.20 -126.01 71.06
C LEU B 34 24.88 -125.36 69.72
N LYS B 35 23.95 -124.39 69.73
CA LYS B 35 23.76 -123.48 68.62
C LYS B 35 24.32 -122.10 68.93
N ILE B 36 24.42 -121.33 67.85
CA ILE B 36 25.22 -120.12 67.75
C ILE B 36 24.32 -118.93 67.46
N THR B 37 24.63 -117.76 68.05
CA THR B 37 24.00 -116.48 67.77
C THR B 37 25.03 -115.38 67.49
N TYR B 38 24.70 -114.49 66.54
CA TYR B 38 25.55 -113.57 65.84
C TYR B 38 25.22 -112.14 66.22
N LYS B 39 26.27 -111.30 66.21
CA LYS B 39 26.22 -109.88 66.45
C LYS B 39 27.19 -109.16 65.53
N TYR B 40 26.90 -107.92 65.11
CA TYR B 40 27.81 -107.04 64.41
C TYR B 40 27.97 -105.71 65.13
N THR B 41 29.14 -105.10 64.96
CA THR B 41 29.47 -103.83 65.57
C THR B 41 30.29 -103.08 64.53
N GLY B 42 30.43 -101.76 64.70
CA GLY B 42 31.27 -100.95 63.85
C GLY B 42 30.70 -99.56 63.60
N LYS B 43 31.56 -98.64 63.14
CA LYS B 43 31.12 -97.39 62.56
C LYS B 43 30.22 -97.68 61.36
N GLY B 44 28.97 -97.21 61.35
CA GLY B 44 28.04 -97.48 60.27
C GLY B 44 26.95 -98.45 60.71
N ILE B 45 26.98 -98.99 61.93
CA ILE B 45 25.92 -99.85 62.43
C ILE B 45 25.68 -99.54 63.90
N THR B 46 26.70 -99.45 64.75
CA THR B 46 26.53 -99.29 66.18
C THR B 46 27.09 -97.96 66.66
N GLU B 47 27.88 -97.34 65.79
CA GLU B 47 28.56 -96.06 65.83
C GLU B 47 28.23 -95.19 64.64
N PRO B 48 28.09 -93.87 64.74
CA PRO B 48 27.51 -92.98 63.76
C PRO B 48 28.09 -93.07 62.35
N PRO B 49 27.27 -93.13 61.31
CA PRO B 49 25.82 -93.19 61.21
C PRO B 49 25.20 -94.52 61.62
N PHE B 50 24.14 -94.54 62.43
CA PHE B 50 23.68 -95.76 63.07
C PHE B 50 22.88 -96.60 62.10
N GLY B 51 22.93 -97.93 62.27
CA GLY B 51 22.15 -98.95 61.60
C GLY B 51 21.90 -98.84 60.10
N ILE B 52 22.82 -98.24 59.34
CA ILE B 52 22.87 -98.12 57.90
C ILE B 52 22.98 -99.52 57.32
N PHE B 53 23.83 -100.34 57.93
CA PHE B 53 23.82 -101.77 57.74
C PHE B 53 23.14 -102.36 58.97
N VAL B 54 22.38 -103.45 58.80
CA VAL B 54 21.60 -104.18 59.77
C VAL B 54 21.82 -105.68 59.63
N PHE B 55 21.85 -106.42 60.73
CA PHE B 55 22.12 -107.84 60.83
C PHE B 55 20.88 -108.62 61.21
N ASN B 56 20.61 -109.83 60.71
CA ASN B 56 19.77 -110.78 61.41
C ASN B 56 20.54 -111.60 62.43
N LYS B 57 19.99 -111.70 63.64
CA LYS B 57 20.72 -112.30 64.74
C LYS B 57 20.76 -113.82 64.73
N ASP B 58 19.69 -114.50 64.28
CA ASP B 58 19.70 -115.94 64.38
C ASP B 58 20.55 -116.58 63.28
N THR B 59 20.66 -115.91 62.12
CA THR B 59 21.25 -116.49 60.94
C THR B 59 22.62 -115.94 60.56
N GLY B 60 23.08 -114.84 61.16
CA GLY B 60 24.39 -114.33 60.83
C GLY B 60 24.61 -113.75 59.44
N GLU B 61 23.78 -112.77 59.07
CA GLU B 61 23.76 -112.20 57.74
C GLU B 61 23.65 -110.68 57.78
N LEU B 62 24.43 -110.03 56.92
CA LEU B 62 24.52 -108.58 56.88
C LEU B 62 23.78 -107.97 55.70
N ASN B 63 22.99 -106.93 55.95
CA ASN B 63 21.99 -106.42 55.03
C ASN B 63 22.18 -104.92 54.85
N VAL B 64 21.53 -104.22 53.92
CA VAL B 64 21.56 -102.78 53.75
C VAL B 64 20.19 -102.27 53.32
N THR B 65 19.87 -101.18 54.02
CA THR B 65 18.56 -100.57 53.93
C THR B 65 18.45 -99.05 53.81
N SER B 66 19.59 -98.43 53.53
CA SER B 66 19.78 -97.02 53.27
C SER B 66 20.69 -96.72 52.08
N ILE B 67 20.30 -95.75 51.24
CA ILE B 67 21.04 -95.60 50.00
C ILE B 67 22.42 -95.00 50.28
N LEU B 68 23.40 -95.69 49.69
CA LEU B 68 24.80 -95.35 49.77
C LEU B 68 25.15 -94.19 48.85
N ASP B 69 26.37 -93.70 49.09
CA ASP B 69 26.96 -92.57 48.41
C ASP B 69 28.44 -92.57 48.77
N ARG B 70 29.32 -92.60 47.77
CA ARG B 70 30.71 -92.29 47.99
C ARG B 70 30.97 -90.84 48.35
N GLU B 71 30.06 -89.92 48.02
CA GLU B 71 30.27 -88.50 48.26
C GLU B 71 30.21 -88.16 49.74
N GLU B 72 29.80 -89.08 50.62
CA GLU B 72 29.45 -88.84 52.00
C GLU B 72 29.96 -89.96 52.90
N THR B 73 29.67 -91.22 52.54
CA THR B 73 30.19 -92.37 53.25
C THR B 73 30.95 -93.30 52.31
N PRO B 74 32.21 -93.08 51.94
CA PRO B 74 32.91 -93.79 50.89
C PRO B 74 33.32 -95.21 51.23
N PHE B 75 33.57 -95.49 52.51
CA PHE B 75 34.21 -96.73 52.92
C PHE B 75 33.86 -97.22 54.31
N PHE B 76 33.95 -98.53 54.54
CA PHE B 76 33.50 -99.16 55.77
C PHE B 76 34.25 -100.38 56.29
N LEU B 77 34.19 -100.66 57.59
CA LEU B 77 34.60 -101.93 58.17
C LEU B 77 33.61 -102.24 59.28
N LEU B 78 32.95 -103.39 59.19
CA LEU B 78 31.93 -103.85 60.12
C LEU B 78 32.36 -105.23 60.59
N THR B 79 32.58 -105.48 61.88
CA THR B 79 33.20 -106.69 62.37
C THR B 79 32.12 -107.58 62.98
N GLY B 80 32.29 -108.90 62.85
CA GLY B 80 31.29 -109.95 62.95
C GLY B 80 31.61 -110.89 64.10
N TYR B 81 30.71 -111.03 65.08
CA TYR B 81 30.84 -111.67 66.37
C TYR B 81 29.92 -112.87 66.52
N ALA B 82 30.26 -113.77 67.44
CA ALA B 82 29.42 -114.91 67.77
C ALA B 82 29.46 -115.12 69.28
N LEU B 83 28.40 -115.75 69.80
CA LEU B 83 28.35 -116.33 71.13
C LEU B 83 27.70 -117.71 71.00
N ASP B 84 27.92 -118.66 71.92
CA ASP B 84 27.08 -119.82 72.11
C ASP B 84 25.71 -119.58 72.74
N ALA B 85 24.95 -120.67 72.86
CA ALA B 85 23.65 -120.55 73.51
C ALA B 85 23.66 -120.43 75.03
N ARG B 86 24.83 -120.36 75.66
CA ARG B 86 25.04 -120.14 77.08
C ARG B 86 25.71 -118.80 77.32
N GLY B 87 25.71 -117.95 76.29
CA GLY B 87 26.32 -116.64 76.31
C GLY B 87 27.83 -116.50 76.44
N ASN B 88 28.62 -117.55 76.26
CA ASN B 88 30.07 -117.64 76.19
C ASN B 88 30.62 -117.46 74.79
N ASN B 89 31.88 -117.04 74.66
CA ASN B 89 32.55 -116.84 73.38
C ASN B 89 32.83 -118.22 72.80
N VAL B 90 32.81 -118.35 71.48
CA VAL B 90 33.07 -119.55 70.70
C VAL B 90 34.29 -119.33 69.82
N GLU B 91 34.45 -118.10 69.32
CA GLU B 91 35.32 -117.74 68.20
C GLU B 91 35.81 -116.31 68.31
N LYS B 92 37.06 -116.06 67.91
CA LYS B 92 37.52 -114.74 67.52
C LYS B 92 36.65 -114.12 66.43
N PRO B 93 36.47 -112.80 66.33
CA PRO B 93 35.67 -112.26 65.25
C PRO B 93 36.19 -112.41 63.82
N LEU B 94 35.36 -112.08 62.83
CA LEU B 94 35.89 -111.85 61.50
C LEU B 94 35.55 -110.43 61.12
N GLU B 95 36.33 -109.81 60.23
CA GLU B 95 36.22 -108.46 59.70
C GLU B 95 35.65 -108.49 58.29
N LEU B 96 35.20 -107.33 57.78
CA LEU B 96 34.59 -107.19 56.48
C LEU B 96 34.66 -105.73 56.04
N ARG B 97 34.97 -105.45 54.78
CA ARG B 97 35.20 -104.11 54.27
C ARG B 97 34.24 -103.80 53.13
N ILE B 98 33.56 -102.64 53.11
CA ILE B 98 32.48 -102.42 52.17
C ILE B 98 32.83 -101.10 51.49
N LYS B 99 32.67 -101.05 50.17
CA LYS B 99 33.08 -99.97 49.28
C LYS B 99 31.84 -99.36 48.62
N VAL B 100 31.76 -98.04 48.43
CA VAL B 100 30.78 -97.40 47.57
C VAL B 100 31.52 -96.92 46.32
N LEU B 101 30.82 -97.23 45.24
CA LEU B 101 31.07 -96.81 43.87
C LEU B 101 29.99 -95.83 43.45
N ASP B 102 30.22 -95.06 42.38
CA ASP B 102 29.81 -93.72 42.04
C ASP B 102 28.95 -93.68 40.79
N ILE B 103 27.89 -92.87 40.69
CA ILE B 103 27.13 -92.47 39.53
C ILE B 103 27.15 -90.98 39.28
N ASN B 104 26.68 -90.50 38.12
CA ASN B 104 26.45 -89.08 38.00
C ASN B 104 25.14 -88.65 38.66
N ASP B 105 25.22 -87.70 39.58
CA ASP B 105 24.11 -87.21 40.39
C ASP B 105 24.27 -85.72 40.64
N ASN B 106 25.09 -85.06 39.82
CA ASN B 106 25.51 -83.70 40.06
C ASN B 106 26.04 -83.08 38.78
N GLU B 107 25.57 -81.89 38.40
CA GLU B 107 26.01 -81.16 37.22
C GLU B 107 27.02 -80.09 37.63
N PRO B 108 27.86 -79.61 36.71
CA PRO B 108 29.04 -78.88 37.14
C PRO B 108 28.69 -77.42 37.40
N VAL B 109 29.72 -76.70 37.82
CA VAL B 109 29.61 -75.31 38.25
C VAL B 109 30.93 -74.62 37.93
N PHE B 110 30.76 -73.41 37.38
CA PHE B 110 31.88 -72.58 36.98
C PHE B 110 32.82 -72.09 38.07
N THR B 111 34.11 -71.96 37.77
CA THR B 111 35.10 -71.54 38.73
C THR B 111 35.26 -70.04 38.91
N GLN B 112 34.50 -69.27 38.11
CA GLN B 112 34.50 -67.83 38.12
C GLN B 112 33.12 -67.23 37.93
N ASP B 113 32.91 -65.97 38.30
CA ASP B 113 31.70 -65.23 38.00
C ASP B 113 31.69 -64.82 36.54
N VAL B 114 32.85 -64.28 36.16
CA VAL B 114 33.09 -63.76 34.83
C VAL B 114 34.55 -63.97 34.49
N PHE B 115 34.77 -64.70 33.39
CA PHE B 115 36.03 -64.95 32.70
C PHE B 115 36.43 -63.83 31.75
N VAL B 116 37.72 -63.52 31.70
CA VAL B 116 38.25 -62.51 30.81
C VAL B 116 39.38 -63.10 29.98
N GLY B 117 39.45 -62.78 28.68
CA GLY B 117 40.68 -63.02 27.95
C GLY B 117 40.80 -61.96 26.86
N SER B 118 41.86 -62.16 26.07
CA SER B 118 42.35 -61.32 25.01
C SER B 118 42.47 -61.85 23.59
N VAL B 119 41.87 -61.24 22.56
CA VAL B 119 42.07 -61.42 21.13
C VAL B 119 42.72 -60.17 20.58
N GLU B 120 43.40 -60.23 19.42
CA GLU B 120 43.77 -59.05 18.68
C GLU B 120 42.87 -58.79 17.48
N GLU B 121 42.61 -57.57 16.99
CA GLU B 121 41.98 -57.32 15.72
C GLU B 121 42.65 -57.93 14.49
N LEU B 122 41.81 -58.35 13.53
CA LEU B 122 42.28 -58.75 12.21
C LEU B 122 43.13 -60.01 12.29
N SER B 123 42.95 -60.90 13.27
CA SER B 123 43.80 -62.03 13.54
C SER B 123 43.63 -63.12 12.49
N ALA B 124 44.50 -64.12 12.59
CA ALA B 124 44.31 -65.34 11.84
C ALA B 124 43.33 -66.32 12.45
N ALA B 125 42.82 -67.27 11.68
CA ALA B 125 41.76 -68.18 12.05
C ALA B 125 42.13 -69.37 12.93
N HIS B 126 41.24 -69.89 13.79
CA HIS B 126 41.38 -71.01 14.68
C HIS B 126 42.59 -70.93 15.60
N THR B 127 43.14 -69.73 15.76
CA THR B 127 44.15 -69.42 16.76
C THR B 127 43.43 -69.15 18.08
N LEU B 128 44.10 -69.72 19.09
CA LEU B 128 43.65 -69.65 20.47
C LEU B 128 43.40 -68.25 20.99
N VAL B 129 42.56 -68.17 22.01
CA VAL B 129 42.22 -66.96 22.73
C VAL B 129 42.44 -67.15 24.22
N MET B 130 41.69 -68.07 24.82
CA MET B 130 41.55 -68.23 26.26
C MET B 130 40.87 -69.57 26.55
N LYS B 131 41.02 -70.03 27.79
CA LYS B 131 40.21 -71.05 28.41
C LYS B 131 39.09 -70.59 29.34
N ILE B 132 38.11 -71.48 29.53
CA ILE B 132 37.03 -71.41 30.51
C ILE B 132 37.09 -72.68 31.35
N ASN B 133 36.47 -72.67 32.52
CA ASN B 133 36.67 -73.67 33.56
C ASN B 133 35.41 -73.89 34.38
N ALA B 134 35.01 -75.15 34.55
CA ALA B 134 34.08 -75.57 35.57
C ALA B 134 34.61 -76.84 36.24
N THR B 135 33.87 -77.19 37.29
CA THR B 135 34.26 -78.15 38.30
C THR B 135 33.06 -79.06 38.53
N ASP B 136 33.29 -80.37 38.71
CA ASP B 136 32.27 -81.30 39.14
C ASP B 136 32.63 -81.98 40.45
N ALA B 137 31.69 -82.64 41.10
CA ALA B 137 31.93 -83.24 42.41
C ALA B 137 32.21 -84.73 42.27
N ASP B 138 31.78 -85.48 41.26
CA ASP B 138 32.22 -86.85 41.11
C ASP B 138 33.72 -87.06 40.97
N GLU B 139 34.09 -88.33 40.83
CA GLU B 139 35.45 -88.86 40.86
C GLU B 139 36.38 -88.30 39.81
N PRO B 140 37.61 -87.87 40.10
CA PRO B 140 38.68 -87.67 39.15
C PRO B 140 38.85 -88.68 38.02
N ASN B 141 39.04 -88.15 36.81
CA ASN B 141 39.18 -88.77 35.51
C ASN B 141 38.05 -89.72 35.11
N THR B 142 36.81 -89.66 35.60
CA THR B 142 35.67 -90.48 35.26
C THR B 142 34.76 -89.64 34.36
N LEU B 143 33.94 -90.27 33.52
CA LEU B 143 32.97 -89.62 32.66
C LEU B 143 31.82 -88.96 33.41
N ASN B 144 31.50 -89.41 34.63
CA ASN B 144 30.62 -88.68 35.50
C ASN B 144 31.05 -87.27 35.91
N SER B 145 32.31 -86.87 35.75
CA SER B 145 32.87 -85.56 36.01
C SER B 145 33.65 -85.08 34.80
N LYS B 146 33.43 -85.71 33.65
CA LYS B 146 34.01 -85.37 32.37
C LYS B 146 33.34 -84.25 31.58
N ILE B 147 33.70 -83.00 31.90
CA ILE B 147 32.93 -81.80 31.68
C ILE B 147 32.95 -81.47 30.20
N SER B 148 31.90 -80.86 29.66
CA SER B 148 31.79 -80.30 28.33
C SER B 148 30.87 -79.08 28.30
N TYR B 149 31.15 -78.11 27.43
CA TYR B 149 30.61 -76.77 27.32
C TYR B 149 29.77 -76.38 26.11
N ARG B 150 29.17 -75.20 26.09
CA ARG B 150 28.66 -74.56 24.89
C ARG B 150 28.61 -73.04 25.02
N ILE B 151 28.34 -72.36 23.90
CA ILE B 151 28.10 -70.93 23.91
C ILE B 151 26.62 -70.59 23.81
N VAL B 152 26.07 -70.03 24.89
CA VAL B 152 24.66 -69.86 25.17
C VAL B 152 23.92 -68.87 24.28
N SER B 153 24.50 -67.67 24.22
CA SER B 153 24.13 -66.62 23.28
C SER B 153 25.35 -65.75 22.98
N LEU B 154 25.35 -65.16 21.79
CA LEU B 154 26.33 -64.32 21.13
C LEU B 154 25.56 -63.37 20.21
N GLU B 155 26.13 -62.21 19.87
CA GLU B 155 25.41 -61.22 19.11
C GLU B 155 26.33 -60.39 18.22
N PRO B 156 25.94 -60.16 16.96
CA PRO B 156 25.07 -61.01 16.17
C PRO B 156 25.35 -62.50 16.28
N ALA B 157 24.36 -63.39 16.14
CA ALA B 157 24.57 -64.80 16.43
C ALA B 157 25.18 -65.50 15.24
N TYR B 158 25.24 -64.96 14.02
CA TYR B 158 25.88 -65.60 12.90
C TYR B 158 26.37 -64.60 11.86
N PRO B 159 27.61 -64.64 11.39
CA PRO B 159 28.67 -65.55 11.78
C PRO B 159 29.19 -65.37 13.20
N PRO B 160 29.60 -66.39 13.96
CA PRO B 160 30.07 -66.24 15.32
C PRO B 160 31.53 -65.79 15.30
N VAL B 161 31.89 -64.88 16.21
CA VAL B 161 33.20 -64.28 16.24
C VAL B 161 34.23 -65.13 16.97
N PHE B 162 33.78 -66.25 17.54
CA PHE B 162 34.53 -67.20 18.35
C PHE B 162 34.06 -68.64 18.19
N TYR B 163 34.91 -69.64 18.35
CA TYR B 163 34.68 -71.07 18.35
C TYR B 163 35.14 -71.68 19.66
N LEU B 164 34.41 -72.61 20.27
CA LEU B 164 34.62 -73.25 21.55
C LEU B 164 34.81 -74.70 21.16
N ASN B 165 36.03 -75.21 21.33
CA ASN B 165 36.17 -76.62 21.62
C ASN B 165 35.49 -77.02 22.91
N LYS B 166 34.41 -77.78 22.69
CA LYS B 166 33.49 -78.07 23.78
C LYS B 166 34.05 -79.15 24.69
N ASP B 167 35.08 -79.89 24.26
CA ASP B 167 35.59 -80.99 25.04
C ASP B 167 36.75 -80.52 25.91
N THR B 168 37.51 -79.60 25.33
CA THR B 168 38.71 -79.08 25.96
C THR B 168 38.63 -77.77 26.74
N GLY B 169 37.57 -76.98 26.58
CA GLY B 169 37.26 -75.74 27.29
C GLY B 169 37.94 -74.50 26.75
N GLU B 170 38.50 -74.60 25.54
CA GLU B 170 39.33 -73.61 24.88
C GLU B 170 38.60 -72.86 23.78
N ILE B 171 38.88 -71.55 23.75
CA ILE B 171 38.26 -70.59 22.87
C ILE B 171 39.23 -69.99 21.85
N TYR B 172 38.82 -69.92 20.59
CA TYR B 172 39.59 -69.75 19.38
C TYR B 172 38.87 -68.82 18.40
N THR B 173 39.57 -68.28 17.41
CA THR B 173 38.97 -67.44 16.40
C THR B 173 38.30 -68.22 15.28
N THR B 174 37.37 -67.61 14.54
CA THR B 174 36.63 -68.14 13.41
C THR B 174 37.15 -67.54 12.11
N SER B 175 36.41 -67.65 11.01
CA SER B 175 36.69 -66.97 9.75
C SER B 175 35.94 -65.68 9.53
N VAL B 176 35.74 -64.93 10.62
CA VAL B 176 35.29 -63.55 10.64
C VAL B 176 36.15 -62.83 11.67
N THR B 177 36.76 -61.67 11.40
CA THR B 177 37.64 -60.91 12.26
C THR B 177 36.96 -59.89 13.17
N LEU B 178 37.53 -59.75 14.38
CA LEU B 178 37.19 -58.70 15.31
C LEU B 178 37.77 -57.33 14.93
N ASP B 179 37.24 -56.20 15.43
CA ASP B 179 37.61 -54.83 15.15
C ASP B 179 37.55 -54.07 16.47
N ARG B 180 38.74 -53.57 16.82
CA ARG B 180 38.94 -52.79 18.03
C ARG B 180 38.33 -51.40 17.94
N GLU B 181 38.23 -50.86 16.72
CA GLU B 181 37.52 -49.69 16.27
C GLU B 181 36.00 -49.81 16.21
N GLU B 182 35.42 -50.96 16.57
CA GLU B 182 34.01 -51.20 16.79
C GLU B 182 33.75 -51.41 18.27
N HIS B 183 34.36 -52.39 18.96
CA HIS B 183 34.22 -52.76 20.35
C HIS B 183 35.52 -52.80 21.13
N SER B 184 35.51 -52.36 22.40
CA SER B 184 36.70 -52.46 23.21
C SER B 184 36.68 -53.75 24.01
N SER B 185 35.50 -54.39 24.12
CA SER B 185 35.29 -55.71 24.65
C SER B 185 34.09 -56.42 24.06
N TYR B 186 34.22 -57.69 23.67
CA TYR B 186 33.14 -58.59 23.29
C TYR B 186 32.61 -59.40 24.46
N THR B 187 31.28 -59.46 24.64
CA THR B 187 30.65 -60.31 25.64
C THR B 187 29.99 -61.52 25.00
N LEU B 188 29.86 -62.64 25.70
CA LEU B 188 29.16 -63.87 25.39
C LEU B 188 28.92 -64.65 26.67
N THR B 189 28.06 -65.68 26.65
CA THR B 189 27.71 -66.52 27.78
C THR B 189 28.08 -67.97 27.51
N VAL B 190 28.38 -68.65 28.62
CA VAL B 190 28.74 -70.06 28.63
C VAL B 190 27.99 -71.00 29.56
N GLU B 191 27.99 -72.30 29.24
CA GLU B 191 27.30 -73.27 30.06
C GLU B 191 28.16 -74.53 30.10
N ALA B 192 28.20 -75.18 31.27
CA ALA B 192 28.86 -76.45 31.51
C ALA B 192 27.88 -77.57 31.77
N ARG B 193 28.16 -78.77 31.26
CA ARG B 193 27.53 -80.04 31.57
C ARG B 193 28.60 -81.11 31.72
N ASP B 194 28.19 -82.37 31.90
CA ASP B 194 29.06 -83.51 32.16
C ASP B 194 28.50 -84.80 31.59
N GLY B 195 29.28 -85.89 31.54
CA GLY B 195 28.92 -87.14 30.92
C GLY B 195 28.55 -87.10 29.44
N ASN B 196 28.31 -88.30 28.90
CA ASN B 196 28.19 -88.59 27.48
C ASN B 196 26.75 -88.77 27.03
N GLY B 197 26.43 -88.35 25.80
CA GLY B 197 25.10 -88.56 25.25
C GLY B 197 24.25 -87.32 25.49
N GLU B 198 22.95 -87.54 25.23
CA GLU B 198 21.86 -86.59 25.26
C GLU B 198 21.78 -85.90 26.61
N VAL B 199 21.32 -84.65 26.69
CA VAL B 199 21.37 -83.76 27.83
C VAL B 199 20.08 -83.87 28.63
N THR B 200 20.17 -83.69 29.95
CA THR B 200 18.98 -83.80 30.79
C THR B 200 18.00 -82.68 30.49
N ASP B 201 16.71 -82.77 30.80
CA ASP B 201 15.74 -81.70 30.62
C ASP B 201 15.60 -80.90 31.90
N LYS B 202 16.74 -80.52 32.50
CA LYS B 202 16.76 -79.78 33.75
C LYS B 202 17.73 -78.63 33.60
N PRO B 203 17.66 -77.54 34.37
CA PRO B 203 18.62 -76.46 34.37
C PRO B 203 19.98 -76.78 34.97
N VAL B 204 20.98 -76.09 34.42
CA VAL B 204 22.38 -76.09 34.79
C VAL B 204 22.92 -74.66 34.74
N LYS B 205 24.00 -74.44 35.48
CA LYS B 205 24.63 -73.15 35.71
C LYS B 205 25.37 -72.65 34.47
N GLN B 206 25.45 -71.33 34.36
CA GLN B 206 26.11 -70.53 33.34
C GLN B 206 26.99 -69.42 33.86
N ALA B 207 27.93 -68.84 33.10
CA ALA B 207 28.68 -67.65 33.44
C ALA B 207 29.04 -66.88 32.18
N GLN B 208 29.42 -65.61 32.43
CA GLN B 208 29.74 -64.59 31.46
C GLN B 208 31.19 -64.76 31.03
N VAL B 209 31.48 -64.59 29.73
CA VAL B 209 32.79 -64.43 29.13
C VAL B 209 32.92 -63.04 28.52
N GLN B 210 34.10 -62.43 28.62
CA GLN B 210 34.44 -61.13 28.08
C GLN B 210 35.81 -61.20 27.43
N ILE B 211 35.88 -60.93 26.12
CA ILE B 211 37.11 -60.88 25.35
C ILE B 211 37.41 -59.43 25.02
N ARG B 212 38.33 -58.76 25.72
CA ARG B 212 39.05 -57.56 25.30
C ARG B 212 39.66 -57.78 23.93
N ILE B 213 39.72 -56.70 23.13
CA ILE B 213 40.14 -56.85 21.75
C ILE B 213 41.34 -55.94 21.64
N LEU B 214 42.54 -56.42 21.29
CA LEU B 214 43.73 -55.60 21.26
C LEU B 214 43.90 -55.02 19.86
N ASP B 215 44.31 -53.74 19.80
CA ASP B 215 44.42 -52.92 18.60
C ASP B 215 45.70 -53.10 17.80
N VAL B 216 45.47 -53.05 16.48
CA VAL B 216 46.55 -53.10 15.53
C VAL B 216 46.57 -51.94 14.55
N ASN B 217 47.66 -51.81 13.78
CA ASN B 217 47.81 -50.77 12.78
C ASN B 217 47.22 -51.14 11.43
N ASP B 218 45.89 -51.06 11.47
CA ASP B 218 45.01 -50.95 10.33
C ASP B 218 44.56 -49.51 10.11
N ASN B 219 44.67 -48.53 11.01
CA ASN B 219 44.20 -47.18 10.79
C ASN B 219 45.39 -46.35 10.36
N ILE B 220 45.19 -45.61 9.27
CA ILE B 220 46.20 -44.94 8.48
C ILE B 220 46.32 -43.49 8.94
N PRO B 221 47.49 -42.91 9.15
CA PRO B 221 47.53 -41.51 9.57
C PRO B 221 47.12 -40.60 8.43
N VAL B 222 46.17 -39.70 8.75
CA VAL B 222 45.66 -38.77 7.77
C VAL B 222 45.90 -37.31 8.15
N VAL B 223 46.11 -36.40 7.20
CA VAL B 223 46.43 -34.99 7.36
C VAL B 223 45.50 -34.06 6.60
N GLU B 224 45.41 -32.80 7.02
CA GLU B 224 44.98 -31.72 6.15
C GLU B 224 45.98 -31.30 5.08
N ASN B 225 47.26 -31.36 5.43
CA ASN B 225 48.22 -30.55 4.70
C ASN B 225 48.87 -31.21 3.49
N LYS B 226 49.33 -30.52 2.44
CA LYS B 226 49.62 -31.15 1.16
C LYS B 226 50.85 -30.59 0.49
N VAL B 227 51.21 -29.35 0.83
CA VAL B 227 52.48 -28.74 0.45
C VAL B 227 52.89 -27.72 1.51
N LEU B 228 54.18 -27.42 1.69
CA LEU B 228 54.71 -26.50 2.66
C LEU B 228 55.91 -25.64 2.29
N GLU B 229 56.05 -24.55 3.03
CA GLU B 229 57.11 -23.57 2.84
C GLU B 229 57.65 -23.11 4.19
N GLY B 230 58.77 -22.37 4.21
CA GLY B 230 59.16 -21.60 5.36
C GLY B 230 60.49 -20.88 5.15
N MET B 231 61.04 -20.43 6.28
CA MET B 231 62.24 -19.60 6.33
C MET B 231 63.20 -20.11 7.39
N VAL B 232 64.50 -19.87 7.23
CA VAL B 232 65.62 -20.03 8.16
C VAL B 232 66.60 -18.88 8.03
N GLU B 233 67.36 -18.52 9.06
CA GLU B 233 68.59 -17.75 9.09
C GLU B 233 69.83 -18.63 9.06
N GLU B 234 70.83 -18.08 8.37
CA GLU B 234 72.23 -18.46 8.46
C GLU B 234 72.83 -18.32 9.85
N ASN B 235 73.88 -19.10 10.04
CA ASN B 235 74.54 -19.27 11.33
C ASN B 235 73.59 -19.62 12.45
N GLN B 236 72.55 -20.43 12.27
CA GLN B 236 71.74 -21.05 13.31
C GLN B 236 71.55 -22.54 13.12
N VAL B 237 71.33 -23.28 14.22
CA VAL B 237 70.81 -24.63 14.24
C VAL B 237 69.75 -24.84 15.31
N ASN B 238 68.95 -25.89 15.02
CA ASN B 238 67.79 -26.35 15.76
C ASN B 238 66.61 -25.38 15.82
N VAL B 239 66.33 -24.69 14.73
CA VAL B 239 65.26 -23.71 14.69
C VAL B 239 64.17 -24.22 13.75
N GLU B 240 62.96 -23.98 14.24
CA GLU B 240 61.70 -24.32 13.62
C GLU B 240 61.38 -23.58 12.32
N VAL B 241 60.63 -24.29 11.48
CA VAL B 241 60.24 -23.73 10.20
C VAL B 241 58.74 -23.82 9.97
N THR B 242 58.20 -25.02 10.12
CA THR B 242 56.83 -25.41 9.90
C THR B 242 56.32 -26.69 10.56
N ARG B 243 55.02 -27.01 10.53
CA ARG B 243 54.44 -28.16 11.20
C ARG B 243 53.39 -28.81 10.30
N ILE B 244 53.00 -30.04 10.64
CA ILE B 244 51.85 -30.77 10.17
C ILE B 244 51.18 -31.52 11.32
N LYS B 245 49.88 -31.25 11.52
CA LYS B 245 49.16 -31.95 12.56
C LYS B 245 48.49 -33.21 12.04
N VAL B 246 48.45 -34.35 12.74
CA VAL B 246 48.11 -35.65 12.21
C VAL B 246 46.97 -36.29 13.00
N PHE B 247 46.02 -36.99 12.39
CA PHE B 247 45.02 -37.83 13.02
C PHE B 247 45.30 -39.28 12.67
N ASP B 248 44.96 -40.22 13.55
CA ASP B 248 44.93 -41.66 13.40
C ASP B 248 43.94 -42.37 14.32
N ALA B 249 43.22 -43.40 13.87
CA ALA B 249 42.15 -44.10 14.56
C ALA B 249 42.64 -45.17 15.53
N ASP B 250 43.94 -45.48 15.63
CA ASP B 250 44.55 -46.29 16.66
C ASP B 250 44.67 -45.69 18.05
N GLU B 251 45.03 -46.45 19.08
CA GLU B 251 45.02 -45.98 20.46
C GLU B 251 45.98 -44.83 20.72
N ILE B 252 45.50 -43.89 21.55
CA ILE B 252 46.16 -42.64 21.87
C ILE B 252 47.45 -42.85 22.65
N GLY B 253 48.57 -42.58 21.97
CA GLY B 253 49.94 -42.77 22.37
C GLY B 253 50.64 -44.03 21.86
N SER B 254 49.95 -44.97 21.22
CA SER B 254 50.56 -46.13 20.59
C SER B 254 51.40 -45.75 19.39
N ASP B 255 52.43 -46.57 19.18
CA ASP B 255 53.35 -46.63 18.05
C ASP B 255 52.55 -46.83 16.77
N ASN B 256 51.35 -47.41 16.88
CA ASN B 256 50.45 -47.51 15.76
C ASN B 256 49.76 -46.21 15.37
N TRP B 257 49.68 -45.23 16.27
CA TRP B 257 48.94 -43.98 16.17
C TRP B 257 49.90 -42.84 15.83
N LEU B 258 51.15 -42.92 16.31
CA LEU B 258 52.20 -41.98 15.97
C LEU B 258 52.48 -41.98 14.48
N ALA B 259 52.10 -40.88 13.83
CA ALA B 259 52.59 -40.42 12.55
C ALA B 259 54.11 -40.40 12.62
N ASN B 260 54.78 -40.95 11.60
CA ASN B 260 56.21 -40.85 11.41
C ASN B 260 56.50 -40.51 9.96
N PHE B 261 57.21 -39.39 9.82
CA PHE B 261 57.66 -38.81 8.58
C PHE B 261 59.07 -39.23 8.21
N THR B 262 59.30 -39.38 6.91
CA THR B 262 60.57 -39.69 6.28
C THR B 262 60.68 -38.92 4.97
N PHE B 263 61.88 -38.71 4.43
CA PHE B 263 62.11 -37.91 3.25
C PHE B 263 61.68 -38.64 1.98
N ALA B 264 61.19 -37.96 0.94
CA ALA B 264 61.06 -38.54 -0.38
C ALA B 264 62.02 -37.91 -1.39
N SER B 265 62.45 -36.66 -1.20
CA SER B 265 63.52 -36.01 -1.93
C SER B 265 64.26 -34.96 -1.12
N GLY B 266 65.49 -34.56 -1.49
CA GLY B 266 66.31 -33.60 -0.80
C GLY B 266 67.07 -34.10 0.42
N ASN B 267 67.13 -35.42 0.61
CA ASN B 267 67.77 -35.95 1.79
C ASN B 267 69.29 -35.85 1.82
N GLU B 268 69.88 -35.85 0.61
CA GLU B 268 71.30 -35.78 0.35
C GLU B 268 71.93 -34.62 1.09
N GLY B 269 71.27 -33.48 1.33
CA GLY B 269 71.76 -32.30 2.00
C GLY B 269 72.08 -32.48 3.48
N GLY B 270 71.33 -33.24 4.28
CA GLY B 270 71.44 -33.46 5.71
C GLY B 270 71.18 -32.22 6.54
N TYR B 271 70.48 -31.24 5.96
CA TYR B 271 70.23 -29.90 6.45
C TYR B 271 69.00 -29.88 7.34
N PHE B 272 67.94 -30.64 7.03
CA PHE B 272 66.64 -30.54 7.65
C PHE B 272 66.05 -31.88 8.09
N HIS B 273 65.20 -31.81 9.10
CA HIS B 273 64.56 -32.94 9.76
C HIS B 273 63.12 -32.58 10.12
N ILE B 274 62.33 -33.62 10.40
CA ILE B 274 60.96 -33.51 10.84
C ILE B 274 60.81 -34.52 11.97
N GLU B 275 60.34 -34.09 13.14
CA GLU B 275 60.16 -34.89 14.33
C GLU B 275 58.71 -34.82 14.81
N THR B 276 58.05 -35.95 15.05
CA THR B 276 56.70 -35.98 15.56
C THR B 276 56.59 -35.88 17.07
N ASP B 277 55.78 -34.96 17.61
CA ASP B 277 55.54 -34.99 19.04
C ASP B 277 54.41 -35.93 19.45
N ALA B 278 54.71 -36.77 20.44
CA ALA B 278 53.73 -37.66 21.03
C ALA B 278 52.72 -37.06 22.03
N GLN B 279 52.87 -35.77 22.33
CA GLN B 279 51.86 -34.98 23.00
C GLN B 279 50.70 -34.88 22.02
N THR B 280 51.00 -34.47 20.78
CA THR B 280 50.07 -33.76 19.94
C THR B 280 49.75 -34.52 18.65
N ASN B 281 50.57 -35.50 18.29
CA ASN B 281 50.68 -36.03 16.95
C ASN B 281 50.84 -34.89 15.96
N GLU B 282 51.90 -34.07 16.08
CA GLU B 282 52.18 -32.95 15.21
C GLU B 282 53.63 -33.18 14.82
N GLY B 283 53.99 -33.31 13.54
CA GLY B 283 55.35 -33.25 13.06
C GLY B 283 55.86 -31.81 13.24
N ILE B 284 57.10 -31.58 13.65
CA ILE B 284 57.72 -30.27 13.71
C ILE B 284 59.01 -30.32 12.91
N VAL B 285 59.22 -29.42 11.96
CA VAL B 285 60.32 -29.33 11.02
C VAL B 285 61.37 -28.34 11.48
N THR B 286 62.67 -28.66 11.48
CA THR B 286 63.76 -27.82 11.93
C THR B 286 64.99 -28.03 11.05
N LEU B 287 65.81 -26.98 11.18
CA LEU B 287 67.16 -26.88 10.67
C LEU B 287 68.13 -27.57 11.60
N ILE B 288 68.83 -28.62 11.15
CA ILE B 288 69.74 -29.40 11.96
C ILE B 288 71.20 -29.08 11.68
N LYS B 289 71.65 -28.82 10.45
CA LYS B 289 72.97 -28.31 10.14
C LYS B 289 72.80 -26.86 9.73
N GLU B 290 73.87 -26.06 9.89
CA GLU B 290 74.02 -24.68 9.49
C GLU B 290 73.89 -24.52 7.99
N VAL B 291 73.31 -23.38 7.60
CA VAL B 291 73.22 -22.88 6.25
C VAL B 291 74.04 -21.61 6.06
N ASP B 292 74.41 -21.29 4.82
CA ASP B 292 75.14 -20.10 4.45
C ASP B 292 74.33 -19.33 3.43
N TYR B 293 73.97 -18.08 3.71
CA TYR B 293 73.37 -17.09 2.83
C TYR B 293 74.28 -16.78 1.66
N GLU B 294 75.60 -16.96 1.77
CA GLU B 294 76.48 -16.43 0.76
C GLU B 294 76.61 -17.42 -0.40
N GLU B 295 76.21 -18.68 -0.29
CA GLU B 295 76.14 -19.61 -1.39
C GLU B 295 74.82 -19.61 -2.14
N MET B 296 73.75 -19.14 -1.51
CA MET B 296 72.42 -18.94 -2.07
C MET B 296 72.01 -20.14 -2.92
N LYS B 297 72.08 -21.32 -2.31
CA LYS B 297 71.78 -22.62 -2.87
C LYS B 297 70.31 -22.99 -2.71
N ASN B 298 69.81 -23.99 -3.44
CA ASN B 298 68.50 -24.59 -3.28
C ASN B 298 68.50 -25.53 -2.09
N LEU B 299 67.57 -25.30 -1.16
CA LEU B 299 67.37 -26.18 -0.02
C LEU B 299 66.04 -26.91 0.11
N ASP B 300 65.31 -27.10 -1.00
CA ASP B 300 63.98 -27.67 -1.05
C ASP B 300 64.03 -29.17 -0.89
N PHE B 301 63.11 -29.76 -0.12
CA PHE B 301 63.01 -31.18 0.12
C PHE B 301 61.59 -31.72 0.24
N SER B 302 61.31 -33.02 0.45
CA SER B 302 59.96 -33.50 0.64
C SER B 302 59.84 -34.71 1.54
N VAL B 303 58.66 -34.95 2.13
CA VAL B 303 58.43 -35.83 3.25
C VAL B 303 57.25 -36.71 2.87
N ILE B 304 57.15 -37.92 3.40
CA ILE B 304 56.00 -38.79 3.30
C ILE B 304 55.62 -39.50 4.60
N VAL B 305 54.33 -39.60 4.89
CA VAL B 305 53.92 -40.10 6.19
C VAL B 305 53.76 -41.61 6.12
N ALA B 306 54.12 -42.28 7.21
CA ALA B 306 53.59 -43.56 7.63
C ALA B 306 53.27 -43.39 9.10
N ASN B 307 53.13 -44.53 9.78
CA ASN B 307 53.25 -44.65 11.22
C ASN B 307 54.56 -45.21 11.74
N LYS B 308 54.91 -45.01 13.01
CA LYS B 308 56.12 -45.55 13.61
C LYS B 308 56.12 -47.07 13.78
N ALA B 309 54.96 -47.71 13.66
CA ALA B 309 54.79 -49.11 13.31
C ALA B 309 54.32 -49.27 11.87
N ALA B 310 54.79 -50.36 11.25
CA ALA B 310 54.29 -50.95 10.02
C ALA B 310 52.80 -51.23 10.10
N PHE B 311 52.27 -51.51 8.91
CA PHE B 311 50.89 -51.75 8.50
C PHE B 311 50.56 -53.24 8.35
N HIS B 312 49.34 -53.51 8.80
CA HIS B 312 48.87 -54.87 8.93
C HIS B 312 48.81 -55.77 7.71
N LYS B 313 48.96 -57.09 7.85
CA LYS B 313 49.21 -57.93 6.68
C LYS B 313 48.18 -57.82 5.57
N SER B 314 46.91 -57.70 5.96
CA SER B 314 45.87 -57.57 4.96
C SER B 314 45.70 -56.15 4.44
N ILE B 315 46.20 -55.16 5.19
CA ILE B 315 45.92 -53.76 4.98
C ILE B 315 47.04 -53.08 4.22
N ARG B 316 48.28 -53.56 4.33
CA ARG B 316 49.48 -52.96 3.80
C ARG B 316 49.61 -53.06 2.28
N SER B 317 50.21 -52.03 1.69
CA SER B 317 50.22 -51.67 0.29
C SER B 317 48.87 -51.48 -0.39
N LYS B 318 47.73 -51.80 0.21
CA LYS B 318 46.44 -51.48 -0.38
C LYS B 318 46.30 -50.02 -0.79
N TYR B 319 46.99 -49.09 -0.13
CA TYR B 319 47.22 -47.70 -0.47
C TYR B 319 48.70 -47.35 -0.60
N LYS B 320 48.91 -46.34 -1.45
CA LYS B 320 50.20 -45.75 -1.76
C LYS B 320 49.98 -44.26 -1.58
N PRO B 321 50.49 -43.57 -0.54
CA PRO B 321 50.40 -42.13 -0.43
C PRO B 321 51.49 -41.53 -1.31
N THR B 322 51.24 -40.27 -1.69
CA THR B 322 52.19 -39.37 -2.32
C THR B 322 52.96 -38.54 -1.30
N PRO B 323 54.14 -38.01 -1.59
CA PRO B 323 54.84 -37.07 -0.75
C PRO B 323 54.29 -35.65 -0.72
N ILE B 324 54.71 -34.93 0.33
CA ILE B 324 54.46 -33.52 0.57
C ILE B 324 55.76 -32.77 0.37
N PRO B 325 55.91 -31.88 -0.61
CA PRO B 325 57.04 -30.97 -0.65
C PRO B 325 57.05 -29.87 0.41
N ILE B 326 58.20 -29.66 1.03
CA ILE B 326 58.58 -28.44 1.73
C ILE B 326 59.57 -27.60 0.94
N LYS B 327 59.33 -26.28 0.85
CA LYS B 327 60.27 -25.36 0.24
C LYS B 327 60.94 -24.44 1.24
N VAL B 328 62.22 -24.07 1.13
CA VAL B 328 62.80 -23.25 2.16
C VAL B 328 63.77 -22.19 1.65
N LYS B 329 63.77 -21.06 2.37
CA LYS B 329 64.53 -19.88 2.01
C LYS B 329 65.26 -19.26 3.18
N VAL B 330 66.40 -18.62 2.92
CA VAL B 330 67.48 -18.26 3.83
C VAL B 330 67.52 -16.76 4.00
N LYS B 331 67.76 -16.34 5.25
CA LYS B 331 67.99 -14.96 5.60
C LYS B 331 69.47 -14.71 5.85
N ASN B 332 70.01 -13.51 5.64
CA ASN B 332 71.37 -13.08 5.94
C ASN B 332 71.67 -12.59 7.35
N VAL B 333 72.86 -12.81 7.88
CA VAL B 333 73.55 -12.04 8.91
C VAL B 333 74.93 -11.58 8.47
N LYS B 334 75.36 -10.42 9.00
CA LYS B 334 76.74 -10.01 9.12
C LYS B 334 77.46 -11.10 9.91
N GLU B 335 78.64 -11.51 9.42
CA GLU B 335 79.45 -12.61 9.88
C GLU B 335 80.93 -12.27 9.94
N GLY B 336 81.64 -12.93 10.86
CA GLY B 336 83.01 -12.68 11.21
C GLY B 336 84.00 -13.13 10.15
N ILE B 337 85.30 -13.13 10.49
CA ILE B 337 86.45 -13.48 9.67
C ILE B 337 86.41 -14.87 9.07
N HIS B 338 86.80 -15.01 7.79
CA HIS B 338 87.00 -16.22 7.03
C HIS B 338 88.28 -16.34 6.23
N PHE B 339 88.80 -17.54 5.98
CA PHE B 339 89.97 -17.69 5.14
C PHE B 339 89.69 -17.85 3.65
N LYS B 340 90.64 -17.36 2.85
CA LYS B 340 90.60 -17.47 1.40
C LYS B 340 91.09 -18.85 0.97
N SER B 341 91.90 -19.52 1.80
CA SER B 341 92.16 -20.94 1.66
C SER B 341 92.38 -21.65 2.99
N SER B 342 91.70 -22.77 3.17
CA SER B 342 91.81 -23.55 4.40
C SER B 342 93.17 -24.14 4.73
N VAL B 343 93.98 -24.42 3.70
CA VAL B 343 95.32 -24.98 3.76
C VAL B 343 96.20 -24.34 2.69
N ILE B 344 97.47 -24.09 3.01
CA ILE B 344 98.46 -23.72 2.02
C ILE B 344 99.66 -24.66 2.00
N SER B 345 100.23 -24.84 0.81
CA SER B 345 101.16 -25.91 0.49
C SER B 345 102.33 -25.38 -0.32
N ILE B 346 103.56 -25.73 0.06
CA ILE B 346 104.85 -25.27 -0.40
C ILE B 346 105.78 -26.46 -0.48
N TYR B 347 106.83 -26.25 -1.28
CA TYR B 347 107.96 -27.15 -1.44
C TYR B 347 109.33 -26.52 -1.23
N VAL B 348 110.25 -27.30 -0.66
CA VAL B 348 111.67 -27.08 -0.43
C VAL B 348 112.61 -28.28 -0.43
N SER B 349 113.91 -28.01 -0.57
CA SER B 349 114.94 -29.02 -0.44
C SER B 349 115.31 -29.21 1.03
N GLU B 350 115.93 -30.30 1.48
CA GLU B 350 116.52 -30.48 2.80
C GLU B 350 117.89 -29.83 2.84
N SER B 351 118.49 -29.79 4.03
CA SER B 351 119.80 -29.25 4.32
C SER B 351 120.95 -30.25 4.39
N MET B 352 122.14 -29.76 4.04
CA MET B 352 123.45 -30.35 4.23
C MET B 352 124.43 -29.39 4.89
N ASP B 353 124.68 -28.21 4.32
CA ASP B 353 125.91 -27.45 4.45
C ASP B 353 125.88 -25.95 4.14
N ARG B 354 124.99 -25.61 3.21
CA ARG B 354 124.85 -24.27 2.68
C ARG B 354 123.54 -23.55 2.88
N SER B 355 122.57 -24.06 3.66
CA SER B 355 121.21 -23.60 3.78
C SER B 355 121.07 -22.19 4.35
N SER B 356 120.16 -21.47 3.70
CA SER B 356 119.81 -20.11 4.08
C SER B 356 118.90 -19.99 5.30
N LYS B 357 119.29 -19.15 6.27
CA LYS B 357 118.42 -18.72 7.35
C LYS B 357 117.34 -17.74 6.89
N GLY B 358 116.34 -17.51 7.74
CA GLY B 358 115.36 -16.45 7.66
C GLY B 358 114.19 -16.65 6.70
N GLN B 359 113.63 -17.83 6.45
CA GLN B 359 112.93 -18.11 5.21
C GLN B 359 111.42 -17.94 5.26
N ILE B 360 110.84 -17.23 4.29
CA ILE B 360 109.43 -16.91 4.23
C ILE B 360 108.76 -17.79 3.19
N ILE B 361 107.51 -18.15 3.47
CA ILE B 361 106.80 -19.11 2.65
C ILE B 361 105.42 -18.70 2.18
N GLY B 362 104.94 -17.53 2.59
CA GLY B 362 103.56 -17.21 2.36
C GLY B 362 102.77 -16.46 3.43
N ASN B 363 101.51 -16.16 3.09
CA ASN B 363 100.53 -15.55 3.97
C ASN B 363 99.21 -16.27 4.15
N PHE B 364 98.52 -15.95 5.24
CA PHE B 364 97.23 -16.51 5.63
C PHE B 364 96.12 -15.51 5.88
N GLN B 365 95.76 -14.61 4.96
CA GLN B 365 94.80 -13.53 5.06
C GLN B 365 93.36 -13.92 5.37
N ALA B 366 92.71 -13.08 6.17
CA ALA B 366 91.30 -13.17 6.50
C ALA B 366 90.39 -12.05 6.01
N PHE B 367 89.18 -12.43 5.60
CA PHE B 367 88.20 -11.64 4.88
C PHE B 367 86.78 -11.63 5.45
N ASP B 368 86.06 -10.51 5.38
CA ASP B 368 84.63 -10.59 5.59
C ASP B 368 83.93 -11.57 4.65
N GLU B 369 83.07 -12.41 5.21
CA GLU B 369 82.46 -13.48 4.44
C GLU B 369 81.46 -12.93 3.44
N ASP B 370 80.85 -11.79 3.81
CA ASP B 370 79.83 -11.09 3.06
C ASP B 370 80.28 -10.23 1.88
N THR B 371 81.53 -9.77 1.84
CA THR B 371 81.99 -8.88 0.79
C THR B 371 83.40 -9.23 0.33
N GLY B 372 84.18 -10.03 1.06
CA GLY B 372 85.56 -10.35 0.81
C GLY B 372 86.59 -9.25 0.98
N LEU B 373 86.24 -8.09 1.56
CA LEU B 373 87.24 -7.15 2.02
C LEU B 373 87.99 -7.54 3.28
N PRO B 374 89.32 -7.34 3.25
CA PRO B 374 90.25 -7.89 4.21
C PRO B 374 89.95 -7.39 5.61
N ALA B 375 90.04 -8.31 6.58
CA ALA B 375 90.00 -8.01 7.99
C ALA B 375 91.32 -8.28 8.68
N HIS B 376 91.35 -7.84 9.94
CA HIS B 376 92.50 -7.98 10.80
C HIS B 376 92.23 -9.01 11.89
N ALA B 377 93.26 -9.81 12.13
CA ALA B 377 93.27 -10.73 13.26
C ALA B 377 94.62 -10.97 13.93
N ARG B 378 94.63 -11.47 15.17
CA ARG B 378 95.83 -11.89 15.87
C ARG B 378 96.03 -13.40 15.71
N TYR B 379 97.30 -13.81 15.59
CA TYR B 379 97.61 -15.15 15.12
C TYR B 379 98.44 -15.97 16.11
N VAL B 380 98.05 -17.24 16.25
CA VAL B 380 98.77 -18.21 17.04
C VAL B 380 99.05 -19.54 16.35
N LYS B 381 100.17 -20.16 16.70
CA LYS B 381 100.63 -21.46 16.24
C LYS B 381 100.31 -22.66 17.13
N LEU B 382 99.82 -23.74 16.51
CA LEU B 382 99.45 -24.99 17.14
C LEU B 382 100.04 -26.23 16.48
N GLU B 383 100.48 -27.09 17.41
CA GLU B 383 101.05 -28.41 17.22
C GLU B 383 102.25 -28.52 16.30
N ASP B 384 103.15 -27.55 16.42
CA ASP B 384 104.41 -27.59 15.70
C ASP B 384 105.34 -28.53 16.46
N ARG B 385 105.67 -29.74 16.02
CA ARG B 385 106.12 -30.86 16.81
C ARG B 385 107.61 -30.82 17.12
N ASP B 386 108.36 -30.06 16.33
CA ASP B 386 109.79 -29.84 16.31
C ASP B 386 110.18 -28.37 16.25
N ASN B 387 109.30 -27.36 16.26
CA ASN B 387 109.57 -25.96 16.01
C ASN B 387 110.24 -25.61 14.70
N TRP B 388 109.45 -25.72 13.63
CA TRP B 388 109.94 -25.29 12.33
C TRP B 388 109.35 -23.96 11.91
N ILE B 389 108.16 -23.59 12.41
CA ILE B 389 107.46 -22.45 11.86
C ILE B 389 107.12 -21.39 12.90
N SER B 390 107.09 -20.15 12.39
CA SER B 390 106.70 -18.89 13.00
C SER B 390 105.64 -18.15 12.20
N VAL B 391 104.90 -17.23 12.81
CA VAL B 391 103.81 -16.49 12.19
C VAL B 391 103.81 -15.06 12.72
N ASP B 392 103.63 -14.11 11.81
CA ASP B 392 103.46 -12.69 12.08
C ASP B 392 102.03 -12.23 11.84
N SER B 393 101.42 -11.83 12.96
CA SER B 393 100.04 -11.41 12.98
C SER B 393 99.80 -10.19 12.10
N VAL B 394 100.75 -9.26 11.98
CA VAL B 394 100.45 -7.97 11.39
C VAL B 394 100.39 -8.11 9.88
N THR B 395 100.82 -9.23 9.29
CA THR B 395 100.85 -9.53 7.88
C THR B 395 100.20 -10.89 7.60
N SER B 396 99.78 -11.72 8.55
CA SER B 396 99.48 -13.12 8.35
C SER B 396 100.56 -13.94 7.66
N GLU B 397 101.81 -13.45 7.65
CA GLU B 397 102.93 -14.11 7.01
C GLU B 397 103.36 -15.25 7.92
N ILE B 398 103.99 -16.23 7.27
CA ILE B 398 104.48 -17.51 7.74
C ILE B 398 105.94 -17.68 7.29
N LYS B 399 106.77 -18.14 8.21
CA LYS B 399 108.22 -18.10 8.22
C LYS B 399 108.83 -19.30 8.93
N LEU B 400 109.97 -19.74 8.37
CA LEU B 400 110.76 -20.87 8.84
C LEU B 400 111.81 -20.49 9.88
N ALA B 401 111.94 -21.30 10.92
CA ALA B 401 112.72 -21.18 12.14
C ALA B 401 113.66 -22.35 12.42
N LYS B 402 113.67 -23.34 11.52
CA LYS B 402 114.62 -24.43 11.49
C LYS B 402 115.06 -24.71 10.05
N LEU B 403 116.22 -25.35 9.89
CA LEU B 403 116.64 -26.02 8.68
C LEU B 403 115.86 -27.30 8.44
N PRO B 404 115.35 -27.56 7.23
CA PRO B 404 114.62 -28.77 6.91
C PRO B 404 115.55 -29.97 6.82
N ASP B 405 115.14 -31.14 7.33
CA ASP B 405 115.77 -32.43 7.21
C ASP B 405 114.82 -33.47 6.66
N PHE B 406 115.09 -34.17 5.55
CA PHE B 406 114.30 -35.24 4.98
C PHE B 406 114.39 -36.50 5.84
N GLU B 407 115.43 -36.75 6.62
CA GLU B 407 115.41 -37.89 7.53
C GLU B 407 114.73 -37.64 8.86
N SER B 408 114.31 -36.41 9.20
CA SER B 408 113.62 -36.11 10.43
C SER B 408 112.53 -37.06 10.89
N ARG B 409 112.50 -37.41 12.18
CA ARG B 409 111.44 -38.21 12.75
C ARG B 409 110.06 -37.59 12.69
N TYR B 410 109.86 -36.31 12.38
CA TYR B 410 108.59 -35.61 12.28
C TYR B 410 108.15 -35.46 10.83
N VAL B 411 109.01 -35.73 9.84
CA VAL B 411 108.72 -35.66 8.42
C VAL B 411 108.08 -36.95 7.96
N GLN B 412 106.84 -36.99 7.47
CA GLN B 412 106.10 -38.15 7.02
C GLN B 412 105.58 -37.97 5.61
N ASN B 413 105.78 -39.00 4.79
CA ASN B 413 105.51 -39.06 3.37
C ASN B 413 106.26 -37.96 2.63
N GLY B 414 107.26 -37.32 3.24
CA GLY B 414 108.02 -36.20 2.74
C GLY B 414 107.41 -34.85 3.04
N THR B 415 106.45 -34.81 3.97
CA THR B 415 105.74 -33.61 4.39
C THR B 415 105.88 -33.34 5.88
N TYR B 416 105.73 -32.07 6.25
CA TYR B 416 105.70 -31.54 7.61
C TYR B 416 104.52 -30.59 7.68
N THR B 417 103.80 -30.72 8.79
CA THR B 417 102.59 -29.98 9.11
C THR B 417 102.76 -29.05 10.30
N VAL B 418 102.15 -27.87 10.20
CA VAL B 418 101.87 -26.97 11.31
C VAL B 418 100.45 -26.45 11.15
N LYS B 419 99.74 -26.23 12.26
CA LYS B 419 98.43 -25.64 12.36
C LYS B 419 98.43 -24.19 12.80
N ILE B 420 97.59 -23.33 12.22
CA ILE B 420 97.48 -21.92 12.58
C ILE B 420 96.07 -21.66 13.09
N VAL B 421 95.86 -20.66 13.94
CA VAL B 421 94.55 -20.15 14.28
C VAL B 421 94.68 -18.64 14.30
N ALA B 422 93.65 -17.97 13.78
CA ALA B 422 93.55 -16.52 13.76
C ALA B 422 92.26 -16.07 14.42
N ILE B 423 92.37 -15.03 15.26
CA ILE B 423 91.26 -14.74 16.16
C ILE B 423 91.06 -13.23 16.16
N SER B 424 89.78 -12.88 16.19
CA SER B 424 89.28 -11.51 16.14
C SER B 424 89.19 -10.74 17.44
N GLU B 425 88.96 -9.44 17.25
CA GLU B 425 88.87 -8.43 18.28
C GLU B 425 87.61 -7.57 18.28
N ASP B 426 87.19 -6.99 19.41
CA ASP B 426 85.83 -6.60 19.77
C ASP B 426 84.75 -7.67 19.76
N TYR B 427 83.71 -7.52 20.58
CA TYR B 427 82.80 -8.63 20.80
C TYR B 427 81.70 -8.70 19.73
N PRO B 428 81.46 -9.89 19.18
CA PRO B 428 81.86 -11.21 19.61
C PRO B 428 83.19 -11.62 19.00
N ARG B 429 84.05 -12.28 19.78
CA ARG B 429 85.34 -12.69 19.27
C ARG B 429 85.30 -14.05 18.59
N LYS B 430 85.95 -14.29 17.46
CA LYS B 430 85.80 -15.45 16.59
C LYS B 430 87.14 -16.06 16.23
N THR B 431 87.25 -17.39 16.28
CA THR B 431 88.39 -18.23 15.96
C THR B 431 88.11 -19.09 14.73
N ILE B 432 89.05 -19.08 13.78
CA ILE B 432 89.14 -19.76 12.50
C ILE B 432 90.52 -20.35 12.28
N THR B 433 90.47 -21.56 11.73
CA THR B 433 91.59 -22.47 11.71
C THR B 433 92.11 -22.69 10.30
N GLY B 434 93.41 -23.00 10.21
CA GLY B 434 94.03 -23.34 8.95
C GLY B 434 95.29 -24.14 9.13
N THR B 435 95.92 -24.64 8.06
CA THR B 435 97.11 -25.47 8.08
C THR B 435 98.07 -25.12 6.95
N VAL B 436 99.33 -25.36 7.33
CA VAL B 436 100.49 -25.17 6.48
C VAL B 436 101.04 -26.57 6.23
N LEU B 437 101.16 -26.94 4.95
CA LEU B 437 101.86 -28.11 4.45
C LEU B 437 103.16 -27.85 3.73
N ILE B 438 104.37 -28.12 4.23
CA ILE B 438 105.61 -27.95 3.50
C ILE B 438 106.23 -29.30 3.18
N ASN B 439 106.63 -29.51 1.92
CA ASN B 439 107.19 -30.72 1.34
C ASN B 439 108.69 -30.56 1.15
N VAL B 440 109.42 -31.65 1.39
CA VAL B 440 110.86 -31.63 1.63
C VAL B 440 111.41 -32.76 0.77
N GLU B 441 112.41 -32.48 -0.06
CA GLU B 441 113.13 -33.38 -0.94
C GLU B 441 114.48 -33.83 -0.38
N ASP B 442 115.08 -34.89 -0.92
CA ASP B 442 116.23 -35.53 -0.31
C ASP B 442 117.47 -35.01 -1.00
N ILE B 443 118.56 -34.89 -0.24
CA ILE B 443 119.98 -34.71 -0.50
C ILE B 443 120.81 -35.88 0.00
N ASN B 444 121.93 -36.25 -0.62
CA ASN B 444 122.76 -37.35 -0.16
C ASN B 444 123.66 -36.91 0.98
N ASP B 445 123.15 -36.35 2.07
CA ASP B 445 123.84 -35.86 3.24
C ASP B 445 124.30 -36.97 4.17
N ASN B 446 123.97 -38.25 3.97
CA ASN B 446 124.54 -39.32 4.76
C ASN B 446 125.37 -40.22 3.86
N CYS B 447 126.33 -40.90 4.51
CA CYS B 447 127.40 -41.75 4.02
C CYS B 447 127.30 -43.15 4.63
N PRO B 448 127.59 -44.22 3.90
CA PRO B 448 127.56 -45.59 4.38
C PRO B 448 128.68 -45.78 5.39
N THR B 449 128.35 -46.37 6.55
CA THR B 449 129.27 -46.79 7.58
C THR B 449 129.18 -48.30 7.72
N LEU B 450 130.28 -48.85 8.24
CA LEU B 450 130.49 -50.22 8.64
C LEU B 450 129.75 -50.57 9.92
N ILE B 451 128.51 -51.09 9.84
CA ILE B 451 127.75 -51.52 11.00
C ILE B 451 128.25 -52.76 11.73
N GLU B 452 129.09 -53.52 11.02
CA GLU B 452 129.67 -54.75 11.52
C GLU B 452 131.18 -54.62 11.67
N PRO B 453 131.69 -53.94 12.70
CA PRO B 453 133.10 -53.71 12.96
C PRO B 453 133.88 -54.94 13.42
N VAL B 454 133.17 -55.96 13.90
CA VAL B 454 133.73 -57.07 14.63
C VAL B 454 133.16 -58.45 14.36
N GLN B 455 133.96 -59.47 14.03
CA GLN B 455 133.50 -60.84 13.94
C GLN B 455 134.49 -61.92 14.38
N THR B 456 133.94 -63.08 14.74
CA THR B 456 134.66 -64.23 15.24
C THR B 456 134.27 -65.49 14.48
N ILE B 457 135.24 -66.33 14.10
CA ILE B 457 135.19 -67.14 12.91
C ILE B 457 135.92 -68.42 13.28
N CYS B 458 135.54 -69.61 12.79
CA CYS B 458 136.05 -70.93 13.05
C CYS B 458 137.01 -71.47 12.00
N HIS B 459 137.61 -72.64 12.25
CA HIS B 459 138.81 -73.15 11.62
C HIS B 459 138.51 -73.97 10.37
N ASP B 460 137.23 -74.21 10.06
CA ASP B 460 136.63 -74.80 8.87
C ASP B 460 135.89 -73.82 7.97
N ALA B 461 135.81 -72.57 8.40
CA ALA B 461 135.15 -71.54 7.62
C ALA B 461 136.11 -70.87 6.65
N GLU B 462 135.57 -70.24 5.60
CA GLU B 462 136.35 -69.39 4.72
C GLU B 462 135.76 -68.03 4.35
N TYR B 463 134.50 -67.77 4.68
CA TYR B 463 133.81 -66.60 4.18
C TYR B 463 133.11 -65.86 5.31
N VAL B 464 133.15 -64.53 5.25
CA VAL B 464 132.53 -63.75 6.30
C VAL B 464 131.81 -62.51 5.78
N ASN B 465 130.64 -62.21 6.34
CA ASN B 465 129.75 -61.20 5.78
C ASN B 465 129.73 -59.94 6.62
N VAL B 466 129.93 -58.75 6.04
CA VAL B 466 129.74 -57.48 6.70
C VAL B 466 128.78 -56.53 5.99
N THR B 467 127.90 -55.91 6.78
CA THR B 467 126.87 -55.04 6.24
C THR B 467 127.33 -53.60 6.41
N ALA B 468 126.99 -52.70 5.47
CA ALA B 468 126.93 -51.27 5.68
C ALA B 468 125.55 -50.62 5.82
N GLU B 469 125.45 -49.41 6.34
CA GLU B 469 124.17 -48.73 6.26
C GLU B 469 124.36 -47.26 5.93
N ASP B 470 123.56 -46.81 4.96
CA ASP B 470 123.28 -45.43 4.64
C ASP B 470 121.92 -44.96 5.13
N LEU B 471 121.87 -43.71 5.60
CA LEU B 471 120.69 -43.15 6.23
C LEU B 471 119.79 -42.36 5.30
N ASP B 472 120.14 -42.22 4.01
CA ASP B 472 119.18 -41.86 2.99
C ASP B 472 118.62 -43.10 2.32
N GLY B 473 117.49 -42.91 1.63
CA GLY B 473 116.88 -43.86 0.73
C GLY B 473 117.38 -43.61 -0.68
N HIS B 474 117.02 -44.47 -1.64
CA HIS B 474 117.23 -44.35 -3.07
C HIS B 474 116.64 -43.06 -3.60
N PRO B 475 117.22 -42.39 -4.61
CA PRO B 475 118.50 -42.76 -5.16
C PRO B 475 119.75 -42.67 -4.28
N ASN B 476 119.64 -41.97 -3.16
CA ASN B 476 120.75 -41.47 -2.38
C ASN B 476 121.51 -42.49 -1.56
N SER B 477 121.35 -43.78 -1.91
CA SER B 477 121.99 -44.92 -1.28
C SER B 477 122.28 -45.92 -2.38
N GLY B 478 121.25 -46.50 -3.00
CA GLY B 478 121.37 -47.49 -4.05
C GLY B 478 122.30 -48.67 -3.77
N PRO B 479 122.89 -49.26 -4.81
CA PRO B 479 123.85 -50.32 -4.60
C PRO B 479 125.16 -49.72 -4.11
N PHE B 480 125.70 -50.08 -2.94
CA PHE B 480 126.94 -49.59 -2.37
C PHE B 480 128.13 -50.13 -3.15
N SER B 481 129.29 -49.47 -3.13
CA SER B 481 130.54 -50.05 -3.57
C SER B 481 131.52 -50.10 -2.40
N PHE B 482 132.01 -51.31 -2.17
CA PHE B 482 132.98 -51.70 -1.17
C PHE B 482 134.33 -52.01 -1.81
N SER B 483 135.43 -51.51 -1.25
CA SER B 483 136.78 -51.97 -1.56
C SER B 483 137.63 -51.99 -0.31
N VAL B 484 138.70 -52.78 -0.33
CA VAL B 484 139.76 -52.94 0.66
C VAL B 484 141.14 -52.68 0.07
N ILE B 485 141.86 -51.83 0.82
CA ILE B 485 142.97 -51.05 0.33
C ILE B 485 144.21 -51.91 0.09
N ASP B 486 145.19 -51.34 -0.63
CA ASP B 486 146.32 -52.04 -1.19
C ASP B 486 147.50 -52.25 -0.24
N LYS B 487 147.39 -51.77 1.00
CA LYS B 487 148.37 -51.87 2.06
C LYS B 487 147.91 -52.87 3.11
N PRO B 488 148.73 -53.62 3.84
CA PRO B 488 150.13 -53.85 3.59
C PRO B 488 150.42 -54.72 2.37
N PRO B 489 151.68 -54.79 1.91
CA PRO B 489 151.99 -55.57 0.73
C PRO B 489 151.40 -56.97 0.78
N GLY B 490 150.68 -57.35 -0.28
CA GLY B 490 150.21 -58.72 -0.41
C GLY B 490 148.90 -59.01 0.30
N MET B 491 148.23 -58.04 0.91
CA MET B 491 146.99 -58.29 1.63
C MET B 491 145.83 -58.80 0.81
N ALA B 492 145.87 -58.54 -0.50
CA ALA B 492 144.95 -59.13 -1.45
C ALA B 492 145.18 -60.63 -1.58
N GLU B 493 146.34 -61.23 -1.26
CA GLU B 493 146.51 -62.66 -1.15
C GLU B 493 146.01 -63.34 0.11
N LYS B 494 145.76 -62.48 1.10
CA LYS B 494 145.48 -62.85 2.48
C LYS B 494 144.00 -62.76 2.80
N TRP B 495 143.34 -61.65 2.46
CA TRP B 495 141.91 -61.42 2.57
C TRP B 495 141.35 -60.50 1.50
N LYS B 496 140.29 -60.97 0.84
CA LYS B 496 139.67 -60.26 -0.26
C LYS B 496 138.15 -60.30 -0.34
N ILE B 497 137.51 -59.29 -0.92
CA ILE B 497 136.14 -59.28 -1.39
C ILE B 497 135.95 -60.44 -2.36
N ALA B 498 134.87 -61.21 -2.25
CA ALA B 498 134.48 -62.34 -3.08
C ALA B 498 133.04 -62.47 -3.53
N ARG B 499 132.11 -61.71 -2.93
CA ARG B 499 130.82 -61.40 -3.51
C ARG B 499 130.23 -60.13 -2.91
N GLN B 500 129.28 -59.49 -3.59
CA GLN B 500 128.75 -58.26 -3.03
C GLN B 500 127.27 -58.03 -3.30
N GLU B 501 126.54 -57.48 -2.32
CA GLU B 501 125.12 -57.22 -2.31
C GLU B 501 124.81 -55.73 -2.25
N SER B 502 123.55 -55.27 -2.28
CA SER B 502 123.24 -53.85 -2.32
C SER B 502 123.52 -53.04 -1.06
N THR B 503 123.43 -53.79 0.05
CA THR B 503 123.57 -53.36 1.43
C THR B 503 124.89 -53.86 1.98
N SER B 504 125.61 -54.84 1.45
CA SER B 504 126.51 -55.76 2.15
C SER B 504 127.53 -56.41 1.22
N VAL B 505 128.58 -57.00 1.79
CA VAL B 505 129.70 -57.65 1.14
C VAL B 505 130.10 -58.94 1.83
N LEU B 506 130.51 -59.98 1.09
CA LEU B 506 131.08 -61.22 1.57
C LEU B 506 132.55 -61.25 1.19
N LEU B 507 133.35 -61.25 2.26
CA LEU B 507 134.77 -61.47 2.23
C LEU B 507 135.01 -62.97 2.14
N GLN B 508 136.18 -63.28 1.60
CA GLN B 508 136.84 -64.57 1.69
C GLN B 508 138.20 -64.39 2.33
N GLN B 509 138.80 -65.50 2.76
CA GLN B 509 140.15 -65.74 3.23
C GLN B 509 141.05 -66.67 2.45
N SER B 510 142.32 -66.31 2.22
CA SER B 510 143.39 -67.13 1.70
C SER B 510 144.64 -67.21 2.56
N GLU B 511 144.61 -66.69 3.79
CA GLU B 511 145.72 -66.64 4.71
C GLU B 511 145.90 -67.98 5.42
N LYS B 512 144.80 -68.65 5.75
CA LYS B 512 144.63 -69.94 6.38
C LYS B 512 145.30 -70.13 7.74
N LYS B 513 144.96 -69.28 8.71
CA LYS B 513 145.74 -69.10 9.91
C LYS B 513 144.84 -68.68 11.06
N LEU B 514 145.14 -69.13 12.28
CA LEU B 514 144.32 -68.89 13.45
C LEU B 514 144.76 -67.66 14.23
N GLY B 515 144.56 -66.44 13.72
CA GLY B 515 144.86 -65.18 14.38
C GLY B 515 143.92 -64.07 13.94
N ARG B 516 144.50 -62.89 14.14
CA ARG B 516 143.92 -61.62 13.75
C ARG B 516 144.36 -61.08 12.40
N SER B 517 143.48 -60.36 11.70
CA SER B 517 143.62 -59.47 10.56
C SER B 517 142.84 -58.17 10.68
N GLU B 518 143.38 -57.09 10.11
CA GLU B 518 142.88 -55.73 10.22
C GLU B 518 142.51 -55.27 8.81
N ILE B 519 141.22 -55.06 8.58
CA ILE B 519 140.69 -55.03 7.23
C ILE B 519 140.00 -53.69 7.01
N GLN B 520 140.73 -52.71 6.48
CA GLN B 520 140.22 -51.39 6.21
C GLN B 520 139.38 -51.57 4.95
N PHE B 521 138.11 -51.19 5.07
CA PHE B 521 137.30 -50.92 3.89
C PHE B 521 137.34 -49.46 3.46
N LEU B 522 137.08 -49.18 2.17
CA LEU B 522 136.61 -47.96 1.55
C LEU B 522 135.21 -48.18 1.01
N ILE B 523 134.21 -47.29 1.13
CA ILE B 523 132.82 -47.58 0.90
C ILE B 523 132.00 -46.37 0.46
N SER B 524 131.35 -46.47 -0.70
CA SER B 524 130.53 -45.46 -1.34
C SER B 524 129.08 -45.92 -1.37
N ASP B 525 128.15 -44.96 -1.44
CA ASP B 525 126.82 -45.09 -2.00
C ASP B 525 126.68 -44.79 -3.48
N ASN B 526 125.57 -45.14 -4.13
CA ASN B 526 125.44 -45.04 -5.57
C ASN B 526 125.78 -43.70 -6.21
N GLN B 527 125.83 -42.62 -5.43
CA GLN B 527 126.04 -41.26 -5.88
C GLN B 527 127.48 -40.83 -5.70
N GLY B 528 128.19 -41.64 -4.91
CA GLY B 528 129.64 -41.56 -4.82
C GLY B 528 130.11 -41.07 -3.47
N PHE B 529 129.17 -40.91 -2.52
CA PHE B 529 129.58 -40.36 -1.25
C PHE B 529 130.07 -41.42 -0.28
N SER B 530 131.09 -41.08 0.50
CA SER B 530 131.88 -41.86 1.43
C SER B 530 132.35 -41.00 2.60
N CYS B 531 132.34 -41.64 3.77
CA CYS B 531 132.53 -40.92 5.02
C CYS B 531 133.95 -40.40 5.16
N PRO B 532 134.17 -39.19 5.70
CA PRO B 532 135.46 -38.66 6.08
C PRO B 532 136.20 -39.48 7.13
N GLU B 533 135.48 -40.29 7.91
CA GLU B 533 136.04 -41.15 8.92
C GLU B 533 136.26 -42.58 8.46
N LYS B 534 137.22 -43.28 9.08
CA LYS B 534 137.64 -44.61 8.66
C LYS B 534 136.67 -45.74 9.00
N GLN B 535 136.64 -46.85 8.27
CA GLN B 535 135.75 -47.97 8.47
C GLN B 535 136.56 -49.25 8.51
N VAL B 536 136.75 -49.99 9.61
CA VAL B 536 137.70 -51.07 9.73
C VAL B 536 137.07 -52.26 10.45
N LEU B 537 137.34 -53.47 9.93
CA LEU B 537 136.88 -54.72 10.50
C LEU B 537 137.99 -55.33 11.33
N THR B 538 137.69 -55.54 12.62
CA THR B 538 138.37 -56.45 13.51
C THR B 538 137.82 -57.87 13.31
N LEU B 539 138.69 -58.84 13.00
CA LEU B 539 138.34 -60.21 12.70
C LEU B 539 139.40 -61.10 13.33
N THR B 540 138.88 -62.12 14.05
CA THR B 540 139.52 -63.15 14.82
C THR B 540 139.10 -64.49 14.22
N VAL B 541 140.06 -65.32 13.81
CA VAL B 541 139.90 -66.69 13.39
C VAL B 541 140.53 -67.56 14.46
N CYS B 542 139.94 -68.74 14.74
CA CYS B 542 140.24 -69.60 15.86
C CYS B 542 139.87 -71.02 15.46
N GLU B 543 140.39 -71.96 16.27
CA GLU B 543 140.01 -73.35 16.42
C GLU B 543 138.80 -73.48 17.34
N CYS B 544 137.81 -74.28 16.92
CA CYS B 544 136.52 -74.43 17.56
C CYS B 544 136.26 -75.91 17.82
N LEU B 545 135.39 -76.11 18.82
CA LEU B 545 134.75 -77.39 19.04
C LEU B 545 133.69 -77.61 17.97
N HIS B 546 133.39 -78.85 17.60
CA HIS B 546 132.31 -79.18 16.70
C HIS B 546 130.98 -78.65 17.22
N GLY B 547 130.47 -77.65 16.50
CA GLY B 547 129.18 -77.03 16.73
C GLY B 547 129.16 -76.05 17.90
N SER B 548 130.32 -75.40 18.07
CA SER B 548 130.53 -74.49 19.17
C SER B 548 131.65 -73.49 18.87
N GLY B 549 131.80 -72.36 19.55
CA GLY B 549 132.83 -71.35 19.44
C GLY B 549 134.19 -71.95 19.77
N CYS B 550 135.13 -71.00 19.89
CA CYS B 550 136.57 -71.09 20.01
C CYS B 550 137.04 -71.89 21.20
N ARG B 551 138.17 -72.61 21.13
CA ARG B 551 138.72 -73.48 22.15
C ARG B 551 139.22 -72.78 23.42
N GLU B 552 139.09 -73.36 24.62
CA GLU B 552 139.20 -72.68 25.90
C GLU B 552 139.98 -73.63 26.80
N ALA B 553 141.08 -73.16 27.41
CA ALA B 553 141.66 -73.92 28.51
C ALA B 553 141.64 -73.24 29.87
N HIS B 554 141.02 -72.07 30.06
CA HIS B 554 141.01 -71.25 31.26
C HIS B 554 139.95 -71.76 32.23
N ALA C 1 -24.97 0.66 -52.29
CA ALA C 1 -24.36 -0.38 -53.12
C ALA C 1 -24.21 -1.67 -52.32
N TRP C 2 -23.27 -2.51 -52.75
CA TRP C 2 -22.98 -3.79 -52.12
C TRP C 2 -21.51 -4.04 -52.42
N ILE C 3 -20.88 -4.81 -51.54
CA ILE C 3 -19.63 -5.54 -51.67
C ILE C 3 -19.88 -7.03 -51.92
N THR C 4 -19.18 -7.67 -52.86
CA THR C 4 -19.58 -8.96 -53.37
C THR C 4 -18.41 -9.94 -53.45
N ALA C 5 -18.67 -11.24 -53.37
CA ALA C 5 -17.78 -12.37 -53.54
C ALA C 5 -17.54 -12.54 -55.03
N PRO C 6 -16.42 -13.12 -55.46
CA PRO C 6 -15.91 -13.22 -56.82
C PRO C 6 -16.67 -14.12 -57.78
N VAL C 7 -16.28 -14.14 -59.05
CA VAL C 7 -16.69 -15.19 -59.97
C VAL C 7 -15.52 -16.15 -60.17
N ALA C 8 -15.71 -17.42 -60.52
CA ALA C 8 -14.71 -18.43 -60.77
C ALA C 8 -14.79 -18.79 -62.26
N LEU C 9 -13.65 -18.71 -62.93
CA LEU C 9 -13.57 -18.84 -64.38
C LEU C 9 -12.30 -19.61 -64.75
N ARG C 10 -12.29 -20.45 -65.79
CA ARG C 10 -11.20 -21.40 -65.87
C ARG C 10 -10.01 -20.88 -66.66
N GLU C 11 -8.84 -21.44 -66.34
CA GLU C 11 -7.70 -21.61 -67.21
C GLU C 11 -8.09 -22.46 -68.42
N GLY C 12 -7.51 -22.25 -69.61
CA GLY C 12 -7.62 -23.17 -70.72
C GLY C 12 -9.01 -23.48 -71.27
N GLU C 13 -9.93 -22.51 -71.23
CA GLU C 13 -11.34 -22.69 -71.51
C GLU C 13 -11.84 -21.54 -72.37
N ASP C 14 -12.63 -21.88 -73.39
CA ASP C 14 -13.47 -20.96 -74.15
C ASP C 14 -14.64 -20.42 -73.33
N LEU C 15 -14.23 -19.41 -72.55
CA LEU C 15 -15.10 -18.65 -71.69
C LEU C 15 -16.19 -17.86 -72.42
N SER C 16 -16.13 -17.72 -73.75
CA SER C 16 -16.84 -16.75 -74.54
C SER C 16 -18.34 -16.58 -74.35
N LYS C 17 -19.01 -17.71 -74.16
CA LYS C 17 -20.41 -17.67 -73.77
C LYS C 17 -20.69 -16.83 -72.54
N LYS C 18 -19.87 -16.89 -71.48
CA LYS C 18 -20.18 -16.20 -70.24
C LYS C 18 -20.19 -14.69 -70.44
N ASN C 19 -19.67 -14.07 -71.50
CA ASN C 19 -19.49 -12.65 -71.70
C ASN C 19 -20.77 -11.92 -72.11
N PRO C 20 -21.02 -10.69 -71.68
CA PRO C 20 -20.12 -9.93 -70.82
C PRO C 20 -20.31 -10.19 -69.34
N ILE C 21 -19.22 -10.24 -68.56
CA ILE C 21 -19.13 -10.51 -67.14
C ILE C 21 -19.26 -9.25 -66.30
N ALA C 22 -19.24 -8.05 -66.91
CA ALA C 22 -19.73 -6.84 -66.28
C ALA C 22 -20.41 -5.90 -67.28
N LYS C 23 -21.39 -5.11 -66.84
CA LYS C 23 -22.21 -4.38 -67.77
C LYS C 23 -22.95 -3.22 -67.11
N ILE C 24 -22.63 -1.97 -67.45
CA ILE C 24 -23.08 -0.77 -66.76
C ILE C 24 -23.98 0.01 -67.70
N HIS C 25 -24.96 0.73 -67.13
CA HIS C 25 -25.54 1.89 -67.76
C HIS C 25 -26.01 2.93 -66.76
N SER C 26 -25.67 4.19 -67.01
CA SER C 26 -25.79 5.31 -66.09
C SER C 26 -26.97 6.24 -66.30
N ASP C 27 -27.36 6.90 -65.20
CA ASP C 27 -28.70 7.36 -64.89
C ASP C 27 -28.99 8.77 -65.39
N LEU C 28 -28.09 9.46 -66.10
CA LEU C 28 -28.10 10.86 -66.49
C LEU C 28 -28.24 11.18 -67.97
N ALA C 29 -28.41 10.08 -68.70
CA ALA C 29 -28.50 10.06 -70.15
C ALA C 29 -29.65 10.85 -70.72
N GLU C 30 -30.83 10.66 -70.10
CA GLU C 30 -32.02 11.45 -70.29
C GLU C 30 -32.37 12.46 -69.21
N GLU C 31 -32.01 12.18 -67.95
CA GLU C 31 -32.31 12.96 -66.77
C GLU C 31 -31.57 14.28 -66.65
N ARG C 32 -30.36 14.37 -67.20
CA ARG C 32 -29.64 15.59 -67.50
C ARG C 32 -29.17 15.64 -68.95
N GLY C 33 -29.57 14.71 -69.81
CA GLY C 33 -29.30 14.72 -71.23
C GLY C 33 -27.91 14.26 -71.69
N LEU C 34 -27.05 13.55 -70.97
CA LEU C 34 -25.63 13.44 -71.22
C LEU C 34 -25.17 12.34 -72.15
N LYS C 35 -23.94 12.49 -72.66
CA LYS C 35 -23.21 11.50 -73.41
C LYS C 35 -22.24 10.85 -72.44
N ILE C 36 -22.43 9.57 -72.11
CA ILE C 36 -21.71 8.89 -71.04
C ILE C 36 -20.84 7.87 -71.74
N THR C 37 -19.61 7.72 -71.24
CA THR C 37 -18.76 6.57 -71.51
C THR C 37 -18.30 5.93 -70.21
N TYR C 38 -17.72 4.75 -70.42
CA TYR C 38 -17.45 3.71 -69.45
C TYR C 38 -16.03 3.18 -69.57
N LYS C 39 -15.42 2.70 -68.49
CA LYS C 39 -14.10 2.12 -68.35
C LYS C 39 -13.94 1.27 -67.11
N TYR C 40 -12.77 0.65 -66.96
CA TYR C 40 -12.44 -0.29 -65.90
C TYR C 40 -10.94 -0.16 -65.67
N THR C 41 -10.42 -0.23 -64.45
CA THR C 41 -9.03 -0.39 -64.06
C THR C 41 -8.79 -1.43 -62.97
N GLY C 42 -7.52 -1.61 -62.61
CA GLY C 42 -7.05 -2.49 -61.56
C GLY C 42 -6.17 -3.63 -62.03
N LYS C 43 -6.05 -4.72 -61.28
CA LYS C 43 -5.33 -5.93 -61.67
C LYS C 43 -6.05 -6.70 -62.77
N GLY C 44 -5.36 -6.94 -63.89
CA GLY C 44 -5.83 -7.38 -65.20
C GLY C 44 -6.06 -6.27 -66.22
N ILE C 45 -5.78 -5.01 -65.91
CA ILE C 45 -5.90 -3.84 -66.77
C ILE C 45 -4.66 -2.97 -66.65
N THR C 46 -4.37 -2.48 -65.45
CA THR C 46 -3.45 -1.38 -65.20
C THR C 46 -2.44 -1.79 -64.14
N GLU C 47 -2.48 -3.04 -63.68
CA GLU C 47 -1.52 -3.82 -62.90
C GLU C 47 -1.65 -5.23 -63.47
N PRO C 48 -0.62 -6.07 -63.62
CA PRO C 48 -0.59 -7.27 -64.44
C PRO C 48 -1.30 -8.46 -63.80
N PRO C 49 -1.53 -9.50 -64.60
CA PRO C 49 -1.27 -9.70 -66.02
C PRO C 49 -2.02 -8.81 -67.00
N PHE C 50 -1.32 -8.47 -68.09
CA PHE C 50 -1.82 -7.63 -69.15
C PHE C 50 -2.28 -8.45 -70.33
N GLY C 51 -3.28 -7.90 -71.03
CA GLY C 51 -3.77 -8.39 -72.30
C GLY C 51 -4.78 -9.52 -72.13
N ILE C 52 -5.66 -9.45 -71.13
CA ILE C 52 -6.61 -10.45 -70.69
C ILE C 52 -7.99 -9.86 -70.89
N PHE C 53 -8.20 -8.53 -70.82
CA PHE C 53 -9.53 -7.98 -70.93
C PHE C 53 -9.74 -6.73 -71.76
N VAL C 54 -10.90 -6.63 -72.42
CA VAL C 54 -11.27 -5.41 -73.13
C VAL C 54 -12.69 -5.00 -72.75
N PHE C 55 -12.94 -3.70 -72.81
CA PHE C 55 -14.22 -3.08 -72.57
C PHE C 55 -14.63 -1.99 -73.57
N ASN C 56 -15.94 -1.94 -73.84
CA ASN C 56 -16.59 -1.03 -74.76
C ASN C 56 -16.88 0.28 -74.07
N LYS C 57 -16.37 1.37 -74.66
CA LYS C 57 -16.39 2.72 -74.14
C LYS C 57 -17.76 3.37 -74.28
N ASP C 58 -18.62 2.97 -75.22
CA ASP C 58 -19.99 3.44 -75.25
C ASP C 58 -20.92 2.73 -74.27
N THR C 59 -20.55 1.58 -73.70
CA THR C 59 -21.53 0.79 -72.98
C THR C 59 -21.06 0.01 -71.76
N GLY C 60 -19.76 0.04 -71.46
CA GLY C 60 -19.18 -0.50 -70.25
C GLY C 60 -19.18 -2.02 -70.23
N GLU C 61 -19.51 -2.68 -71.33
CA GLU C 61 -19.46 -4.13 -71.36
C GLU C 61 -18.05 -4.67 -71.35
N LEU C 62 -17.65 -5.36 -70.27
CA LEU C 62 -16.41 -6.09 -70.10
C LEU C 62 -16.45 -7.53 -70.60
N ASN C 63 -15.46 -7.88 -71.41
CA ASN C 63 -15.26 -9.25 -71.82
C ASN C 63 -13.85 -9.76 -71.59
N VAL C 64 -13.75 -11.00 -71.12
CA VAL C 64 -12.56 -11.81 -71.04
C VAL C 64 -12.17 -12.24 -72.46
N THR C 65 -10.97 -11.94 -72.93
CA THR C 65 -10.55 -12.05 -74.31
C THR C 65 -9.45 -13.05 -74.64
N SER C 66 -8.50 -13.26 -73.72
CA SER C 66 -7.44 -14.25 -73.82
C SER C 66 -7.67 -15.57 -73.12
N ILE C 67 -7.10 -16.70 -73.53
CA ILE C 67 -7.05 -17.88 -72.69
C ILE C 67 -6.43 -17.50 -71.34
N LEU C 68 -7.05 -17.79 -70.19
CA LEU C 68 -6.42 -17.50 -68.91
C LEU C 68 -5.33 -18.52 -68.61
N ASP C 69 -4.22 -18.08 -68.02
CA ASP C 69 -3.22 -18.95 -67.41
C ASP C 69 -3.22 -18.80 -65.90
N ARG C 70 -3.72 -19.77 -65.12
CA ARG C 70 -3.70 -19.64 -63.68
C ARG C 70 -2.34 -19.65 -63.00
N GLU C 71 -1.34 -20.18 -63.72
CA GLU C 71 0.01 -20.08 -63.21
C GLU C 71 0.45 -18.63 -63.25
N GLU C 72 -0.12 -17.69 -64.03
CA GLU C 72 0.25 -16.29 -63.99
C GLU C 72 -0.29 -15.64 -62.72
N THR C 73 -1.61 -15.62 -62.50
CA THR C 73 -2.21 -15.15 -61.27
C THR C 73 -3.48 -15.93 -60.97
N PRO C 74 -3.80 -16.22 -59.70
CA PRO C 74 -4.98 -16.93 -59.27
C PRO C 74 -6.21 -16.07 -59.02
N PHE C 75 -6.05 -14.76 -58.91
CA PHE C 75 -7.20 -13.87 -58.94
C PHE C 75 -6.93 -12.57 -59.68
N PHE C 76 -8.02 -11.93 -60.12
CA PHE C 76 -8.05 -10.56 -60.56
C PHE C 76 -9.05 -9.73 -59.75
N LEU C 77 -8.99 -8.40 -59.84
CA LEU C 77 -9.76 -7.50 -59.02
C LEU C 77 -9.86 -6.23 -59.84
N LEU C 78 -11.01 -5.68 -60.25
CA LEU C 78 -11.25 -4.54 -61.12
C LEU C 78 -12.22 -3.60 -60.43
N THR C 79 -12.16 -2.33 -60.85
CA THR C 79 -13.08 -1.27 -60.52
C THR C 79 -13.56 -0.71 -61.85
N GLY C 80 -14.87 -0.60 -62.02
CA GLY C 80 -15.61 -0.15 -63.19
C GLY C 80 -16.18 1.25 -63.01
N TYR C 81 -15.85 2.18 -63.92
CA TYR C 81 -16.13 3.60 -63.88
C TYR C 81 -16.98 4.08 -65.04
N ALA C 82 -17.80 5.09 -64.79
CA ALA C 82 -18.49 5.83 -65.83
C ALA C 82 -18.49 7.34 -65.61
N LEU C 83 -18.30 8.08 -66.70
CA LEU C 83 -18.14 9.52 -66.81
C LEU C 83 -18.88 10.04 -68.03
N ASP C 84 -19.44 11.26 -67.91
CA ASP C 84 -19.84 12.09 -69.03
C ASP C 84 -18.71 12.57 -69.92
N ALA C 85 -19.02 12.98 -71.15
CA ALA C 85 -18.10 13.44 -72.17
C ALA C 85 -17.24 14.63 -71.79
N ARG C 86 -17.75 15.37 -70.79
CA ARG C 86 -17.07 16.57 -70.34
C ARG C 86 -15.85 16.29 -69.47
N GLY C 87 -16.08 15.50 -68.41
CA GLY C 87 -15.11 15.16 -67.39
C GLY C 87 -15.53 14.80 -65.97
N ASN C 88 -16.85 14.87 -65.77
CA ASN C 88 -17.51 14.43 -64.55
C ASN C 88 -17.84 12.95 -64.44
N ASN C 89 -17.58 12.36 -63.28
CA ASN C 89 -18.07 11.04 -62.91
C ASN C 89 -19.57 11.06 -62.67
N VAL C 90 -20.31 9.99 -62.98
CA VAL C 90 -21.75 9.94 -62.93
C VAL C 90 -22.39 8.73 -62.25
N GLU C 91 -21.60 7.81 -61.69
CA GLU C 91 -21.87 6.51 -61.09
C GLU C 91 -20.97 6.27 -59.91
N LYS C 92 -21.38 5.82 -58.72
CA LYS C 92 -20.43 5.35 -57.72
C LYS C 92 -19.83 4.02 -58.16
N PRO C 93 -18.55 3.87 -58.48
CA PRO C 93 -18.07 2.82 -59.35
C PRO C 93 -18.23 1.43 -58.76
N LEU C 94 -18.38 0.44 -59.65
CA LEU C 94 -18.60 -0.92 -59.22
C LEU C 94 -17.25 -1.63 -59.08
N GLU C 95 -17.11 -2.53 -58.11
CA GLU C 95 -15.97 -3.42 -58.01
C GLU C 95 -16.38 -4.88 -58.18
N LEU C 96 -15.44 -5.58 -58.82
CA LEU C 96 -15.52 -7.00 -59.09
C LEU C 96 -14.20 -7.70 -58.78
N ARG C 97 -14.34 -8.89 -58.19
CA ARG C 97 -13.26 -9.83 -58.01
C ARG C 97 -13.53 -11.05 -58.87
N ILE C 98 -12.50 -11.64 -59.46
CA ILE C 98 -12.56 -12.85 -60.26
C ILE C 98 -11.44 -13.72 -59.72
N LYS C 99 -11.69 -15.02 -59.59
CA LYS C 99 -10.67 -16.00 -59.31
C LYS C 99 -10.41 -16.88 -60.53
N VAL C 100 -9.20 -17.30 -60.88
CA VAL C 100 -8.82 -18.18 -61.97
C VAL C 100 -8.71 -19.61 -61.43
N LEU C 101 -9.35 -20.62 -62.04
CA LEU C 101 -9.40 -22.01 -61.64
C LEU C 101 -8.37 -22.84 -62.40
N ASP C 102 -7.71 -23.81 -61.76
CA ASP C 102 -6.49 -24.44 -62.23
C ASP C 102 -6.82 -25.75 -62.94
N ILE C 103 -6.15 -26.02 -64.07
CA ILE C 103 -6.19 -27.35 -64.64
C ILE C 103 -4.76 -27.83 -64.79
N ASN C 104 -4.46 -29.09 -65.12
CA ASN C 104 -3.16 -29.72 -65.25
C ASN C 104 -2.51 -29.46 -66.61
N ASP C 105 -2.51 -28.22 -67.12
CA ASP C 105 -2.07 -27.84 -68.45
C ASP C 105 -0.56 -27.81 -68.59
N ASN C 106 0.19 -28.61 -67.83
CA ASN C 106 1.62 -28.73 -68.03
C ASN C 106 2.03 -30.02 -67.34
N GLU C 107 3.04 -30.70 -67.89
CA GLU C 107 3.65 -31.91 -67.40
C GLU C 107 5.10 -31.70 -67.01
N PRO C 108 5.67 -32.33 -65.98
CA PRO C 108 6.93 -31.92 -65.40
C PRO C 108 8.22 -31.97 -66.20
N VAL C 109 9.23 -31.24 -65.73
CA VAL C 109 10.56 -31.09 -66.26
C VAL C 109 11.61 -31.59 -65.28
N PHE C 110 12.39 -32.64 -65.60
CA PHE C 110 13.52 -33.02 -64.79
C PHE C 110 14.61 -31.97 -64.64
N THR C 111 15.25 -31.90 -63.47
CA THR C 111 16.10 -30.75 -63.21
C THR C 111 17.44 -30.79 -63.94
N GLN C 112 17.93 -31.97 -64.35
CA GLN C 112 19.20 -32.19 -65.01
C GLN C 112 18.98 -33.02 -66.26
N ASP C 113 19.81 -32.89 -67.30
CA ASP C 113 19.85 -33.62 -68.55
C ASP C 113 20.39 -35.03 -68.37
N VAL C 114 21.47 -35.04 -67.59
CA VAL C 114 22.31 -36.09 -67.06
C VAL C 114 22.42 -35.90 -65.55
N PHE C 115 21.72 -36.75 -64.78
CA PHE C 115 21.93 -36.94 -63.36
C PHE C 115 23.16 -37.81 -63.21
N VAL C 116 24.05 -37.65 -62.23
CA VAL C 116 25.22 -38.49 -62.10
C VAL C 116 25.33 -39.14 -60.72
N GLY C 117 25.77 -40.40 -60.67
CA GLY C 117 25.90 -41.13 -59.42
C GLY C 117 27.11 -42.04 -59.43
N SER C 118 27.60 -42.53 -58.28
CA SER C 118 28.57 -43.59 -58.15
C SER C 118 28.56 -44.21 -56.76
N VAL C 119 29.01 -45.46 -56.58
CA VAL C 119 29.43 -46.05 -55.33
C VAL C 119 30.58 -47.05 -55.44
N GLU C 120 31.13 -47.37 -54.27
CA GLU C 120 32.16 -48.38 -54.14
C GLU C 120 31.63 -49.79 -54.37
N GLU C 121 32.58 -50.71 -54.59
CA GLU C 121 32.28 -52.12 -54.69
C GLU C 121 31.52 -52.76 -53.54
N LEU C 122 30.57 -53.67 -53.81
CA LEU C 122 29.77 -54.39 -52.84
C LEU C 122 29.09 -53.47 -51.84
N SER C 123 28.62 -52.34 -52.40
CA SER C 123 27.62 -51.57 -51.69
C SER C 123 26.34 -52.42 -51.69
N ALA C 124 25.70 -52.59 -50.54
CA ALA C 124 24.66 -53.60 -50.42
C ALA C 124 23.46 -53.61 -51.35
N ALA C 125 22.75 -54.75 -51.37
CA ALA C 125 21.45 -54.99 -51.95
C ALA C 125 20.41 -54.09 -51.31
N HIS C 126 19.34 -53.71 -52.02
CA HIS C 126 18.25 -52.82 -51.67
C HIS C 126 18.70 -51.58 -50.92
N THR C 127 19.70 -50.85 -51.45
CA THR C 127 20.38 -49.76 -50.78
C THR C 127 20.44 -48.52 -51.66
N LEU C 128 20.19 -47.34 -51.08
CA LEU C 128 20.07 -46.15 -51.91
C LEU C 128 21.31 -45.86 -52.75
N VAL C 129 21.14 -45.64 -54.05
CA VAL C 129 22.29 -45.27 -54.87
C VAL C 129 22.23 -43.77 -55.09
N MET C 130 21.14 -43.24 -55.64
CA MET C 130 21.03 -41.81 -55.81
C MET C 130 19.56 -41.42 -55.87
N LYS C 131 19.26 -40.12 -55.94
CA LYS C 131 17.97 -39.47 -56.06
C LYS C 131 17.84 -38.67 -57.35
N ILE C 132 16.63 -38.36 -57.83
CA ILE C 132 16.43 -37.53 -59.00
C ILE C 132 15.25 -36.60 -58.75
N ASN C 133 15.06 -35.57 -59.56
CA ASN C 133 14.04 -34.55 -59.37
C ASN C 133 13.45 -34.00 -60.67
N ALA C 134 12.17 -33.60 -60.68
CA ALA C 134 11.51 -32.80 -61.70
C ALA C 134 10.64 -31.77 -60.97
N THR C 135 10.25 -30.68 -61.62
CA THR C 135 9.34 -29.66 -61.12
C THR C 135 8.16 -29.42 -62.05
N ASP C 136 6.97 -29.06 -61.55
CA ASP C 136 5.72 -28.75 -62.22
C ASP C 136 5.18 -27.36 -61.96
N ALA C 137 4.56 -26.78 -63.00
CA ALA C 137 4.11 -25.42 -62.83
C ALA C 137 2.79 -25.26 -62.10
N ASP C 138 1.96 -26.27 -61.88
CA ASP C 138 0.74 -26.23 -61.08
C ASP C 138 1.00 -26.34 -59.59
N GLU C 139 0.07 -25.92 -58.73
CA GLU C 139 0.15 -25.57 -57.32
C GLU C 139 0.59 -26.80 -56.53
N PRO C 140 1.55 -26.60 -55.63
CA PRO C 140 2.15 -27.71 -54.91
C PRO C 140 1.09 -28.40 -54.06
N ASN C 141 1.34 -29.71 -53.93
CA ASN C 141 0.55 -30.59 -53.12
C ASN C 141 -0.87 -30.79 -53.67
N THR C 142 -0.99 -30.89 -55.00
CA THR C 142 -2.21 -31.22 -55.70
C THR C 142 -2.09 -32.27 -56.80
N LEU C 143 -3.17 -32.87 -57.32
CA LEU C 143 -3.11 -33.80 -58.42
C LEU C 143 -2.53 -33.26 -59.73
N ASN C 144 -2.83 -32.01 -60.05
CA ASN C 144 -2.24 -31.23 -61.13
C ASN C 144 -0.72 -31.21 -61.05
N SER C 145 -0.12 -31.47 -59.88
CA SER C 145 1.32 -31.43 -59.73
C SER C 145 2.07 -32.57 -59.07
N LYS C 146 1.37 -33.59 -58.55
CA LYS C 146 2.02 -34.83 -58.15
C LYS C 146 2.84 -35.62 -59.15
N ILE C 147 4.15 -35.80 -58.94
CA ILE C 147 5.11 -36.22 -59.93
C ILE C 147 5.37 -37.72 -59.79
N SER C 148 5.19 -38.50 -60.86
CA SER C 148 5.41 -39.93 -60.88
C SER C 148 6.62 -40.20 -61.76
N TYR C 149 7.45 -41.12 -61.27
CA TYR C 149 8.75 -41.44 -61.84
C TYR C 149 8.87 -42.90 -62.27
N ARG C 150 9.31 -43.11 -63.51
CA ARG C 150 9.63 -44.42 -64.04
C ARG C 150 10.89 -44.53 -64.89
N ILE C 151 11.50 -45.70 -64.99
CA ILE C 151 12.57 -46.08 -65.91
C ILE C 151 12.00 -46.62 -67.21
N VAL C 152 12.47 -46.14 -68.36
CA VAL C 152 11.98 -46.49 -69.67
C VAL C 152 13.09 -46.78 -70.68
N SER C 153 14.36 -46.83 -70.26
CA SER C 153 15.38 -47.62 -70.92
C SER C 153 16.51 -47.92 -69.94
N LEU C 154 17.20 -49.06 -69.99
CA LEU C 154 18.36 -49.45 -69.23
C LEU C 154 19.45 -49.96 -70.16
N GLU C 155 20.67 -49.83 -69.64
CA GLU C 155 21.89 -50.23 -70.33
C GLU C 155 22.90 -50.67 -69.28
N PRO C 156 23.29 -51.94 -69.10
CA PRO C 156 22.81 -53.09 -69.85
C PRO C 156 21.43 -53.53 -69.42
N ALA C 157 20.57 -53.93 -70.37
CA ALA C 157 19.21 -54.30 -70.05
C ALA C 157 18.93 -55.69 -69.46
N TYR C 158 19.97 -56.40 -69.04
CA TYR C 158 19.93 -57.70 -68.40
C TYR C 158 21.25 -58.00 -67.70
N PRO C 159 21.19 -58.33 -66.40
CA PRO C 159 20.02 -58.47 -65.55
C PRO C 159 19.43 -57.15 -65.08
N PRO C 160 18.23 -57.09 -64.49
CA PRO C 160 17.85 -55.97 -63.63
C PRO C 160 18.84 -55.72 -62.50
N VAL C 161 19.24 -54.48 -62.27
CA VAL C 161 20.31 -54.02 -61.40
C VAL C 161 19.81 -53.01 -60.38
N PHE C 162 18.73 -52.27 -60.65
CA PHE C 162 18.24 -51.16 -59.86
C PHE C 162 16.73 -51.01 -59.85
N TYR C 163 16.22 -50.10 -59.03
CA TYR C 163 14.83 -49.71 -58.92
C TYR C 163 14.58 -48.22 -58.72
N LEU C 164 13.51 -47.63 -59.27
CA LEU C 164 13.09 -46.27 -59.08
C LEU C 164 11.80 -46.20 -58.30
N ASN C 165 11.67 -45.46 -57.19
CA ASN C 165 10.46 -45.28 -56.41
C ASN C 165 9.62 -44.23 -57.13
N LYS C 166 8.31 -44.41 -57.35
CA LYS C 166 7.40 -43.56 -58.09
C LYS C 166 7.13 -42.23 -57.40
N ASP C 167 7.09 -42.28 -56.06
CA ASP C 167 6.64 -41.12 -55.32
C ASP C 167 7.77 -40.28 -54.75
N THR C 168 8.85 -40.88 -54.24
CA THR C 168 9.86 -40.20 -53.44
C THR C 168 11.02 -39.86 -54.35
N GLY C 169 11.03 -40.42 -55.57
CA GLY C 169 11.97 -40.29 -56.65
C GLY C 169 13.39 -40.76 -56.33
N GLU C 170 13.58 -41.82 -55.55
CA GLU C 170 14.86 -42.41 -55.25
C GLU C 170 15.14 -43.63 -56.12
N ILE C 171 16.44 -43.81 -56.39
CA ILE C 171 17.01 -44.97 -57.06
C ILE C 171 17.90 -45.78 -56.13
N TYR C 172 17.53 -47.06 -56.04
CA TYR C 172 18.17 -48.05 -55.20
C TYR C 172 18.70 -49.16 -56.11
N THR C 173 19.69 -49.98 -55.72
CA THR C 173 19.87 -51.32 -56.25
C THR C 173 18.72 -52.27 -55.94
N THR C 174 18.59 -53.39 -56.66
CA THR C 174 17.64 -54.45 -56.44
C THR C 174 18.26 -55.44 -55.46
N SER C 175 17.93 -56.73 -55.44
CA SER C 175 18.57 -57.81 -54.71
C SER C 175 20.05 -58.08 -54.98
N VAL C 176 20.82 -57.22 -55.64
CA VAL C 176 22.16 -57.30 -56.20
C VAL C 176 23.25 -56.54 -55.44
N THR C 177 24.45 -57.11 -55.40
CA THR C 177 25.66 -56.36 -55.11
C THR C 177 26.44 -56.11 -56.39
N LEU C 178 26.90 -54.88 -56.60
CA LEU C 178 27.60 -54.39 -57.77
C LEU C 178 29.11 -54.30 -57.57
N ASP C 179 29.91 -54.74 -58.53
CA ASP C 179 31.36 -54.76 -58.50
C ASP C 179 31.89 -54.20 -59.81
N ARG C 180 32.90 -53.34 -59.66
CA ARG C 180 33.72 -52.82 -60.74
C ARG C 180 34.30 -53.92 -61.61
N GLU C 181 34.71 -54.99 -60.94
CA GLU C 181 35.48 -56.08 -61.51
C GLU C 181 34.61 -56.99 -62.35
N GLU C 182 33.27 -56.97 -62.19
CA GLU C 182 32.22 -57.67 -62.91
C GLU C 182 31.48 -56.83 -63.94
N HIS C 183 31.24 -55.54 -63.64
CA HIS C 183 30.78 -54.59 -64.63
C HIS C 183 30.83 -53.21 -63.99
N SER C 184 31.24 -52.12 -64.63
CA SER C 184 31.45 -50.81 -64.03
C SER C 184 30.48 -49.67 -64.35
N SER C 185 29.75 -49.65 -65.46
CA SER C 185 29.16 -48.42 -65.96
C SER C 185 27.79 -48.72 -66.55
N TYR C 186 26.77 -48.03 -66.04
CA TYR C 186 25.35 -48.14 -66.30
C TYR C 186 24.78 -46.81 -66.76
N THR C 187 23.76 -46.92 -67.60
CA THR C 187 23.00 -45.80 -68.15
C THR C 187 21.50 -46.10 -68.14
N LEU C 188 20.74 -45.10 -67.70
CA LEU C 188 19.31 -45.27 -67.52
C LEU C 188 18.61 -44.07 -68.15
N THR C 189 17.43 -44.35 -68.70
CA THR C 189 16.57 -43.33 -69.27
C THR C 189 15.27 -43.35 -68.48
N VAL C 190 14.96 -42.24 -67.81
CA VAL C 190 13.77 -42.03 -67.00
C VAL C 190 12.77 -41.09 -67.65
N GLU C 191 11.51 -41.16 -67.23
CA GLU C 191 10.37 -40.33 -67.58
C GLU C 191 9.52 -39.88 -66.39
N ALA C 192 8.94 -38.68 -66.45
CA ALA C 192 8.14 -37.99 -65.46
C ALA C 192 6.85 -37.39 -65.99
N ARG C 193 5.74 -37.62 -65.30
CA ARG C 193 4.39 -37.29 -65.72
C ARG C 193 3.64 -37.12 -64.40
N ASP C 194 2.47 -36.50 -64.56
CA ASP C 194 1.67 -36.03 -63.44
C ASP C 194 0.23 -36.44 -63.61
N GLY C 195 -0.66 -36.09 -62.67
CA GLY C 195 -2.04 -36.53 -62.79
C GLY C 195 -2.16 -38.01 -62.46
N ASN C 196 -3.31 -38.61 -62.75
CA ASN C 196 -3.68 -39.92 -62.25
C ASN C 196 -3.06 -41.02 -63.10
N GLY C 197 -2.19 -40.81 -64.09
CA GLY C 197 -1.51 -41.91 -64.71
C GLY C 197 -2.06 -42.38 -66.05
N GLU C 198 -2.89 -41.54 -66.68
CA GLU C 198 -3.43 -41.57 -68.03
C GLU C 198 -2.47 -40.96 -69.03
N VAL C 199 -1.76 -41.79 -69.79
CA VAL C 199 -0.72 -41.36 -70.70
C VAL C 199 -1.26 -40.72 -71.98
N THR C 200 -0.66 -39.61 -72.44
CA THR C 200 -1.02 -39.00 -73.70
C THR C 200 -0.52 -39.80 -74.89
N ASP C 201 -1.04 -39.44 -76.06
CA ASP C 201 -0.54 -39.85 -77.35
C ASP C 201 0.55 -38.94 -77.91
N LYS C 202 0.85 -37.85 -77.20
CA LYS C 202 1.90 -36.92 -77.56
C LYS C 202 3.19 -37.26 -76.82
N PRO C 203 4.30 -37.02 -77.51
CA PRO C 203 5.62 -37.23 -76.95
C PRO C 203 6.06 -36.28 -75.84
N VAL C 204 6.93 -36.77 -74.95
CA VAL C 204 7.32 -35.95 -73.81
C VAL C 204 8.82 -36.13 -73.59
N LYS C 205 9.39 -35.21 -72.81
CA LYS C 205 10.80 -35.24 -72.47
C LYS C 205 11.09 -36.42 -71.56
N GLN C 206 12.32 -36.92 -71.50
CA GLN C 206 12.94 -38.04 -70.81
C GLN C 206 14.30 -37.59 -70.29
N ALA C 207 14.92 -38.32 -69.36
CA ALA C 207 16.18 -37.92 -68.78
C ALA C 207 17.27 -38.96 -68.60
N GLN C 208 18.55 -38.56 -68.73
CA GLN C 208 19.58 -39.54 -68.43
C GLN C 208 19.95 -39.67 -66.96
N VAL C 209 20.22 -40.91 -66.52
CA VAL C 209 20.92 -41.17 -65.30
C VAL C 209 22.14 -42.08 -65.51
N GLN C 210 23.30 -41.63 -65.04
CA GLN C 210 24.51 -42.42 -65.16
C GLN C 210 25.17 -42.76 -63.83
N ILE C 211 25.55 -44.04 -63.69
CA ILE C 211 25.89 -44.61 -62.39
C ILE C 211 27.10 -45.50 -62.63
N ARG C 212 28.19 -45.31 -61.88
CA ARG C 212 29.46 -45.99 -62.04
C ARG C 212 29.84 -46.71 -60.75
N ILE C 213 30.36 -47.93 -60.92
CA ILE C 213 30.87 -48.65 -59.76
C ILE C 213 32.35 -48.31 -59.78
N LEU C 214 32.83 -47.71 -58.68
CA LEU C 214 34.17 -47.37 -58.25
C LEU C 214 34.98 -48.61 -57.89
N ASP C 215 36.27 -48.61 -58.21
CA ASP C 215 37.19 -49.66 -57.83
C ASP C 215 37.72 -49.35 -56.44
N VAL C 216 37.71 -50.39 -55.59
CA VAL C 216 38.46 -50.46 -54.36
C VAL C 216 39.57 -51.52 -54.38
N ASN C 217 40.57 -51.37 -53.51
CA ASN C 217 41.65 -52.33 -53.39
C ASN C 217 41.28 -53.67 -52.77
N ASP C 218 40.08 -54.19 -53.02
CA ASP C 218 39.64 -55.42 -52.40
C ASP C 218 40.60 -56.58 -52.63
N ASN C 219 41.26 -56.63 -53.78
CA ASN C 219 42.15 -57.65 -54.29
C ASN C 219 43.62 -57.40 -53.99
N ILE C 220 44.22 -58.37 -53.29
CA ILE C 220 45.62 -58.34 -52.93
C ILE C 220 46.41 -58.94 -54.10
N PRO C 221 47.59 -58.43 -54.47
CA PRO C 221 48.28 -58.91 -55.65
C PRO C 221 48.91 -60.28 -55.47
N VAL C 222 48.61 -61.22 -56.37
CA VAL C 222 49.06 -62.58 -56.37
C VAL C 222 50.33 -62.81 -57.20
N VAL C 223 51.17 -63.81 -56.93
CA VAL C 223 52.47 -63.97 -57.55
C VAL C 223 52.40 -65.09 -58.58
N GLU C 224 52.97 -64.86 -59.77
CA GLU C 224 52.83 -65.58 -61.02
C GLU C 224 54.14 -66.29 -61.34
N ASN C 225 55.06 -66.38 -60.37
CA ASN C 225 56.10 -67.39 -60.38
C ASN C 225 56.08 -68.27 -59.14
N LYS C 226 56.11 -69.57 -59.41
CA LYS C 226 56.13 -70.51 -58.30
C LYS C 226 57.50 -70.62 -57.66
N VAL C 227 58.56 -70.52 -58.47
CA VAL C 227 59.94 -70.67 -58.08
C VAL C 227 60.65 -69.34 -58.28
N LEU C 228 61.32 -68.89 -57.23
CA LEU C 228 62.05 -67.63 -57.26
C LEU C 228 63.52 -67.81 -56.94
N GLU C 229 63.92 -68.90 -56.27
CA GLU C 229 65.26 -69.23 -55.87
C GLU C 229 66.41 -68.58 -56.65
N GLY C 230 67.15 -67.76 -55.90
CA GLY C 230 68.11 -66.84 -56.49
C GLY C 230 69.47 -67.46 -56.76
N MET C 231 70.32 -66.75 -57.51
CA MET C 231 71.70 -67.14 -57.72
C MET C 231 72.56 -65.92 -58.04
N VAL C 232 73.73 -65.89 -57.41
CA VAL C 232 74.70 -64.81 -57.42
C VAL C 232 76.08 -65.37 -57.73
N GLU C 233 76.96 -64.46 -58.18
CA GLU C 233 78.36 -64.60 -58.51
C GLU C 233 79.21 -63.48 -57.91
N GLU C 234 80.53 -63.72 -57.92
CA GLU C 234 81.58 -62.96 -57.28
C GLU C 234 81.99 -61.62 -57.88
N ASN C 235 82.40 -60.71 -57.01
CA ASN C 235 82.99 -59.44 -57.42
C ASN C 235 82.12 -58.61 -58.36
N GLN C 236 80.81 -58.87 -58.35
CA GLN C 236 79.79 -58.18 -59.11
C GLN C 236 78.56 -57.76 -58.33
N VAL C 237 77.90 -56.68 -58.77
CA VAL C 237 76.98 -55.92 -57.96
C VAL C 237 75.97 -55.17 -58.82
N ASN C 238 74.92 -54.71 -58.15
CA ASN C 238 73.79 -53.98 -58.68
C ASN C 238 72.92 -54.62 -59.75
N VAL C 239 73.00 -55.96 -59.71
CA VAL C 239 72.46 -56.93 -60.64
C VAL C 239 71.48 -57.86 -59.95
N GLU C 240 70.45 -58.18 -60.76
CA GLU C 240 69.28 -58.89 -60.28
C GLU C 240 69.55 -60.34 -59.88
N VAL C 241 68.79 -60.80 -58.88
CA VAL C 241 68.91 -62.07 -58.20
C VAL C 241 67.61 -62.83 -58.38
N THR C 242 66.46 -62.16 -58.35
CA THR C 242 65.17 -62.66 -58.81
C THR C 242 64.27 -61.50 -59.22
N ARG C 243 63.13 -61.83 -59.84
CA ARG C 243 62.11 -60.92 -60.30
C ARG C 243 60.75 -61.59 -60.11
N ILE C 244 59.74 -60.84 -59.68
CA ILE C 244 58.54 -61.37 -59.07
C ILE C 244 57.38 -60.80 -59.88
N LYS C 245 56.92 -61.67 -60.79
CA LYS C 245 55.75 -61.39 -61.59
C LYS C 245 54.55 -61.44 -60.66
N VAL C 246 53.63 -60.47 -60.80
CA VAL C 246 52.36 -60.42 -60.13
C VAL C 246 51.18 -60.12 -61.05
N PHE C 247 49.98 -60.49 -60.61
CA PHE C 247 48.68 -60.11 -61.10
C PHE C 247 47.84 -59.53 -59.97
N ASP C 248 46.99 -58.58 -60.32
CA ASP C 248 46.05 -57.86 -59.49
C ASP C 248 44.82 -57.58 -60.33
N ALA C 249 43.61 -57.81 -59.82
CA ALA C 249 42.30 -57.59 -60.39
C ALA C 249 41.73 -56.17 -60.45
N ASP C 250 42.48 -55.22 -59.88
CA ASP C 250 42.11 -53.82 -59.79
C ASP C 250 42.50 -53.03 -61.03
N GLU C 251 42.17 -51.74 -61.12
CA GLU C 251 42.36 -50.95 -62.32
C GLU C 251 43.81 -50.75 -62.72
N ILE C 252 44.07 -50.80 -64.04
CA ILE C 252 45.40 -50.76 -64.60
C ILE C 252 45.99 -49.39 -64.34
N GLY C 253 47.24 -49.36 -63.86
CA GLY C 253 48.05 -48.16 -63.72
C GLY C 253 47.71 -47.35 -62.48
N SER C 254 46.77 -47.81 -61.64
CA SER C 254 46.48 -47.22 -60.35
C SER C 254 47.25 -47.84 -59.18
N ASP C 255 47.12 -47.20 -58.01
CA ASP C 255 47.73 -47.69 -56.78
C ASP C 255 47.09 -48.97 -56.30
N ASN C 256 45.81 -49.17 -56.57
CA ASN C 256 45.08 -50.41 -56.31
C ASN C 256 45.65 -51.65 -56.97
N TRP C 257 46.46 -51.44 -58.02
CA TRP C 257 46.98 -52.44 -58.92
C TRP C 257 48.50 -52.56 -58.92
N LEU C 258 49.20 -51.46 -58.62
CA LEU C 258 50.64 -51.33 -58.56
C LEU C 258 51.06 -52.01 -57.26
N ALA C 259 52.01 -52.94 -57.42
CA ALA C 259 52.55 -53.72 -56.32
C ALA C 259 53.71 -53.06 -55.61
N ASN C 260 53.78 -53.27 -54.29
CA ASN C 260 54.87 -52.92 -53.41
C ASN C 260 55.40 -54.15 -52.69
N PHE C 261 56.71 -54.34 -52.82
CA PHE C 261 57.43 -55.54 -52.45
C PHE C 261 58.38 -55.11 -51.33
N THR C 262 58.63 -56.02 -50.38
CA THR C 262 59.21 -55.77 -49.08
C THR C 262 59.96 -56.99 -48.58
N PHE C 263 61.09 -56.90 -47.87
CA PHE C 263 61.69 -58.02 -47.17
C PHE C 263 60.92 -58.35 -45.90
N ALA C 264 60.71 -59.63 -45.56
CA ALA C 264 59.98 -60.17 -44.44
C ALA C 264 60.98 -60.38 -43.30
N SER C 265 62.08 -61.05 -43.62
CA SER C 265 63.14 -61.51 -42.75
C SER C 265 64.32 -62.02 -43.57
N GLY C 266 65.48 -62.15 -42.90
CA GLY C 266 66.71 -62.64 -43.48
C GLY C 266 67.46 -61.56 -44.26
N ASN C 267 67.17 -60.26 -44.26
CA ASN C 267 68.00 -59.27 -44.91
C ASN C 267 68.83 -58.38 -43.98
N GLU C 268 69.34 -58.97 -42.90
CA GLU C 268 70.03 -58.28 -41.83
C GLU C 268 71.38 -57.75 -42.28
N GLY C 269 72.12 -58.65 -42.93
CA GLY C 269 73.37 -58.37 -43.61
C GLY C 269 73.24 -57.25 -44.63
N GLY C 270 72.05 -56.81 -45.04
CA GLY C 270 72.00 -55.65 -45.90
C GLY C 270 72.36 -55.94 -47.35
N TYR C 271 72.45 -57.19 -47.81
CA TYR C 271 73.11 -57.41 -49.07
C TYR C 271 72.28 -57.19 -50.32
N PHE C 272 70.96 -57.09 -50.21
CA PHE C 272 69.99 -56.96 -51.29
C PHE C 272 69.09 -55.75 -51.14
N HIS C 273 68.62 -55.24 -52.28
CA HIS C 273 67.63 -54.21 -52.45
C HIS C 273 66.39 -54.70 -53.21
N ILE C 274 65.28 -53.97 -53.14
CA ILE C 274 64.03 -54.42 -53.72
C ILE C 274 63.33 -53.16 -54.20
N GLU C 275 62.67 -53.28 -55.36
CA GLU C 275 61.96 -52.22 -56.03
C GLU C 275 60.87 -52.83 -56.90
N THR C 276 60.03 -51.87 -57.33
CA THR C 276 59.02 -52.17 -58.32
C THR C 276 59.24 -51.37 -59.60
N ASP C 277 59.06 -52.07 -60.72
CA ASP C 277 59.12 -51.52 -62.06
C ASP C 277 57.74 -51.30 -62.64
N ALA C 278 57.50 -49.99 -62.73
CA ALA C 278 56.15 -49.61 -63.11
C ALA C 278 55.91 -49.83 -64.59
N GLN C 279 56.92 -50.14 -65.41
CA GLN C 279 56.84 -50.46 -66.82
C GLN C 279 56.34 -51.86 -67.09
N THR C 280 56.26 -52.75 -66.09
CA THR C 280 55.78 -54.12 -66.20
C THR C 280 55.02 -54.61 -64.97
N ASN C 281 54.88 -53.78 -63.93
CA ASN C 281 54.32 -53.98 -62.62
C ASN C 281 55.00 -55.14 -61.91
N GLU C 282 56.29 -55.29 -62.21
CA GLU C 282 57.17 -56.38 -61.84
C GLU C 282 58.14 -56.06 -60.71
N GLY C 283 58.08 -56.83 -59.63
CA GLY C 283 59.01 -56.76 -58.53
C GLY C 283 60.43 -57.18 -58.90
N ILE C 284 61.41 -56.45 -58.35
CA ILE C 284 62.82 -56.65 -58.64
C ILE C 284 63.53 -56.80 -57.29
N VAL C 285 64.49 -57.73 -57.25
CA VAL C 285 65.39 -57.94 -56.15
C VAL C 285 66.78 -57.99 -56.75
N THR C 286 67.78 -57.34 -56.15
CA THR C 286 69.08 -56.96 -56.64
C THR C 286 70.16 -57.11 -55.59
N LEU C 287 71.23 -57.85 -55.89
CA LEU C 287 72.47 -57.88 -55.13
C LEU C 287 73.11 -56.51 -55.08
N ILE C 288 73.38 -55.89 -53.92
CA ILE C 288 74.00 -54.59 -53.83
C ILE C 288 75.24 -54.64 -52.95
N LYS C 289 75.72 -55.84 -52.63
CA LYS C 289 77.10 -56.00 -52.21
C LYS C 289 77.84 -57.06 -53.00
N GLU C 290 79.16 -56.94 -53.15
CA GLU C 290 80.08 -57.94 -53.64
C GLU C 290 80.38 -59.01 -52.60
N VAL C 291 80.31 -60.25 -53.10
CA VAL C 291 80.52 -61.47 -52.33
C VAL C 291 81.78 -62.19 -52.75
N ASP C 292 82.17 -63.18 -51.94
CA ASP C 292 83.30 -64.08 -52.10
C ASP C 292 82.96 -65.54 -51.82
N TYR C 293 83.17 -66.45 -52.78
CA TYR C 293 82.89 -67.86 -52.63
C TYR C 293 83.81 -68.61 -51.68
N GLU C 294 85.06 -68.15 -51.60
CA GLU C 294 86.14 -68.69 -50.80
C GLU C 294 86.08 -68.44 -49.30
N GLU C 295 85.07 -67.70 -48.83
CA GLU C 295 84.81 -67.49 -47.42
C GLU C 295 83.32 -67.44 -47.08
N MET C 296 82.50 -68.11 -47.89
CA MET C 296 81.08 -67.84 -48.06
C MET C 296 80.26 -67.87 -46.77
N LYS C 297 79.24 -67.01 -46.71
CA LYS C 297 78.23 -66.98 -45.67
C LYS C 297 76.82 -67.02 -46.24
N ASN C 298 75.84 -67.43 -45.42
CA ASN C 298 74.46 -67.73 -45.77
C ASN C 298 73.68 -66.45 -45.97
N LEU C 299 72.88 -66.30 -47.04
CA LEU C 299 72.16 -65.12 -47.45
C LEU C 299 70.70 -65.38 -47.78
N ASP C 300 70.08 -66.46 -47.27
CA ASP C 300 68.66 -66.72 -47.45
C ASP C 300 67.82 -65.65 -46.78
N PHE C 301 66.81 -65.16 -47.52
CA PHE C 301 65.86 -64.14 -47.14
C PHE C 301 64.44 -64.54 -47.47
N SER C 302 63.49 -63.66 -47.12
CA SER C 302 62.08 -63.81 -47.41
C SER C 302 61.41 -62.48 -47.74
N VAL C 303 60.36 -62.57 -48.56
CA VAL C 303 59.63 -61.37 -48.94
C VAL C 303 58.13 -61.50 -48.77
N ILE C 304 57.48 -60.34 -48.86
CA ILE C 304 56.06 -60.04 -48.80
C ILE C 304 55.65 -58.95 -49.77
N VAL C 305 54.39 -59.04 -50.19
CA VAL C 305 53.84 -58.05 -51.11
C VAL C 305 52.43 -57.61 -50.70
N ALA C 306 52.18 -56.35 -51.08
CA ALA C 306 50.93 -55.63 -51.02
C ALA C 306 50.85 -54.68 -52.21
N ASN C 307 49.90 -53.74 -52.14
CA ASN C 307 49.67 -52.70 -53.13
C ASN C 307 50.22 -51.34 -52.72
N LYS C 308 50.37 -50.38 -53.64
CA LYS C 308 50.76 -49.01 -53.37
C LYS C 308 49.71 -48.24 -52.58
N ALA C 309 48.47 -48.74 -52.65
CA ALA C 309 47.33 -48.31 -51.87
C ALA C 309 47.20 -49.17 -50.62
N ALA C 310 46.77 -48.56 -49.52
CA ALA C 310 46.50 -49.24 -48.26
C ALA C 310 45.68 -50.48 -48.57
N PHE C 311 45.68 -51.49 -47.71
CA PHE C 311 44.67 -52.53 -47.73
C PHE C 311 43.24 -51.99 -47.68
N HIS C 312 42.27 -52.86 -47.93
CA HIS C 312 40.89 -52.44 -48.03
C HIS C 312 40.27 -52.31 -46.65
N LYS C 313 39.28 -51.40 -46.58
CA LYS C 313 38.82 -50.79 -45.35
C LYS C 313 38.48 -51.86 -44.33
N SER C 314 37.81 -52.97 -44.64
CA SER C 314 37.39 -53.99 -43.70
C SER C 314 38.54 -54.71 -43.01
N ILE C 315 39.79 -54.67 -43.50
CA ILE C 315 41.03 -55.28 -43.06
C ILE C 315 42.22 -54.33 -43.01
N ARG C 316 41.96 -53.02 -43.10
CA ARG C 316 42.98 -52.01 -43.22
C ARG C 316 43.67 -51.73 -41.90
N SER C 317 45.01 -51.73 -41.84
CA SER C 317 45.90 -51.74 -40.70
C SER C 317 45.67 -52.96 -39.82
N LYS C 318 45.19 -54.08 -40.36
CA LYS C 318 44.78 -55.30 -39.70
C LYS C 318 45.47 -56.47 -40.37
N TYR C 319 45.12 -56.92 -41.58
CA TYR C 319 45.73 -58.10 -42.15
C TYR C 319 47.25 -57.99 -42.25
N LYS C 320 47.96 -59.10 -42.07
CA LYS C 320 49.39 -59.27 -42.22
C LYS C 320 49.78 -60.06 -43.46
N PRO C 321 50.65 -59.66 -44.39
CA PRO C 321 51.02 -60.41 -45.58
C PRO C 321 51.78 -61.70 -45.27
N THR C 322 51.50 -62.75 -46.04
CA THR C 322 52.12 -64.06 -45.95
C THR C 322 53.48 -64.03 -46.64
N PRO C 323 54.52 -64.54 -45.97
CA PRO C 323 55.80 -64.62 -46.62
C PRO C 323 55.93 -65.56 -47.82
N ILE C 324 56.89 -65.29 -48.72
CA ILE C 324 57.52 -66.06 -49.76
C ILE C 324 59.02 -66.19 -49.52
N PRO C 325 59.50 -67.24 -48.84
CA PRO C 325 60.90 -67.56 -48.70
C PRO C 325 61.70 -67.81 -49.97
N ILE C 326 62.94 -67.32 -49.94
CA ILE C 326 63.83 -67.35 -51.09
C ILE C 326 65.19 -67.79 -50.58
N LYS C 327 65.65 -68.98 -50.99
CA LYS C 327 67.03 -69.38 -50.79
C LYS C 327 68.01 -68.83 -51.82
N VAL C 328 69.19 -68.39 -51.36
CA VAL C 328 70.22 -67.73 -52.14
C VAL C 328 71.42 -68.65 -52.30
N LYS C 329 71.76 -68.91 -53.57
CA LYS C 329 72.88 -69.74 -53.99
C LYS C 329 74.03 -68.80 -54.32
N VAL C 330 75.18 -68.94 -53.67
CA VAL C 330 76.38 -68.16 -53.93
C VAL C 330 77.24 -69.01 -54.85
N LYS C 331 77.44 -68.62 -56.12
CA LYS C 331 78.21 -69.45 -57.02
C LYS C 331 79.62 -68.94 -57.25
N ASN C 332 80.60 -69.83 -57.37
CA ASN C 332 82.01 -69.56 -57.56
C ASN C 332 82.23 -68.87 -58.91
N VAL C 333 83.37 -68.17 -59.01
CA VAL C 333 83.95 -67.72 -60.25
C VAL C 333 85.43 -68.06 -60.05
N LYS C 334 86.05 -68.70 -61.05
CA LYS C 334 87.48 -68.87 -61.21
C LYS C 334 88.20 -67.54 -61.39
N GLU C 335 88.83 -66.97 -60.37
CA GLU C 335 89.34 -65.61 -60.37
C GLU C 335 90.86 -65.63 -60.61
N GLY C 336 91.45 -66.82 -60.57
CA GLY C 336 92.76 -67.10 -61.14
C GLY C 336 93.93 -66.38 -60.50
N ILE C 337 95.07 -66.49 -61.18
CA ILE C 337 96.34 -65.85 -60.88
C ILE C 337 96.24 -64.37 -60.52
N HIS C 338 96.83 -64.02 -59.37
CA HIS C 338 97.01 -62.68 -58.87
C HIS C 338 98.40 -62.56 -58.27
N PHE C 339 98.98 -61.38 -58.46
CA PHE C 339 99.93 -60.85 -57.51
C PHE C 339 99.80 -59.34 -57.28
N LYS C 340 100.36 -58.86 -56.18
CA LYS C 340 100.23 -57.46 -55.80
C LYS C 340 101.53 -56.78 -56.22
N SER C 341 102.66 -57.44 -56.02
CA SER C 341 103.94 -56.87 -56.44
C SER C 341 104.27 -57.16 -57.90
N SER C 342 104.29 -56.06 -58.66
CA SER C 342 104.31 -56.01 -60.10
C SER C 342 105.34 -55.05 -60.69
N VAL C 343 106.16 -54.43 -59.84
CA VAL C 343 107.27 -53.59 -60.28
C VAL C 343 108.59 -54.01 -59.64
N ILE C 344 109.67 -54.15 -60.41
CA ILE C 344 111.00 -54.47 -59.93
C ILE C 344 112.00 -53.42 -60.40
N SER C 345 112.80 -52.91 -59.47
CA SER C 345 113.66 -51.77 -59.76
C SER C 345 115.09 -51.99 -59.29
N ILE C 346 116.02 -51.92 -60.23
CA ILE C 346 117.37 -52.45 -60.24
C ILE C 346 118.39 -51.38 -60.62
N TYR C 347 119.51 -51.32 -59.91
CA TYR C 347 120.54 -50.29 -59.97
C TYR C 347 121.93 -50.80 -60.32
N VAL C 348 122.39 -50.59 -61.54
CA VAL C 348 123.56 -51.31 -62.00
C VAL C 348 124.49 -50.43 -62.83
N SER C 349 125.70 -50.84 -63.22
CA SER C 349 126.62 -50.16 -64.11
C SER C 349 126.78 -50.88 -65.45
N GLU C 350 127.74 -50.40 -66.24
CA GLU C 350 128.00 -51.02 -67.52
C GLU C 350 128.99 -52.18 -67.49
N SER C 351 129.30 -52.76 -66.32
CA SER C 351 130.46 -53.59 -66.04
C SER C 351 130.15 -54.93 -65.39
N MET C 352 131.03 -55.92 -65.55
CA MET C 352 130.81 -57.32 -65.26
C MET C 352 130.73 -57.62 -63.76
N ASP C 353 131.62 -56.95 -63.03
CA ASP C 353 131.84 -57.02 -61.60
C ASP C 353 130.78 -56.30 -60.76
N ARG C 354 129.89 -55.57 -61.43
CA ARG C 354 128.65 -55.07 -60.85
C ARG C 354 127.52 -56.07 -61.01
N SER C 355 127.22 -56.53 -62.23
CA SER C 355 126.27 -57.54 -62.60
C SER C 355 126.66 -58.08 -63.97
N SER C 356 126.27 -59.30 -64.32
CA SER C 356 126.64 -59.92 -65.57
C SER C 356 125.46 -60.70 -66.16
N LYS C 357 125.53 -61.24 -67.37
CA LYS C 357 124.46 -62.12 -67.81
C LYS C 357 124.36 -63.40 -66.99
N GLY C 358 123.22 -64.09 -66.94
CA GLY C 358 122.87 -65.25 -66.15
C GLY C 358 122.46 -64.87 -64.74
N GLN C 359 122.60 -63.61 -64.30
CA GLN C 359 122.32 -63.23 -62.93
C GLN C 359 120.85 -62.93 -62.70
N ILE C 360 120.43 -63.30 -61.49
CA ILE C 360 119.06 -63.12 -61.07
C ILE C 360 118.76 -61.64 -60.82
N ILE C 361 117.58 -61.17 -61.23
CA ILE C 361 117.08 -59.89 -60.79
C ILE C 361 115.89 -59.86 -59.85
N GLY C 362 115.04 -60.90 -59.79
CA GLY C 362 113.70 -60.79 -59.26
C GLY C 362 112.63 -61.77 -59.75
N ASN C 363 111.45 -61.75 -59.15
CA ASN C 363 110.33 -62.64 -59.45
C ASN C 363 108.97 -61.97 -59.48
N PHE C 364 108.09 -62.56 -60.29
CA PHE C 364 106.67 -62.29 -60.19
C PHE C 364 105.83 -63.54 -59.95
N GLN C 365 105.78 -63.95 -58.68
CA GLN C 365 105.10 -65.14 -58.22
C GLN C 365 103.63 -64.89 -57.93
N ALA C 366 102.77 -65.86 -58.25
CA ALA C 366 101.33 -65.71 -58.21
C ALA C 366 100.63 -66.61 -57.21
N PHE C 367 99.43 -66.18 -56.78
CA PHE C 367 98.41 -66.76 -55.94
C PHE C 367 97.10 -67.00 -56.69
N ASP C 368 96.29 -67.94 -56.21
CA ASP C 368 94.93 -68.14 -56.67
C ASP C 368 94.15 -68.56 -55.43
N GLU C 369 93.38 -67.61 -54.90
CA GLU C 369 92.58 -67.61 -53.69
C GLU C 369 91.61 -68.78 -53.74
N ASP C 370 91.07 -69.24 -54.87
CA ASP C 370 90.22 -70.41 -55.02
C ASP C 370 90.86 -71.73 -54.64
N THR C 371 92.17 -71.76 -54.85
CA THR C 371 93.07 -72.82 -54.46
C THR C 371 93.69 -72.63 -53.09
N GLY C 372 94.01 -71.40 -52.69
CA GLY C 372 94.69 -71.08 -51.44
C GLY C 372 96.15 -71.52 -51.41
N LEU C 373 96.81 -71.45 -52.58
CA LEU C 373 98.12 -72.00 -52.85
C LEU C 373 98.87 -71.22 -53.93
N PRO C 374 100.19 -71.07 -53.92
CA PRO C 374 100.87 -70.58 -55.10
C PRO C 374 100.52 -71.32 -56.39
N ALA C 375 100.32 -70.48 -57.40
CA ALA C 375 99.68 -70.85 -58.64
C ALA C 375 100.59 -70.57 -59.83
N HIS C 376 100.61 -71.59 -60.69
CA HIS C 376 101.42 -71.55 -61.89
C HIS C 376 100.83 -70.73 -63.04
N ALA C 377 101.62 -70.42 -64.06
CA ALA C 377 101.32 -69.71 -65.29
C ALA C 377 102.39 -69.98 -66.34
N ARG C 378 102.06 -69.78 -67.61
CA ARG C 378 103.11 -69.60 -68.58
C ARG C 378 103.58 -68.16 -68.54
N TYR C 379 104.88 -68.00 -68.29
CA TYR C 379 105.56 -66.73 -68.15
C TYR C 379 106.26 -66.35 -69.44
N VAL C 380 106.05 -65.13 -69.91
CA VAL C 380 106.74 -64.64 -71.09
C VAL C 380 107.13 -63.19 -70.82
N LYS C 381 108.06 -62.70 -71.64
CA LYS C 381 108.38 -61.29 -71.66
C LYS C 381 107.36 -60.42 -72.39
N LEU C 382 107.47 -59.09 -72.28
CA LEU C 382 106.80 -58.14 -73.14
C LEU C 382 107.77 -57.03 -73.52
N GLU C 383 108.06 -56.77 -74.80
CA GLU C 383 108.86 -55.78 -75.49
C GLU C 383 110.22 -55.56 -74.86
N ASP C 384 110.90 -56.70 -74.67
CA ASP C 384 112.32 -56.77 -74.43
C ASP C 384 113.06 -56.41 -75.72
N ARG C 385 113.01 -55.13 -76.09
CA ARG C 385 113.28 -54.64 -77.42
C ARG C 385 114.70 -54.95 -77.88
N ASP C 386 115.65 -54.96 -76.95
CA ASP C 386 117.05 -55.26 -77.11
C ASP C 386 117.42 -56.67 -76.65
N ASN C 387 116.40 -57.50 -76.41
CA ASN C 387 116.47 -58.83 -75.85
C ASN C 387 117.43 -59.13 -74.71
N TRP C 388 117.37 -58.21 -73.75
CA TRP C 388 118.27 -58.11 -72.61
C TRP C 388 118.19 -59.21 -71.58
N ILE C 389 117.06 -59.88 -71.34
CA ILE C 389 116.80 -60.72 -70.18
C ILE C 389 115.97 -61.97 -70.41
N SER C 390 115.71 -62.85 -69.44
CA SER C 390 115.00 -64.09 -69.68
C SER C 390 114.12 -64.41 -68.49
N VAL C 391 113.09 -65.24 -68.71
CA VAL C 391 112.19 -65.62 -67.64
C VAL C 391 111.83 -67.08 -67.76
N ASP C 392 111.59 -67.71 -66.60
CA ASP C 392 111.16 -69.07 -66.44
C ASP C 392 109.76 -69.22 -65.85
N SER C 393 108.91 -70.12 -66.37
CA SER C 393 107.52 -70.26 -66.00
C SER C 393 107.42 -70.87 -64.61
N VAL C 394 108.04 -72.02 -64.40
CA VAL C 394 107.88 -72.81 -63.19
C VAL C 394 108.45 -72.27 -61.88
N THR C 395 109.34 -71.26 -61.98
CA THR C 395 109.88 -70.48 -60.90
C THR C 395 109.43 -69.02 -60.90
N SER C 396 108.93 -68.51 -62.03
CA SER C 396 108.61 -67.12 -62.27
C SER C 396 109.82 -66.20 -62.16
N GLU C 397 110.97 -66.66 -62.67
CA GLU C 397 112.24 -66.15 -62.16
C GLU C 397 113.03 -65.44 -63.25
N ILE C 398 113.41 -64.19 -63.01
CA ILE C 398 113.92 -63.32 -64.03
C ILE C 398 115.42 -63.29 -63.77
N LYS C 399 116.19 -63.54 -64.83
CA LYS C 399 117.62 -63.41 -64.91
C LYS C 399 118.02 -62.61 -66.15
N LEU C 400 119.09 -61.83 -66.01
CA LEU C 400 119.78 -61.12 -67.07
C LEU C 400 120.29 -62.09 -68.14
N ALA C 401 120.43 -61.59 -69.37
CA ALA C 401 121.14 -62.30 -70.40
C ALA C 401 122.13 -61.50 -71.24
N LYS C 402 122.08 -60.17 -71.20
CA LYS C 402 123.11 -59.27 -71.68
C LYS C 402 123.73 -58.54 -70.49
N LEU C 403 124.83 -57.80 -70.68
CA LEU C 403 125.32 -56.78 -69.77
C LEU C 403 124.52 -55.51 -70.00
N PRO C 404 123.92 -54.87 -68.99
CA PRO C 404 123.34 -53.54 -68.97
C PRO C 404 124.25 -52.53 -69.63
N ASP C 405 123.67 -51.60 -70.40
CA ASP C 405 124.37 -50.67 -71.27
C ASP C 405 123.70 -49.32 -71.35
N PHE C 406 124.42 -48.31 -70.82
CA PHE C 406 123.93 -46.95 -70.87
C PHE C 406 123.85 -46.46 -72.31
N GLU C 407 124.70 -46.89 -73.25
CA GLU C 407 124.75 -46.34 -74.58
C GLU C 407 123.84 -47.08 -75.56
N SER C 408 123.14 -48.16 -75.21
CA SER C 408 122.25 -48.83 -76.13
C SER C 408 121.05 -48.08 -76.71
N ARG C 409 120.42 -48.44 -77.83
CA ARG C 409 119.47 -47.67 -78.60
C ARG C 409 118.08 -47.51 -78.00
N TYR C 410 117.65 -48.23 -76.96
CA TYR C 410 116.32 -48.25 -76.40
C TYR C 410 116.17 -47.72 -74.97
N VAL C 411 116.93 -46.76 -74.45
CA VAL C 411 116.93 -46.32 -73.07
C VAL C 411 116.56 -44.85 -72.87
N GLN C 412 115.81 -44.52 -71.82
CA GLN C 412 115.30 -43.18 -71.62
C GLN C 412 115.51 -42.72 -70.18
N ASN C 413 116.07 -41.54 -69.95
CA ASN C 413 116.74 -41.20 -68.71
C ASN C 413 117.76 -42.21 -68.18
N GLY C 414 118.37 -42.92 -69.12
CA GLY C 414 119.37 -43.93 -68.82
C GLY C 414 118.87 -45.27 -68.29
N THR C 415 117.57 -45.54 -68.36
CA THR C 415 116.98 -46.78 -67.90
C THR C 415 116.37 -47.60 -69.04
N TYR C 416 116.62 -48.90 -68.90
CA TYR C 416 115.97 -49.87 -69.75
C TYR C 416 114.71 -50.41 -69.07
N THR C 417 113.60 -50.25 -69.79
CA THR C 417 112.31 -50.77 -69.37
C THR C 417 111.84 -52.02 -70.10
N VAL C 418 111.28 -53.06 -69.49
CA VAL C 418 110.68 -54.22 -70.10
C VAL C 418 109.53 -54.68 -69.21
N LYS C 419 108.54 -55.39 -69.74
CA LYS C 419 107.48 -55.98 -68.94
C LYS C 419 107.46 -57.50 -68.91
N ILE C 420 106.80 -58.17 -67.97
CA ILE C 420 106.66 -59.59 -67.75
C ILE C 420 105.15 -59.86 -67.76
N VAL C 421 104.63 -60.89 -68.41
CA VAL C 421 103.22 -61.25 -68.43
C VAL C 421 103.14 -62.74 -68.13
N ALA C 422 102.24 -63.08 -67.20
CA ALA C 422 102.04 -64.44 -66.75
C ALA C 422 100.63 -64.77 -67.23
N ILE C 423 100.39 -65.95 -67.83
CA ILE C 423 99.24 -66.37 -68.60
C ILE C 423 98.73 -67.71 -68.09
N SER C 424 97.43 -67.84 -67.85
CA SER C 424 96.79 -69.05 -67.36
C SER C 424 96.07 -69.78 -68.47
N GLU C 425 95.90 -71.09 -68.25
CA GLU C 425 95.13 -72.00 -69.08
C GLU C 425 93.91 -72.60 -68.41
N ASP C 426 93.06 -73.39 -69.07
CA ASP C 426 91.68 -73.79 -68.87
C ASP C 426 90.61 -72.72 -68.78
N TYR C 427 89.43 -72.93 -69.36
CA TYR C 427 88.38 -71.93 -69.38
C TYR C 427 87.84 -71.65 -67.98
N PRO C 428 87.60 -70.40 -67.58
CA PRO C 428 88.01 -69.21 -68.29
C PRO C 428 89.48 -68.93 -68.03
N ARG C 429 90.19 -68.34 -69.00
CA ARG C 429 91.57 -67.99 -68.74
C ARG C 429 91.64 -66.54 -68.29
N LYS C 430 92.85 -66.22 -67.84
CA LYS C 430 93.22 -64.81 -67.78
C LYS C 430 94.70 -64.55 -68.02
N THR C 431 95.19 -63.31 -67.89
CA THR C 431 96.59 -62.98 -67.80
C THR C 431 96.79 -61.92 -66.71
N ILE C 432 98.03 -61.83 -66.24
CA ILE C 432 98.43 -60.71 -65.43
C ILE C 432 99.79 -60.18 -65.88
N THR C 433 100.25 -59.02 -65.38
CA THR C 433 101.34 -58.25 -65.94
C THR C 433 102.11 -57.71 -64.75
N GLY C 434 103.42 -57.56 -64.96
CA GLY C 434 104.28 -56.65 -64.25
C GLY C 434 105.38 -56.03 -65.11
N THR C 435 106.22 -55.16 -64.54
CA THR C 435 107.18 -54.24 -65.12
C THR C 435 108.57 -54.31 -64.50
N VAL C 436 109.64 -54.19 -65.28
CA VAL C 436 111.01 -54.23 -64.79
C VAL C 436 111.73 -52.96 -65.21
N LEU C 437 112.22 -52.23 -64.20
CA LEU C 437 113.08 -51.06 -64.32
C LEU C 437 114.56 -51.31 -64.15
N ILE C 438 115.41 -51.16 -65.17
CA ILE C 438 116.82 -51.42 -65.12
C ILE C 438 117.57 -50.12 -65.40
N ASN C 439 117.90 -49.39 -64.33
CA ASN C 439 118.70 -48.19 -64.45
C ASN C 439 120.20 -48.48 -64.43
N VAL C 440 120.89 -47.88 -65.39
CA VAL C 440 122.30 -48.02 -65.69
C VAL C 440 123.06 -46.73 -65.42
N GLU C 441 124.11 -46.85 -64.61
CA GLU C 441 125.09 -45.81 -64.41
C GLU C 441 126.18 -45.85 -65.49
N ASP C 442 126.50 -44.71 -66.10
CA ASP C 442 127.51 -44.44 -67.10
C ASP C 442 128.90 -44.64 -66.51
N ILE C 443 129.53 -45.71 -67.02
CA ILE C 443 130.96 -45.94 -66.96
C ILE C 443 131.57 -45.48 -68.27
N ASN C 444 132.77 -44.88 -68.18
CA ASN C 444 133.59 -44.72 -69.36
C ASN C 444 134.03 -46.07 -69.90
N ASP C 445 133.49 -46.32 -71.10
CA ASP C 445 133.63 -47.57 -71.82
C ASP C 445 133.70 -47.45 -73.34
N ASN C 446 133.77 -46.21 -73.84
CA ASN C 446 134.06 -45.86 -75.21
C ASN C 446 135.31 -44.99 -75.30
N CYS C 447 136.13 -45.38 -76.28
CA CYS C 447 137.15 -44.50 -76.82
C CYS C 447 136.51 -43.58 -77.86
N PRO C 448 137.05 -42.42 -78.25
CA PRO C 448 136.72 -41.75 -79.49
C PRO C 448 137.29 -42.52 -80.67
N THR C 449 136.40 -43.13 -81.46
CA THR C 449 136.60 -43.73 -82.76
C THR C 449 136.69 -42.64 -83.81
N LEU C 450 137.06 -43.02 -85.03
CA LEU C 450 136.91 -42.06 -86.10
C LEU C 450 135.66 -42.28 -86.96
N ILE C 451 135.07 -41.17 -87.39
CA ILE C 451 133.76 -41.26 -88.02
C ILE C 451 133.85 -42.06 -89.32
N GLU C 452 134.95 -41.89 -90.07
CA GLU C 452 135.21 -42.46 -91.37
C GLU C 452 136.61 -43.05 -91.42
N PRO C 453 136.87 -44.36 -91.44
CA PRO C 453 138.18 -44.98 -91.46
C PRO C 453 138.79 -44.97 -92.86
N VAL C 454 138.22 -44.25 -93.83
CA VAL C 454 138.82 -43.95 -95.12
C VAL C 454 138.44 -42.53 -95.52
N GLN C 455 139.34 -41.73 -96.11
CA GLN C 455 139.01 -40.40 -96.58
C GLN C 455 139.70 -40.06 -97.89
N THR C 456 139.20 -39.07 -98.62
CA THR C 456 139.74 -38.72 -99.92
C THR C 456 140.00 -37.21 -100.05
N ILE C 457 140.95 -36.77 -100.86
CA ILE C 457 141.12 -35.39 -101.28
C ILE C 457 141.49 -35.40 -102.76
N CYS C 458 141.20 -34.29 -103.43
CA CYS C 458 141.38 -34.17 -104.88
C CYS C 458 142.78 -33.76 -105.30
N HIS C 459 143.10 -33.90 -106.58
CA HIS C 459 144.36 -33.52 -107.18
C HIS C 459 144.82 -32.07 -107.03
N ASP C 460 143.94 -31.14 -106.68
CA ASP C 460 144.22 -29.77 -106.30
C ASP C 460 144.41 -29.49 -104.82
N ALA C 461 144.50 -30.55 -104.01
CA ALA C 461 144.41 -30.36 -102.58
C ALA C 461 145.66 -30.83 -101.86
N GLU C 462 145.92 -30.32 -100.64
CA GLU C 462 147.00 -30.64 -99.74
C GLU C 462 146.53 -31.00 -98.33
N TYR C 463 145.39 -30.46 -97.89
CA TYR C 463 144.86 -30.55 -96.55
C TYR C 463 143.59 -31.39 -96.43
N VAL C 464 143.54 -32.29 -95.45
CA VAL C 464 142.39 -33.09 -95.13
C VAL C 464 142.06 -32.98 -93.65
N ASN C 465 140.85 -33.29 -93.15
CA ASN C 465 140.47 -33.16 -91.76
C ASN C 465 139.96 -34.45 -91.15
N VAL C 466 140.32 -34.77 -89.90
CA VAL C 466 140.02 -36.06 -89.31
C VAL C 466 139.31 -35.81 -87.98
N THR C 467 137.98 -35.90 -87.94
CA THR C 467 137.12 -35.71 -86.79
C THR C 467 136.91 -37.01 -86.02
N ALA C 468 136.94 -36.96 -84.69
CA ALA C 468 136.65 -38.05 -83.79
C ALA C 468 135.26 -37.95 -83.18
N GLU C 469 134.81 -39.07 -82.62
CA GLU C 469 133.60 -39.10 -81.83
C GLU C 469 133.55 -40.23 -80.81
N ASP C 470 133.27 -39.85 -79.56
CA ASP C 470 133.17 -40.78 -78.44
C ASP C 470 131.69 -41.08 -78.17
N LEU C 471 131.35 -42.36 -78.10
CA LEU C 471 130.00 -42.87 -77.95
C LEU C 471 129.55 -42.65 -76.51
N ASP C 472 130.38 -42.46 -75.48
CA ASP C 472 129.97 -41.83 -74.24
C ASP C 472 129.49 -40.39 -74.30
N GLY C 473 128.65 -40.09 -73.31
CA GLY C 473 128.27 -38.76 -72.86
C GLY C 473 129.16 -38.27 -71.72
N HIS C 474 128.93 -37.04 -71.26
CA HIS C 474 129.69 -36.38 -70.20
C HIS C 474 129.21 -36.86 -68.85
N PRO C 475 130.14 -37.08 -67.91
CA PRO C 475 131.56 -36.82 -67.86
C PRO C 475 132.51 -37.79 -68.54
N ASN C 476 131.97 -38.87 -69.12
CA ASN C 476 132.68 -39.96 -69.75
C ASN C 476 133.03 -39.77 -71.22
N SER C 477 132.87 -38.55 -71.74
CA SER C 477 133.59 -38.03 -72.88
C SER C 477 133.92 -36.55 -72.71
N GLY C 478 134.69 -35.96 -73.63
CA GLY C 478 135.16 -34.59 -73.63
C GLY C 478 136.13 -34.26 -74.76
N PRO C 479 137.09 -33.35 -74.61
CA PRO C 479 137.88 -32.93 -75.75
C PRO C 479 138.91 -33.97 -76.15
N PHE C 480 138.86 -34.35 -77.43
CA PHE C 480 139.41 -35.51 -78.09
C PHE C 480 140.91 -35.37 -78.31
N SER C 481 141.75 -36.34 -77.92
CA SER C 481 143.19 -36.23 -78.01
C SER C 481 143.68 -37.00 -79.22
N PHE C 482 144.74 -36.60 -79.93
CA PHE C 482 145.23 -37.02 -81.23
C PHE C 482 146.69 -37.44 -81.21
N SER C 483 147.09 -38.62 -81.71
CA SER C 483 148.45 -38.98 -81.98
C SER C 483 148.57 -40.06 -83.05
N VAL C 484 149.75 -40.17 -83.66
CA VAL C 484 149.97 -40.96 -84.86
C VAL C 484 151.31 -41.68 -84.72
N ILE C 485 151.57 -42.85 -85.33
CA ILE C 485 152.75 -43.64 -85.10
C ILE C 485 153.78 -43.35 -86.19
N ASP C 486 155.06 -43.44 -85.80
CA ASP C 486 156.21 -43.23 -86.64
C ASP C 486 156.59 -44.37 -87.60
N LYS C 487 155.93 -45.51 -87.45
CA LYS C 487 156.18 -46.68 -88.27
C LYS C 487 155.04 -46.84 -89.26
N PRO C 488 155.22 -47.53 -90.39
CA PRO C 488 156.47 -48.07 -90.90
C PRO C 488 157.31 -47.04 -91.63
N PRO C 489 158.65 -47.11 -91.64
CA PRO C 489 159.54 -46.13 -92.22
C PRO C 489 159.49 -46.09 -93.74
N GLY C 490 159.62 -44.92 -94.36
CA GLY C 490 159.07 -44.73 -95.69
C GLY C 490 157.56 -44.63 -95.83
N MET C 491 156.76 -44.98 -94.82
CA MET C 491 155.31 -45.00 -94.88
C MET C 491 154.56 -44.00 -94.02
N ALA C 492 155.11 -43.86 -92.81
CA ALA C 492 154.73 -42.88 -91.81
C ALA C 492 155.22 -41.45 -92.00
N GLU C 493 156.05 -41.28 -93.03
CA GLU C 493 156.62 -40.03 -93.52
C GLU C 493 155.99 -39.41 -94.76
N LYS C 494 154.85 -39.93 -95.22
CA LYS C 494 154.12 -39.36 -96.33
C LYS C 494 153.34 -38.13 -95.91
N TRP C 495 153.08 -37.94 -94.62
CA TRP C 495 152.11 -37.01 -94.07
C TRP C 495 152.54 -36.33 -92.78
N LYS C 496 152.21 -35.05 -92.55
CA LYS C 496 152.56 -34.24 -91.40
C LYS C 496 151.33 -33.54 -90.85
N ILE C 497 151.48 -33.11 -89.59
CA ILE C 497 150.46 -32.42 -88.84
C ILE C 497 150.42 -30.91 -89.04
N ALA C 498 149.30 -30.22 -89.25
CA ALA C 498 149.25 -28.78 -89.46
C ALA C 498 148.45 -27.95 -88.47
N ARG C 499 147.24 -28.34 -88.09
CA ARG C 499 146.29 -27.65 -87.24
C ARG C 499 145.48 -28.66 -86.43
N GLN C 500 145.15 -28.21 -85.23
CA GLN C 500 144.40 -29.08 -84.35
C GLN C 500 143.30 -28.43 -83.52
N GLU C 501 142.18 -29.12 -83.29
CA GLU C 501 140.99 -28.56 -82.67
C GLU C 501 140.39 -29.55 -81.69
N SER C 502 139.43 -29.11 -80.88
CA SER C 502 138.95 -29.99 -79.83
C SER C 502 138.37 -31.32 -80.27
N THR C 503 137.92 -31.47 -81.51
CA THR C 503 137.41 -32.70 -82.10
C THR C 503 138.12 -33.21 -83.34
N SER C 504 139.24 -32.59 -83.71
CA SER C 504 139.87 -32.87 -84.98
C SER C 504 141.34 -32.53 -85.19
N VAL C 505 142.05 -33.29 -86.04
CA VAL C 505 143.39 -32.93 -86.49
C VAL C 505 143.46 -32.80 -88.01
N LEU C 506 144.18 -31.79 -88.50
CA LEU C 506 144.29 -31.54 -89.93
C LEU C 506 145.59 -32.22 -90.36
N LEU C 507 145.45 -33.05 -91.39
CA LEU C 507 146.64 -33.62 -91.98
C LEU C 507 147.02 -32.97 -93.30
N GLN C 508 148.31 -32.69 -93.52
CA GLN C 508 148.85 -32.17 -94.75
C GLN C 508 149.76 -33.05 -95.61
N GLN C 509 149.54 -33.08 -96.93
CA GLN C 509 150.33 -33.94 -97.79
C GLN C 509 151.76 -33.44 -97.70
N SER C 510 152.76 -34.33 -97.69
CA SER C 510 154.17 -34.07 -97.92
C SER C 510 154.70 -34.48 -99.29
N GLU C 511 154.12 -35.57 -99.80
CA GLU C 511 154.39 -36.21 -101.06
C GLU C 511 153.68 -35.49 -102.19
N LYS C 512 152.49 -34.91 -101.97
CA LYS C 512 151.82 -33.92 -102.78
C LYS C 512 151.50 -34.43 -104.18
N LYS C 513 150.96 -35.64 -104.25
CA LYS C 513 150.75 -36.43 -105.45
C LYS C 513 149.64 -37.45 -105.22
N LEU C 514 149.20 -37.99 -106.35
CA LEU C 514 148.26 -39.10 -106.35
C LEU C 514 148.85 -40.31 -105.62
N GLY C 515 148.01 -41.09 -104.94
CA GLY C 515 148.26 -42.32 -104.22
C GLY C 515 147.24 -42.82 -103.21
N ARG C 516 147.60 -43.95 -102.60
CA ARG C 516 146.95 -44.39 -101.38
C ARG C 516 148.04 -44.54 -100.32
N SER C 517 147.72 -44.04 -99.13
CA SER C 517 148.49 -44.42 -97.96
C SER C 517 147.70 -44.76 -96.71
N GLU C 518 148.24 -45.59 -95.80
CA GLU C 518 147.64 -45.77 -94.50
C GLU C 518 148.38 -44.98 -93.42
N ILE C 519 147.70 -44.43 -92.43
CA ILE C 519 148.20 -43.90 -91.18
C ILE C 519 147.63 -44.67 -90.00
N GLN C 520 148.44 -45.00 -88.99
CA GLN C 520 147.97 -45.54 -87.73
C GLN C 520 147.91 -44.49 -86.63
N PHE C 521 146.91 -44.65 -85.77
CA PHE C 521 146.47 -43.64 -84.82
C PHE C 521 146.42 -44.17 -83.41
N LEU C 522 146.50 -43.18 -82.50
CA LEU C 522 146.10 -43.36 -81.12
C LEU C 522 145.29 -42.17 -80.63
N ILE C 523 143.98 -42.32 -80.44
CA ILE C 523 143.01 -41.36 -79.95
C ILE C 523 142.38 -41.82 -78.64
N SER C 524 142.16 -40.84 -77.76
CA SER C 524 141.58 -41.05 -76.45
C SER C 524 140.71 -39.86 -76.10
N ASP C 525 139.80 -40.00 -75.13
CA ASP C 525 138.95 -38.98 -74.55
C ASP C 525 139.55 -38.33 -73.31
N ASN C 526 138.81 -37.51 -72.56
CA ASN C 526 139.14 -36.60 -71.48
C ASN C 526 139.76 -37.34 -70.31
N GLN C 527 139.38 -38.61 -70.19
CA GLN C 527 139.81 -39.62 -69.23
C GLN C 527 140.93 -40.56 -69.63
N GLY C 528 141.48 -40.31 -70.83
CA GLY C 528 142.56 -41.10 -71.38
C GLY C 528 142.15 -42.44 -71.97
N PHE C 529 140.89 -42.64 -72.37
CA PHE C 529 140.41 -43.94 -72.81
C PHE C 529 140.76 -44.36 -74.22
N SER C 530 141.84 -45.13 -74.43
CA SER C 530 142.26 -45.68 -75.70
C SER C 530 141.53 -46.98 -76.05
N CYS C 531 141.38 -47.25 -77.34
CA CYS C 531 140.59 -48.35 -77.86
C CYS C 531 141.15 -49.74 -77.55
N PRO C 532 140.32 -50.70 -77.16
CA PRO C 532 140.78 -52.07 -77.09
C PRO C 532 141.38 -52.60 -78.39
N GLU C 533 141.30 -51.97 -79.57
CA GLU C 533 141.99 -52.34 -80.78
C GLU C 533 142.69 -51.11 -81.34
N LYS C 534 143.80 -51.41 -82.02
CA LYS C 534 144.37 -50.42 -82.91
C LYS C 534 143.45 -49.59 -83.79
N GLN C 535 143.80 -48.33 -84.02
CA GLN C 535 143.16 -47.36 -84.88
C GLN C 535 143.95 -47.07 -86.15
N VAL C 536 143.25 -47.05 -87.29
CA VAL C 536 143.79 -47.03 -88.64
C VAL C 536 142.89 -46.36 -89.65
N LEU C 537 143.56 -45.60 -90.52
CA LEU C 537 142.89 -44.81 -91.53
C LEU C 537 143.64 -44.87 -92.87
N THR C 538 142.91 -45.07 -93.97
CA THR C 538 143.55 -45.16 -95.26
C THR C 538 143.07 -44.00 -96.14
N LEU C 539 143.99 -43.25 -96.76
CA LEU C 539 143.80 -41.92 -97.30
C LEU C 539 144.11 -41.86 -98.79
N THR C 540 143.17 -41.39 -99.61
CA THR C 540 143.29 -41.43 -101.06
C THR C 540 143.47 -40.07 -101.73
N VAL C 541 144.58 -39.81 -102.43
CA VAL C 541 144.79 -38.66 -103.27
C VAL C 541 144.44 -38.92 -104.73
N CYS C 542 143.30 -38.39 -105.16
CA CYS C 542 142.71 -38.80 -106.43
C CYS C 542 142.68 -37.69 -107.47
N GLU C 543 142.24 -37.99 -108.70
CA GLU C 543 141.68 -37.05 -109.66
C GLU C 543 140.16 -36.95 -109.51
N CYS C 544 139.73 -35.70 -109.36
CA CYS C 544 138.33 -35.32 -109.22
C CYS C 544 137.90 -34.68 -110.53
N LEU C 545 136.59 -34.46 -110.64
CA LEU C 545 136.02 -33.42 -111.48
C LEU C 545 135.50 -32.36 -110.52
N HIS C 546 135.91 -31.11 -110.74
CA HIS C 546 135.74 -29.90 -109.95
C HIS C 546 134.24 -29.86 -109.66
N GLY C 547 133.80 -29.90 -108.41
CA GLY C 547 132.41 -29.87 -107.98
C GLY C 547 131.76 -31.22 -107.69
N SER C 548 132.22 -32.29 -108.34
CA SER C 548 131.62 -33.62 -108.30
C SER C 548 132.47 -34.62 -107.53
N GLY C 549 133.59 -34.22 -106.92
CA GLY C 549 134.68 -35.00 -106.38
C GLY C 549 135.22 -36.18 -107.17
N CYS C 550 135.72 -37.20 -106.46
CA CYS C 550 135.95 -38.52 -107.03
C CYS C 550 135.30 -39.69 -106.30
N ARG C 551 134.78 -39.47 -105.09
CA ARG C 551 134.16 -40.53 -104.33
C ARG C 551 132.99 -40.10 -103.44
N GLU C 552 132.28 -41.10 -102.94
CA GLU C 552 131.32 -40.90 -101.87
C GLU C 552 132.07 -40.74 -100.54
N ALA C 553 131.37 -40.12 -99.58
CA ALA C 553 131.88 -40.01 -98.22
C ALA C 553 130.67 -39.95 -97.30
N HIS C 554 130.88 -39.89 -95.98
CA HIS C 554 129.76 -39.83 -95.06
C HIS C 554 129.02 -38.50 -95.17
N ALA D 1 -30.64 37.43 -125.83
CA ALA D 1 -31.10 37.44 -124.43
C ALA D 1 -29.87 37.60 -123.54
N TRP D 2 -30.01 37.40 -122.23
CA TRP D 2 -28.96 37.65 -121.25
C TRP D 2 -28.82 36.45 -120.33
N ILE D 3 -27.56 36.13 -120.02
CA ILE D 3 -27.35 34.83 -119.39
C ILE D 3 -27.90 34.61 -117.99
N THR D 4 -28.54 33.48 -117.69
CA THR D 4 -29.34 33.15 -116.53
C THR D 4 -28.58 32.53 -115.36
N ALA D 5 -29.08 32.56 -114.13
CA ALA D 5 -28.47 31.95 -112.95
C ALA D 5 -28.73 30.46 -112.82
N PRO D 6 -27.86 29.75 -112.10
CA PRO D 6 -28.26 28.40 -111.77
C PRO D 6 -29.64 28.22 -111.14
N VAL D 7 -30.49 27.40 -111.75
CA VAL D 7 -31.46 26.60 -111.03
C VAL D 7 -30.70 25.58 -110.19
N ALA D 8 -30.76 25.43 -108.86
CA ALA D 8 -30.07 24.42 -108.09
C ALA D 8 -30.95 23.26 -107.65
N LEU D 9 -30.48 22.04 -107.88
CA LEU D 9 -31.19 20.82 -107.55
C LEU D 9 -30.43 19.80 -106.70
N ARG D 10 -30.92 19.57 -105.48
CA ARG D 10 -30.15 18.67 -104.64
C ARG D 10 -30.43 17.19 -104.83
N GLU D 11 -29.42 16.31 -104.86
CA GLU D 11 -29.57 14.93 -105.25
C GLU D 11 -30.29 14.16 -104.16
N GLY D 12 -30.81 12.98 -104.54
CA GLY D 12 -31.27 11.86 -103.74
C GLY D 12 -32.70 11.88 -103.21
N GLU D 13 -33.35 13.05 -103.22
CA GLU D 13 -34.61 13.36 -102.58
C GLU D 13 -35.67 13.92 -103.53
N ASP D 14 -36.92 13.69 -103.13
CA ASP D 14 -38.08 14.12 -103.89
C ASP D 14 -38.14 15.64 -103.74
N LEU D 15 -38.24 16.37 -104.86
CA LEU D 15 -38.42 17.80 -104.92
C LEU D 15 -39.86 18.27 -105.14
N SER D 16 -40.90 17.47 -104.88
CA SER D 16 -42.29 17.83 -105.06
C SER D 16 -42.59 19.19 -104.43
N LYS D 17 -42.06 19.44 -103.23
CA LYS D 17 -42.35 20.71 -102.59
C LYS D 17 -41.54 21.91 -103.05
N LYS D 18 -40.71 21.78 -104.10
CA LYS D 18 -39.74 22.71 -104.62
C LYS D 18 -39.82 22.72 -106.15
N ASN D 19 -41.00 22.31 -106.60
CA ASN D 19 -41.27 22.10 -108.02
C ASN D 19 -42.57 22.72 -108.50
N PRO D 20 -42.63 23.35 -109.68
CA PRO D 20 -41.69 23.42 -110.79
C PRO D 20 -40.36 24.10 -110.54
N ILE D 21 -39.36 23.60 -111.28
CA ILE D 21 -37.97 24.04 -111.24
C ILE D 21 -37.69 25.28 -112.08
N ALA D 22 -38.51 25.56 -113.11
CA ALA D 22 -38.36 26.70 -113.98
C ALA D 22 -39.74 27.15 -114.43
N LYS D 23 -39.77 28.44 -114.78
CA LYS D 23 -40.86 29.05 -115.52
C LYS D 23 -40.40 30.17 -116.43
N ILE D 24 -40.48 29.93 -117.74
CA ILE D 24 -40.19 30.87 -118.80
C ILE D 24 -41.39 31.63 -119.34
N HIS D 25 -41.19 32.93 -119.63
CA HIS D 25 -42.08 34.06 -119.74
C HIS D 25 -41.56 35.20 -120.59
N SER D 26 -42.43 35.73 -121.45
CA SER D 26 -42.16 36.86 -122.32
C SER D 26 -43.28 37.89 -122.37
N ASP D 27 -42.91 39.06 -122.89
CA ASP D 27 -43.71 40.28 -122.92
C ASP D 27 -44.63 40.32 -124.13
N LEU D 28 -44.49 39.42 -125.11
CA LEU D 28 -45.23 39.25 -126.34
C LEU D 28 -46.72 39.15 -126.08
N ALA D 29 -47.19 38.65 -124.94
CA ALA D 29 -48.59 38.69 -124.58
C ALA D 29 -49.08 40.06 -124.15
N GLU D 30 -48.35 40.87 -123.38
CA GLU D 30 -48.79 42.15 -122.86
C GLU D 30 -48.54 43.32 -123.80
N GLU D 31 -47.36 43.23 -124.42
CA GLU D 31 -46.78 44.27 -125.25
C GLU D 31 -47.25 44.09 -126.69
N ARG D 32 -47.24 42.88 -127.24
CA ARG D 32 -47.67 42.64 -128.60
C ARG D 32 -48.98 41.89 -128.80
N GLY D 33 -49.61 41.34 -127.76
CA GLY D 33 -50.98 40.83 -127.86
C GLY D 33 -51.02 39.41 -128.40
N LEU D 34 -49.90 38.70 -128.60
CA LEU D 34 -49.80 37.29 -128.91
C LEU D 34 -50.09 36.25 -127.85
N LYS D 35 -50.69 35.10 -128.16
CA LYS D 35 -50.82 34.06 -127.17
C LYS D 35 -49.66 33.08 -127.29
N ILE D 36 -48.91 32.95 -126.20
CA ILE D 36 -47.67 32.22 -126.25
C ILE D 36 -47.89 30.73 -125.95
N THR D 37 -47.34 29.85 -126.79
CA THR D 37 -47.06 28.45 -126.57
C THR D 37 -45.61 28.26 -126.13
N TYR D 38 -45.33 28.07 -124.83
CA TYR D 38 -44.02 27.92 -124.25
C TYR D 38 -43.48 26.51 -124.38
N LYS D 39 -42.22 26.27 -124.76
CA LYS D 39 -41.73 24.97 -125.16
C LYS D 39 -40.28 24.77 -124.76
N TYR D 40 -39.84 23.53 -124.54
CA TYR D 40 -38.50 23.16 -124.15
C TYR D 40 -37.84 22.16 -125.10
N THR D 41 -36.51 22.21 -125.25
CA THR D 41 -35.75 21.18 -125.91
C THR D 41 -34.47 20.84 -125.15
N GLY D 42 -33.96 19.62 -125.34
CA GLY D 42 -32.68 19.14 -124.83
C GLY D 42 -32.77 17.78 -124.16
N LYS D 43 -31.69 17.45 -123.44
CA LYS D 43 -31.44 16.22 -122.70
C LYS D 43 -32.17 16.21 -121.36
N GLY D 44 -32.93 15.13 -121.17
CA GLY D 44 -33.96 15.01 -120.15
C GLY D 44 -35.36 15.24 -120.68
N ILE D 45 -35.54 15.57 -121.96
CA ILE D 45 -36.79 16.11 -122.45
C ILE D 45 -37.12 15.70 -123.88
N THR D 46 -36.33 16.04 -124.90
CA THR D 46 -36.47 15.51 -126.25
C THR D 46 -35.29 14.62 -126.59
N GLU D 47 -34.20 14.55 -125.82
CA GLU D 47 -33.04 13.69 -125.98
C GLU D 47 -32.63 12.87 -124.77
N PRO D 48 -31.86 11.81 -125.00
CA PRO D 48 -31.43 10.93 -123.94
C PRO D 48 -30.74 11.76 -122.86
N PRO D 49 -30.92 11.45 -121.57
CA PRO D 49 -31.76 10.39 -121.06
C PRO D 49 -33.21 10.85 -120.92
N PHE D 50 -34.01 9.97 -120.32
CA PHE D 50 -35.46 10.00 -120.48
C PHE D 50 -36.25 10.11 -119.19
N GLY D 51 -37.46 10.69 -119.25
CA GLY D 51 -38.32 10.88 -118.10
C GLY D 51 -37.80 11.81 -117.01
N ILE D 52 -36.80 12.65 -117.31
CA ILE D 52 -36.15 13.40 -116.25
C ILE D 52 -37.09 14.57 -115.97
N PHE D 53 -37.32 15.47 -116.94
CA PHE D 53 -38.21 16.60 -116.80
C PHE D 53 -39.29 16.70 -117.86
N VAL D 54 -40.26 17.60 -117.69
CA VAL D 54 -41.44 17.74 -118.52
C VAL D 54 -41.91 19.18 -118.38
N PHE D 55 -42.68 19.72 -119.31
CA PHE D 55 -42.97 21.14 -119.47
C PHE D 55 -44.46 21.31 -119.71
N ASN D 56 -44.98 22.50 -119.39
CA ASN D 56 -46.36 22.91 -119.50
C ASN D 56 -46.49 24.04 -120.51
N LYS D 57 -47.23 23.85 -121.60
CA LYS D 57 -47.10 24.66 -122.80
C LYS D 57 -47.84 25.97 -122.53
N ASP D 58 -48.89 25.91 -121.72
CA ASP D 58 -49.79 26.95 -121.24
C ASP D 58 -49.20 27.90 -120.20
N THR D 59 -48.40 27.40 -119.25
CA THR D 59 -47.79 28.14 -118.17
C THR D 59 -46.32 28.51 -118.35
N GLY D 60 -45.56 27.90 -119.26
CA GLY D 60 -44.13 28.13 -119.30
C GLY D 60 -43.28 27.35 -118.30
N GLU D 61 -43.83 26.54 -117.40
CA GLU D 61 -43.28 25.73 -116.33
C GLU D 61 -42.57 24.44 -116.75
N LEU D 62 -41.45 24.19 -116.07
CA LEU D 62 -40.65 23.01 -116.26
C LEU D 62 -40.74 22.32 -114.90
N ASN D 63 -41.03 21.02 -114.93
CA ASN D 63 -41.26 20.09 -113.84
C ASN D 63 -40.37 18.86 -113.82
N VAL D 64 -40.06 18.28 -112.65
CA VAL D 64 -39.11 17.18 -112.51
C VAL D 64 -39.89 15.91 -112.18
N THR D 65 -39.52 14.78 -112.78
CA THR D 65 -40.11 13.47 -112.65
C THR D 65 -39.14 12.35 -112.28
N SER D 66 -37.94 12.69 -111.83
CA SER D 66 -36.86 11.75 -111.57
C SER D 66 -36.14 12.27 -110.34
N ILE D 67 -35.64 11.36 -109.49
CA ILE D 67 -34.69 11.62 -108.43
C ILE D 67 -33.32 11.69 -109.08
N LEU D 68 -32.58 12.78 -108.87
CA LEU D 68 -31.32 13.03 -109.56
C LEU D 68 -30.17 12.62 -108.66
N ASP D 69 -29.06 12.25 -109.30
CA ASP D 69 -27.76 11.89 -108.76
C ASP D 69 -26.60 12.74 -109.26
N ARG D 70 -25.78 13.32 -108.36
CA ARG D 70 -24.69 14.20 -108.72
C ARG D 70 -23.40 13.42 -108.94
N GLU D 71 -23.37 12.16 -108.49
CA GLU D 71 -22.33 11.19 -108.75
C GLU D 71 -22.43 10.58 -110.14
N GLU D 72 -23.49 10.88 -110.89
CA GLU D 72 -23.70 10.36 -112.23
C GLU D 72 -23.91 11.49 -113.23
N THR D 73 -24.81 12.43 -112.96
CA THR D 73 -25.31 13.58 -113.69
C THR D 73 -25.06 14.93 -113.04
N PRO D 74 -23.88 15.56 -113.05
CA PRO D 74 -23.68 16.81 -112.34
C PRO D 74 -24.45 17.98 -112.93
N PHE D 75 -24.91 17.98 -114.18
CA PHE D 75 -25.58 19.10 -114.82
C PHE D 75 -26.73 18.69 -115.74
N PHE D 76 -27.71 19.58 -115.94
CA PHE D 76 -28.45 19.55 -117.20
C PHE D 76 -28.42 20.97 -117.73
N LEU D 77 -28.85 21.06 -119.00
CA LEU D 77 -28.70 22.26 -119.80
C LEU D 77 -29.84 22.15 -120.80
N LEU D 78 -30.63 23.22 -120.93
CA LEU D 78 -31.83 23.15 -121.76
C LEU D 78 -31.95 24.45 -122.54
N THR D 79 -32.67 24.31 -123.65
CA THR D 79 -33.23 25.46 -124.35
C THR D 79 -34.70 25.62 -124.05
N GLY D 80 -35.26 26.82 -123.88
CA GLY D 80 -36.63 27.25 -123.83
C GLY D 80 -36.98 28.01 -125.10
N TYR D 81 -38.23 27.94 -125.55
CA TYR D 81 -38.73 28.39 -126.84
C TYR D 81 -40.10 29.03 -126.69
N ALA D 82 -40.53 29.87 -127.63
CA ALA D 82 -41.87 30.45 -127.67
C ALA D 82 -42.38 30.42 -129.10
N LEU D 83 -43.60 29.89 -129.25
CA LEU D 83 -44.36 29.78 -130.48
C LEU D 83 -45.59 30.65 -130.38
N ASP D 84 -46.10 31.31 -131.43
CA ASP D 84 -47.39 31.98 -131.43
C ASP D 84 -48.53 30.99 -131.53
N ALA D 85 -49.75 31.46 -131.34
CA ALA D 85 -50.93 30.62 -131.48
C ALA D 85 -51.07 29.90 -132.82
N ARG D 86 -50.25 30.24 -133.82
CA ARG D 86 -50.31 29.69 -135.16
C ARG D 86 -49.06 28.87 -135.48
N GLY D 87 -48.20 28.64 -134.49
CA GLY D 87 -47.02 27.82 -134.60
C GLY D 87 -45.76 28.46 -135.19
N ASN D 88 -45.69 29.79 -135.24
CA ASN D 88 -44.59 30.50 -135.86
C ASN D 88 -43.63 30.94 -134.76
N ASN D 89 -42.31 30.81 -134.89
CA ASN D 89 -41.40 31.15 -133.83
C ASN D 89 -41.31 32.66 -133.64
N VAL D 90 -41.23 33.09 -132.37
CA VAL D 90 -41.38 34.45 -131.90
C VAL D 90 -40.28 34.96 -130.98
N GLU D 91 -39.62 34.07 -130.23
CA GLU D 91 -38.44 34.42 -129.48
C GLU D 91 -37.17 33.76 -130.00
N LYS D 92 -36.05 34.27 -129.48
CA LYS D 92 -34.76 33.60 -129.50
C LYS D 92 -34.64 32.54 -128.43
N PRO D 93 -33.99 31.41 -128.72
CA PRO D 93 -33.78 30.35 -127.74
C PRO D 93 -32.92 30.81 -126.58
N LEU D 94 -33.43 30.55 -125.38
CA LEU D 94 -32.90 30.97 -124.09
C LEU D 94 -32.29 29.74 -123.42
N GLU D 95 -31.03 29.87 -122.99
CA GLU D 95 -30.26 28.82 -122.36
C GLU D 95 -30.58 28.88 -120.87
N LEU D 96 -30.78 27.68 -120.33
CA LEU D 96 -31.11 27.60 -118.92
C LEU D 96 -30.31 26.52 -118.21
N ARG D 97 -29.89 26.81 -116.98
CA ARG D 97 -28.79 26.12 -116.34
C ARG D 97 -29.29 25.43 -115.09
N ILE D 98 -29.15 24.10 -115.01
CA ILE D 98 -29.37 23.21 -113.89
C ILE D 98 -28.04 22.72 -113.33
N LYS D 99 -27.92 22.95 -112.02
CA LYS D 99 -26.74 22.77 -111.20
C LYS D 99 -27.13 21.81 -110.09
N VAL D 100 -26.69 20.54 -110.19
CA VAL D 100 -27.03 19.48 -109.28
C VAL D 100 -26.03 19.62 -108.13
N LEU D 101 -26.61 19.59 -106.93
CA LEU D 101 -25.99 19.78 -105.63
C LEU D 101 -25.72 18.48 -104.88
N ASP D 102 -24.62 18.41 -104.12
CA ASP D 102 -24.12 17.18 -103.56
C ASP D 102 -24.61 16.96 -102.13
N ILE D 103 -25.05 15.76 -101.77
CA ILE D 103 -25.15 15.28 -100.40
C ILE D 103 -24.17 14.13 -100.22
N ASN D 104 -24.09 13.72 -98.95
CA ASN D 104 -23.33 12.58 -98.48
C ASN D 104 -24.07 11.27 -98.63
N ASP D 105 -23.65 10.49 -99.64
CA ASP D 105 -24.34 9.25 -99.95
C ASP D 105 -23.32 8.15 -100.23
N ASN D 106 -22.17 8.18 -99.54
CA ASN D 106 -21.09 7.22 -99.53
C ASN D 106 -20.21 7.54 -98.33
N GLU D 107 -19.63 6.50 -97.73
CA GLU D 107 -18.60 6.59 -96.70
C GLU D 107 -17.22 6.17 -97.16
N PRO D 108 -16.13 6.73 -96.65
CA PRO D 108 -14.80 6.60 -97.21
C PRO D 108 -14.14 5.25 -96.98
N VAL D 109 -13.00 5.02 -97.65
CA VAL D 109 -12.03 4.00 -97.31
C VAL D 109 -10.57 4.42 -97.17
N PHE D 110 -9.84 3.57 -96.44
CA PHE D 110 -8.41 3.70 -96.22
C PHE D 110 -7.57 3.34 -97.44
N THR D 111 -6.38 3.91 -97.66
CA THR D 111 -5.59 3.63 -98.83
C THR D 111 -5.05 2.20 -98.84
N GLN D 112 -4.71 1.68 -97.66
CA GLN D 112 -4.15 0.40 -97.31
C GLN D 112 -5.06 -0.52 -96.51
N ASP D 113 -4.82 -1.82 -96.58
CA ASP D 113 -5.31 -2.82 -95.64
C ASP D 113 -4.75 -2.52 -94.25
N VAL D 114 -3.43 -2.61 -94.13
CA VAL D 114 -2.69 -2.62 -92.88
C VAL D 114 -1.60 -1.54 -92.93
N PHE D 115 -1.60 -0.57 -92.02
CA PHE D 115 -0.54 0.40 -91.88
C PHE D 115 0.47 -0.06 -90.84
N VAL D 116 1.73 0.41 -90.83
CA VAL D 116 2.81 -0.01 -89.99
C VAL D 116 3.66 1.20 -89.60
N GLY D 117 4.10 1.27 -88.35
CA GLY D 117 4.96 2.32 -87.84
C GLY D 117 5.83 1.82 -86.69
N SER D 118 6.63 2.67 -86.05
CA SER D 118 7.22 2.43 -84.75
C SER D 118 7.45 3.71 -83.96
N VAL D 119 7.75 3.49 -82.68
CA VAL D 119 8.12 4.58 -81.80
C VAL D 119 8.93 4.06 -80.61
N GLU D 120 9.71 4.96 -80.01
CA GLU D 120 10.68 4.45 -79.06
C GLU D 120 10.22 4.63 -77.62
N GLU D 121 10.67 3.76 -76.72
CA GLU D 121 10.21 3.89 -75.36
C GLU D 121 10.67 5.13 -74.61
N LEU D 122 10.06 5.54 -73.49
CA LEU D 122 10.42 6.76 -72.78
C LEU D 122 10.25 7.98 -73.67
N SER D 123 9.78 7.89 -74.92
CA SER D 123 9.62 9.08 -75.74
C SER D 123 8.85 10.22 -75.09
N ALA D 124 9.00 11.47 -75.53
CA ALA D 124 8.23 12.63 -75.14
C ALA D 124 6.73 12.57 -75.38
N ALA D 125 5.87 13.35 -74.73
CA ALA D 125 4.48 13.49 -75.10
C ALA D 125 4.30 14.23 -76.41
N HIS D 126 3.21 13.87 -77.10
CA HIS D 126 2.88 14.59 -78.31
C HIS D 126 3.88 14.43 -79.45
N THR D 127 4.66 13.35 -79.42
CA THR D 127 5.59 12.91 -80.45
C THR D 127 4.68 12.42 -81.56
N LEU D 128 4.86 12.93 -82.78
CA LEU D 128 4.28 12.53 -84.05
C LEU D 128 4.86 11.13 -84.30
N VAL D 129 4.02 10.10 -84.36
CA VAL D 129 4.33 8.72 -84.67
C VAL D 129 4.22 8.42 -86.15
N MET D 130 3.03 8.68 -86.71
CA MET D 130 2.76 8.50 -88.12
C MET D 130 1.46 9.18 -88.52
N LYS D 131 1.30 9.29 -89.84
CA LYS D 131 0.07 9.67 -90.50
C LYS D 131 -0.65 8.49 -91.13
N ILE D 132 -1.95 8.51 -91.41
CA ILE D 132 -2.89 7.55 -91.97
C ILE D 132 -3.92 8.31 -92.77
N ASN D 133 -4.35 7.79 -93.92
CA ASN D 133 -5.15 8.51 -94.91
C ASN D 133 -6.29 7.72 -95.53
N ALA D 134 -7.39 8.43 -95.74
CA ALA D 134 -8.56 7.87 -96.41
C ALA D 134 -9.14 8.82 -97.45
N THR D 135 -9.93 8.26 -98.37
CA THR D 135 -10.53 8.97 -99.48
C THR D 135 -11.99 8.56 -99.60
N ASP D 136 -12.86 9.47 -100.02
CA ASP D 136 -14.30 9.48 -100.20
C ASP D 136 -14.74 9.51 -101.66
N ALA D 137 -16.02 9.28 -101.94
CA ALA D 137 -16.57 9.35 -103.28
C ALA D 137 -17.54 10.49 -103.56
N ASP D 138 -17.80 11.40 -102.62
CA ASP D 138 -18.33 12.73 -102.87
C ASP D 138 -17.12 13.62 -103.08
N GLU D 139 -17.45 14.89 -103.31
CA GLU D 139 -16.49 15.92 -103.66
C GLU D 139 -15.45 16.26 -102.62
N PRO D 140 -14.14 16.22 -102.91
CA PRO D 140 -13.04 16.56 -102.03
C PRO D 140 -13.22 17.83 -101.22
N ASN D 141 -12.79 17.92 -99.96
CA ASN D 141 -12.84 19.09 -99.10
C ASN D 141 -14.22 19.74 -99.01
N THR D 142 -15.30 18.98 -98.87
CA THR D 142 -16.63 19.37 -98.43
C THR D 142 -17.13 18.68 -97.17
N LEU D 143 -18.20 19.12 -96.52
CA LEU D 143 -18.77 18.34 -95.45
C LEU D 143 -19.03 16.88 -95.82
N ASN D 144 -19.32 16.56 -97.08
CA ASN D 144 -19.83 15.28 -97.52
C ASN D 144 -18.61 14.36 -97.71
N SER D 145 -17.37 14.76 -97.41
CA SER D 145 -16.18 14.00 -97.74
C SER D 145 -15.02 14.35 -96.84
N LYS D 146 -14.98 15.49 -96.14
CA LYS D 146 -14.02 15.75 -95.10
C LYS D 146 -13.98 14.60 -94.10
N ILE D 147 -12.74 14.22 -93.80
CA ILE D 147 -12.54 12.99 -93.05
C ILE D 147 -12.34 13.40 -91.61
N SER D 148 -13.08 12.72 -90.73
CA SER D 148 -12.95 12.75 -89.29
C SER D 148 -12.55 11.35 -88.87
N TYR D 149 -11.25 11.17 -88.61
CA TYR D 149 -10.77 9.87 -88.19
C TYR D 149 -11.04 9.60 -86.72
N ARG D 150 -11.16 8.30 -86.43
CA ARG D 150 -11.19 7.79 -85.07
C ARG D 150 -10.62 6.39 -84.94
N ILE D 151 -9.95 6.17 -83.80
CA ILE D 151 -9.56 4.89 -83.26
C ILE D 151 -10.82 4.18 -82.78
N VAL D 152 -11.03 2.89 -83.05
CA VAL D 152 -12.20 2.21 -82.54
C VAL D 152 -11.74 0.96 -81.79
N SER D 153 -10.45 0.61 -81.77
CA SER D 153 -9.96 -0.34 -80.80
C SER D 153 -8.49 -0.03 -80.53
N LEU D 154 -8.00 -0.53 -79.39
CA LEU D 154 -6.61 -0.64 -79.04
C LEU D 154 -6.37 -2.04 -78.48
N GLU D 155 -5.19 -2.64 -78.70
CA GLU D 155 -4.88 -3.96 -78.19
C GLU D 155 -3.40 -4.04 -77.89
N PRO D 156 -2.98 -4.29 -76.65
CA PRO D 156 -3.68 -4.22 -75.37
C PRO D 156 -4.40 -2.90 -75.14
N ALA D 157 -5.66 -2.98 -74.71
CA ALA D 157 -6.55 -1.84 -74.90
C ALA D 157 -6.40 -0.62 -74.00
N TYR D 158 -5.81 -0.69 -72.81
CA TYR D 158 -5.76 0.42 -71.89
C TYR D 158 -4.47 0.31 -71.11
N PRO D 159 -3.68 1.35 -70.80
CA PRO D 159 -3.94 2.75 -71.01
C PRO D 159 -4.12 3.16 -72.48
N PRO D 160 -4.64 4.33 -72.82
CA PRO D 160 -4.65 4.90 -74.16
C PRO D 160 -3.26 5.52 -74.25
N VAL D 161 -2.36 4.82 -74.94
CA VAL D 161 -0.98 5.25 -75.07
C VAL D 161 -0.80 5.86 -76.45
N PHE D 162 -1.77 5.99 -77.35
CA PHE D 162 -1.83 6.82 -78.54
C PHE D 162 -3.06 7.70 -78.64
N TYR D 163 -2.91 8.77 -79.44
CA TYR D 163 -3.81 9.87 -79.66
C TYR D 163 -3.88 10.06 -81.17
N LEU D 164 -5.08 10.32 -81.68
CA LEU D 164 -5.33 10.53 -83.08
C LEU D 164 -5.92 11.91 -83.31
N ASN D 165 -5.36 12.81 -84.12
CA ASN D 165 -5.97 14.07 -84.50
C ASN D 165 -7.05 13.91 -85.57
N LYS D 166 -8.23 14.48 -85.37
CA LYS D 166 -9.44 14.09 -86.06
C LYS D 166 -9.52 14.47 -87.53
N ASP D 167 -8.90 15.58 -87.92
CA ASP D 167 -8.96 16.09 -89.29
C ASP D 167 -7.97 15.47 -90.25
N THR D 168 -6.75 15.21 -89.75
CA THR D 168 -5.56 14.98 -90.54
C THR D 168 -5.15 13.53 -90.68
N GLY D 169 -5.64 12.65 -89.80
CA GLY D 169 -5.15 11.29 -89.74
C GLY D 169 -3.77 11.14 -89.10
N GLU D 170 -3.31 12.01 -88.20
CA GLU D 170 -2.04 11.99 -87.50
C GLU D 170 -2.21 11.38 -86.12
N ILE D 171 -1.39 10.37 -85.84
CA ILE D 171 -1.22 9.62 -84.62
C ILE D 171 -0.02 9.99 -83.77
N TYR D 172 -0.21 10.29 -82.47
CA TYR D 172 0.73 10.86 -81.53
C TYR D 172 0.74 10.20 -80.16
N THR D 173 1.74 10.51 -79.33
CA THR D 173 1.91 9.93 -78.01
C THR D 173 1.12 10.71 -76.98
N THR D 174 0.63 10.05 -75.94
CA THR D 174 -0.18 10.66 -74.90
C THR D 174 0.65 11.06 -73.68
N SER D 175 0.00 11.57 -72.63
CA SER D 175 0.65 11.76 -71.35
C SER D 175 1.14 10.47 -70.73
N VAL D 176 0.59 9.29 -71.03
CA VAL D 176 0.91 8.02 -70.40
C VAL D 176 2.10 7.39 -71.12
N THR D 177 3.27 7.25 -70.49
CA THR D 177 4.50 6.91 -71.16
C THR D 177 4.57 5.52 -71.77
N LEU D 178 5.23 5.30 -72.92
CA LEU D 178 5.51 3.98 -73.46
C LEU D 178 6.66 3.22 -72.82
N ASP D 179 6.65 1.88 -72.76
CA ASP D 179 7.65 1.08 -72.08
C ASP D 179 7.92 -0.22 -72.82
N ARG D 180 9.00 -0.29 -73.59
CA ARG D 180 9.36 -1.47 -74.36
C ARG D 180 9.32 -2.77 -73.57
N GLU D 181 9.94 -2.84 -72.39
CA GLU D 181 10.03 -3.97 -71.50
C GLU D 181 8.67 -4.43 -70.98
N GLU D 182 7.68 -3.53 -70.92
CA GLU D 182 6.33 -3.97 -70.63
C GLU D 182 5.67 -4.43 -71.93
N HIS D 183 5.56 -3.54 -72.92
CA HIS D 183 4.98 -3.96 -74.18
C HIS D 183 5.93 -3.58 -75.31
N SER D 184 6.29 -4.60 -76.10
CA SER D 184 7.09 -4.49 -77.31
C SER D 184 6.28 -4.00 -78.49
N SER D 185 4.95 -4.00 -78.41
CA SER D 185 4.08 -3.64 -79.51
C SER D 185 2.64 -3.37 -79.07
N TYR D 186 1.95 -2.74 -80.03
CA TYR D 186 0.51 -2.57 -80.08
C TYR D 186 -0.12 -2.83 -81.44
N THR D 187 -1.43 -3.01 -81.49
CA THR D 187 -2.32 -2.90 -82.62
C THR D 187 -3.35 -1.82 -82.29
N LEU D 188 -3.48 -0.76 -83.08
CA LEU D 188 -4.65 0.09 -83.16
C LEU D 188 -5.63 -0.49 -84.17
N THR D 189 -6.95 -0.30 -84.03
CA THR D 189 -7.85 -0.45 -85.14
C THR D 189 -8.57 0.87 -85.38
N VAL D 190 -8.60 1.43 -86.60
CA VAL D 190 -9.06 2.76 -86.93
C VAL D 190 -10.00 2.76 -88.12
N GLU D 191 -11.03 3.60 -87.95
CA GLU D 191 -12.20 3.75 -88.78
C GLU D 191 -12.28 5.15 -89.34
N ALA D 192 -12.59 5.24 -90.63
CA ALA D 192 -12.70 6.49 -91.35
C ALA D 192 -14.18 6.85 -91.46
N ARG D 193 -14.61 8.01 -90.95
CA ARG D 193 -15.89 8.63 -91.19
C ARG D 193 -15.76 9.99 -91.86
N ASP D 194 -16.81 10.50 -92.51
CA ASP D 194 -16.82 11.78 -93.17
C ASP D 194 -17.73 12.74 -92.41
N GLY D 195 -17.51 14.05 -92.56
CA GLY D 195 -18.26 15.06 -91.85
C GLY D 195 -17.95 15.19 -90.37
N ASN D 196 -18.98 15.39 -89.54
CA ASN D 196 -18.98 15.42 -88.08
C ASN D 196 -20.05 14.52 -87.48
N GLY D 197 -20.70 13.64 -88.24
CA GLY D 197 -22.00 13.13 -87.84
C GLY D 197 -22.04 12.10 -86.73
N GLU D 198 -23.22 11.60 -86.37
CA GLU D 198 -23.41 10.40 -85.58
C GLU D 198 -23.60 9.15 -86.41
N VAL D 199 -22.73 8.16 -86.23
CA VAL D 199 -22.64 7.02 -87.13
C VAL D 199 -23.89 6.14 -87.19
N THR D 200 -24.31 5.83 -88.42
CA THR D 200 -25.37 4.89 -88.73
C THR D 200 -24.90 3.45 -88.62
N ASP D 201 -25.75 2.51 -89.01
CA ASP D 201 -25.42 1.10 -88.89
C ASP D 201 -24.94 0.42 -90.17
N LYS D 202 -24.73 1.16 -91.25
CA LYS D 202 -24.25 0.75 -92.56
C LYS D 202 -22.82 0.23 -92.62
N PRO D 203 -22.48 -0.76 -93.44
CA PRO D 203 -21.10 -1.25 -93.39
C PRO D 203 -19.99 -0.25 -93.67
N VAL D 204 -18.90 -0.38 -92.92
CA VAL D 204 -17.64 0.33 -93.04
C VAL D 204 -16.36 -0.47 -92.84
N LYS D 205 -15.42 -0.32 -93.78
CA LYS D 205 -14.11 -0.95 -93.84
C LYS D 205 -13.08 -0.22 -93.01
N GLN D 206 -12.74 -0.79 -91.84
CA GLN D 206 -11.67 -0.34 -90.99
C GLN D 206 -10.30 -0.72 -91.55
N ALA D 207 -9.32 0.11 -91.16
CA ALA D 207 -7.91 -0.23 -91.26
C ALA D 207 -7.32 -0.51 -89.89
N GLN D 208 -6.13 -1.11 -89.92
CA GLN D 208 -5.43 -1.57 -88.73
C GLN D 208 -3.98 -1.10 -88.69
N VAL D 209 -3.49 -0.58 -87.56
CA VAL D 209 -2.22 0.13 -87.52
C VAL D 209 -1.37 -0.63 -86.51
N GLN D 210 -0.26 -1.12 -87.05
CA GLN D 210 0.66 -1.99 -86.34
C GLN D 210 1.90 -1.20 -85.93
N ILE D 211 1.87 -0.72 -84.69
CA ILE D 211 3.00 0.00 -84.13
C ILE D 211 3.75 -0.93 -83.20
N ARG D 212 5.05 -1.16 -83.47
CA ARG D 212 6.02 -1.80 -82.61
C ARG D 212 6.71 -0.69 -81.83
N ILE D 213 7.02 -0.92 -80.55
CA ILE D 213 7.71 -0.12 -79.55
C ILE D 213 9.19 -0.48 -79.62
N LEU D 214 10.08 0.51 -79.63
CA LEU D 214 11.51 0.35 -79.76
C LEU D 214 12.18 0.73 -78.45
N ASP D 215 13.41 0.26 -78.30
CA ASP D 215 14.24 0.25 -77.10
C ASP D 215 15.22 1.39 -76.86
N VAL D 216 15.33 1.74 -75.58
CA VAL D 216 16.27 2.70 -75.05
C VAL D 216 17.00 2.15 -73.83
N ASN D 217 18.11 2.89 -73.72
CA ASN D 217 19.20 2.64 -72.78
C ASN D 217 18.90 3.24 -71.41
N ASP D 218 17.74 2.80 -70.90
CA ASP D 218 17.32 3.10 -69.54
C ASP D 218 17.96 2.14 -68.54
N ASN D 219 18.33 0.94 -68.99
CA ASN D 219 19.00 -0.10 -68.23
C ASN D 219 20.50 0.15 -68.16
N ILE D 220 21.02 0.16 -66.93
CA ILE D 220 22.41 0.46 -66.66
C ILE D 220 23.22 -0.78 -66.35
N PRO D 221 24.35 -1.01 -67.03
CA PRO D 221 24.96 -2.32 -66.97
C PRO D 221 25.48 -2.64 -65.58
N VAL D 222 25.47 -3.90 -65.18
CA VAL D 222 25.85 -4.35 -63.85
C VAL D 222 26.90 -5.45 -64.00
N VAL D 223 27.83 -5.57 -63.05
CA VAL D 223 28.93 -6.51 -63.07
C VAL D 223 28.53 -7.73 -62.28
N GLU D 224 28.66 -8.90 -62.93
CA GLU D 224 28.11 -10.12 -62.38
C GLU D 224 29.07 -10.69 -61.34
N ASN D 225 30.37 -10.47 -61.49
CA ASN D 225 31.45 -10.98 -60.68
C ASN D 225 31.43 -10.35 -59.30
N LYS D 226 31.63 -11.14 -58.24
CA LYS D 226 31.49 -10.68 -56.86
C LYS D 226 32.79 -9.97 -56.51
N VAL D 227 33.96 -10.53 -56.87
CA VAL D 227 35.23 -9.95 -56.49
C VAL D 227 36.09 -9.91 -57.75
N LEU D 228 36.74 -8.81 -58.14
CA LEU D 228 37.62 -8.57 -59.26
C LEU D 228 39.03 -8.32 -58.75
N GLU D 229 39.95 -8.97 -59.46
CA GLU D 229 41.37 -9.04 -59.16
C GLU D 229 42.25 -9.04 -60.40
N GLY D 230 43.49 -8.52 -60.28
CA GLY D 230 44.58 -8.80 -61.18
C GLY D 230 45.93 -9.00 -60.52
N MET D 231 46.77 -9.89 -61.07
CA MET D 231 48.11 -10.18 -60.59
C MET D 231 49.20 -10.03 -61.65
N VAL D 232 50.25 -9.27 -61.37
CA VAL D 232 51.41 -9.02 -62.20
C VAL D 232 52.73 -9.16 -61.45
N GLU D 233 53.79 -9.05 -62.26
CA GLU D 233 55.15 -8.92 -61.78
C GLU D 233 55.67 -7.55 -62.21
N GLU D 234 56.71 -7.02 -61.56
CA GLU D 234 57.32 -5.80 -62.04
C GLU D 234 58.32 -5.94 -63.17
N ASN D 235 58.47 -4.78 -63.84
CA ASN D 235 58.95 -4.47 -65.16
C ASN D 235 58.05 -5.06 -66.23
N GLN D 236 56.93 -5.73 -65.95
CA GLN D 236 55.90 -5.97 -66.94
C GLN D 236 55.13 -4.76 -67.42
N VAL D 237 54.66 -4.86 -68.67
CA VAL D 237 54.00 -3.86 -69.47
C VAL D 237 53.30 -4.60 -70.61
N ASN D 238 52.20 -3.99 -71.02
CA ASN D 238 51.36 -4.50 -72.11
C ASN D 238 50.88 -5.92 -71.87
N VAL D 239 50.51 -6.32 -70.65
CA VAL D 239 49.96 -7.59 -70.24
C VAL D 239 48.53 -7.47 -69.73
N GLU D 240 47.61 -8.30 -70.21
CA GLU D 240 46.27 -8.53 -69.68
C GLU D 240 46.34 -8.87 -68.19
N VAL D 241 45.52 -8.27 -67.33
CA VAL D 241 45.50 -8.44 -65.88
C VAL D 241 44.16 -8.87 -65.31
N THR D 242 43.02 -8.43 -65.86
CA THR D 242 41.69 -8.73 -65.36
C THR D 242 40.70 -8.90 -66.50
N ARG D 243 39.86 -9.93 -66.48
CA ARG D 243 38.64 -10.08 -67.27
C ARG D 243 37.40 -9.83 -66.42
N ILE D 244 36.36 -9.34 -67.10
CA ILE D 244 35.19 -8.82 -66.43
C ILE D 244 33.92 -9.27 -67.15
N LYS D 245 33.08 -10.06 -66.49
CA LYS D 245 31.80 -10.46 -67.04
C LYS D 245 30.72 -9.52 -66.48
N VAL D 246 29.94 -8.96 -67.40
CA VAL D 246 28.81 -8.06 -67.24
C VAL D 246 27.48 -8.58 -67.71
N PHE D 247 26.43 -7.77 -67.45
CA PHE D 247 25.04 -7.93 -67.80
C PHE D 247 24.33 -6.59 -67.97
N ASP D 248 23.50 -6.55 -69.03
CA ASP D 248 22.56 -5.50 -69.33
C ASP D 248 21.17 -5.95 -69.79
N ALA D 249 20.14 -5.13 -69.61
CA ALA D 249 18.78 -5.59 -69.79
C ALA D 249 18.25 -5.38 -71.20
N ASP D 250 18.93 -4.47 -71.91
CA ASP D 250 18.71 -4.10 -73.29
C ASP D 250 18.99 -5.20 -74.31
N GLU D 251 18.51 -5.05 -75.55
CA GLU D 251 18.60 -6.07 -76.57
C GLU D 251 20.00 -6.52 -76.92
N ILE D 252 20.10 -7.85 -77.04
CA ILE D 252 21.38 -8.51 -77.14
C ILE D 252 22.12 -8.14 -78.43
N GLY D 253 23.33 -7.62 -78.25
CA GLY D 253 24.24 -7.10 -79.27
C GLY D 253 23.99 -5.66 -79.70
N SER D 254 22.97 -4.99 -79.19
CA SER D 254 22.75 -3.55 -79.30
C SER D 254 23.86 -2.68 -78.74
N ASP D 255 24.05 -1.46 -79.21
CA ASP D 255 24.87 -0.48 -78.51
C ASP D 255 24.32 0.03 -77.19
N ASN D 256 23.10 -0.37 -76.85
CA ASN D 256 22.50 -0.08 -75.58
C ASN D 256 22.88 -1.13 -74.55
N TRP D 257 23.45 -2.26 -74.96
CA TRP D 257 23.84 -3.43 -74.22
C TRP D 257 25.34 -3.67 -74.27
N LEU D 258 25.95 -3.53 -75.46
CA LEU D 258 27.38 -3.64 -75.67
C LEU D 258 28.04 -2.57 -74.82
N ALA D 259 29.07 -2.98 -74.08
CA ALA D 259 29.57 -2.28 -72.92
C ALA D 259 30.43 -1.07 -73.29
N ASN D 260 30.69 -0.29 -72.24
CA ASN D 260 31.67 0.78 -72.24
C ASN D 260 32.16 0.86 -70.79
N PHE D 261 33.49 0.85 -70.57
CA PHE D 261 34.12 0.94 -69.27
C PHE D 261 35.02 2.17 -69.30
N THR D 262 34.96 2.94 -68.20
CA THR D 262 35.77 4.12 -67.97
C THR D 262 36.19 4.15 -66.51
N PHE D 263 37.19 4.96 -66.13
CA PHE D 263 37.79 5.13 -64.83
C PHE D 263 36.98 5.95 -63.82
N ALA D 264 36.87 5.51 -62.57
CA ALA D 264 36.24 6.21 -61.46
C ALA D 264 37.16 6.49 -60.28
N SER D 265 38.13 5.67 -59.90
CA SER D 265 39.17 6.12 -58.98
C SER D 265 40.41 5.29 -59.27
N GLY D 266 41.61 5.65 -58.77
CA GLY D 266 42.81 4.89 -58.56
C GLY D 266 43.67 4.66 -59.79
N ASN D 267 43.42 5.42 -60.86
CA ASN D 267 44.32 5.45 -61.99
C ASN D 267 44.80 6.87 -62.27
N GLU D 268 44.92 7.73 -61.25
CA GLU D 268 45.41 9.09 -61.30
C GLU D 268 46.88 9.11 -61.70
N GLY D 269 47.76 8.22 -61.25
CA GLY D 269 49.13 8.04 -61.67
C GLY D 269 49.26 7.37 -63.03
N GLY D 270 48.16 6.97 -63.67
CA GLY D 270 48.09 6.24 -64.93
C GLY D 270 48.86 4.92 -65.08
N TYR D 271 48.15 3.84 -64.75
CA TYR D 271 48.70 2.51 -64.85
C TYR D 271 48.09 1.56 -65.87
N PHE D 272 46.75 1.61 -65.85
CA PHE D 272 45.87 0.64 -66.46
C PHE D 272 44.99 1.36 -67.48
N HIS D 273 44.25 0.55 -68.25
CA HIS D 273 43.36 1.01 -69.30
C HIS D 273 42.43 -0.17 -69.60
N ILE D 274 41.20 0.14 -70.04
CA ILE D 274 40.19 -0.87 -70.16
C ILE D 274 39.42 -0.73 -71.47
N GLU D 275 39.18 -1.87 -72.12
CA GLU D 275 38.50 -2.00 -73.39
C GLU D 275 37.67 -3.28 -73.41
N THR D 276 36.81 -3.46 -74.42
CA THR D 276 35.87 -4.55 -74.43
C THR D 276 35.93 -5.15 -75.83
N ASP D 277 35.79 -6.47 -75.92
CA ASP D 277 35.80 -7.28 -77.13
C ASP D 277 34.35 -7.59 -77.47
N ALA D 278 33.92 -7.17 -78.67
CA ALA D 278 32.55 -7.27 -79.11
C ALA D 278 32.12 -8.71 -79.26
N GLN D 279 33.02 -9.68 -79.38
CA GLN D 279 32.71 -11.09 -79.56
C GLN D 279 32.03 -11.75 -78.37
N THR D 280 32.43 -11.32 -77.18
CA THR D 280 32.10 -11.86 -75.86
C THR D 280 31.58 -10.81 -74.88
N ASN D 281 31.61 -9.51 -75.24
CA ASN D 281 31.15 -8.36 -74.49
C ASN D 281 31.64 -8.22 -73.06
N GLU D 282 32.83 -8.78 -72.86
CA GLU D 282 33.68 -8.76 -71.68
C GLU D 282 34.56 -7.52 -71.60
N GLY D 283 34.96 -7.20 -70.36
CA GLY D 283 35.97 -6.19 -70.19
C GLY D 283 37.36 -6.81 -70.06
N ILE D 284 38.34 -6.11 -70.64
CA ILE D 284 39.73 -6.54 -70.63
C ILE D 284 40.54 -5.36 -70.10
N VAL D 285 41.17 -5.54 -68.94
CA VAL D 285 42.12 -4.62 -68.34
C VAL D 285 43.50 -5.11 -68.79
N THR D 286 44.31 -4.15 -69.21
CA THR D 286 45.72 -4.40 -69.51
C THR D 286 46.56 -3.33 -68.82
N LEU D 287 47.78 -3.67 -68.44
CA LEU D 287 48.85 -2.88 -67.85
C LEU D 287 49.65 -2.06 -68.87
N ILE D 288 49.52 -0.75 -68.75
CA ILE D 288 50.03 0.11 -69.80
C ILE D 288 51.15 1.02 -69.35
N LYS D 289 51.39 1.18 -68.05
CA LYS D 289 52.64 1.70 -67.52
C LYS D 289 53.56 0.55 -67.17
N GLU D 290 54.83 0.56 -67.57
CA GLU D 290 55.82 -0.41 -67.15
C GLU D 290 55.90 -0.38 -65.64
N VAL D 291 55.49 -1.44 -64.91
CA VAL D 291 55.26 -1.20 -63.51
C VAL D 291 56.39 -1.54 -62.54
N ASP D 292 56.65 -0.77 -61.49
CA ASP D 292 57.61 -0.96 -60.43
C ASP D 292 57.00 -1.47 -59.14
N TYR D 293 57.69 -2.36 -58.42
CA TYR D 293 57.50 -2.69 -57.02
C TYR D 293 57.99 -1.64 -56.04
N GLU D 294 59.13 -0.99 -56.27
CA GLU D 294 59.93 -0.22 -55.33
C GLU D 294 59.40 1.09 -54.73
N GLU D 295 58.23 1.57 -55.13
CA GLU D 295 57.64 2.79 -54.58
C GLU D 295 56.70 2.54 -53.43
N MET D 296 56.48 1.27 -53.06
CA MET D 296 55.80 0.81 -51.86
C MET D 296 54.46 1.50 -51.67
N LYS D 297 53.64 1.54 -52.72
CA LYS D 297 52.34 2.21 -52.75
C LYS D 297 51.30 1.27 -53.35
N ASN D 298 50.02 1.52 -53.10
CA ASN D 298 48.93 0.61 -53.42
C ASN D 298 48.40 1.09 -54.77
N LEU D 299 48.19 0.14 -55.70
CA LEU D 299 47.77 0.45 -57.06
C LEU D 299 46.32 0.12 -57.41
N ASP D 300 45.54 -0.35 -56.43
CA ASP D 300 44.12 -0.62 -56.51
C ASP D 300 43.30 0.58 -56.96
N PHE D 301 42.26 0.38 -57.76
CA PHE D 301 41.45 1.33 -58.50
C PHE D 301 39.96 1.06 -58.46
N SER D 302 39.10 1.86 -59.12
CA SER D 302 37.69 1.69 -59.39
C SER D 302 37.38 2.18 -60.80
N VAL D 303 36.36 1.61 -61.42
CA VAL D 303 35.76 1.82 -62.74
C VAL D 303 34.25 1.92 -62.69
N ILE D 304 33.68 2.55 -63.73
CA ILE D 304 32.26 2.51 -63.98
C ILE D 304 31.97 1.82 -65.31
N VAL D 305 30.75 1.29 -65.33
CA VAL D 305 30.31 0.64 -66.55
C VAL D 305 29.08 1.33 -67.11
N ALA D 306 29.09 1.54 -68.43
CA ALA D 306 28.04 2.17 -69.22
C ALA D 306 27.97 1.42 -70.54
N ASN D 307 27.29 1.93 -71.57
CA ASN D 307 27.18 1.30 -72.88
C ASN D 307 27.86 2.04 -74.02
N LYS D 308 28.04 1.49 -75.22
CA LYS D 308 28.66 2.12 -76.37
C LYS D 308 27.84 3.27 -76.94
N ALA D 309 26.51 3.17 -76.85
CA ALA D 309 25.57 4.26 -77.02
C ALA D 309 25.19 4.92 -75.72
N ALA D 310 24.80 6.19 -75.75
CA ALA D 310 24.47 7.02 -74.60
C ALA D 310 23.26 6.50 -73.83
N PHE D 311 23.09 6.88 -72.55
CA PHE D 311 21.99 6.46 -71.72
C PHE D 311 20.71 7.22 -72.03
N HIS D 312 19.52 6.72 -71.66
CA HIS D 312 18.33 7.54 -71.75
C HIS D 312 18.32 8.81 -70.91
N LYS D 313 17.52 9.79 -71.34
CA LYS D 313 17.37 11.05 -70.67
C LYS D 313 16.77 10.96 -69.27
N SER D 314 16.45 9.79 -68.72
CA SER D 314 16.05 9.60 -67.34
C SER D 314 17.22 9.41 -66.40
N ILE D 315 18.36 8.92 -66.92
CA ILE D 315 19.69 8.77 -66.38
C ILE D 315 20.59 9.94 -66.75
N ARG D 316 20.71 10.26 -68.04
CA ARG D 316 21.60 11.25 -68.60
C ARG D 316 21.24 12.67 -68.18
N SER D 317 22.20 13.31 -67.51
CA SER D 317 21.95 14.53 -66.77
C SER D 317 21.10 14.41 -65.52
N LYS D 318 20.96 13.21 -64.95
CA LYS D 318 20.15 12.94 -63.78
C LYS D 318 20.87 12.02 -62.81
N TYR D 319 21.45 10.88 -63.24
CA TYR D 319 22.14 9.93 -62.40
C TYR D 319 23.41 9.45 -63.10
N LYS D 320 24.44 9.14 -62.30
CA LYS D 320 25.65 8.50 -62.80
C LYS D 320 25.92 7.16 -62.14
N PRO D 321 26.37 6.14 -62.88
CA PRO D 321 26.47 4.76 -62.44
C PRO D 321 27.31 4.55 -61.19
N THR D 322 27.08 3.46 -60.47
CA THR D 322 27.79 3.15 -59.24
C THR D 322 29.09 2.43 -59.60
N PRO D 323 30.24 2.73 -59.00
CA PRO D 323 31.54 2.22 -59.36
C PRO D 323 31.82 0.86 -58.74
N ILE D 324 32.83 0.20 -59.33
CA ILE D 324 33.29 -1.14 -58.95
C ILE D 324 34.79 -1.11 -58.74
N PRO D 325 35.25 -1.55 -57.56
CA PRO D 325 36.69 -1.67 -57.42
C PRO D 325 37.21 -2.84 -58.25
N ILE D 326 38.53 -2.84 -58.46
CA ILE D 326 39.36 -4.01 -58.67
C ILE D 326 40.64 -3.89 -57.85
N LYS D 327 41.01 -4.96 -57.16
CA LYS D 327 42.24 -5.10 -56.42
C LYS D 327 43.36 -5.81 -57.18
N VAL D 328 44.55 -5.21 -57.10
CA VAL D 328 45.72 -5.45 -57.90
C VAL D 328 46.97 -5.88 -57.12
N LYS D 329 47.84 -6.70 -57.72
CA LYS D 329 49.04 -7.26 -57.14
C LYS D 329 50.23 -7.19 -58.08
N VAL D 330 51.34 -6.67 -57.54
CA VAL D 330 52.64 -6.61 -58.16
C VAL D 330 53.62 -7.51 -57.40
N LYS D 331 54.17 -8.52 -58.08
CA LYS D 331 55.24 -9.38 -57.59
C LYS D 331 56.61 -8.75 -57.77
N ASN D 332 57.44 -8.65 -56.72
CA ASN D 332 58.81 -8.15 -56.78
C ASN D 332 59.68 -9.09 -57.59
N VAL D 333 60.72 -8.48 -58.17
CA VAL D 333 61.93 -9.24 -58.44
C VAL D 333 63.15 -8.41 -58.08
N LYS D 334 64.20 -9.22 -57.86
CA LYS D 334 65.54 -8.68 -57.81
C LYS D 334 66.05 -8.49 -59.23
N GLU D 335 66.92 -7.52 -59.53
CA GLU D 335 67.12 -7.02 -60.86
C GLU D 335 68.60 -6.82 -61.16
N GLY D 336 69.45 -7.13 -60.18
CA GLY D 336 70.90 -7.13 -60.20
C GLY D 336 71.46 -5.72 -60.06
N ILE D 337 72.66 -5.50 -60.58
CA ILE D 337 73.39 -4.24 -60.60
C ILE D 337 72.82 -3.23 -61.57
N HIS D 338 72.80 -1.92 -61.29
CA HIS D 338 72.50 -0.83 -62.21
C HIS D 338 73.41 0.37 -62.02
N PHE D 339 73.70 1.11 -63.09
CA PHE D 339 74.26 2.44 -62.99
C PHE D 339 73.17 3.49 -62.85
N LYS D 340 73.35 4.46 -61.95
CA LYS D 340 72.42 5.57 -61.80
C LYS D 340 72.54 6.52 -62.98
N SER D 341 73.60 6.61 -63.75
CA SER D 341 73.71 7.36 -64.99
C SER D 341 74.51 6.62 -66.05
N SER D 342 74.13 6.73 -67.33
CA SER D 342 74.59 5.88 -68.39
C SER D 342 75.62 6.58 -69.27
N VAL D 343 75.99 7.80 -68.90
CA VAL D 343 77.01 8.62 -69.54
C VAL D 343 77.60 9.61 -68.55
N ILE D 344 78.89 9.87 -68.75
CA ILE D 344 79.66 10.99 -68.24
C ILE D 344 80.39 11.65 -69.38
N SER D 345 80.56 12.99 -69.30
CA SER D 345 81.23 13.77 -70.30
C SER D 345 82.25 14.67 -69.62
N ILE D 346 83.38 14.80 -70.33
CA ILE D 346 84.64 15.39 -69.92
C ILE D 346 85.11 16.45 -70.91
N TYR D 347 85.73 17.58 -70.57
CA TYR D 347 86.21 18.72 -71.34
C TYR D 347 87.67 19.02 -71.03
N VAL D 348 88.61 18.87 -71.97
CA VAL D 348 90.05 18.94 -71.76
C VAL D 348 90.73 19.56 -72.97
N SER D 349 92.05 19.65 -73.00
CA SER D 349 92.91 19.99 -74.11
C SER D 349 94.28 19.33 -74.02
N GLU D 350 95.12 19.48 -75.03
CA GLU D 350 96.46 18.91 -75.16
C GLU D 350 97.58 19.52 -74.34
N SER D 351 97.30 19.92 -73.10
CA SER D 351 98.23 20.54 -72.17
C SER D 351 98.24 19.84 -70.82
N MET D 352 99.44 19.46 -70.41
CA MET D 352 99.72 18.71 -69.18
C MET D 352 99.51 19.52 -67.92
N ASP D 353 99.30 20.84 -68.04
CA ASP D 353 98.80 21.76 -67.06
C ASP D 353 97.33 21.68 -66.67
N ARG D 354 96.53 21.03 -67.52
CA ARG D 354 95.12 20.81 -67.29
C ARG D 354 94.77 19.33 -67.28
N SER D 355 95.37 18.63 -68.25
CA SER D 355 95.30 17.19 -68.39
C SER D 355 96.37 16.56 -67.53
N SER D 356 96.54 16.94 -66.27
CA SER D 356 97.61 16.50 -65.40
C SER D 356 97.59 15.00 -65.14
N LYS D 357 98.79 14.47 -64.89
CA LYS D 357 99.22 13.10 -65.09
C LYS D 357 98.66 12.18 -64.01
N GLY D 358 97.89 11.18 -64.43
CA GLY D 358 97.23 10.18 -63.63
C GLY D 358 95.80 10.45 -63.20
N GLN D 359 95.24 11.62 -63.53
CA GLN D 359 94.20 12.17 -62.71
C GLN D 359 92.89 11.44 -62.98
N ILE D 360 92.07 11.17 -61.98
CA ILE D 360 90.69 10.80 -62.23
C ILE D 360 89.89 11.93 -62.87
N ILE D 361 89.03 11.53 -63.81
CA ILE D 361 88.15 12.41 -64.55
C ILE D 361 86.67 12.10 -64.42
N GLY D 362 86.37 11.04 -63.67
CA GLY D 362 84.99 10.68 -63.46
C GLY D 362 84.70 9.37 -62.74
N ASN D 363 83.43 9.10 -62.42
CA ASN D 363 83.04 8.00 -61.58
C ASN D 363 81.97 7.20 -62.32
N PHE D 364 82.12 5.88 -62.28
CA PHE D 364 81.19 4.97 -62.92
C PHE D 364 80.65 3.87 -62.02
N GLN D 365 80.66 4.04 -60.69
CA GLN D 365 80.18 3.03 -59.75
C GLN D 365 78.75 2.54 -59.81
N ALA D 366 78.43 1.39 -59.20
CA ALA D 366 77.21 0.65 -59.47
C ALA D 366 76.41 0.40 -58.20
N PHE D 367 75.13 0.06 -58.36
CA PHE D 367 74.13 0.05 -57.32
C PHE D 367 73.11 -1.07 -57.51
N ASP D 368 72.24 -1.16 -56.51
CA ASP D 368 71.02 -1.95 -56.57
C ASP D 368 69.76 -1.22 -56.13
N GLU D 369 68.62 -1.25 -56.83
CA GLU D 369 67.45 -0.46 -56.52
C GLU D 369 66.74 -1.02 -55.31
N ASP D 370 66.67 -2.35 -55.26
CA ASP D 370 66.12 -3.16 -54.19
C ASP D 370 66.78 -3.07 -52.83
N THR D 371 68.06 -2.78 -52.66
CA THR D 371 68.67 -2.34 -51.43
C THR D 371 68.70 -0.82 -51.30
N GLY D 372 68.77 -0.11 -52.44
CA GLY D 372 69.18 1.27 -52.42
C GLY D 372 70.67 1.47 -52.17
N LEU D 373 71.36 0.36 -51.95
CA LEU D 373 72.78 0.35 -51.62
C LEU D 373 73.72 0.04 -52.77
N PRO D 374 75.00 0.42 -52.72
CA PRO D 374 75.96 0.22 -53.77
C PRO D 374 76.21 -1.28 -54.00
N ALA D 375 76.56 -1.74 -55.20
CA ALA D 375 76.76 -3.16 -55.41
C ALA D 375 77.97 -3.40 -56.29
N HIS D 376 78.60 -4.56 -56.12
CA HIS D 376 79.88 -4.89 -56.72
C HIS D 376 79.65 -5.25 -58.19
N ALA D 377 80.66 -5.02 -59.04
CA ALA D 377 80.70 -5.47 -60.41
C ALA D 377 82.15 -5.41 -60.86
N ARG D 378 82.56 -6.14 -61.90
CA ARG D 378 83.85 -6.11 -62.55
C ARG D 378 83.66 -5.54 -63.95
N TYR D 379 84.53 -4.59 -64.32
CA TYR D 379 84.26 -3.75 -65.46
C TYR D 379 85.13 -4.13 -66.65
N VAL D 380 84.73 -3.70 -67.85
CA VAL D 380 85.42 -3.86 -69.11
C VAL D 380 85.36 -2.59 -69.94
N LYS D 381 86.46 -2.21 -70.60
CA LYS D 381 86.58 -1.05 -71.46
C LYS D 381 86.38 -1.40 -72.93
N LEU D 382 85.65 -0.58 -73.67
CA LEU D 382 85.33 -0.79 -75.08
C LEU D 382 85.62 0.43 -75.95
N GLU D 383 86.10 0.13 -77.16
CA GLU D 383 86.50 0.91 -78.30
C GLU D 383 87.35 2.14 -78.04
N ASP D 384 88.26 2.05 -77.06
CA ASP D 384 89.32 3.01 -76.79
C ASP D 384 90.36 2.93 -77.90
N ARG D 385 90.19 3.74 -78.96
CA ARG D 385 91.02 3.58 -80.13
C ARG D 385 92.51 3.83 -79.95
N ASP D 386 92.99 4.81 -79.18
CA ASP D 386 94.40 4.88 -78.85
C ASP D 386 94.75 4.52 -77.42
N ASN D 387 93.82 3.96 -76.64
CA ASN D 387 94.06 3.71 -75.24
C ASN D 387 94.39 4.94 -74.39
N TRP D 388 93.51 5.94 -74.25
CA TRP D 388 93.74 7.10 -73.44
C TRP D 388 93.26 6.95 -71.99
N ILE D 389 92.33 6.05 -71.67
CA ILE D 389 91.73 5.95 -70.36
C ILE D 389 91.61 4.53 -69.82
N SER D 390 91.62 4.38 -68.49
CA SER D 390 91.53 3.11 -67.79
C SER D 390 90.63 3.17 -66.56
N VAL D 391 90.07 2.02 -66.14
CA VAL D 391 89.23 2.03 -64.97
C VAL D 391 89.47 0.76 -64.16
N ASP D 392 89.69 0.81 -62.85
CA ASP D 392 90.05 -0.32 -62.04
C ASP D 392 88.86 -0.71 -61.16
N SER D 393 88.42 -1.97 -61.16
CA SER D 393 87.22 -2.54 -60.57
C SER D 393 87.25 -2.56 -59.06
N VAL D 394 88.23 -1.90 -58.46
CA VAL D 394 88.41 -1.65 -57.04
C VAL D 394 88.07 -0.21 -56.66
N THR D 395 88.00 0.74 -57.58
CA THR D 395 87.45 2.06 -57.39
C THR D 395 86.24 2.49 -58.20
N SER D 396 86.08 1.93 -59.40
CA SER D 396 85.16 2.32 -60.46
C SER D 396 85.21 3.72 -61.05
N GLU D 397 86.34 4.38 -60.79
CA GLU D 397 86.63 5.73 -61.26
C GLU D 397 87.46 5.73 -62.53
N ILE D 398 87.07 6.58 -63.49
CA ILE D 398 87.72 6.68 -64.78
C ILE D 398 89.02 7.45 -64.60
N LYS D 399 90.11 6.93 -65.16
CA LYS D 399 91.44 7.49 -65.01
C LYS D 399 92.02 8.11 -66.27
N LEU D 400 92.49 9.35 -66.31
CA LEU D 400 93.28 9.86 -67.43
C LEU D 400 94.62 9.16 -67.49
N ALA D 401 94.85 8.43 -68.58
CA ALA D 401 95.97 7.53 -68.69
C ALA D 401 97.00 7.87 -69.76
N LYS D 402 96.58 8.76 -70.67
CA LYS D 402 97.38 9.28 -71.75
C LYS D 402 97.05 10.77 -71.82
N LEU D 403 97.88 11.59 -72.49
CA LEU D 403 97.58 12.99 -72.70
C LEU D 403 96.66 13.13 -73.92
N PRO D 404 95.64 13.98 -73.91
CA PRO D 404 94.69 14.00 -75.00
C PRO D 404 95.31 14.43 -76.32
N ASP D 405 94.73 14.18 -77.49
CA ASP D 405 95.35 14.44 -78.78
C ASP D 405 94.25 14.86 -79.74
N PHE D 406 94.19 16.14 -80.13
CA PHE D 406 93.39 16.74 -81.18
C PHE D 406 93.94 16.40 -82.55
N GLU D 407 95.19 15.96 -82.60
CA GLU D 407 95.79 15.41 -83.80
C GLU D 407 95.66 13.91 -83.99
N SER D 408 94.55 13.31 -83.53
CA SER D 408 94.21 11.92 -83.81
C SER D 408 93.06 11.73 -84.77
N ARG D 409 92.90 10.54 -85.36
CA ARG D 409 91.81 10.27 -86.27
C ARG D 409 90.56 9.69 -85.61
N TYR D 410 90.42 9.95 -84.31
CA TYR D 410 89.42 9.38 -83.43
C TYR D 410 88.54 10.38 -82.67
N VAL D 411 88.91 11.66 -82.76
CA VAL D 411 88.34 12.76 -82.01
C VAL D 411 87.33 13.60 -82.76
N GLN D 412 86.54 12.95 -83.62
CA GLN D 412 85.57 13.36 -84.63
C GLN D 412 84.63 14.38 -83.99
N ASN D 413 84.51 15.59 -84.53
CA ASN D 413 83.70 16.69 -84.04
C ASN D 413 84.13 17.07 -82.63
N GLY D 414 85.41 17.13 -82.26
CA GLY D 414 86.01 17.46 -80.97
C GLY D 414 86.19 16.35 -79.95
N THR D 415 85.48 15.25 -80.15
CA THR D 415 85.18 14.24 -79.15
C THR D 415 85.76 12.84 -79.36
N TYR D 416 86.41 12.27 -78.35
CA TYR D 416 86.80 10.87 -78.21
C TYR D 416 85.81 10.17 -77.32
N THR D 417 85.41 8.96 -77.73
CA THR D 417 84.31 8.28 -77.06
C THR D 417 84.81 6.91 -76.63
N VAL D 418 84.59 6.56 -75.37
CA VAL D 418 84.97 5.28 -74.79
C VAL D 418 83.84 4.69 -73.99
N LYS D 419 83.57 3.45 -74.38
CA LYS D 419 82.46 2.65 -73.88
C LYS D 419 82.82 1.80 -72.66
N ILE D 420 81.81 1.37 -71.91
CA ILE D 420 81.97 0.82 -70.57
C ILE D 420 80.94 -0.30 -70.58
N VAL D 421 81.32 -1.44 -69.97
CA VAL D 421 80.38 -2.34 -69.33
C VAL D 421 80.87 -2.68 -67.92
N ALA D 422 79.93 -3.08 -67.06
CA ALA D 422 80.10 -3.79 -65.81
C ALA D 422 79.33 -5.10 -65.83
N ILE D 423 79.95 -6.14 -65.27
CA ILE D 423 79.57 -7.54 -65.34
C ILE D 423 79.44 -8.03 -63.90
N SER D 424 78.36 -8.74 -63.58
CA SER D 424 78.15 -9.44 -62.32
C SER D 424 78.42 -10.93 -62.45
N GLU D 425 78.59 -11.62 -61.32
CA GLU D 425 78.92 -13.02 -61.13
C GLU D 425 77.71 -13.72 -60.51
N ASP D 426 77.55 -14.99 -60.87
CA ASP D 426 76.55 -15.99 -60.52
C ASP D 426 75.15 -15.85 -61.08
N TYR D 427 74.50 -16.95 -61.44
CA TYR D 427 73.26 -16.84 -62.15
C TYR D 427 72.08 -16.43 -61.28
N PRO D 428 71.12 -15.59 -61.70
CA PRO D 428 71.21 -14.90 -62.97
C PRO D 428 72.25 -13.80 -62.97
N ARG D 429 72.98 -13.62 -64.08
CA ARG D 429 74.01 -12.63 -64.32
C ARG D 429 73.59 -11.46 -65.21
N LYS D 430 74.32 -10.35 -65.29
CA LYS D 430 73.89 -9.10 -65.88
C LYS D 430 75.03 -8.39 -66.58
N THR D 431 74.84 -7.61 -67.64
CA THR D 431 75.85 -6.71 -68.16
C THR D 431 75.23 -5.35 -68.49
N ILE D 432 75.79 -4.26 -67.94
CA ILE D 432 75.19 -2.96 -68.05
C ILE D 432 76.09 -1.98 -68.78
N THR D 433 75.53 -1.11 -69.62
CA THR D 433 76.35 -0.23 -70.44
C THR D 433 76.54 1.21 -69.94
N GLY D 434 77.65 1.85 -70.33
CA GLY D 434 77.79 3.28 -70.30
C GLY D 434 78.85 3.79 -71.25
N THR D 435 78.98 5.11 -71.25
CA THR D 435 79.62 6.02 -72.19
C THR D 435 80.44 7.02 -71.38
N VAL D 436 81.66 7.28 -71.85
CA VAL D 436 82.65 8.26 -71.43
C VAL D 436 83.01 9.15 -72.61
N LEU D 437 82.56 10.41 -72.62
CA LEU D 437 82.93 11.30 -73.71
C LEU D 437 84.02 12.21 -73.15
N ILE D 438 85.03 12.43 -73.99
CA ILE D 438 86.12 13.34 -73.69
C ILE D 438 86.25 14.31 -74.85
N ASN D 439 86.04 15.58 -74.55
CA ASN D 439 86.22 16.65 -75.52
C ASN D 439 87.52 17.46 -75.41
N VAL D 440 88.03 17.82 -76.58
CA VAL D 440 89.39 18.24 -76.85
C VAL D 440 89.52 19.61 -77.50
N GLU D 441 90.33 20.49 -76.92
CA GLU D 441 90.80 21.71 -77.55
C GLU D 441 92.25 21.60 -77.98
N ASP D 442 92.71 22.24 -79.05
CA ASP D 442 94.06 22.15 -79.58
C ASP D 442 94.97 23.08 -78.82
N ILE D 443 96.12 22.48 -78.49
CA ILE D 443 97.26 23.23 -77.99
C ILE D 443 98.39 23.07 -78.99
N ASN D 444 99.36 23.97 -78.92
CA ASN D 444 100.63 23.93 -79.61
C ASN D 444 101.63 22.84 -79.21
N ASP D 445 101.37 21.59 -79.59
CA ASP D 445 102.09 20.39 -79.18
C ASP D 445 102.89 19.69 -80.27
N ASN D 446 102.84 20.20 -81.50
CA ASN D 446 103.70 19.82 -82.60
C ASN D 446 104.52 21.07 -82.91
N CYS D 447 105.80 20.86 -83.24
CA CYS D 447 106.74 21.88 -83.69
C CYS D 447 107.21 21.58 -85.11
N PRO D 448 107.67 22.60 -85.87
CA PRO D 448 108.22 22.42 -87.19
C PRO D 448 109.37 21.41 -87.10
N THR D 449 109.40 20.40 -87.98
CA THR D 449 110.47 19.47 -88.19
C THR D 449 110.81 19.30 -89.66
N LEU D 450 112.08 18.98 -89.95
CA LEU D 450 112.53 18.89 -91.32
C LEU D 450 111.97 17.67 -92.02
N ILE D 451 111.84 17.73 -93.36
CA ILE D 451 111.19 16.69 -94.13
C ILE D 451 112.17 15.54 -94.30
N GLU D 452 113.32 15.77 -94.92
CA GLU D 452 114.34 14.84 -95.37
C GLU D 452 115.75 15.16 -94.88
N PRO D 453 116.42 14.26 -94.15
CA PRO D 453 117.63 14.63 -93.45
C PRO D 453 118.91 14.88 -94.26
N VAL D 454 118.78 14.83 -95.59
CA VAL D 454 119.88 14.93 -96.52
C VAL D 454 119.44 15.65 -97.79
N GLN D 455 120.34 16.41 -98.44
CA GLN D 455 120.16 16.86 -99.80
C GLN D 455 121.47 16.68 -100.56
N THR D 456 121.37 16.78 -101.89
CA THR D 456 122.57 16.84 -102.70
C THR D 456 122.50 17.91 -103.76
N ILE D 457 123.41 18.88 -103.72
CA ILE D 457 123.58 19.94 -104.69
C ILE D 457 124.84 19.86 -105.51
N CYS D 458 124.84 20.57 -106.63
CA CYS D 458 125.96 20.55 -107.54
C CYS D 458 127.01 21.63 -107.32
N HIS D 459 128.14 21.36 -107.98
CA HIS D 459 129.34 22.19 -108.03
C HIS D 459 129.05 23.60 -108.52
N ASP D 460 128.09 23.93 -109.40
CA ASP D 460 127.78 25.26 -109.83
C ASP D 460 126.64 25.89 -109.05
N ALA D 461 126.08 25.29 -107.99
CA ALA D 461 124.95 25.82 -107.25
C ALA D 461 125.26 27.10 -106.47
N GLU D 462 124.32 28.04 -106.40
CA GLU D 462 124.53 29.16 -105.51
C GLU D 462 123.75 29.08 -104.21
N TYR D 463 122.49 28.63 -104.20
CA TYR D 463 121.57 28.60 -103.09
C TYR D 463 120.91 27.23 -102.94
N VAL D 464 120.39 26.83 -101.77
CA VAL D 464 119.64 25.60 -101.61
C VAL D 464 118.33 25.79 -100.85
N ASN D 465 117.25 25.10 -101.25
CA ASN D 465 115.98 25.10 -100.55
C ASN D 465 115.89 24.11 -99.40
N VAL D 466 115.33 24.47 -98.24
CA VAL D 466 115.14 23.60 -97.10
C VAL D 466 113.86 23.89 -96.34
N THR D 467 113.07 22.87 -96.02
CA THR D 467 111.69 22.91 -95.55
C THR D 467 111.31 22.15 -94.28
N ALA D 468 110.26 22.64 -93.63
CA ALA D 468 109.63 21.96 -92.53
C ALA D 468 108.11 21.81 -92.63
N GLU D 469 107.53 20.97 -91.77
CA GLU D 469 106.11 20.92 -91.55
C GLU D 469 105.72 20.92 -90.08
N ASP D 470 104.59 21.49 -89.68
CA ASP D 470 104.09 21.54 -88.33
C ASP D 470 102.67 21.01 -88.40
N LEU D 471 102.39 19.93 -87.65
CA LEU D 471 101.14 19.19 -87.71
C LEU D 471 99.94 19.73 -86.95
N ASP D 472 100.03 20.92 -86.37
CA ASP D 472 98.87 21.70 -85.97
C ASP D 472 98.20 22.43 -87.11
N GLY D 473 96.86 22.55 -87.08
CA GLY D 473 96.19 23.61 -87.79
C GLY D 473 96.31 25.01 -87.18
N HIS D 474 95.42 25.90 -87.62
CA HIS D 474 95.42 27.31 -87.21
C HIS D 474 94.82 27.50 -85.82
N PRO D 475 95.52 28.16 -84.89
CA PRO D 475 96.72 28.96 -85.11
C PRO D 475 98.06 28.27 -84.88
N ASN D 476 98.08 27.11 -84.21
CA ASN D 476 99.35 26.58 -83.75
C ASN D 476 100.24 26.02 -84.86
N SER D 477 100.30 26.49 -86.10
CA SER D 477 101.41 26.35 -87.03
C SER D 477 101.64 27.61 -87.84
N GLY D 478 101.06 27.80 -89.03
CA GLY D 478 101.22 29.07 -89.71
C GLY D 478 102.62 29.25 -90.29
N PRO D 479 103.04 30.48 -90.62
CA PRO D 479 104.32 30.71 -91.24
C PRO D 479 105.42 30.60 -90.19
N PHE D 480 106.59 30.11 -90.59
CA PHE D 480 107.69 29.81 -89.70
C PHE D 480 108.75 30.88 -89.55
N SER D 481 109.73 30.81 -88.65
CA SER D 481 110.88 31.68 -88.52
C SER D 481 112.13 30.85 -88.36
N PHE D 482 113.16 31.09 -89.18
CA PHE D 482 114.34 30.25 -89.32
C PHE D 482 115.57 30.90 -88.73
N SER D 483 116.28 30.07 -87.95
CA SER D 483 117.61 30.43 -87.54
C SER D 483 118.56 29.23 -87.60
N VAL D 484 119.77 29.48 -88.14
CA VAL D 484 120.83 28.51 -88.22
C VAL D 484 121.60 28.61 -86.91
N ILE D 485 121.97 27.47 -86.33
CA ILE D 485 122.86 27.32 -85.19
C ILE D 485 124.30 27.40 -85.69
N ASP D 486 125.19 27.96 -84.87
CA ASP D 486 126.63 28.08 -85.07
C ASP D 486 127.54 26.88 -84.89
N LYS D 487 127.01 25.68 -85.13
CA LYS D 487 127.75 24.45 -84.91
C LYS D 487 127.60 23.42 -86.02
N PRO D 488 128.51 22.50 -86.28
CA PRO D 488 129.67 22.19 -85.48
C PRO D 488 130.77 23.19 -85.83
N PRO D 489 131.61 23.55 -84.85
CA PRO D 489 132.80 24.33 -85.14
C PRO D 489 133.75 23.63 -86.10
N GLY D 490 134.61 24.40 -86.77
CA GLY D 490 135.24 24.03 -88.03
C GLY D 490 134.39 23.94 -89.29
N MET D 491 133.07 24.03 -89.16
CA MET D 491 132.13 23.71 -90.22
C MET D 491 130.90 24.62 -90.26
N ALA D 492 130.56 25.45 -89.27
CA ALA D 492 129.39 26.29 -89.18
C ALA D 492 129.66 27.61 -89.90
N GLU D 493 128.71 28.53 -89.73
CA GLU D 493 128.88 29.87 -90.27
C GLU D 493 129.11 30.05 -91.77
N LYS D 494 128.94 28.96 -92.54
CA LYS D 494 129.23 28.90 -93.95
C LYS D 494 127.96 28.78 -94.77
N TRP D 495 126.84 28.59 -94.08
CA TRP D 495 125.49 28.40 -94.58
C TRP D 495 124.48 29.38 -94.00
N LYS D 496 124.40 30.65 -94.39
CA LYS D 496 123.46 31.63 -93.92
C LYS D 496 122.08 31.53 -94.57
N ILE D 497 121.01 31.93 -93.89
CA ILE D 497 119.76 32.28 -94.55
C ILE D 497 119.95 33.51 -95.43
N ALA D 498 119.55 33.41 -96.70
CA ALA D 498 119.47 34.37 -97.77
C ALA D 498 118.07 34.92 -97.96
N ARG D 499 117.01 34.14 -97.72
CA ARG D 499 115.60 34.41 -97.89
C ARG D 499 114.78 33.55 -96.94
N GLN D 500 113.54 33.89 -96.62
CA GLN D 500 112.65 33.18 -95.70
C GLN D 500 111.21 33.25 -96.15
N GLU D 501 110.49 32.13 -96.25
CA GLU D 501 109.09 31.99 -96.64
C GLU D 501 108.28 31.28 -95.57
N SER D 502 106.95 31.14 -95.72
CA SER D 502 106.08 30.37 -94.86
C SER D 502 106.37 28.91 -94.59
N THR D 503 106.90 28.15 -95.57
CA THR D 503 107.27 26.76 -95.38
C THR D 503 108.75 26.48 -95.60
N SER D 504 109.45 27.23 -96.45
CA SER D 504 110.84 27.00 -96.78
C SER D 504 111.69 28.17 -96.31
N VAL D 505 112.96 27.87 -96.10
CA VAL D 505 114.14 28.73 -96.04
C VAL D 505 115.16 28.41 -97.13
N LEU D 506 115.87 29.47 -97.52
CA LEU D 506 116.87 29.38 -98.56
C LEU D 506 118.23 29.74 -97.95
N LEU D 507 119.21 28.86 -98.17
CA LEU D 507 120.53 29.06 -97.63
C LEU D 507 121.54 29.30 -98.75
N GLN D 508 122.50 30.18 -98.45
CA GLN D 508 123.38 30.70 -99.48
C GLN D 508 124.84 30.28 -99.36
N GLN D 509 125.48 29.94 -100.49
CA GLN D 509 126.87 29.53 -100.53
C GLN D 509 127.75 30.62 -99.95
N SER D 510 128.90 30.15 -99.44
CA SER D 510 130.06 30.97 -99.18
C SER D 510 131.39 30.23 -99.19
N GLU D 511 131.36 28.94 -98.84
CA GLU D 511 132.49 28.05 -99.01
C GLU D 511 132.80 27.73 -100.47
N LYS D 512 131.84 27.36 -101.31
CA LYS D 512 131.94 27.08 -102.71
C LYS D 512 132.93 25.95 -103.05
N LYS D 513 132.83 24.83 -102.33
CA LYS D 513 133.68 23.67 -102.51
C LYS D 513 132.82 22.42 -102.55
N LEU D 514 133.27 21.31 -103.13
CA LEU D 514 132.75 19.96 -103.04
C LEU D 514 133.18 19.33 -101.73
N GLY D 515 132.27 18.65 -101.03
CA GLY D 515 132.36 18.42 -99.61
C GLY D 515 131.03 17.99 -98.98
N ARG D 516 131.09 17.29 -97.85
CA ARG D 516 129.93 17.17 -97.01
C ARG D 516 129.99 18.05 -95.77
N SER D 517 128.86 18.65 -95.39
CA SER D 517 128.72 19.40 -94.16
C SER D 517 127.43 19.20 -93.37
N GLU D 518 127.44 19.36 -92.05
CA GLU D 518 126.26 19.31 -91.19
C GLU D 518 125.87 20.75 -90.88
N ILE D 519 124.57 21.01 -91.01
CA ILE D 519 123.90 22.26 -90.72
C ILE D 519 122.82 22.00 -89.67
N GLN D 520 122.61 22.89 -88.69
CA GLN D 520 121.70 22.70 -87.59
C GLN D 520 120.73 23.87 -87.51
N PHE D 521 119.54 23.66 -86.97
CA PHE D 521 118.51 24.68 -87.02
C PHE D 521 117.63 24.83 -85.78
N LEU D 522 117.10 26.04 -85.58
CA LEU D 522 115.90 26.24 -84.80
C LEU D 522 114.82 26.98 -85.57
N ILE D 523 113.70 26.26 -85.77
CA ILE D 523 112.56 26.63 -86.60
C ILE D 523 111.33 26.66 -85.72
N SER D 524 110.79 27.88 -85.63
CA SER D 524 109.75 28.24 -84.70
C SER D 524 108.52 28.50 -85.57
N ASP D 525 107.35 28.02 -85.13
CA ASP D 525 106.02 28.21 -85.65
C ASP D 525 105.48 29.61 -85.36
N ASN D 526 104.47 30.07 -86.10
CA ASN D 526 103.98 31.42 -86.09
C ASN D 526 103.63 31.91 -84.69
N GLN D 527 103.19 31.01 -83.80
CA GLN D 527 102.79 31.31 -82.44
C GLN D 527 103.92 31.16 -81.41
N GLY D 528 104.83 30.26 -81.75
CA GLY D 528 106.23 30.35 -81.36
C GLY D 528 106.87 29.04 -80.93
N PHE D 529 106.24 27.87 -81.05
CA PHE D 529 106.78 26.61 -80.58
C PHE D 529 107.75 25.93 -81.53
N SER D 530 108.79 25.25 -81.04
CA SER D 530 110.00 24.72 -81.63
C SER D 530 110.54 23.61 -80.75
N CYS D 531 111.22 22.66 -81.40
CA CYS D 531 111.36 21.33 -80.86
C CYS D 531 112.44 21.14 -79.80
N PRO D 532 112.24 20.25 -78.82
CA PRO D 532 113.27 19.87 -77.88
C PRO D 532 114.39 19.05 -78.50
N GLU D 533 114.12 18.20 -79.47
CA GLU D 533 115.03 17.51 -80.37
C GLU D 533 115.60 18.44 -81.43
N LYS D 534 116.91 18.42 -81.64
CA LYS D 534 117.57 19.34 -82.57
C LYS D 534 117.18 18.98 -84.00
N GLN D 535 117.05 19.98 -84.88
CA GLN D 535 116.72 19.73 -86.28
C GLN D 535 118.00 19.95 -87.07
N VAL D 536 118.33 19.03 -87.97
CA VAL D 536 119.65 18.83 -88.55
C VAL D 536 119.53 18.50 -90.03
N LEU D 537 120.35 19.03 -90.95
CA LEU D 537 120.51 18.53 -92.30
C LEU D 537 121.96 18.14 -92.48
N THR D 538 122.22 17.09 -93.29
CA THR D 538 123.56 16.84 -93.77
C THR D 538 123.61 17.01 -95.28
N LEU D 539 124.34 18.03 -95.71
CA LEU D 539 124.41 18.47 -97.09
C LEU D 539 125.70 17.98 -97.75
N THR D 540 125.53 17.41 -98.94
CA THR D 540 126.50 17.05 -99.97
C THR D 540 126.46 18.10 -101.06
N VAL D 541 127.68 18.58 -101.35
CA VAL D 541 128.04 19.30 -102.55
C VAL D 541 128.90 18.35 -103.36
N CYS D 542 128.51 18.14 -104.62
CA CYS D 542 129.26 17.35 -105.56
C CYS D 542 129.34 17.87 -106.99
N GLU D 543 130.29 17.34 -107.77
CA GLU D 543 130.44 17.52 -109.19
C GLU D 543 129.56 16.60 -110.02
N CYS D 544 128.54 17.20 -110.67
CA CYS D 544 127.42 16.42 -111.17
C CYS D 544 127.62 15.90 -112.57
N LEU D 545 127.36 14.60 -112.79
CA LEU D 545 127.55 13.95 -114.06
C LEU D 545 126.29 13.95 -114.91
N HIS D 546 126.32 14.11 -116.23
CA HIS D 546 125.21 13.67 -117.04
C HIS D 546 125.00 12.16 -116.89
N GLY D 547 123.79 11.65 -116.70
CA GLY D 547 123.34 10.27 -116.81
C GLY D 547 123.74 9.48 -115.58
N SER D 548 124.42 10.07 -114.58
CA SER D 548 125.03 9.44 -113.42
C SER D 548 124.85 10.09 -112.06
N GLY D 549 124.05 11.15 -111.90
CA GLY D 549 123.99 11.88 -110.66
C GLY D 549 125.30 12.52 -110.21
N CYS D 550 125.90 12.07 -109.09
CA CYS D 550 127.30 12.29 -108.77
C CYS D 550 127.81 11.12 -107.97
N ARG D 551 129.14 10.92 -107.88
CA ARG D 551 129.67 9.75 -107.23
C ARG D 551 129.81 10.01 -105.74
N GLU D 552 129.71 8.99 -104.87
CA GLU D 552 130.04 8.99 -103.46
C GLU D 552 131.53 9.20 -103.29
N ALA D 553 131.86 10.13 -102.39
CA ALA D 553 133.14 10.79 -102.29
C ALA D 553 133.49 11.23 -100.87
N HIS D 554 132.55 10.95 -99.96
CA HIS D 554 132.54 11.43 -98.59
C HIS D 554 131.91 10.44 -97.61
N ALA E 1 13.28 5.96 4.11
CA ALA E 1 12.21 5.25 3.38
C ALA E 1 12.39 5.29 1.86
N TRP E 2 11.39 4.85 1.10
CA TRP E 2 11.40 4.72 -0.34
C TRP E 2 10.26 5.52 -0.95
N ILE E 3 10.60 5.98 -2.15
CA ILE E 3 9.74 6.74 -3.05
C ILE E 3 8.77 5.74 -3.68
N THR E 4 7.73 5.23 -3.01
CA THR E 4 6.77 4.28 -3.51
C THR E 4 5.66 5.09 -4.15
N ALA E 5 4.99 4.47 -5.11
CA ALA E 5 4.06 5.18 -5.97
C ALA E 5 2.83 5.65 -5.24
N PRO E 6 2.28 6.81 -5.64
CA PRO E 6 1.01 7.31 -5.16
C PRO E 6 -0.26 6.73 -5.75
N VAL E 7 -1.38 6.82 -5.03
CA VAL E 7 -2.75 6.78 -5.51
C VAL E 7 -3.17 8.21 -5.86
N ALA E 8 -3.85 8.40 -6.98
CA ALA E 8 -4.15 9.72 -7.48
C ALA E 8 -5.62 10.10 -7.27
N LEU E 9 -5.93 11.40 -7.22
CA LEU E 9 -7.23 12.00 -7.07
C LEU E 9 -7.20 13.34 -7.81
N ARG E 10 -8.11 13.65 -8.74
CA ARG E 10 -8.10 14.85 -9.53
C ARG E 10 -8.96 15.98 -8.99
N GLU E 11 -8.66 17.25 -9.29
CA GLU E 11 -9.30 18.36 -8.63
C GLU E 11 -10.78 18.52 -8.95
N GLY E 12 -11.46 19.01 -7.92
CA GLY E 12 -12.82 19.53 -7.95
C GLY E 12 -13.97 18.60 -8.28
N GLU E 13 -13.72 17.35 -8.67
CA GLU E 13 -14.74 16.37 -8.95
C GLU E 13 -15.10 15.54 -7.72
N ASP E 14 -16.23 14.81 -7.75
CA ASP E 14 -16.64 14.03 -6.61
C ASP E 14 -15.89 12.70 -6.58
N LEU E 15 -15.00 12.56 -5.61
CA LEU E 15 -13.99 11.52 -5.60
C LEU E 15 -14.55 10.25 -4.96
N SER E 16 -15.75 10.26 -4.40
CA SER E 16 -16.39 9.07 -3.86
C SER E 16 -16.71 7.98 -4.87
N LYS E 17 -16.57 8.13 -6.18
CA LYS E 17 -16.67 7.04 -7.14
C LYS E 17 -15.53 6.06 -7.04
N LYS E 18 -14.31 6.42 -6.64
CA LYS E 18 -13.19 5.51 -6.48
C LYS E 18 -13.17 4.75 -5.16
N ASN E 19 -13.91 5.22 -4.15
CA ASN E 19 -13.86 4.58 -2.84
C ASN E 19 -14.30 3.13 -2.83
N PRO E 20 -13.58 2.21 -2.19
CA PRO E 20 -12.30 2.45 -1.53
C PRO E 20 -11.09 2.61 -2.44
N ILE E 21 -10.34 3.71 -2.42
CA ILE E 21 -9.24 4.02 -3.32
C ILE E 21 -8.00 3.18 -3.06
N ALA E 22 -7.83 2.51 -1.91
CA ALA E 22 -6.81 1.55 -1.55
C ALA E 22 -7.42 0.60 -0.51
N LYS E 23 -6.68 -0.45 -0.19
CA LYS E 23 -6.94 -1.40 0.88
C LYS E 23 -5.60 -1.97 1.33
N ILE E 24 -5.56 -2.32 2.62
CA ILE E 24 -4.63 -3.29 3.18
C ILE E 24 -5.27 -4.67 3.20
N HIS E 25 -4.48 -5.74 3.12
CA HIS E 25 -4.96 -7.08 3.39
C HIS E 25 -3.88 -7.95 4.01
N SER E 26 -4.28 -8.87 4.90
CA SER E 26 -3.49 -9.96 5.45
C SER E 26 -4.40 -11.03 6.03
N ASP E 27 -3.83 -12.20 6.34
CA ASP E 27 -4.46 -13.33 7.00
C ASP E 27 -3.51 -14.12 7.89
N LEU E 28 -4.09 -14.71 8.94
CA LEU E 28 -3.39 -15.32 10.07
C LEU E 28 -3.80 -16.73 10.42
N ALA E 29 -4.74 -17.31 9.66
CA ALA E 29 -5.49 -18.45 10.15
C ALA E 29 -4.72 -19.76 10.00
N GLU E 30 -3.82 -19.93 9.02
CA GLU E 30 -3.23 -21.19 8.62
C GLU E 30 -1.81 -21.42 9.13
N GLU E 31 -1.12 -20.33 9.51
CA GLU E 31 0.16 -20.16 10.16
C GLU E 31 0.05 -19.91 11.66
N ARG E 32 -1.09 -19.36 12.08
CA ARG E 32 -1.21 -18.93 13.46
C ARG E 32 -2.51 -19.33 14.14
N GLY E 33 -3.54 -19.68 13.38
CA GLY E 33 -4.92 -19.88 13.80
C GLY E 33 -5.53 -18.70 14.54
N LEU E 34 -5.60 -17.54 13.89
CA LEU E 34 -6.21 -16.29 14.28
C LEU E 34 -6.89 -15.58 13.12
N LYS E 35 -7.87 -14.72 13.43
CA LYS E 35 -8.34 -13.67 12.56
C LYS E 35 -7.81 -12.26 12.77
N ILE E 36 -8.29 -11.26 12.02
CA ILE E 36 -7.52 -10.04 11.86
C ILE E 36 -8.34 -8.79 12.13
N THR E 37 -7.63 -7.72 12.48
CA THR E 37 -8.11 -6.35 12.47
C THR E 37 -7.09 -5.38 11.89
N TYR E 38 -7.55 -4.32 11.22
CA TYR E 38 -6.75 -3.37 10.48
C TYR E 38 -6.81 -1.92 10.98
N LYS E 39 -5.79 -1.09 10.79
CA LYS E 39 -5.68 0.30 11.15
C LYS E 39 -4.96 1.17 10.13
N TYR E 40 -5.29 2.46 9.97
CA TYR E 40 -4.46 3.49 9.37
C TYR E 40 -4.08 4.64 10.30
N THR E 41 -2.97 5.33 10.05
CA THR E 41 -2.79 6.68 10.54
C THR E 41 -2.13 7.55 9.47
N GLY E 42 -2.06 8.86 9.72
CA GLY E 42 -1.25 9.81 8.97
C GLY E 42 -1.97 11.09 8.59
N LYS E 43 -1.41 11.87 7.65
CA LYS E 43 -2.06 13.08 7.18
C LYS E 43 -3.35 12.77 6.43
N GLY E 44 -4.47 13.30 6.92
CA GLY E 44 -5.80 13.05 6.39
C GLY E 44 -6.60 12.22 7.39
N ILE E 45 -5.93 11.45 8.26
CA ILE E 45 -6.60 10.55 9.16
C ILE E 45 -6.21 10.66 10.63
N THR E 46 -5.02 11.13 10.99
CA THR E 46 -4.62 11.44 12.34
C THR E 46 -3.63 12.60 12.32
N GLU E 47 -3.38 13.29 11.21
CA GLU E 47 -2.73 14.59 11.15
C GLU E 47 -3.38 15.49 10.13
N PRO E 48 -3.38 16.81 10.30
CA PRO E 48 -4.16 17.70 9.46
C PRO E 48 -3.82 17.82 7.98
N PRO E 49 -4.82 18.08 7.13
CA PRO E 49 -6.24 18.18 7.41
C PRO E 49 -6.88 16.89 7.91
N PHE E 50 -7.94 16.99 8.71
CA PHE E 50 -8.59 15.95 9.48
C PHE E 50 -9.83 15.44 8.75
N GLY E 51 -10.27 14.22 9.04
CA GLY E 51 -11.41 13.59 8.40
C GLY E 51 -11.40 13.34 6.90
N ILE E 52 -10.29 13.43 6.18
CA ILE E 52 -10.18 13.25 4.74
C ILE E 52 -10.36 11.80 4.34
N PHE E 53 -9.73 10.85 5.04
CA PHE E 53 -9.81 9.41 4.83
C PHE E 53 -10.36 8.61 6.01
N VAL E 54 -11.10 7.54 5.71
CA VAL E 54 -11.85 6.69 6.60
C VAL E 54 -11.78 5.22 6.20
N PHE E 55 -11.72 4.31 7.18
CA PHE E 55 -11.64 2.89 6.93
C PHE E 55 -12.30 2.09 8.04
N ASN E 56 -12.86 0.98 7.59
CA ASN E 56 -13.52 0.06 8.50
C ASN E 56 -12.52 -0.83 9.22
N LYS E 57 -12.74 -1.05 10.52
CA LYS E 57 -11.74 -1.73 11.32
C LYS E 57 -11.61 -3.21 11.01
N ASP E 58 -12.66 -3.80 10.41
CA ASP E 58 -12.77 -5.19 10.00
C ASP E 58 -12.09 -5.42 8.66
N THR E 59 -11.94 -4.47 7.74
CA THR E 59 -11.75 -4.77 6.33
C THR E 59 -10.44 -4.19 5.79
N GLY E 60 -9.92 -3.04 6.21
CA GLY E 60 -8.72 -2.48 5.62
C GLY E 60 -8.89 -1.62 4.37
N GLU E 61 -10.11 -1.33 3.92
CA GLU E 61 -10.45 -0.59 2.72
C GLU E 61 -10.49 0.90 3.04
N LEU E 62 -9.83 1.71 2.22
CA LEU E 62 -9.75 3.12 2.56
C LEU E 62 -10.53 4.00 1.60
N ASN E 63 -11.39 4.88 2.11
CA ASN E 63 -12.17 5.85 1.38
C ASN E 63 -11.72 7.29 1.56
N VAL E 64 -12.02 8.22 0.66
CA VAL E 64 -11.90 9.67 0.63
C VAL E 64 -13.24 10.38 0.56
N THR E 65 -13.27 11.34 1.50
CA THR E 65 -14.49 12.00 1.87
C THR E 65 -14.70 13.38 1.23
N SER E 66 -13.61 13.98 0.77
CA SER E 66 -13.62 15.36 0.37
C SER E 66 -13.33 15.61 -1.11
N ILE E 67 -13.86 16.70 -1.64
CA ILE E 67 -13.40 17.25 -2.90
C ILE E 67 -12.16 18.12 -2.69
N LEU E 68 -11.17 17.88 -3.56
CA LEU E 68 -9.77 18.22 -3.35
C LEU E 68 -9.23 19.25 -4.34
N ASP E 69 -8.06 19.84 -4.06
CA ASP E 69 -7.30 20.74 -4.92
C ASP E 69 -5.81 20.66 -4.59
N ARG E 70 -4.92 20.34 -5.54
CA ARG E 70 -3.49 20.39 -5.32
C ARG E 70 -2.99 21.80 -5.01
N GLU E 71 -3.78 22.83 -5.35
CA GLU E 71 -3.48 24.19 -4.98
C GLU E 71 -3.70 24.45 -3.51
N GLU E 72 -4.30 23.51 -2.79
CA GLU E 72 -4.59 23.54 -1.38
C GLU E 72 -3.94 22.39 -0.62
N THR E 73 -3.80 21.17 -1.13
CA THR E 73 -3.48 19.93 -0.45
C THR E 73 -2.68 19.04 -1.40
N PRO E 74 -1.38 19.27 -1.56
CA PRO E 74 -0.53 18.73 -2.61
C PRO E 74 -0.25 17.24 -2.51
N PHE E 75 -0.15 16.68 -1.30
CA PHE E 75 0.27 15.32 -1.03
C PHE E 75 -0.08 14.86 0.37
N PHE E 76 -0.34 13.55 0.51
CA PHE E 76 -0.71 12.88 1.73
C PHE E 76 0.10 11.62 2.01
N LEU E 77 0.44 11.41 3.28
CA LEU E 77 1.28 10.35 3.80
C LEU E 77 0.55 9.59 4.89
N LEU E 78 0.19 8.35 4.55
CA LEU E 78 -0.33 7.41 5.52
C LEU E 78 0.57 6.19 5.61
N THR E 79 0.32 5.43 6.68
CA THR E 79 0.83 4.12 7.04
C THR E 79 -0.37 3.25 7.37
N GLY E 80 -0.62 2.08 6.78
CA GLY E 80 -1.45 1.02 7.29
C GLY E 80 -0.74 0.21 8.36
N TYR E 81 -1.59 -0.53 9.08
CA TYR E 81 -1.23 -1.56 10.02
C TYR E 81 -2.29 -2.63 10.15
N ALA E 82 -1.90 -3.78 10.70
CA ALA E 82 -2.75 -4.89 11.06
C ALA E 82 -2.34 -5.57 12.37
N LEU E 83 -3.29 -6.01 13.19
CA LEU E 83 -3.11 -6.71 14.45
C LEU E 83 -4.03 -7.93 14.47
N ASP E 84 -3.72 -8.92 15.32
CA ASP E 84 -4.55 -10.07 15.64
C ASP E 84 -5.74 -9.71 16.53
N ALA E 85 -6.64 -10.68 16.56
CA ALA E 85 -7.82 -10.70 17.41
C ALA E 85 -7.65 -10.62 18.91
N ARG E 86 -6.50 -10.20 19.45
CA ARG E 86 -6.41 -9.76 20.83
C ARG E 86 -5.63 -8.45 20.93
N GLY E 87 -4.79 -8.08 19.96
CA GLY E 87 -4.20 -6.78 19.76
C GLY E 87 -2.73 -6.86 19.37
N ASN E 88 -2.20 -8.00 18.93
CA ASN E 88 -0.79 -8.37 18.87
C ASN E 88 -0.17 -7.92 17.55
N ASN E 89 1.13 -7.62 17.48
CA ASN E 89 2.01 -7.41 16.34
C ASN E 89 2.18 -8.75 15.63
N VAL E 90 2.05 -8.72 14.31
CA VAL E 90 1.96 -9.90 13.46
C VAL E 90 2.55 -9.76 12.07
N GLU E 91 2.50 -8.54 11.52
CA GLU E 91 2.77 -8.19 10.14
C GLU E 91 3.51 -6.86 10.07
N LYS E 92 4.47 -6.70 9.16
CA LYS E 92 5.17 -5.43 9.03
C LYS E 92 4.24 -4.34 8.52
N PRO E 93 4.21 -3.08 9.00
CA PRO E 93 3.67 -1.93 8.32
C PRO E 93 4.39 -1.40 7.10
N LEU E 94 3.66 -0.64 6.27
CA LEU E 94 4.10 0.10 5.11
C LEU E 94 3.40 1.45 5.06
N GLU E 95 4.03 2.36 4.34
CA GLU E 95 3.42 3.61 3.90
C GLU E 95 2.51 3.41 2.69
N LEU E 96 1.74 4.47 2.44
CA LEU E 96 0.81 4.69 1.35
C LEU E 96 0.87 6.19 1.10
N ARG E 97 0.99 6.62 -0.16
CA ARG E 97 0.97 8.01 -0.53
C ARG E 97 -0.11 8.40 -1.53
N ILE E 98 -0.79 9.55 -1.44
CA ILE E 98 -1.89 10.04 -2.26
C ILE E 98 -1.43 11.39 -2.81
N LYS E 99 -1.74 11.63 -4.10
CA LYS E 99 -1.58 12.95 -4.69
C LYS E 99 -2.91 13.50 -5.17
N VAL E 100 -2.89 14.82 -5.32
CA VAL E 100 -3.89 15.54 -6.09
C VAL E 100 -3.38 15.77 -7.50
N LEU E 101 -4.20 15.49 -8.51
CA LEU E 101 -3.83 15.61 -9.90
C LEU E 101 -4.36 16.95 -10.38
N ASP E 102 -3.62 17.67 -11.23
CA ASP E 102 -3.85 19.08 -11.39
C ASP E 102 -4.19 19.42 -12.84
N ILE E 103 -5.27 20.21 -12.95
CA ILE E 103 -5.75 20.77 -14.18
C ILE E 103 -5.80 22.29 -14.13
N ASN E 104 -5.86 23.05 -15.23
CA ASN E 104 -5.71 24.49 -15.20
C ASN E 104 -7.05 25.14 -14.97
N ASP E 105 -7.25 25.50 -13.69
CA ASP E 105 -8.38 26.16 -13.11
C ASP E 105 -8.16 27.51 -12.44
N ASN E 106 -6.97 28.08 -12.63
CA ASN E 106 -6.44 29.24 -11.95
C ASN E 106 -5.33 30.03 -12.66
N GLU E 107 -5.16 31.31 -12.36
CA GLU E 107 -4.28 32.17 -13.12
C GLU E 107 -3.09 32.63 -12.31
N PRO E 108 -1.87 32.86 -12.83
CA PRO E 108 -0.69 33.16 -12.05
C PRO E 108 -0.72 34.52 -11.36
N VAL E 109 -0.10 34.41 -10.19
CA VAL E 109 -0.20 35.49 -9.26
C VAL E 109 1.12 35.93 -8.67
N PHE E 110 1.36 37.21 -8.31
CA PHE E 110 2.67 37.62 -7.86
C PHE E 110 3.08 37.17 -6.46
N THR E 111 4.37 37.22 -6.16
CA THR E 111 5.02 36.83 -4.93
C THR E 111 5.22 37.95 -3.92
N GLN E 112 5.19 39.24 -4.28
CA GLN E 112 5.26 40.44 -3.47
C GLN E 112 4.26 41.48 -3.97
N ASP E 113 3.73 42.39 -3.15
CA ASP E 113 3.07 43.62 -3.51
C ASP E 113 4.00 44.61 -4.21
N VAL E 114 5.22 44.74 -3.71
CA VAL E 114 6.33 45.55 -4.16
C VAL E 114 7.60 44.72 -4.27
N PHE E 115 8.20 44.69 -5.46
CA PHE E 115 9.48 44.07 -5.74
C PHE E 115 10.65 45.04 -5.71
N VAL E 116 11.59 44.80 -4.79
CA VAL E 116 12.67 45.71 -4.47
C VAL E 116 14.03 45.12 -4.86
N GLY E 117 14.89 45.98 -5.41
CA GLY E 117 16.19 45.75 -6.01
C GLY E 117 16.89 47.06 -6.37
N SER E 118 18.05 46.98 -7.04
CA SER E 118 18.83 48.14 -7.43
C SER E 118 19.66 47.92 -8.68
N VAL E 119 20.09 49.08 -9.17
CA VAL E 119 21.03 49.22 -10.25
C VAL E 119 22.03 50.33 -10.00
N GLU E 120 23.20 50.28 -10.65
CA GLU E 120 24.29 51.23 -10.63
C GLU E 120 24.08 52.37 -11.62
N GLU E 121 24.28 53.67 -11.33
CA GLU E 121 24.05 54.75 -12.29
C GLU E 121 24.95 54.63 -13.55
N LEU E 122 24.72 55.14 -14.73
CA LEU E 122 25.64 55.23 -15.89
C LEU E 122 26.36 53.91 -16.01
N SER E 123 25.52 52.92 -16.34
CA SER E 123 25.88 51.53 -16.57
C SER E 123 25.94 51.20 -18.06
N ALA E 124 26.42 49.98 -18.33
CA ALA E 124 26.27 49.41 -19.68
C ALA E 124 24.83 49.19 -20.12
N ALA E 125 24.61 49.04 -21.43
CA ALA E 125 23.38 48.49 -21.96
C ALA E 125 23.22 46.99 -21.68
N HIS E 126 22.00 46.48 -21.71
CA HIS E 126 21.69 45.07 -21.60
C HIS E 126 22.25 44.27 -20.43
N THR E 127 22.16 44.75 -19.19
CA THR E 127 22.53 44.10 -17.94
C THR E 127 21.42 43.99 -16.91
N LEU E 128 21.49 42.87 -16.20
CA LEU E 128 20.57 42.42 -15.17
C LEU E 128 20.32 43.42 -14.06
N VAL E 129 19.12 43.95 -13.83
CA VAL E 129 18.77 44.83 -12.73
C VAL E 129 18.21 44.01 -11.58
N MET E 130 17.02 43.42 -11.73
CA MET E 130 16.34 42.51 -10.83
C MET E 130 15.34 41.62 -11.58
N LYS E 131 14.85 40.58 -10.90
CA LYS E 131 13.74 39.75 -11.35
C LYS E 131 12.48 39.93 -10.54
N ILE E 132 11.31 39.73 -11.14
CA ILE E 132 9.97 39.51 -10.59
C ILE E 132 9.47 38.08 -10.78
N ASN E 133 8.61 37.66 -9.85
CA ASN E 133 8.29 36.28 -9.56
C ASN E 133 6.80 36.04 -9.33
N ALA E 134 6.25 34.97 -9.93
CA ALA E 134 4.85 34.63 -9.76
C ALA E 134 4.71 33.12 -9.64
N THR E 135 3.66 32.73 -8.90
CA THR E 135 3.36 31.35 -8.63
C THR E 135 2.01 31.06 -9.27
N ASP E 136 1.86 30.02 -10.08
CA ASP E 136 0.61 29.59 -10.66
C ASP E 136 0.25 28.26 -10.02
N ALA E 137 -0.99 27.83 -9.78
CA ALA E 137 -1.52 26.60 -9.22
C ALA E 137 -1.53 25.28 -9.98
N ASP E 138 -1.30 25.21 -11.29
CA ASP E 138 -1.15 23.99 -12.06
C ASP E 138 0.19 23.27 -11.95
N GLU E 139 0.33 22.12 -12.64
CA GLU E 139 1.51 21.31 -12.62
C GLU E 139 2.74 22.13 -13.02
N PRO E 140 3.76 22.20 -12.17
CA PRO E 140 4.99 22.93 -12.43
C PRO E 140 5.70 22.58 -13.73
N ASN E 141 6.37 23.54 -14.35
CA ASN E 141 7.01 23.37 -15.65
C ASN E 141 6.07 22.79 -16.68
N THR E 142 4.87 23.32 -16.81
CA THR E 142 4.00 22.99 -17.95
C THR E 142 3.44 24.25 -18.57
N LEU E 143 2.94 24.19 -19.81
CA LEU E 143 2.27 25.28 -20.49
C LEU E 143 1.14 25.85 -19.65
N ASN E 144 0.62 25.10 -18.68
CA ASN E 144 -0.42 25.56 -17.77
C ASN E 144 0.02 26.51 -16.67
N SER E 145 1.31 26.50 -16.31
CA SER E 145 1.87 27.05 -15.09
C SER E 145 3.09 27.94 -15.39
N LYS E 146 3.66 27.80 -16.58
CA LYS E 146 4.69 28.66 -17.14
C LYS E 146 4.11 30.01 -17.55
N ILE E 147 4.96 31.04 -17.37
CA ILE E 147 4.50 32.40 -17.19
C ILE E 147 5.23 33.35 -18.12
N SER E 148 4.59 34.41 -18.60
CA SER E 148 5.22 35.60 -19.14
C SER E 148 4.80 36.82 -18.32
N TYR E 149 5.82 37.61 -17.97
CA TYR E 149 5.62 38.84 -17.23
C TYR E 149 5.66 39.98 -18.25
N ARG E 150 5.14 41.13 -17.79
CA ARG E 150 5.04 42.30 -18.63
C ARG E 150 5.00 43.59 -17.80
N ILE E 151 5.50 44.65 -18.44
CA ILE E 151 5.30 45.98 -17.93
C ILE E 151 3.95 46.57 -18.33
N VAL E 152 3.13 46.90 -17.32
CA VAL E 152 1.93 47.70 -17.53
C VAL E 152 2.15 49.17 -17.84
N SER E 153 3.04 49.84 -17.11
CA SER E 153 3.37 51.23 -17.33
C SER E 153 4.79 51.59 -16.90
N LEU E 154 5.35 52.58 -17.61
CA LEU E 154 6.70 53.08 -17.52
C LEU E 154 6.70 54.33 -18.38
N GLU E 155 6.92 55.44 -17.68
CA GLU E 155 7.00 56.76 -18.27
C GLU E 155 8.34 57.44 -17.98
N PRO E 156 8.78 58.36 -18.84
CA PRO E 156 8.25 58.62 -20.16
C PRO E 156 8.47 57.47 -21.13
N ALA E 157 7.71 57.59 -22.22
CA ALA E 157 7.54 56.61 -23.28
C ALA E 157 8.65 56.48 -24.32
N TYR E 158 9.54 57.46 -24.29
CA TYR E 158 10.83 57.43 -24.94
C TYR E 158 11.77 58.27 -24.09
N PRO E 159 13.06 57.96 -24.01
CA PRO E 159 13.60 56.64 -24.27
C PRO E 159 13.27 55.67 -23.15
N PRO E 160 13.37 54.36 -23.40
CA PRO E 160 13.06 53.41 -22.37
C PRO E 160 14.22 53.26 -21.39
N VAL E 161 14.04 53.54 -20.10
CA VAL E 161 15.08 53.38 -19.10
C VAL E 161 15.43 51.97 -18.67
N PHE E 162 14.47 51.06 -18.86
CA PHE E 162 14.63 49.63 -18.70
C PHE E 162 13.78 48.93 -19.77
N TYR E 163 13.92 47.61 -19.86
CA TYR E 163 13.08 46.65 -20.55
C TYR E 163 12.99 45.39 -19.71
N LEU E 164 11.87 44.67 -19.85
CA LEU E 164 11.64 43.37 -19.24
C LEU E 164 11.64 42.22 -20.26
N ASN E 165 12.49 41.24 -19.94
CA ASN E 165 12.56 40.02 -20.72
C ASN E 165 11.42 39.13 -20.26
N LYS E 166 10.38 39.01 -21.09
CA LYS E 166 9.04 38.70 -20.69
C LYS E 166 8.99 37.24 -20.27
N ASP E 167 9.63 36.30 -20.97
CA ASP E 167 9.49 34.88 -20.67
C ASP E 167 10.31 34.55 -19.45
N THR E 168 11.11 35.44 -18.82
CA THR E 168 11.78 35.16 -17.56
C THR E 168 11.54 36.13 -16.42
N GLY E 169 10.84 37.25 -16.60
CA GLY E 169 10.65 38.26 -15.58
C GLY E 169 11.90 39.05 -15.23
N GLU E 170 12.97 39.08 -16.02
CA GLU E 170 14.20 39.75 -15.67
C GLU E 170 14.28 41.10 -16.38
N ILE E 171 14.64 42.13 -15.60
CA ILE E 171 14.67 43.48 -16.12
C ILE E 171 16.12 43.68 -16.52
N TYR E 172 16.30 44.42 -17.61
CA TYR E 172 17.61 44.82 -18.09
C TYR E 172 17.70 46.34 -18.23
N THR E 173 18.94 46.83 -18.28
CA THR E 173 19.24 48.17 -18.75
C THR E 173 19.22 48.24 -20.26
N THR E 174 19.15 49.49 -20.75
CA THR E 174 19.13 49.86 -22.15
C THR E 174 20.20 50.88 -22.51
N SER E 175 20.18 51.52 -23.69
CA SER E 175 21.09 52.54 -24.14
C SER E 175 21.10 53.85 -23.35
N VAL E 176 20.08 54.08 -22.53
CA VAL E 176 19.89 55.15 -21.56
C VAL E 176 20.19 54.70 -20.13
N THR E 177 20.89 55.50 -19.41
CA THR E 177 21.36 55.21 -18.09
C THR E 177 20.57 56.00 -17.07
N LEU E 178 20.76 55.73 -15.79
CA LEU E 178 20.25 56.52 -14.70
C LEU E 178 21.43 57.29 -14.10
N ASP E 179 21.15 58.36 -13.35
CA ASP E 179 22.08 59.23 -12.66
C ASP E 179 21.74 59.44 -11.20
N ARG E 180 22.57 58.93 -10.30
CA ARG E 180 22.32 58.96 -8.86
C ARG E 180 22.35 60.40 -8.34
N GLU E 181 23.02 61.29 -9.08
CA GLU E 181 23.10 62.72 -8.81
C GLU E 181 22.04 63.62 -9.42
N GLU E 182 21.21 63.07 -10.32
CA GLU E 182 19.89 63.54 -10.67
C GLU E 182 18.83 63.01 -9.70
N HIS E 183 18.74 61.68 -9.56
CA HIS E 183 17.67 61.14 -8.76
C HIS E 183 17.92 59.69 -8.35
N SER E 184 17.44 59.37 -7.14
CA SER E 184 17.78 58.21 -6.32
C SER E 184 16.97 56.95 -6.57
N SER E 185 15.86 57.04 -7.31
CA SER E 185 14.82 56.05 -7.37
C SER E 185 13.98 56.05 -8.64
N TYR E 186 13.38 54.92 -9.04
CA TYR E 186 12.47 54.75 -10.16
C TYR E 186 11.42 53.71 -9.81
N THR E 187 10.28 53.83 -10.49
CA THR E 187 9.15 52.95 -10.24
C THR E 187 8.39 52.50 -11.48
N LEU E 188 7.85 51.29 -11.49
CA LEU E 188 7.07 50.76 -12.59
C LEU E 188 6.06 49.71 -12.15
N THR E 189 5.07 49.46 -13.01
CA THR E 189 4.02 48.53 -12.69
C THR E 189 4.11 47.33 -13.64
N VAL E 190 3.81 46.17 -13.06
CA VAL E 190 3.81 44.90 -13.76
C VAL E 190 2.53 44.09 -13.66
N GLU E 191 2.37 43.22 -14.66
CA GLU E 191 1.37 42.17 -14.71
C GLU E 191 1.98 40.85 -15.16
N ALA E 192 1.35 39.70 -14.89
CA ALA E 192 1.69 38.44 -15.52
C ALA E 192 0.54 37.60 -16.06
N ARG E 193 0.69 36.68 -17.01
CA ARG E 193 -0.31 35.76 -17.53
C ARG E 193 0.39 34.45 -17.88
N ASP E 194 -0.20 33.29 -17.57
CA ASP E 194 0.26 31.97 -17.96
C ASP E 194 -0.10 31.61 -19.38
N GLY E 195 0.38 30.51 -19.97
CA GLY E 195 0.06 30.03 -21.30
C GLY E 195 0.75 30.83 -22.40
N ASN E 196 0.09 30.89 -23.56
CA ASN E 196 0.65 31.44 -24.78
C ASN E 196 -0.27 32.41 -25.48
N GLY E 197 0.25 33.34 -26.29
CA GLY E 197 -0.57 34.14 -27.18
C GLY E 197 -1.13 35.33 -26.43
N GLU E 198 -2.39 35.67 -26.72
CA GLU E 198 -3.03 36.93 -26.39
C GLU E 198 -3.54 36.92 -24.95
N VAL E 199 -3.71 38.13 -24.44
CA VAL E 199 -4.35 38.58 -23.21
C VAL E 199 -5.86 38.40 -23.26
N THR E 200 -6.46 37.57 -22.42
CA THR E 200 -7.89 37.33 -22.37
C THR E 200 -8.62 38.14 -21.31
N ASP E 201 -9.91 38.46 -21.45
CA ASP E 201 -10.51 39.50 -20.66
C ASP E 201 -10.82 38.94 -19.27
N LYS E 202 -9.80 38.97 -18.41
CA LYS E 202 -9.83 38.34 -17.11
C LYS E 202 -9.33 39.36 -16.10
N PRO E 203 -9.85 39.40 -14.87
CA PRO E 203 -9.62 40.43 -13.85
C PRO E 203 -8.41 40.17 -12.97
N VAL E 204 -7.31 39.75 -13.60
CA VAL E 204 -6.01 39.64 -12.96
C VAL E 204 -5.56 40.83 -12.15
N LYS E 205 -4.52 40.61 -11.35
CA LYS E 205 -3.97 41.58 -10.39
C LYS E 205 -2.68 42.15 -10.96
N GLN E 206 -2.16 43.27 -10.49
CA GLN E 206 -0.90 43.90 -10.84
C GLN E 206 0.01 44.17 -9.66
N ALA E 207 1.31 44.44 -9.81
CA ALA E 207 2.33 44.70 -8.80
C ALA E 207 3.21 45.90 -9.09
N GLN E 208 4.11 46.26 -8.17
CA GLN E 208 4.97 47.42 -8.28
C GLN E 208 6.44 47.03 -8.17
N VAL E 209 7.35 47.54 -9.02
CA VAL E 209 8.79 47.33 -8.96
C VAL E 209 9.34 48.68 -8.53
N GLN E 210 10.31 48.65 -7.61
CA GLN E 210 10.94 49.83 -7.06
C GLN E 210 12.44 49.63 -6.99
N ILE E 211 13.14 50.38 -7.86
CA ILE E 211 14.54 50.25 -8.24
C ILE E 211 15.35 51.36 -7.61
N ARG E 212 16.29 51.11 -6.69
CA ARG E 212 17.29 51.99 -6.14
C ARG E 212 18.48 52.19 -7.07
N ILE E 213 18.98 53.42 -7.12
CA ILE E 213 20.08 53.82 -7.96
C ILE E 213 21.33 53.94 -7.13
N LEU E 214 22.36 53.13 -7.39
CA LEU E 214 23.61 53.13 -6.64
C LEU E 214 24.61 54.06 -7.33
N ASP E 215 25.53 54.54 -6.49
CA ASP E 215 26.50 55.58 -6.79
C ASP E 215 27.73 54.96 -7.40
N VAL E 216 28.28 55.61 -8.43
CA VAL E 216 29.53 55.33 -9.12
C VAL E 216 30.56 56.35 -9.56
N ASN E 217 31.85 56.07 -9.72
CA ASN E 217 32.92 56.92 -10.16
C ASN E 217 32.73 57.11 -11.66
N ASP E 218 31.69 57.88 -12.02
CA ASP E 218 31.42 58.34 -13.37
C ASP E 218 31.90 59.78 -13.55
N ASN E 219 32.11 60.55 -12.48
CA ASN E 219 32.65 61.88 -12.62
C ASN E 219 34.11 61.86 -13.04
N ILE E 220 34.31 62.39 -14.25
CA ILE E 220 35.54 62.26 -15.00
C ILE E 220 36.41 63.44 -14.60
N PRO E 221 37.68 63.21 -14.21
CA PRO E 221 38.61 64.24 -13.80
C PRO E 221 38.87 65.12 -15.01
N VAL E 222 38.64 66.43 -14.91
CA VAL E 222 38.97 67.35 -15.98
C VAL E 222 40.01 68.41 -15.63
N VAL E 223 40.98 68.79 -16.48
CA VAL E 223 42.06 69.68 -16.16
C VAL E 223 41.57 71.11 -16.40
N GLU E 224 41.91 72.01 -15.48
CA GLU E 224 41.29 73.32 -15.45
C GLU E 224 41.77 74.38 -16.43
N ASN E 225 42.99 74.18 -16.93
CA ASN E 225 43.92 75.22 -17.37
C ASN E 225 43.67 75.29 -18.87
N LYS E 226 43.21 76.41 -19.41
CA LYS E 226 42.82 76.53 -20.81
C LYS E 226 43.94 76.27 -21.80
N VAL E 227 45.16 76.74 -21.50
CA VAL E 227 46.37 76.68 -22.29
C VAL E 227 47.46 76.28 -21.30
N LEU E 228 48.10 75.12 -21.40
CA LEU E 228 49.20 74.68 -20.57
C LEU E 228 50.54 74.81 -21.30
N GLU E 229 51.43 75.57 -20.65
CA GLU E 229 52.64 76.15 -21.19
C GLU E 229 53.72 76.18 -20.12
N GLY E 230 54.98 75.88 -20.42
CA GLY E 230 56.15 75.90 -19.57
C GLY E 230 57.42 76.35 -20.28
N MET E 231 58.53 76.38 -19.54
CA MET E 231 59.88 76.58 -20.06
C MET E 231 60.93 75.80 -19.28
N VAL E 232 62.01 75.37 -19.94
CA VAL E 232 63.09 74.50 -19.53
C VAL E 232 64.46 75.05 -19.94
N GLU E 233 65.42 75.24 -19.05
CA GLU E 233 66.75 75.70 -19.36
C GLU E 233 67.78 74.59 -19.41
N GLU E 234 68.70 74.73 -20.39
CA GLU E 234 69.82 73.85 -20.60
C GLU E 234 70.79 73.72 -19.44
N ASN E 235 71.35 72.52 -19.30
CA ASN E 235 72.34 72.04 -18.36
C ASN E 235 71.95 72.15 -16.89
N GLN E 236 70.71 71.73 -16.56
CA GLN E 236 70.21 71.66 -15.21
C GLN E 236 69.13 70.62 -14.93
N VAL E 237 69.31 69.94 -13.80
CA VAL E 237 68.65 68.71 -13.46
C VAL E 237 68.04 68.78 -12.06
N ASN E 238 67.17 67.81 -11.73
CA ASN E 238 66.43 67.83 -10.49
C ASN E 238 65.57 69.06 -10.19
N VAL E 239 64.70 69.50 -11.09
CA VAL E 239 63.83 70.63 -10.89
C VAL E 239 62.42 70.32 -11.38
N GLU E 240 61.41 70.91 -10.74
CA GLU E 240 60.04 71.03 -11.24
C GLU E 240 59.93 72.11 -12.29
N VAL E 241 59.01 71.92 -13.24
CA VAL E 241 59.10 72.70 -14.46
C VAL E 241 57.74 73.08 -15.02
N THR E 242 56.67 72.34 -14.78
CA THR E 242 55.29 72.74 -15.05
C THR E 242 54.35 71.90 -14.20
N ARG E 243 53.08 72.32 -14.07
CA ARG E 243 52.10 71.64 -13.27
C ARG E 243 50.75 71.70 -14.01
N ILE E 244 49.92 70.69 -13.78
CA ILE E 244 48.57 70.51 -14.26
C ILE E 244 47.51 70.37 -13.18
N LYS E 245 46.59 71.34 -13.07
CA LYS E 245 45.48 71.31 -12.14
C LYS E 245 44.28 70.52 -12.62
N VAL E 246 43.58 69.70 -11.83
CA VAL E 246 42.44 68.84 -12.10
C VAL E 246 41.26 68.97 -11.15
N PHE E 247 40.03 68.98 -11.66
CA PHE E 247 38.77 69.07 -10.95
C PHE E 247 37.88 67.86 -11.19
N ASP E 248 37.35 67.31 -10.10
CA ASP E 248 36.53 66.11 -10.05
C ASP E 248 35.37 66.27 -9.06
N ALA E 249 34.19 65.76 -9.40
CA ALA E 249 32.94 65.93 -8.68
C ALA E 249 32.47 64.73 -7.87
N ASP E 250 33.26 63.65 -7.85
CA ASP E 250 33.06 62.59 -6.88
C ASP E 250 33.43 63.03 -5.46
N GLU E 251 33.02 62.37 -4.38
CA GLU E 251 33.20 62.83 -3.03
C GLU E 251 34.64 63.04 -2.52
N ILE E 252 34.73 64.23 -1.93
CA ILE E 252 35.92 64.82 -1.35
C ILE E 252 36.80 63.83 -0.59
N GLY E 253 38.08 63.93 -0.93
CA GLY E 253 39.10 63.07 -0.34
C GLY E 253 39.07 61.61 -0.71
N SER E 254 38.12 61.08 -1.51
CA SER E 254 38.15 59.72 -1.99
C SER E 254 39.07 59.39 -3.17
N ASP E 255 39.34 58.12 -3.45
CA ASP E 255 40.07 57.69 -4.64
C ASP E 255 39.40 57.86 -6.01
N ASN E 256 38.07 58.02 -5.95
CA ASN E 256 37.28 58.39 -7.10
C ASN E 256 37.38 59.87 -7.46
N TRP E 257 37.83 60.67 -6.49
CA TRP E 257 38.00 62.10 -6.66
C TRP E 257 39.45 62.53 -6.80
N LEU E 258 40.38 61.86 -6.14
CA LEU E 258 41.81 61.94 -6.31
C LEU E 258 42.29 61.54 -7.70
N ALA E 259 43.33 62.18 -8.25
CA ALA E 259 43.77 62.04 -9.63
C ALA E 259 44.82 60.95 -9.80
N ASN E 260 45.16 60.69 -11.08
CA ASN E 260 46.43 60.18 -11.55
C ASN E 260 46.85 60.88 -12.82
N PHE E 261 48.12 61.06 -13.20
CA PHE E 261 48.64 61.54 -14.46
C PHE E 261 49.62 60.57 -15.09
N THR E 262 49.35 60.28 -16.37
CA THR E 262 50.33 59.62 -17.20
C THR E 262 50.73 60.39 -18.45
N PHE E 263 51.91 60.07 -18.98
CA PHE E 263 52.38 60.62 -20.22
C PHE E 263 51.56 60.00 -21.35
N ALA E 264 51.22 60.73 -22.40
CA ALA E 264 50.54 60.27 -23.60
C ALA E 264 51.55 60.12 -24.73
N SER E 265 52.28 61.18 -25.06
CA SER E 265 53.08 61.38 -26.25
C SER E 265 54.18 62.41 -25.99
N GLY E 266 55.24 62.59 -26.77
CA GLY E 266 56.15 63.72 -26.67
C GLY E 266 57.17 63.80 -25.53
N ASN E 267 57.10 62.84 -24.61
CA ASN E 267 58.21 62.43 -23.76
C ASN E 267 59.19 61.44 -24.37
N GLU E 268 59.36 61.44 -25.69
CA GLU E 268 60.26 60.62 -26.50
C GLU E 268 61.73 60.73 -26.11
N GLY E 269 62.17 61.94 -25.76
CA GLY E 269 63.51 62.15 -25.24
C GLY E 269 63.79 61.54 -23.87
N GLY E 270 62.69 61.38 -23.12
CA GLY E 270 62.75 60.81 -21.79
C GLY E 270 63.22 61.79 -20.72
N TYR E 271 63.03 63.09 -20.95
CA TYR E 271 63.63 64.10 -20.12
C TYR E 271 62.78 64.50 -18.92
N PHE E 272 61.48 64.16 -18.90
CA PHE E 272 60.59 64.46 -17.80
C PHE E 272 60.11 63.21 -17.06
N HIS E 273 59.65 63.50 -15.84
CA HIS E 273 58.92 62.56 -15.01
C HIS E 273 57.60 63.29 -14.76
N ILE E 274 56.52 62.51 -14.70
CA ILE E 274 55.26 63.02 -14.18
C ILE E 274 54.78 62.25 -12.96
N GLU E 275 54.20 62.93 -11.99
CA GLU E 275 53.70 62.44 -10.72
C GLU E 275 52.38 63.08 -10.31
N THR E 276 51.75 62.62 -9.23
CA THR E 276 50.60 63.25 -8.61
C THR E 276 50.97 63.70 -7.21
N ASP E 277 50.71 64.97 -6.89
CA ASP E 277 51.02 65.57 -5.61
C ASP E 277 50.04 65.20 -4.51
N ALA E 278 50.66 64.63 -3.48
CA ALA E 278 49.93 64.17 -2.32
C ALA E 278 49.18 65.29 -1.59
N GLN E 279 49.80 66.47 -1.56
CA GLN E 279 49.23 67.64 -0.93
C GLN E 279 48.16 68.33 -1.77
N THR E 280 48.43 68.50 -3.06
CA THR E 280 47.56 69.31 -3.90
C THR E 280 46.76 68.55 -4.96
N ASN E 281 46.89 67.22 -5.09
CA ASN E 281 46.15 66.39 -6.02
C ASN E 281 46.19 66.82 -7.49
N GLU E 282 47.43 67.03 -7.92
CA GLU E 282 47.79 67.90 -9.03
C GLU E 282 48.95 67.24 -9.74
N GLY E 283 48.98 67.48 -11.06
CA GLY E 283 49.98 66.84 -11.88
C GLY E 283 51.31 67.56 -11.77
N ILE E 284 52.40 66.86 -11.44
CA ILE E 284 53.74 67.40 -11.27
C ILE E 284 54.67 67.00 -12.40
N VAL E 285 55.36 67.96 -13.02
CA VAL E 285 56.32 67.60 -14.04
C VAL E 285 57.70 68.06 -13.57
N THR E 286 58.73 67.22 -13.71
CA THR E 286 60.08 67.45 -13.23
C THR E 286 61.08 66.95 -14.24
N LEU E 287 62.21 67.66 -14.27
CA LEU E 287 63.32 67.33 -15.16
C LEU E 287 64.39 66.44 -14.54
N ILE E 288 64.42 65.17 -14.98
CA ILE E 288 65.22 64.08 -14.44
C ILE E 288 66.46 63.79 -15.24
N LYS E 289 66.67 64.58 -16.30
CA LYS E 289 67.84 64.48 -17.17
C LYS E 289 68.07 65.87 -17.77
N GLU E 290 69.34 66.02 -18.17
CA GLU E 290 69.80 67.29 -18.68
C GLU E 290 69.36 67.56 -20.12
N VAL E 291 69.00 68.77 -20.52
CA VAL E 291 68.81 69.31 -21.86
C VAL E 291 69.87 70.32 -22.30
N ASP E 292 69.89 70.61 -23.60
CA ASP E 292 70.77 71.52 -24.30
C ASP E 292 69.90 72.42 -25.15
N TYR E 293 70.29 73.69 -25.18
CA TYR E 293 69.67 74.69 -26.03
C TYR E 293 70.13 74.64 -27.48
N GLU E 294 71.41 74.33 -27.70
CA GLU E 294 72.02 74.38 -29.01
C GLU E 294 71.66 73.23 -29.94
N GLU E 295 71.16 72.14 -29.37
CA GLU E 295 70.49 71.16 -30.22
C GLU E 295 69.16 71.54 -30.85
N MET E 296 68.45 72.55 -30.33
CA MET E 296 67.28 73.10 -30.99
C MET E 296 66.15 72.17 -31.39
N LYS E 297 66.11 71.03 -30.69
CA LYS E 297 65.16 69.94 -30.70
C LYS E 297 63.95 70.34 -29.87
N ASN E 298 62.80 69.90 -30.36
CA ASN E 298 61.55 70.09 -29.64
C ASN E 298 61.37 69.26 -28.37
N LEU E 299 60.75 69.81 -27.34
CA LEU E 299 60.60 69.28 -26.01
C LEU E 299 59.19 69.30 -25.46
N ASP E 300 58.19 69.75 -26.24
CA ASP E 300 56.77 69.60 -26.02
C ASP E 300 56.40 68.19 -25.57
N PHE E 301 55.33 68.07 -24.78
CA PHE E 301 54.89 66.79 -24.25
C PHE E 301 53.41 66.72 -23.96
N SER E 302 52.82 65.56 -23.70
CA SER E 302 51.39 65.46 -23.43
C SER E 302 51.09 64.38 -22.40
N VAL E 303 49.98 64.68 -21.71
CA VAL E 303 49.43 64.08 -20.53
C VAL E 303 48.01 63.56 -20.74
N ILE E 304 47.63 62.52 -20.00
CA ILE E 304 46.31 61.93 -19.81
C ILE E 304 46.04 61.72 -18.34
N VAL E 305 44.94 62.25 -17.81
CA VAL E 305 44.59 62.29 -16.40
C VAL E 305 43.52 61.23 -16.22
N ALA E 306 43.40 60.72 -14.99
CA ALA E 306 42.54 59.65 -14.54
C ALA E 306 42.29 59.94 -13.06
N ASN E 307 41.52 59.04 -12.46
CA ASN E 307 41.47 58.98 -11.01
C ASN E 307 42.30 57.83 -10.48
N LYS E 308 42.58 57.92 -9.18
CA LYS E 308 43.40 57.03 -8.40
C LYS E 308 42.78 55.65 -8.21
N ALA E 309 41.47 55.51 -7.99
CA ALA E 309 40.76 54.27 -8.21
C ALA E 309 39.96 54.18 -9.51
N ALA E 310 39.68 52.96 -9.98
CA ALA E 310 39.11 52.74 -11.30
C ALA E 310 37.72 53.31 -11.53
N PHE E 311 37.29 53.43 -12.80
CA PHE E 311 36.09 54.06 -13.29
C PHE E 311 34.94 53.08 -13.45
N HIS E 312 33.79 53.32 -12.94
CA HIS E 312 32.41 52.42 -13.49
C HIS E 312 32.67 51.53 -14.87
N LYS E 313 32.51 50.46 -15.55
CA LYS E 313 31.47 50.43 -16.59
C LYS E 313 30.59 51.71 -16.71
N SER E 314 31.35 53.05 -17.41
CA SER E 314 30.23 53.96 -17.65
C SER E 314 29.49 53.28 -18.66
N ILE E 315 30.75 53.22 -19.42
CA ILE E 315 32.09 53.86 -19.57
C ILE E 315 32.83 52.55 -19.78
N ARG E 316 33.63 51.97 -18.87
CA ARG E 316 35.01 51.52 -19.03
C ARG E 316 35.02 50.82 -20.36
N SER E 317 35.57 51.39 -21.43
CA SER E 317 35.72 51.10 -22.85
C SER E 317 34.74 51.86 -23.75
N LYS E 318 33.84 52.78 -23.39
CA LYS E 318 32.99 53.63 -24.25
C LYS E 318 33.54 55.06 -24.27
N TYR E 319 33.77 55.81 -23.21
CA TYR E 319 34.44 57.08 -23.39
C TYR E 319 35.91 57.03 -23.82
N LYS E 320 36.42 58.17 -24.26
CA LYS E 320 37.84 58.44 -24.24
C LYS E 320 38.16 59.88 -23.81
N PRO E 321 39.23 60.05 -23.02
CA PRO E 321 39.75 61.37 -22.73
C PRO E 321 40.53 61.85 -23.95
N THR E 322 40.66 63.18 -24.08
CA THR E 322 41.52 63.97 -24.93
C THR E 322 42.88 64.12 -24.28
N PRO E 323 43.96 63.95 -25.04
CA PRO E 323 45.28 64.32 -24.57
C PRO E 323 45.48 65.81 -24.30
N ILE E 324 46.33 66.03 -23.30
CA ILE E 324 46.73 67.31 -22.76
C ILE E 324 48.07 67.80 -23.32
N PRO E 325 48.08 68.47 -24.48
CA PRO E 325 49.28 69.05 -25.07
C PRO E 325 49.88 70.26 -24.36
N ILE E 326 51.14 70.22 -23.94
CA ILE E 326 51.75 71.29 -23.17
C ILE E 326 52.95 71.69 -24.02
N LYS E 327 53.09 73.00 -24.25
CA LYS E 327 54.13 73.56 -25.08
C LYS E 327 55.33 74.06 -24.26
N VAL E 328 56.58 73.90 -24.66
CA VAL E 328 57.76 74.02 -23.84
C VAL E 328 58.72 74.94 -24.57
N LYS E 329 59.23 76.00 -23.93
CA LYS E 329 60.23 76.88 -24.48
C LYS E 329 61.60 76.51 -23.93
N VAL E 330 62.68 76.57 -24.70
CA VAL E 330 63.97 76.27 -24.11
C VAL E 330 64.67 77.58 -23.71
N LYS E 331 65.44 77.59 -22.62
CA LYS E 331 66.11 78.77 -22.12
C LYS E 331 67.62 78.59 -22.34
N ASN E 332 68.28 79.58 -22.94
CA ASN E 332 69.68 79.66 -23.34
C ASN E 332 70.44 80.14 -22.12
N VAL E 333 71.59 79.49 -21.93
CA VAL E 333 72.69 79.94 -21.10
C VAL E 333 73.92 80.01 -21.99
N LYS E 334 74.92 80.85 -21.71
CA LYS E 334 76.15 81.01 -22.44
C LYS E 334 77.21 80.08 -21.85
N GLU E 335 78.05 79.50 -22.70
CA GLU E 335 78.84 78.30 -22.47
C GLU E 335 80.27 78.28 -22.99
N GLY E 336 80.94 77.15 -22.76
CA GLY E 336 82.36 77.01 -23.03
C GLY E 336 82.71 76.63 -24.45
N ILE E 337 84.03 76.62 -24.69
CA ILE E 337 84.59 76.45 -26.01
C ILE E 337 84.40 75.06 -26.62
N HIS E 338 84.60 75.02 -27.94
CA HIS E 338 84.43 73.81 -28.71
C HIS E 338 85.30 73.83 -29.97
N PHE E 339 85.32 72.70 -30.71
CA PHE E 339 85.93 72.62 -32.02
C PHE E 339 84.83 72.34 -33.04
N LYS E 340 84.75 73.04 -34.18
CA LYS E 340 83.99 72.55 -35.31
C LYS E 340 84.51 71.23 -35.81
N SER E 341 85.83 71.00 -35.96
CA SER E 341 86.51 69.81 -36.44
C SER E 341 87.59 69.48 -35.42
N SER E 342 87.38 68.41 -34.65
CA SER E 342 88.24 67.96 -33.57
C SER E 342 89.46 67.17 -34.05
N VAL E 343 89.53 67.07 -35.39
CA VAL E 343 90.56 66.43 -36.19
C VAL E 343 90.99 67.27 -37.39
N ILE E 344 92.28 67.28 -37.71
CA ILE E 344 92.84 67.65 -38.99
C ILE E 344 93.67 66.52 -39.59
N SER E 345 93.36 66.19 -40.85
CA SER E 345 94.09 65.20 -41.61
C SER E 345 94.93 65.72 -42.77
N ILE E 346 96.17 65.27 -42.95
CA ILE E 346 96.97 65.56 -44.12
C ILE E 346 97.68 64.36 -44.73
N TYR E 347 98.05 64.46 -46.00
CA TYR E 347 98.61 63.42 -46.84
C TYR E 347 99.86 63.89 -47.58
N VAL E 348 101.06 63.42 -47.23
CA VAL E 348 102.34 63.65 -47.87
C VAL E 348 103.07 62.37 -48.21
N SER E 349 104.22 62.54 -48.88
CA SER E 349 105.28 61.54 -48.97
C SER E 349 106.52 61.90 -48.19
N GLU E 350 107.49 61.00 -48.09
CA GLU E 350 108.62 61.14 -47.18
C GLU E 350 109.75 62.07 -47.65
N SER E 351 110.71 62.35 -46.76
CA SER E 351 111.90 63.08 -47.13
C SER E 351 112.96 62.22 -47.81
N MET E 352 113.71 62.85 -48.70
CA MET E 352 114.86 62.28 -49.40
C MET E 352 115.79 63.39 -49.87
N ASP E 353 115.24 64.43 -50.51
CA ASP E 353 116.12 65.39 -51.12
C ASP E 353 115.70 66.86 -51.10
N ARG E 354 114.40 67.11 -51.06
CA ARG E 354 113.79 68.43 -51.04
C ARG E 354 113.86 69.22 -49.75
N SER E 355 114.09 70.54 -49.82
CA SER E 355 114.31 71.33 -48.63
C SER E 355 113.08 71.76 -47.86
N SER E 356 112.06 70.90 -47.78
CA SER E 356 110.69 71.06 -47.35
C SER E 356 110.50 71.42 -45.88
N LYS E 357 110.15 72.68 -45.68
CA LYS E 357 109.98 73.20 -44.34
C LYS E 357 108.75 74.08 -44.20
N GLY E 358 108.24 74.20 -42.97
CA GLY E 358 107.19 75.10 -42.53
C GLY E 358 105.86 75.03 -43.26
N GLN E 359 105.39 73.85 -43.67
CA GLN E 359 104.12 73.64 -44.34
C GLN E 359 102.96 73.97 -43.42
N ILE E 360 102.16 74.96 -43.83
CA ILE E 360 100.87 75.06 -43.19
C ILE E 360 99.99 73.89 -43.63
N ILE E 361 99.50 73.13 -42.64
CA ILE E 361 98.60 72.01 -42.83
C ILE E 361 97.24 72.22 -42.20
N GLY E 362 97.05 73.25 -41.37
CA GLY E 362 95.74 73.79 -41.02
C GLY E 362 95.81 74.82 -39.92
N ASN E 363 94.64 75.17 -39.35
CA ASN E 363 94.39 75.80 -38.08
C ASN E 363 93.36 75.03 -37.25
N PHE E 364 93.62 74.94 -35.95
CA PHE E 364 92.84 74.18 -34.97
C PHE E 364 91.90 75.05 -34.16
N GLN E 365 91.22 75.99 -34.79
CA GLN E 365 90.64 77.16 -34.17
C GLN E 365 89.58 76.75 -33.16
N ALA E 366 89.43 77.38 -32.00
CA ALA E 366 88.39 77.23 -31.00
C ALA E 366 87.21 78.16 -31.25
N PHE E 367 86.05 77.89 -30.67
CA PHE E 367 84.76 78.41 -31.08
C PHE E 367 83.81 78.48 -29.89
N ASP E 368 82.91 79.46 -29.94
CA ASP E 368 81.80 79.64 -29.02
C ASP E 368 80.58 78.78 -29.27
N GLU E 369 80.02 78.20 -28.22
CA GLU E 369 78.95 77.24 -28.42
C GLU E 369 77.64 77.91 -28.81
N ASP E 370 77.25 78.98 -28.11
CA ASP E 370 76.06 79.74 -28.43
C ASP E 370 76.06 80.29 -29.85
N THR E 371 77.11 80.91 -30.38
CA THR E 371 77.04 81.60 -31.66
C THR E 371 77.47 80.78 -32.86
N GLY E 372 78.41 79.83 -32.73
CA GLY E 372 79.13 79.21 -33.80
C GLY E 372 80.28 79.98 -34.43
N LEU E 373 80.63 81.14 -33.88
CA LEU E 373 81.79 81.94 -34.22
C LEU E 373 83.07 81.46 -33.53
N PRO E 374 84.24 81.75 -34.11
CA PRO E 374 85.47 81.62 -33.37
C PRO E 374 85.61 82.33 -32.04
N ALA E 375 86.48 81.80 -31.18
CA ALA E 375 86.64 82.16 -29.79
C ALA E 375 88.11 82.10 -29.40
N HIS E 376 88.57 82.96 -28.50
CA HIS E 376 89.92 82.98 -27.98
C HIS E 376 90.25 81.90 -26.94
N ALA E 377 91.46 81.34 -27.00
CA ALA E 377 91.93 80.21 -26.22
C ALA E 377 93.45 79.96 -26.20
N ARG E 378 93.90 79.21 -25.20
CA ARG E 378 95.30 78.82 -25.16
C ARG E 378 95.53 77.36 -25.51
N TYR E 379 96.54 77.03 -26.31
CA TYR E 379 96.81 75.72 -26.88
C TYR E 379 98.00 74.95 -26.31
N VAL E 380 97.74 73.67 -26.07
CA VAL E 380 98.74 72.72 -25.60
C VAL E 380 98.86 71.53 -26.54
N LYS E 381 100.05 71.06 -26.91
CA LYS E 381 100.23 69.91 -27.78
C LYS E 381 100.65 68.66 -27.04
N LEU E 382 100.28 67.44 -27.42
CA LEU E 382 100.56 66.21 -26.71
C LEU E 382 100.73 65.10 -27.74
N GLU E 383 101.19 63.94 -27.29
CA GLU E 383 101.37 62.74 -28.09
C GLU E 383 102.37 62.87 -29.23
N ASP E 384 103.00 64.02 -29.41
CA ASP E 384 104.02 64.39 -30.36
C ASP E 384 105.40 63.87 -29.95
N ARG E 385 105.60 62.56 -30.09
CA ARG E 385 106.79 61.84 -29.69
C ARG E 385 108.10 62.46 -30.15
N ASP E 386 108.09 62.95 -31.38
CA ASP E 386 109.30 63.24 -32.12
C ASP E 386 109.35 64.67 -32.66
N ASN E 387 108.52 65.58 -32.14
CA ASN E 387 108.40 66.97 -32.52
C ASN E 387 108.20 67.16 -34.01
N TRP E 388 107.18 66.57 -34.63
CA TRP E 388 106.75 66.71 -36.00
C TRP E 388 106.04 68.04 -36.24
N ILE E 389 105.21 68.58 -35.35
CA ILE E 389 104.39 69.76 -35.57
C ILE E 389 104.93 70.91 -34.73
N SER E 390 104.71 72.11 -35.31
CA SER E 390 104.69 73.24 -34.42
C SER E 390 103.33 73.93 -34.44
N VAL E 391 102.96 74.53 -33.30
CA VAL E 391 101.69 75.20 -33.09
C VAL E 391 101.87 76.63 -32.57
N ASP E 392 101.03 77.58 -32.96
CA ASP E 392 101.11 78.91 -32.38
C ASP E 392 100.30 78.75 -31.09
N SER E 393 100.89 79.31 -30.02
CA SER E 393 100.30 79.11 -28.71
C SER E 393 98.85 79.54 -28.47
N VAL E 394 98.41 80.59 -29.16
CA VAL E 394 97.07 81.11 -29.05
C VAL E 394 96.33 81.16 -30.39
N THR E 395 97.10 81.39 -31.46
CA THR E 395 96.56 81.51 -32.81
C THR E 395 96.28 80.18 -33.47
N SER E 396 96.62 79.06 -32.82
CA SER E 396 96.12 77.74 -33.15
C SER E 396 96.49 77.20 -34.52
N GLU E 397 97.36 77.81 -35.33
CA GLU E 397 97.89 77.35 -36.60
C GLU E 397 98.77 76.13 -36.50
N ILE E 398 98.49 75.02 -37.21
CA ILE E 398 99.21 73.77 -37.24
C ILE E 398 100.14 73.76 -38.46
N LYS E 399 101.45 73.59 -38.23
CA LYS E 399 102.42 73.46 -39.28
C LYS E 399 103.29 72.22 -39.21
N LEU E 400 103.75 71.73 -40.36
CA LEU E 400 104.72 70.66 -40.49
C LEU E 400 106.12 71.21 -40.29
N ALA E 401 106.78 70.77 -39.20
CA ALA E 401 108.02 71.35 -38.73
C ALA E 401 109.23 70.44 -38.80
N LYS E 402 108.94 69.19 -39.20
CA LYS E 402 109.96 68.17 -39.44
C LYS E 402 109.82 67.52 -40.81
N LEU E 403 110.98 67.14 -41.38
CA LEU E 403 111.11 66.23 -42.51
C LEU E 403 110.61 64.84 -42.16
N PRO E 404 109.51 64.36 -42.74
CA PRO E 404 108.95 63.09 -42.33
C PRO E 404 109.83 61.95 -42.82
N ASP E 405 109.92 60.88 -42.02
CA ASP E 405 110.50 59.61 -42.39
C ASP E 405 109.55 58.40 -42.34
N PHE E 406 109.23 57.77 -43.46
CA PHE E 406 108.30 56.66 -43.50
C PHE E 406 108.73 55.49 -42.62
N GLU E 407 110.04 55.23 -42.62
CA GLU E 407 110.66 54.11 -41.92
C GLU E 407 110.89 54.43 -40.46
N SER E 408 110.34 55.51 -39.89
CA SER E 408 110.39 55.88 -38.48
C SER E 408 109.57 54.92 -37.63
N ARG E 409 109.98 54.59 -36.40
CA ARG E 409 109.16 53.84 -35.47
C ARG E 409 107.91 54.56 -34.99
N TYR E 410 107.92 55.90 -35.04
CA TYR E 410 106.84 56.71 -34.49
C TYR E 410 105.76 56.84 -35.55
N VAL E 411 105.94 56.42 -36.81
CA VAL E 411 104.84 56.25 -37.75
C VAL E 411 104.22 54.92 -37.32
N GLN E 412 102.90 54.87 -37.14
CA GLN E 412 102.18 53.62 -37.00
C GLN E 412 101.25 53.41 -38.18
N ASN E 413 101.25 52.26 -38.86
CA ASN E 413 100.37 51.93 -39.97
C ASN E 413 100.34 52.94 -41.10
N GLY E 414 101.50 53.50 -41.41
CA GLY E 414 101.67 54.59 -42.38
C GLY E 414 101.15 55.99 -42.08
N THR E 415 100.85 56.22 -40.80
CA THR E 415 100.39 57.54 -40.38
C THR E 415 101.08 58.00 -39.12
N TYR E 416 101.23 59.30 -38.87
CA TYR E 416 101.65 59.88 -37.61
C TYR E 416 100.60 60.66 -36.83
N THR E 417 100.50 60.42 -35.53
CA THR E 417 99.41 60.95 -34.73
C THR E 417 99.93 61.84 -33.61
N VAL E 418 99.12 62.81 -33.20
CA VAL E 418 99.36 63.88 -32.27
C VAL E 418 98.06 64.29 -31.61
N LYS E 419 98.09 64.88 -30.40
CA LYS E 419 96.93 65.38 -29.68
C LYS E 419 97.01 66.85 -29.33
N ILE E 420 95.90 67.58 -29.43
CA ILE E 420 95.79 68.99 -29.10
C ILE E 420 94.74 69.15 -28.02
N VAL E 421 94.99 70.07 -27.09
CA VAL E 421 94.08 70.48 -26.06
C VAL E 421 93.95 71.99 -26.10
N ALA E 422 92.75 72.55 -25.88
CA ALA E 422 92.67 73.99 -25.90
C ALA E 422 91.89 74.46 -24.69
N ILE E 423 92.42 75.51 -24.06
CA ILE E 423 92.19 75.99 -22.71
C ILE E 423 91.68 77.43 -22.67
N SER E 424 90.49 77.71 -22.12
CA SER E 424 89.97 79.05 -21.98
C SER E 424 90.29 79.66 -20.62
N GLU E 425 90.25 80.99 -20.52
CA GLU E 425 90.44 81.80 -19.34
C GLU E 425 89.13 82.34 -18.76
N ASP E 426 89.15 82.84 -17.52
CA ASP E 426 87.99 83.22 -16.75
C ASP E 426 86.99 82.08 -16.58
N TYR E 427 85.97 82.38 -15.77
CA TYR E 427 84.94 81.41 -15.47
C TYR E 427 83.82 81.50 -16.50
N PRO E 428 83.29 80.39 -17.02
CA PRO E 428 83.76 79.03 -16.87
C PRO E 428 84.88 78.77 -17.86
N ARG E 429 85.85 78.06 -17.27
CA ARG E 429 86.89 77.43 -18.07
C ARG E 429 86.43 76.14 -18.72
N LYS E 430 87.05 75.72 -19.83
CA LYS E 430 86.79 74.43 -20.42
C LYS E 430 88.13 73.98 -20.96
N THR E 431 88.32 72.65 -21.01
CA THR E 431 89.36 71.99 -21.77
C THR E 431 88.79 70.97 -22.74
N ILE E 432 89.16 71.09 -24.01
CA ILE E 432 88.67 70.31 -25.13
C ILE E 432 89.81 69.56 -25.81
N THR E 433 89.49 68.43 -26.43
CA THR E 433 90.47 67.54 -27.02
C THR E 433 90.22 67.29 -28.50
N GLY E 434 91.28 66.85 -29.20
CA GLY E 434 91.35 66.85 -30.65
C GLY E 434 92.63 66.15 -31.12
N THR E 435 92.77 65.80 -32.40
CA THR E 435 93.82 65.02 -33.00
C THR E 435 94.42 65.64 -34.25
N VAL E 436 95.67 65.30 -34.57
CA VAL E 436 96.28 65.74 -35.81
C VAL E 436 96.87 64.49 -36.44
N LEU E 437 96.67 64.26 -37.76
CA LEU E 437 97.00 63.03 -38.47
C LEU E 437 97.78 63.33 -39.72
N ILE E 438 99.00 62.80 -39.87
CA ILE E 438 99.87 63.06 -41.02
C ILE E 438 100.08 61.68 -41.62
N ASN E 439 99.53 61.39 -42.81
CA ASN E 439 99.56 60.14 -43.53
C ASN E 439 100.73 60.21 -44.49
N VAL E 440 101.54 59.15 -44.49
CA VAL E 440 102.82 59.18 -45.19
C VAL E 440 103.09 58.03 -46.14
N GLU E 441 103.66 58.33 -47.32
CA GLU E 441 104.13 57.47 -48.37
C GLU E 441 105.62 57.15 -48.44
N ASP E 442 105.98 55.90 -48.74
CA ASP E 442 107.32 55.39 -48.93
C ASP E 442 107.87 55.86 -50.27
N ILE E 443 109.03 56.53 -50.26
CA ILE E 443 109.90 56.98 -51.32
C ILE E 443 111.10 56.05 -51.44
N ASN E 444 111.79 55.83 -52.56
CA ASN E 444 113.01 55.03 -52.57
C ASN E 444 114.21 55.88 -52.15
N ASP E 445 114.38 55.98 -50.84
CA ASP E 445 115.41 56.77 -50.19
C ASP E 445 116.54 55.93 -49.63
N ASN E 446 116.49 54.61 -49.69
CA ASN E 446 117.41 53.66 -49.07
C ASN E 446 117.98 52.59 -49.98
N CYS E 447 119.23 52.21 -49.73
CA CYS E 447 119.95 51.28 -50.58
C CYS E 447 120.18 49.90 -49.97
N PRO E 448 120.44 48.89 -50.80
CA PRO E 448 120.97 47.62 -50.37
C PRO E 448 122.47 47.66 -50.11
N THR E 449 122.74 47.52 -48.80
CA THR E 449 124.08 47.34 -48.28
C THR E 449 124.51 45.90 -48.39
N LEU E 450 125.78 45.61 -48.71
CA LEU E 450 126.47 44.36 -48.56
C LEU E 450 126.67 43.94 -47.11
N ILE E 451 126.16 42.76 -46.73
CA ILE E 451 126.08 42.31 -45.37
C ILE E 451 126.94 41.11 -44.96
N GLU E 452 127.62 40.60 -45.98
CA GLU E 452 128.61 39.55 -45.91
C GLU E 452 129.93 40.03 -46.50
N PRO E 453 130.63 41.00 -45.91
CA PRO E 453 131.62 41.76 -46.63
C PRO E 453 133.00 41.11 -46.75
N VAL E 454 133.29 40.00 -46.04
CA VAL E 454 134.59 39.36 -45.95
C VAL E 454 134.48 37.85 -46.03
N GLN E 455 135.19 37.13 -46.91
CA GLN E 455 135.09 35.69 -46.87
C GLN E 455 136.44 34.97 -46.94
N THR E 456 136.60 33.88 -46.17
CA THR E 456 137.69 32.95 -46.36
C THR E 456 137.18 31.73 -47.10
N ILE E 457 137.80 31.50 -48.28
CA ILE E 457 137.57 30.43 -49.21
C ILE E 457 138.77 29.49 -49.16
N CYS E 458 138.52 28.19 -48.95
CA CYS E 458 139.49 27.11 -49.08
C CYS E 458 139.75 26.69 -50.52
N HIS E 459 140.81 25.92 -50.75
CA HIS E 459 141.30 25.70 -52.10
C HIS E 459 140.51 24.85 -53.08
N ASP E 460 139.49 24.08 -52.68
CA ASP E 460 138.74 23.14 -53.48
C ASP E 460 137.31 23.62 -53.65
N ALA E 461 136.92 24.73 -53.03
CA ALA E 461 135.69 25.44 -53.31
C ALA E 461 135.76 26.18 -54.65
N GLU E 462 134.61 26.28 -55.30
CA GLU E 462 134.38 27.00 -56.53
C GLU E 462 133.30 28.07 -56.60
N TYR E 463 132.57 28.27 -55.50
CA TYR E 463 131.56 29.28 -55.26
C TYR E 463 131.83 30.24 -54.12
N VAL E 464 131.30 31.47 -54.21
CA VAL E 464 130.91 32.20 -53.03
C VAL E 464 129.59 32.92 -53.25
N ASN E 465 128.76 32.83 -52.21
CA ASN E 465 127.40 33.31 -52.10
C ASN E 465 127.39 34.39 -51.02
N VAL E 466 126.74 35.54 -51.25
CA VAL E 466 126.73 36.70 -50.39
C VAL E 466 125.46 37.54 -50.45
N THR E 467 125.03 38.09 -49.30
CA THR E 467 123.74 38.72 -49.23
C THR E 467 123.73 40.24 -49.14
N ALA E 468 122.62 40.92 -49.35
CA ALA E 468 122.38 42.34 -49.14
C ALA E 468 121.08 42.69 -48.44
N GLU E 469 120.94 43.90 -47.89
CA GLU E 469 119.75 44.33 -47.16
C GLU E 469 119.55 45.83 -47.32
N ASP E 470 118.34 46.23 -47.70
CA ASP E 470 117.74 47.53 -47.77
C ASP E 470 116.93 47.92 -46.52
N LEU E 471 116.98 49.21 -46.20
CA LEU E 471 116.09 49.79 -45.23
C LEU E 471 114.71 50.12 -45.78
N ASP E 472 114.51 50.19 -47.11
CA ASP E 472 113.16 50.15 -47.63
C ASP E 472 112.63 48.73 -47.51
N GLY E 473 111.30 48.75 -47.67
CA GLY E 473 110.53 47.59 -48.03
C GLY E 473 109.96 47.54 -49.44
N HIS E 474 109.19 46.54 -49.88
CA HIS E 474 108.61 46.47 -51.20
C HIS E 474 107.60 47.60 -51.44
N PRO E 475 107.63 48.19 -52.64
CA PRO E 475 108.51 47.94 -53.77
C PRO E 475 109.74 48.83 -53.77
N ASN E 476 109.94 49.62 -52.70
CA ASN E 476 111.05 50.53 -52.56
C ASN E 476 112.36 49.84 -52.17
N SER E 477 112.35 48.53 -51.89
CA SER E 477 113.51 47.68 -52.02
C SER E 477 113.30 46.73 -53.20
N GLY E 478 112.45 45.72 -53.06
CA GLY E 478 112.11 44.78 -54.11
C GLY E 478 113.29 43.91 -54.53
N PRO E 479 113.16 43.12 -55.60
CA PRO E 479 114.27 42.30 -56.01
C PRO E 479 115.50 43.13 -56.35
N PHE E 480 116.74 42.79 -55.95
CA PHE E 480 117.94 43.52 -56.28
C PHE E 480 118.65 43.11 -57.55
N SER E 481 119.57 43.94 -58.08
CA SER E 481 120.52 43.57 -59.10
C SER E 481 121.95 43.84 -58.65
N PHE E 482 122.85 42.90 -58.83
CA PHE E 482 124.27 42.95 -58.56
C PHE E 482 125.12 42.96 -59.83
N SER E 483 125.97 43.97 -59.98
CA SER E 483 126.88 44.28 -61.07
C SER E 483 128.30 44.42 -60.58
N VAL E 484 129.22 43.57 -61.07
CA VAL E 484 130.62 43.68 -60.75
C VAL E 484 131.29 44.55 -61.80
N ILE E 485 131.99 45.59 -61.34
CA ILE E 485 132.52 46.66 -62.17
C ILE E 485 133.47 46.12 -63.25
N ASP E 486 133.19 46.72 -64.41
CA ASP E 486 133.89 46.38 -65.65
C ASP E 486 134.65 47.50 -66.36
N LYS E 487 134.62 48.69 -65.75
CA LYS E 487 135.59 49.73 -66.07
C LYS E 487 136.05 50.33 -64.76
N PRO E 488 137.33 50.15 -64.38
CA PRO E 488 138.34 49.43 -65.15
C PRO E 488 138.05 47.94 -65.22
N PRO E 489 138.35 47.26 -66.33
CA PRO E 489 138.27 45.82 -66.45
C PRO E 489 139.46 45.27 -65.69
N GLY E 490 139.29 44.17 -64.97
CA GLY E 490 140.20 43.74 -63.92
C GLY E 490 139.73 42.58 -63.06
N MET E 491 138.46 42.19 -63.02
CA MET E 491 137.95 41.13 -62.17
C MET E 491 137.22 40.01 -62.92
N ALA E 492 136.85 40.21 -64.18
CA ALA E 492 136.12 39.30 -65.05
C ALA E 492 136.77 37.94 -65.27
N GLU E 493 138.10 37.82 -65.32
CA GLU E 493 138.85 36.59 -65.51
C GLU E 493 138.93 35.68 -64.30
N LYS E 494 138.45 36.21 -63.17
CA LYS E 494 138.82 35.73 -61.85
C LYS E 494 137.53 35.31 -61.17
N TRP E 495 136.56 36.22 -61.04
CA TRP E 495 135.24 35.74 -60.65
C TRP E 495 134.15 36.33 -61.53
N LYS E 496 133.02 35.67 -61.82
CA LYS E 496 131.90 36.29 -62.48
C LYS E 496 130.60 35.80 -61.86
N ILE E 497 129.45 36.47 -62.01
CA ILE E 497 128.19 36.11 -61.40
C ILE E 497 127.71 34.86 -62.11
N ALA E 498 127.34 33.89 -61.26
CA ALA E 498 126.81 32.64 -61.74
C ALA E 498 125.30 32.54 -61.59
N ARG E 499 124.78 33.13 -60.52
CA ARG E 499 123.36 33.25 -60.24
C ARG E 499 123.04 34.52 -59.47
N GLN E 500 121.84 35.07 -59.69
CA GLN E 500 121.31 36.13 -58.86
C GLN E 500 120.01 35.67 -58.20
N GLU E 501 119.81 35.81 -56.89
CA GLU E 501 118.56 35.61 -56.19
C GLU E 501 117.98 37.01 -55.98
N SER E 502 116.78 37.13 -55.42
CA SER E 502 116.29 38.45 -55.07
C SER E 502 117.09 39.22 -54.02
N THR E 503 117.78 38.62 -53.07
CA THR E 503 118.52 39.33 -52.05
C THR E 503 120.01 39.06 -51.94
N SER E 504 120.58 38.21 -52.79
CA SER E 504 121.94 37.74 -52.65
C SER E 504 122.31 37.34 -54.07
N VAL E 505 123.61 37.12 -54.25
CA VAL E 505 124.32 36.64 -55.43
C VAL E 505 125.29 35.52 -55.10
N LEU E 506 125.59 34.78 -56.16
CA LEU E 506 126.58 33.75 -56.39
C LEU E 506 127.57 34.20 -57.45
N LEU E 507 128.86 34.06 -57.16
CA LEU E 507 129.99 34.09 -58.06
C LEU E 507 130.82 32.81 -58.02
N GLN E 508 131.48 32.53 -59.14
CA GLN E 508 132.08 31.27 -59.52
C GLN E 508 133.56 31.43 -59.86
N GLN E 509 134.45 30.52 -59.47
CA GLN E 509 135.86 30.71 -59.78
C GLN E 509 136.17 30.52 -61.25
N SER E 510 136.60 31.60 -61.91
CA SER E 510 137.16 31.55 -63.24
C SER E 510 138.69 31.49 -63.30
N GLU E 511 139.47 31.93 -62.33
CA GLU E 511 140.92 31.75 -62.39
C GLU E 511 141.51 30.61 -61.56
N LYS E 512 140.96 30.26 -60.39
CA LYS E 512 141.16 29.08 -59.57
C LYS E 512 142.52 29.01 -58.91
N LYS E 513 142.86 30.09 -58.19
CA LYS E 513 144.24 30.26 -57.79
C LYS E 513 144.42 30.88 -56.41
N LEU E 514 145.45 30.51 -55.64
CA LEU E 514 145.81 31.14 -54.38
C LEU E 514 146.20 32.61 -54.53
N GLY E 515 145.34 33.49 -54.02
CA GLY E 515 145.42 34.94 -54.14
C GLY E 515 144.41 35.69 -53.28
N ARG E 516 144.06 36.94 -53.64
CA ARG E 516 143.40 37.92 -52.80
C ARG E 516 142.77 38.88 -53.80
N SER E 517 141.46 39.12 -53.67
CA SER E 517 140.69 40.06 -54.46
C SER E 517 139.78 40.98 -53.68
N GLU E 518 139.53 42.22 -54.12
CA GLU E 518 138.50 43.15 -53.71
C GLU E 518 137.38 43.20 -54.75
N ILE E 519 136.44 42.25 -54.63
CA ILE E 519 135.33 42.19 -55.57
C ILE E 519 134.33 43.30 -55.30
N GLN E 520 134.28 44.30 -56.19
CA GLN E 520 133.49 45.49 -56.00
C GLN E 520 132.21 45.37 -56.82
N PHE E 521 131.10 45.60 -56.11
CA PHE E 521 129.80 45.66 -56.74
C PHE E 521 129.22 47.07 -56.80
N LEU E 522 128.41 47.22 -57.84
CA LEU E 522 127.25 48.07 -57.75
C LEU E 522 126.02 47.25 -57.42
N ILE E 523 125.23 47.69 -56.43
CA ILE E 523 124.12 46.92 -55.89
C ILE E 523 122.88 47.79 -56.14
N SER E 524 122.13 47.57 -57.21
CA SER E 524 120.88 48.24 -57.50
C SER E 524 119.61 47.66 -56.93
N ASP E 525 118.72 48.46 -56.34
CA ASP E 525 117.41 47.90 -56.02
C ASP E 525 116.47 47.97 -57.20
N ASN E 526 115.21 47.55 -56.97
CA ASN E 526 114.15 47.30 -57.92
C ASN E 526 113.92 48.51 -58.80
N GLN E 527 113.79 49.69 -58.20
CA GLN E 527 113.59 50.95 -58.87
C GLN E 527 114.89 51.68 -59.18
N GLY E 528 116.06 51.19 -58.77
CA GLY E 528 117.29 51.73 -59.32
C GLY E 528 118.23 52.44 -58.36
N PHE E 529 117.81 52.66 -57.12
CA PHE E 529 118.68 53.20 -56.10
C PHE E 529 119.82 52.28 -55.69
N SER E 530 121.01 52.86 -55.49
CA SER E 530 122.20 52.18 -55.03
C SER E 530 122.94 53.07 -54.04
N CYS E 531 123.86 52.57 -53.19
CA CYS E 531 124.48 53.26 -52.07
C CYS E 531 125.52 54.29 -52.51
N PRO E 532 125.53 55.51 -51.98
CA PRO E 532 126.65 56.40 -52.18
C PRO E 532 128.01 55.89 -51.71
N GLU E 533 128.08 55.12 -50.62
CA GLU E 533 129.26 54.42 -50.19
C GLU E 533 129.54 53.18 -51.03
N LYS E 534 130.76 52.78 -51.41
CA LYS E 534 131.08 51.62 -52.20
C LYS E 534 130.69 50.31 -51.53
N GLN E 535 130.41 49.29 -52.35
CA GLN E 535 130.16 47.96 -51.87
C GLN E 535 131.22 46.99 -52.35
N VAL E 536 132.14 46.58 -51.47
CA VAL E 536 133.21 45.64 -51.74
C VAL E 536 133.14 44.41 -50.83
N LEU E 537 133.10 43.22 -51.43
CA LEU E 537 133.52 41.94 -50.89
C LEU E 537 135.03 41.75 -51.04
N THR E 538 135.72 41.59 -49.91
CA THR E 538 137.14 41.33 -49.89
C THR E 538 137.33 39.87 -49.50
N LEU E 539 138.14 39.14 -50.26
CA LEU E 539 138.18 37.70 -50.26
C LEU E 539 139.62 37.24 -50.43
N THR E 540 140.09 36.25 -49.67
CA THR E 540 141.35 35.56 -49.89
C THR E 540 141.02 34.09 -50.14
N VAL E 541 141.68 33.52 -51.15
CA VAL E 541 141.58 32.09 -51.36
C VAL E 541 142.79 31.45 -50.71
N CYS E 542 142.66 30.58 -49.70
CA CYS E 542 143.79 30.06 -48.94
C CYS E 542 143.83 28.55 -48.90
N GLU E 543 144.94 27.96 -48.43
CA GLU E 543 145.17 26.55 -48.20
C GLU E 543 144.63 26.10 -46.84
N CYS E 544 143.46 25.47 -46.79
CA CYS E 544 142.74 25.28 -45.54
C CYS E 544 143.29 24.01 -44.92
N LEU E 545 143.05 23.76 -43.61
CA LEU E 545 143.44 22.60 -42.85
C LEU E 545 142.22 21.74 -42.56
N HIS E 546 141.69 21.25 -43.68
CA HIS E 546 140.45 20.52 -43.87
C HIS E 546 139.26 21.30 -43.32
N GLY E 547 139.07 21.03 -42.02
CA GLY E 547 137.96 21.57 -41.26
C GLY E 547 138.20 22.97 -40.72
N SER E 548 139.45 23.38 -40.54
CA SER E 548 139.91 24.70 -40.12
C SER E 548 140.35 25.55 -41.30
N GLY E 549 140.46 26.86 -41.03
CA GLY E 549 140.89 27.91 -41.94
C GLY E 549 142.31 27.80 -42.50
N CYS E 550 142.91 28.87 -43.01
CA CYS E 550 144.25 28.86 -43.59
C CYS E 550 145.36 28.30 -42.72
N ARG E 551 146.33 27.65 -43.38
CA ARG E 551 147.57 27.33 -42.70
C ARG E 551 148.32 28.60 -42.37
N GLU E 552 149.14 28.52 -41.33
CA GLU E 552 150.17 29.46 -40.90
C GLU E 552 151.45 28.72 -40.51
N ALA E 553 152.51 29.49 -40.24
CA ALA E 553 153.69 29.03 -39.55
C ALA E 553 153.64 29.08 -38.02
N HIS E 554 154.36 28.18 -37.38
CA HIS E 554 154.51 28.05 -35.93
C HIS E 554 155.90 27.60 -35.49
N ALA F 1 -6.07 92.74 -12.04
CA ALA F 1 -6.53 92.95 -10.66
C ALA F 1 -5.43 92.56 -9.68
N TRP F 2 -5.83 92.35 -8.42
CA TRP F 2 -4.92 92.01 -7.35
C TRP F 2 -5.13 90.68 -6.66
N ILE F 3 -4.14 89.80 -6.53
CA ILE F 3 -4.11 88.52 -5.82
C ILE F 3 -4.18 88.65 -4.31
N THR F 4 -5.06 87.89 -3.62
CA THR F 4 -5.18 87.74 -2.19
C THR F 4 -4.32 86.53 -1.82
N ALA F 5 -3.78 86.59 -0.60
CA ALA F 5 -2.94 85.53 -0.06
C ALA F 5 -3.71 84.36 0.52
N PRO F 6 -3.06 83.19 0.66
CA PRO F 6 -3.75 82.01 1.14
C PRO F 6 -4.27 82.19 2.56
N VAL F 7 -5.34 81.48 2.93
CA VAL F 7 -5.52 81.06 4.31
C VAL F 7 -4.67 79.83 4.58
N ALA F 8 -4.24 79.51 5.80
CA ALA F 8 -3.24 78.55 6.23
C ALA F 8 -3.93 77.84 7.38
N LEU F 9 -3.98 76.51 7.21
CA LEU F 9 -4.81 75.61 7.98
C LEU F 9 -4.00 74.57 8.73
N ARG F 10 -4.32 74.23 9.98
CA ARG F 10 -3.45 73.37 10.77
C ARG F 10 -3.69 71.90 10.47
N GLU F 11 -2.65 71.09 10.30
CA GLU F 11 -2.78 69.70 9.94
C GLU F 11 -3.44 68.86 11.02
N GLY F 12 -4.02 67.74 10.60
CA GLY F 12 -4.47 66.69 11.49
C GLY F 12 -5.75 66.92 12.27
N GLU F 13 -6.32 68.11 12.18
CA GLU F 13 -7.40 68.48 13.07
C GLU F 13 -8.71 68.70 12.31
N ASP F 14 -9.80 68.74 13.07
CA ASP F 14 -11.10 69.14 12.56
C ASP F 14 -11.04 70.66 12.62
N LEU F 15 -11.17 71.28 11.44
CA LEU F 15 -11.16 72.72 11.24
C LEU F 15 -12.55 73.33 11.31
N SER F 16 -13.56 72.76 11.96
CA SER F 16 -14.88 73.35 11.99
C SER F 16 -14.99 74.71 12.65
N LYS F 17 -13.99 75.37 13.24
CA LYS F 17 -14.02 76.76 13.67
C LYS F 17 -13.48 77.73 12.63
N LYS F 18 -12.66 77.24 11.68
CA LYS F 18 -12.05 77.99 10.60
C LYS F 18 -12.65 77.89 9.20
N ASN F 19 -13.41 76.83 8.89
CA ASN F 19 -14.32 76.76 7.77
C ASN F 19 -15.33 77.91 7.75
N PRO F 20 -15.78 78.43 6.62
CA PRO F 20 -15.32 78.19 5.26
C PRO F 20 -13.88 78.58 4.98
N ILE F 21 -13.19 77.79 4.15
CA ILE F 21 -11.89 78.08 3.59
C ILE F 21 -11.84 79.01 2.38
N ALA F 22 -13.00 79.19 1.73
CA ALA F 22 -13.15 80.11 0.62
C ALA F 22 -14.53 80.74 0.69
N LYS F 23 -14.61 81.95 0.12
CA LYS F 23 -15.85 82.68 0.01
C LYS F 23 -15.79 83.61 -1.20
N ILE F 24 -16.84 83.65 -2.02
CA ILE F 24 -16.95 84.44 -3.23
C ILE F 24 -18.35 85.05 -3.30
N HIS F 25 -18.36 86.37 -3.41
CA HIS F 25 -19.56 87.19 -3.32
C HIS F 25 -19.51 88.36 -4.28
N SER F 26 -20.55 88.62 -5.07
CA SER F 26 -20.72 89.80 -5.89
C SER F 26 -22.02 90.51 -5.55
N ASP F 27 -22.01 91.85 -5.57
CA ASP F 27 -23.10 92.80 -5.48
C ASP F 27 -23.95 92.86 -6.74
N LEU F 28 -23.59 92.22 -7.86
CA LEU F 28 -24.35 92.26 -9.08
C LEU F 28 -25.81 91.88 -8.84
N ALA F 29 -26.11 91.01 -7.88
CA ALA F 29 -27.46 90.66 -7.45
C ALA F 29 -28.27 91.77 -6.78
N GLU F 30 -27.68 92.90 -6.39
CA GLU F 30 -28.21 93.92 -5.52
C GLU F 30 -28.22 95.28 -6.21
N GLU F 31 -27.14 95.49 -6.98
CA GLU F 31 -26.96 96.54 -7.97
C GLU F 31 -27.78 96.36 -9.24
N ARG F 32 -27.95 95.12 -9.69
CA ARG F 32 -28.73 94.67 -10.84
C ARG F 32 -29.87 93.76 -10.40
N GLY F 33 -29.97 93.42 -9.11
CA GLY F 33 -31.13 92.70 -8.61
C GLY F 33 -31.28 91.25 -9.07
N LEU F 34 -30.56 90.74 -10.07
CA LEU F 34 -30.69 89.39 -10.57
C LEU F 34 -30.36 88.30 -9.56
N LYS F 35 -31.00 87.14 -9.72
CA LYS F 35 -30.71 86.02 -8.84
C LYS F 35 -29.44 85.31 -9.28
N ILE F 36 -28.49 85.23 -8.35
CA ILE F 36 -27.19 84.62 -8.61
C ILE F 36 -26.99 83.34 -7.80
N THR F 37 -26.36 82.31 -8.36
CA THR F 37 -25.90 81.16 -7.62
C THR F 37 -24.41 81.03 -7.86
N TYR F 38 -23.66 80.49 -6.91
CA TYR F 38 -22.21 80.39 -6.91
C TYR F 38 -21.70 78.99 -7.21
N LYS F 39 -20.48 78.72 -7.69
CA LYS F 39 -19.89 77.41 -7.87
C LYS F 39 -18.38 77.41 -7.78
N TYR F 40 -17.84 76.23 -7.46
CA TYR F 40 -16.44 75.85 -7.47
C TYR F 40 -16.15 74.64 -8.35
N THR F 41 -14.91 74.54 -8.84
CA THR F 41 -14.23 73.40 -9.44
C THR F 41 -12.77 73.36 -9.02
N GLY F 42 -12.12 72.22 -9.22
CA GLY F 42 -10.69 72.00 -9.03
C GLY F 42 -10.48 70.60 -8.45
N LYS F 43 -9.17 70.39 -8.24
CA LYS F 43 -8.70 69.21 -7.54
C LYS F 43 -9.20 69.18 -6.11
N GLY F 44 -9.62 68.02 -5.60
CA GLY F 44 -10.59 67.88 -4.51
C GLY F 44 -12.08 67.92 -4.79
N ILE F 45 -12.52 68.09 -6.04
CA ILE F 45 -13.89 68.31 -6.44
C ILE F 45 -14.16 67.54 -7.73
N THR F 46 -13.41 67.92 -8.78
CA THR F 46 -13.58 67.53 -10.16
C THR F 46 -12.37 66.73 -10.62
N GLU F 47 -11.22 66.91 -9.97
CA GLU F 47 -10.00 66.17 -10.21
C GLU F 47 -9.57 65.40 -8.96
N PRO F 48 -9.17 64.14 -9.15
CA PRO F 48 -9.12 63.23 -8.02
C PRO F 48 -8.06 63.68 -7.03
N PRO F 49 -8.36 63.54 -5.74
CA PRO F 49 -9.52 62.87 -5.20
C PRO F 49 -10.84 63.62 -5.29
N PHE F 50 -11.90 62.82 -5.16
CA PHE F 50 -13.22 63.38 -5.00
C PHE F 50 -13.68 63.45 -3.55
N GLY F 51 -14.67 64.33 -3.35
CA GLY F 51 -15.32 64.51 -2.08
C GLY F 51 -14.54 65.35 -1.08
N ILE F 52 -13.37 65.93 -1.37
CA ILE F 52 -12.62 66.65 -0.36
C ILE F 52 -13.22 67.99 0.00
N PHE F 53 -13.65 68.74 -1.01
CA PHE F 53 -14.33 70.01 -0.83
C PHE F 53 -15.74 70.04 -1.43
N VAL F 54 -16.58 70.75 -0.67
CA VAL F 54 -17.98 70.97 -0.94
C VAL F 54 -18.38 72.41 -0.70
N PHE F 55 -19.37 72.86 -1.48
CA PHE F 55 -19.75 74.26 -1.60
C PHE F 55 -21.24 74.52 -1.75
N ASN F 56 -21.79 75.48 -1.01
CA ASN F 56 -23.20 75.80 -1.06
C ASN F 56 -23.45 76.71 -2.25
N LYS F 57 -24.12 76.26 -3.31
CA LYS F 57 -24.31 77.21 -4.39
C LYS F 57 -25.14 78.45 -4.08
N ASP F 58 -25.97 78.45 -3.03
CA ASP F 58 -26.64 79.66 -2.58
C ASP F 58 -25.75 80.69 -1.90
N THR F 59 -24.77 80.32 -1.07
CA THR F 59 -24.08 81.18 -0.13
C THR F 59 -22.64 81.51 -0.46
N GLY F 60 -22.10 81.04 -1.59
CA GLY F 60 -20.80 81.49 -2.06
C GLY F 60 -19.62 80.81 -1.39
N GLU F 61 -19.86 80.09 -0.30
CA GLU F 61 -18.82 79.47 0.50
C GLU F 61 -18.30 78.18 -0.15
N LEU F 62 -17.07 77.84 0.23
CA LEU F 62 -16.57 76.49 0.11
C LEU F 62 -15.74 75.98 1.28
N ASN F 63 -16.02 74.73 1.64
CA ASN F 63 -15.54 74.09 2.85
C ASN F 63 -14.68 72.88 2.50
N VAL F 64 -13.87 72.47 3.48
CA VAL F 64 -13.21 71.18 3.61
C VAL F 64 -13.79 70.46 4.81
N THR F 65 -14.35 69.27 4.59
CA THR F 65 -14.93 68.36 5.56
C THR F 65 -14.01 67.18 5.84
N SER F 66 -12.83 67.15 5.22
CA SER F 66 -11.77 66.17 5.39
C SER F 66 -10.78 66.64 6.46
N ILE F 67 -9.98 65.70 6.97
CA ILE F 67 -8.85 65.93 7.84
C ILE F 67 -7.67 65.95 6.88
N LEU F 68 -6.85 67.00 7.01
CA LEU F 68 -5.75 67.32 6.12
C LEU F 68 -4.40 66.98 6.72
N ASP F 69 -3.42 66.79 5.83
CA ASP F 69 -2.05 66.46 6.15
C ASP F 69 -1.00 67.26 5.40
N ARG F 70 -0.02 67.93 6.02
CA ARG F 70 0.94 68.77 5.33
C ARG F 70 2.00 67.90 4.66
N GLU F 71 2.40 66.82 5.33
CA GLU F 71 3.27 65.77 4.86
C GLU F 71 2.70 64.88 3.76
N GLU F 72 1.53 65.21 3.24
CA GLU F 72 1.04 64.72 1.96
C GLU F 72 0.78 65.85 0.98
N THR F 73 0.03 66.84 1.46
CA THR F 73 -0.45 67.95 0.65
C THR F 73 -0.14 69.28 1.33
N PRO F 74 0.86 70.09 0.99
CA PRO F 74 1.00 71.47 1.45
C PRO F 74 -0.03 72.45 0.91
N PHE F 75 -0.46 72.20 -0.33
CA PHE F 75 -1.11 73.25 -1.08
C PHE F 75 -2.23 72.74 -1.98
N PHE F 76 -3.29 73.54 -2.05
CA PHE F 76 -4.47 73.44 -2.88
C PHE F 76 -4.75 74.62 -3.80
N LEU F 77 -5.44 74.39 -4.92
CA LEU F 77 -5.74 75.39 -5.93
C LEU F 77 -7.17 75.15 -6.42
N LEU F 78 -7.96 76.21 -6.61
CA LEU F 78 -9.37 76.02 -6.92
C LEU F 78 -9.81 77.14 -7.85
N THR F 79 -10.92 77.02 -8.56
CA THR F 79 -11.65 77.95 -9.41
C THR F 79 -13.08 78.18 -8.93
N GLY F 80 -13.50 79.46 -8.89
CA GLY F 80 -14.78 79.95 -8.44
C GLY F 80 -15.41 80.51 -9.71
N TYR F 81 -16.74 80.65 -9.62
CA TYR F 81 -17.66 81.22 -10.58
C TYR F 81 -18.83 81.80 -9.79
N ALA F 82 -19.33 82.98 -10.13
CA ALA F 82 -20.70 83.44 -9.97
C ALA F 82 -21.52 83.27 -11.23
N LEU F 83 -22.72 82.68 -11.13
CA LEU F 83 -23.50 82.25 -12.27
C LEU F 83 -24.95 82.71 -12.25
N ASP F 84 -25.64 82.67 -13.40
CA ASP F 84 -27.06 82.95 -13.56
C ASP F 84 -27.92 81.71 -13.35
N ALA F 85 -29.25 81.84 -13.38
CA ALA F 85 -30.33 80.88 -13.22
C ALA F 85 -30.25 79.73 -14.22
N ARG F 86 -29.25 79.60 -15.09
CA ARG F 86 -29.17 78.46 -15.99
C ARG F 86 -27.79 77.81 -15.99
N GLY F 87 -26.72 78.61 -15.89
CA GLY F 87 -25.40 78.12 -15.61
C GLY F 87 -24.29 78.77 -16.44
N ASN F 88 -24.52 80.01 -16.87
CA ASN F 88 -23.52 80.86 -17.48
C ASN F 88 -23.03 81.94 -16.54
N ASN F 89 -21.79 82.40 -16.77
CA ASN F 89 -21.13 83.33 -15.88
C ASN F 89 -21.88 84.63 -15.63
N VAL F 90 -21.74 85.29 -14.48
CA VAL F 90 -22.16 86.67 -14.32
C VAL F 90 -20.99 87.59 -13.95
N GLU F 91 -19.92 86.98 -13.44
CA GLU F 91 -18.59 87.51 -13.27
C GLU F 91 -17.50 86.70 -13.93
N LYS F 92 -16.37 87.21 -14.43
CA LYS F 92 -15.23 86.46 -14.91
C LYS F 92 -14.78 85.44 -13.87
N PRO F 93 -14.56 84.17 -14.19
CA PRO F 93 -13.98 83.20 -13.28
C PRO F 93 -12.76 83.67 -12.51
N LEU F 94 -12.61 83.09 -11.31
CA LEU F 94 -11.62 83.34 -10.28
C LEU F 94 -10.71 82.12 -10.20
N GLU F 95 -9.66 82.30 -9.40
CA GLU F 95 -8.72 81.31 -8.93
C GLU F 95 -8.28 81.60 -7.51
N LEU F 96 -8.59 80.65 -6.62
CA LEU F 96 -8.20 80.69 -5.22
C LEU F 96 -7.07 79.67 -5.07
N ARG F 97 -6.20 79.93 -4.08
CA ARG F 97 -5.15 79.04 -3.62
C ARG F 97 -5.20 78.98 -2.11
N ILE F 98 -4.86 77.83 -1.54
CA ILE F 98 -5.11 77.47 -0.16
C ILE F 98 -3.93 76.63 0.31
N LYS F 99 -3.52 76.73 1.57
CA LYS F 99 -2.41 76.06 2.20
C LYS F 99 -2.69 75.29 3.48
N VAL F 100 -2.01 74.18 3.79
CA VAL F 100 -1.91 73.51 5.07
C VAL F 100 -0.57 73.83 5.72
N LEU F 101 -0.63 74.37 6.94
CA LEU F 101 0.48 74.41 7.88
C LEU F 101 0.91 73.11 8.55
N ASP F 102 2.22 73.00 8.83
CA ASP F 102 2.80 71.94 9.62
C ASP F 102 2.63 72.12 11.12
N ILE F 103 2.42 71.01 11.82
CA ILE F 103 2.34 70.83 13.26
C ILE F 103 3.11 69.57 13.67
N ASN F 104 3.40 69.44 14.96
CA ASN F 104 4.02 68.28 15.55
C ASN F 104 3.24 66.97 15.51
N ASP F 105 3.54 66.14 14.50
CA ASP F 105 2.88 64.86 14.40
C ASP F 105 3.75 63.62 14.17
N ASN F 106 5.06 63.88 14.22
CA ASN F 106 6.13 62.91 14.10
C ASN F 106 7.17 63.25 15.17
N GLU F 107 7.95 62.26 15.60
CA GLU F 107 8.81 62.34 16.76
C GLU F 107 10.22 61.88 16.43
N PRO F 108 11.29 62.43 17.01
CA PRO F 108 12.69 62.24 16.70
C PRO F 108 13.08 60.79 16.49
N VAL F 109 14.09 60.44 15.68
CA VAL F 109 14.72 59.14 15.57
C VAL F 109 16.24 59.27 15.57
N PHE F 110 17.00 58.46 16.32
CA PHE F 110 18.43 58.61 16.48
C PHE F 110 19.27 58.38 15.23
N THR F 111 20.52 58.84 15.21
CA THR F 111 21.52 58.62 14.19
C THR F 111 22.02 57.20 14.02
N GLN F 112 22.18 56.44 15.11
CA GLN F 112 22.72 55.10 15.09
C GLN F 112 21.99 54.36 16.20
N ASP F 113 22.09 53.04 16.29
CA ASP F 113 21.38 52.29 17.31
C ASP F 113 22.11 52.28 18.64
N VAL F 114 23.44 52.27 18.56
CA VAL F 114 24.27 52.23 19.75
C VAL F 114 25.23 53.42 19.72
N PHE F 115 25.35 54.09 20.87
CA PHE F 115 26.39 55.09 21.02
C PHE F 115 27.36 54.78 22.15
N VAL F 116 28.60 55.23 21.99
CA VAL F 116 29.73 54.75 22.78
C VAL F 116 30.55 55.89 23.36
N GLY F 117 31.02 55.79 24.61
CA GLY F 117 31.77 56.79 25.36
C GLY F 117 32.58 56.13 26.47
N SER F 118 33.48 56.91 27.06
CA SER F 118 34.35 56.60 28.19
C SER F 118 34.69 57.78 29.08
N VAL F 119 35.08 57.47 30.32
CA VAL F 119 35.45 58.42 31.35
C VAL F 119 36.25 57.71 32.42
N GLU F 120 37.16 58.45 33.03
CA GLU F 120 37.92 58.09 34.22
C GLU F 120 37.12 58.21 35.51
N GLU F 121 37.62 57.35 36.39
CA GLU F 121 37.17 57.34 37.77
C GLU F 121 37.78 58.44 38.61
N LEU F 122 37.12 58.74 39.73
CA LEU F 122 37.54 59.79 40.64
C LEU F 122 37.66 61.14 39.95
N SER F 123 36.67 61.45 39.10
CA SER F 123 36.62 62.63 38.25
C SER F 123 35.74 63.74 38.78
N ALA F 124 35.58 64.84 38.03
CA ALA F 124 34.82 65.97 38.53
C ALA F 124 33.48 66.15 37.82
N ALA F 125 32.59 66.93 38.42
CA ALA F 125 31.31 67.21 37.80
C ALA F 125 31.39 67.95 36.46
N HIS F 126 30.38 67.72 35.61
CA HIS F 126 30.25 68.40 34.33
C HIS F 126 31.40 68.22 33.36
N THR F 127 31.95 67.01 33.43
CA THR F 127 33.09 66.45 32.73
C THR F 127 32.55 65.67 31.54
N LEU F 128 33.04 65.95 30.32
CA LEU F 128 32.39 65.56 29.09
C LEU F 128 32.71 64.11 28.74
N VAL F 129 31.73 63.31 28.34
CA VAL F 129 31.85 61.88 28.17
C VAL F 129 31.69 61.51 26.71
N MET F 130 30.63 62.03 26.08
CA MET F 130 30.30 61.78 24.70
C MET F 130 29.06 62.53 24.22
N LYS F 131 28.88 62.47 22.89
CA LYS F 131 27.73 63.08 22.26
C LYS F 131 26.82 62.03 21.63
N ILE F 132 25.53 62.39 21.54
CA ILE F 132 24.45 61.75 20.83
C ILE F 132 23.67 62.68 19.91
N ASN F 133 22.94 62.13 18.94
CA ASN F 133 22.04 62.91 18.12
C ASN F 133 20.79 62.17 17.63
N ALA F 134 19.73 62.90 17.32
CA ALA F 134 18.57 62.45 16.58
C ALA F 134 18.03 63.41 15.53
N THR F 135 17.00 63.10 14.73
CA THR F 135 16.38 63.91 13.70
C THR F 135 14.88 63.67 13.58
N ASP F 136 14.18 64.64 12.98
CA ASP F 136 12.74 64.78 12.93
C ASP F 136 12.34 65.44 11.62
N ALA F 137 11.14 65.04 11.17
CA ALA F 137 10.47 65.29 9.90
C ALA F 137 9.45 66.42 9.85
N ASP F 138 9.25 67.19 10.92
CA ASP F 138 8.60 68.47 10.68
C ASP F 138 9.55 69.50 10.12
N GLU F 139 9.23 70.71 9.65
CA GLU F 139 10.08 71.72 9.03
C GLU F 139 11.21 72.09 9.98
N PRO F 140 12.38 72.46 9.46
CA PRO F 140 13.56 72.84 10.21
C PRO F 140 13.25 74.16 10.89
N ASN F 141 14.05 74.42 11.92
CA ASN F 141 13.92 75.53 12.84
C ASN F 141 12.51 75.91 13.27
N THR F 142 11.82 74.88 13.76
CA THR F 142 10.56 74.97 14.49
C THR F 142 10.59 74.19 15.79
N LEU F 143 9.77 74.60 16.75
CA LEU F 143 9.52 73.85 17.97
C LEU F 143 9.06 72.42 17.70
N ASN F 144 8.47 72.16 16.53
CA ASN F 144 8.13 70.82 16.09
C ASN F 144 9.19 69.81 15.71
N SER F 145 10.43 70.29 15.56
CA SER F 145 11.58 69.49 15.18
C SER F 145 12.71 69.79 16.14
N LYS F 146 12.53 70.62 17.18
CA LYS F 146 13.47 71.11 18.15
C LYS F 146 13.70 69.90 19.04
N ILE F 147 14.83 69.21 18.89
CA ILE F 147 15.14 67.95 19.55
C ILE F 147 15.58 68.25 20.99
N SER F 148 15.17 67.45 21.97
CA SER F 148 15.69 67.33 23.32
C SER F 148 15.95 65.89 23.74
N TYR F 149 16.74 65.65 24.80
CA TYR F 149 17.18 64.31 25.14
C TYR F 149 16.97 64.09 26.63
N ARG F 150 16.88 62.80 26.97
CA ARG F 150 16.60 62.31 28.31
C ARG F 150 17.05 60.89 28.57
N ILE F 151 17.42 60.51 29.80
CA ILE F 151 17.78 59.17 30.20
C ILE F 151 16.51 58.49 30.69
N VAL F 152 16.06 57.52 29.88
CA VAL F 152 15.03 56.64 30.39
C VAL F 152 15.58 55.37 31.01
N SER F 153 16.84 54.96 30.85
CA SER F 153 17.37 53.78 31.50
C SER F 153 18.80 54.10 31.91
N LEU F 154 19.16 53.50 33.04
CA LEU F 154 20.48 53.37 33.63
C LEU F 154 20.65 52.12 34.50
N GLU F 155 21.87 51.57 34.58
CA GLU F 155 22.13 50.38 35.34
C GLU F 155 23.47 50.51 36.04
N PRO F 156 23.54 50.49 37.37
CA PRO F 156 22.43 50.69 38.29
C PRO F 156 21.77 52.05 38.34
N ALA F 157 20.44 52.15 38.42
CA ALA F 157 19.66 53.34 38.12
C ALA F 157 19.83 54.48 39.12
N TYR F 158 20.15 54.16 40.37
CA TYR F 158 20.40 55.13 41.41
C TYR F 158 21.86 54.98 41.81
N PRO F 159 22.58 56.08 42.06
CA PRO F 159 22.17 57.45 41.79
C PRO F 159 22.32 57.92 40.35
N PRO F 160 21.93 59.17 40.08
CA PRO F 160 22.27 59.80 38.82
C PRO F 160 23.72 60.20 38.68
N VAL F 161 24.49 59.45 37.89
CA VAL F 161 25.90 59.71 37.74
C VAL F 161 26.23 60.48 36.47
N PHE F 162 25.27 60.53 35.54
CA PHE F 162 25.32 61.28 34.30
C PHE F 162 24.20 62.30 34.13
N TYR F 163 24.46 63.31 33.29
CA TYR F 163 23.67 64.48 32.96
C TYR F 163 23.77 64.68 31.45
N LEU F 164 22.66 65.02 30.81
CA LEU F 164 22.45 65.16 29.38
C LEU F 164 21.96 66.55 29.01
N ASN F 165 22.84 67.38 28.43
CA ASN F 165 22.42 68.71 28.03
C ASN F 165 21.41 68.59 26.90
N LYS F 166 20.14 68.97 27.08
CA LYS F 166 19.11 69.11 26.07
C LYS F 166 19.44 70.20 25.05
N ASP F 167 20.48 71.01 25.25
CA ASP F 167 20.98 72.02 24.34
C ASP F 167 21.70 71.45 23.11
N THR F 168 22.39 70.34 23.38
CA THR F 168 23.48 69.80 22.61
C THR F 168 23.46 68.31 22.34
N GLY F 169 22.92 67.47 23.24
CA GLY F 169 23.08 66.03 23.21
C GLY F 169 24.44 65.63 23.75
N GLU F 170 25.12 66.48 24.53
CA GLU F 170 26.32 66.09 25.25
C GLU F 170 25.99 65.46 26.59
N ILE F 171 26.59 64.28 26.85
CA ILE F 171 26.58 63.51 28.06
C ILE F 171 27.78 64.00 28.87
N TYR F 172 27.42 64.47 30.07
CA TYR F 172 28.34 64.90 31.11
C TYR F 172 28.20 63.96 32.30
N THR F 173 29.17 64.06 33.21
CA THR F 173 29.08 63.59 34.57
C THR F 173 28.19 64.52 35.37
N THR F 174 27.57 63.97 36.42
CA THR F 174 27.12 64.72 37.57
C THR F 174 28.12 64.72 38.73
N SER F 175 27.73 65.26 39.89
CA SER F 175 28.51 65.44 41.10
C SER F 175 28.68 64.14 41.86
N VAL F 176 27.99 63.07 41.44
CA VAL F 176 28.09 61.76 42.07
C VAL F 176 29.27 61.05 41.43
N THR F 177 30.31 60.69 42.19
CA THR F 177 31.57 60.24 41.65
C THR F 177 31.55 58.80 41.14
N LEU F 178 32.06 58.49 39.95
CA LEU F 178 32.23 57.11 39.56
C LEU F 178 33.48 56.51 40.20
N ASP F 179 33.45 55.19 40.36
CA ASP F 179 34.43 54.25 40.88
C ASP F 179 34.54 53.07 39.92
N ARG F 180 35.78 52.76 39.52
CA ARG F 180 36.01 51.61 38.67
C ARG F 180 36.00 50.35 39.54
N GLU F 181 36.35 50.36 40.82
CA GLU F 181 36.28 49.23 41.72
C GLU F 181 34.84 48.83 42.03
N GLU F 182 33.86 49.66 41.68
CA GLU F 182 32.44 49.35 41.78
C GLU F 182 31.89 48.73 40.51
N HIS F 183 31.99 49.45 39.39
CA HIS F 183 31.61 49.07 38.04
C HIS F 183 32.64 49.51 37.00
N SER F 184 32.91 48.76 35.94
CA SER F 184 33.86 48.98 34.85
C SER F 184 33.19 49.38 33.55
N SER F 185 31.86 49.48 33.55
CA SER F 185 31.02 49.96 32.47
C SER F 185 29.61 50.28 32.94
N TYR F 186 28.97 51.24 32.27
CA TYR F 186 27.57 51.61 32.38
C TYR F 186 26.81 51.69 31.06
N THR F 187 25.65 51.04 30.98
CA THR F 187 24.73 51.04 29.86
C THR F 187 23.51 51.91 30.17
N LEU F 188 23.24 52.90 29.33
CA LEU F 188 22.08 53.77 29.39
C LEU F 188 21.18 53.63 28.18
N THR F 189 19.87 53.88 28.23
CA THR F 189 18.99 54.15 27.10
C THR F 189 18.41 55.55 27.25
N VAL F 190 18.25 56.17 26.08
CA VAL F 190 17.93 57.58 25.92
C VAL F 190 16.81 57.73 24.90
N GLU F 191 15.99 58.72 25.24
CA GLU F 191 14.81 59.01 24.46
C GLU F 191 14.87 60.47 24.02
N ALA F 192 14.39 60.75 22.82
CA ALA F 192 14.54 61.98 22.05
C ALA F 192 13.18 62.56 21.67
N ARG F 193 12.86 63.79 22.06
CA ARG F 193 11.54 64.39 21.97
C ARG F 193 11.48 65.82 21.47
N ASP F 194 10.30 66.22 20.99
CA ASP F 194 9.96 67.50 20.40
C ASP F 194 8.66 68.15 20.84
N GLY F 195 8.49 69.40 20.44
CA GLY F 195 7.25 70.15 20.59
C GLY F 195 6.92 70.61 22.00
N ASN F 196 5.65 70.52 22.40
CA ASN F 196 5.11 71.07 23.63
C ASN F 196 4.18 70.16 24.40
N GLY F 197 3.59 69.15 23.76
CA GLY F 197 2.86 68.10 24.46
C GLY F 197 3.80 67.25 25.30
N GLU F 198 3.22 66.27 26.01
CA GLU F 198 3.92 65.41 26.94
C GLU F 198 3.85 63.93 26.63
N VAL F 199 4.50 63.07 27.42
CA VAL F 199 4.73 61.68 27.07
C VAL F 199 3.47 60.85 27.24
N THR F 200 2.91 60.20 26.23
CA THR F 200 1.82 59.25 26.44
C THR F 200 2.32 57.82 26.54
N ASP F 201 1.43 56.85 26.75
CA ASP F 201 1.81 55.46 26.91
C ASP F 201 2.37 54.90 25.60
N LYS F 202 1.96 55.40 24.44
CA LYS F 202 2.56 54.90 23.22
C LYS F 202 4.06 55.11 23.06
N PRO F 203 4.98 54.15 22.92
CA PRO F 203 6.38 54.45 22.77
C PRO F 203 6.79 55.22 21.52
N VAL F 204 8.09 55.52 21.48
CA VAL F 204 8.89 55.94 20.36
C VAL F 204 10.21 55.20 20.35
N LYS F 205 10.99 55.36 19.28
CA LYS F 205 12.31 54.75 19.14
C LYS F 205 13.28 55.43 20.09
N GLN F 206 14.02 54.56 20.79
CA GLN F 206 14.98 54.95 21.81
C GLN F 206 16.35 54.42 21.43
N ALA F 207 17.48 54.82 22.01
CA ALA F 207 18.77 54.31 21.61
C ALA F 207 19.72 54.03 22.77
N GLN F 208 20.54 52.99 22.70
CA GLN F 208 21.41 52.62 23.80
C GLN F 208 22.67 53.45 23.76
N VAL F 209 23.20 53.86 24.92
CA VAL F 209 24.46 54.49 25.26
C VAL F 209 25.39 53.58 26.03
N GLN F 210 26.71 53.56 25.86
CA GLN F 210 27.64 52.71 26.59
C GLN F 210 28.85 53.48 27.07
N ILE F 211 29.04 53.61 28.39
CA ILE F 211 30.03 54.42 29.07
C ILE F 211 31.00 53.44 29.72
N ARG F 212 32.25 53.37 29.25
CA ARG F 212 33.32 52.52 29.74
C ARG F 212 34.21 53.31 30.68
N ILE F 213 34.58 52.70 31.82
CA ILE F 213 35.31 53.35 32.89
C ILE F 213 36.80 53.14 32.69
N LEU F 214 37.60 54.16 32.98
CA LEU F 214 39.05 54.18 33.06
C LEU F 214 39.49 54.14 34.51
N ASP F 215 40.39 53.23 34.90
CA ASP F 215 41.04 53.27 36.19
C ASP F 215 41.82 54.53 36.52
N VAL F 216 42.13 54.91 37.76
CA VAL F 216 43.22 55.75 38.19
C VAL F 216 43.97 55.05 39.31
N ASN F 217 45.14 55.55 39.71
CA ASN F 217 46.06 54.99 40.67
C ASN F 217 45.75 55.38 42.11
N ASP F 218 44.59 54.89 42.51
CA ASP F 218 44.05 55.06 43.85
C ASP F 218 44.44 53.92 44.80
N ASN F 219 45.22 52.94 44.37
CA ASN F 219 45.70 51.76 45.08
C ASN F 219 47.22 51.60 45.01
N ILE F 220 47.83 51.27 46.14
CA ILE F 220 49.20 51.55 46.55
C ILE F 220 50.00 50.27 46.34
N PRO F 221 51.05 50.26 45.53
CA PRO F 221 51.84 49.05 45.47
C PRO F 221 52.64 48.78 46.74
N VAL F 222 52.52 47.57 47.27
CA VAL F 222 53.29 47.02 48.37
C VAL F 222 53.77 45.59 48.14
N VAL F 223 54.86 45.15 48.77
CA VAL F 223 55.47 43.85 48.56
C VAL F 223 54.79 42.79 49.40
N GLU F 224 54.66 41.56 48.92
CA GLU F 224 54.24 40.39 49.68
C GLU F 224 55.37 39.68 50.40
N ASN F 225 56.63 40.02 50.08
CA ASN F 225 57.79 39.30 50.54
C ASN F 225 58.12 39.53 52.02
N LYS F 226 58.36 38.42 52.71
CA LYS F 226 58.75 38.55 54.10
C LYS F 226 60.22 38.96 54.08
N VAL F 227 61.02 38.21 53.30
CA VAL F 227 62.44 38.46 53.13
C VAL F 227 62.93 38.40 51.68
N LEU F 228 63.97 39.16 51.36
CA LEU F 228 64.63 39.27 50.08
C LEU F 228 66.13 39.13 50.23
N GLU F 229 66.78 38.14 49.63
CA GLU F 229 68.19 37.82 49.82
C GLU F 229 68.76 37.17 48.57
N GLY F 230 69.88 37.61 47.98
CA GLY F 230 70.51 36.90 46.88
C GLY F 230 71.91 36.39 47.18
N MET F 231 72.53 35.65 46.24
CA MET F 231 73.81 34.96 46.34
C MET F 231 74.58 34.92 45.03
N VAL F 232 75.60 35.77 44.89
CA VAL F 232 76.29 36.00 43.64
C VAL F 232 77.70 35.42 43.56
N GLU F 233 78.20 35.11 42.35
CA GLU F 233 79.46 34.43 42.22
C GLU F 233 80.46 35.31 41.48
N GLU F 234 81.76 35.17 41.74
CA GLU F 234 82.78 36.05 41.21
C GLU F 234 83.02 36.08 39.71
N ASN F 235 83.39 37.32 39.40
CA ASN F 235 83.57 37.87 38.06
C ASN F 235 82.32 37.69 37.22
N GLN F 236 81.10 37.47 37.72
CA GLN F 236 79.94 37.47 36.86
C GLN F 236 79.49 38.90 36.56
N VAL F 237 78.71 39.18 35.50
CA VAL F 237 78.17 40.46 35.13
C VAL F 237 77.03 40.23 34.15
N ASN F 238 75.92 40.99 34.21
CA ASN F 238 74.73 40.80 33.43
C ASN F 238 73.99 39.50 33.71
N VAL F 239 74.05 38.99 34.95
CA VAL F 239 73.35 37.90 35.57
C VAL F 239 72.29 38.47 36.52
N GLU F 240 71.14 37.80 36.57
CA GLU F 240 70.06 38.13 37.47
C GLU F 240 70.44 37.78 38.91
N VAL F 241 69.80 38.43 39.89
CA VAL F 241 70.04 38.32 41.31
C VAL F 241 68.88 37.94 42.23
N THR F 242 67.68 38.51 42.05
CA THR F 242 66.53 38.39 42.91
C THR F 242 65.27 38.90 42.24
N ARG F 243 64.18 38.16 42.43
CA ARG F 243 62.84 38.52 42.03
C ARG F 243 61.93 38.76 43.23
N ILE F 244 61.16 39.86 43.08
CA ILE F 244 60.40 40.58 44.07
C ILE F 244 58.93 40.65 43.69
N LYS F 245 57.98 40.63 44.64
CA LYS F 245 56.57 40.49 44.32
C LYS F 245 55.77 41.57 45.04
N VAL F 246 54.98 42.32 44.26
CA VAL F 246 54.02 43.33 44.69
C VAL F 246 52.54 43.02 44.51
N PHE F 247 51.71 43.42 45.48
CA PHE F 247 50.27 43.51 45.34
C PHE F 247 49.73 44.93 45.17
N ASP F 248 48.91 45.15 44.13
CA ASP F 248 48.35 46.41 43.66
C ASP F 248 47.00 46.09 43.03
N ALA F 249 45.89 46.58 43.60
CA ALA F 249 44.54 46.18 43.24
C ALA F 249 44.07 46.97 42.03
N ASP F 250 44.83 47.88 41.44
CA ASP F 250 44.55 48.46 40.13
C ASP F 250 44.60 47.50 38.96
N GLU F 251 44.11 48.00 37.82
CA GLU F 251 43.77 47.35 36.57
C GLU F 251 44.94 46.73 35.81
N ILE F 252 44.81 45.45 35.45
CA ILE F 252 45.89 44.59 35.01
C ILE F 252 46.44 45.03 33.65
N GLY F 253 47.70 45.44 33.58
CA GLY F 253 48.28 45.99 32.38
C GLY F 253 48.16 47.51 32.25
N SER F 254 47.75 48.22 33.32
CA SER F 254 47.71 49.66 33.35
C SER F 254 49.05 50.20 33.83
N ASP F 255 49.41 51.47 33.61
CA ASP F 255 50.42 52.20 34.31
C ASP F 255 50.11 52.35 35.79
N ASN F 256 48.88 52.04 36.21
CA ASN F 256 48.40 52.24 37.57
C ASN F 256 48.74 51.04 38.44
N TRP F 257 49.12 49.97 37.74
CA TRP F 257 49.47 48.64 38.20
C TRP F 257 50.90 48.22 37.87
N LEU F 258 51.43 48.57 36.69
CA LEU F 258 52.81 48.28 36.39
C LEU F 258 53.73 49.03 37.33
N ALA F 259 54.82 48.42 37.79
CA ALA F 259 55.59 48.88 38.91
C ALA F 259 56.73 49.80 38.51
N ASN F 260 57.45 50.44 39.44
CA ASN F 260 58.56 51.35 39.26
C ASN F 260 59.46 51.23 40.49
N PHE F 261 60.76 50.99 40.33
CA PHE F 261 61.64 50.75 41.47
C PHE F 261 62.80 51.73 41.49
N THR F 262 63.21 52.20 42.67
CA THR F 262 64.35 53.03 42.98
C THR F 262 65.01 52.66 44.29
N PHE F 263 66.33 52.85 44.35
CA PHE F 263 67.16 52.48 45.46
C PHE F 263 67.15 53.64 46.45
N ALA F 264 67.14 53.37 47.75
CA ALA F 264 67.42 54.41 48.73
C ALA F 264 68.76 54.35 49.43
N SER F 265 69.40 53.19 49.60
CA SER F 265 70.58 53.14 50.44
C SER F 265 71.53 52.07 49.94
N GLY F 266 72.84 52.15 50.18
CA GLY F 266 73.89 51.15 50.05
C GLY F 266 74.34 50.86 48.63
N ASN F 267 73.51 51.15 47.62
CA ASN F 267 73.95 50.90 46.26
C ASN F 267 74.91 51.91 45.63
N GLU F 268 75.92 52.28 46.42
CA GLU F 268 76.93 53.26 46.10
C GLU F 268 78.04 52.71 45.20
N GLY F 269 78.21 51.39 45.16
CA GLY F 269 79.08 50.75 44.18
C GLY F 269 78.56 50.74 42.76
N GLY F 270 77.29 50.99 42.42
CA GLY F 270 76.65 50.66 41.15
C GLY F 270 76.96 49.27 40.67
N TYR F 271 77.04 48.31 41.60
CA TYR F 271 77.05 46.92 41.21
C TYR F 271 75.67 46.49 40.72
N PHE F 272 74.58 47.14 41.13
CA PHE F 272 73.24 46.64 40.89
C PHE F 272 72.30 47.70 40.31
N HIS F 273 71.39 47.18 39.50
CA HIS F 273 70.18 47.87 39.07
C HIS F 273 68.91 47.08 39.37
N ILE F 274 67.71 47.67 39.44
CA ILE F 274 66.42 47.08 39.67
C ILE F 274 65.44 47.63 38.64
N GLU F 275 64.74 46.69 38.01
CA GLU F 275 63.85 46.96 36.89
C GLU F 275 62.69 45.98 36.89
N THR F 276 61.58 46.25 36.17
CA THR F 276 60.41 45.39 36.14
C THR F 276 59.85 44.98 34.78
N ASP F 277 58.92 44.02 34.70
CA ASP F 277 58.53 43.36 33.48
C ASP F 277 57.07 42.93 33.49
N ALA F 278 56.26 43.51 32.61
CA ALA F 278 54.81 43.38 32.51
C ALA F 278 54.30 41.96 32.42
N GLN F 279 55.15 40.99 32.04
CA GLN F 279 54.74 39.61 31.94
C GLN F 279 54.51 38.98 33.32
N THR F 280 55.13 39.46 34.40
CA THR F 280 54.94 39.05 35.77
C THR F 280 54.74 40.20 36.74
N ASN F 281 54.98 41.46 36.37
CA ASN F 281 55.00 42.59 37.28
C ASN F 281 55.89 42.39 38.48
N GLU F 282 56.88 41.49 38.41
CA GLU F 282 58.02 41.38 39.31
C GLU F 282 58.92 42.60 39.38
N GLY F 283 59.66 42.82 40.46
CA GLY F 283 60.90 43.56 40.49
C GLY F 283 62.05 42.57 40.28
N ILE F 284 63.06 42.88 39.48
CA ILE F 284 64.20 42.03 39.22
C ILE F 284 65.48 42.84 39.43
N VAL F 285 66.38 42.29 40.23
CA VAL F 285 67.70 42.87 40.42
C VAL F 285 68.66 42.19 39.47
N THR F 286 69.54 43.00 38.90
CA THR F 286 70.65 42.56 38.08
C THR F 286 72.01 43.15 38.44
N LEU F 287 73.03 42.33 38.26
CA LEU F 287 74.41 42.69 38.54
C LEU F 287 75.11 43.29 37.31
N ILE F 288 75.53 44.56 37.31
CA ILE F 288 75.95 45.31 36.16
C ILE F 288 77.47 45.52 36.18
N LYS F 289 78.18 45.03 37.18
CA LYS F 289 79.63 45.11 37.29
C LYS F 289 80.21 43.77 37.66
N GLU F 290 81.53 43.57 37.67
CA GLU F 290 82.18 42.32 37.98
C GLU F 290 82.45 42.18 39.47
N VAL F 291 82.01 41.11 40.13
CA VAL F 291 82.06 40.95 41.58
C VAL F 291 83.26 40.19 42.07
N ASP F 292 83.77 40.59 43.24
CA ASP F 292 84.98 40.03 43.81
C ASP F 292 84.66 39.61 45.24
N TYR F 293 85.28 38.53 45.71
CA TYR F 293 85.24 38.02 47.07
C TYR F 293 86.43 38.51 47.89
N GLU F 294 87.65 38.54 47.38
CA GLU F 294 88.84 38.91 48.10
C GLU F 294 88.98 40.38 48.51
N GLU F 295 88.17 41.29 47.99
CA GLU F 295 87.94 42.61 48.53
C GLU F 295 87.14 42.54 49.83
N MET F 296 86.36 41.49 50.09
CA MET F 296 85.64 41.25 51.32
C MET F 296 84.80 42.38 51.91
N LYS F 297 83.65 42.66 51.30
CA LYS F 297 82.87 43.80 51.75
C LYS F 297 81.38 43.55 51.76
N ASN F 298 80.66 44.47 52.42
CA ASN F 298 79.22 44.47 52.31
C ASN F 298 78.72 45.00 50.98
N LEU F 299 77.63 44.38 50.50
CA LEU F 299 77.01 44.71 49.24
C LEU F 299 75.52 45.01 49.33
N ASP F 300 74.96 45.02 50.53
CA ASP F 300 73.54 45.28 50.72
C ASP F 300 73.04 46.63 50.21
N PHE F 301 71.74 46.78 50.01
CA PHE F 301 71.05 47.91 49.40
C PHE F 301 69.61 47.90 49.91
N SER F 302 68.90 48.97 49.57
CA SER F 302 67.49 49.02 49.88
C SER F 302 66.68 49.68 48.76
N VAL F 303 65.43 49.26 48.58
CA VAL F 303 64.59 49.72 47.48
C VAL F 303 63.27 50.31 47.94
N ILE F 304 62.60 51.06 47.08
CA ILE F 304 61.19 51.41 47.14
C ILE F 304 60.46 51.08 45.84
N VAL F 305 59.16 50.89 46.01
CA VAL F 305 58.22 50.62 44.93
C VAL F 305 57.15 51.67 44.76
N ALA F 306 56.77 51.89 43.49
CA ALA F 306 55.75 52.85 43.11
C ALA F 306 55.15 52.32 41.81
N ASN F 307 54.19 53.05 41.25
CA ASN F 307 53.76 52.75 39.90
C ASN F 307 54.40 53.63 38.83
N LYS F 308 54.42 53.17 37.58
CA LYS F 308 54.80 53.95 36.42
C LYS F 308 54.02 55.23 36.23
N ALA F 309 52.81 55.44 36.76
CA ALA F 309 52.22 56.77 36.82
C ALA F 309 52.31 57.26 38.26
N ALA F 310 51.96 58.53 38.48
CA ALA F 310 51.80 59.03 39.83
C ALA F 310 50.62 58.37 40.54
N PHE F 311 50.48 58.70 41.83
CA PHE F 311 49.24 58.36 42.50
C PHE F 311 48.11 59.28 42.05
N HIS F 312 46.90 58.90 42.45
CA HIS F 312 45.76 59.81 42.55
C HIS F 312 46.13 60.92 43.54
N LYS F 313 45.56 62.11 43.34
CA LYS F 313 45.71 63.23 44.23
C LYS F 313 45.42 62.91 45.70
N SER F 314 44.52 61.96 45.96
CA SER F 314 44.07 61.61 47.29
C SER F 314 45.23 60.97 48.03
N ILE F 315 46.20 60.38 47.31
CA ILE F 315 47.40 59.80 47.88
C ILE F 315 48.68 60.61 47.75
N ARG F 316 48.76 61.21 46.56
CA ARG F 316 49.88 62.05 46.20
C ARG F 316 50.38 63.07 47.21
N SER F 317 51.67 63.13 47.58
CA SER F 317 52.21 64.02 48.58
C SER F 317 51.72 63.81 50.01
N LYS F 318 50.80 62.89 50.29
CA LYS F 318 50.46 62.51 51.64
C LYS F 318 51.23 61.28 52.09
N TYR F 319 51.44 60.39 51.13
CA TYR F 319 51.96 59.04 51.29
C TYR F 319 53.41 58.92 50.89
N LYS F 320 54.25 58.26 51.69
CA LYS F 320 55.63 57.98 51.39
C LYS F 320 55.96 56.50 51.44
N PRO F 321 56.42 55.84 50.37
CA PRO F 321 56.87 54.46 50.41
C PRO F 321 58.11 54.26 51.25
N THR F 322 58.08 53.22 52.08
CA THR F 322 59.02 52.77 53.08
C THR F 322 60.05 51.89 52.34
N PRO F 323 61.35 52.13 52.55
CA PRO F 323 62.39 51.27 52.02
C PRO F 323 62.47 49.86 52.58
N ILE F 324 62.73 48.89 51.71
CA ILE F 324 62.81 47.46 51.89
C ILE F 324 64.29 47.14 51.69
N PRO F 325 64.98 46.59 52.69
CA PRO F 325 66.35 46.11 52.57
C PRO F 325 66.46 44.83 51.79
N ILE F 326 67.48 44.70 50.93
CA ILE F 326 67.87 43.53 50.15
C ILE F 326 69.32 43.20 50.43
N LYS F 327 69.65 41.94 50.71
CA LYS F 327 70.96 41.64 51.24
C LYS F 327 71.58 40.57 50.34
N VAL F 328 72.79 40.83 49.86
CA VAL F 328 73.30 40.13 48.68
C VAL F 328 74.69 39.64 49.03
N LYS F 329 74.79 38.33 49.21
CA LYS F 329 75.99 37.61 49.54
C LYS F 329 76.87 37.41 48.30
N VAL F 330 78.16 37.09 48.38
CA VAL F 330 79.05 36.68 47.31
C VAL F 330 79.61 35.36 47.81
N LYS F 331 79.55 34.27 47.04
CA LYS F 331 80.34 33.06 47.24
C LYS F 331 81.67 33.03 46.50
N ASN F 332 82.77 32.76 47.22
CA ASN F 332 84.13 32.81 46.73
C ASN F 332 84.20 31.73 45.68
N VAL F 333 84.95 31.94 44.60
CA VAL F 333 85.37 30.97 43.59
C VAL F 333 86.83 31.06 43.22
N LYS F 334 87.48 29.99 42.75
CA LYS F 334 88.75 30.10 42.06
C LYS F 334 88.57 30.68 40.67
N GLU F 335 89.63 31.22 40.09
CA GLU F 335 89.56 32.18 39.00
C GLU F 335 90.65 32.13 37.95
N GLY F 336 91.81 31.51 38.26
CA GLY F 336 92.98 31.43 37.42
C GLY F 336 93.88 32.65 37.39
N ILE F 337 94.83 32.64 36.44
CA ILE F 337 95.81 33.70 36.32
C ILE F 337 95.18 35.07 36.11
N HIS F 338 95.64 36.13 36.75
CA HIS F 338 95.30 37.49 36.41
C HIS F 338 96.51 38.40 36.52
N PHE F 339 96.56 39.54 35.84
CA PHE F 339 97.51 40.61 36.07
C PHE F 339 96.89 41.58 37.08
N LYS F 340 97.55 41.82 38.21
CA LYS F 340 97.14 42.81 39.20
C LYS F 340 97.04 44.22 38.62
N SER F 341 97.93 44.60 37.69
CA SER F 341 97.74 45.61 36.67
C SER F 341 98.26 45.15 35.31
N SER F 342 97.33 45.26 34.35
CA SER F 342 97.34 44.86 32.97
C SER F 342 98.01 45.90 32.07
N VAL F 343 98.34 47.04 32.68
CA VAL F 343 99.23 47.99 32.05
C VAL F 343 100.35 48.42 33.01
N ILE F 344 101.59 48.55 32.56
CA ILE F 344 102.73 48.80 33.43
C ILE F 344 103.61 49.77 32.65
N SER F 345 103.90 50.92 33.25
CA SER F 345 104.71 51.97 32.65
C SER F 345 106.17 51.90 33.10
N ILE F 346 107.12 51.90 32.17
CA ILE F 346 108.53 51.79 32.45
C ILE F 346 109.20 52.95 31.71
N TYR F 347 110.29 53.54 32.20
CA TYR F 347 110.97 54.74 31.79
C TYR F 347 112.48 54.54 31.60
N VAL F 348 113.00 54.68 30.37
CA VAL F 348 114.36 54.32 30.05
C VAL F 348 115.09 55.44 29.32
N SER F 349 116.42 55.36 29.30
CA SER F 349 117.26 56.29 28.58
C SER F 349 117.96 55.50 27.47
N GLU F 350 118.40 56.20 26.42
CA GLU F 350 119.20 55.63 25.36
C GLU F 350 120.62 55.39 25.87
N SER F 351 120.98 55.86 27.06
CA SER F 351 122.35 56.01 27.55
C SER F 351 122.89 54.76 28.20
N MET F 352 124.19 54.52 27.98
CA MET F 352 124.98 53.41 28.50
C MET F 352 125.23 53.44 30.00
N ASP F 353 125.12 54.58 30.67
CA ASP F 353 125.22 54.68 32.11
C ASP F 353 123.89 54.40 32.80
N ARG F 354 122.76 54.28 32.10
CA ARG F 354 121.45 53.88 32.54
C ARG F 354 120.77 52.68 31.91
N SER F 355 121.28 52.14 30.80
CA SER F 355 120.72 51.02 30.08
C SER F 355 121.72 50.10 29.38
N SER F 356 121.33 48.83 29.27
CA SER F 356 122.12 47.73 28.73
C SER F 356 121.31 46.47 28.47
N LYS F 357 121.71 45.78 27.40
CA LYS F 357 121.26 44.52 26.86
C LYS F 357 121.42 43.36 27.84
N GLY F 358 120.36 43.22 28.64
CA GLY F 358 120.22 42.14 29.61
C GLY F 358 119.68 42.51 30.98
N GLN F 359 119.65 43.81 31.26
CA GLN F 359 119.09 44.34 32.49
C GLN F 359 117.59 44.22 32.68
N ILE F 360 117.13 44.18 33.94
CA ILE F 360 115.74 43.93 34.21
C ILE F 360 114.99 45.24 34.49
N ILE F 361 113.82 45.50 33.91
CA ILE F 361 113.23 46.82 33.82
C ILE F 361 111.85 46.85 34.43
N GLY F 362 111.24 45.69 34.72
CA GLY F 362 110.04 45.56 35.52
C GLY F 362 109.48 44.16 35.73
N ASN F 363 108.47 44.01 36.59
CA ASN F 363 107.79 42.75 36.88
C ASN F 363 106.37 42.73 36.32
N PHE F 364 105.91 41.60 35.82
CA PHE F 364 104.62 41.44 35.18
C PHE F 364 103.93 40.12 35.48
N GLN F 365 104.32 39.57 36.63
CA GLN F 365 103.98 38.25 37.15
C GLN F 365 102.47 38.08 37.26
N ALA F 366 101.96 36.95 36.81
CA ALA F 366 100.57 36.55 36.96
C ALA F 366 100.30 36.12 38.39
N PHE F 367 99.11 36.53 38.89
CA PHE F 367 98.70 36.23 40.25
C PHE F 367 97.43 35.40 40.26
N ASP F 368 97.13 34.90 41.47
CA ASP F 368 95.83 34.37 41.85
C ASP F 368 95.38 34.76 43.25
N GLU F 369 94.07 35.00 43.40
CA GLU F 369 93.40 35.62 44.52
C GLU F 369 93.08 34.63 45.63
N ASP F 370 92.52 33.47 45.25
CA ASP F 370 92.18 32.39 46.16
C ASP F 370 93.42 31.65 46.62
N THR F 371 94.58 31.79 45.97
CA THR F 371 95.84 31.38 46.55
C THR F 371 96.49 32.53 47.29
N GLY F 372 96.33 33.78 46.86
CA GLY F 372 97.04 34.90 47.48
C GLY F 372 98.47 35.12 46.99
N LEU F 373 98.82 34.44 45.90
CA LEU F 373 100.16 34.25 45.41
C LEU F 373 100.40 34.43 43.91
N PRO F 374 101.66 34.54 43.50
CA PRO F 374 102.03 34.23 42.13
C PRO F 374 101.59 32.86 41.62
N ALA F 375 101.07 32.87 40.38
CA ALA F 375 100.59 31.72 39.64
C ALA F 375 101.31 31.53 38.32
N HIS F 376 101.53 30.27 37.91
CA HIS F 376 102.25 29.95 36.71
C HIS F 376 101.57 30.34 35.41
N ALA F 377 102.32 30.90 34.47
CA ALA F 377 101.92 31.08 33.09
C ALA F 377 103.13 30.93 32.16
N ARG F 378 103.01 30.22 31.03
CA ARG F 378 103.84 30.49 29.88
C ARG F 378 103.52 31.85 29.28
N TYR F 379 104.52 32.68 28.97
CA TYR F 379 104.33 33.97 28.35
C TYR F 379 104.63 33.90 26.85
N VAL F 380 103.96 34.82 26.17
CA VAL F 380 104.08 35.07 24.73
C VAL F 380 104.08 36.57 24.55
N LYS F 381 104.98 37.04 23.68
CA LYS F 381 105.14 38.42 23.28
C LYS F 381 104.55 38.69 21.90
N LEU F 382 103.89 39.85 21.75
CA LEU F 382 103.25 40.36 20.54
C LEU F 382 103.75 41.75 20.21
N GLU F 383 103.87 42.07 18.91
CA GLU F 383 104.01 43.34 18.25
C GLU F 383 105.09 44.34 18.66
N ASP F 384 106.11 43.91 19.42
CA ASP F 384 107.43 44.44 19.66
C ASP F 384 108.10 44.50 18.29
N ARG F 385 108.06 45.67 17.64
CA ARG F 385 108.56 45.80 16.28
C ARG F 385 110.02 45.48 15.98
N ASP F 386 110.93 45.64 16.94
CA ASP F 386 112.36 45.54 16.66
C ASP F 386 113.13 44.87 17.77
N ASN F 387 112.51 43.87 18.42
CA ASN F 387 112.91 43.08 19.57
C ASN F 387 113.55 43.96 20.62
N TRP F 388 112.86 45.04 21.02
CA TRP F 388 113.22 45.76 22.22
C TRP F 388 113.40 45.00 23.52
N ILE F 389 112.59 43.96 23.75
CA ILE F 389 112.38 43.35 25.04
C ILE F 389 112.31 41.83 25.06
N SER F 390 112.47 41.20 26.23
CA SER F 390 112.36 39.78 26.49
C SER F 390 111.75 39.43 27.83
N VAL F 391 111.26 38.20 28.04
CA VAL F 391 110.62 37.76 29.27
C VAL F 391 110.83 36.27 29.49
N ASP F 392 111.18 35.78 30.68
CA ASP F 392 111.23 34.37 31.02
C ASP F 392 110.10 33.84 31.90
N SER F 393 109.63 32.64 31.63
CA SER F 393 108.51 32.14 32.38
C SER F 393 108.97 31.68 33.76
N VAL F 394 110.26 31.44 34.00
CA VAL F 394 110.94 31.08 35.22
C VAL F 394 111.24 32.24 36.16
N THR F 395 110.97 33.48 35.74
CA THR F 395 111.03 34.75 36.45
C THR F 395 109.79 35.64 36.46
N SER F 396 109.10 35.67 35.31
CA SER F 396 108.09 36.64 35.00
C SER F 396 108.45 38.10 34.74
N GLU F 397 109.76 38.33 34.69
CA GLU F 397 110.33 39.66 34.65
C GLU F 397 110.60 40.14 33.23
N ILE F 398 110.55 41.46 33.07
CA ILE F 398 110.78 42.07 31.77
C ILE F 398 112.25 42.42 31.62
N LYS F 399 112.92 41.84 30.64
CA LYS F 399 114.33 41.99 30.32
C LYS F 399 114.52 42.99 29.19
N LEU F 400 115.62 43.74 29.22
CA LEU F 400 115.92 44.76 28.23
C LEU F 400 116.75 44.16 27.11
N ALA F 401 116.15 43.81 25.97
CA ALA F 401 116.80 43.04 24.93
C ALA F 401 117.72 43.81 23.98
N LYS F 402 117.73 45.14 24.11
CA LYS F 402 118.18 46.15 23.17
C LYS F 402 118.63 47.41 23.88
N LEU F 403 119.44 48.31 23.31
CA LEU F 403 119.57 49.68 23.78
C LEU F 403 118.48 50.52 23.15
N PRO F 404 117.67 51.18 23.99
CA PRO F 404 116.45 51.79 23.49
C PRO F 404 116.81 53.10 22.82
N ASP F 405 115.93 53.63 21.94
CA ASP F 405 116.34 54.57 20.92
C ASP F 405 115.20 55.56 20.77
N PHE F 406 115.55 56.85 20.76
CA PHE F 406 114.61 57.95 20.65
C PHE F 406 114.42 58.15 19.15
N GLU F 407 115.39 57.75 18.32
CA GLU F 407 115.46 57.90 16.88
C GLU F 407 114.83 56.71 16.15
N SER F 408 114.53 55.58 16.79
CA SER F 408 113.95 54.43 16.13
C SER F 408 112.70 54.77 15.35
N ARG F 409 112.56 54.18 14.16
CA ARG F 409 111.40 54.34 13.30
C ARG F 409 110.14 53.71 13.87
N TYR F 410 110.28 52.78 14.82
CA TYR F 410 109.17 52.02 15.35
C TYR F 410 108.67 52.68 16.63
N VAL F 411 109.29 53.78 17.05
CA VAL F 411 108.90 54.49 18.24
C VAL F 411 108.01 55.67 17.89
N GLN F 412 107.11 56.11 18.76
CA GLN F 412 106.13 57.14 18.48
C GLN F 412 106.02 58.10 19.66
N ASN F 413 106.26 59.38 19.41
CA ASN F 413 106.47 60.48 20.36
C ASN F 413 107.33 60.16 21.57
N GLY F 414 108.41 59.39 21.37
CA GLY F 414 109.33 58.93 22.39
C GLY F 414 108.84 57.71 23.16
N THR F 415 107.68 57.08 22.92
CA THR F 415 107.16 55.92 23.60
C THR F 415 107.10 54.71 22.68
N TYR F 416 107.54 53.57 23.21
CA TYR F 416 107.46 52.29 22.52
C TYR F 416 106.46 51.46 23.31
N THR F 417 105.69 50.61 22.65
CA THR F 417 104.47 49.92 23.05
C THR F 417 104.51 48.46 22.63
N VAL F 418 104.36 47.59 23.65
CA VAL F 418 104.40 46.14 23.48
C VAL F 418 103.22 45.46 24.15
N LYS F 419 102.80 44.38 23.51
CA LYS F 419 101.73 43.47 23.89
C LYS F 419 102.21 42.19 24.55
N ILE F 420 101.68 41.83 25.72
CA ILE F 420 102.00 40.61 26.42
C ILE F 420 100.82 39.66 26.52
N VAL F 421 101.05 38.35 26.51
CA VAL F 421 99.98 37.38 26.66
C VAL F 421 100.53 36.34 27.64
N ALA F 422 99.75 35.97 28.66
CA ALA F 422 100.11 34.97 29.64
C ALA F 422 99.15 33.78 29.70
N ILE F 423 99.65 32.54 29.66
CA ILE F 423 98.93 31.30 29.49
C ILE F 423 99.21 30.23 30.54
N SER F 424 98.21 29.68 31.25
CA SER F 424 98.46 28.71 32.28
C SER F 424 98.45 27.26 31.80
N GLU F 425 99.20 26.45 32.56
CA GLU F 425 99.41 25.05 32.21
C GLU F 425 98.29 24.21 32.80
N ASP F 426 98.11 23.03 32.23
CA ASP F 426 97.09 22.07 32.61
C ASP F 426 95.64 22.52 32.41
N TYR F 427 94.67 21.72 32.88
CA TYR F 427 93.25 21.96 32.67
C TYR F 427 92.65 22.49 33.97
N PRO F 428 91.81 23.54 33.87
CA PRO F 428 91.49 24.43 32.77
C PRO F 428 92.53 25.52 32.59
N ARG F 429 92.80 25.88 31.33
CA ARG F 429 93.68 26.95 30.88
C ARG F 429 93.06 28.32 31.11
N LYS F 430 93.88 29.36 31.03
CA LYS F 430 93.36 30.70 30.84
C LYS F 430 94.39 31.50 30.04
N THR F 431 93.99 32.62 29.42
CA THR F 431 94.84 33.50 28.64
C THR F 431 94.55 34.92 29.09
N ILE F 432 95.52 35.82 29.27
CA ILE F 432 95.31 37.18 29.75
C ILE F 432 96.17 38.17 28.98
N THR F 433 95.53 39.22 28.47
CA THR F 433 96.11 40.27 27.65
C THR F 433 96.67 41.36 28.54
N GLY F 434 97.58 42.14 27.94
CA GLY F 434 98.28 43.18 28.65
C GLY F 434 99.32 43.96 27.84
N THR F 435 99.54 45.22 28.22
CA THR F 435 100.28 46.20 27.47
C THR F 435 101.37 46.82 28.34
N VAL F 436 102.57 47.01 27.81
CA VAL F 436 103.74 47.58 28.44
C VAL F 436 104.01 48.88 27.70
N LEU F 437 104.09 49.98 28.48
CA LEU F 437 104.49 51.31 28.04
C LEU F 437 105.92 51.54 28.49
N ILE F 438 106.78 51.72 27.49
CA ILE F 438 108.19 52.04 27.63
C ILE F 438 108.52 53.39 27.00
N ASN F 439 108.98 54.33 27.81
CA ASN F 439 109.19 55.67 27.31
C ASN F 439 110.64 56.11 27.35
N VAL F 440 111.25 56.61 26.26
CA VAL F 440 112.61 57.07 26.05
C VAL F 440 112.68 58.58 26.12
N GLU F 441 113.76 59.08 26.73
CA GLU F 441 114.29 60.43 26.66
C GLU F 441 115.51 60.47 25.77
N ASP F 442 115.51 61.49 24.92
CA ASP F 442 116.61 61.73 24.00
C ASP F 442 117.92 62.01 24.72
N ILE F 443 118.98 61.36 24.24
CA ILE F 443 120.37 61.51 24.61
C ILE F 443 121.21 61.82 23.38
N ASN F 444 122.39 62.44 23.48
CA ASN F 444 123.27 62.48 22.34
C ASN F 444 124.13 61.22 22.21
N ASP F 445 123.50 60.06 22.22
CA ASP F 445 124.00 58.70 22.01
C ASP F 445 124.44 58.53 20.58
N ASN F 446 123.97 59.30 19.58
CA ASN F 446 124.40 59.16 18.20
C ASN F 446 125.29 60.28 17.69
N CYS F 447 126.19 60.00 16.75
CA CYS F 447 127.30 60.83 16.31
C CYS F 447 127.33 60.90 14.79
N PRO F 448 127.97 61.93 14.26
CA PRO F 448 128.08 62.04 12.81
C PRO F 448 129.08 61.04 12.26
N THR F 449 128.52 59.94 11.72
CA THR F 449 129.33 59.01 10.98
C THR F 449 129.40 59.32 9.49
N LEU F 450 130.35 58.77 8.69
CA LEU F 450 130.35 58.95 7.24
C LEU F 450 129.28 58.11 6.58
N ILE F 451 128.90 58.56 5.39
CA ILE F 451 127.95 57.85 4.54
C ILE F 451 128.76 56.95 3.61
N GLU F 452 129.94 57.37 3.15
CA GLU F 452 130.79 56.59 2.28
C GLU F 452 132.25 56.45 2.67
N PRO F 453 132.57 55.49 3.54
CA PRO F 453 133.96 55.23 3.86
C PRO F 453 134.81 54.91 2.63
N VAL F 454 134.31 54.59 1.45
CA VAL F 454 134.98 54.41 0.18
C VAL F 454 134.43 55.30 -0.93
N GLN F 455 135.21 56.11 -1.65
CA GLN F 455 134.79 56.71 -2.91
C GLN F 455 135.95 56.54 -3.90
N THR F 456 135.69 56.59 -5.20
CA THR F 456 136.66 56.60 -6.28
C THR F 456 136.59 57.89 -7.06
N ILE F 457 137.69 58.58 -7.40
CA ILE F 457 137.70 59.92 -7.94
C ILE F 457 138.41 60.07 -9.28
N CYS F 458 137.90 60.90 -10.19
CA CYS F 458 138.45 60.96 -11.52
C CYS F 458 139.76 61.75 -11.55
N HIS F 459 140.65 61.23 -12.41
CA HIS F 459 141.94 61.65 -12.87
C HIS F 459 141.98 63.14 -13.22
N ASP F 460 140.81 63.63 -13.63
CA ASP F 460 140.70 64.97 -14.18
C ASP F 460 139.76 65.84 -13.34
N ALA F 461 139.14 65.34 -12.27
CA ALA F 461 138.32 66.10 -11.35
C ALA F 461 139.17 66.81 -10.32
N GLU F 462 138.60 67.86 -9.69
CA GLU F 462 139.27 68.85 -8.89
C GLU F 462 138.77 68.79 -7.45
N TYR F 463 137.52 68.39 -7.27
CA TYR F 463 136.88 68.34 -5.97
C TYR F 463 136.43 66.95 -5.54
N VAL F 464 136.34 66.70 -4.23
CA VAL F 464 135.66 65.61 -3.57
C VAL F 464 134.78 66.18 -2.46
N ASN F 465 133.53 65.69 -2.42
CA ASN F 465 132.62 66.08 -1.35
C ASN F 465 132.58 64.96 -0.33
N VAL F 466 132.59 65.42 0.92
CA VAL F 466 132.53 64.45 2.00
C VAL F 466 131.46 64.83 3.02
N THR F 467 130.53 63.89 3.18
CA THR F 467 129.30 64.12 3.94
C THR F 467 129.20 63.18 5.13
N ALA F 468 128.79 63.67 6.30
CA ALA F 468 128.49 62.91 7.50
C ALA F 468 127.05 62.98 7.98
N GLU F 469 126.61 62.10 8.88
CA GLU F 469 125.25 61.79 9.26
C GLU F 469 125.09 61.40 10.72
N ASP F 470 124.08 61.92 11.41
CA ASP F 470 123.76 61.83 12.82
C ASP F 470 122.27 61.65 13.09
N LEU F 471 121.95 60.57 13.78
CA LEU F 471 120.55 60.19 13.87
C LEU F 471 119.66 61.16 14.64
N ASP F 472 120.11 61.78 15.74
CA ASP F 472 119.33 62.67 16.59
C ASP F 472 118.67 63.84 15.88
N GLY F 473 117.69 64.53 16.47
CA GLY F 473 117.22 65.82 15.98
C GLY F 473 117.91 66.98 16.66
N HIS F 474 117.69 68.25 16.27
CA HIS F 474 118.14 69.44 16.94
C HIS F 474 117.50 69.48 18.32
N PRO F 475 118.24 69.70 19.41
CA PRO F 475 119.61 70.15 19.44
C PRO F 475 120.73 69.12 19.52
N ASN F 476 120.40 67.83 19.58
CA ASN F 476 121.33 66.72 19.58
C ASN F 476 122.06 66.34 18.30
N SER F 477 121.81 67.01 17.18
CA SER F 477 122.54 66.90 15.95
C SER F 477 122.89 68.28 15.42
N GLY F 478 121.96 69.02 14.81
CA GLY F 478 122.07 70.32 14.20
C GLY F 478 123.19 70.40 13.16
N PRO F 479 123.88 71.53 13.05
CA PRO F 479 125.04 71.66 12.17
C PRO F 479 126.23 70.89 12.74
N PHE F 480 126.87 70.13 11.86
CA PHE F 480 128.15 69.52 12.18
C PHE F 480 129.35 70.42 11.93
N SER F 481 130.44 70.19 12.66
CA SER F 481 131.74 70.83 12.59
C SER F 481 132.83 69.82 12.27
N PHE F 482 133.64 70.15 11.26
CA PHE F 482 134.63 69.23 10.73
C PHE F 482 136.04 69.66 11.08
N SER F 483 136.90 68.66 11.26
CA SER F 483 138.34 68.73 11.45
C SER F 483 138.93 67.55 10.69
N VAL F 484 140.21 67.57 10.31
CA VAL F 484 140.96 66.65 9.47
C VAL F 484 142.30 66.50 10.20
N ILE F 485 142.80 65.27 10.26
CA ILE F 485 144.03 64.91 10.97
C ILE F 485 145.17 64.55 10.04
N ASP F 486 146.41 64.77 10.51
CA ASP F 486 147.55 64.50 9.65
C ASP F 486 147.98 63.05 9.53
N LYS F 487 147.17 62.06 9.92
CA LYS F 487 147.50 60.65 9.76
C LYS F 487 146.57 60.05 8.72
N PRO F 488 146.91 58.95 8.04
CA PRO F 488 148.19 58.27 8.03
C PRO F 488 149.27 59.03 7.29
N PRO F 489 150.51 59.01 7.78
CA PRO F 489 151.70 59.72 7.34
C PRO F 489 152.24 59.16 6.04
N GLY F 490 152.58 59.95 5.02
CA GLY F 490 152.75 59.49 3.67
C GLY F 490 151.56 59.61 2.72
N MET F 491 150.33 59.87 3.20
CA MET F 491 149.12 60.21 2.49
C MET F 491 148.26 61.37 2.98
N ALA F 492 148.43 61.88 4.20
CA ALA F 492 147.74 63.07 4.66
C ALA F 492 148.21 64.38 4.04
N GLU F 493 147.76 65.51 4.59
CA GLU F 493 148.31 66.84 4.44
C GLU F 493 148.40 67.41 3.03
N LYS F 494 147.43 67.09 2.16
CA LYS F 494 147.30 67.56 0.79
C LYS F 494 145.92 67.97 0.35
N TRP F 495 144.88 67.19 0.64
CA TRP F 495 143.55 67.64 0.23
C TRP F 495 142.92 68.65 1.17
N LYS F 496 142.30 69.68 0.62
CA LYS F 496 142.05 70.82 1.49
C LYS F 496 140.57 71.19 1.48
N ILE F 497 140.12 71.96 2.47
CA ILE F 497 138.73 72.38 2.46
C ILE F 497 138.40 73.53 1.53
N ALA F 498 137.48 73.42 0.58
CA ALA F 498 137.14 74.53 -0.28
C ALA F 498 135.77 75.13 -0.05
N ARG F 499 134.92 74.43 0.72
CA ARG F 499 133.71 74.96 1.30
C ARG F 499 133.22 74.09 2.44
N GLN F 500 132.29 74.59 3.26
CA GLN F 500 131.68 73.73 4.24
C GLN F 500 130.24 74.14 4.52
N GLU F 501 129.44 73.20 5.04
CA GLU F 501 128.00 73.24 5.22
C GLU F 501 127.70 72.25 6.32
N SER F 502 126.44 72.28 6.74
CA SER F 502 126.02 71.71 8.00
C SER F 502 126.03 70.18 7.98
N THR F 503 126.00 69.62 6.77
CA THR F 503 125.99 68.19 6.51
C THR F 503 127.22 67.67 5.77
N SER F 504 128.02 68.52 5.11
CA SER F 504 129.15 68.23 4.27
C SER F 504 130.22 69.31 4.21
N VAL F 505 131.41 68.77 3.98
CA VAL F 505 132.53 69.54 3.45
C VAL F 505 132.66 69.34 1.95
N LEU F 506 133.17 70.33 1.20
CA LEU F 506 133.74 70.29 -0.12
C LEU F 506 135.26 70.33 -0.02
N LEU F 507 136.05 69.34 -0.46
CA LEU F 507 137.50 69.34 -0.56
C LEU F 507 138.04 69.41 -1.99
N GLN F 508 139.31 69.77 -2.09
CA GLN F 508 139.91 70.15 -3.35
C GLN F 508 141.37 69.70 -3.43
N GLN F 509 141.72 69.24 -4.65
CA GLN F 509 143.02 68.70 -4.98
C GLN F 509 144.20 69.65 -4.91
N SER F 510 145.31 69.00 -4.59
CA SER F 510 146.64 69.59 -4.54
C SER F 510 147.75 68.67 -5.05
N GLU F 511 147.35 67.53 -5.61
CA GLU F 511 148.14 66.43 -6.11
C GLU F 511 147.95 66.07 -7.58
N LYS F 512 146.70 65.77 -7.95
CA LYS F 512 146.29 65.26 -9.25
C LYS F 512 147.26 64.23 -9.82
N LYS F 513 147.48 63.14 -9.09
CA LYS F 513 148.05 61.89 -9.56
C LYS F 513 147.01 60.79 -9.46
N LEU F 514 147.22 59.65 -10.13
CA LEU F 514 146.49 58.43 -9.88
C LEU F 514 146.86 57.91 -8.49
N GLY F 515 146.12 56.94 -7.93
CA GLY F 515 146.55 56.03 -6.89
C GLY F 515 145.73 56.09 -5.61
N ARG F 516 146.16 55.33 -4.59
CA ARG F 516 145.46 55.21 -3.34
C ARG F 516 145.78 56.42 -2.47
N SER F 517 144.83 56.86 -1.63
CA SER F 517 145.07 57.80 -0.57
C SER F 517 144.18 57.54 0.64
N GLU F 518 144.34 58.33 1.69
CA GLU F 518 143.48 58.33 2.87
C GLU F 518 143.17 59.77 3.27
N ILE F 519 142.04 59.90 3.96
CA ILE F 519 141.75 61.06 4.78
C ILE F 519 141.04 60.57 6.03
N GLN F 520 141.54 60.99 7.20
CA GLN F 520 140.91 60.71 8.46
C GLN F 520 140.44 62.02 9.09
N PHE F 521 139.21 62.04 9.62
CA PHE F 521 138.46 63.20 10.08
C PHE F 521 138.10 63.11 11.56
N LEU F 522 137.80 64.26 12.16
CA LEU F 522 137.41 64.41 13.56
C LEU F 522 136.14 65.21 13.52
N ILE F 523 134.97 64.56 13.52
CA ILE F 523 133.76 65.34 13.28
C ILE F 523 132.80 65.36 14.46
N SER F 524 132.34 66.59 14.74
CA SER F 524 131.50 66.91 15.88
C SER F 524 130.09 67.46 15.60
N ASP F 525 129.11 67.10 16.43
CA ASP F 525 127.76 67.65 16.40
C ASP F 525 127.63 68.90 17.25
N ASN F 526 126.41 69.44 17.25
CA ASN F 526 125.95 70.62 17.97
C ASN F 526 126.13 70.60 19.47
N GLN F 527 126.38 69.47 20.14
CA GLN F 527 126.81 69.40 21.53
C GLN F 527 128.29 69.13 21.72
N GLY F 528 129.11 69.03 20.67
CA GLY F 528 130.53 68.70 20.72
C GLY F 528 130.98 67.29 20.40
N PHE F 529 130.04 66.36 20.42
CA PHE F 529 130.28 64.93 20.55
C PHE F 529 130.86 64.34 19.30
N SER F 530 131.79 63.39 19.44
CA SER F 530 132.54 62.81 18.34
C SER F 530 132.34 61.30 18.50
N CYS F 531 132.19 60.57 17.39
CA CYS F 531 132.26 59.13 17.44
C CYS F 531 133.57 58.63 18.03
N PRO F 532 133.66 57.66 18.95
CA PRO F 532 134.88 56.95 19.23
C PRO F 532 135.45 56.18 18.04
N GLU F 533 134.60 55.67 17.16
CA GLU F 533 134.88 54.98 15.91
C GLU F 533 135.54 55.98 14.98
N LYS F 534 136.63 55.59 14.33
CA LYS F 534 137.30 56.40 13.34
C LYS F 534 136.39 56.65 12.14
N GLN F 535 136.31 57.90 11.65
CA GLN F 535 135.68 58.23 10.39
C GLN F 535 136.80 58.44 9.39
N VAL F 536 136.92 57.46 8.51
CA VAL F 536 137.92 57.40 7.47
C VAL F 536 137.31 57.24 6.07
N LEU F 537 138.03 57.81 5.11
CA LEU F 537 137.73 57.80 3.70
C LEU F 537 138.93 57.16 3.05
N THR F 538 138.69 55.98 2.46
CA THR F 538 139.61 55.52 1.45
C THR F 538 139.22 56.22 0.14
N LEU F 539 140.28 56.77 -0.44
CA LEU F 539 140.31 57.47 -1.71
C LEU F 539 141.13 56.63 -2.66
N THR F 540 140.72 56.40 -3.91
CA THR F 540 141.57 56.08 -5.03
C THR F 540 141.21 56.95 -6.23
N VAL F 541 142.15 57.28 -7.11
CA VAL F 541 142.05 58.29 -8.15
C VAL F 541 142.35 57.63 -9.50
N CYS F 542 141.39 57.67 -10.43
CA CYS F 542 141.29 56.70 -11.50
C CYS F 542 140.84 57.36 -12.79
N GLU F 543 141.13 56.69 -13.90
CA GLU F 543 141.11 57.19 -15.25
C GLU F 543 139.70 57.00 -15.76
N CYS F 544 138.92 58.09 -15.64
CA CYS F 544 137.54 58.17 -16.09
C CYS F 544 137.56 58.51 -17.57
N LEU F 545 136.37 58.26 -18.13
CA LEU F 545 135.95 58.50 -19.50
C LEU F 545 134.90 59.60 -19.61
N HIS F 546 134.65 60.04 -20.84
CA HIS F 546 134.00 61.34 -20.98
C HIS F 546 132.54 61.33 -20.56
N GLY F 547 131.96 60.15 -20.34
CA GLY F 547 130.64 59.98 -19.77
C GLY F 547 130.52 58.98 -18.63
N SER F 548 131.59 58.22 -18.35
CA SER F 548 131.52 57.05 -17.50
C SER F 548 132.83 56.85 -16.73
N GLY F 549 132.71 56.34 -15.51
CA GLY F 549 133.83 56.12 -14.61
C GLY F 549 134.77 54.97 -14.98
N CYS F 550 135.79 54.92 -14.13
CA CYS F 550 136.99 54.14 -14.26
C CYS F 550 136.72 52.63 -14.15
N ARG F 551 137.27 51.75 -14.99
CA ARG F 551 136.92 50.36 -15.10
C ARG F 551 138.12 49.41 -14.98
N GLU F 552 137.95 48.22 -14.41
CA GLU F 552 139.04 47.34 -14.12
C GLU F 552 138.75 45.89 -14.53
N ALA F 553 139.65 45.18 -15.23
CA ALA F 553 139.55 43.77 -15.52
C ALA F 553 140.72 42.87 -15.13
N HIS F 554 141.80 43.40 -14.55
CA HIS F 554 143.04 42.71 -14.28
C HIS F 554 142.90 41.84 -13.04
N ALA G 1 9.39 50.67 66.13
CA ALA G 1 9.09 49.82 64.96
C ALA G 1 9.28 48.35 65.29
N TRP G 2 9.26 47.45 64.31
CA TRP G 2 9.23 46.04 64.63
C TRP G 2 10.51 45.51 64.00
N ILE G 3 11.32 44.83 64.81
CA ILE G 3 12.51 44.18 64.31
C ILE G 3 12.16 42.92 63.50
N THR G 4 12.59 42.79 62.25
CA THR G 4 12.05 41.73 61.42
C THR G 4 13.05 40.61 61.16
N ALA G 5 12.65 39.38 60.83
CA ALA G 5 13.40 38.37 60.08
C ALA G 5 13.08 38.62 58.62
N PRO G 6 14.01 38.26 57.71
CA PRO G 6 13.84 38.57 56.30
C PRO G 6 12.76 37.82 55.54
N VAL G 7 12.44 38.24 54.32
CA VAL G 7 11.80 37.42 53.31
C VAL G 7 12.76 36.32 52.88
N ALA G 8 12.27 35.08 52.77
CA ALA G 8 13.07 34.01 52.20
C ALA G 8 12.74 33.77 50.73
N LEU G 9 13.77 33.44 49.95
CA LEU G 9 13.62 32.95 48.59
C LEU G 9 14.63 31.80 48.57
N ARG G 10 14.42 30.95 47.56
CA ARG G 10 15.18 29.76 47.33
C ARG G 10 16.05 29.85 46.09
N GLU G 11 17.18 29.14 46.17
CA GLU G 11 18.08 28.97 45.05
C GLU G 11 17.58 28.15 43.86
N GLY G 12 18.01 28.38 42.63
CA GLY G 12 17.91 27.56 41.43
C GLY G 12 16.57 27.66 40.72
N GLU G 13 15.53 28.34 41.22
CA GLU G 13 14.25 28.68 40.64
C GLU G 13 14.11 30.06 40.03
N ASP G 14 13.16 30.10 39.10
CA ASP G 14 12.69 31.37 38.56
C ASP G 14 11.84 32.14 39.56
N LEU G 15 12.14 33.39 39.89
CA LEU G 15 11.40 34.29 40.76
C LEU G 15 10.44 35.23 40.07
N SER G 16 10.15 35.08 38.78
CA SER G 16 9.26 35.97 38.07
C SER G 16 7.94 36.23 38.79
N LYS G 17 7.25 35.17 39.18
CA LYS G 17 5.94 35.20 39.80
C LYS G 17 6.06 35.44 41.30
N LYS G 18 7.24 35.38 41.93
CA LYS G 18 7.46 35.75 43.31
C LYS G 18 7.75 37.22 43.54
N ASN G 19 7.87 38.03 42.48
CA ASN G 19 8.01 39.47 42.68
C ASN G 19 6.70 40.17 43.00
N PRO G 20 6.67 41.33 43.67
CA PRO G 20 7.82 42.08 44.12
C PRO G 20 8.33 41.70 45.51
N ILE G 21 9.65 41.67 45.68
CA ILE G 21 10.31 41.19 46.89
C ILE G 21 10.53 42.23 47.98
N ALA G 22 10.20 43.49 47.69
CA ALA G 22 9.77 44.51 48.62
C ALA G 22 8.82 45.44 47.90
N LYS G 23 7.90 46.09 48.63
CA LYS G 23 7.08 47.17 48.13
C LYS G 23 6.68 48.22 49.15
N ILE G 24 6.98 49.50 48.88
CA ILE G 24 6.52 50.62 49.66
C ILE G 24 5.24 51.20 49.11
N HIS G 25 4.24 51.52 49.94
CA HIS G 25 2.98 52.01 49.41
C HIS G 25 2.32 52.81 50.54
N SER G 26 1.48 53.80 50.24
CA SER G 26 0.86 54.50 51.35
C SER G 26 -0.47 55.10 50.94
N ASP G 27 -1.55 54.66 51.58
CA ASP G 27 -2.90 55.11 51.35
C ASP G 27 -3.21 56.29 52.27
N LEU G 28 -2.36 56.64 53.24
CA LEU G 28 -2.43 57.94 53.87
C LEU G 28 -1.96 59.07 52.94
N ALA G 29 -1.22 58.72 51.89
CA ALA G 29 -0.85 59.68 50.87
C ALA G 29 -2.11 59.88 50.03
N GLU G 30 -2.74 58.78 49.60
CA GLU G 30 -3.95 58.71 48.81
C GLU G 30 -5.12 59.56 49.32
N GLU G 31 -5.35 59.54 50.64
CA GLU G 31 -6.44 60.18 51.34
C GLU G 31 -6.15 61.67 51.24
N ARG G 32 -4.90 62.09 51.42
CA ARG G 32 -4.39 63.40 51.09
C ARG G 32 -4.08 63.87 49.66
N GLY G 33 -4.23 63.00 48.66
CA GLY G 33 -3.89 63.30 47.28
C GLY G 33 -2.41 63.46 46.99
N LEU G 34 -1.51 62.99 47.86
CA LEU G 34 -0.08 63.21 47.78
C LEU G 34 0.67 62.28 46.82
N LYS G 35 1.66 62.75 46.05
CA LYS G 35 2.54 61.76 45.47
C LYS G 35 3.87 61.54 46.19
N ILE G 36 4.61 60.48 45.92
CA ILE G 36 5.90 60.11 46.46
C ILE G 36 6.83 59.55 45.38
N THR G 37 8.13 59.80 45.46
CA THR G 37 9.12 59.07 44.68
C THR G 37 10.05 58.21 45.52
N TYR G 38 10.54 57.03 45.16
CA TYR G 38 11.33 56.15 46.00
C TYR G 38 12.80 55.98 45.65
N LYS G 39 13.56 55.38 46.56
CA LYS G 39 14.91 54.86 46.37
C LYS G 39 15.14 53.59 47.15
N TYR G 40 16.02 52.73 46.64
CA TYR G 40 16.56 51.64 47.42
C TYR G 40 18.08 51.73 47.38
N THR G 41 18.77 50.92 48.17
CA THR G 41 20.15 51.08 48.58
C THR G 41 20.70 49.77 49.12
N GLY G 42 22.00 49.51 48.95
CA GLY G 42 22.65 48.31 49.37
C GLY G 42 22.99 47.32 48.26
N LYS G 43 23.27 46.10 48.66
CA LYS G 43 23.50 45.00 47.73
C LYS G 43 22.68 45.07 46.44
N GLY G 44 23.39 44.99 45.31
CA GLY G 44 22.75 45.00 44.01
C GLY G 44 22.21 46.35 43.55
N ILE G 45 21.98 47.37 44.39
CA ILE G 45 21.38 48.64 44.04
C ILE G 45 22.30 49.83 44.13
N THR G 46 23.13 49.88 45.17
CA THR G 46 24.22 50.81 45.34
C THR G 46 25.51 50.17 45.86
N GLU G 47 25.55 48.86 46.08
CA GLU G 47 26.75 48.22 46.57
C GLU G 47 26.91 46.80 46.04
N PRO G 48 28.11 46.22 45.93
CA PRO G 48 28.35 44.92 45.32
C PRO G 48 28.18 43.72 46.24
N PRO G 49 27.88 42.53 45.70
CA PRO G 49 27.86 42.24 44.28
C PRO G 49 26.62 42.77 43.59
N PHE G 50 26.66 42.76 42.25
CA PHE G 50 25.62 43.26 41.39
C PHE G 50 25.08 42.19 40.46
N GLY G 51 24.01 42.53 39.75
CA GLY G 51 23.39 41.69 38.74
C GLY G 51 22.29 40.82 39.32
N ILE G 52 21.61 41.38 40.33
CA ILE G 52 20.72 40.64 41.18
C ILE G 52 19.39 41.34 41.40
N PHE G 53 19.37 42.67 41.55
CA PHE G 53 18.20 43.46 41.92
C PHE G 53 17.97 44.66 41.02
N VAL G 54 16.74 45.17 40.96
CA VAL G 54 16.47 46.47 40.37
C VAL G 54 15.31 47.06 41.17
N PHE G 55 15.00 48.36 41.08
CA PHE G 55 13.87 48.97 41.73
C PHE G 55 13.13 49.98 40.87
N ASN G 56 11.85 50.18 41.18
CA ASN G 56 11.00 51.16 40.53
C ASN G 56 10.85 52.40 41.41
N LYS G 57 11.07 53.58 40.85
CA LYS G 57 11.02 54.89 41.45
C LYS G 57 9.56 55.31 41.59
N ASP G 58 8.74 55.09 40.56
CA ASP G 58 7.34 55.47 40.61
C ASP G 58 6.55 54.60 41.58
N THR G 59 6.63 53.29 41.52
CA THR G 59 5.75 52.34 42.20
C THR G 59 6.23 51.74 43.51
N GLY G 60 7.47 52.03 43.92
CA GLY G 60 8.03 51.61 45.20
C GLY G 60 8.55 50.19 45.30
N GLU G 61 8.31 49.46 44.21
CA GLU G 61 8.67 48.06 44.09
C GLU G 61 10.11 47.68 43.79
N LEU G 62 10.54 46.56 44.38
CA LEU G 62 11.88 46.01 44.21
C LEU G 62 11.78 44.61 43.64
N ASN G 63 12.52 44.34 42.57
CA ASN G 63 12.54 43.09 41.84
C ASN G 63 13.89 42.39 41.94
N VAL G 64 13.88 41.17 41.42
CA VAL G 64 15.01 40.25 41.38
C VAL G 64 15.26 39.89 39.93
N THR G 65 16.49 39.99 39.39
CA THR G 65 16.67 39.96 37.94
C THR G 65 16.93 38.58 37.36
N SER G 66 17.25 37.71 38.31
CA SER G 66 18.07 36.51 38.11
C SER G 66 17.63 35.40 39.02
N ILE G 67 18.32 34.25 38.95
CA ILE G 67 18.21 33.06 39.78
C ILE G 67 19.24 33.21 40.89
N LEU G 68 18.84 33.07 42.16
CA LEU G 68 19.79 33.09 43.25
C LEU G 68 20.67 31.85 43.32
N ASP G 69 21.85 31.92 43.93
CA ASP G 69 22.54 30.73 44.36
C ASP G 69 23.01 30.89 45.80
N ARG G 70 22.70 29.84 46.56
CA ARG G 70 23.00 29.82 47.98
C ARG G 70 24.49 29.64 48.24
N GLU G 71 25.29 28.97 47.38
CA GLU G 71 26.72 28.88 47.48
C GLU G 71 27.51 30.08 46.98
N GLU G 72 26.86 31.06 46.35
CA GLU G 72 27.20 32.48 46.27
C GLU G 72 26.90 33.22 47.57
N THR G 73 25.67 33.20 48.10
CA THR G 73 25.41 34.08 49.23
C THR G 73 24.26 33.55 50.09
N PRO G 74 24.41 33.57 51.41
CA PRO G 74 23.28 33.19 52.22
C PRO G 74 22.22 34.26 52.43
N PHE G 75 22.66 35.51 52.38
CA PHE G 75 21.76 36.62 52.68
C PHE G 75 22.15 37.91 51.97
N PHE G 76 21.30 38.92 52.07
CA PHE G 76 21.49 40.27 51.55
C PHE G 76 20.84 41.40 52.34
N LEU G 77 21.45 42.58 52.43
CA LEU G 77 21.07 43.67 53.31
C LEU G 77 20.88 45.01 52.64
N LEU G 78 19.70 45.63 52.60
CA LEU G 78 19.35 46.81 51.84
C LEU G 78 18.55 47.78 52.72
N THR G 79 18.35 48.98 52.18
CA THR G 79 17.52 50.04 52.71
C THR G 79 16.80 50.78 51.59
N GLY G 80 15.47 50.73 51.70
CA GLY G 80 14.54 51.53 50.94
C GLY G 80 14.19 52.89 51.55
N TYR G 81 13.99 53.90 50.71
CA TYR G 81 13.64 55.22 51.17
C TYR G 81 12.53 55.87 50.37
N ALA G 82 11.76 56.81 50.94
CA ALA G 82 10.70 57.59 50.35
C ALA G 82 10.94 59.09 50.42
N LEU G 83 10.82 59.84 49.30
CA LEU G 83 11.16 61.25 49.33
C LEU G 83 10.27 62.08 48.40
N ASP G 84 9.99 63.36 48.66
CA ASP G 84 9.06 64.19 47.93
C ASP G 84 9.82 65.05 46.91
N ALA G 85 8.99 65.74 46.15
CA ALA G 85 9.50 66.63 45.10
C ALA G 85 10.19 67.86 45.63
N ARG G 86 10.40 68.12 46.92
CA ARG G 86 11.20 69.24 47.41
C ARG G 86 12.36 68.69 48.22
N GLY G 87 12.64 67.37 48.26
CA GLY G 87 13.84 66.73 48.74
C GLY G 87 13.69 66.02 50.07
N ASN G 88 12.56 66.10 50.78
CA ASN G 88 12.27 65.70 52.14
C ASN G 88 12.08 64.19 52.21
N ASN G 89 12.84 63.45 53.05
CA ASN G 89 12.57 62.07 53.39
C ASN G 89 11.27 62.08 54.17
N VAL G 90 10.26 61.45 53.60
CA VAL G 90 8.86 61.64 53.95
C VAL G 90 8.45 60.73 55.08
N GLU G 91 9.03 59.55 55.30
CA GLU G 91 8.71 58.54 56.29
C GLU G 91 9.93 57.76 56.75
N LYS G 92 9.85 57.03 57.87
CA LYS G 92 10.88 56.08 58.29
C LYS G 92 11.29 55.07 57.23
N PRO G 93 12.59 54.75 57.20
CA PRO G 93 13.15 53.93 56.15
C PRO G 93 12.66 52.48 56.07
N LEU G 94 12.65 51.85 54.89
CA LEU G 94 12.53 50.40 54.77
C LEU G 94 13.86 49.71 55.02
N GLU G 95 14.10 49.29 56.27
CA GLU G 95 15.14 48.38 56.72
C GLU G 95 14.70 46.98 56.28
N LEU G 96 15.61 46.26 55.63
CA LEU G 96 15.16 45.20 54.76
C LEU G 96 16.32 44.27 54.44
N ARG G 97 16.04 42.99 54.66
CA ARG G 97 16.98 41.90 54.48
C ARG G 97 16.29 40.80 53.68
N ILE G 98 17.10 40.06 52.92
CA ILE G 98 16.62 38.94 52.13
C ILE G 98 17.45 37.70 52.43
N LYS G 99 16.82 36.54 52.60
CA LYS G 99 17.50 35.28 52.85
C LYS G 99 17.37 34.27 51.72
N VAL G 100 18.54 33.65 51.54
CA VAL G 100 18.72 32.73 50.43
C VAL G 100 18.73 31.31 50.97
N LEU G 101 17.88 30.41 50.46
CA LEU G 101 17.58 29.11 51.01
C LEU G 101 18.16 28.03 50.11
N ASP G 102 18.50 26.87 50.69
CA ASP G 102 19.53 25.97 50.20
C ASP G 102 18.93 24.60 49.98
N ILE G 103 19.27 24.07 48.80
CA ILE G 103 18.93 22.71 48.41
C ILE G 103 20.20 22.01 47.98
N ASN G 104 20.19 20.67 47.95
CA ASN G 104 21.26 19.78 47.59
C ASN G 104 21.54 19.76 46.09
N ASP G 105 22.14 20.78 45.48
CA ASP G 105 22.49 20.96 44.08
C ASP G 105 23.98 20.74 43.79
N ASN G 106 24.73 20.19 44.73
CA ASN G 106 26.14 19.83 44.59
C ASN G 106 26.42 18.58 45.39
N GLU G 107 27.45 17.85 44.96
CA GLU G 107 27.94 16.58 45.43
C GLU G 107 29.31 16.76 46.09
N PRO G 108 29.66 15.93 47.09
CA PRO G 108 30.85 16.19 47.89
C PRO G 108 32.14 16.03 47.11
N VAL G 109 33.20 16.66 47.63
CA VAL G 109 34.50 16.60 47.01
C VAL G 109 35.52 16.15 48.05
N PHE G 110 36.52 15.36 47.64
CA PHE G 110 37.55 14.92 48.56
C PHE G 110 38.58 16.03 48.73
N THR G 111 39.33 15.90 49.83
CA THR G 111 40.37 16.84 50.18
C THR G 111 41.75 16.60 49.58
N GLN G 112 41.89 15.44 48.94
CA GLN G 112 43.01 15.00 48.13
C GLN G 112 42.62 14.17 46.93
N ASP G 113 43.42 14.16 45.85
CA ASP G 113 43.23 13.25 44.75
C ASP G 113 43.84 11.88 44.97
N VAL G 114 44.77 11.80 45.92
CA VAL G 114 45.43 10.58 46.35
C VAL G 114 45.62 10.52 47.86
N PHE G 115 45.04 9.59 48.63
CA PHE G 115 45.21 9.29 50.03
C PHE G 115 46.28 8.21 50.19
N VAL G 116 47.18 8.35 51.17
CA VAL G 116 48.15 7.37 51.58
C VAL G 116 48.07 7.06 53.08
N GLY G 117 47.97 5.77 53.39
CA GLY G 117 48.19 5.26 54.73
C GLY G 117 48.71 3.83 54.71
N SER G 118 49.27 3.44 55.86
CA SER G 118 49.90 2.15 55.90
C SER G 118 49.79 1.43 57.25
N VAL G 119 50.20 0.17 57.23
CA VAL G 119 50.37 -0.66 58.42
C VAL G 119 51.52 -1.63 58.19
N GLU G 120 52.23 -2.01 59.25
CA GLU G 120 53.22 -3.06 59.20
C GLU G 120 52.70 -4.46 58.92
N GLU G 121 53.53 -5.38 58.46
CA GLU G 121 53.27 -6.82 58.43
C GLU G 121 52.50 -7.41 59.58
N LEU G 122 51.52 -8.24 59.21
CA LEU G 122 50.72 -9.10 60.07
C LEU G 122 50.18 -8.28 61.24
N SER G 123 49.48 -7.19 60.91
CA SER G 123 48.73 -6.31 61.78
C SER G 123 47.40 -6.95 62.13
N ALA G 124 47.02 -6.90 63.41
CA ALA G 124 45.78 -7.46 63.92
C ALA G 124 44.47 -6.90 63.38
N ALA G 125 43.36 -7.61 63.55
CA ALA G 125 42.11 -7.37 62.85
C ALA G 125 41.37 -6.17 63.44
N HIS G 126 40.47 -5.51 62.72
CA HIS G 126 39.91 -4.21 63.02
C HIS G 126 40.91 -3.20 63.57
N THR G 127 42.13 -3.21 63.04
CA THR G 127 43.15 -2.18 63.23
C THR G 127 42.86 -1.06 62.24
N LEU G 128 42.73 0.18 62.68
CA LEU G 128 42.52 1.31 61.78
C LEU G 128 43.80 1.53 60.98
N VAL G 129 43.71 1.66 59.67
CA VAL G 129 44.82 2.10 58.86
C VAL G 129 44.88 3.60 58.65
N MET G 130 43.79 4.18 58.13
CA MET G 130 43.76 5.59 57.78
C MET G 130 42.29 5.99 57.80
N LYS G 131 42.11 7.27 57.50
CA LYS G 131 40.83 7.93 57.35
C LYS G 131 40.88 8.87 56.15
N ILE G 132 39.86 8.81 55.30
CA ILE G 132 39.70 9.56 54.08
C ILE G 132 38.62 10.60 54.21
N ASN G 133 38.86 11.86 53.83
CA ASN G 133 38.12 13.08 54.12
C ASN G 133 37.46 13.69 52.89
N ALA G 134 36.30 14.29 53.14
CA ALA G 134 35.59 15.00 52.10
C ALA G 134 34.78 16.17 52.62
N THR G 135 34.27 17.03 51.74
CA THR G 135 33.59 18.27 52.06
C THR G 135 32.47 18.50 51.05
N ASP G 136 31.48 19.35 51.33
CA ASP G 136 30.34 19.65 50.50
C ASP G 136 29.91 21.11 50.55
N ALA G 137 29.36 21.69 49.48
CA ALA G 137 29.20 23.13 49.41
C ALA G 137 27.88 23.70 49.90
N ASP G 138 26.90 22.81 50.04
CA ASP G 138 25.75 23.11 50.87
C ASP G 138 26.04 23.30 52.34
N GLU G 139 25.06 23.76 53.11
CA GLU G 139 25.20 24.04 54.53
C GLU G 139 25.35 22.72 55.26
N PRO G 140 26.32 22.65 56.18
CA PRO G 140 26.46 21.62 57.18
C PRO G 140 25.26 21.40 58.09
N ASN G 141 25.27 20.34 58.88
CA ASN G 141 24.21 20.01 59.82
C ASN G 141 22.85 20.04 59.16
N THR G 142 22.79 19.59 57.91
CA THR G 142 21.66 19.23 57.09
C THR G 142 21.78 18.00 56.20
N LEU G 143 20.66 17.40 55.78
CA LEU G 143 20.65 16.29 54.84
C LEU G 143 21.42 16.60 53.57
N ASN G 144 21.31 17.81 53.01
CA ASN G 144 21.92 18.27 51.77
C ASN G 144 23.41 18.04 51.65
N SER G 145 24.13 17.72 52.74
CA SER G 145 25.57 17.58 52.88
C SER G 145 26.01 16.45 53.79
N LYS G 146 25.12 15.47 53.88
CA LYS G 146 25.35 14.23 54.62
C LYS G 146 26.28 13.26 53.92
N ILE G 147 27.61 13.42 53.99
CA ILE G 147 28.53 12.73 53.11
C ILE G 147 28.64 11.26 53.45
N SER G 148 28.68 10.41 52.42
CA SER G 148 28.97 8.98 52.54
C SER G 148 29.99 8.60 51.49
N TYR G 149 30.84 7.63 51.82
CA TYR G 149 31.98 7.16 51.05
C TYR G 149 31.70 5.80 50.43
N ARG G 150 32.09 5.52 49.18
CA ARG G 150 32.03 4.16 48.70
C ARG G 150 33.29 3.80 47.91
N ILE G 151 33.59 2.53 47.74
CA ILE G 151 34.58 2.06 46.78
C ILE G 151 33.87 1.70 45.48
N VAL G 152 34.50 1.99 44.34
CA VAL G 152 34.10 1.71 42.98
C VAL G 152 34.99 0.64 42.35
N SER G 153 36.29 0.53 42.66
CA SER G 153 37.11 -0.60 42.27
C SER G 153 38.41 -0.62 43.05
N LEU G 154 39.00 -1.81 43.27
CA LEU G 154 40.25 -1.95 43.97
C LEU G 154 41.07 -3.04 43.25
N GLU G 155 42.37 -2.99 43.51
CA GLU G 155 43.44 -3.78 42.91
C GLU G 155 44.56 -4.04 43.88
N PRO G 156 44.78 -5.30 44.27
CA PRO G 156 44.18 -6.52 43.78
C PRO G 156 42.77 -6.75 44.30
N ALA G 157 41.99 -7.31 43.38
CA ALA G 157 40.54 -7.37 43.46
C ALA G 157 40.13 -8.51 44.39
N TYR G 158 41.03 -9.45 44.70
CA TYR G 158 40.75 -10.49 45.68
C TYR G 158 42.04 -10.76 46.44
N PRO G 159 42.08 -11.17 47.71
CA PRO G 159 41.01 -11.25 48.67
C PRO G 159 40.53 -9.88 49.13
N PRO G 160 39.37 -9.88 49.81
CA PRO G 160 38.80 -8.75 50.50
C PRO G 160 39.51 -8.73 51.84
N VAL G 161 40.44 -7.80 52.00
CA VAL G 161 41.30 -7.58 53.14
C VAL G 161 41.21 -6.32 53.98
N PHE G 162 40.36 -5.39 53.53
CA PHE G 162 39.99 -4.14 54.16
C PHE G 162 38.50 -3.86 54.37
N TYR G 163 38.14 -3.13 55.42
CA TYR G 163 36.77 -2.74 55.68
C TYR G 163 36.70 -1.21 55.76
N LEU G 164 35.67 -0.56 55.23
CA LEU G 164 35.56 0.88 55.06
C LEU G 164 34.25 1.25 55.74
N ASN G 165 34.31 2.06 56.80
CA ASN G 165 33.12 2.62 57.42
C ASN G 165 32.56 3.75 56.56
N LYS G 166 31.55 3.42 55.74
CA LYS G 166 30.93 4.29 54.76
C LYS G 166 30.20 5.52 55.30
N ASP G 167 29.86 5.51 56.60
CA ASP G 167 29.27 6.66 57.25
C ASP G 167 30.31 7.68 57.73
N THR G 168 31.60 7.35 57.87
CA THR G 168 32.61 8.21 58.46
C THR G 168 33.94 8.37 57.75
N GLY G 169 34.21 7.45 56.81
CA GLY G 169 35.40 7.46 55.98
C GLY G 169 36.61 6.83 56.62
N GLU G 170 36.50 5.69 57.33
CA GLU G 170 37.58 5.11 58.11
C GLU G 170 37.86 3.66 57.73
N ILE G 171 39.15 3.37 57.52
CA ILE G 171 39.54 2.09 56.95
C ILE G 171 40.23 1.17 57.96
N TYR G 172 39.90 -0.12 57.91
CA TYR G 172 40.26 -1.15 58.87
C TYR G 172 40.85 -2.40 58.22
N THR G 173 41.70 -3.16 58.91
CA THR G 173 41.95 -4.54 58.58
C THR G 173 40.79 -5.46 58.95
N THR G 174 40.75 -6.65 58.38
CA THR G 174 39.89 -7.79 58.67
C THR G 174 40.59 -9.05 59.14
N SER G 175 39.86 -10.17 59.16
CA SER G 175 40.19 -11.46 59.70
C SER G 175 41.22 -12.24 58.89
N VAL G 176 41.99 -11.56 58.03
CA VAL G 176 43.08 -12.09 57.24
C VAL G 176 44.30 -11.21 57.42
N THR G 177 45.52 -11.73 57.61
CA THR G 177 46.73 -10.94 57.78
C THR G 177 47.48 -10.64 56.50
N LEU G 178 48.15 -9.48 56.42
CA LEU G 178 48.70 -8.83 55.25
C LEU G 178 50.19 -8.64 55.49
N ASP G 179 50.97 -8.95 54.45
CA ASP G 179 52.41 -9.13 54.53
C ASP G 179 53.10 -8.63 53.27
N ARG G 180 54.12 -7.78 53.48
CA ARG G 180 54.94 -7.21 52.44
C ARG G 180 55.54 -8.24 51.49
N GLU G 181 55.81 -9.46 52.00
CA GLU G 181 56.45 -10.50 51.23
C GLU G 181 55.47 -11.14 50.26
N GLU G 182 54.17 -11.15 50.59
CA GLU G 182 53.13 -11.68 49.73
C GLU G 182 52.71 -10.76 48.58
N HIS G 183 52.40 -9.58 49.14
CA HIS G 183 51.99 -8.45 48.32
C HIS G 183 52.07 -7.15 49.12
N SER G 184 52.55 -6.11 48.44
CA SER G 184 52.71 -4.86 49.17
C SER G 184 51.59 -3.86 48.98
N SER G 185 51.11 -3.64 47.75
CA SER G 185 50.37 -2.44 47.43
C SER G 185 48.98 -2.75 46.88
N TYR G 186 48.06 -2.06 47.54
CA TYR G 186 46.62 -2.02 47.33
C TYR G 186 46.08 -0.65 46.99
N THR G 187 45.55 -0.43 45.78
CA THR G 187 44.89 0.79 45.36
C THR G 187 43.37 0.68 45.28
N LEU G 188 42.66 1.64 45.88
CA LEU G 188 41.21 1.73 45.92
C LEU G 188 40.75 3.03 45.28
N THR G 189 39.78 2.99 44.36
CA THR G 189 39.06 4.15 43.89
C THR G 189 37.84 4.29 44.80
N VAL G 190 37.65 5.51 45.29
CA VAL G 190 36.57 5.89 46.19
C VAL G 190 35.84 7.11 45.67
N GLU G 191 34.54 7.15 45.99
CA GLU G 191 33.62 8.17 45.50
C GLU G 191 32.82 8.71 46.67
N ALA G 192 32.56 10.02 46.63
CA ALA G 192 31.79 10.74 47.62
C ALA G 192 30.38 11.16 47.26
N ARG G 193 29.34 10.74 47.98
CA ARG G 193 27.96 11.11 47.73
C ARG G 193 27.37 11.73 48.98
N ASP G 194 26.34 12.55 48.86
CA ASP G 194 25.63 12.98 50.05
C ASP G 194 24.17 12.60 50.17
N GLY G 195 23.63 12.66 51.39
CA GLY G 195 22.21 12.51 51.55
C GLY G 195 21.82 11.04 51.78
N ASN G 196 21.51 10.42 50.64
CA ASN G 196 20.91 9.10 50.56
C ASN G 196 21.85 8.02 50.04
N GLY G 197 23.11 8.41 49.82
CA GLY G 197 24.24 7.58 49.48
C GLY G 197 24.21 7.01 48.07
N GLU G 198 23.12 7.30 47.34
CA GLU G 198 22.75 6.77 46.05
C GLU G 198 23.42 7.55 44.92
N VAL G 199 23.48 7.01 43.70
CA VAL G 199 24.01 7.56 42.48
C VAL G 199 23.11 8.39 41.56
N THR G 200 23.64 9.33 40.77
CA THR G 200 22.90 10.08 39.78
C THR G 200 23.14 9.60 38.36
N ASP G 201 22.47 10.10 37.32
CA ASP G 201 22.49 9.78 35.90
C ASP G 201 23.49 10.64 35.15
N LYS G 202 24.58 11.03 35.82
CA LYS G 202 25.67 11.82 35.28
C LYS G 202 27.04 11.58 35.88
N PRO G 203 28.15 12.14 35.38
CA PRO G 203 29.42 11.77 35.98
C PRO G 203 29.76 12.66 37.16
N VAL G 204 30.59 12.07 38.03
CA VAL G 204 31.12 12.91 39.10
C VAL G 204 32.62 12.69 39.26
N LYS G 205 33.40 13.48 40.00
CA LYS G 205 34.80 13.18 40.25
C LYS G 205 35.11 12.17 41.33
N GLN G 206 36.30 11.54 41.39
CA GLN G 206 36.66 10.48 42.30
C GLN G 206 38.06 10.79 42.80
N ALA G 207 38.51 10.06 43.83
CA ALA G 207 39.88 10.08 44.30
C ALA G 207 40.39 8.63 44.39
N GLN G 208 41.63 8.44 44.80
CA GLN G 208 42.27 7.17 45.09
C GLN G 208 42.58 7.08 46.59
N VAL G 209 42.58 5.87 47.13
CA VAL G 209 43.29 5.47 48.33
C VAL G 209 44.40 4.48 48.00
N GLN G 210 45.63 4.70 48.46
CA GLN G 210 46.80 3.90 48.22
C GLN G 210 47.44 3.48 49.53
N ILE G 211 47.17 2.22 49.87
CA ILE G 211 47.62 1.57 51.10
C ILE G 211 48.83 0.70 50.78
N ARG G 212 49.75 0.71 51.75
CA ARG G 212 50.99 -0.04 51.82
C ARG G 212 51.18 -0.93 53.05
N ILE G 213 51.61 -2.16 52.82
CA ILE G 213 52.05 -3.03 53.89
C ILE G 213 53.54 -2.74 54.04
N LEU G 214 54.04 -2.54 55.26
CA LEU G 214 55.39 -2.12 55.58
C LEU G 214 56.23 -3.24 56.19
N ASP G 215 57.41 -3.37 55.59
CA ASP G 215 58.35 -4.38 56.02
C ASP G 215 58.75 -4.43 57.50
N VAL G 216 58.82 -5.66 58.02
CA VAL G 216 59.58 -6.00 59.21
C VAL G 216 60.64 -7.01 58.79
N ASN G 217 61.71 -6.80 59.54
CA ASN G 217 63.02 -7.40 59.32
C ASN G 217 63.06 -8.88 59.65
N ASP G 218 62.35 -9.77 58.96
CA ASP G 218 62.00 -11.06 59.53
C ASP G 218 63.21 -11.99 59.38
N ASN G 219 64.00 -11.88 58.30
CA ASN G 219 65.24 -12.61 58.11
C ASN G 219 66.45 -11.81 58.57
N ILE G 220 67.30 -12.47 59.35
CA ILE G 220 68.67 -12.05 59.54
C ILE G 220 69.34 -12.33 58.22
N PRO G 221 70.20 -11.51 57.61
CA PRO G 221 71.00 -12.03 56.52
C PRO G 221 71.82 -13.22 56.97
N VAL G 222 71.61 -14.31 56.24
CA VAL G 222 72.51 -15.45 56.33
C VAL G 222 73.48 -15.52 55.17
N VAL G 223 74.68 -16.06 55.46
CA VAL G 223 75.89 -16.13 54.66
C VAL G 223 75.95 -17.43 53.86
N GLU G 224 76.36 -17.39 52.58
CA GLU G 224 76.31 -18.53 51.67
C GLU G 224 77.63 -19.27 51.73
N ASN G 225 78.43 -19.14 52.78
CA ASN G 225 79.69 -19.86 52.97
C ASN G 225 79.80 -20.42 54.38
N LYS G 226 79.94 -21.72 54.59
CA LYS G 226 79.89 -22.41 55.87
C LYS G 226 81.05 -21.96 56.73
N VAL G 227 82.20 -21.56 56.16
CA VAL G 227 83.38 -21.07 56.85
C VAL G 227 84.21 -20.09 56.03
N LEU G 228 84.95 -19.14 56.59
CA LEU G 228 85.51 -17.95 55.97
C LEU G 228 87.01 -17.75 56.10
N GLU G 229 87.61 -17.23 55.02
CA GLU G 229 88.98 -16.82 54.83
C GLU G 229 89.16 -15.62 53.93
N GLY G 230 90.17 -14.75 54.10
CA GLY G 230 90.79 -13.80 53.20
C GLY G 230 92.21 -14.11 52.76
N MET G 231 92.58 -13.66 51.56
CA MET G 231 93.94 -13.73 51.07
C MET G 231 94.66 -12.40 50.90
N VAL G 232 95.95 -12.27 51.26
CA VAL G 232 96.55 -10.97 51.45
C VAL G 232 97.94 -10.99 50.80
N GLU G 233 98.13 -10.26 49.70
CA GLU G 233 99.46 -10.00 49.16
C GLU G 233 100.24 -8.98 49.97
N GLU G 234 101.54 -9.25 50.01
CA GLU G 234 102.59 -8.54 50.70
C GLU G 234 103.04 -7.29 49.97
N ASN G 235 103.50 -6.24 50.65
CA ASN G 235 103.89 -4.96 50.05
C ASN G 235 102.82 -4.28 49.21
N GLN G 236 101.61 -4.80 49.11
CA GLN G 236 100.45 -4.30 48.40
C GLN G 236 99.44 -3.72 49.39
N VAL G 237 98.70 -2.69 48.99
CA VAL G 237 97.68 -2.03 49.80
C VAL G 237 96.65 -1.44 48.84
N ASN G 238 95.46 -1.11 49.33
CA ASN G 238 94.36 -0.54 48.60
C ASN G 238 93.70 -1.55 47.67
N VAL G 239 93.75 -2.81 48.12
CA VAL G 239 93.24 -3.95 47.37
C VAL G 239 92.32 -4.82 48.21
N GLU G 240 91.38 -5.51 47.58
CA GLU G 240 90.32 -6.27 48.21
C GLU G 240 90.80 -7.68 48.56
N VAL G 241 90.45 -8.18 49.74
CA VAL G 241 91.02 -9.39 50.28
C VAL G 241 90.10 -10.60 50.44
N THR G 242 88.79 -10.37 50.56
CA THR G 242 87.70 -11.32 50.69
C THR G 242 86.39 -10.56 50.73
N ARG G 243 85.29 -11.23 50.42
CA ARG G 243 84.00 -10.58 50.55
C ARG G 243 82.98 -11.60 51.04
N ILE G 244 82.04 -11.13 51.87
CA ILE G 244 81.02 -11.96 52.48
C ILE G 244 79.75 -11.77 51.64
N LYS G 245 79.18 -12.75 50.94
CA LYS G 245 77.89 -12.77 50.28
C LYS G 245 76.79 -13.17 51.26
N VAL G 246 75.67 -12.45 51.25
CA VAL G 246 74.56 -12.61 52.17
C VAL G 246 73.28 -12.83 51.37
N PHE G 247 72.34 -13.68 51.80
CA PHE G 247 70.96 -13.59 51.35
C PHE G 247 70.05 -12.98 52.40
N ASP G 248 69.29 -11.97 51.99
CA ASP G 248 68.24 -11.37 52.77
C ASP G 248 66.95 -11.38 51.97
N ALA G 249 65.83 -11.85 52.53
CA ALA G 249 64.47 -12.00 52.02
C ALA G 249 63.63 -10.75 52.20
N ASP G 250 64.14 -9.76 52.93
CA ASP G 250 63.42 -8.50 52.97
C ASP G 250 63.66 -7.75 51.66
N GLU G 251 63.01 -6.61 51.46
CA GLU G 251 62.98 -5.95 50.16
C GLU G 251 64.33 -5.45 49.68
N ILE G 252 64.69 -5.74 48.42
CA ILE G 252 65.92 -5.30 47.81
C ILE G 252 66.01 -3.77 47.80
N GLY G 253 67.16 -3.17 48.09
CA GLY G 253 67.31 -1.76 48.38
C GLY G 253 67.06 -1.18 49.76
N SER G 254 66.23 -1.82 50.59
CA SER G 254 65.98 -1.32 51.92
C SER G 254 67.01 -1.54 53.01
N ASP G 255 66.79 -0.88 54.15
CA ASP G 255 67.55 -1.07 55.36
C ASP G 255 67.21 -2.35 56.11
N ASN G 256 66.20 -3.09 55.63
CA ASN G 256 65.80 -4.36 56.21
C ASN G 256 66.48 -5.54 55.53
N TRP G 257 66.96 -5.29 54.31
CA TRP G 257 67.70 -6.21 53.46
C TRP G 257 69.21 -6.00 53.59
N LEU G 258 69.72 -4.77 53.46
CA LEU G 258 71.12 -4.43 53.44
C LEU G 258 71.87 -4.75 54.72
N ALA G 259 72.97 -5.49 54.68
CA ALA G 259 73.74 -5.83 55.86
C ALA G 259 74.76 -4.73 56.12
N ASN G 260 75.36 -4.87 57.30
CA ASN G 260 76.39 -3.97 57.81
C ASN G 260 77.18 -4.78 58.82
N PHE G 261 78.51 -4.66 58.77
CA PHE G 261 79.45 -5.48 59.51
C PHE G 261 80.29 -4.70 60.52
N THR G 262 80.89 -5.41 61.48
CA THR G 262 81.89 -4.87 62.39
C THR G 262 82.91 -5.92 62.81
N PHE G 263 84.21 -5.72 63.00
CA PHE G 263 85.13 -6.60 63.71
C PHE G 263 84.74 -6.72 65.18
N ALA G 264 84.64 -7.95 65.69
CA ALA G 264 84.49 -8.30 67.08
C ALA G 264 85.85 -8.08 67.74
N SER G 265 86.78 -8.84 67.15
CA SER G 265 88.14 -8.95 67.64
C SER G 265 89.08 -9.30 66.49
N GLY G 266 90.38 -9.50 66.73
CA GLY G 266 91.42 -9.98 65.85
C GLY G 266 92.02 -8.89 64.96
N ASN G 267 91.49 -7.67 64.93
CA ASN G 267 91.88 -6.52 64.11
C ASN G 267 93.00 -5.70 64.74
N GLU G 268 93.86 -6.34 65.52
CA GLU G 268 94.80 -5.75 66.48
C GLU G 268 95.94 -5.02 65.78
N GLY G 269 96.37 -5.42 64.58
CA GLY G 269 97.32 -4.68 63.77
C GLY G 269 96.71 -3.62 62.87
N GLY G 270 95.38 -3.67 62.77
CA GLY G 270 94.53 -2.72 62.08
C GLY G 270 94.54 -2.78 60.56
N TYR G 271 94.90 -3.90 59.93
CA TYR G 271 95.09 -4.01 58.50
C TYR G 271 93.82 -3.84 57.67
N PHE G 272 92.60 -3.96 58.19
CA PHE G 272 91.44 -4.16 57.34
C PHE G 272 90.38 -3.07 57.48
N HIS G 273 89.62 -2.78 56.44
CA HIS G 273 88.33 -2.18 56.64
C HIS G 273 87.22 -2.85 55.83
N ILE G 274 85.96 -2.96 56.31
CA ILE G 274 84.87 -3.73 55.77
C ILE G 274 83.61 -2.89 55.56
N GLU G 275 83.16 -2.93 54.32
CA GLU G 275 82.15 -2.01 53.82
C GLU G 275 81.19 -2.80 52.94
N THR G 276 79.90 -2.83 53.27
CA THR G 276 78.85 -3.34 52.42
C THR G 276 78.69 -2.52 51.15
N ASP G 277 78.46 -3.20 50.02
CA ASP G 277 77.90 -2.69 48.79
C ASP G 277 76.40 -2.83 48.57
N ALA G 278 75.77 -1.64 48.57
CA ALA G 278 74.34 -1.54 48.52
C ALA G 278 73.63 -1.99 47.25
N GLN G 279 74.38 -2.22 46.17
CA GLN G 279 73.86 -2.72 44.92
C GLN G 279 73.56 -4.22 45.01
N THR G 280 74.27 -5.03 45.78
CA THR G 280 74.30 -6.48 45.69
C THR G 280 74.35 -7.26 47.00
N ASN G 281 74.48 -6.46 48.07
CA ASN G 281 74.51 -6.96 49.42
C ASN G 281 75.60 -8.00 49.68
N GLU G 282 76.82 -7.46 49.63
CA GLU G 282 78.10 -8.10 49.89
C GLU G 282 78.98 -7.22 50.76
N GLY G 283 79.39 -7.78 51.92
CA GLY G 283 80.34 -7.12 52.75
C GLY G 283 81.81 -7.15 52.35
N ILE G 284 82.36 -6.08 51.79
CA ILE G 284 83.65 -6.05 51.14
C ILE G 284 84.77 -5.55 52.02
N VAL G 285 85.68 -6.50 52.29
CA VAL G 285 86.94 -6.33 52.99
C VAL G 285 88.12 -6.04 52.06
N THR G 286 88.89 -5.10 52.61
CA THR G 286 89.91 -4.32 51.96
C THR G 286 91.13 -4.14 52.87
N LEU G 287 92.28 -4.41 52.22
CA LEU G 287 93.60 -4.18 52.80
C LEU G 287 94.00 -2.72 52.83
N ILE G 288 94.14 -2.09 54.01
CA ILE G 288 94.51 -0.69 54.13
C ILE G 288 95.84 -0.32 54.76
N LYS G 289 96.61 -1.29 55.24
CA LYS G 289 98.02 -1.23 55.58
C LYS G 289 98.69 -2.54 55.20
N GLU G 290 99.99 -2.47 54.88
CA GLU G 290 100.83 -3.53 54.36
C GLU G 290 101.16 -4.62 55.37
N VAL G 291 101.38 -5.85 54.91
CA VAL G 291 101.86 -7.03 55.60
C VAL G 291 103.11 -7.55 54.87
N ASP G 292 103.93 -8.35 55.57
CA ASP G 292 105.01 -9.13 55.02
C ASP G 292 104.88 -10.64 55.18
N TYR G 293 105.12 -11.44 54.13
CA TYR G 293 105.15 -12.89 54.08
C TYR G 293 106.28 -13.53 54.86
N GLU G 294 107.37 -12.77 55.04
CA GLU G 294 108.55 -13.22 55.75
C GLU G 294 108.47 -13.12 57.27
N GLU G 295 107.47 -12.44 57.84
CA GLU G 295 107.10 -12.39 59.23
C GLU G 295 106.00 -13.41 59.53
N MET G 296 105.12 -13.77 58.60
CA MET G 296 104.03 -14.72 58.64
C MET G 296 103.17 -14.50 59.86
N LYS G 297 102.64 -13.29 60.04
CA LYS G 297 101.91 -13.01 61.28
C LYS G 297 100.54 -13.66 61.27
N ASN G 298 100.09 -13.91 62.50
CA ASN G 298 98.71 -14.29 62.76
C ASN G 298 97.83 -13.07 62.60
N LEU G 299 97.10 -13.02 61.48
CA LEU G 299 96.37 -11.88 60.98
C LEU G 299 94.86 -12.11 61.04
N ASP G 300 94.41 -13.29 61.46
CA ASP G 300 93.03 -13.71 61.52
C ASP G 300 92.15 -12.98 62.51
N PHE G 301 90.87 -12.80 62.17
CA PHE G 301 89.94 -11.96 62.89
C PHE G 301 88.49 -12.43 62.92
N SER G 302 87.55 -11.76 63.60
CA SER G 302 86.14 -12.07 63.71
C SER G 302 85.27 -10.87 63.38
N VAL G 303 84.10 -11.07 62.75
CA VAL G 303 83.12 -10.12 62.30
C VAL G 303 81.70 -10.48 62.77
N ILE G 304 80.93 -9.44 63.03
CA ILE G 304 79.53 -9.47 63.41
C ILE G 304 78.74 -8.86 62.28
N VAL G 305 77.53 -9.39 62.09
CA VAL G 305 76.69 -9.00 60.96
C VAL G 305 75.24 -8.81 61.39
N ALA G 306 74.68 -7.70 60.90
CA ALA G 306 73.24 -7.47 60.98
C ALA G 306 72.78 -6.50 59.91
N ASN G 307 71.48 -6.22 59.87
CA ASN G 307 70.93 -5.23 58.97
C ASN G 307 71.00 -3.82 59.54
N LYS G 308 70.63 -2.82 58.75
CA LYS G 308 70.52 -1.44 59.18
C LYS G 308 69.25 -1.16 59.95
N ALA G 309 68.19 -1.91 59.66
CA ALA G 309 67.04 -2.15 60.50
C ALA G 309 67.44 -2.94 61.74
N ALA G 310 66.65 -2.74 62.79
CA ALA G 310 66.71 -3.59 63.95
C ALA G 310 66.04 -4.95 63.87
N PHE G 311 66.07 -5.82 64.88
CA PHE G 311 65.71 -7.21 64.65
C PHE G 311 64.19 -7.28 64.53
N HIS G 312 63.63 -8.38 64.02
CA HIS G 312 62.23 -8.64 64.27
C HIS G 312 61.95 -8.64 65.76
N LYS G 313 60.75 -8.27 66.23
CA LYS G 313 60.40 -8.20 67.64
C LYS G 313 60.60 -9.51 68.39
N SER G 314 60.41 -10.62 67.66
CA SER G 314 60.83 -11.99 67.97
C SER G 314 62.04 -12.11 68.88
N ILE G 315 63.10 -11.40 68.52
CA ILE G 315 64.39 -11.57 69.17
C ILE G 315 64.99 -10.41 69.95
N ARG G 316 64.30 -9.25 69.98
CA ARG G 316 64.70 -8.06 70.67
C ARG G 316 64.90 -8.30 72.16
N SER G 317 66.02 -7.82 72.71
CA SER G 317 66.54 -8.16 74.03
C SER G 317 66.79 -9.63 74.30
N LYS G 318 66.85 -10.55 73.31
CA LYS G 318 67.00 -11.96 73.52
C LYS G 318 68.13 -12.59 72.72
N TYR G 319 68.87 -11.75 71.99
CA TYR G 319 69.90 -12.09 71.03
C TYR G 319 70.88 -10.92 71.02
N LYS G 320 72.14 -11.20 70.66
CA LYS G 320 73.01 -10.23 70.04
C LYS G 320 73.83 -10.96 68.99
N PRO G 321 74.45 -10.28 68.03
CA PRO G 321 75.12 -11.00 66.97
C PRO G 321 76.36 -11.76 67.43
N THR G 322 76.61 -12.94 66.86
CA THR G 322 77.74 -13.77 67.23
C THR G 322 78.96 -13.49 66.35
N PRO G 323 80.19 -13.39 66.86
CA PRO G 323 81.41 -13.50 66.09
C PRO G 323 81.43 -14.63 65.05
N ILE G 324 81.67 -14.27 63.79
CA ILE G 324 82.02 -15.11 62.66
C ILE G 324 83.52 -15.05 62.48
N PRO G 325 84.25 -16.17 62.57
CA PRO G 325 85.67 -16.16 62.31
C PRO G 325 86.00 -16.11 60.83
N ILE G 326 86.93 -15.18 60.56
CA ILE G 326 87.58 -15.12 59.27
C ILE G 326 89.06 -15.41 59.46
N LYS G 327 89.47 -16.48 58.78
CA LYS G 327 90.87 -16.80 58.62
C LYS G 327 91.58 -15.74 57.80
N VAL G 328 92.93 -15.80 57.80
CA VAL G 328 93.75 -15.00 56.94
C VAL G 328 94.98 -15.78 56.52
N LYS G 329 95.21 -15.76 55.20
CA LYS G 329 96.43 -16.19 54.55
C LYS G 329 97.17 -14.98 53.97
N VAL G 330 98.51 -15.08 53.93
CA VAL G 330 99.41 -14.21 53.22
C VAL G 330 99.83 -14.84 51.91
N LYS G 331 99.85 -14.05 50.82
CA LYS G 331 100.36 -14.46 49.53
C LYS G 331 101.78 -13.93 49.45
N ASN G 332 102.73 -14.78 49.04
CA ASN G 332 104.15 -14.48 48.96
C ASN G 332 104.45 -13.92 47.58
N VAL G 333 105.25 -12.86 47.44
CA VAL G 333 106.02 -12.55 46.26
C VAL G 333 107.51 -12.80 46.50
N LYS G 334 108.25 -13.17 45.46
CA LYS G 334 109.70 -13.19 45.41
C LYS G 334 110.44 -11.87 45.23
N GLU G 335 110.93 -11.24 46.29
CA GLU G 335 111.28 -9.84 46.31
C GLU G 335 112.74 -9.61 45.98
N GLY G 336 113.64 -10.58 46.24
CA GLY G 336 115.02 -10.64 45.83
C GLY G 336 115.95 -9.56 46.39
N ILE G 337 117.23 -9.75 46.09
CA ILE G 337 118.34 -9.16 46.81
C ILE G 337 118.23 -7.70 47.25
N HIS G 338 118.70 -7.38 48.44
CA HIS G 338 118.81 -6.00 48.90
C HIS G 338 120.12 -5.66 49.59
N PHE G 339 120.49 -4.39 49.75
CA PHE G 339 121.39 -3.96 50.77
C PHE G 339 120.59 -3.47 51.96
N LYS G 340 120.97 -3.84 53.21
CA LYS G 340 120.37 -3.20 54.36
C LYS G 340 120.93 -1.79 54.54
N SER G 341 122.21 -1.55 54.25
CA SER G 341 122.85 -0.25 54.32
C SER G 341 123.58 -0.07 52.99
N SER G 342 123.17 0.93 52.22
CA SER G 342 123.87 1.31 51.00
C SER G 342 125.18 2.08 51.07
N VAL G 343 125.51 2.79 52.16
CA VAL G 343 126.70 3.60 52.20
C VAL G 343 127.51 3.39 53.48
N ILE G 344 128.80 3.28 53.14
CA ILE G 344 129.92 3.03 54.03
C ILE G 344 130.93 4.17 53.96
N SER G 345 131.45 4.52 55.13
CA SER G 345 132.33 5.63 55.46
C SER G 345 133.56 5.23 56.26
N ILE G 346 134.70 5.36 55.58
CA ILE G 346 136.01 4.93 56.06
C ILE G 346 136.83 6.17 56.34
N TYR G 347 137.50 6.29 57.48
CA TYR G 347 138.39 7.38 57.82
C TYR G 347 139.85 6.93 57.94
N VAL G 348 140.63 7.34 56.95
CA VAL G 348 142.02 6.97 56.75
C VAL G 348 142.93 8.19 56.55
N SER G 349 144.22 7.96 56.41
CA SER G 349 145.07 8.92 55.72
C SER G 349 145.90 8.20 54.67
N GLU G 350 146.59 9.01 53.83
CA GLU G 350 147.64 8.55 52.95
C GLU G 350 148.92 8.17 53.70
N SER G 351 148.90 7.97 55.02
CA SER G 351 150.05 7.49 55.76
C SER G 351 150.24 5.99 55.59
N MET G 352 151.45 5.57 55.20
CA MET G 352 151.77 4.16 55.14
C MET G 352 151.58 3.41 56.46
N ASP G 353 151.41 3.97 57.64
CA ASP G 353 150.99 3.38 58.90
C ASP G 353 149.50 3.42 59.15
N ARG G 354 148.71 3.68 58.10
CA ARG G 354 147.27 3.74 58.17
C ARG G 354 146.65 3.15 56.90
N SER G 355 147.24 3.26 55.71
CA SER G 355 146.70 2.73 54.48
C SER G 355 147.76 1.81 53.89
N SER G 356 147.35 0.68 53.34
CA SER G 356 148.26 -0.35 52.87
C SER G 356 147.57 -1.30 51.88
N LYS G 357 148.40 -1.78 50.95
CA LYS G 357 147.87 -2.74 49.99
C LYS G 357 147.28 -3.98 50.64
N GLY G 358 146.15 -4.53 50.17
CA GLY G 358 145.51 -5.74 50.65
C GLY G 358 144.62 -5.53 51.87
N GLN G 359 144.49 -4.35 52.46
CA GLN G 359 143.88 -4.10 53.76
C GLN G 359 142.39 -4.35 53.62
N ILE G 360 141.76 -5.17 54.46
CA ILE G 360 140.32 -5.38 54.52
C ILE G 360 139.69 -4.18 55.24
N ILE G 361 138.59 -3.69 54.66
CA ILE G 361 137.75 -2.64 55.22
C ILE G 361 136.35 -3.11 55.54
N GLY G 362 136.12 -4.42 55.65
CA GLY G 362 134.91 -5.14 55.99
C GLY G 362 133.99 -5.50 54.84
N ASN G 363 132.70 -5.71 55.14
CA ASN G 363 131.75 -6.44 54.34
C ASN G 363 130.57 -5.55 53.94
N PHE G 364 130.13 -5.71 52.69
CA PHE G 364 129.17 -4.91 51.96
C PHE G 364 127.92 -5.72 51.68
N GLN G 365 127.29 -6.27 52.72
CA GLN G 365 126.56 -7.52 52.54
C GLN G 365 125.19 -7.30 51.92
N ALA G 366 124.85 -8.14 50.92
CA ALA G 366 123.53 -8.29 50.33
C ALA G 366 122.83 -9.34 51.19
N PHE G 367 121.53 -9.10 51.31
CA PHE G 367 120.51 -9.80 52.10
C PHE G 367 119.26 -10.12 51.28
N ASP G 368 118.61 -11.25 51.54
CA ASP G 368 117.54 -11.80 50.74
C ASP G 368 116.52 -12.42 51.67
N GLU G 369 115.40 -11.71 51.75
CA GLU G 369 114.44 -12.03 52.80
C GLU G 369 113.55 -13.25 52.66
N ASP G 370 113.24 -13.57 51.41
CA ASP G 370 112.65 -14.83 51.00
C ASP G 370 113.56 -16.03 51.22
N THR G 371 114.84 -15.84 51.55
CA THR G 371 115.78 -16.78 52.15
C THR G 371 116.00 -16.60 53.64
N GLY G 372 115.81 -15.42 54.23
CA GLY G 372 116.14 -15.15 55.61
C GLY G 372 117.59 -15.38 55.99
N LEU G 373 118.47 -14.96 55.09
CA LEU G 373 119.91 -15.24 55.10
C LEU G 373 120.65 -14.14 54.37
N PRO G 374 121.97 -14.11 54.56
CA PRO G 374 122.83 -13.40 53.64
C PRO G 374 122.63 -13.87 52.20
N ALA G 375 122.83 -12.99 51.22
CA ALA G 375 122.59 -13.32 49.83
C ALA G 375 123.60 -14.17 49.06
N HIS G 376 123.16 -14.80 47.98
CA HIS G 376 123.97 -15.46 46.96
C HIS G 376 124.04 -14.52 45.77
N ALA G 377 124.94 -13.54 45.81
CA ALA G 377 125.09 -12.56 44.74
C ALA G 377 126.41 -12.64 44.00
N ARG G 378 126.46 -12.02 42.83
CA ARG G 378 127.67 -11.53 42.19
C ARG G 378 127.91 -10.10 42.61
N TYR G 379 129.11 -9.72 43.05
CA TYR G 379 129.53 -8.33 43.16
C TYR G 379 130.25 -7.90 41.89
N VAL G 380 130.05 -6.63 41.52
CA VAL G 380 130.70 -5.87 40.46
C VAL G 380 130.96 -4.43 40.89
N LYS G 381 131.94 -3.70 40.34
CA LYS G 381 132.39 -2.42 40.87
C LYS G 381 132.43 -1.38 39.75
N LEU G 382 131.86 -0.21 40.11
CA LEU G 382 131.82 0.90 39.19
C LEU G 382 132.52 2.14 39.74
N GLU G 383 132.92 3.04 38.83
CA GLU G 383 133.29 4.43 39.02
C GLU G 383 134.55 4.65 39.85
N ASP G 384 135.39 3.63 40.04
CA ASP G 384 136.71 3.62 40.63
C ASP G 384 137.76 4.10 39.63
N ARG G 385 137.89 5.42 39.64
CA ARG G 385 138.65 6.15 38.63
C ARG G 385 140.16 6.05 38.82
N ASP G 386 140.61 5.30 39.84
CA ASP G 386 141.99 5.00 40.11
C ASP G 386 142.35 3.61 40.64
N ASN G 387 141.40 2.70 40.40
CA ASN G 387 141.35 1.34 40.92
C ASN G 387 141.85 1.13 42.33
N TRP G 388 141.22 1.86 43.26
CA TRP G 388 141.52 1.81 44.68
C TRP G 388 141.01 0.63 45.48
N ILE G 389 139.89 0.00 45.13
CA ILE G 389 139.43 -1.19 45.82
C ILE G 389 139.16 -2.46 45.03
N SER G 390 139.38 -3.63 45.64
CA SER G 390 138.75 -4.86 45.16
C SER G 390 137.69 -5.44 46.09
N VAL G 391 136.82 -6.39 45.71
CA VAL G 391 135.73 -6.99 46.43
C VAL G 391 135.57 -8.47 46.09
N ASP G 392 135.38 -9.32 47.10
CA ASP G 392 134.91 -10.67 46.94
C ASP G 392 133.39 -10.75 47.03
N SER G 393 132.82 -11.51 46.10
CA SER G 393 131.41 -11.82 45.91
C SER G 393 130.86 -12.82 46.91
N VAL G 394 131.60 -13.87 47.28
CA VAL G 394 131.08 -14.98 48.06
C VAL G 394 130.99 -14.60 49.54
N THR G 395 131.56 -13.48 49.96
CA THR G 395 131.48 -12.94 51.31
C THR G 395 131.09 -11.49 51.42
N SER G 396 131.08 -10.69 50.35
CA SER G 396 130.92 -9.25 50.32
C SER G 396 132.06 -8.43 50.90
N GLU G 397 133.24 -8.95 51.20
CA GLU G 397 134.33 -8.22 51.82
C GLU G 397 134.98 -7.34 50.75
N ILE G 398 135.36 -6.15 51.21
CA ILE G 398 136.04 -5.15 50.42
C ILE G 398 137.45 -4.99 50.96
N LYS G 399 138.36 -4.62 50.06
CA LYS G 399 139.80 -4.70 50.23
C LYS G 399 140.52 -3.63 49.43
N LEU G 400 141.06 -2.72 50.23
CA LEU G 400 141.94 -1.69 49.74
C LEU G 400 143.11 -2.32 48.98
N ALA G 401 143.00 -2.16 47.66
CA ALA G 401 143.86 -2.71 46.64
C ALA G 401 144.83 -1.76 45.95
N LYS G 402 144.85 -0.46 46.24
CA LYS G 402 145.86 0.53 45.99
C LYS G 402 146.27 1.24 47.27
N LEU G 403 147.45 1.86 47.35
CA LEU G 403 147.72 2.86 48.35
C LEU G 403 147.09 4.18 47.94
N PRO G 404 146.38 4.86 48.86
CA PRO G 404 145.60 6.04 48.55
C PRO G 404 146.37 7.35 48.60
N ASP G 405 145.83 8.42 48.02
CA ASP G 405 146.38 9.77 47.94
C ASP G 405 145.43 10.91 48.24
N PHE G 406 145.81 11.93 49.00
CA PHE G 406 145.00 13.13 49.21
C PHE G 406 145.19 14.12 48.07
N GLU G 407 146.30 14.15 47.33
CA GLU G 407 146.62 15.03 46.22
C GLU G 407 145.95 14.59 44.92
N SER G 408 145.33 13.41 44.85
CA SER G 408 144.58 12.89 43.72
C SER G 408 143.56 13.88 43.20
N ARG G 409 143.53 13.90 41.86
CA ARG G 409 142.45 14.57 41.17
C ARG G 409 141.08 13.94 41.34
N TYR G 410 141.01 12.67 41.75
CA TYR G 410 139.78 12.02 42.17
C TYR G 410 139.32 12.17 43.62
N VAL G 411 140.02 12.91 44.47
CA VAL G 411 139.62 13.24 45.82
C VAL G 411 139.09 14.66 45.91
N GLN G 412 137.97 14.82 46.62
CA GLN G 412 137.31 16.08 46.88
C GLN G 412 136.96 16.14 48.36
N ASN G 413 137.48 17.12 49.11
CA ASN G 413 137.31 17.30 50.55
C ASN G 413 137.73 16.04 51.28
N GLY G 414 138.92 15.53 50.94
CA GLY G 414 139.43 14.25 51.38
C GLY G 414 138.74 12.99 50.90
N THR G 415 137.53 13.03 50.33
CA THR G 415 136.73 11.84 50.10
C THR G 415 136.68 11.42 48.63
N TYR G 416 136.98 10.12 48.45
CA TYR G 416 136.96 9.45 47.17
C TYR G 416 135.78 8.47 47.17
N THR G 417 135.16 8.27 46.01
CA THR G 417 134.06 7.39 45.69
C THR G 417 134.51 6.08 45.05
N VAL G 418 133.90 4.98 45.45
CA VAL G 418 133.76 3.77 44.67
C VAL G 418 132.30 3.32 44.76
N LYS G 419 131.64 2.84 43.70
CA LYS G 419 130.29 2.34 43.73
C LYS G 419 130.33 0.82 43.69
N ILE G 420 129.48 0.05 44.36
CA ILE G 420 129.52 -1.40 44.49
C ILE G 420 128.09 -1.81 44.15
N VAL G 421 128.03 -2.66 43.12
CA VAL G 421 126.79 -3.29 42.69
C VAL G 421 126.75 -4.75 43.10
N ALA G 422 125.55 -5.28 43.31
CA ALA G 422 125.28 -6.70 43.44
C ALA G 422 124.10 -7.09 42.56
N ILE G 423 124.20 -8.30 42.03
CA ILE G 423 123.39 -8.87 40.97
C ILE G 423 122.88 -10.24 41.39
N SER G 424 121.60 -10.52 41.16
CA SER G 424 121.10 -11.87 40.97
C SER G 424 120.97 -12.42 39.55
N GLU G 425 120.98 -13.75 39.44
CA GLU G 425 120.88 -14.45 38.17
C GLU G 425 119.65 -15.34 38.05
N ASP G 426 119.28 -15.58 36.79
CA ASP G 426 118.00 -16.17 36.44
C ASP G 426 116.71 -15.40 36.67
N TYR G 427 115.60 -15.64 35.97
CA TYR G 427 114.34 -15.09 36.41
C TYR G 427 114.02 -15.53 37.84
N PRO G 428 113.51 -14.63 38.68
CA PRO G 428 113.49 -13.19 38.50
C PRO G 428 114.82 -12.48 38.75
N ARG G 429 115.25 -11.60 37.86
CA ARG G 429 116.49 -10.84 37.90
C ARG G 429 116.33 -9.62 38.79
N LYS G 430 117.38 -9.15 39.44
CA LYS G 430 117.45 -7.97 40.29
C LYS G 430 118.87 -7.43 40.48
N THR G 431 119.10 -6.14 40.27
CA THR G 431 120.37 -5.46 40.43
C THR G 431 120.25 -4.28 41.39
N ILE G 432 121.24 -4.07 42.27
CA ILE G 432 121.35 -3.13 43.37
C ILE G 432 122.74 -2.52 43.48
N THR G 433 122.66 -1.27 43.98
CA THR G 433 123.71 -0.27 43.91
C THR G 433 123.87 0.51 45.20
N GLY G 434 125.00 0.29 45.89
CA GLY G 434 125.53 1.11 46.95
C GLY G 434 126.89 1.76 46.80
N THR G 435 127.40 2.41 47.85
CA THR G 435 128.55 3.29 47.75
C THR G 435 129.47 3.19 48.94
N VAL G 436 130.77 3.28 48.62
CA VAL G 436 131.89 3.29 49.53
C VAL G 436 132.55 4.67 49.46
N LEU G 437 132.75 5.25 50.64
CA LEU G 437 133.48 6.51 50.70
C LEU G 437 134.75 6.18 51.49
N ILE G 438 135.90 6.41 50.86
CA ILE G 438 137.22 6.48 51.46
C ILE G 438 137.51 7.96 51.69
N ASN G 439 137.50 8.40 52.94
CA ASN G 439 137.96 9.72 53.36
C ASN G 439 139.42 9.62 53.76
N VAL G 440 140.23 10.53 53.20
CA VAL G 440 141.67 10.51 53.18
C VAL G 440 142.10 11.81 53.87
N GLU G 441 142.92 11.73 54.92
CA GLU G 441 143.57 12.83 55.61
C GLU G 441 144.97 12.96 55.01
N ASP G 442 145.43 14.19 54.84
CA ASP G 442 146.72 14.56 54.26
C ASP G 442 147.95 14.26 55.10
N ILE G 443 148.95 13.65 54.49
CA ILE G 443 150.29 13.61 55.05
C ILE G 443 151.24 14.46 54.23
N ASN G 444 152.35 14.99 54.76
CA ASN G 444 153.30 15.59 53.86
C ASN G 444 154.19 14.58 53.11
N ASP G 445 153.77 14.25 51.89
CA ASP G 445 154.38 13.29 50.98
C ASP G 445 154.84 13.80 49.63
N ASN G 446 154.84 15.11 49.38
CA ASN G 446 155.39 15.76 48.22
C ASN G 446 156.50 16.76 48.52
N CYS G 447 157.44 16.80 47.59
CA CYS G 447 158.55 17.73 47.69
C CYS G 447 158.48 18.87 46.68
N PRO G 448 159.28 19.92 46.87
CA PRO G 448 159.34 21.00 45.91
C PRO G 448 160.14 20.46 44.72
N THR G 449 159.63 20.55 43.50
CA THR G 449 160.24 20.11 42.25
C THR G 449 160.32 21.28 41.29
N LEU G 450 161.47 21.27 40.59
CA LEU G 450 161.67 22.31 39.61
C LEU G 450 160.83 22.10 38.36
N ILE G 451 160.23 23.16 37.81
CA ILE G 451 159.17 23.18 36.82
C ILE G 451 159.61 22.42 35.57
N GLU G 452 160.86 22.54 35.10
CA GLU G 452 161.38 21.75 34.03
C GLU G 452 162.86 21.56 34.33
N PRO G 453 163.40 20.38 34.05
CA PRO G 453 164.70 19.98 34.56
C PRO G 453 165.84 20.43 33.65
N VAL G 454 165.51 21.26 32.67
CA VAL G 454 166.35 21.95 31.70
C VAL G 454 166.03 23.42 31.41
N GLN G 455 167.10 24.20 31.26
CA GLN G 455 167.11 25.58 30.83
C GLN G 455 168.30 25.98 29.93
N THR G 456 168.04 26.93 29.02
CA THR G 456 168.93 27.31 27.94
C THR G 456 168.94 28.83 27.83
N ILE G 457 170.14 29.35 28.02
CA ILE G 457 170.32 30.78 28.12
C ILE G 457 171.06 31.40 26.95
N CYS G 458 170.55 32.48 26.36
CA CYS G 458 171.30 33.20 25.36
C CYS G 458 172.44 33.94 26.06
N HIS G 459 173.66 33.79 25.54
CA HIS G 459 174.93 34.16 26.17
C HIS G 459 175.15 35.62 26.52
N ASP G 460 174.15 36.50 26.48
CA ASP G 460 174.22 37.88 26.94
C ASP G 460 173.79 38.04 28.40
N ALA G 461 173.36 36.99 29.10
CA ALA G 461 173.09 36.92 30.53
C ALA G 461 173.95 35.80 31.09
N GLU G 462 174.48 36.01 32.30
CA GLU G 462 175.13 35.05 33.17
C GLU G 462 174.29 34.40 34.24
N TYR G 463 173.00 34.76 34.31
CA TYR G 463 172.09 34.28 35.32
C TYR G 463 171.01 33.39 34.70
N VAL G 464 170.27 32.65 35.53
CA VAL G 464 168.98 32.05 35.30
C VAL G 464 168.25 31.93 36.63
N ASN G 465 166.92 31.94 36.64
CA ASN G 465 166.10 31.87 37.83
C ASN G 465 165.19 30.66 37.79
N VAL G 466 165.19 29.76 38.78
CA VAL G 466 164.42 28.53 38.76
C VAL G 466 163.49 28.44 39.95
N THR G 467 162.20 28.21 39.68
CA THR G 467 161.11 28.10 40.61
C THR G 467 160.72 26.65 40.86
N ALA G 468 160.11 26.27 41.98
CA ALA G 468 159.59 24.97 42.34
C ALA G 468 158.15 24.98 42.82
N GLU G 469 157.50 23.82 42.71
CA GLU G 469 156.24 23.61 43.42
C GLU G 469 156.20 22.27 44.14
N ASP G 470 155.55 22.29 45.31
CA ASP G 470 155.27 21.15 46.17
C ASP G 470 153.79 20.77 46.10
N LEU G 471 153.48 19.51 45.77
CA LEU G 471 152.14 19.17 45.35
C LEU G 471 151.10 19.04 46.47
N ASP G 472 151.58 18.95 47.71
CA ASP G 472 150.81 19.22 48.90
C ASP G 472 150.22 20.62 48.96
N GLY G 473 149.12 20.83 49.70
CA GLY G 473 148.75 22.12 50.26
C GLY G 473 149.26 22.38 51.66
N HIS G 474 149.30 23.62 52.14
CA HIS G 474 149.54 23.98 53.52
C HIS G 474 148.75 23.09 54.47
N PRO G 475 149.33 22.69 55.62
CA PRO G 475 150.65 23.12 56.07
C PRO G 475 151.79 22.39 55.39
N ASN G 476 151.48 21.29 54.71
CA ASN G 476 152.36 20.31 54.10
C ASN G 476 153.06 20.89 52.87
N SER G 477 152.67 22.06 52.35
CA SER G 477 153.52 22.88 51.53
C SER G 477 153.65 24.29 52.11
N GLY G 478 154.52 25.17 51.57
CA GLY G 478 154.77 26.50 52.08
C GLY G 478 156.10 27.01 51.59
N PRO G 479 156.84 27.88 52.27
CA PRO G 479 158.17 28.27 51.84
C PRO G 479 159.22 27.18 51.81
N PHE G 480 160.01 27.17 50.72
CA PHE G 480 160.94 26.11 50.37
C PHE G 480 162.38 26.54 50.68
N SER G 481 163.19 25.50 50.87
CA SER G 481 164.59 25.56 51.22
C SER G 481 165.44 24.78 50.22
N PHE G 482 166.25 25.48 49.41
CA PHE G 482 167.10 25.01 48.35
C PHE G 482 168.45 24.50 48.83
N SER G 483 169.06 23.45 48.24
CA SER G 483 170.41 23.02 48.52
C SER G 483 170.89 22.28 47.28
N VAL G 484 172.15 22.54 46.94
CA VAL G 484 172.94 21.80 45.97
C VAL G 484 173.91 20.85 46.65
N ILE G 485 174.50 19.93 45.87
CA ILE G 485 175.60 19.06 46.23
C ILE G 485 176.85 19.65 45.60
N ASP G 486 178.00 19.57 46.27
CA ASP G 486 179.22 20.27 45.99
C ASP G 486 180.21 19.50 45.12
N LYS G 487 179.93 18.22 44.77
CA LYS G 487 180.80 17.28 44.13
C LYS G 487 180.07 16.60 42.98
N PRO G 488 180.80 16.06 42.00
CA PRO G 488 182.23 15.91 41.87
C PRO G 488 183.00 17.20 41.62
N PRO G 489 184.26 17.21 42.06
CA PRO G 489 185.06 18.41 42.20
C PRO G 489 185.32 19.13 40.88
N GLY G 490 185.30 20.46 40.82
CA GLY G 490 185.41 21.32 39.66
C GLY G 490 184.25 21.26 38.68
N MET G 491 183.63 20.10 38.51
CA MET G 491 182.42 19.98 37.71
C MET G 491 181.25 20.69 38.40
N ALA G 492 181.19 20.51 39.71
CA ALA G 492 180.15 21.21 40.44
C ALA G 492 180.55 22.62 40.85
N GLU G 493 181.60 23.16 40.20
CA GLU G 493 182.00 24.54 40.35
C GLU G 493 181.73 25.49 39.19
N LYS G 494 180.62 25.31 38.46
CA LYS G 494 180.28 25.97 37.20
C LYS G 494 179.03 26.81 37.29
N TRP G 495 178.04 26.68 38.19
CA TRP G 495 176.99 27.65 38.49
C TRP G 495 176.86 27.72 40.00
N LYS G 496 176.56 28.88 40.61
CA LYS G 496 176.44 29.11 42.02
C LYS G 496 174.98 29.49 42.27
N ILE G 497 174.52 29.28 43.50
CA ILE G 497 173.36 29.98 44.01
C ILE G 497 173.73 31.40 44.40
N ALA G 498 173.06 32.34 43.74
CA ALA G 498 173.24 33.78 43.86
C ALA G 498 172.17 34.41 44.75
N ARG G 499 170.91 34.02 44.51
CA ARG G 499 169.86 34.59 45.33
C ARG G 499 168.69 33.62 45.52
N GLN G 500 168.02 33.73 46.66
CA GLN G 500 167.03 32.71 47.00
C GLN G 500 165.75 33.34 47.50
N GLU G 501 164.58 32.81 47.17
CA GLU G 501 163.25 33.15 47.62
C GLU G 501 162.48 31.92 48.10
N SER G 502 161.22 32.16 48.51
CA SER G 502 160.41 31.10 49.07
C SER G 502 160.03 30.13 47.95
N THR G 503 159.92 30.47 46.66
CA THR G 503 159.65 29.62 45.52
C THR G 503 160.84 29.17 44.70
N SER G 504 161.86 30.03 44.59
CA SER G 504 162.88 30.01 43.57
C SER G 504 164.30 30.26 44.06
N VAL G 505 165.21 30.00 43.13
CA VAL G 505 166.60 30.39 43.19
C VAL G 505 167.05 31.08 41.92
N LEU G 506 167.56 32.31 42.01
CA LEU G 506 168.38 32.97 41.01
C LEU G 506 169.77 32.36 41.17
N LEU G 507 170.18 31.72 40.07
CA LEU G 507 171.54 31.28 39.85
C LEU G 507 172.33 32.26 38.99
N GLN G 508 173.66 32.26 39.09
CA GLN G 508 174.71 32.90 38.31
C GLN G 508 175.76 31.87 37.88
N GLN G 509 176.35 32.02 36.70
CA GLN G 509 177.50 31.26 36.28
C GLN G 509 178.70 31.54 37.19
N SER G 510 179.51 30.54 37.55
CA SER G 510 180.79 30.76 38.19
C SER G 510 181.89 31.12 37.21
N GLU G 511 181.64 30.92 35.91
CA GLU G 511 182.67 30.99 34.88
C GLU G 511 182.27 31.86 33.70
N LYS G 512 181.00 32.13 33.35
CA LYS G 512 180.52 32.90 32.24
C LYS G 512 180.69 32.33 30.83
N LYS G 513 181.51 31.28 30.65
CA LYS G 513 181.75 30.66 29.37
C LYS G 513 180.57 29.92 28.74
N LEU G 514 180.75 29.61 27.46
CA LEU G 514 179.79 28.83 26.72
C LEU G 514 179.85 27.34 27.08
N GLY G 515 178.79 26.56 26.99
CA GLY G 515 178.83 25.18 27.45
C GLY G 515 177.52 24.68 28.04
N ARG G 516 177.64 23.49 28.63
CA ARG G 516 176.50 22.97 29.36
C ARG G 516 177.01 22.37 30.67
N SER G 517 176.15 22.53 31.66
CA SER G 517 176.38 22.11 33.03
C SER G 517 175.16 21.50 33.70
N GLU G 518 175.47 20.55 34.59
CA GLU G 518 174.52 19.81 35.38
C GLU G 518 174.73 20.11 36.85
N ILE G 519 173.62 20.43 37.53
CA ILE G 519 173.52 20.73 38.95
C ILE G 519 172.66 19.64 39.59
N GLN G 520 173.18 18.96 40.61
CA GLN G 520 172.49 18.13 41.58
C GLN G 520 172.05 18.76 42.88
N PHE G 521 170.79 18.54 43.23
CA PHE G 521 169.97 19.27 44.16
C PHE G 521 169.46 18.30 45.22
N LEU G 522 169.13 18.89 46.39
CA LEU G 522 168.13 18.45 47.34
C LEU G 522 167.30 19.64 47.82
N ILE G 523 166.00 19.73 47.58
CA ILE G 523 165.13 20.85 47.87
C ILE G 523 164.21 20.23 48.90
N SER G 524 164.11 20.85 50.08
CA SER G 524 163.10 20.60 51.10
C SER G 524 161.97 21.62 51.12
N ASP G 525 160.82 21.13 51.59
CA ASP G 525 159.72 22.01 51.90
C ASP G 525 159.82 22.65 53.28
N ASN G 526 158.86 23.49 53.67
CA ASN G 526 158.74 24.14 54.96
C ASN G 526 158.80 23.22 56.18
N GLN G 527 158.38 21.96 56.11
CA GLN G 527 158.50 20.97 57.16
C GLN G 527 159.72 20.07 57.06
N GLY G 528 160.57 20.25 56.04
CA GLY G 528 161.83 19.55 55.95
C GLY G 528 161.78 18.27 55.13
N PHE G 529 160.64 17.94 54.54
CA PHE G 529 160.45 16.76 53.73
C PHE G 529 161.36 16.86 52.53
N SER G 530 161.84 15.73 52.01
CA SER G 530 162.65 15.69 50.81
C SER G 530 162.23 14.61 49.84
N CYS G 531 162.73 14.48 48.60
CA CYS G 531 162.15 13.50 47.71
C CYS G 531 162.83 12.13 47.78
N PRO G 532 162.19 11.01 47.44
CA PRO G 532 162.85 9.73 47.49
C PRO G 532 163.88 9.50 46.38
N GLU G 533 163.94 10.38 45.38
CA GLU G 533 164.86 10.32 44.26
C GLU G 533 165.71 11.58 44.34
N LYS G 534 166.89 11.54 43.72
CA LYS G 534 167.70 12.72 43.48
C LYS G 534 167.10 13.70 42.49
N GLN G 535 167.50 14.96 42.59
CA GLN G 535 167.03 16.04 41.76
C GLN G 535 168.24 16.63 41.03
N VAL G 536 168.07 16.97 39.75
CA VAL G 536 168.97 17.66 38.85
C VAL G 536 168.28 18.74 38.03
N LEU G 537 169.16 19.54 37.41
CA LEU G 537 168.93 20.61 36.48
C LEU G 537 170.07 20.69 35.47
N THR G 538 169.83 21.02 34.20
CA THR G 538 170.88 21.19 33.21
C THR G 538 170.68 22.46 32.42
N LEU G 539 171.81 23.19 32.37
CA LEU G 539 171.91 24.56 31.87
C LEU G 539 172.88 24.61 30.69
N THR G 540 172.32 25.23 29.65
CA THR G 540 173.02 25.47 28.41
C THR G 540 173.22 26.98 28.25
N VAL G 541 174.45 27.36 27.88
CA VAL G 541 174.89 28.71 27.59
C VAL G 541 175.29 28.77 26.12
N CYS G 542 174.59 29.58 25.33
CA CYS G 542 174.55 29.38 23.88
C CYS G 542 174.33 30.70 23.18
N GLU G 543 174.89 30.89 21.98
CA GLU G 543 174.75 32.09 21.16
C GLU G 543 173.42 32.04 20.43
N CYS G 544 172.46 32.93 20.69
CA CYS G 544 171.18 33.09 20.03
C CYS G 544 171.21 33.89 18.74
N LEU G 545 170.32 33.58 17.78
CA LEU G 545 170.02 34.39 16.63
C LEU G 545 168.52 34.59 16.51
N HIS G 546 168.07 35.81 16.20
CA HIS G 546 166.67 36.11 16.04
C HIS G 546 165.92 35.24 15.04
N GLY G 547 164.72 34.75 15.39
CA GLY G 547 163.88 33.82 14.66
C GLY G 547 164.40 32.39 14.76
N SER G 548 165.55 32.06 15.33
CA SER G 548 166.03 30.68 15.42
C SER G 548 166.37 30.12 16.79
N GLY G 549 166.74 30.93 17.78
CA GLY G 549 167.35 30.59 19.05
C GLY G 549 168.74 30.04 18.81
N CYS G 550 169.37 29.41 19.82
CA CYS G 550 170.72 28.91 19.63
C CYS G 550 170.76 27.47 19.15
N ARG G 551 171.48 27.25 18.03
CA ARG G 551 171.45 26.01 17.31
C ARG G 551 172.84 25.43 17.09
N GLU G 552 172.86 24.13 16.82
CA GLU G 552 173.99 23.37 16.35
C GLU G 552 174.26 23.57 14.86
N ALA G 553 175.49 23.86 14.42
CA ALA G 553 175.78 24.14 13.04
C ALA G 553 175.90 22.83 12.28
N HIS G 554 175.20 22.74 11.15
CA HIS G 554 174.93 21.56 10.34
C HIS G 554 174.55 20.26 11.00
N ARG H 1 -8.44 27.61 -52.06
CA ARG H 1 -9.14 28.83 -52.48
C ARG H 1 -8.91 29.89 -51.41
N TRP H 2 -8.73 31.17 -51.77
CA TRP H 2 -8.64 32.30 -50.88
C TRP H 2 -10.00 32.44 -50.19
N ALA H 3 -10.03 32.61 -48.86
CA ALA H 3 -11.16 32.95 -48.03
C ALA H 3 -11.87 34.26 -48.29
N PRO H 4 -13.13 34.41 -47.90
CA PRO H 4 -13.84 35.65 -48.12
C PRO H 4 -13.40 36.71 -47.11
N ILE H 5 -13.78 37.97 -47.35
CA ILE H 5 -13.20 39.21 -46.87
C ILE H 5 -14.28 39.99 -46.13
N PRO H 6 -14.11 40.41 -44.87
CA PRO H 6 -15.12 41.12 -44.12
C PRO H 6 -15.54 42.46 -44.70
N CYS H 7 -16.78 42.79 -44.30
CA CYS H 7 -17.44 44.07 -44.39
C CYS H 7 -18.35 44.25 -43.18
N SER H 8 -18.55 45.46 -42.65
CA SER H 8 -19.32 45.83 -41.47
C SER H 8 -20.31 46.93 -41.79
N MET H 9 -21.50 46.90 -41.16
CA MET H 9 -22.54 47.90 -41.26
C MET H 9 -22.92 48.27 -39.84
N LEU H 10 -23.31 49.53 -39.61
CA LEU H 10 -23.78 50.04 -38.33
C LEU H 10 -25.29 50.10 -38.22
N GLU H 11 -25.76 49.65 -37.05
CA GLU H 11 -27.16 49.60 -36.69
C GLU H 11 -27.92 50.91 -36.53
N ASN H 12 -29.21 50.81 -36.85
CA ASN H 12 -30.24 51.83 -36.80
C ASN H 12 -29.79 53.18 -37.33
N SER H 13 -29.27 53.22 -38.55
CA SER H 13 -28.74 54.43 -39.14
C SER H 13 -29.76 55.41 -39.71
N LEU H 14 -29.61 56.73 -39.56
CA LEU H 14 -30.35 57.84 -40.13
C LEU H 14 -30.15 57.98 -41.64
N GLY H 15 -29.34 57.13 -42.27
CA GLY H 15 -29.28 56.92 -43.70
C GLY H 15 -28.73 58.18 -44.37
N PRO H 16 -29.01 58.38 -45.66
CA PRO H 16 -30.03 57.75 -46.46
C PRO H 16 -29.66 56.36 -46.96
N PHE H 17 -30.71 55.71 -47.49
CA PHE H 17 -30.71 54.39 -48.07
C PHE H 17 -30.99 54.39 -49.56
N PRO H 18 -30.81 53.29 -50.28
CA PRO H 18 -29.87 52.19 -50.09
C PRO H 18 -28.51 52.68 -49.59
N LEU H 19 -27.96 52.15 -48.50
CA LEU H 19 -26.66 52.43 -47.95
C LEU H 19 -25.63 51.43 -48.46
N PHE H 20 -24.58 51.96 -49.08
CA PHE H 20 -23.53 51.22 -49.75
C PHE H 20 -22.55 50.67 -48.74
N LEU H 21 -21.91 49.55 -49.07
CA LEU H 21 -21.18 48.65 -48.20
C LEU H 21 -19.85 48.30 -48.83
N GLN H 22 -19.83 48.01 -50.13
CA GLN H 22 -18.70 47.74 -51.00
C GLN H 22 -19.18 47.32 -52.38
N GLN H 23 -18.26 47.39 -53.35
CA GLN H 23 -18.51 46.91 -54.70
C GLN H 23 -17.80 45.58 -54.90
N VAL H 24 -18.38 44.61 -55.60
CA VAL H 24 -17.90 43.29 -55.96
C VAL H 24 -18.30 42.97 -57.40
N GLN H 25 -17.30 42.74 -58.26
CA GLN H 25 -17.44 42.37 -59.66
C GLN H 25 -16.51 41.20 -59.94
N SER H 26 -16.44 40.78 -61.20
CA SER H 26 -15.36 39.94 -61.68
C SER H 26 -14.19 40.81 -62.07
N ASP H 27 -13.01 40.20 -62.11
CA ASP H 27 -11.93 40.73 -62.92
C ASP H 27 -12.12 40.36 -64.38
N THR H 28 -12.52 39.13 -64.71
CA THR H 28 -12.62 38.67 -66.09
C THR H 28 -13.87 39.17 -66.80
N ALA H 29 -14.49 40.24 -66.30
CA ALA H 29 -15.75 40.77 -66.78
C ALA H 29 -15.42 41.22 -68.20
N GLN H 30 -14.24 41.75 -68.51
CA GLN H 30 -13.94 42.16 -69.87
C GLN H 30 -13.92 41.04 -70.90
N ASN H 31 -14.07 39.75 -70.60
CA ASN H 31 -13.97 38.72 -71.61
C ASN H 31 -15.36 38.60 -72.21
N TYR H 32 -16.46 38.58 -71.44
CA TYR H 32 -17.80 38.40 -71.94
C TYR H 32 -18.87 38.92 -70.99
N THR H 33 -20.06 39.33 -71.45
CA THR H 33 -21.04 40.00 -70.61
C THR H 33 -21.71 39.13 -69.57
N ILE H 34 -21.61 39.53 -68.30
CA ILE H 34 -22.22 38.93 -67.13
C ILE H 34 -23.07 39.88 -66.30
N TYR H 35 -23.88 39.35 -65.37
CA TYR H 35 -24.64 40.14 -64.43
C TYR H 35 -24.57 39.49 -63.06
N TYR H 36 -24.82 40.29 -62.02
CA TYR H 36 -24.64 40.09 -60.60
C TYR H 36 -25.89 39.89 -59.76
N SER H 37 -25.70 39.05 -58.74
CA SER H 37 -26.79 38.58 -57.90
C SER H 37 -26.27 38.23 -56.51
N ILE H 38 -27.20 38.06 -55.57
CA ILE H 38 -26.86 37.49 -54.28
C ILE H 38 -27.97 36.55 -53.82
N ARG H 39 -27.68 35.50 -53.05
CA ARG H 39 -28.61 34.68 -52.30
C ARG H 39 -28.16 34.45 -50.86
N GLY H 40 -29.04 33.92 -50.02
CA GLY H 40 -28.76 33.80 -48.60
C GLY H 40 -29.74 34.41 -47.60
N PRO H 41 -29.65 34.03 -46.33
CA PRO H 41 -30.35 34.71 -45.25
C PRO H 41 -29.99 36.18 -45.27
N GLY H 42 -30.92 37.07 -45.63
CA GLY H 42 -30.76 38.49 -45.87
C GLY H 42 -31.11 39.03 -47.25
N VAL H 43 -31.58 38.22 -48.19
CA VAL H 43 -32.10 38.74 -49.45
C VAL H 43 -33.28 37.88 -49.87
N ASP H 44 -33.07 36.56 -49.92
CA ASP H 44 -34.14 35.67 -50.32
C ASP H 44 -34.48 34.53 -49.38
N GLN H 45 -33.53 34.02 -48.60
CA GLN H 45 -33.77 33.58 -47.24
C GLN H 45 -33.86 34.74 -46.27
N GLU H 46 -34.49 34.59 -45.10
CA GLU H 46 -34.96 35.70 -44.29
C GLU H 46 -33.85 36.32 -43.45
N PRO H 47 -33.99 37.58 -43.03
CA PRO H 47 -34.94 38.60 -43.42
C PRO H 47 -34.74 39.03 -44.86
N ARG H 48 -35.78 38.79 -45.68
CA ARG H 48 -35.74 39.00 -47.10
C ARG H 48 -35.55 40.46 -47.50
N ASN H 49 -34.88 40.72 -48.62
CA ASN H 49 -34.57 41.99 -49.26
C ASN H 49 -33.89 42.97 -48.33
N LEU H 50 -33.27 42.47 -47.26
CA LEU H 50 -32.33 43.25 -46.48
C LEU H 50 -31.15 43.77 -47.30
N PHE H 51 -30.66 42.88 -48.17
CA PHE H 51 -29.47 43.12 -48.98
C PHE H 51 -29.85 43.19 -50.45
N TYR H 52 -29.09 43.94 -51.26
CA TYR H 52 -29.38 44.36 -52.61
C TYR H 52 -28.11 44.56 -53.44
N VAL H 53 -28.08 44.05 -54.67
CA VAL H 53 -26.99 44.26 -55.62
C VAL H 53 -27.50 44.85 -56.93
N GLU H 54 -26.71 45.78 -57.48
CA GLU H 54 -26.94 46.29 -58.81
C GLU H 54 -26.55 45.25 -59.84
N ARG H 55 -27.49 44.91 -60.73
CA ARG H 55 -27.42 43.75 -61.58
C ARG H 55 -26.31 43.92 -62.62
N ASP H 56 -26.16 45.04 -63.32
CA ASP H 56 -25.07 45.35 -64.23
C ASP H 56 -23.78 45.72 -63.50
N THR H 57 -23.75 46.49 -62.42
CA THR H 57 -22.49 47.03 -61.98
C THR H 57 -21.90 46.48 -60.68
N GLY H 58 -22.65 45.63 -59.97
CA GLY H 58 -22.30 44.83 -58.81
C GLY H 58 -21.97 45.56 -57.52
N ASN H 59 -22.58 46.73 -57.31
CA ASN H 59 -22.53 47.44 -56.05
C ASN H 59 -23.46 46.79 -55.03
N LEU H 60 -23.01 46.44 -53.83
CA LEU H 60 -23.76 45.89 -52.71
C LEU H 60 -24.25 47.02 -51.81
N TYR H 61 -25.49 46.90 -51.36
CA TYR H 61 -26.23 47.72 -50.42
C TYR H 61 -27.08 46.98 -49.40
N CYS H 62 -27.48 47.64 -48.31
CA CYS H 62 -28.64 47.31 -47.50
C CYS H 62 -29.74 48.29 -47.86
N THR H 63 -30.99 47.85 -47.81
CA THR H 63 -32.15 48.60 -48.23
C THR H 63 -32.64 49.50 -47.09
N ARG H 64 -32.63 49.01 -45.85
CA ARG H 64 -33.32 49.65 -44.75
C ARG H 64 -32.51 49.56 -43.46
N PRO H 65 -32.92 50.20 -42.36
CA PRO H 65 -32.24 50.16 -41.08
C PRO H 65 -32.31 48.77 -40.47
N VAL H 66 -31.24 48.27 -39.86
CA VAL H 66 -31.13 47.06 -39.06
C VAL H 66 -30.73 47.26 -37.60
N ASP H 67 -30.97 46.37 -36.64
CA ASP H 67 -30.78 46.52 -35.21
C ASP H 67 -29.81 45.47 -34.69
N ARG H 68 -28.65 45.82 -34.14
CA ARG H 68 -27.74 44.93 -33.43
C ARG H 68 -28.33 44.30 -32.19
N GLU H 69 -29.41 44.90 -31.68
CA GLU H 69 -30.25 44.31 -30.66
C GLU H 69 -30.79 42.94 -31.04
N GLN H 70 -30.92 42.62 -32.33
CA GLN H 70 -31.39 41.37 -32.86
C GLN H 70 -30.44 40.62 -33.78
N TYR H 71 -29.61 41.35 -34.53
CA TYR H 71 -28.79 40.75 -35.57
C TYR H 71 -27.32 40.99 -35.25
N GLU H 72 -26.44 40.11 -35.73
CA GLU H 72 -25.07 40.01 -35.27
C GLU H 72 -24.13 40.04 -36.46
N SER H 73 -24.12 38.95 -37.24
CA SER H 73 -23.37 38.73 -38.47
C SER H 73 -24.18 38.02 -39.55
N PHE H 74 -24.22 38.48 -40.80
CA PHE H 74 -24.71 37.79 -41.96
C PHE H 74 -23.63 37.30 -42.91
N GLU H 75 -23.99 36.35 -43.78
CA GLU H 75 -23.22 35.95 -44.94
C GLU H 75 -24.21 35.56 -46.02
N ILE H 76 -24.06 36.22 -47.17
CA ILE H 76 -24.76 36.00 -48.42
C ILE H 76 -23.79 35.46 -49.48
N ILE H 77 -24.26 34.66 -50.44
CA ILE H 77 -23.52 34.13 -51.57
C ILE H 77 -23.76 35.02 -52.77
N ALA H 78 -22.68 35.57 -53.33
CA ALA H 78 -22.72 36.35 -54.55
C ALA H 78 -22.32 35.41 -55.68
N PHE H 79 -22.96 35.61 -56.83
CA PHE H 79 -22.78 34.82 -58.03
C PHE H 79 -22.96 35.71 -59.24
N ALA H 80 -22.03 35.43 -60.17
CA ALA H 80 -22.05 35.96 -61.52
C ALA H 80 -22.78 34.99 -62.44
N THR H 81 -23.34 35.51 -63.54
CA THR H 81 -24.19 34.80 -64.47
C THR H 81 -24.09 35.36 -65.89
N THR H 82 -24.27 34.51 -66.90
CA THR H 82 -24.28 34.91 -68.30
C THR H 82 -25.73 35.09 -68.72
N PRO H 83 -26.12 35.77 -69.80
CA PRO H 83 -27.45 35.86 -70.36
C PRO H 83 -27.97 34.55 -70.93
N ASP H 84 -27.05 33.63 -71.27
CA ASP H 84 -27.21 32.37 -71.96
C ASP H 84 -27.81 31.26 -71.11
N GLY H 85 -27.83 31.46 -69.79
CA GLY H 85 -28.49 30.60 -68.83
C GLY H 85 -27.54 29.76 -68.00
N TYR H 86 -26.40 30.27 -67.53
CA TYR H 86 -25.57 29.55 -66.59
C TYR H 86 -24.70 30.42 -65.71
N THR H 87 -24.10 29.80 -64.68
CA THR H 87 -23.23 30.40 -63.70
C THR H 87 -21.78 30.12 -64.05
N PRO H 88 -21.03 31.01 -64.71
CA PRO H 88 -19.81 30.72 -65.43
C PRO H 88 -18.61 30.34 -64.58
N GLU H 89 -18.43 30.80 -63.34
CA GLU H 89 -17.35 30.50 -62.44
C GLU H 89 -17.85 30.18 -61.04
N LEU H 90 -16.94 30.00 -60.08
CA LEU H 90 -17.32 29.79 -58.70
C LEU H 90 -17.98 31.03 -58.11
N PRO H 91 -18.85 30.87 -57.11
CA PRO H 91 -19.42 31.94 -56.33
C PRO H 91 -18.47 32.56 -55.31
N LEU H 92 -18.85 33.64 -54.63
CA LEU H 92 -18.08 34.27 -53.57
C LEU H 92 -19.00 34.57 -52.39
N PRO H 93 -18.74 34.10 -51.17
CA PRO H 93 -19.37 34.64 -49.99
C PRO H 93 -19.01 36.09 -49.68
N LEU H 94 -19.98 36.97 -49.47
CA LEU H 94 -19.82 38.28 -48.87
C LEU H 94 -20.39 38.37 -47.45
N ILE H 95 -19.57 38.85 -46.51
CA ILE H 95 -19.91 38.73 -45.10
C ILE H 95 -20.09 40.13 -44.52
N ILE H 96 -21.18 40.26 -43.77
CA ILE H 96 -21.59 41.52 -43.19
C ILE H 96 -21.81 41.40 -41.67
N LYS H 97 -20.85 41.94 -40.92
CA LYS H 97 -21.17 42.15 -39.52
C LYS H 97 -22.01 43.38 -39.26
N ILE H 98 -23.04 43.26 -38.42
CA ILE H 98 -23.72 44.33 -37.71
C ILE H 98 -22.95 44.74 -36.46
N GLU H 99 -22.28 45.90 -36.51
CA GLU H 99 -21.68 46.48 -35.32
C GLU H 99 -22.56 47.36 -34.46
N ASP H 100 -22.42 47.27 -33.14
CA ASP H 100 -23.22 47.84 -32.07
C ASP H 100 -23.03 49.35 -32.02
N GLU H 101 -24.11 50.09 -31.76
CA GLU H 101 -24.08 51.47 -31.31
C GLU H 101 -24.75 51.66 -29.96
N ASN H 102 -24.56 52.80 -29.30
CA ASN H 102 -25.12 53.02 -27.98
C ASN H 102 -26.65 53.07 -27.90
N ASP H 103 -27.26 53.29 -29.07
CA ASP H 103 -28.64 53.52 -29.45
C ASP H 103 -29.71 53.08 -28.47
N ASN H 104 -29.71 51.84 -27.97
CA ASN H 104 -30.74 51.39 -27.07
C ASN H 104 -30.52 52.08 -25.73
N TYR H 105 -31.63 52.64 -25.21
CA TYR H 105 -31.61 53.61 -24.13
C TYR H 105 -31.12 53.07 -22.80
N PRO H 106 -30.53 53.81 -21.85
CA PRO H 106 -30.38 53.33 -20.48
C PRO H 106 -31.68 53.53 -19.72
N ILE H 107 -32.32 52.47 -19.19
CA ILE H 107 -33.61 52.44 -18.54
C ILE H 107 -33.60 51.88 -17.12
N PHE H 108 -34.27 52.63 -16.25
CA PHE H 108 -34.42 52.35 -14.83
C PHE H 108 -35.20 51.08 -14.47
N THR H 109 -34.70 50.22 -13.58
CA THR H 109 -35.34 48.97 -13.25
C THR H 109 -36.65 49.12 -12.50
N GLU H 110 -37.22 50.30 -12.28
CA GLU H 110 -38.25 50.71 -11.35
C GLU H 110 -39.00 51.89 -11.95
N GLU H 111 -40.33 51.86 -12.03
CA GLU H 111 -41.13 52.98 -12.49
C GLU H 111 -41.31 54.16 -11.54
N THR H 112 -41.25 53.80 -10.26
CA THR H 112 -41.17 54.86 -9.27
C THR H 112 -40.18 54.43 -8.20
N TYR H 113 -38.95 54.93 -8.15
CA TYR H 113 -38.03 54.72 -7.05
C TYR H 113 -38.62 55.27 -5.75
N THR H 114 -38.33 54.67 -4.60
CA THR H 114 -38.81 55.14 -3.32
C THR H 114 -37.90 54.77 -2.16
N PHE H 115 -37.66 55.76 -1.29
CA PHE H 115 -36.73 55.61 -0.20
C PHE H 115 -37.26 56.20 1.10
N THR H 116 -36.56 55.93 2.19
CA THR H 116 -36.91 56.29 3.55
C THR H 116 -35.67 56.48 4.42
N ILE H 117 -35.56 57.62 5.10
CA ILE H 117 -34.50 58.07 5.98
C ILE H 117 -35.05 58.78 7.20
N PHE H 118 -34.51 58.45 8.38
CA PHE H 118 -35.15 58.86 9.62
C PHE H 118 -34.89 60.33 9.96
N GLU H 119 -35.78 61.05 10.64
CA GLU H 119 -35.60 62.40 11.12
C GLU H 119 -34.24 62.69 11.74
N ASN H 120 -33.64 63.86 11.49
CA ASN H 120 -32.26 64.13 11.83
C ASN H 120 -31.29 62.96 11.78
N CYS H 121 -31.20 62.21 10.67
CA CYS H 121 -30.10 61.29 10.45
C CYS H 121 -28.79 61.94 10.02
N ARG H 122 -27.68 61.33 10.42
CA ARG H 122 -26.31 61.81 10.27
C ARG H 122 -25.81 62.14 8.88
N VAL H 123 -25.04 63.23 8.72
CA VAL H 123 -24.57 63.61 7.41
C VAL H 123 -23.69 62.51 6.82
N GLY H 124 -23.96 62.10 5.58
CA GLY H 124 -23.40 60.92 4.96
C GLY H 124 -24.31 59.71 4.88
N THR H 125 -25.41 59.74 5.64
CA THR H 125 -26.34 58.62 5.62
C THR H 125 -26.85 58.38 4.20
N THR H 126 -27.10 57.13 3.83
CA THR H 126 -27.55 56.73 2.51
C THR H 126 -29.07 56.81 2.47
N VAL H 127 -29.68 57.08 1.32
CA VAL H 127 -31.12 57.11 1.13
C VAL H 127 -31.49 55.90 0.30
N GLY H 128 -30.63 55.52 -0.65
CA GLY H 128 -30.73 54.34 -1.51
C GLY H 128 -29.85 54.40 -2.75
N GLN H 129 -30.04 53.57 -3.78
CA GLN H 129 -29.23 53.54 -4.97
C GLN H 129 -30.16 53.22 -6.14
N VAL H 130 -30.07 54.02 -7.20
CA VAL H 130 -30.82 53.86 -8.42
C VAL H 130 -30.01 53.13 -9.48
N CYS H 131 -30.73 52.20 -10.13
CA CYS H 131 -30.20 51.13 -10.95
C CYS H 131 -30.98 50.96 -12.24
N ALA H 132 -30.26 50.55 -13.29
CA ALA H 132 -30.68 50.57 -14.67
C ALA H 132 -30.11 49.39 -15.47
N THR H 133 -30.82 49.06 -16.55
CA THR H 133 -30.32 48.20 -17.60
C THR H 133 -30.38 48.87 -18.97
N ASP H 134 -29.55 48.39 -19.90
CA ASP H 134 -29.47 48.82 -21.28
C ASP H 134 -29.38 47.61 -22.19
N LYS H 135 -29.89 47.57 -23.43
CA LYS H 135 -29.92 46.39 -24.27
C LYS H 135 -28.66 46.13 -25.08
N ASP H 136 -27.73 47.08 -25.16
CA ASP H 136 -26.43 46.88 -25.79
C ASP H 136 -25.62 45.85 -25.03
N GLU H 137 -24.45 45.51 -25.57
CA GLU H 137 -23.62 44.43 -25.09
C GLU H 137 -22.90 44.77 -23.79
N PRO H 138 -22.82 43.87 -22.81
CA PRO H 138 -22.20 44.12 -21.52
C PRO H 138 -20.73 44.50 -21.68
N ASP H 139 -20.24 45.16 -20.64
CA ASP H 139 -18.89 45.65 -20.43
C ASP H 139 -18.21 46.52 -21.49
N THR H 140 -18.97 46.91 -22.51
CA THR H 140 -18.69 47.91 -23.52
C THR H 140 -19.27 49.24 -23.07
N MET H 141 -18.89 50.31 -23.76
CA MET H 141 -19.32 51.62 -23.34
C MET H 141 -20.78 51.96 -23.58
N HIS H 142 -21.42 51.20 -24.48
CA HIS H 142 -22.81 51.31 -24.89
C HIS H 142 -23.89 50.96 -23.87
N THR H 143 -23.51 50.27 -22.80
CA THR H 143 -24.19 49.88 -21.58
C THR H 143 -23.60 50.62 -20.40
N ARG H 144 -22.50 51.35 -20.54
CA ARG H 144 -21.87 52.14 -19.50
C ARG H 144 -22.64 53.43 -19.27
N LEU H 145 -22.90 53.80 -18.01
CA LEU H 145 -23.89 54.74 -17.51
C LEU H 145 -23.33 55.89 -16.67
N LYS H 146 -24.03 57.02 -16.64
CA LYS H 146 -23.90 58.06 -15.63
C LYS H 146 -25.24 58.58 -15.15
N TYR H 147 -25.36 58.77 -13.83
CA TYR H 147 -26.39 59.23 -12.94
C TYR H 147 -26.30 60.70 -12.55
N SER H 148 -27.42 61.41 -12.46
CA SER H 148 -27.43 62.82 -12.11
C SER H 148 -28.73 63.31 -11.48
N ILE H 149 -28.72 64.54 -10.95
CA ILE H 149 -29.78 65.23 -10.24
C ILE H 149 -30.14 66.47 -11.05
N ILE H 150 -31.42 66.83 -11.12
CA ILE H 150 -31.96 67.95 -11.87
C ILE H 150 -32.58 69.01 -10.97
N GLY H 151 -33.18 68.61 -9.84
CA GLY H 151 -34.00 69.44 -8.98
C GLY H 151 -34.95 68.62 -8.12
N GLN H 152 -35.58 69.32 -7.17
CA GLN H 152 -36.19 68.83 -5.96
C GLN H 152 -37.54 69.51 -5.78
N VAL H 153 -38.53 68.80 -5.24
CA VAL H 153 -39.73 69.50 -4.81
C VAL H 153 -40.00 69.03 -3.39
N PRO H 154 -40.04 69.90 -2.38
CA PRO H 154 -39.72 71.31 -2.36
C PRO H 154 -38.23 71.58 -2.54
N PRO H 155 -37.89 72.66 -3.25
CA PRO H 155 -36.52 72.82 -3.70
C PRO H 155 -35.53 73.05 -2.56
N SER H 156 -35.99 73.34 -1.34
CA SER H 156 -35.28 73.43 -0.08
C SER H 156 -35.73 72.43 0.98
N PRO H 157 -34.79 72.04 1.85
CA PRO H 157 -33.39 72.40 1.85
C PRO H 157 -32.62 71.68 0.75
N THR H 158 -31.34 72.00 0.60
CA THR H 158 -30.37 71.24 -0.17
C THR H 158 -29.84 70.10 0.69
N LEU H 159 -30.42 68.93 0.47
CA LEU H 159 -30.36 67.80 1.38
C LEU H 159 -29.48 66.73 0.76
N PHE H 160 -29.48 66.58 -0.57
CA PHE H 160 -28.99 65.40 -1.28
C PHE H 160 -27.91 65.71 -2.30
N SER H 161 -27.02 64.72 -2.47
CA SER H 161 -26.04 64.58 -3.53
C SER H 161 -26.28 63.22 -4.17
N MET H 162 -25.71 62.85 -5.32
CA MET H 162 -25.68 61.57 -5.98
C MET H 162 -24.32 61.14 -6.52
N HIS H 163 -23.96 59.86 -6.37
CA HIS H 163 -22.81 59.23 -6.98
C HIS H 163 -23.01 59.12 -8.49
N PRO H 164 -22.20 59.71 -9.36
CA PRO H 164 -22.43 59.78 -10.79
C PRO H 164 -22.30 58.41 -11.43
N THR H 165 -21.69 57.38 -10.85
CA THR H 165 -21.44 56.07 -11.41
C THR H 165 -22.17 54.85 -10.86
N THR H 166 -22.22 54.57 -9.55
CA THR H 166 -23.07 53.57 -8.92
C THR H 166 -24.45 54.06 -8.49
N GLY H 167 -24.73 55.37 -8.56
CA GLY H 167 -26.04 55.95 -8.39
C GLY H 167 -26.63 56.04 -6.99
N VAL H 168 -25.81 55.97 -5.94
CA VAL H 168 -26.12 55.99 -4.52
C VAL H 168 -26.43 57.44 -4.17
N ILE H 169 -27.56 57.69 -3.49
CA ILE H 169 -27.98 59.00 -3.04
C ILE H 169 -27.58 59.13 -1.57
N THR H 170 -26.78 60.14 -1.22
CA THR H 170 -26.41 60.44 0.15
C THR H 170 -26.62 61.89 0.57
N THR H 171 -26.70 62.04 1.90
CA THR H 171 -27.15 63.32 2.41
C THR H 171 -26.02 64.30 2.68
N THR H 172 -26.29 65.58 2.43
CA THR H 172 -25.43 66.71 2.69
C THR H 172 -25.77 67.41 4.02
N SER H 173 -27.00 67.25 4.50
CA SER H 173 -27.49 68.01 5.63
C SER H 173 -28.39 67.20 6.55
N SER H 174 -28.24 67.38 7.86
CA SER H 174 -28.97 66.65 8.88
C SER H 174 -30.29 67.33 9.22
N GLN H 175 -30.69 68.45 8.61
CA GLN H 175 -31.82 69.25 9.02
C GLN H 175 -33.20 68.65 8.81
N LEU H 176 -33.27 67.50 8.13
CA LEU H 176 -34.53 66.92 7.70
C LEU H 176 -35.31 66.36 8.88
N ASP H 177 -36.56 66.81 9.10
CA ASP H 177 -37.47 66.30 10.10
C ASP H 177 -38.92 66.15 9.68
N ARG H 178 -39.58 65.08 10.12
CA ARG H 178 -40.91 64.69 9.72
C ARG H 178 -41.97 65.45 10.51
N GLU H 179 -41.60 66.12 11.60
CA GLU H 179 -42.47 67.16 12.14
C GLU H 179 -42.46 68.49 11.41
N LEU H 180 -41.63 68.66 10.38
CA LEU H 180 -41.44 69.88 9.65
C LEU H 180 -42.10 69.65 8.29
N ILE H 181 -41.56 68.72 7.49
CA ILE H 181 -41.91 68.34 6.14
C ILE H 181 -41.62 66.85 6.02
N ASP H 182 -42.58 66.00 5.63
CA ASP H 182 -42.56 64.56 5.73
C ASP H 182 -42.26 63.86 4.41
N LYS H 183 -42.24 64.60 3.30
CA LYS H 183 -42.11 64.02 1.99
C LYS H 183 -41.37 64.92 1.02
N TYR H 184 -40.69 64.33 0.02
CA TYR H 184 -39.94 65.05 -0.99
C TYR H 184 -39.92 64.17 -2.23
N GLN H 185 -39.73 64.82 -3.38
CA GLN H 185 -39.50 64.21 -4.68
C GLN H 185 -38.22 64.80 -5.23
N LEU H 186 -37.28 63.95 -5.65
CA LEU H 186 -36.04 64.30 -6.31
C LEU H 186 -36.01 63.81 -7.75
N LYS H 187 -35.85 64.76 -8.67
CA LYS H 187 -35.76 64.60 -10.12
C LYS H 187 -34.34 64.24 -10.49
N ILE H 188 -34.22 63.10 -11.16
CA ILE H 188 -33.05 62.35 -11.54
C ILE H 188 -33.00 61.87 -12.99
N LYS H 189 -31.79 61.49 -13.40
CA LYS H 189 -31.49 61.22 -14.80
C LYS H 189 -30.40 60.17 -14.89
N VAL H 190 -30.43 59.30 -15.91
CA VAL H 190 -29.45 58.32 -16.31
C VAL H 190 -29.13 58.66 -17.76
N GLN H 191 -27.94 58.35 -18.28
CA GLN H 191 -27.49 58.51 -19.64
C GLN H 191 -26.37 57.52 -19.94
N ASP H 192 -26.27 56.97 -21.15
CA ASP H 192 -25.17 56.07 -21.47
C ASP H 192 -23.98 56.75 -22.13
N MET H 193 -23.05 55.90 -22.57
CA MET H 193 -21.72 56.33 -22.98
C MET H 193 -20.95 57.08 -21.92
N ASP H 194 -21.15 56.71 -20.65
CA ASP H 194 -20.63 57.32 -19.45
C ASP H 194 -21.11 58.75 -19.19
N GLY H 195 -22.29 59.01 -19.76
CA GLY H 195 -22.95 60.29 -19.72
C GLY H 195 -22.38 61.35 -20.65
N GLN H 196 -21.55 60.91 -21.60
CA GLN H 196 -21.07 61.80 -22.64
C GLN H 196 -22.23 62.46 -23.38
N TYR H 197 -21.96 63.54 -24.11
CA TYR H 197 -22.85 64.42 -24.84
C TYR H 197 -23.57 63.78 -26.02
N PHE H 198 -23.21 62.55 -26.40
CA PHE H 198 -23.85 61.77 -27.43
C PHE H 198 -24.62 60.56 -26.94
N GLY H 199 -24.70 60.44 -25.62
CA GLY H 199 -25.38 59.37 -24.90
C GLY H 199 -26.88 59.63 -24.87
N LEU H 200 -27.75 58.62 -24.96
CA LEU H 200 -29.18 58.73 -24.75
C LEU H 200 -29.58 58.73 -23.28
N GLN H 201 -30.62 59.52 -22.99
CA GLN H 201 -30.98 59.95 -21.66
C GLN H 201 -32.40 59.57 -21.26
N THR H 202 -32.55 59.20 -19.98
CA THR H 202 -33.85 59.00 -19.39
C THR H 202 -33.94 59.83 -18.13
N THR H 203 -35.05 60.55 -17.92
CA THR H 203 -35.21 61.48 -16.83
C THR H 203 -36.43 61.03 -16.02
N SER H 204 -36.37 60.99 -14.69
CA SER H 204 -37.41 60.45 -13.84
C SER H 204 -37.40 61.04 -12.44
N THR H 205 -38.23 60.66 -11.47
CA THR H 205 -38.37 61.13 -10.10
C THR H 205 -38.38 60.03 -9.05
N CYS H 206 -37.51 60.11 -8.04
CA CYS H 206 -37.68 59.29 -6.86
C CYS H 206 -38.42 59.90 -5.68
N ILE H 207 -39.31 59.18 -4.99
CA ILE H 207 -39.99 59.68 -3.81
C ILE H 207 -39.21 59.38 -2.54
N ILE H 208 -38.73 60.43 -1.86
CA ILE H 208 -37.95 60.31 -0.64
C ILE H 208 -38.90 60.67 0.49
N ASN H 209 -39.26 59.67 1.30
CA ASN H 209 -40.07 59.83 2.49
C ASN H 209 -39.28 60.05 3.78
N ILE H 210 -39.65 60.95 4.68
CA ILE H 210 -38.94 61.16 5.94
C ILE H 210 -39.57 60.09 6.81
N ASP H 211 -38.78 59.38 7.61
CA ASP H 211 -39.15 58.42 8.63
C ASP H 211 -38.83 58.95 10.02
N ASP H 212 -39.29 58.22 11.05
CA ASP H 212 -39.70 58.92 12.25
C ASP H 212 -39.33 58.14 13.50
N VAL H 213 -38.93 58.86 14.56
CA VAL H 213 -38.79 58.35 15.91
C VAL H 213 -39.73 59.16 16.79
N ASN H 214 -40.24 58.56 17.88
CA ASN H 214 -41.09 59.15 18.88
C ASN H 214 -40.29 60.21 19.62
N ASP H 215 -40.59 61.47 19.29
CA ASP H 215 -39.96 62.65 19.85
C ASP H 215 -40.94 63.78 20.14
N HIS H 216 -42.25 63.66 19.90
CA HIS H 216 -43.24 64.66 20.28
C HIS H 216 -44.29 64.03 21.17
N LEU H 217 -44.41 64.62 22.36
CA LEU H 217 -45.26 64.10 23.42
C LEU H 217 -46.74 64.14 23.07
N PRO H 218 -47.50 63.09 23.40
CA PRO H 218 -48.95 63.20 23.45
C PRO H 218 -49.42 64.10 24.58
N THR H 219 -50.25 65.09 24.25
CA THR H 219 -51.01 65.87 25.19
C THR H 219 -52.40 65.94 24.57
N PHE H 220 -53.43 66.27 25.36
CA PHE H 220 -54.78 66.50 24.89
C PHE H 220 -54.98 67.80 24.12
N THR H 221 -55.79 67.64 23.08
CA THR H 221 -56.00 68.72 22.15
C THR H 221 -56.91 69.85 22.65
N ARG H 222 -57.56 69.59 23.78
CA ARG H 222 -58.06 70.58 24.71
C ARG H 222 -58.13 69.96 26.09
N THR H 223 -57.59 70.65 27.10
CA THR H 223 -57.45 70.08 28.43
C THR H 223 -58.73 70.08 29.24
N SER H 224 -59.70 70.95 28.98
CA SER H 224 -61.04 70.89 29.55
C SER H 224 -62.07 70.55 28.48
N TYR H 225 -62.78 69.45 28.73
CA TYR H 225 -63.94 69.15 27.91
C TYR H 225 -65.23 69.27 28.70
N VAL H 226 -66.36 69.48 28.01
CA VAL H 226 -67.61 69.60 28.73
C VAL H 226 -68.65 68.91 27.86
N THR H 227 -69.57 68.21 28.51
CA THR H 227 -70.42 67.24 27.87
C THR H 227 -71.83 67.23 28.45
N SER H 228 -72.84 66.77 27.70
CA SER H 228 -74.17 66.41 28.14
C SER H 228 -74.74 65.11 27.57
N VAL H 229 -75.51 64.34 28.33
CA VAL H 229 -76.26 63.18 27.90
C VAL H 229 -77.49 63.03 28.79
N GLU H 230 -78.52 62.33 28.32
CA GLU H 230 -79.64 61.93 29.15
C GLU H 230 -79.42 60.84 30.19
N GLU H 231 -80.24 60.81 31.25
CA GLU H 231 -80.28 59.74 32.23
C GLU H 231 -80.86 58.41 31.79
N ASN H 232 -80.66 57.42 32.67
CA ASN H 232 -80.91 56.03 32.35
C ASN H 232 -80.05 55.43 31.25
N THR H 233 -79.00 56.11 30.77
CA THR H 233 -78.26 55.85 29.56
C THR H 233 -77.00 55.02 29.81
N VAL H 234 -76.67 54.08 28.92
CA VAL H 234 -75.57 53.15 29.14
C VAL H 234 -75.16 52.58 27.79
N ASP H 235 -73.97 51.98 27.68
CA ASP H 235 -73.49 51.19 26.56
C ASP H 235 -73.48 51.87 25.20
N VAL H 236 -73.27 53.18 25.25
CA VAL H 236 -72.99 54.16 24.21
C VAL H 236 -71.80 55.00 24.63
N GLU H 237 -71.08 55.49 23.61
CA GLU H 237 -70.18 56.62 23.77
C GLU H 237 -70.80 57.98 24.03
N ILE H 238 -70.07 58.79 24.79
CA ILE H 238 -70.51 60.15 25.02
C ILE H 238 -69.60 61.16 24.33
N LEU H 239 -68.33 60.79 24.14
CA LEU H 239 -67.37 61.80 23.76
C LEU H 239 -66.20 61.16 23.02
N ARG H 240 -65.49 61.91 22.17
CA ARG H 240 -64.24 61.47 21.59
C ARG H 240 -63.15 62.53 21.69
N VAL H 241 -62.15 62.32 22.55
CA VAL H 241 -60.91 63.05 22.64
C VAL H 241 -59.82 62.56 21.70
N THR H 242 -58.79 63.40 21.58
CA THR H 242 -57.68 63.27 20.66
C THR H 242 -56.37 63.77 21.25
N VAL H 243 -55.21 63.43 20.68
CA VAL H 243 -53.90 63.96 20.95
C VAL H 243 -53.31 64.78 19.82
N GLU H 244 -52.48 65.79 20.10
CA GLU H 244 -51.70 66.60 19.21
C GLU H 244 -50.34 65.98 18.91
N ASP H 245 -50.09 64.68 19.15
CA ASP H 245 -48.86 63.97 18.88
C ASP H 245 -48.36 63.98 17.44
N LYS H 246 -47.16 64.51 17.21
CA LYS H 246 -46.82 64.85 15.84
C LYS H 246 -45.93 63.82 15.17
N ASP H 247 -45.47 62.75 15.84
CA ASP H 247 -44.95 61.54 15.23
C ASP H 247 -45.85 60.89 14.18
N LEU H 248 -45.20 59.90 13.58
CA LEU H 248 -45.74 59.15 12.46
C LEU H 248 -47.02 58.43 12.84
N VAL H 249 -48.16 58.78 12.21
CA VAL H 249 -49.43 58.12 12.35
C VAL H 249 -49.33 56.68 11.89
N ASN H 250 -50.10 55.83 12.59
CA ASN H 250 -50.09 54.39 12.42
C ASN H 250 -48.79 53.78 12.92
N THR H 251 -47.92 54.43 13.68
CA THR H 251 -46.79 53.89 14.41
C THR H 251 -47.08 54.07 15.90
N ALA H 252 -46.42 53.29 16.75
CA ALA H 252 -46.46 53.35 18.19
C ALA H 252 -46.03 54.67 18.81
N ASN H 253 -45.26 55.42 18.04
CA ASN H 253 -44.74 56.76 18.27
C ASN H 253 -45.83 57.83 18.31
N TRP H 254 -47.01 57.56 17.75
CA TRP H 254 -48.23 58.34 17.72
C TRP H 254 -49.36 57.64 18.48
N ARG H 255 -49.63 56.35 18.25
CA ARG H 255 -50.69 55.60 18.87
C ARG H 255 -50.65 55.58 20.40
N ALA H 256 -51.79 55.47 21.08
CA ALA H 256 -51.95 55.75 22.49
C ALA H 256 -52.64 54.72 23.37
N ASN H 257 -52.48 54.90 24.69
CA ASN H 257 -53.29 54.34 25.76
C ASN H 257 -53.97 55.47 26.49
N TYR H 258 -55.31 55.52 26.45
CA TYR H 258 -56.09 56.46 27.24
C TYR H 258 -56.71 55.75 28.43
N THR H 259 -56.45 56.34 29.61
CA THR H 259 -56.89 55.91 30.92
C THR H 259 -57.71 56.92 31.70
N ILE H 260 -58.47 56.41 32.68
CA ILE H 260 -59.10 57.16 33.74
C ILE H 260 -58.25 57.18 35.00
N LEU H 261 -58.09 58.37 35.58
CA LEU H 261 -57.23 58.68 36.71
C LEU H 261 -58.01 59.04 37.96
N LYS H 262 -59.04 59.89 37.90
CA LYS H 262 -60.00 60.18 38.93
C LYS H 262 -61.41 60.23 38.35
N GLY H 263 -62.41 60.10 39.24
CA GLY H 263 -63.78 60.52 38.99
C GLY H 263 -64.77 59.40 38.71
N ASN H 264 -64.27 58.21 38.40
CA ASN H 264 -65.10 57.03 38.23
C ASN H 264 -65.52 56.28 39.49
N GLU H 265 -65.92 57.04 40.51
CA GLU H 265 -65.99 56.59 41.89
C GLU H 265 -66.96 55.45 42.15
N ASN H 266 -67.93 55.18 41.27
CA ASN H 266 -68.87 54.08 41.29
C ASN H 266 -68.78 53.17 40.06
N GLY H 267 -67.99 53.57 39.07
CA GLY H 267 -67.74 52.79 37.88
C GLY H 267 -68.57 53.20 36.66
N ASN H 268 -69.27 54.34 36.61
CA ASN H 268 -70.14 54.80 35.55
C ASN H 268 -69.39 54.85 34.23
N PHE H 269 -68.09 55.15 34.19
CA PHE H 269 -67.43 55.56 32.96
C PHE H 269 -66.34 54.61 32.52
N LYS H 270 -65.86 54.69 31.27
CA LYS H 270 -64.81 53.96 30.61
C LYS H 270 -64.35 54.77 29.40
N ILE H 271 -63.09 54.54 29.04
CA ILE H 271 -62.40 55.12 27.91
C ILE H 271 -61.51 54.03 27.33
N VAL H 272 -61.54 53.92 26.00
CA VAL H 272 -60.74 53.00 25.22
C VAL H 272 -60.06 53.71 24.05
N THR H 273 -58.96 53.18 23.52
CA THR H 273 -58.31 53.70 22.32
C THR H 273 -59.00 53.13 21.09
N ASP H 274 -59.54 54.00 20.23
CA ASP H 274 -60.10 53.49 19.00
C ASP H 274 -59.06 52.85 18.09
N ALA H 275 -59.38 51.65 17.58
CA ALA H 275 -58.43 50.79 16.89
C ALA H 275 -58.07 51.39 15.54
N LYS H 276 -58.81 52.32 14.95
CA LYS H 276 -58.71 52.83 13.59
C LYS H 276 -58.28 54.30 13.52
N THR H 277 -58.71 55.12 14.48
CA THR H 277 -58.76 56.56 14.63
C THR H 277 -57.89 57.10 15.76
N ASN H 278 -57.32 56.29 16.66
CA ASN H 278 -56.61 56.73 17.85
C ASN H 278 -57.28 57.77 18.73
N GLU H 279 -58.61 57.86 18.69
CA GLU H 279 -59.45 58.67 19.54
C GLU H 279 -59.57 58.00 20.90
N GLY H 280 -59.86 58.80 21.93
CA GLY H 280 -60.26 58.39 23.27
C GLY H 280 -61.77 58.29 23.24
N VAL H 281 -62.25 57.05 23.16
CA VAL H 281 -63.67 56.77 23.05
C VAL H 281 -64.22 56.57 24.45
N LEU H 282 -64.74 57.70 24.94
CA LEU H 282 -65.15 57.86 26.33
C LEU H 282 -66.64 57.58 26.49
N CYS H 283 -66.94 56.45 27.16
CA CYS H 283 -68.24 55.83 27.20
C CYS H 283 -68.80 55.77 28.61
N VAL H 284 -70.10 55.53 28.71
CA VAL H 284 -70.76 55.21 29.96
C VAL H 284 -71.09 53.73 29.96
N VAL H 285 -70.87 53.12 31.14
CA VAL H 285 -70.89 51.69 31.36
C VAL H 285 -71.67 51.13 32.53
N LYS H 286 -72.28 52.02 33.32
CA LYS H 286 -73.27 51.72 34.34
C LYS H 286 -74.30 52.84 34.41
N PRO H 287 -75.60 52.61 34.26
CA PRO H 287 -76.50 53.67 33.86
C PRO H 287 -76.69 54.79 34.89
N LEU H 288 -76.99 55.95 34.32
CA LEU H 288 -77.07 57.25 34.96
C LEU H 288 -78.39 57.63 35.63
N ASN H 289 -78.43 58.50 36.63
CA ASN H 289 -79.61 59.10 37.22
C ASN H 289 -79.48 60.59 37.53
N TYR H 290 -80.38 61.38 36.97
CA TYR H 290 -80.46 62.82 37.16
C TYR H 290 -80.90 63.09 38.59
N GLU H 291 -81.77 62.26 39.16
CA GLU H 291 -82.26 62.37 40.51
C GLU H 291 -81.26 61.98 41.58
N GLU H 292 -80.02 61.66 41.21
CA GLU H 292 -78.94 61.38 42.13
C GLU H 292 -77.66 62.15 41.77
N LYS H 293 -77.16 62.20 40.53
CA LYS H 293 -76.15 63.14 40.11
C LYS H 293 -76.49 63.97 38.88
N GLN H 294 -76.31 65.29 39.03
CA GLN H 294 -76.53 66.16 37.89
C GLN H 294 -75.27 66.57 37.15
N GLN H 295 -74.10 66.54 37.79
CA GLN H 295 -72.75 66.70 37.26
C GLN H 295 -71.76 65.91 38.10
N MET H 296 -70.94 65.21 37.31
CA MET H 296 -69.69 64.58 37.70
C MET H 296 -68.49 64.88 36.82
N ILE H 297 -67.40 65.32 37.46
CA ILE H 297 -66.13 65.61 36.82
C ILE H 297 -65.24 64.38 36.77
N LEU H 298 -64.51 64.15 35.67
CA LEU H 298 -63.74 62.97 35.32
C LEU H 298 -62.37 63.44 34.84
N GLN H 299 -61.29 62.93 35.43
CA GLN H 299 -59.90 63.10 35.05
C GLN H 299 -59.31 61.91 34.31
N ILE H 300 -58.88 62.25 33.10
CA ILE H 300 -58.25 61.30 32.19
C ILE H 300 -56.77 61.60 32.00
N GLY H 301 -56.03 60.57 31.61
CA GLY H 301 -54.62 60.51 31.27
C GLY H 301 -54.31 59.82 29.94
N VAL H 302 -53.23 60.17 29.25
CA VAL H 302 -52.69 59.54 28.06
C VAL H 302 -51.19 59.32 28.06
N VAL H 303 -50.73 58.16 27.57
CA VAL H 303 -49.37 57.95 27.11
C VAL H 303 -49.40 57.38 25.70
N ASN H 304 -48.28 57.36 24.98
CA ASN H 304 -47.98 56.50 23.85
C ASN H 304 -47.74 55.05 24.23
N GLU H 305 -47.88 54.16 23.25
CA GLU H 305 -47.39 52.81 23.43
C GLU H 305 -45.90 52.65 23.20
N ALA H 306 -45.26 53.53 22.42
CA ALA H 306 -43.82 53.71 22.39
C ALA H 306 -43.22 53.86 23.78
N PRO H 307 -42.18 53.08 24.10
CA PRO H 307 -41.54 53.18 25.40
C PRO H 307 -40.81 54.49 25.64
N PHE H 308 -41.09 55.00 26.85
CA PHE H 308 -40.61 56.28 27.34
C PHE H 308 -40.14 56.24 28.79
N SER H 309 -39.27 57.15 29.22
CA SER H 309 -38.85 57.35 30.59
C SER H 309 -38.43 56.08 31.29
N ARG H 310 -37.35 55.43 30.84
CA ARG H 310 -36.77 54.16 31.23
C ARG H 310 -37.70 52.96 31.35
N GLU H 311 -38.52 52.71 30.34
CA GLU H 311 -39.52 51.66 30.29
C GLU H 311 -40.51 51.77 31.43
N ALA H 312 -40.77 52.98 31.93
CA ALA H 312 -41.63 53.26 33.06
C ALA H 312 -42.99 53.86 32.73
N SER H 313 -43.11 54.55 31.60
CA SER H 313 -44.43 55.02 31.22
C SER H 313 -45.04 55.95 32.26
N PRO H 314 -46.29 55.69 32.64
CA PRO H 314 -46.97 56.42 33.68
C PRO H 314 -46.27 56.63 35.03
N ARG H 315 -45.34 55.72 35.32
CA ARG H 315 -44.51 55.71 36.52
C ARG H 315 -43.31 56.63 36.48
N SER H 316 -43.37 57.60 35.56
CA SER H 316 -42.49 58.74 35.38
C SER H 316 -43.07 59.91 34.60
N ALA H 317 -43.98 59.75 33.65
CA ALA H 317 -44.67 60.78 32.90
C ALA H 317 -46.10 60.39 32.53
N MET H 318 -47.07 61.25 32.87
CA MET H 318 -48.45 61.14 32.46
C MET H 318 -49.12 62.48 32.13
N SER H 319 -49.71 62.65 30.94
CA SER H 319 -50.34 63.84 30.43
C SER H 319 -51.84 63.88 30.71
N THR H 320 -52.35 64.73 31.60
CA THR H 320 -53.71 64.68 32.09
C THR H 320 -54.65 65.69 31.41
N ALA H 321 -55.96 65.46 31.51
CA ALA H 321 -57.05 66.33 31.13
C ALA H 321 -58.31 65.99 31.92
N THR H 322 -59.36 66.79 31.69
CA THR H 322 -60.58 66.76 32.46
C THR H 322 -61.79 66.66 31.54
N VAL H 323 -62.89 65.98 31.92
CA VAL H 323 -64.16 66.01 31.22
C VAL H 323 -65.21 66.31 32.29
N THR H 324 -65.96 67.39 32.15
CA THR H 324 -67.17 67.67 32.90
C THR H 324 -68.33 67.01 32.17
N VAL H 325 -69.00 66.04 32.79
CA VAL H 325 -70.20 65.44 32.23
C VAL H 325 -71.37 66.00 33.03
N ASN H 326 -72.42 66.40 32.31
CA ASN H 326 -73.69 66.94 32.76
C ASN H 326 -74.81 65.99 32.34
N VAL H 327 -75.65 65.61 33.30
CA VAL H 327 -76.76 64.68 33.17
C VAL H 327 -78.09 65.40 33.04
N GLU H 328 -78.95 65.00 32.10
CA GLU H 328 -80.19 65.66 31.73
C GLU H 328 -81.39 64.77 32.01
N ASP H 329 -82.46 65.44 32.44
CA ASP H 329 -83.58 64.73 33.01
C ASP H 329 -84.47 64.11 31.95
N GLN H 330 -85.00 62.93 32.29
CA GLN H 330 -85.92 62.15 31.50
C GLN H 330 -87.08 61.72 32.39
N ASP H 331 -88.21 61.50 31.73
CA ASP H 331 -89.53 61.49 32.33
C ASP H 331 -89.93 60.05 32.67
N GLU H 332 -89.70 59.82 33.97
CA GLU H 332 -89.97 58.57 34.64
C GLU H 332 -91.24 58.53 35.48
N GLY H 333 -91.47 57.32 35.99
CA GLY H 333 -92.77 56.77 36.35
C GLY H 333 -93.40 57.44 37.57
N PRO H 334 -94.72 57.61 37.50
CA PRO H 334 -95.55 58.24 38.52
C PRO H 334 -95.74 57.37 39.75
N GLU H 335 -95.54 57.99 40.91
CA GLU H 335 -95.87 57.52 42.25
C GLU H 335 -97.18 58.06 42.81
N CYS H 336 -98.28 57.48 42.31
CA CYS H 336 -99.66 57.82 42.57
C CYS H 336 -100.23 57.37 43.91
N ASN H 337 -99.85 58.04 45.00
CA ASN H 337 -100.33 57.92 46.37
C ASN H 337 -100.79 59.27 46.89
N PRO H 338 -101.89 59.34 47.63
CA PRO H 338 -102.74 58.24 48.05
C PRO H 338 -103.61 57.59 46.97
N PRO H 339 -104.08 56.36 47.16
CA PRO H 339 -104.97 55.66 46.26
C PRO H 339 -106.28 56.35 45.93
N ILE H 340 -106.84 56.85 47.04
CA ILE H 340 -108.17 57.37 47.25
C ILE H 340 -108.19 58.84 47.65
N GLN H 341 -109.01 59.69 47.02
CA GLN H 341 -109.06 61.14 47.21
C GLN H 341 -110.51 61.56 47.33
N THR H 342 -110.74 62.75 47.86
CA THR H 342 -112.07 63.29 48.07
C THR H 342 -112.18 64.74 47.61
N VAL H 343 -113.39 65.18 47.24
CA VAL H 343 -113.70 66.58 47.06
C VAL H 343 -115.08 66.85 47.64
N ARG H 344 -115.50 68.10 47.86
CA ARG H 344 -116.85 68.44 48.27
C ARG H 344 -117.48 69.42 47.30
N MET H 345 -118.76 69.20 46.98
CA MET H 345 -119.63 69.87 46.03
C MET H 345 -121.00 70.25 46.56
N LYS H 346 -121.74 71.16 45.94
CA LYS H 346 -123.09 71.54 46.34
C LYS H 346 -124.18 71.43 45.29
N GLU H 347 -125.39 71.01 45.64
CA GLU H 347 -126.36 70.53 44.69
C GLU H 347 -126.76 71.44 43.52
N ASN H 348 -126.75 72.76 43.71
CA ASN H 348 -127.26 73.73 42.77
C ASN H 348 -126.23 74.06 41.69
N ALA H 349 -125.13 73.31 41.61
CA ALA H 349 -123.98 73.59 40.78
C ALA H 349 -124.39 73.68 39.33
N GLU H 350 -123.92 74.71 38.63
CA GLU H 350 -124.15 74.98 37.22
C GLU H 350 -123.40 74.01 36.30
N VAL H 351 -123.97 73.56 35.18
CA VAL H 351 -123.29 72.75 34.20
C VAL H 351 -121.99 73.35 33.67
N GLY H 352 -120.89 72.59 33.59
CA GLY H 352 -119.59 73.05 33.14
C GLY H 352 -118.71 73.65 34.23
N THR H 353 -119.24 73.96 35.42
CA THR H 353 -118.41 74.58 36.44
C THR H 353 -117.27 73.66 36.85
N THR H 354 -116.11 74.26 37.13
CA THR H 354 -114.96 73.44 37.49
C THR H 354 -114.48 73.67 38.92
N SER H 355 -114.01 72.66 39.65
CA SER H 355 -113.34 72.83 40.93
C SER H 355 -112.26 71.79 41.21
N ASN H 356 -111.43 72.03 42.24
CA ASN H 356 -110.24 71.28 42.56
C ASN H 356 -110.52 69.79 42.64
N GLY H 357 -109.49 69.00 42.36
CA GLY H 357 -109.68 67.69 41.76
C GLY H 357 -108.71 66.55 42.06
N TYR H 358 -108.76 65.46 41.31
CA TYR H 358 -107.98 64.26 41.54
C TYR H 358 -106.55 64.50 41.06
N LYS H 359 -105.49 63.92 41.62
CA LYS H 359 -104.15 64.02 41.08
C LYS H 359 -103.43 62.68 40.98
N ALA H 360 -102.63 62.52 39.93
CA ALA H 360 -101.56 61.56 39.83
C ALA H 360 -100.29 62.30 40.25
N TYR H 361 -99.31 61.59 40.80
CA TYR H 361 -98.13 62.20 41.39
C TYR H 361 -96.82 61.69 40.79
N ASP H 362 -95.81 62.57 40.80
CA ASP H 362 -94.66 62.49 39.93
C ASP H 362 -93.49 63.08 40.71
N PRO H 363 -92.93 62.39 41.70
CA PRO H 363 -91.97 63.02 42.58
C PRO H 363 -90.76 63.70 41.96
N GLU H 364 -90.20 63.19 40.86
CA GLU H 364 -89.03 63.82 40.27
C GLU H 364 -89.16 65.32 39.98
N THR H 365 -90.28 65.63 39.31
CA THR H 365 -90.68 66.95 38.88
C THR H 365 -91.48 67.65 39.98
N ARG H 366 -91.85 66.98 41.08
CA ARG H 366 -92.67 67.42 42.18
C ARG H 366 -94.00 67.96 41.67
N SER H 367 -94.40 67.55 40.46
CA SER H 367 -95.53 68.00 39.67
C SER H 367 -95.70 67.12 38.44
N SER H 368 -96.95 66.88 38.04
CA SER H 368 -97.37 65.80 37.16
C SER H 368 -97.99 66.36 35.87
N SER H 369 -97.27 67.30 35.27
CA SER H 369 -97.75 68.19 34.25
C SER H 369 -97.94 67.58 32.86
N GLY H 370 -97.40 66.39 32.56
CA GLY H 370 -97.71 65.66 31.34
C GLY H 370 -98.94 64.76 31.32
N ILE H 371 -99.40 64.41 32.52
CA ILE H 371 -100.24 63.32 32.98
C ILE H 371 -101.72 63.65 32.76
N ARG H 372 -102.49 62.83 32.03
CA ARG H 372 -103.84 63.19 31.64
C ARG H 372 -104.88 62.25 32.25
N TYR H 373 -106.11 62.74 32.41
CA TYR H 373 -107.17 62.10 33.16
C TYR H 373 -108.45 61.76 32.42
N LYS H 374 -109.02 60.60 32.76
CA LYS H 374 -110.33 60.07 32.44
C LYS H 374 -111.02 59.40 33.62
N LYS H 375 -112.34 59.22 33.45
CA LYS H 375 -113.19 58.57 34.43
C LYS H 375 -113.49 57.14 34.02
N LEU H 376 -113.71 56.16 34.90
CA LEU H 376 -113.85 54.73 34.66
C LEU H 376 -115.26 54.17 34.80
N THR H 377 -115.79 54.36 36.00
CA THR H 377 -117.17 54.03 36.34
C THR H 377 -117.78 55.07 37.26
N ASP H 378 -119.02 55.46 36.95
CA ASP H 378 -119.79 56.50 37.59
C ASP H 378 -121.24 56.04 37.79
N PRO H 379 -121.81 56.24 38.97
CA PRO H 379 -123.18 55.88 39.27
C PRO H 379 -124.23 56.84 38.73
N THR H 380 -123.91 58.12 38.52
CA THR H 380 -124.84 59.21 38.32
C THR H 380 -124.69 59.92 36.99
N GLY H 381 -123.47 59.97 36.42
CA GLY H 381 -123.15 60.73 35.23
C GLY H 381 -123.20 62.24 35.42
N TRP H 382 -123.23 62.77 36.64
CA TRP H 382 -123.25 64.18 36.96
C TRP H 382 -121.95 64.92 36.66
N VAL H 383 -120.77 64.33 36.86
CA VAL H 383 -119.50 65.03 36.70
C VAL H 383 -118.67 64.42 35.59
N THR H 384 -117.73 65.26 35.13
CA THR H 384 -116.66 64.89 34.22
C THR H 384 -115.35 65.46 34.75
N ILE H 385 -114.22 64.87 34.38
CA ILE H 385 -112.88 65.16 34.87
C ILE H 385 -112.09 65.81 33.74
N ASP H 386 -111.68 67.05 33.98
CA ASP H 386 -110.94 67.92 33.09
C ASP H 386 -109.55 67.33 32.86
N GLU H 387 -109.36 66.91 31.61
CA GLU H 387 -108.27 66.06 31.18
C GLU H 387 -106.87 66.60 31.41
N ASN H 388 -106.68 67.92 31.29
CA ASN H 388 -105.44 68.64 31.48
C ASN H 388 -104.96 68.55 32.93
N THR H 389 -105.89 68.78 33.86
CA THR H 389 -105.64 69.18 35.22
C THR H 389 -106.04 68.18 36.30
N GLY H 390 -106.96 67.30 35.89
CA GLY H 390 -107.62 66.34 36.75
C GLY H 390 -108.70 66.96 37.62
N SER H 391 -109.18 68.16 37.28
CA SER H 391 -110.21 68.85 38.03
C SER H 391 -111.62 68.31 37.79
N ILE H 392 -112.45 68.29 38.83
CA ILE H 392 -113.83 67.91 38.66
C ILE H 392 -114.67 69.05 38.11
N LYS H 393 -115.53 68.71 37.15
CA LYS H 393 -116.43 69.68 36.54
C LYS H 393 -117.79 69.04 36.28
N VAL H 394 -118.82 69.86 36.47
CA VAL H 394 -120.18 69.44 36.29
C VAL H 394 -120.38 69.19 34.80
N PHE H 395 -121.22 68.19 34.49
CA PHE H 395 -121.53 67.74 33.15
C PHE H 395 -123.03 67.75 32.87
N ARG H 396 -123.81 67.33 33.87
CA ARG H 396 -125.26 67.29 33.87
C ARG H 396 -125.65 67.51 35.32
N SER H 397 -126.74 68.21 35.63
CA SER H 397 -127.06 68.59 37.00
C SER H 397 -127.43 67.57 38.07
N LEU H 398 -127.05 67.85 39.32
CA LEU H 398 -126.91 66.95 40.44
C LEU H 398 -128.26 66.63 41.06
N ASP H 399 -128.34 65.62 41.93
CA ASP H 399 -129.34 65.57 42.98
C ASP H 399 -128.79 64.93 44.24
N ARG H 400 -129.22 65.51 45.35
CA ARG H 400 -128.91 65.01 46.68
C ARG H 400 -130.06 64.12 47.14
N GLU H 401 -131.26 64.18 46.54
CA GLU H 401 -132.47 63.53 46.98
C GLU H 401 -132.52 62.17 46.31
N ALA H 402 -131.60 61.78 45.41
CA ALA H 402 -131.48 60.53 44.70
C ALA H 402 -130.95 59.44 45.62
N GLU H 403 -131.26 58.21 45.18
CA GLU H 403 -130.96 56.96 45.85
C GLU H 403 -129.53 56.50 45.68
N THR H 404 -128.77 57.20 44.83
CA THR H 404 -127.38 56.96 44.51
C THR H 404 -126.40 57.59 45.49
N ILE H 405 -126.91 58.35 46.47
CA ILE H 405 -126.16 58.96 47.54
C ILE H 405 -126.34 58.08 48.77
N LYS H 406 -125.31 57.97 49.61
CA LYS H 406 -125.57 57.49 50.95
C LYS H 406 -124.68 58.27 51.91
N ASN H 407 -125.37 58.66 52.98
CA ASN H 407 -124.90 59.61 53.96
C ASN H 407 -124.28 60.87 53.36
N GLY H 408 -125.00 61.33 52.34
CA GLY H 408 -124.56 62.47 51.56
C GLY H 408 -123.34 62.29 50.65
N ILE H 409 -122.85 61.11 50.31
CA ILE H 409 -121.61 60.76 49.63
C ILE H 409 -121.87 59.83 48.45
N TYR H 410 -121.21 60.07 47.31
CA TYR H 410 -120.98 58.99 46.37
C TYR H 410 -119.52 58.98 45.95
N ASN H 411 -119.17 58.00 45.11
CA ASN H 411 -117.86 57.78 44.54
C ASN H 411 -117.87 57.50 43.04
N ILE H 412 -116.81 57.93 42.33
CA ILE H 412 -116.38 57.69 40.98
C ILE H 412 -114.93 57.21 40.95
N THR H 413 -114.65 56.37 39.94
CA THR H 413 -113.34 55.84 39.67
C THR H 413 -112.57 56.46 38.51
N VAL H 414 -111.25 56.62 38.69
CA VAL H 414 -110.49 57.60 37.96
C VAL H 414 -109.26 56.91 37.40
N LEU H 415 -108.78 57.29 36.21
CA LEU H 415 -107.53 56.81 35.65
C LEU H 415 -106.73 58.02 35.18
N ALA H 416 -105.40 57.94 35.37
CA ALA H 416 -104.32 58.78 34.90
C ALA H 416 -103.59 58.02 33.81
N SER H 417 -103.18 58.64 32.70
CA SER H 417 -102.52 58.20 31.49
C SER H 417 -101.24 58.99 31.22
N ASP H 418 -100.11 58.31 31.01
CA ASP H 418 -98.77 58.84 30.88
C ASP H 418 -98.30 58.51 29.46
N GLN H 419 -97.68 59.53 28.86
CA GLN H 419 -97.12 59.45 27.53
C GLN H 419 -95.82 58.66 27.46
N GLY H 420 -95.24 58.16 28.56
CA GLY H 420 -94.29 57.06 28.60
C GLY H 420 -94.86 55.66 28.38
N GLY H 421 -96.16 55.48 28.20
CA GLY H 421 -96.94 54.26 28.17
C GLY H 421 -97.22 53.67 29.54
N ARG H 422 -97.61 54.47 30.54
CA ARG H 422 -97.79 54.10 31.93
C ARG H 422 -99.17 54.56 32.38
N THR H 423 -99.69 54.07 33.51
CA THR H 423 -100.95 54.46 34.10
C THR H 423 -100.91 54.27 35.62
N CYS H 424 -101.76 55.06 36.28
CA CYS H 424 -102.14 54.82 37.66
C CYS H 424 -103.63 55.14 37.80
N THR H 425 -104.25 54.71 38.91
CA THR H 425 -105.67 54.53 39.12
C THR H 425 -106.00 54.86 40.57
N GLY H 426 -107.27 55.24 40.76
CA GLY H 426 -107.79 55.62 42.05
C GLY H 426 -109.27 55.94 42.05
N THR H 427 -109.73 56.27 43.26
CA THR H 427 -111.10 56.64 43.58
C THR H 427 -111.17 58.12 43.96
N LEU H 428 -112.25 58.78 43.55
CA LEU H 428 -112.61 60.15 43.86
C LEU H 428 -114.02 60.14 44.43
N GLY H 429 -114.09 60.31 45.75
CA GLY H 429 -115.31 60.54 46.50
C GLY H 429 -115.83 61.97 46.47
N ILE H 430 -117.16 62.12 46.47
CA ILE H 430 -117.86 63.37 46.28
C ILE H 430 -118.99 63.57 47.28
N ILE H 431 -118.67 64.36 48.31
CA ILE H 431 -119.54 64.82 49.37
C ILE H 431 -120.41 65.97 48.92
N LEU H 432 -121.73 65.88 49.10
CA LEU H 432 -122.71 66.63 48.34
C LEU H 432 -123.61 67.33 49.36
N GLN H 433 -123.43 68.65 49.46
CA GLN H 433 -124.35 69.45 50.24
C GLN H 433 -125.69 69.69 49.57
N ASP H 434 -126.68 69.37 50.40
CA ASP H 434 -128.06 69.65 50.04
C ASP H 434 -128.27 71.16 50.00
N VAL H 435 -129.04 71.67 49.04
CA VAL H 435 -129.80 72.89 49.18
C VAL H 435 -131.26 72.54 48.92
N ASN H 436 -132.11 73.40 49.49
CA ASN H 436 -133.51 73.23 49.17
C ASN H 436 -133.77 73.44 47.69
N ASP H 437 -134.23 72.41 46.97
CA ASP H 437 -134.59 72.52 45.56
C ASP H 437 -135.82 71.71 45.20
N ASN H 438 -136.02 70.58 45.87
CA ASN H 438 -137.20 69.76 45.70
C ASN H 438 -138.36 70.46 46.41
N SER H 439 -139.53 70.39 45.76
CA SER H 439 -140.83 70.68 46.31
C SER H 439 -141.43 69.55 47.13
N PRO H 440 -142.57 69.79 47.79
CA PRO H 440 -143.26 68.71 48.47
C PRO H 440 -143.91 67.77 47.47
N PHE H 441 -144.10 66.51 47.87
CA PHE H 441 -145.05 65.55 47.32
C PHE H 441 -146.01 64.93 48.33
N ILE H 442 -147.04 64.28 47.79
CA ILE H 442 -148.14 63.62 48.47
C ILE H 442 -147.86 62.12 48.48
N PRO H 443 -147.65 61.57 49.67
CA PRO H 443 -147.75 60.13 49.87
C PRO H 443 -149.09 59.48 49.57
N LYS H 444 -150.19 60.09 50.00
CA LYS H 444 -151.51 59.51 49.89
C LYS H 444 -152.40 60.47 49.12
N LYS H 445 -152.69 60.36 47.83
CA LYS H 445 -153.59 61.20 47.06
C LYS H 445 -155.04 60.78 46.95
N THR H 446 -155.42 59.57 47.39
CA THR H 446 -156.74 58.98 47.38
C THR H 446 -157.37 59.09 48.75
N VAL H 447 -158.54 59.74 48.84
CA VAL H 447 -159.16 60.17 50.08
C VAL H 447 -160.67 60.01 50.05
N ILE H 448 -161.27 59.65 51.18
CA ILE H 448 -162.69 59.39 51.39
C ILE H 448 -163.21 60.55 52.22
N ILE H 449 -164.39 61.05 51.86
CA ILE H 449 -165.18 62.01 52.61
C ILE H 449 -166.54 61.37 52.91
N CYS H 450 -166.76 60.91 54.15
CA CYS H 450 -168.01 60.26 54.49
C CYS H 450 -168.97 61.40 54.76
N LYS H 451 -169.89 61.67 53.81
CA LYS H 451 -170.80 62.79 53.95
C LYS H 451 -171.72 62.76 55.16
N PRO H 452 -172.22 61.63 55.66
CA PRO H 452 -173.16 61.62 56.75
C PRO H 452 -172.62 62.07 58.10
N THR H 453 -171.31 62.10 58.35
CA THR H 453 -170.70 62.64 59.55
C THR H 453 -169.50 63.58 59.40
N MET H 454 -168.85 63.60 58.24
CA MET H 454 -167.67 64.38 57.94
C MET H 454 -167.91 65.42 56.86
N SER H 455 -167.15 66.51 56.84
CA SER H 455 -167.22 67.53 55.82
C SER H 455 -165.92 67.54 55.03
N SER H 456 -164.87 66.87 55.51
CA SER H 456 -163.51 67.01 55.04
C SER H 456 -162.74 65.70 55.04
N ALA H 457 -161.51 65.79 54.51
CA ALA H 457 -160.45 64.83 54.62
C ALA H 457 -159.12 65.56 54.73
N GLU H 458 -158.11 65.00 55.41
CA GLU H 458 -156.84 65.66 55.58
C GLU H 458 -156.00 65.40 54.34
N ILE H 459 -155.12 66.33 53.97
CA ILE H 459 -154.11 66.26 52.94
C ILE H 459 -152.74 66.61 53.51
N VAL H 460 -151.83 65.63 53.48
CA VAL H 460 -150.56 65.69 54.17
C VAL H 460 -149.48 65.40 53.13
N ALA H 461 -148.33 66.03 53.36
CA ALA H 461 -147.29 65.97 52.35
C ALA H 461 -145.97 65.63 53.02
N VAL H 462 -144.96 65.47 52.17
CA VAL H 462 -143.57 65.29 52.55
C VAL H 462 -142.70 65.99 51.51
N ASP H 463 -141.51 66.44 51.95
CA ASP H 463 -140.51 67.02 51.09
C ASP H 463 -139.13 66.39 51.22
N PRO H 464 -138.46 65.98 50.14
CA PRO H 464 -137.43 64.96 50.26
C PRO H 464 -136.04 65.56 50.43
N ASP H 465 -135.81 66.89 50.46
CA ASP H 465 -134.63 67.57 50.96
C ASP H 465 -134.48 67.35 52.47
N GLU H 466 -133.43 67.98 53.00
CA GLU H 466 -133.18 67.92 54.42
C GLU H 466 -134.36 68.45 55.22
N PRO H 467 -134.46 68.18 56.53
CA PRO H 467 -135.52 68.66 57.38
C PRO H 467 -135.53 70.16 57.64
N ILE H 468 -134.43 70.84 57.33
CA ILE H 468 -134.25 72.27 57.33
C ILE H 468 -134.75 72.87 56.02
N HIS H 469 -135.02 72.08 54.99
CA HIS H 469 -135.24 72.40 53.60
C HIS H 469 -136.62 72.01 53.08
N GLY H 470 -137.62 71.79 53.95
CA GLY H 470 -138.91 71.33 53.52
C GLY H 470 -140.07 72.10 54.14
N PRO H 471 -140.80 71.47 55.05
CA PRO H 471 -141.81 72.17 55.86
C PRO H 471 -141.27 73.40 56.58
N PRO H 472 -142.06 74.48 56.72
CA PRO H 472 -143.50 74.50 56.62
C PRO H 472 -144.03 74.47 55.20
N PHE H 473 -145.15 73.86 54.82
CA PHE H 473 -145.75 73.93 53.51
C PHE H 473 -146.91 74.91 53.50
N ASP H 474 -147.17 75.55 52.35
CA ASP H 474 -148.18 76.55 52.07
C ASP H 474 -149.05 75.89 50.99
N PHE H 475 -150.21 75.35 51.36
CA PHE H 475 -151.13 74.72 50.43
C PHE H 475 -152.13 75.69 49.84
N SER H 476 -152.69 75.47 48.64
CA SER H 476 -153.85 76.16 48.12
C SER H 476 -154.49 75.48 46.91
N LEU H 477 -155.69 75.90 46.49
CA LEU H 477 -156.47 75.45 45.36
C LEU H 477 -156.19 76.27 44.11
N GLU H 478 -154.98 76.84 44.05
CA GLU H 478 -154.50 77.86 43.12
C GLU H 478 -154.66 77.49 41.65
N SER H 479 -154.26 76.24 41.39
CA SER H 479 -154.13 75.77 40.02
C SER H 479 -155.48 75.29 39.47
N SER H 480 -156.50 75.17 40.32
CA SER H 480 -157.78 74.59 40.00
C SER H 480 -158.68 75.55 39.23
N THR H 481 -159.82 75.11 38.70
CA THR H 481 -160.82 75.89 38.00
C THR H 481 -161.92 76.50 38.85
N SER H 482 -162.62 77.50 38.29
CA SER H 482 -163.59 78.32 38.98
C SER H 482 -164.86 77.52 39.26
N GLU H 483 -165.21 76.50 38.48
CA GLU H 483 -166.14 75.43 38.77
C GLU H 483 -165.69 74.49 39.88
N VAL H 484 -164.44 74.04 39.97
CA VAL H 484 -163.97 73.16 41.03
C VAL H 484 -163.89 73.92 42.34
N GLN H 485 -163.36 75.14 42.32
CA GLN H 485 -163.42 76.04 43.46
C GLN H 485 -164.81 76.35 43.97
N ARG H 486 -165.87 76.14 43.17
CA ARG H 486 -167.22 76.31 43.69
C ARG H 486 -167.82 75.10 44.39
N MET H 487 -167.07 74.02 44.61
CA MET H 487 -167.51 72.81 45.28
C MET H 487 -166.70 72.47 46.52
N TRP H 488 -165.50 73.03 46.64
CA TRP H 488 -164.54 72.76 47.68
C TRP H 488 -164.10 74.01 48.43
N ARG H 489 -163.56 73.86 49.65
CA ARG H 489 -162.82 74.86 50.39
C ARG H 489 -161.57 74.24 50.98
N LEU H 490 -160.40 74.88 51.06
CA LEU H 490 -159.22 74.25 51.63
C LEU H 490 -158.63 75.16 52.71
N LYS H 491 -158.10 74.59 53.79
CA LYS H 491 -157.57 75.33 54.93
C LYS H 491 -156.36 74.64 55.53
N ALA H 492 -155.39 75.31 56.17
CA ALA H 492 -154.19 74.67 56.63
C ALA H 492 -154.40 74.10 58.03
N ILE H 493 -153.69 73.04 58.42
CA ILE H 493 -153.74 72.49 59.76
C ILE H 493 -152.38 72.19 60.39
N ASN H 494 -151.24 72.18 59.71
CA ASN H 494 -149.97 71.91 60.36
C ASN H 494 -148.85 72.55 59.55
N ASP H 495 -147.60 72.30 59.95
CA ASP H 495 -146.42 72.50 59.13
C ASP H 495 -146.38 71.64 57.88
N THR H 496 -146.88 70.40 57.92
CA THR H 496 -146.98 69.41 56.87
C THR H 496 -148.37 69.11 56.30
N ALA H 497 -149.45 69.78 56.72
CA ALA H 497 -150.80 69.36 56.40
C ALA H 497 -151.85 70.44 56.25
N ALA H 498 -152.89 70.10 55.46
CA ALA H 498 -154.15 70.80 55.31
C ALA H 498 -155.40 69.95 55.19
N ARG H 499 -156.61 70.53 55.25
CA ARG H 499 -157.87 69.83 55.31
C ARG H 499 -158.79 70.38 54.23
N LEU H 500 -159.28 69.46 53.38
CA LEU H 500 -160.05 69.78 52.19
C LEU H 500 -161.50 69.45 52.53
N SER H 501 -162.45 70.36 52.33
CA SER H 501 -163.84 70.28 52.75
C SER H 501 -164.78 70.48 51.57
N TYR H 502 -165.94 69.84 51.49
CA TYR H 502 -166.98 70.15 50.52
C TYR H 502 -167.81 71.37 50.85
N GLN H 503 -168.35 72.12 49.90
CA GLN H 503 -169.39 73.12 50.06
C GLN H 503 -170.48 72.84 49.04
N ASN H 504 -171.67 73.40 49.30
CA ASN H 504 -172.86 73.46 48.47
C ASN H 504 -173.55 72.17 48.05
N ASP H 505 -173.68 71.29 49.04
CA ASP H 505 -174.43 70.05 49.02
C ASP H 505 -174.19 69.17 47.81
N PRO H 506 -172.95 68.92 47.40
CA PRO H 506 -172.66 68.09 46.24
C PRO H 506 -173.13 66.66 46.46
N PRO H 507 -173.56 65.92 45.42
CA PRO H 507 -174.08 64.58 45.56
C PRO H 507 -173.02 63.49 45.68
N PHE H 508 -173.40 62.35 46.29
CA PHE H 508 -172.50 61.22 46.41
C PHE H 508 -171.83 60.75 45.13
N GLY H 509 -170.54 60.41 45.08
CA GLY H 509 -169.83 60.19 43.85
C GLY H 509 -168.33 60.35 44.01
N SER H 510 -167.54 60.46 42.93
CA SER H 510 -166.11 60.61 42.86
C SER H 510 -165.58 61.75 42.01
N TYR H 511 -164.54 62.47 42.43
CA TYR H 511 -164.18 63.81 42.01
C TYR H 511 -162.67 64.02 42.07
N VAL H 512 -162.14 64.93 41.24
CA VAL H 512 -160.74 65.25 41.13
C VAL H 512 -160.58 66.66 41.68
N VAL H 513 -159.47 66.90 42.38
CA VAL H 513 -159.15 68.17 42.98
C VAL H 513 -157.64 68.36 42.78
N PRO H 514 -157.16 69.31 41.97
CA PRO H 514 -155.83 69.89 41.92
C PRO H 514 -155.59 70.82 43.10
N ILE H 515 -154.50 70.50 43.82
CA ILE H 515 -153.83 71.21 44.90
C ILE H 515 -152.52 71.71 44.34
N THR H 516 -152.12 72.90 44.82
CA THR H 516 -150.79 73.44 44.72
C THR H 516 -150.22 73.35 46.13
N VAL H 517 -148.94 73.00 46.28
CA VAL H 517 -148.22 73.10 47.54
C VAL H 517 -146.81 73.64 47.36
N ARG H 518 -146.46 74.63 48.18
CA ARG H 518 -145.12 75.17 48.23
C ARG H 518 -144.48 74.77 49.57
N ASP H 519 -143.15 74.68 49.54
CA ASP H 519 -142.45 74.47 50.80
C ASP H 519 -142.02 75.80 51.43
N ARG H 520 -141.17 75.78 52.46
CA ARG H 520 -140.71 76.91 53.23
C ARG H 520 -139.99 77.99 52.43
N LEU H 521 -139.33 77.75 51.29
CA LEU H 521 -138.62 78.66 50.43
C LEU H 521 -139.35 78.88 49.12
N GLY H 522 -140.52 78.26 48.97
CA GLY H 522 -141.49 78.47 47.91
C GLY H 522 -141.34 77.55 46.72
N MET H 523 -140.61 76.44 46.86
CA MET H 523 -140.54 75.36 45.89
C MET H 523 -141.92 74.79 45.60
N SER H 524 -142.41 74.72 44.37
CA SER H 524 -143.80 74.45 44.10
C SER H 524 -144.07 73.11 43.43
N SER H 525 -145.12 72.38 43.83
CA SER H 525 -145.64 71.12 43.37
C SER H 525 -147.10 71.22 42.99
N VAL H 526 -147.56 70.58 41.91
CA VAL H 526 -148.96 70.35 41.58
C VAL H 526 -149.29 68.86 41.71
N THR H 527 -150.52 68.56 42.13
CA THR H 527 -150.92 67.19 42.40
C THR H 527 -152.44 67.17 42.35
N SER H 528 -152.99 66.13 41.71
CA SER H 528 -154.42 65.99 41.51
C SER H 528 -154.88 64.82 42.36
N LEU H 529 -155.71 65.11 43.36
CA LEU H 529 -156.31 64.23 44.35
C LEU H 529 -157.44 63.39 43.80
N ASP H 530 -157.77 62.28 44.47
CA ASP H 530 -158.96 61.49 44.23
C ASP H 530 -159.81 61.52 45.50
N VAL H 531 -161.02 62.05 45.27
CA VAL H 531 -161.97 62.38 46.31
C VAL H 531 -163.31 61.70 46.05
N THR H 532 -163.57 60.61 46.77
CA THR H 532 -164.91 60.08 46.75
C THR H 532 -165.67 60.67 47.94
N LEU H 533 -166.89 61.16 47.76
CA LEU H 533 -167.79 61.65 48.79
C LEU H 533 -168.94 60.67 49.00
N CYS H 534 -168.96 59.83 50.03
CA CYS H 534 -169.88 58.71 50.11
C CYS H 534 -170.55 58.50 51.46
N ASP H 535 -171.35 57.43 51.56
CA ASP H 535 -172.12 56.95 52.69
C ASP H 535 -171.38 55.75 53.29
N CYS H 536 -171.20 55.78 54.61
CA CYS H 536 -170.23 54.94 55.29
C CYS H 536 -170.66 54.20 56.54
N ILE H 537 -170.02 53.11 56.97
CA ILE H 537 -170.17 52.52 58.28
C ILE H 537 -169.10 52.91 59.29
N THR H 538 -167.85 52.69 58.87
CA THR H 538 -166.61 52.94 59.59
C THR H 538 -166.27 54.40 59.76
N GLU H 539 -166.98 55.31 59.09
CA GLU H 539 -166.66 56.72 58.93
C GLU H 539 -165.33 57.05 58.27
N ASN H 540 -164.68 56.04 57.68
CA ASN H 540 -163.43 55.99 56.96
C ASN H 540 -163.47 55.61 55.49
N ASP H 541 -164.28 54.62 55.11
CA ASP H 541 -164.46 54.00 53.81
C ASP H 541 -165.93 53.66 53.59
N CYS H 542 -166.26 53.57 52.31
CA CYS H 542 -167.65 53.65 51.94
C CYS H 542 -168.37 52.31 52.02
N THR H 543 -169.63 52.32 52.46
CA THR H 543 -170.51 51.18 52.60
C THR H 543 -170.62 50.43 51.27
N HIS H 544 -170.35 49.13 51.44
CA HIS H 544 -170.20 48.24 50.31
C HIS H 544 -171.54 47.59 50.00
N ARG I 1 -39.74 39.68 -126.22
CA ARG I 1 -38.54 39.60 -125.38
C ARG I 1 -38.88 38.80 -124.13
N TRP I 2 -37.99 37.84 -123.84
CA TRP I 2 -38.09 37.18 -122.56
C TRP I 2 -38.04 38.15 -121.40
N ALA I 3 -38.72 37.84 -120.30
CA ALA I 3 -38.93 38.56 -119.07
C ALA I 3 -37.59 38.88 -118.43
N PRO I 4 -37.38 40.05 -117.82
CA PRO I 4 -36.10 40.35 -117.22
C PRO I 4 -35.69 39.45 -116.06
N ILE I 5 -34.39 39.20 -115.95
CA ILE I 5 -33.77 38.43 -114.88
C ILE I 5 -33.82 39.20 -113.57
N PRO I 6 -34.08 38.69 -112.37
CA PRO I 6 -33.97 39.44 -111.14
C PRO I 6 -32.64 39.28 -110.41
N CYS I 7 -32.20 40.19 -109.53
CA CYS I 7 -31.07 40.06 -108.64
C CYS I 7 -31.43 40.26 -107.17
N SER I 8 -30.82 39.59 -106.18
CA SER I 8 -31.22 39.80 -104.81
C SER I 8 -30.00 39.94 -103.91
N MET I 9 -30.09 40.66 -102.80
CA MET I 9 -28.91 40.84 -101.97
C MET I 9 -29.44 41.11 -100.57
N LEU I 10 -28.83 40.55 -99.52
CA LEU I 10 -29.23 40.67 -98.13
C LEU I 10 -28.77 42.00 -97.52
N GLU I 11 -29.48 42.54 -96.53
CA GLU I 11 -28.99 43.75 -95.89
C GLU I 11 -27.82 43.44 -94.96
N ASN I 12 -27.03 44.45 -94.59
CA ASN I 12 -25.82 44.40 -93.80
C ASN I 12 -24.75 43.43 -94.30
N SER I 13 -24.78 42.94 -95.55
CA SER I 13 -23.91 41.89 -96.05
C SER I 13 -22.41 42.07 -95.81
N LEU I 14 -21.69 40.95 -95.80
CA LEU I 14 -20.41 40.85 -95.15
C LEU I 14 -19.21 41.30 -95.97
N GLY I 15 -19.22 41.03 -97.28
CA GLY I 15 -18.16 41.33 -98.23
C GLY I 15 -16.98 40.42 -97.93
N PRO I 16 -15.72 40.88 -97.95
CA PRO I 16 -15.24 42.25 -98.04
C PRO I 16 -15.60 42.91 -99.36
N PHE I 17 -15.87 44.22 -99.29
CA PHE I 17 -16.42 45.04 -100.35
C PHE I 17 -15.33 45.49 -101.32
N PRO I 18 -15.65 45.46 -102.61
CA PRO I 18 -16.96 45.18 -103.15
C PRO I 18 -17.47 43.74 -103.11
N LEU I 19 -18.78 43.58 -102.89
CA LEU I 19 -19.44 42.32 -102.65
C LEU I 19 -20.08 41.85 -103.96
N PHE I 20 -19.69 40.64 -104.35
CA PHE I 20 -20.10 40.03 -105.59
C PHE I 20 -21.57 39.61 -105.54
N LEU I 21 -22.28 39.73 -106.66
CA LEU I 21 -23.69 39.48 -106.82
C LEU I 21 -23.90 38.48 -107.95
N GLN I 22 -23.41 38.74 -109.15
CA GLN I 22 -23.79 37.98 -110.33
C GLN I 22 -22.75 38.14 -111.42
N GLN I 23 -22.80 37.25 -112.41
CA GLN I 23 -22.27 37.49 -113.74
C GLN I 23 -23.43 37.88 -114.65
N VAL I 24 -23.42 39.11 -115.17
CA VAL I 24 -24.49 39.54 -116.05
C VAL I 24 -23.94 39.88 -117.44
N GLN I 25 -23.86 38.94 -118.38
CA GLN I 25 -23.46 39.06 -119.78
C GLN I 25 -24.60 38.79 -120.74
N SER I 26 -24.42 39.24 -121.98
CA SER I 26 -25.30 38.98 -123.10
C SER I 26 -24.98 37.66 -123.80
N ASP I 27 -25.99 36.97 -124.34
CA ASP I 27 -25.74 35.71 -125.03
C ASP I 27 -25.15 35.88 -126.41
N THR I 28 -24.91 37.11 -126.88
CA THR I 28 -24.09 37.47 -128.02
C THR I 28 -22.60 37.62 -127.77
N ALA I 29 -22.08 37.13 -126.64
CA ALA I 29 -20.64 37.05 -126.46
C ALA I 29 -19.91 36.07 -127.36
N GLN I 30 -20.61 35.08 -127.93
CA GLN I 30 -19.98 34.35 -129.01
C GLN I 30 -19.95 35.13 -130.32
N ASN I 31 -20.90 36.02 -130.62
CA ASN I 31 -21.10 36.72 -131.88
C ASN I 31 -20.20 37.95 -131.99
N TYR I 32 -19.91 38.59 -130.86
CA TYR I 32 -19.18 39.83 -130.81
C TYR I 32 -18.17 39.92 -129.67
N THR I 33 -17.24 40.88 -129.69
CA THR I 33 -16.50 41.37 -128.56
C THR I 33 -17.33 42.38 -127.79
N ILE I 34 -17.55 42.08 -126.50
CA ILE I 34 -18.43 42.93 -125.73
C ILE I 34 -17.76 43.51 -124.49
N TYR I 35 -18.05 44.77 -124.19
CA TYR I 35 -17.84 45.35 -122.87
C TYR I 35 -19.14 45.84 -122.24
N TYR I 36 -19.11 45.74 -120.91
CA TYR I 36 -20.30 45.74 -120.09
C TYR I 36 -20.38 46.94 -119.17
N SER I 37 -21.55 47.57 -119.10
CA SER I 37 -21.99 48.72 -118.32
C SER I 37 -23.32 48.59 -117.60
N ILE I 38 -23.45 49.33 -116.49
CA ILE I 38 -24.67 49.55 -115.75
C ILE I 38 -24.99 51.03 -115.79
N ARG I 39 -26.28 51.38 -115.72
CA ARG I 39 -26.66 52.76 -115.48
C ARG I 39 -27.88 52.75 -114.58
N GLY I 40 -28.34 53.93 -114.16
CA GLY I 40 -29.53 54.19 -113.39
C GLY I 40 -29.30 54.80 -112.01
N PRO I 41 -30.36 55.03 -111.23
CA PRO I 41 -30.18 55.29 -109.81
C PRO I 41 -29.52 54.06 -109.18
N GLY I 42 -28.57 54.26 -108.25
CA GLY I 42 -27.69 53.21 -107.76
C GLY I 42 -26.30 53.19 -108.36
N VAL I 43 -26.10 54.00 -109.41
CA VAL I 43 -24.77 54.03 -110.01
C VAL I 43 -24.36 55.41 -110.50
N ASP I 44 -25.20 56.10 -111.29
CA ASP I 44 -24.97 57.37 -111.95
C ASP I 44 -25.97 58.47 -111.66
N GLN I 45 -27.17 58.08 -111.21
CA GLN I 45 -28.10 58.91 -110.47
C GLN I 45 -28.13 58.53 -108.99
N GLU I 46 -28.55 59.45 -108.13
CA GLU I 46 -28.63 59.18 -106.70
C GLU I 46 -29.45 57.97 -106.25
N PRO I 47 -28.91 57.20 -105.30
CA PRO I 47 -27.54 57.26 -104.85
C PRO I 47 -26.55 56.81 -105.91
N ARG I 48 -25.41 57.47 -106.06
CA ARG I 48 -24.34 57.16 -106.99
C ARG I 48 -23.40 56.07 -106.49
N ASN I 49 -22.53 55.57 -107.37
CA ASN I 49 -21.48 54.58 -107.23
C ASN I 49 -21.73 53.40 -106.29
N LEU I 50 -22.96 53.07 -105.89
CA LEU I 50 -23.25 52.03 -104.93
C LEU I 50 -23.07 50.65 -105.54
N PHE I 51 -23.55 50.45 -106.78
CA PHE I 51 -23.26 49.34 -107.65
C PHE I 51 -22.04 49.63 -108.51
N TYR I 52 -21.37 48.56 -108.93
CA TYR I 52 -20.20 48.57 -109.79
C TYR I 52 -20.06 47.32 -110.65
N VAL I 53 -19.32 47.49 -111.76
CA VAL I 53 -19.14 46.37 -112.65
C VAL I 53 -17.73 46.27 -113.24
N GLU I 54 -17.26 45.04 -113.41
CA GLU I 54 -16.04 44.74 -114.14
C GLU I 54 -16.24 44.69 -115.65
N ARG I 55 -15.93 45.71 -116.45
CA ARG I 55 -16.40 45.81 -117.82
C ARG I 55 -15.96 44.75 -118.82
N ASP I 56 -14.95 43.93 -118.50
CA ASP I 56 -14.44 42.94 -119.44
C ASP I 56 -15.12 41.58 -119.35
N THR I 57 -15.87 41.39 -118.26
CA THR I 57 -16.47 40.13 -117.87
C THR I 57 -17.95 40.28 -117.58
N GLY I 58 -18.41 41.42 -117.07
CA GLY I 58 -19.76 41.65 -116.59
C GLY I 58 -20.05 41.09 -115.20
N ASN I 59 -19.14 41.20 -114.23
CA ASN I 59 -19.35 40.91 -112.83
C ASN I 59 -19.98 42.08 -112.09
N LEU I 60 -21.11 41.74 -111.45
CA LEU I 60 -21.80 42.83 -110.79
C LEU I 60 -21.32 42.83 -109.34
N TYR I 61 -21.25 44.06 -108.83
CA TYR I 61 -20.75 44.38 -107.52
C TYR I 61 -21.62 45.39 -106.80
N CYS I 62 -21.65 45.43 -105.46
CA CYS I 62 -22.06 46.48 -104.56
C CYS I 62 -20.78 46.83 -103.80
N THR I 63 -20.70 48.09 -103.34
CA THR I 63 -19.54 48.79 -102.86
C THR I 63 -19.61 49.21 -101.40
N ARG I 64 -20.74 48.99 -100.71
CA ARG I 64 -20.91 49.13 -99.28
C ARG I 64 -22.08 48.24 -98.86
N PRO I 65 -22.34 48.04 -97.57
CA PRO I 65 -23.50 47.36 -97.00
C PRO I 65 -24.69 48.29 -97.10
N VAL I 66 -25.89 47.71 -97.15
CA VAL I 66 -27.09 48.50 -97.29
C VAL I 66 -28.19 47.94 -96.38
N ASP I 67 -29.18 48.78 -96.07
CA ASP I 67 -30.27 48.57 -95.13
C ASP I 67 -31.60 48.24 -95.80
N ARG I 68 -32.33 47.28 -95.23
CA ARG I 68 -33.68 46.93 -95.64
C ARG I 68 -34.69 47.86 -94.97
N GLU I 69 -34.41 48.36 -93.76
CA GLU I 69 -35.20 49.32 -93.00
C GLU I 69 -35.51 50.63 -93.70
N GLN I 70 -35.04 50.88 -94.92
CA GLN I 70 -35.21 52.09 -95.69
C GLN I 70 -35.41 51.83 -97.18
N TYR I 71 -35.29 50.57 -97.62
CA TYR I 71 -35.25 50.24 -99.03
C TYR I 71 -35.79 48.84 -99.24
N GLU I 72 -36.37 48.58 -100.42
CA GLU I 72 -36.80 47.27 -100.90
C GLU I 72 -36.11 46.89 -102.21
N SER I 73 -35.72 47.78 -103.11
CA SER I 73 -34.91 47.63 -104.31
C SER I 73 -34.23 48.87 -104.85
N PHE I 74 -33.15 48.67 -105.61
CA PHE I 74 -32.55 49.63 -106.53
C PHE I 74 -32.79 49.10 -107.93
N GLU I 75 -32.87 49.96 -108.95
CA GLU I 75 -33.47 49.66 -110.24
C GLU I 75 -32.63 50.17 -111.40
N ILE I 76 -31.65 49.35 -111.77
CA ILE I 76 -30.61 49.64 -112.74
C ILE I 76 -31.06 49.16 -114.11
N ILE I 77 -30.38 49.64 -115.16
CA ILE I 77 -30.40 49.29 -116.56
C ILE I 77 -28.99 48.88 -116.92
N ALA I 78 -28.76 47.59 -117.18
CA ALA I 78 -27.50 47.18 -117.78
C ALA I 78 -27.56 46.98 -119.29
N PHE I 79 -26.46 47.41 -119.91
CA PHE I 79 -26.33 47.55 -121.35
C PHE I 79 -24.99 47.11 -121.94
N ALA I 80 -25.00 46.60 -123.18
CA ALA I 80 -23.84 46.00 -123.79
C ALA I 80 -23.43 46.82 -125.01
N THR I 81 -22.11 46.94 -125.19
CA THR I 81 -21.56 47.73 -126.26
C THR I 81 -20.35 47.00 -126.84
N THR I 82 -20.15 47.07 -128.15
CA THR I 82 -18.94 46.47 -128.69
C THR I 82 -17.82 47.49 -128.81
N PRO I 83 -16.55 47.10 -128.91
CA PRO I 83 -15.44 47.99 -129.22
C PRO I 83 -15.56 48.85 -130.47
N ASP I 84 -16.49 48.62 -131.40
CA ASP I 84 -16.83 49.48 -132.52
C ASP I 84 -17.89 50.54 -132.32
N GLY I 85 -18.51 50.62 -131.15
CA GLY I 85 -19.46 51.62 -130.69
C GLY I 85 -20.87 51.25 -131.12
N TYR I 86 -21.16 49.96 -131.30
CA TYR I 86 -22.41 49.33 -131.71
C TYR I 86 -23.09 48.54 -130.60
N THR I 87 -24.42 48.44 -130.67
CA THR I 87 -25.14 47.70 -129.65
C THR I 87 -25.44 46.31 -130.17
N PRO I 88 -25.03 45.22 -129.51
CA PRO I 88 -25.42 43.88 -129.87
C PRO I 88 -26.65 43.31 -129.16
N GLU I 89 -27.00 43.75 -127.95
CA GLU I 89 -28.18 43.22 -127.29
C GLU I 89 -29.05 44.33 -126.71
N LEU I 90 -30.38 44.26 -126.56
CA LEU I 90 -31.22 45.26 -125.94
C LEU I 90 -31.01 45.41 -124.45
N PRO I 91 -31.12 46.64 -123.93
CA PRO I 91 -30.76 46.94 -122.56
C PRO I 91 -31.74 46.34 -121.57
N LEU I 92 -31.22 45.99 -120.39
CA LEU I 92 -31.79 45.12 -119.38
C LEU I 92 -32.17 45.91 -118.13
N PRO I 93 -33.46 46.17 -117.89
CA PRO I 93 -33.86 46.69 -116.59
C PRO I 93 -33.53 45.58 -115.61
N LEU I 94 -32.41 45.67 -114.87
CA LEU I 94 -31.93 44.82 -113.80
C LEU I 94 -32.35 45.48 -112.48
N ILE I 95 -33.33 44.90 -111.80
CA ILE I 95 -33.64 45.29 -110.44
C ILE I 95 -32.77 44.45 -109.50
N ILE I 96 -32.43 44.97 -108.31
CA ILE I 96 -31.78 44.23 -107.26
C ILE I 96 -32.64 44.40 -106.01
N LYS I 97 -33.16 43.29 -105.47
CA LYS I 97 -34.03 43.17 -104.32
C LYS I 97 -33.23 43.21 -103.02
N ILE I 98 -33.73 44.01 -102.07
CA ILE I 98 -33.15 43.92 -100.74
C ILE I 98 -33.95 42.96 -99.87
N GLU I 99 -33.18 42.07 -99.23
CA GLU I 99 -33.67 40.96 -98.44
C GLU I 99 -33.49 41.31 -96.97
N ASP I 100 -34.39 40.80 -96.13
CA ASP I 100 -34.54 41.21 -94.75
C ASP I 100 -33.82 40.30 -93.77
N GLU I 101 -33.09 40.98 -92.88
CA GLU I 101 -32.54 40.36 -91.69
C GLU I 101 -33.41 40.51 -90.45
N ASN I 102 -33.20 39.68 -89.42
CA ASN I 102 -33.72 39.81 -88.09
C ASN I 102 -33.38 41.11 -87.38
N ASP I 103 -32.40 41.86 -87.89
CA ASP I 103 -31.45 42.81 -87.35
C ASP I 103 -32.00 43.90 -86.43
N ASN I 104 -33.30 44.14 -86.42
CA ASN I 104 -33.84 45.02 -85.40
C ASN I 104 -34.10 44.20 -84.13
N TYR I 105 -33.89 44.74 -82.92
CA TYR I 105 -34.22 44.14 -81.65
C TYR I 105 -35.72 44.16 -81.44
N PRO I 106 -36.27 43.32 -80.56
CA PRO I 106 -37.57 43.55 -79.96
C PRO I 106 -37.49 44.54 -78.79
N ILE I 107 -38.64 45.08 -78.39
CA ILE I 107 -38.75 46.04 -77.31
C ILE I 107 -40.10 45.89 -76.63
N PHE I 108 -40.14 45.73 -75.31
CA PHE I 108 -41.29 45.75 -74.43
C PHE I 108 -41.97 47.12 -74.43
N THR I 109 -43.29 47.10 -74.33
CA THR I 109 -43.93 48.39 -74.10
C THR I 109 -43.67 49.07 -72.75
N GLU I 110 -43.38 48.37 -71.65
CA GLU I 110 -42.89 48.90 -70.40
C GLU I 110 -41.55 48.28 -70.03
N GLU I 111 -40.59 49.01 -69.44
CA GLU I 111 -39.40 48.52 -68.81
C GLU I 111 -39.58 47.77 -67.49
N THR I 112 -40.69 48.03 -66.80
CA THR I 112 -41.11 47.53 -65.51
C THR I 112 -42.64 47.57 -65.50
N TYR I 113 -43.31 46.41 -65.60
CA TYR I 113 -44.74 46.27 -65.45
C TYR I 113 -45.11 46.16 -63.98
N THR I 114 -46.39 46.26 -63.63
CA THR I 114 -46.94 45.77 -62.39
C THR I 114 -48.24 45.04 -62.69
N PHE I 115 -48.62 44.01 -61.93
CA PHE I 115 -49.83 43.23 -62.02
C PHE I 115 -50.23 42.98 -60.57
N THR I 116 -51.51 42.73 -60.30
CA THR I 116 -52.19 42.34 -59.08
C THR I 116 -52.86 40.99 -59.35
N ILE I 117 -52.93 40.17 -58.29
CA ILE I 117 -53.71 38.97 -58.12
C ILE I 117 -54.21 38.87 -56.69
N PHE I 118 -55.12 37.93 -56.40
CA PHE I 118 -55.54 37.57 -55.07
C PHE I 118 -54.72 36.49 -54.38
N GLU I 119 -54.80 36.38 -53.05
CA GLU I 119 -54.32 35.26 -52.27
C GLU I 119 -55.12 34.00 -52.53
N ASN I 120 -54.53 32.82 -52.32
CA ASN I 120 -55.28 31.59 -52.41
C ASN I 120 -55.89 31.19 -53.75
N CYS I 121 -55.50 31.97 -54.76
CA CYS I 121 -56.00 31.62 -56.08
C CYS I 121 -55.45 30.27 -56.54
N ARG I 122 -56.15 29.71 -57.54
CA ARG I 122 -55.84 28.41 -58.11
C ARG I 122 -54.74 28.48 -59.15
N VAL I 123 -54.02 27.37 -59.19
CA VAL I 123 -53.02 27.18 -60.23
C VAL I 123 -53.55 27.43 -61.63
N GLY I 124 -52.68 27.90 -62.52
CA GLY I 124 -53.10 28.27 -63.87
C GLY I 124 -53.82 29.61 -63.81
N THR I 125 -53.99 30.29 -62.68
CA THR I 125 -54.55 31.63 -62.67
C THR I 125 -53.65 32.56 -63.46
N THR I 126 -54.26 33.47 -64.22
CA THR I 126 -53.55 34.53 -64.92
C THR I 126 -53.04 35.55 -63.91
N VAL I 127 -51.81 36.01 -64.08
CA VAL I 127 -51.35 37.25 -63.48
C VAL I 127 -51.57 38.40 -64.44
N GLY I 128 -51.16 38.38 -65.72
CA GLY I 128 -51.12 39.48 -66.66
C GLY I 128 -50.48 39.13 -68.00
N GLN I 129 -50.80 39.92 -69.02
CA GLN I 129 -50.13 39.76 -70.29
C GLN I 129 -49.46 41.08 -70.65
N VAL I 130 -48.16 40.90 -70.89
CA VAL I 130 -47.27 41.90 -71.47
C VAL I 130 -47.29 41.86 -73.00
N CYS I 131 -46.99 43.00 -73.62
CA CYS I 131 -46.80 43.10 -75.06
C CYS I 131 -45.52 43.81 -75.47
N ALA I 132 -45.07 43.31 -76.63
CA ALA I 132 -43.85 43.76 -77.28
C ALA I 132 -43.92 43.85 -78.81
N THR I 133 -42.99 44.54 -79.48
CA THR I 133 -42.93 44.69 -80.93
C THR I 133 -41.50 44.56 -81.41
N ASP I 134 -41.33 44.26 -82.70
CA ASP I 134 -40.05 44.31 -83.38
C ASP I 134 -40.23 45.07 -84.69
N LYS I 135 -39.16 45.74 -85.14
CA LYS I 135 -39.25 46.78 -86.15
C LYS I 135 -39.01 46.37 -87.59
N ASP I 136 -38.86 45.05 -87.82
CA ASP I 136 -38.83 44.44 -89.12
C ASP I 136 -40.23 44.15 -89.65
N GLU I 137 -40.42 43.42 -90.75
CA GLU I 137 -41.70 43.29 -91.43
C GLU I 137 -42.64 42.40 -90.63
N PRO I 138 -43.87 42.82 -90.33
CA PRO I 138 -44.77 42.03 -89.51
C PRO I 138 -44.97 40.68 -90.17
N ASP I 139 -45.23 39.71 -89.30
CA ASP I 139 -45.40 38.29 -89.58
C ASP I 139 -44.40 37.60 -90.49
N THR I 140 -43.13 38.04 -90.52
CA THR I 140 -41.93 37.30 -90.86
C THR I 140 -41.17 36.77 -89.66
N MET I 141 -40.15 35.94 -89.90
CA MET I 141 -39.22 35.45 -88.90
C MET I 141 -38.40 36.59 -88.34
N HIS I 142 -38.17 37.73 -89.02
CA HIS I 142 -37.47 38.91 -88.59
C HIS I 142 -38.05 39.55 -87.34
N THR I 143 -39.33 39.24 -87.08
CA THR I 143 -40.26 39.79 -86.12
C THR I 143 -40.95 38.69 -85.31
N ARG I 144 -40.55 37.43 -85.49
CA ARG I 144 -41.25 36.37 -84.80
C ARG I 144 -40.71 36.22 -83.38
N LEU I 145 -41.55 36.26 -82.34
CA LEU I 145 -41.13 36.46 -80.97
C LEU I 145 -41.34 35.31 -80.00
N LYS I 146 -40.44 35.26 -79.02
CA LYS I 146 -40.45 34.22 -78.01
C LYS I 146 -40.16 34.78 -76.62
N TYR I 147 -40.99 34.50 -75.62
CA TYR I 147 -41.02 35.09 -74.29
C TYR I 147 -40.60 34.04 -73.29
N SER I 148 -39.83 34.43 -72.27
CA SER I 148 -39.41 33.57 -71.18
C SER I 148 -39.10 34.33 -69.89
N ILE I 149 -39.42 33.69 -68.76
CA ILE I 149 -38.95 34.16 -67.48
C ILE I 149 -37.45 33.94 -67.32
N ILE I 150 -36.72 34.93 -66.79
CA ILE I 150 -35.34 34.69 -66.41
C ILE I 150 -34.97 34.59 -64.94
N GLY I 151 -35.85 35.03 -64.04
CA GLY I 151 -35.80 34.84 -62.61
C GLY I 151 -36.92 35.49 -61.81
N GLN I 152 -36.82 35.24 -60.50
CA GLN I 152 -37.84 35.47 -59.50
C GLN I 152 -37.31 36.14 -58.25
N VAL I 153 -38.11 36.90 -57.48
CA VAL I 153 -37.79 37.41 -56.17
C VAL I 153 -38.84 36.99 -55.14
N PRO I 154 -38.50 36.08 -54.21
CA PRO I 154 -37.30 35.28 -54.14
C PRO I 154 -37.12 34.37 -55.35
N PRO I 155 -35.95 33.83 -55.66
CA PRO I 155 -35.67 32.80 -56.65
C PRO I 155 -36.54 31.57 -56.44
N SER I 156 -36.78 31.21 -55.17
CA SER I 156 -37.53 30.03 -54.78
C SER I 156 -38.29 30.28 -53.49
N PRO I 157 -39.46 29.67 -53.30
CA PRO I 157 -40.10 28.74 -54.21
C PRO I 157 -40.75 29.32 -55.47
N THR I 158 -40.93 28.47 -56.49
CA THR I 158 -41.58 28.91 -57.71
C THR I 158 -43.06 29.20 -57.59
N LEU I 159 -43.57 30.28 -58.16
CA LEU I 159 -44.95 30.74 -58.08
C LEU I 159 -45.61 31.08 -59.41
N PHE I 160 -44.79 31.43 -60.40
CA PHE I 160 -45.22 31.90 -61.69
C PHE I 160 -44.53 31.29 -62.90
N SER I 161 -45.22 31.28 -64.04
CA SER I 161 -44.77 30.72 -65.31
C SER I 161 -45.18 31.69 -66.40
N MET I 162 -44.68 31.45 -67.61
CA MET I 162 -44.95 32.21 -68.82
C MET I 162 -45.11 31.30 -70.02
N HIS I 163 -46.15 31.48 -70.84
CA HIS I 163 -46.27 30.84 -72.13
C HIS I 163 -45.35 31.42 -73.20
N PRO I 164 -44.54 30.59 -73.86
CA PRO I 164 -43.49 31.11 -74.72
C PRO I 164 -43.99 31.90 -75.92
N THR I 165 -45.06 31.48 -76.60
CA THR I 165 -45.50 32.11 -77.83
C THR I 165 -46.19 33.46 -77.62
N THR I 166 -46.72 33.77 -76.43
CA THR I 166 -47.81 34.68 -76.20
C THR I 166 -47.49 35.76 -75.16
N GLY I 167 -46.59 35.48 -74.22
CA GLY I 167 -46.20 36.38 -73.14
C GLY I 167 -47.10 36.36 -71.91
N VAL I 168 -47.96 35.37 -71.72
CA VAL I 168 -48.97 35.43 -70.67
C VAL I 168 -48.40 34.75 -69.44
N ILE I 169 -48.44 35.49 -68.34
CA ILE I 169 -47.86 34.99 -67.11
C ILE I 169 -48.98 34.42 -66.25
N THR I 170 -48.81 33.21 -65.72
CA THR I 170 -49.81 32.45 -64.98
C THR I 170 -49.14 31.88 -63.74
N THR I 171 -49.94 31.39 -62.80
CA THR I 171 -49.37 30.81 -61.60
C THR I 171 -49.09 29.33 -61.73
N THR I 172 -48.09 28.87 -60.96
CA THR I 172 -47.69 27.48 -60.84
C THR I 172 -48.13 26.76 -59.56
N SER I 173 -48.53 27.56 -58.58
CA SER I 173 -48.83 27.07 -57.25
C SER I 173 -49.84 27.93 -56.51
N SER I 174 -50.71 27.31 -55.71
CA SER I 174 -51.67 28.02 -54.88
C SER I 174 -51.01 28.60 -53.64
N GLN I 175 -49.69 28.59 -53.50
CA GLN I 175 -48.82 29.03 -52.42
C GLN I 175 -48.71 30.55 -52.29
N LEU I 176 -49.80 31.23 -51.95
CA LEU I 176 -49.99 32.66 -52.10
C LEU I 176 -50.91 32.96 -50.93
N ASP I 177 -50.41 33.83 -50.05
CA ASP I 177 -51.04 34.19 -48.79
C ASP I 177 -50.70 35.62 -48.39
N ARG I 178 -51.71 36.48 -48.42
CA ARG I 178 -51.61 37.90 -48.10
C ARG I 178 -51.27 38.04 -46.63
N GLU I 179 -51.66 37.07 -45.79
CA GLU I 179 -51.29 37.06 -44.39
C GLU I 179 -49.91 36.47 -44.17
N LEU I 180 -48.97 36.67 -45.10
CA LEU I 180 -47.56 36.39 -44.93
C LEU I 180 -46.74 37.31 -45.84
N ILE I 181 -46.99 37.36 -47.14
CA ILE I 181 -46.35 38.14 -48.17
C ILE I 181 -47.43 38.79 -49.04
N ASP I 182 -47.34 40.10 -49.25
CA ASP I 182 -48.21 40.98 -50.01
C ASP I 182 -47.65 41.42 -51.35
N LYS I 183 -46.38 41.11 -51.66
CA LYS I 183 -45.72 41.49 -52.90
C LYS I 183 -44.65 40.47 -53.27
N TYR I 184 -44.40 40.35 -54.57
CA TYR I 184 -43.33 39.63 -55.23
C TYR I 184 -42.80 40.43 -56.42
N GLN I 185 -41.67 39.99 -56.96
CA GLN I 185 -41.19 40.46 -58.25
C GLN I 185 -40.72 39.29 -59.09
N LEU I 186 -40.92 39.38 -60.42
CA LEU I 186 -40.48 38.47 -61.46
C LEU I 186 -39.79 39.20 -62.60
N LYS I 187 -38.84 38.51 -63.22
CA LYS I 187 -38.03 39.06 -64.29
C LYS I 187 -38.22 38.22 -65.55
N ILE I 188 -38.32 38.95 -66.67
CA ILE I 188 -38.79 38.49 -67.96
C ILE I 188 -38.02 38.96 -69.18
N LYS I 189 -37.67 38.07 -70.12
CA LYS I 189 -37.07 38.31 -71.41
C LYS I 189 -37.99 38.01 -72.59
N VAL I 190 -37.88 38.76 -73.68
CA VAL I 190 -38.41 38.34 -74.97
C VAL I 190 -37.40 38.52 -76.09
N GLN I 191 -37.52 37.73 -77.16
CA GLN I 191 -36.48 37.75 -78.17
C GLN I 191 -37.07 37.52 -79.56
N ASP I 192 -36.48 37.96 -80.68
CA ASP I 192 -37.05 37.69 -81.99
C ASP I 192 -36.46 36.42 -82.58
N MET I 193 -36.63 36.16 -83.89
CA MET I 193 -36.20 34.91 -84.46
C MET I 193 -36.66 33.63 -83.76
N ASP I 194 -37.84 33.63 -83.14
CA ASP I 194 -38.44 32.58 -82.32
C ASP I 194 -37.57 32.19 -81.13
N GLY I 195 -36.76 33.07 -80.55
CA GLY I 195 -35.87 32.74 -79.45
C GLY I 195 -34.67 31.85 -79.75
N GLN I 196 -34.33 31.57 -81.01
CA GLN I 196 -33.13 30.82 -81.34
C GLN I 196 -31.90 31.69 -81.14
N TYR I 197 -30.73 31.05 -81.18
CA TYR I 197 -29.42 31.56 -80.82
C TYR I 197 -29.06 32.91 -81.42
N PHE I 198 -29.33 33.14 -82.72
CA PHE I 198 -28.97 34.38 -83.36
C PHE I 198 -30.16 35.33 -83.41
N GLY I 199 -31.23 35.00 -82.69
CA GLY I 199 -32.30 35.93 -82.42
C GLY I 199 -31.83 37.08 -81.53
N LEU I 200 -32.40 38.28 -81.59
CA LEU I 200 -32.08 39.37 -80.69
C LEU I 200 -33.04 39.47 -79.52
N GLN I 201 -32.52 39.81 -78.33
CA GLN I 201 -33.20 39.75 -77.05
C GLN I 201 -33.32 41.06 -76.29
N THR I 202 -34.31 41.15 -75.39
CA THR I 202 -34.52 42.25 -74.46
C THR I 202 -35.11 41.76 -73.15
N THR I 203 -35.17 42.59 -72.11
CA THR I 203 -35.63 42.31 -70.77
C THR I 203 -36.60 43.36 -70.24
N SER I 204 -37.59 42.92 -69.45
CA SER I 204 -38.45 43.70 -68.58
C SER I 204 -38.72 43.05 -67.23
N THR I 205 -39.57 43.63 -66.39
CA THR I 205 -39.80 43.31 -65.00
C THR I 205 -41.30 43.23 -64.71
N CYS I 206 -41.72 42.46 -63.69
CA CYS I 206 -43.01 42.70 -63.08
C CYS I 206 -42.95 42.94 -61.58
N ILE I 207 -43.72 43.93 -61.12
CA ILE I 207 -44.15 43.81 -59.74
C ILE I 207 -45.42 42.97 -59.75
N ILE I 208 -45.62 42.06 -58.79
CA ILE I 208 -46.83 41.28 -58.71
C ILE I 208 -47.31 41.43 -57.28
N ASN I 209 -48.35 42.25 -57.10
CA ASN I 209 -49.04 42.51 -55.86
C ASN I 209 -50.07 41.42 -55.57
N ILE I 210 -50.05 40.91 -54.33
CA ILE I 210 -51.15 40.14 -53.77
C ILE I 210 -52.26 40.96 -53.13
N ASP I 211 -53.51 40.50 -53.12
CA ASP I 211 -54.65 41.08 -52.46
C ASP I 211 -55.38 40.06 -51.60
N ASP I 212 -56.24 40.55 -50.70
CA ASP I 212 -56.82 39.83 -49.59
C ASP I 212 -58.05 39.09 -50.09
N VAL I 213 -58.27 37.90 -49.53
CA VAL I 213 -59.43 37.03 -49.49
C VAL I 213 -59.88 36.69 -48.08
N ASN I 214 -61.15 36.39 -47.80
CA ASN I 214 -61.62 36.14 -46.46
C ASN I 214 -61.34 34.67 -46.12
N ASP I 215 -60.25 34.50 -45.36
CA ASP I 215 -59.82 33.21 -44.89
C ASP I 215 -59.55 33.20 -43.38
N HIS I 216 -59.96 34.20 -42.59
CA HIS I 216 -59.96 34.33 -41.15
C HIS I 216 -61.33 34.75 -40.61
N LEU I 217 -61.94 34.08 -39.64
CA LEU I 217 -63.21 34.45 -39.05
C LEU I 217 -63.15 35.46 -37.90
N PRO I 218 -64.18 36.30 -37.80
CA PRO I 218 -64.34 37.22 -36.70
C PRO I 218 -64.78 36.49 -35.44
N THR I 219 -64.16 36.84 -34.32
CA THR I 219 -64.13 36.16 -33.05
C THR I 219 -64.28 37.14 -31.90
N PHE I 220 -64.98 36.82 -30.81
CA PHE I 220 -65.12 37.73 -29.69
C PHE I 220 -63.88 37.71 -28.81
N THR I 221 -64.00 38.51 -27.75
CA THR I 221 -63.10 38.52 -26.62
C THR I 221 -63.40 37.38 -25.67
N ARG I 222 -64.66 37.08 -25.34
CA ARG I 222 -65.11 35.94 -24.57
C ARG I 222 -66.51 35.43 -24.95
N THR I 223 -66.77 34.17 -24.63
CA THR I 223 -67.94 33.45 -25.07
C THR I 223 -69.15 33.66 -24.17
N SER I 224 -68.92 33.87 -22.86
CA SER I 224 -69.99 34.03 -21.90
C SER I 224 -70.12 35.44 -21.33
N TYR I 225 -71.35 35.96 -21.36
CA TYR I 225 -71.65 37.26 -20.82
C TYR I 225 -72.88 37.32 -19.93
N VAL I 226 -72.93 38.27 -19.00
CA VAL I 226 -74.15 38.64 -18.33
C VAL I 226 -74.40 40.14 -18.37
N THR I 227 -75.69 40.52 -18.36
CA THR I 227 -76.04 41.92 -18.30
C THR I 227 -77.47 42.08 -17.82
N SER I 228 -77.93 43.29 -17.47
CA SER I 228 -79.23 43.51 -16.88
C SER I 228 -80.00 44.70 -17.43
N VAL I 229 -81.33 44.72 -17.49
CA VAL I 229 -82.18 45.80 -17.98
C VAL I 229 -83.53 45.69 -17.29
N GLU I 230 -84.14 46.82 -16.93
CA GLU I 230 -85.44 47.03 -16.33
C GLU I 230 -86.58 46.68 -17.28
N GLU I 231 -87.68 46.23 -16.67
CA GLU I 231 -88.95 46.10 -17.33
C GLU I 231 -89.49 47.45 -17.80
N ASN I 232 -90.46 47.42 -18.72
CA ASN I 232 -91.17 48.53 -19.33
C ASN I 232 -90.23 49.48 -20.05
N THR I 233 -89.12 49.01 -20.64
CA THR I 233 -88.02 49.77 -21.19
C THR I 233 -87.52 49.25 -22.54
N VAL I 234 -87.29 50.22 -23.43
CA VAL I 234 -86.92 50.06 -24.83
C VAL I 234 -85.98 51.16 -25.28
N ASP I 235 -85.37 51.09 -26.46
CA ASP I 235 -84.31 51.91 -27.03
C ASP I 235 -83.09 52.09 -26.13
N VAL I 236 -82.79 51.02 -25.40
CA VAL I 236 -81.67 50.88 -24.50
C VAL I 236 -80.72 49.75 -24.87
N GLU I 237 -79.43 50.10 -24.89
CA GLU I 237 -78.36 49.14 -25.05
C GLU I 237 -78.17 48.30 -23.79
N ILE I 238 -78.10 47.00 -24.06
CA ILE I 238 -77.88 45.99 -23.04
C ILE I 238 -76.47 45.40 -23.05
N LEU I 239 -75.85 45.40 -24.23
CA LEU I 239 -74.44 45.05 -24.29
C LEU I 239 -73.76 45.61 -25.52
N ARG I 240 -72.47 45.88 -25.33
CA ARG I 240 -71.60 46.24 -26.42
C ARG I 240 -70.38 45.34 -26.54
N VAL I 241 -70.05 44.78 -27.71
CA VAL I 241 -69.15 43.69 -27.99
C VAL I 241 -68.16 44.02 -29.10
N THR I 242 -66.93 43.51 -29.19
CA THR I 242 -66.08 43.65 -30.35
C THR I 242 -65.46 42.33 -30.79
N VAL I 243 -64.98 42.36 -32.03
CA VAL I 243 -64.39 41.17 -32.61
C VAL I 243 -62.92 41.39 -32.94
N GLU I 244 -62.23 40.27 -33.16
CA GLU I 244 -60.87 40.09 -33.63
C GLU I 244 -60.88 39.20 -34.86
N ASP I 245 -60.13 39.59 -35.89
CA ASP I 245 -60.14 39.02 -37.21
C ASP I 245 -58.84 39.36 -37.93
N LYS I 246 -58.10 38.33 -38.37
CA LYS I 246 -56.78 38.51 -38.95
C LYS I 246 -56.59 38.89 -40.41
N ASP I 247 -57.64 39.20 -41.18
CA ASP I 247 -57.52 39.95 -42.41
C ASP I 247 -57.29 41.44 -42.17
N LEU I 248 -56.99 42.17 -43.25
CA LEU I 248 -56.54 43.54 -43.27
C LEU I 248 -57.60 44.56 -42.86
N VAL I 249 -57.06 45.56 -42.15
CA VAL I 249 -57.85 46.65 -41.59
C VAL I 249 -58.71 47.47 -42.54
N ASN I 250 -59.96 47.68 -42.09
CA ASN I 250 -60.99 48.44 -42.76
C ASN I 250 -61.53 47.86 -44.06
N THR I 251 -61.30 46.57 -44.31
CA THR I 251 -61.70 45.92 -45.53
C THR I 251 -62.90 45.05 -45.19
N ALA I 252 -63.54 44.58 -46.25
CA ALA I 252 -64.70 43.72 -46.09
C ALA I 252 -64.42 42.31 -45.61
N ASN I 253 -63.16 41.89 -45.75
CA ASN I 253 -62.56 40.77 -45.05
C ASN I 253 -62.43 40.82 -43.53
N TRP I 254 -62.27 42.03 -42.98
CA TRP I 254 -62.02 42.37 -41.60
C TRP I 254 -63.33 42.83 -40.98
N ARG I 255 -64.11 43.63 -41.72
CA ARG I 255 -65.33 44.20 -41.19
C ARG I 255 -66.38 43.11 -41.07
N ALA I 256 -67.24 43.21 -40.05
CA ALA I 256 -68.05 42.05 -39.69
C ALA I 256 -69.45 42.41 -39.23
N ASN I 257 -70.35 41.44 -39.39
CA ASN I 257 -71.78 41.60 -39.20
C ASN I 257 -72.27 40.80 -38.01
N TYR I 258 -72.86 41.51 -37.06
CA TYR I 258 -73.42 40.88 -35.87
C TYR I 258 -74.92 40.62 -35.89
N THR I 259 -75.31 39.42 -35.44
CA THR I 259 -76.68 38.93 -35.41
C THR I 259 -77.00 38.23 -34.10
N ILE I 260 -78.28 38.00 -33.82
CA ILE I 260 -78.83 37.13 -32.80
C ILE I 260 -79.36 35.86 -33.47
N LEU I 261 -79.20 34.73 -32.79
CA LEU I 261 -79.47 33.39 -33.30
C LEU I 261 -80.51 32.61 -32.51
N LYS I 262 -80.54 32.80 -31.18
CA LYS I 262 -81.48 32.25 -30.24
C LYS I 262 -81.90 33.15 -29.08
N GLY I 263 -83.10 33.01 -28.53
CA GLY I 263 -83.46 33.84 -27.39
C GLY I 263 -84.31 35.08 -27.61
N ASN I 264 -84.69 35.37 -28.86
CA ASN I 264 -85.58 36.44 -29.28
C ASN I 264 -86.96 35.96 -29.68
N GLU I 265 -87.39 34.75 -29.29
CA GLU I 265 -88.62 34.12 -29.69
C GLU I 265 -89.89 34.95 -29.48
N ASN I 266 -89.73 35.93 -28.58
CA ASN I 266 -90.76 36.88 -28.20
C ASN I 266 -90.56 38.28 -28.78
N GLY I 267 -89.68 38.48 -29.75
CA GLY I 267 -89.54 39.75 -30.44
C GLY I 267 -89.23 40.96 -29.57
N ASN I 268 -88.40 40.76 -28.55
CA ASN I 268 -87.84 41.84 -27.75
C ASN I 268 -86.53 42.46 -28.17
N PHE I 269 -85.67 41.75 -28.91
CA PHE I 269 -84.29 42.17 -29.04
C PHE I 269 -84.02 42.78 -30.42
N LYS I 270 -82.96 43.59 -30.45
CA LYS I 270 -82.31 44.18 -31.60
C LYS I 270 -80.82 44.02 -31.38
N ILE I 271 -80.10 43.93 -32.50
CA ILE I 271 -78.65 43.96 -32.59
C ILE I 271 -78.22 44.78 -33.79
N VAL I 272 -77.15 45.56 -33.64
CA VAL I 272 -76.77 46.68 -34.46
C VAL I 272 -75.26 46.74 -34.63
N THR I 273 -74.78 47.13 -35.82
CA THR I 273 -73.37 47.11 -36.17
C THR I 273 -72.93 48.53 -36.46
N ASP I 274 -71.95 49.07 -35.74
CA ASP I 274 -71.59 50.47 -35.80
C ASP I 274 -70.55 50.66 -36.90
N ALA I 275 -70.78 51.58 -37.84
CA ALA I 275 -69.79 51.89 -38.85
C ALA I 275 -68.41 52.31 -38.36
N LYS I 276 -68.42 53.12 -37.30
CA LYS I 276 -67.24 53.90 -36.96
C LYS I 276 -66.20 53.05 -36.25
N THR I 277 -66.68 51.93 -35.71
CA THR I 277 -65.83 51.02 -35.00
C THR I 277 -65.89 49.55 -35.43
N ASN I 278 -67.01 49.13 -36.02
CA ASN I 278 -67.34 47.72 -36.08
C ASN I 278 -67.63 47.08 -34.72
N GLU I 279 -68.02 47.86 -33.71
CA GLU I 279 -68.57 47.36 -32.46
C GLU I 279 -69.98 46.92 -32.80
N GLY I 280 -70.39 45.89 -32.06
CA GLY I 280 -71.75 45.38 -32.15
C GLY I 280 -72.53 45.61 -30.86
N VAL I 281 -73.78 46.02 -30.97
CA VAL I 281 -74.68 46.69 -30.04
C VAL I 281 -76.03 46.01 -29.87
N LEU I 282 -76.33 45.37 -28.74
CA LEU I 282 -77.58 44.67 -28.52
C LEU I 282 -78.49 45.68 -27.84
N CYS I 283 -79.76 45.69 -28.27
CA CYS I 283 -80.80 46.63 -27.91
C CYS I 283 -82.17 46.00 -27.76
N VAL I 284 -83.14 46.74 -27.21
CA VAL I 284 -84.48 46.34 -26.86
C VAL I 284 -85.45 47.08 -27.78
N VAL I 285 -86.29 46.37 -28.52
CA VAL I 285 -87.40 46.81 -29.34
C VAL I 285 -88.72 46.71 -28.60
N LYS I 286 -88.87 45.87 -27.57
CA LYS I 286 -90.17 45.66 -26.96
C LYS I 286 -89.97 45.40 -25.47
N PRO I 287 -90.75 46.09 -24.63
CA PRO I 287 -90.52 46.00 -23.20
C PRO I 287 -90.54 44.57 -22.71
N LEU I 288 -89.71 44.32 -21.70
CA LEU I 288 -89.76 43.14 -20.86
C LEU I 288 -90.77 43.38 -19.75
N ASN I 289 -91.21 42.35 -19.03
CA ASN I 289 -92.13 42.42 -17.91
C ASN I 289 -91.61 41.43 -16.86
N TYR I 290 -91.40 41.96 -15.66
CA TYR I 290 -90.70 41.18 -14.65
C TYR I 290 -91.59 40.14 -13.97
N GLU I 291 -92.88 40.46 -14.01
CA GLU I 291 -94.01 39.70 -13.51
C GLU I 291 -94.43 38.52 -14.37
N GLU I 292 -93.73 38.30 -15.48
CA GLU I 292 -93.78 37.13 -16.34
C GLU I 292 -92.55 36.25 -16.18
N LYS I 293 -91.39 36.90 -16.30
CA LYS I 293 -90.12 36.19 -16.37
C LYS I 293 -88.96 37.14 -16.12
N GLN I 294 -87.96 36.64 -15.39
CA GLN I 294 -86.99 37.36 -14.58
C GLN I 294 -85.63 37.45 -15.25
N GLN I 295 -85.38 36.60 -16.25
CA GLN I 295 -84.19 36.55 -17.06
C GLN I 295 -84.49 35.92 -18.41
N MET I 296 -83.53 36.06 -19.33
CA MET I 296 -83.57 35.30 -20.57
C MET I 296 -82.20 35.26 -21.22
N ILE I 297 -81.92 34.20 -21.98
CA ILE I 297 -80.61 33.83 -22.47
C ILE I 297 -80.63 33.86 -23.99
N LEU I 298 -79.76 34.63 -24.65
CA LEU I 298 -79.47 34.79 -26.05
C LEU I 298 -78.33 33.90 -26.52
N GLN I 299 -78.29 33.67 -27.84
CA GLN I 299 -77.12 33.31 -28.61
C GLN I 299 -76.86 34.45 -29.60
N ILE I 300 -75.65 34.99 -29.71
CA ILE I 300 -75.23 35.99 -30.68
C ILE I 300 -74.16 35.34 -31.56
N GLY I 301 -74.06 35.80 -32.80
CA GLY I 301 -73.02 35.38 -33.73
C GLY I 301 -72.47 36.47 -34.63
N VAL I 302 -71.29 36.29 -35.23
CA VAL I 302 -70.56 37.26 -36.01
C VAL I 302 -69.76 36.58 -37.12
N VAL I 303 -69.95 37.15 -38.31
CA VAL I 303 -69.57 36.71 -39.65
C VAL I 303 -69.04 37.90 -40.44
N ASN I 304 -68.10 37.81 -41.38
CA ASN I 304 -67.70 38.90 -42.25
C ASN I 304 -68.71 39.31 -43.31
N GLU I 305 -68.39 40.45 -43.92
CA GLU I 305 -69.18 40.93 -45.05
C GLU I 305 -68.90 40.05 -46.25
N ALA I 306 -67.62 39.92 -46.60
CA ALA I 306 -67.04 38.94 -47.50
C ALA I 306 -67.37 37.50 -47.15
N PRO I 307 -68.03 36.70 -47.99
CA PRO I 307 -68.14 35.26 -47.83
C PRO I 307 -66.76 34.63 -47.74
N PHE I 308 -66.73 33.45 -47.11
CA PHE I 308 -65.51 32.81 -46.67
C PHE I 308 -64.77 32.02 -47.74
N SER I 309 -63.55 31.55 -47.46
CA SER I 309 -62.73 30.79 -48.38
C SER I 309 -63.32 29.41 -48.60
N ARG I 310 -63.23 28.79 -49.79
CA ARG I 310 -63.89 27.55 -50.15
C ARG I 310 -65.39 27.40 -49.93
N GLU I 311 -66.13 28.52 -49.87
CA GLU I 311 -67.55 28.67 -49.63
C GLU I 311 -68.06 27.77 -48.52
N ALA I 312 -67.88 28.28 -47.29
CA ALA I 312 -68.24 27.60 -46.06
C ALA I 312 -69.72 27.45 -45.75
N SER I 313 -70.48 28.51 -46.02
CA SER I 313 -71.93 28.44 -45.84
C SER I 313 -72.48 28.82 -44.48
N PRO I 314 -73.69 28.43 -44.08
CA PRO I 314 -74.52 29.16 -43.14
C PRO I 314 -73.95 29.41 -41.75
N ARG I 315 -72.98 28.58 -41.36
CA ARG I 315 -72.44 28.62 -40.02
C ARG I 315 -70.93 28.45 -39.96
N SER I 316 -70.26 27.92 -40.99
CA SER I 316 -68.90 27.45 -41.01
C SER I 316 -67.82 28.50 -41.25
N ALA I 317 -68.10 29.77 -40.94
CA ALA I 317 -67.30 30.97 -41.02
C ALA I 317 -67.84 31.98 -40.02
N MET I 318 -68.17 31.52 -38.81
CA MET I 318 -68.80 32.33 -37.79
C MET I 318 -68.37 31.96 -36.38
N SER I 319 -68.22 32.93 -35.47
CA SER I 319 -68.13 32.69 -34.04
C SER I 319 -69.43 33.03 -33.32
N THR I 320 -69.56 32.48 -32.11
CA THR I 320 -70.78 32.55 -31.34
C THR I 320 -70.55 32.76 -29.85
N ALA I 321 -71.48 33.52 -29.26
CA ALA I 321 -71.42 33.70 -27.83
C ALA I 321 -72.80 33.75 -27.17
N THR I 322 -72.80 33.75 -25.83
CA THR I 322 -74.00 33.60 -25.04
C THR I 322 -74.12 34.63 -23.92
N VAL I 323 -75.14 35.48 -24.07
CA VAL I 323 -75.50 36.55 -23.16
C VAL I 323 -76.78 36.19 -22.42
N THR I 324 -76.60 35.97 -21.12
CA THR I 324 -77.77 36.14 -20.28
C THR I 324 -78.12 37.58 -19.97
N VAL I 325 -79.41 37.87 -19.80
CA VAL I 325 -80.07 39.12 -19.49
C VAL I 325 -80.90 38.89 -18.24
N ASN I 326 -80.57 39.61 -17.17
CA ASN I 326 -81.43 39.72 -16.00
C ASN I 326 -82.43 40.85 -16.20
N VAL I 327 -83.74 40.62 -16.21
CA VAL I 327 -84.80 41.62 -16.20
C VAL I 327 -84.85 42.10 -14.75
N GLU I 328 -84.90 43.39 -14.48
CA GLU I 328 -85.07 44.05 -13.20
C GLU I 328 -86.48 44.56 -12.96
N ASP I 329 -86.91 44.55 -11.70
CA ASP I 329 -88.30 44.83 -11.38
C ASP I 329 -88.51 46.31 -11.06
N GLN I 330 -89.26 47.02 -11.90
CA GLN I 330 -89.77 48.36 -11.64
C GLN I 330 -91.13 48.35 -10.95
N ASP I 331 -91.32 49.29 -10.02
CA ASP I 331 -92.45 49.46 -9.14
C ASP I 331 -93.57 50.01 -10.01
N GLU I 332 -94.66 49.25 -10.15
CA GLU I 332 -95.73 49.70 -11.01
C GLU I 332 -97.04 50.01 -10.29
N GLY I 333 -97.87 50.89 -10.85
CA GLY I 333 -99.14 51.24 -10.25
C GLY I 333 -100.26 50.21 -10.34
N PRO I 334 -101.36 50.33 -9.60
CA PRO I 334 -102.50 49.44 -9.59
C PRO I 334 -103.18 49.28 -10.94
N GLU I 335 -103.19 48.05 -11.46
CA GLU I 335 -103.86 47.58 -12.66
C GLU I 335 -105.33 47.28 -12.44
N CYS I 336 -106.09 47.77 -13.43
CA CYS I 336 -107.52 47.55 -13.43
C CYS I 336 -107.84 46.22 -14.12
N ASN I 337 -107.24 45.18 -13.52
CA ASN I 337 -107.37 43.83 -14.00
C ASN I 337 -107.87 42.82 -12.97
N PRO I 338 -108.91 42.05 -13.24
CA PRO I 338 -109.86 42.01 -14.34
C PRO I 338 -110.56 43.33 -14.59
N PRO I 339 -111.02 43.59 -15.81
CA PRO I 339 -111.72 44.80 -16.20
C PRO I 339 -113.18 44.96 -15.80
N ILE I 340 -113.82 43.83 -15.48
CA ILE I 340 -115.19 43.64 -15.05
C ILE I 340 -115.24 42.85 -13.75
N GLN I 341 -116.03 43.38 -12.82
CA GLN I 341 -116.12 42.81 -11.48
C GLN I 341 -117.49 42.94 -10.83
N THR I 342 -117.99 41.98 -10.04
CA THR I 342 -119.35 41.84 -9.57
C THR I 342 -119.43 41.53 -8.08
N VAL I 343 -120.28 42.31 -7.42
CA VAL I 343 -120.30 42.51 -5.98
C VAL I 343 -121.72 42.37 -5.46
N ARG I 344 -121.95 41.76 -4.30
CA ARG I 344 -123.26 41.48 -3.75
C ARG I 344 -123.92 42.55 -2.87
N MET I 345 -125.22 42.78 -3.05
CA MET I 345 -125.98 43.56 -2.08
C MET I 345 -127.41 43.05 -1.98
N LYS I 346 -128.08 43.32 -0.87
CA LYS I 346 -129.48 43.03 -0.58
C LYS I 346 -130.33 44.23 -1.01
N GLU I 347 -131.53 44.03 -1.53
CA GLU I 347 -132.41 45.09 -1.99
C GLU I 347 -132.80 46.10 -0.92
N ASN I 348 -132.76 45.77 0.37
CA ASN I 348 -133.31 46.52 1.47
C ASN I 348 -132.36 47.52 2.10
N ALA I 349 -131.15 47.62 1.55
CA ALA I 349 -130.12 48.55 1.97
C ALA I 349 -130.53 50.01 2.00
N GLU I 350 -130.12 50.75 3.04
CA GLU I 350 -130.41 52.15 3.24
C GLU I 350 -129.52 53.08 2.45
N VAL I 351 -130.08 54.17 1.93
CA VAL I 351 -129.33 55.20 1.24
C VAL I 351 -128.28 55.77 2.18
N GLY I 352 -127.14 56.13 1.60
CA GLY I 352 -125.91 56.63 2.22
C GLY I 352 -124.95 55.53 2.62
N THR I 353 -125.38 54.27 2.75
CA THR I 353 -124.48 53.19 3.09
C THR I 353 -123.45 52.90 2.00
N THR I 354 -122.46 52.11 2.41
CA THR I 354 -121.35 51.83 1.52
C THR I 354 -121.19 50.32 1.44
N SER I 355 -120.95 49.71 0.28
CA SER I 355 -120.76 48.31 -0.07
C SER I 355 -119.56 48.14 -0.98
N ASN I 356 -119.30 46.87 -1.28
CA ASN I 356 -118.14 46.46 -2.05
C ASN I 356 -118.36 46.96 -3.47
N GLY I 357 -117.30 46.88 -4.27
CA GLY I 357 -117.32 47.36 -5.64
C GLY I 357 -116.18 46.92 -6.53
N TYR I 358 -115.55 47.86 -7.23
CA TYR I 358 -114.46 47.66 -8.18
C TYR I 358 -113.13 47.97 -7.53
N LYS I 359 -112.07 47.27 -7.94
CA LYS I 359 -110.77 47.39 -7.33
C LYS I 359 -109.65 47.15 -8.34
N ALA I 360 -108.55 47.91 -8.22
CA ALA I 360 -107.28 47.74 -8.88
C ALA I 360 -106.17 47.12 -8.03
N TYR I 361 -105.24 46.36 -8.62
CA TYR I 361 -104.23 45.63 -7.88
C TYR I 361 -102.83 45.93 -8.42
N ASP I 362 -101.87 46.13 -7.52
CA ASP I 362 -100.48 46.44 -7.82
C ASP I 362 -99.50 45.31 -8.10
N PRO I 363 -98.64 45.27 -9.11
CA PRO I 363 -97.80 44.14 -9.48
C PRO I 363 -96.80 43.63 -8.45
N GLU I 364 -96.46 44.41 -7.41
CA GLU I 364 -95.50 44.13 -6.36
C GLU I 364 -96.10 43.71 -5.02
N THR I 365 -97.36 44.04 -4.74
CA THR I 365 -97.93 43.99 -3.41
C THR I 365 -99.43 43.79 -3.32
N ARG I 366 -100.13 43.60 -4.45
CA ARG I 366 -101.56 43.66 -4.63
C ARG I 366 -102.34 44.88 -4.18
N SER I 367 -101.61 45.92 -3.77
CA SER I 367 -102.20 47.12 -3.20
C SER I 367 -103.03 47.93 -4.19
N SER I 368 -104.04 48.60 -3.62
CA SER I 368 -105.16 49.17 -4.35
C SER I 368 -105.42 50.62 -3.97
N SER I 369 -104.58 51.25 -3.15
CA SER I 369 -104.81 52.59 -2.67
C SER I 369 -104.19 53.69 -3.52
N GLY I 370 -104.66 54.93 -3.28
CA GLY I 370 -104.31 56.13 -3.99
C GLY I 370 -104.99 56.26 -5.34
N ILE I 371 -106.24 55.79 -5.45
CA ILE I 371 -106.97 55.78 -6.70
C ILE I 371 -108.13 56.75 -6.66
N ARG I 372 -108.48 57.38 -7.79
CA ARG I 372 -109.62 58.23 -8.02
C ARG I 372 -110.69 57.56 -8.88
N TYR I 373 -111.97 57.84 -8.67
CA TYR I 373 -113.06 57.19 -9.38
C TYR I 373 -114.23 58.06 -9.82
N LYS I 374 -114.81 57.77 -10.98
CA LYS I 374 -115.87 58.55 -11.58
C LYS I 374 -116.83 57.64 -12.35
N LYS I 375 -118.14 57.71 -12.04
CA LYS I 375 -119.21 56.99 -12.69
C LYS I 375 -119.40 57.59 -14.08
N LEU I 376 -119.42 56.74 -15.10
CA LEU I 376 -119.77 57.10 -16.45
C LEU I 376 -121.19 56.76 -16.89
N THR I 377 -121.77 55.63 -16.51
CA THR I 377 -123.16 55.35 -16.81
C THR I 377 -123.83 54.68 -15.62
N ASP I 378 -125.16 54.83 -15.58
CA ASP I 378 -126.07 54.49 -14.49
C ASP I 378 -127.43 54.21 -15.10
N PRO I 379 -127.97 52.99 -15.16
CA PRO I 379 -129.25 52.79 -15.81
C PRO I 379 -130.52 53.19 -15.06
N THR I 380 -130.43 53.32 -13.74
CA THR I 380 -131.59 53.24 -12.87
C THR I 380 -131.54 54.33 -11.81
N GLY I 381 -130.36 54.85 -11.49
CA GLY I 381 -130.21 55.93 -10.53
C GLY I 381 -130.35 55.43 -9.10
N TRP I 382 -129.85 54.24 -8.75
CA TRP I 382 -129.75 53.80 -7.38
C TRP I 382 -128.40 53.69 -6.69
N VAL I 383 -127.33 53.58 -7.47
CA VAL I 383 -125.97 53.53 -6.95
C VAL I 383 -125.09 54.60 -7.58
N THR I 384 -124.18 55.03 -6.70
CA THR I 384 -123.01 55.80 -7.05
C THR I 384 -121.67 55.16 -6.67
N ILE I 385 -120.54 55.54 -7.28
CA ILE I 385 -119.25 55.09 -6.84
C ILE I 385 -118.59 56.18 -6.00
N ASP I 386 -118.13 55.89 -4.79
CA ASP I 386 -117.31 56.76 -3.95
C ASP I 386 -116.00 57.14 -4.63
N GLU I 387 -115.73 58.45 -4.64
CA GLU I 387 -114.84 59.07 -5.60
C GLU I 387 -113.37 58.75 -5.35
N ASN I 388 -113.04 58.11 -4.23
CA ASN I 388 -111.69 57.78 -3.81
C ASN I 388 -111.50 56.30 -3.54
N THR I 389 -112.52 55.43 -3.62
CA THR I 389 -112.48 54.09 -3.06
C THR I 389 -113.07 53.00 -3.93
N GLY I 390 -113.64 53.25 -5.11
CA GLY I 390 -114.22 52.23 -5.96
C GLY I 390 -115.42 51.56 -5.30
N SER I 391 -115.90 52.04 -4.15
CA SER I 391 -116.97 51.44 -3.37
C SER I 391 -118.29 51.94 -3.94
N ILE I 392 -119.29 51.06 -3.86
CA ILE I 392 -120.66 51.47 -4.12
C ILE I 392 -121.11 52.18 -2.85
N LYS I 393 -121.59 53.39 -3.11
CA LYS I 393 -122.48 54.16 -2.26
C LYS I 393 -123.93 54.12 -2.74
N VAL I 394 -124.83 53.63 -1.87
CA VAL I 394 -126.23 53.49 -2.18
C VAL I 394 -126.77 54.92 -2.23
N PHE I 395 -127.31 55.34 -3.38
CA PHE I 395 -127.77 56.69 -3.61
C PHE I 395 -129.28 56.85 -3.44
N ARG I 396 -130.09 55.92 -3.95
CA ARG I 396 -131.53 55.90 -3.77
C ARG I 396 -131.99 54.45 -3.66
N SER I 397 -133.10 54.26 -2.96
CA SER I 397 -133.62 52.92 -2.80
C SER I 397 -133.65 52.04 -4.05
N LEU I 398 -133.16 50.82 -3.81
CA LEU I 398 -133.08 49.74 -4.76
C LEU I 398 -134.29 48.82 -4.70
N ASP I 399 -134.54 48.02 -5.74
CA ASP I 399 -135.60 47.02 -5.65
C ASP I 399 -135.38 45.76 -6.46
N ARG I 400 -135.57 44.56 -5.90
CA ARG I 400 -135.56 43.32 -6.63
C ARG I 400 -136.87 42.91 -7.26
N GLU I 401 -137.97 43.66 -7.11
CA GLU I 401 -139.28 43.51 -7.71
C GLU I 401 -139.50 44.43 -8.90
N ALA I 402 -138.42 45.10 -9.33
CA ALA I 402 -138.46 46.10 -10.38
C ALA I 402 -138.03 45.70 -11.79
N GLU I 403 -138.94 45.80 -12.75
CA GLU I 403 -138.73 45.40 -14.13
C GLU I 403 -137.73 46.18 -14.96
N THR I 404 -137.27 47.28 -14.34
CA THR I 404 -136.09 48.04 -14.74
C THR I 404 -134.76 47.31 -14.69
N ILE I 405 -134.70 46.16 -14.02
CA ILE I 405 -133.58 45.24 -14.06
C ILE I 405 -133.97 43.80 -14.37
N LYS I 406 -133.02 42.94 -14.72
CA LYS I 406 -133.30 41.59 -15.17
C LYS I 406 -132.16 40.66 -14.79
N ASN I 407 -132.62 39.41 -14.63
CA ASN I 407 -131.97 38.31 -13.96
C ASN I 407 -131.11 38.65 -12.76
N GLY I 408 -131.62 39.45 -11.82
CA GLY I 408 -131.08 39.87 -10.55
C GLY I 408 -129.96 40.90 -10.56
N ILE I 409 -129.62 41.52 -11.70
CA ILE I 409 -128.35 42.19 -11.93
C ILE I 409 -128.40 43.37 -12.89
N TYR I 410 -127.43 44.28 -12.74
CA TYR I 410 -127.16 45.39 -13.62
C TYR I 410 -125.73 45.89 -13.57
N ASN I 411 -125.13 46.33 -14.69
CA ASN I 411 -123.84 46.99 -14.76
C ASN I 411 -123.77 48.50 -14.94
N ILE I 412 -122.95 49.15 -14.11
CA ILE I 412 -122.45 50.49 -14.36
C ILE I 412 -120.98 50.51 -14.77
N THR I 413 -120.61 51.59 -15.46
CA THR I 413 -119.24 51.84 -15.84
C THR I 413 -118.54 52.92 -15.03
N VAL I 414 -117.27 52.69 -14.70
CA VAL I 414 -116.37 53.51 -13.93
C VAL I 414 -115.05 53.79 -14.63
N LEU I 415 -114.70 55.08 -14.61
CA LEU I 415 -113.38 55.63 -14.90
C LEU I 415 -112.60 55.60 -13.60
N ALA I 416 -111.40 55.02 -13.65
CA ALA I 416 -110.47 55.08 -12.54
C ALA I 416 -109.05 55.51 -12.88
N SER I 417 -108.43 56.34 -12.03
CA SER I 417 -107.13 56.94 -12.25
C SER I 417 -106.14 56.95 -11.09
N ASP I 418 -104.84 56.89 -11.42
CA ASP I 418 -103.59 56.80 -10.72
C ASP I 418 -102.74 58.00 -11.10
N GLN I 419 -102.32 58.83 -10.13
CA GLN I 419 -101.70 60.13 -10.32
C GLN I 419 -100.32 60.17 -10.94
N GLY I 420 -99.86 59.01 -11.39
CA GLY I 420 -98.67 58.82 -12.21
C GLY I 420 -98.83 59.02 -13.71
N GLY I 421 -99.90 59.61 -14.24
CA GLY I 421 -100.06 59.62 -15.68
C GLY I 421 -100.89 58.45 -16.17
N ARG I 422 -101.65 57.69 -15.38
CA ARG I 422 -102.44 56.57 -15.81
C ARG I 422 -103.91 56.54 -15.44
N THR I 423 -104.69 55.85 -16.27
CA THR I 423 -106.14 55.75 -16.26
C THR I 423 -106.62 54.38 -16.73
N CYS I 424 -107.85 54.01 -16.37
CA CYS I 424 -108.55 52.85 -16.90
C CYS I 424 -110.06 53.03 -16.81
N THR I 425 -110.77 52.42 -17.75
CA THR I 425 -112.19 52.14 -17.71
C THR I 425 -112.36 50.79 -17.04
N GLY I 426 -113.45 50.57 -16.30
CA GLY I 426 -113.93 49.42 -15.55
C GLY I 426 -115.44 49.29 -15.57
N THR I 427 -115.87 48.06 -15.23
CA THR I 427 -117.29 47.81 -15.08
C THR I 427 -117.63 47.11 -13.77
N LEU I 428 -118.75 47.51 -13.17
CA LEU I 428 -119.15 47.01 -11.86
C LEU I 428 -120.61 46.56 -11.92
N GLY I 429 -120.88 45.28 -11.70
CA GLY I 429 -122.23 44.76 -11.70
C GLY I 429 -122.64 44.47 -10.26
N ILE I 430 -123.93 44.67 -10.01
CA ILE I 430 -124.44 44.56 -8.66
C ILE I 430 -125.44 43.43 -8.49
N ILE I 431 -124.93 42.34 -7.92
CA ILE I 431 -125.61 41.07 -7.78
C ILE I 431 -126.65 41.37 -6.71
N LEU I 432 -127.87 41.83 -7.04
CA LEU I 432 -128.79 42.26 -6.01
C LEU I 432 -129.73 41.16 -5.56
N GLN I 433 -129.74 40.79 -4.27
CA GLN I 433 -130.45 39.64 -3.74
C GLN I 433 -131.78 39.97 -3.08
N ASP I 434 -132.81 39.20 -3.44
CA ASP I 434 -134.14 39.30 -2.87
C ASP I 434 -134.13 39.18 -1.35
N VAL I 435 -134.93 40.05 -0.73
CA VAL I 435 -135.28 39.99 0.68
C VAL I 435 -136.81 39.98 0.76
N ASN I 436 -137.38 39.28 1.74
CA ASN I 436 -138.81 39.43 1.93
C ASN I 436 -139.22 40.81 2.41
N ASP I 437 -139.91 41.51 1.50
CA ASP I 437 -140.40 42.88 1.60
C ASP I 437 -141.83 43.09 1.14
N ASN I 438 -142.57 42.05 0.74
CA ASN I 438 -143.98 42.07 0.41
C ASN I 438 -144.75 41.00 1.16
N SER I 439 -146.00 41.29 1.53
CA SER I 439 -146.98 40.36 2.05
C SER I 439 -147.76 39.61 0.97
N PRO I 440 -148.38 38.49 1.33
CA PRO I 440 -149.31 37.86 0.42
C PRO I 440 -150.51 38.74 0.11
N PHE I 441 -151.04 38.69 -1.10
CA PHE I 441 -152.27 39.31 -1.57
C PHE I 441 -153.15 38.28 -2.25
N ILE I 442 -154.46 38.54 -2.19
CA ILE I 442 -155.51 37.72 -2.79
C ILE I 442 -156.02 38.42 -4.04
N PRO I 443 -155.63 38.13 -5.27
CA PRO I 443 -156.26 38.70 -6.44
C PRO I 443 -157.78 38.64 -6.62
N LYS I 444 -158.59 37.85 -5.92
CA LYS I 444 -159.96 37.54 -6.26
C LYS I 444 -160.77 37.17 -5.03
N LYS I 445 -161.77 38.01 -4.73
CA LYS I 445 -162.49 38.16 -3.47
C LYS I 445 -164.00 38.05 -3.62
N THR I 446 -164.51 38.05 -4.87
CA THR I 446 -165.92 37.90 -5.12
C THR I 446 -166.25 36.41 -5.09
N VAL I 447 -166.65 36.02 -3.87
CA VAL I 447 -166.99 34.65 -3.55
C VAL I 447 -168.49 34.42 -3.62
N ILE I 448 -168.94 33.31 -4.21
CA ILE I 448 -170.30 32.81 -4.14
C ILE I 448 -170.31 31.38 -3.63
N ILE I 449 -171.35 30.92 -2.94
CA ILE I 449 -171.56 29.58 -2.41
C ILE I 449 -173.00 29.19 -2.67
N CYS I 450 -173.27 28.09 -3.37
CA CYS I 450 -174.57 27.49 -3.66
C CYS I 450 -175.14 26.81 -2.42
N LYS I 451 -175.51 27.58 -1.39
CA LYS I 451 -175.67 27.13 -0.03
C LYS I 451 -176.46 25.85 0.23
N PRO I 452 -177.56 25.55 -0.47
CA PRO I 452 -178.29 24.34 -0.15
C PRO I 452 -177.66 23.03 -0.60
N THR I 453 -176.66 23.09 -1.49
CA THR I 453 -175.89 21.99 -2.04
C THR I 453 -174.41 22.03 -1.68
N MET I 454 -173.86 23.24 -1.61
CA MET I 454 -172.47 23.49 -1.28
C MET I 454 -172.34 24.31 -0.01
N SER I 455 -171.32 23.97 0.78
CA SER I 455 -170.92 24.65 1.99
C SER I 455 -169.77 25.63 1.83
N SER I 456 -168.99 25.55 0.77
CA SER I 456 -167.55 25.80 0.75
C SER I 456 -167.08 26.46 -0.53
N ALA I 457 -166.04 27.29 -0.41
CA ALA I 457 -165.37 27.84 -1.56
C ALA I 457 -163.91 28.15 -1.27
N GLU I 458 -163.04 28.14 -2.29
CA GLU I 458 -161.59 28.23 -2.21
C GLU I 458 -161.08 29.54 -2.79
N ILE I 459 -159.94 29.94 -2.20
CA ILE I 459 -159.33 31.23 -2.42
C ILE I 459 -157.83 31.07 -2.33
N VAL I 460 -157.16 31.96 -3.06
CA VAL I 460 -155.87 31.79 -3.69
C VAL I 460 -155.01 33.05 -3.74
N ALA I 461 -153.74 33.00 -3.34
CA ALA I 461 -152.83 34.09 -3.06
C ALA I 461 -151.54 34.14 -3.88
N VAL I 462 -151.03 35.36 -4.06
CA VAL I 462 -149.81 35.69 -4.76
C VAL I 462 -149.00 36.62 -3.87
N ASP I 463 -147.67 36.68 -4.02
CA ASP I 463 -146.78 37.51 -3.22
C ASP I 463 -145.67 37.96 -4.15
N PRO I 464 -145.34 39.25 -4.30
CA PRO I 464 -144.33 39.71 -5.24
C PRO I 464 -142.94 39.14 -5.03
N ASP I 465 -142.57 38.62 -3.87
CA ASP I 465 -141.28 37.97 -3.73
C ASP I 465 -141.22 36.64 -4.46
N GLU I 466 -140.01 36.06 -4.47
CA GLU I 466 -139.74 34.73 -4.97
C GLU I 466 -140.45 33.65 -4.16
N PRO I 467 -140.70 32.43 -4.65
CA PRO I 467 -141.30 31.39 -3.83
C PRO I 467 -140.70 31.20 -2.45
N ILE I 468 -139.40 31.48 -2.32
CA ILE I 468 -138.61 31.32 -1.12
C ILE I 468 -138.83 32.45 -0.12
N HIS I 469 -139.72 33.39 -0.45
CA HIS I 469 -140.16 34.57 0.28
C HIS I 469 -141.66 34.79 0.22
N GLY I 470 -142.49 33.77 -0.03
CA GLY I 470 -143.92 33.83 -0.19
C GLY I 470 -144.52 32.45 0.08
N PRO I 471 -145.06 31.73 -0.90
CA PRO I 471 -145.71 30.46 -0.62
C PRO I 471 -144.76 29.48 0.04
N PRO I 472 -145.07 28.71 1.08
CA PRO I 472 -146.42 28.47 1.56
C PRO I 472 -147.08 29.56 2.41
N PHE I 473 -148.19 30.10 1.91
CA PHE I 473 -148.95 31.03 2.72
C PHE I 473 -149.62 30.26 3.85
N ASP I 474 -149.74 31.02 4.94
CA ASP I 474 -150.71 30.75 5.97
C ASP I 474 -151.95 31.62 5.92
N PHE I 475 -153.12 31.02 6.14
CA PHE I 475 -154.39 31.69 5.94
C PHE I 475 -155.15 31.71 7.27
N SER I 476 -155.71 32.82 7.76
CA SER I 476 -156.34 32.91 9.07
C SER I 476 -157.50 33.89 9.16
N LEU I 477 -158.60 33.44 9.75
CA LEU I 477 -159.60 34.35 10.26
C LEU I 477 -159.17 35.19 11.46
N GLU I 478 -157.92 35.63 11.64
CA GLU I 478 -157.42 36.28 12.82
C GLU I 478 -157.78 37.76 12.81
N SER I 479 -158.07 38.32 11.64
CA SER I 479 -158.61 39.66 11.52
C SER I 479 -160.14 39.62 11.46
N SER I 480 -160.81 38.45 11.46
CA SER I 480 -162.23 38.34 11.69
C SER I 480 -162.61 38.54 13.15
N THR I 481 -163.79 39.13 13.38
CA THR I 481 -164.41 39.35 14.67
C THR I 481 -165.03 38.07 15.21
N SER I 482 -165.42 38.09 16.49
CA SER I 482 -166.24 37.13 17.19
C SER I 482 -167.48 36.70 16.42
N GLU I 483 -168.36 37.61 15.98
CA GLU I 483 -169.47 37.32 15.09
C GLU I 483 -169.16 36.80 13.69
N VAL I 484 -167.95 37.07 13.18
CA VAL I 484 -167.47 36.51 11.93
C VAL I 484 -166.91 35.11 12.11
N GLN I 485 -166.19 34.84 13.21
CA GLN I 485 -165.63 33.54 13.54
C GLN I 485 -166.67 32.53 14.02
N ARG I 486 -167.86 32.99 14.42
CA ARG I 486 -169.01 32.17 14.73
C ARG I 486 -169.52 31.51 13.45
N MET I 487 -169.51 32.22 12.32
CA MET I 487 -170.20 31.86 11.10
C MET I 487 -169.30 31.14 10.11
N TRP I 488 -167.98 31.19 10.29
CA TRP I 488 -166.99 30.75 9.34
C TRP I 488 -165.90 29.86 9.94
N ARG I 489 -165.39 28.97 9.08
CA ARG I 489 -164.26 28.13 9.42
C ARG I 489 -163.32 28.09 8.23
N LEU I 490 -162.06 27.76 8.54
CA LEU I 490 -160.98 27.88 7.58
C LEU I 490 -159.89 26.83 7.68
N LYS I 491 -159.30 26.37 6.57
CA LYS I 491 -158.15 25.51 6.51
C LYS I 491 -157.38 25.71 5.22
N ALA I 492 -156.05 25.74 5.38
CA ALA I 492 -155.17 25.69 4.23
C ALA I 492 -155.03 24.31 3.62
N ILE I 493 -155.27 24.12 2.32
CA ILE I 493 -155.13 22.83 1.68
C ILE I 493 -153.95 22.66 0.74
N ASN I 494 -153.29 23.77 0.37
CA ASN I 494 -152.01 23.74 -0.32
C ASN I 494 -151.26 25.04 -0.07
N ASP I 495 -150.08 25.20 -0.69
CA ASP I 495 -149.24 26.33 -0.42
C ASP I 495 -149.74 27.67 -0.96
N THR I 496 -150.47 27.70 -2.08
CA THR I 496 -151.06 28.88 -2.67
C THR I 496 -152.48 29.09 -2.17
N ALA I 497 -153.30 28.18 -1.66
CA ALA I 497 -154.72 28.30 -1.41
C ALA I 497 -155.35 27.64 -0.20
N ALA I 498 -156.55 28.00 0.23
CA ALA I 498 -157.33 27.52 1.36
C ALA I 498 -158.78 27.24 1.00
N ARG I 499 -159.57 26.55 1.82
CA ARG I 499 -160.99 26.32 1.78
C ARG I 499 -161.64 27.09 2.92
N LEU I 500 -162.64 27.93 2.63
CA LEU I 500 -163.49 28.67 3.54
C LEU I 500 -164.84 27.98 3.45
N SER I 501 -165.50 27.78 4.58
CA SER I 501 -166.75 27.07 4.78
C SER I 501 -167.66 27.71 5.81
N TYR I 502 -168.96 27.77 5.51
CA TYR I 502 -169.88 28.26 6.51
C TYR I 502 -170.13 27.29 7.66
N GLN I 503 -170.59 27.89 8.76
CA GLN I 503 -171.09 27.19 9.92
C GLN I 503 -172.20 27.96 10.61
N ASN I 504 -172.88 27.31 11.57
CA ASN I 504 -173.95 27.78 12.41
C ASN I 504 -175.11 28.42 11.64
N ASP I 505 -175.69 27.62 10.75
CA ASP I 505 -176.94 27.88 10.07
C ASP I 505 -177.22 29.33 9.69
N PRO I 506 -176.45 29.98 8.80
CA PRO I 506 -176.62 31.34 8.35
C PRO I 506 -177.85 31.52 7.47
N PRO I 507 -178.49 32.68 7.41
CA PRO I 507 -179.35 33.01 6.28
C PRO I 507 -178.70 32.91 4.91
N PHE I 508 -179.56 33.21 3.93
CA PHE I 508 -179.28 33.67 2.58
C PHE I 508 -179.00 35.17 2.57
N GLY I 509 -178.13 35.57 1.64
CA GLY I 509 -177.69 36.95 1.57
C GLY I 509 -176.23 37.24 1.24
N SER I 510 -175.96 38.56 1.19
CA SER I 510 -174.67 39.20 1.03
C SER I 510 -173.98 39.52 2.35
N TYR I 511 -172.71 39.09 2.39
CA TYR I 511 -171.88 38.86 3.54
C TYR I 511 -170.44 39.29 3.34
N VAL I 512 -169.70 39.56 4.41
CA VAL I 512 -168.32 40.03 4.44
C VAL I 512 -167.52 39.11 5.33
N VAL I 513 -166.25 38.78 5.08
CA VAL I 513 -165.31 38.00 5.87
C VAL I 513 -163.90 38.57 5.68
N PRO I 514 -163.38 39.24 6.70
CA PRO I 514 -161.95 39.47 6.79
C PRO I 514 -161.05 38.25 6.89
N ILE I 515 -160.06 38.29 5.98
CA ILE I 515 -159.09 37.22 5.83
C ILE I 515 -157.68 37.79 5.90
N THR I 516 -156.89 37.39 6.88
CA THR I 516 -155.44 37.49 6.98
C THR I 516 -154.73 36.41 6.18
N VAL I 517 -153.68 36.86 5.50
CA VAL I 517 -152.62 36.06 4.90
C VAL I 517 -151.24 36.48 5.39
N ARG I 518 -150.38 35.47 5.57
CA ARG I 518 -149.03 35.76 5.99
C ARG I 518 -148.05 34.79 5.34
N ASP I 519 -146.92 35.29 4.83
CA ASP I 519 -145.96 34.48 4.09
C ASP I 519 -145.13 33.64 5.04
N ARG I 520 -144.34 32.69 4.54
CA ARG I 520 -143.38 31.80 5.16
C ARG I 520 -142.40 32.43 6.14
N LEU I 521 -142.03 33.71 6.00
CA LEU I 521 -141.20 34.47 6.91
C LEU I 521 -141.93 35.63 7.56
N GLY I 522 -143.25 35.50 7.71
CA GLY I 522 -144.11 36.19 8.64
C GLY I 522 -144.58 37.58 8.25
N MET I 523 -144.60 37.90 6.95
CA MET I 523 -145.11 39.16 6.45
C MET I 523 -146.58 39.03 6.05
N SER I 524 -147.41 39.86 6.71
CA SER I 524 -148.85 39.69 6.64
C SER I 524 -149.62 40.80 5.95
N SER I 525 -150.82 40.55 5.42
CA SER I 525 -151.80 41.48 4.91
C SER I 525 -153.22 41.18 5.38
N VAL I 526 -154.07 42.18 5.19
CA VAL I 526 -155.40 42.30 5.74
C VAL I 526 -156.39 42.78 4.70
N THR I 527 -157.52 42.07 4.51
CA THR I 527 -158.44 42.26 3.41
C THR I 527 -159.81 41.70 3.78
N SER I 528 -160.86 42.02 3.04
CA SER I 528 -162.16 41.42 3.24
C SER I 528 -162.85 40.88 1.99
N LEU I 529 -163.43 39.68 2.09
CA LEU I 529 -164.08 39.00 1.00
C LEU I 529 -165.49 39.57 0.83
N ASP I 530 -166.13 39.54 -0.35
CA ASP I 530 -167.50 39.86 -0.69
C ASP I 530 -168.15 38.53 -1.07
N VAL I 531 -169.04 38.04 -0.20
CA VAL I 531 -169.58 36.69 -0.23
C VAL I 531 -171.10 36.71 -0.34
N THR I 532 -171.63 36.10 -1.39
CA THR I 532 -173.05 35.86 -1.66
C THR I 532 -173.41 34.42 -1.32
N LEU I 533 -174.52 34.13 -0.65
CA LEU I 533 -175.13 32.84 -0.41
C LEU I 533 -176.50 32.72 -1.08
N CYS I 534 -176.63 31.77 -2.00
CA CYS I 534 -177.81 31.56 -2.82
C CYS I 534 -178.18 30.10 -3.08
N ASP I 535 -179.41 29.91 -3.56
CA ASP I 535 -179.92 28.76 -4.27
C ASP I 535 -179.47 28.63 -5.72
N CYS I 536 -179.10 27.46 -6.24
CA CYS I 536 -178.66 27.15 -7.60
C CYS I 536 -179.37 25.90 -8.07
N ILE I 537 -180.01 26.02 -9.23
CA ILE I 537 -180.95 25.06 -9.79
C ILE I 537 -180.18 23.87 -10.36
N THR I 538 -179.16 24.11 -11.18
CA THR I 538 -178.18 23.09 -11.50
C THR I 538 -176.95 22.96 -10.60
N GLU I 539 -176.90 23.61 -9.43
CA GLU I 539 -175.89 23.45 -8.40
C GLU I 539 -174.53 24.06 -8.70
N ASN I 540 -174.50 24.87 -9.76
CA ASN I 540 -173.32 25.59 -10.19
C ASN I 540 -173.34 27.09 -9.97
N ASP I 541 -174.48 27.77 -10.13
CA ASP I 541 -174.67 29.21 -10.04
C ASP I 541 -176.06 29.68 -9.67
N CYS I 542 -176.04 30.93 -9.20
CA CYS I 542 -177.20 31.66 -8.73
C CYS I 542 -178.08 31.96 -9.94
N THR I 543 -177.54 32.08 -11.15
CA THR I 543 -178.22 32.58 -12.32
C THR I 543 -178.82 31.50 -13.21
N HIS I 544 -179.96 31.86 -13.80
CA HIS I 544 -180.79 30.96 -14.58
C HIS I 544 -181.67 31.66 -15.60
N ARG J 1 0.99 -10.63 4.97
CA ARG J 1 1.87 -9.53 4.51
C ARG J 1 1.20 -8.82 3.34
N TRP J 2 1.53 -7.53 3.17
CA TRP J 2 1.21 -6.80 1.95
C TRP J 2 2.39 -5.98 1.46
N ALA J 3 2.16 -5.34 0.31
CA ALA J 3 3.27 -4.74 -0.40
C ALA J 3 2.83 -3.43 -1.05
N PRO J 4 3.74 -2.57 -1.48
CA PRO J 4 3.43 -1.23 -1.94
C PRO J 4 2.54 -1.12 -3.17
N ILE J 5 2.03 0.06 -3.50
CA ILE J 5 1.13 0.30 -4.62
C ILE J 5 1.80 -0.09 -5.93
N PRO J 6 1.17 -0.98 -6.70
CA PRO J 6 1.81 -1.66 -7.81
C PRO J 6 1.88 -0.92 -9.14
N CYS J 7 2.57 -1.50 -10.12
CA CYS J 7 2.69 -1.08 -11.50
C CYS J 7 2.50 -2.31 -12.40
N SER J 8 1.97 -1.93 -13.56
CA SER J 8 1.37 -2.93 -14.42
C SER J 8 2.28 -3.31 -15.58
N MET J 9 2.17 -4.55 -16.04
CA MET J 9 2.43 -4.88 -17.43
C MET J 9 1.34 -5.82 -17.91
N LEU J 10 0.83 -5.64 -19.13
CA LEU J 10 -0.14 -6.55 -19.71
C LEU J 10 0.53 -7.91 -19.78
N GLU J 11 -0.21 -9.01 -19.91
CA GLU J 11 0.28 -10.24 -20.52
C GLU J 11 0.44 -10.12 -22.03
N ASN J 12 1.04 -11.16 -22.62
CA ASN J 12 1.22 -11.26 -24.06
C ASN J 12 1.73 -10.02 -24.76
N SER J 13 2.68 -9.30 -24.16
CA SER J 13 3.02 -7.98 -24.65
C SER J 13 3.88 -8.07 -25.90
N LEU J 14 3.94 -7.04 -26.73
CA LEU J 14 4.60 -7.06 -28.02
C LEU J 14 5.85 -6.19 -28.10
N GLY J 15 6.23 -5.59 -26.97
CA GLY J 15 7.37 -4.72 -26.75
C GLY J 15 7.27 -3.33 -27.39
N PRO J 16 8.39 -2.74 -27.82
CA PRO J 16 9.72 -3.31 -27.83
C PRO J 16 10.28 -3.59 -26.44
N PHE J 17 10.81 -4.79 -26.17
CA PHE J 17 11.48 -5.03 -24.91
C PHE J 17 12.90 -4.46 -24.89
N PRO J 18 13.34 -4.02 -23.71
CA PRO J 18 12.69 -4.01 -22.41
C PRO J 18 11.51 -3.06 -22.33
N LEU J 19 10.36 -3.55 -21.88
CA LEU J 19 9.22 -2.80 -21.40
C LEU J 19 9.48 -2.27 -20.00
N PHE J 20 9.20 -0.98 -19.80
CA PHE J 20 9.32 -0.29 -18.54
C PHE J 20 8.07 -0.42 -17.69
N LEU J 21 8.35 -0.27 -16.39
CA LEU J 21 7.40 -0.62 -15.35
C LEU J 21 7.26 0.43 -14.27
N GLN J 22 8.32 0.95 -13.64
CA GLN J 22 8.31 1.90 -12.54
C GLN J 22 9.71 2.37 -12.22
N GLN J 23 9.82 3.45 -11.44
CA GLN J 23 10.93 3.93 -10.63
C GLN J 23 10.68 4.19 -9.16
N VAL J 24 11.04 3.27 -8.27
CA VAL J 24 11.02 3.34 -6.81
C VAL J 24 12.47 3.55 -6.38
N GLN J 25 12.81 4.56 -5.58
CA GLN J 25 14.14 4.99 -5.18
C GLN J 25 14.11 5.16 -3.67
N SER J 26 15.23 5.50 -3.03
CA SER J 26 15.43 5.72 -1.61
C SER J 26 15.42 7.20 -1.23
N ASP J 27 14.70 7.68 -0.20
CA ASP J 27 14.31 9.02 0.17
C ASP J 27 15.45 9.86 0.73
N THR J 28 16.73 9.54 0.52
CA THR J 28 17.84 10.38 0.92
C THR J 28 19.00 10.43 -0.06
N ALA J 29 18.76 10.31 -1.37
CA ALA J 29 19.68 10.15 -2.48
C ALA J 29 20.83 11.12 -2.58
N GLN J 30 20.65 12.28 -1.93
CA GLN J 30 21.57 13.39 -1.89
C GLN J 30 22.75 13.20 -0.95
N ASN J 31 22.69 12.25 -0.02
CA ASN J 31 23.72 12.05 0.97
C ASN J 31 24.94 11.27 0.50
N TYR J 32 24.66 10.13 -0.14
CA TYR J 32 25.59 9.26 -0.83
C TYR J 32 25.14 8.99 -2.26
N THR J 33 26.07 8.61 -3.13
CA THR J 33 25.78 7.90 -4.36
C THR J 33 25.21 6.53 -4.01
N ILE J 34 24.04 6.19 -4.56
CA ILE J 34 23.35 4.93 -4.44
C ILE J 34 23.49 4.14 -5.74
N TYR J 35 23.56 2.82 -5.56
CA TYR J 35 23.28 1.84 -6.58
C TYR J 35 22.07 0.97 -6.27
N TYR J 36 21.22 0.80 -7.29
CA TYR J 36 19.89 0.29 -7.01
C TYR J 36 19.77 -1.08 -7.65
N SER J 37 19.31 -2.13 -6.97
CA SER J 37 19.25 -3.50 -7.46
C SER J 37 17.98 -4.16 -6.97
N ILE J 38 17.75 -5.37 -7.47
CA ILE J 38 16.57 -6.22 -7.34
C ILE J 38 17.00 -7.68 -7.25
N ARG J 39 16.21 -8.52 -6.58
CA ARG J 39 16.35 -9.93 -6.31
C ARG J 39 15.02 -10.62 -6.10
N GLY J 40 15.00 -11.95 -6.27
CA GLY J 40 13.85 -12.80 -6.08
C GLY J 40 13.47 -13.53 -7.35
N PRO J 41 12.43 -14.37 -7.39
CA PRO J 41 11.86 -14.95 -8.60
C PRO J 41 11.75 -13.93 -9.73
N GLY J 42 11.98 -14.31 -10.99
CA GLY J 42 11.88 -13.31 -12.03
C GLY J 42 13.25 -12.68 -12.27
N VAL J 43 14.22 -12.75 -11.37
CA VAL J 43 15.58 -12.27 -11.51
C VAL J 43 16.61 -13.33 -11.16
N ASP J 44 16.61 -13.87 -9.94
CA ASP J 44 17.62 -14.78 -9.42
C ASP J 44 17.02 -15.97 -8.70
N GLN J 45 15.70 -16.19 -8.64
CA GLN J 45 15.11 -17.50 -8.70
C GLN J 45 14.36 -17.55 -10.03
N GLU J 46 13.67 -18.63 -10.39
CA GLU J 46 13.01 -18.91 -11.66
C GLU J 46 11.65 -18.26 -11.87
N PRO J 47 11.40 -17.67 -13.04
CA PRO J 47 12.23 -17.63 -14.22
C PRO J 47 13.25 -16.49 -14.10
N ARG J 48 14.49 -16.86 -14.44
CA ARG J 48 15.64 -15.97 -14.33
C ARG J 48 15.79 -14.98 -15.48
N ASN J 49 15.91 -13.72 -15.03
CA ASN J 49 16.08 -12.57 -15.88
C ASN J 49 14.85 -12.23 -16.73
N LEU J 50 13.68 -12.54 -16.17
CA LEU J 50 12.44 -11.90 -16.57
C LEU J 50 12.49 -10.40 -16.33
N PHE J 51 12.91 -9.99 -15.13
CA PHE J 51 13.09 -8.63 -14.64
C PHE J 51 14.52 -8.14 -14.72
N TYR J 52 14.67 -6.81 -14.81
CA TYR J 52 15.83 -5.98 -14.57
C TYR J 52 15.56 -4.61 -13.97
N VAL J 53 16.58 -3.90 -13.49
CA VAL J 53 16.50 -2.52 -13.07
C VAL J 53 17.66 -1.68 -13.57
N GLU J 54 17.55 -0.40 -13.93
CA GLU J 54 18.70 0.47 -14.13
C GLU J 54 19.55 0.47 -12.88
N ARG J 55 20.80 0.02 -12.97
CA ARG J 55 21.54 -0.04 -11.73
C ARG J 55 21.86 1.30 -11.09
N ASP J 56 21.99 2.34 -11.92
CA ASP J 56 22.30 3.70 -11.50
C ASP J 56 21.03 4.44 -11.14
N THR J 57 19.83 4.16 -11.66
CA THR J 57 18.73 5.09 -11.47
C THR J 57 17.43 4.45 -11.01
N GLY J 58 17.34 3.12 -10.92
CA GLY J 58 16.26 2.37 -10.30
C GLY J 58 14.99 2.23 -11.13
N ASN J 59 15.09 2.53 -12.42
CA ASN J 59 13.98 2.36 -13.34
C ASN J 59 13.92 0.87 -13.65
N LEU J 60 12.74 0.26 -13.47
CA LEU J 60 12.55 -1.17 -13.57
C LEU J 60 12.01 -1.62 -14.92
N TYR J 61 12.34 -2.79 -15.44
CA TYR J 61 11.89 -3.28 -16.73
C TYR J 61 11.79 -4.80 -16.79
N CYS J 62 11.16 -5.35 -17.82
CA CYS J 62 11.11 -6.79 -18.02
C CYS J 62 11.43 -7.09 -19.48
N THR J 63 11.86 -8.34 -19.73
CA THR J 63 12.67 -8.74 -20.86
C THR J 63 11.95 -9.47 -21.99
N ARG J 64 10.71 -9.87 -21.76
CA ARG J 64 9.94 -10.82 -22.54
C ARG J 64 8.47 -10.87 -22.17
N PRO J 65 7.53 -11.31 -23.01
CA PRO J 65 6.12 -11.43 -22.70
C PRO J 65 5.91 -12.49 -21.64
N VAL J 66 4.83 -12.34 -20.87
CA VAL J 66 4.39 -13.18 -19.78
C VAL J 66 2.94 -13.61 -19.97
N ASP J 67 2.54 -14.64 -19.22
CA ASP J 67 1.20 -15.19 -19.16
C ASP J 67 0.56 -14.82 -17.83
N ARG J 68 -0.76 -14.71 -17.75
CA ARG J 68 -1.44 -14.40 -16.51
C ARG J 68 -2.11 -15.62 -15.87
N GLU J 69 -2.21 -16.73 -16.61
CA GLU J 69 -3.00 -17.88 -16.22
C GLU J 69 -2.63 -18.51 -14.89
N GLN J 70 -1.40 -18.35 -14.41
CA GLN J 70 -0.96 -18.91 -13.15
C GLN J 70 -0.60 -17.81 -12.17
N TYR J 71 -0.66 -16.55 -12.59
CA TYR J 71 -0.46 -15.39 -11.74
C TYR J 71 -0.82 -14.00 -12.26
N GLU J 72 -1.54 -13.27 -11.40
CA GLU J 72 -2.05 -11.92 -11.57
C GLU J 72 -1.06 -10.89 -11.06
N SER J 73 -0.06 -11.32 -10.29
CA SER J 73 1.00 -10.47 -9.77
C SER J 73 2.36 -11.14 -9.72
N PHE J 74 3.48 -10.41 -9.66
CA PHE J 74 4.85 -10.83 -9.50
C PHE J 74 5.41 -10.09 -8.29
N GLU J 75 6.35 -10.65 -7.53
CA GLU J 75 6.96 -10.15 -6.32
C GLU J 75 8.48 -10.27 -6.30
N ILE J 76 9.18 -9.20 -5.92
CA ILE J 76 10.63 -9.11 -5.84
C ILE J 76 11.04 -8.10 -4.78
N ILE J 77 12.23 -8.29 -4.20
CA ILE J 77 12.90 -7.43 -3.25
C ILE J 77 13.77 -6.39 -3.94
N ALA J 78 13.60 -5.07 -3.80
CA ALA J 78 14.54 -4.04 -4.19
C ALA J 78 15.41 -3.65 -3.01
N PHE J 79 16.71 -3.45 -3.28
CA PHE J 79 17.71 -3.20 -2.26
C PHE J 79 18.67 -2.11 -2.69
N ALA J 80 19.18 -1.28 -1.78
CA ALA J 80 20.09 -0.16 -1.96
C ALA J 80 21.49 -0.66 -1.66
N THR J 81 22.48 -0.11 -2.37
CA THR J 81 23.87 -0.18 -1.97
C THR J 81 24.60 1.10 -2.35
N THR J 82 25.87 1.33 -1.97
CA THR J 82 26.76 2.41 -2.33
C THR J 82 27.91 1.90 -3.19
N PRO J 83 28.77 2.67 -3.86
CA PRO J 83 30.00 2.21 -4.46
C PRO J 83 31.08 1.74 -3.50
N ASP J 84 30.98 2.06 -2.21
CA ASP J 84 31.81 1.47 -1.18
C ASP J 84 31.12 0.31 -0.48
N GLY J 85 30.12 -0.34 -1.07
CA GLY J 85 29.61 -1.63 -0.66
C GLY J 85 28.61 -1.86 0.47
N TYR J 86 28.25 -0.77 1.15
CA TYR J 86 27.43 -0.81 2.34
C TYR J 86 25.97 -0.45 2.12
N THR J 87 25.06 -0.89 2.99
CA THR J 87 23.65 -0.71 2.75
C THR J 87 23.04 0.53 3.40
N PRO J 88 22.64 1.53 2.62
CA PRO J 88 22.11 2.78 3.15
C PRO J 88 20.73 2.58 3.73
N GLU J 89 19.89 1.80 3.03
CA GLU J 89 18.49 1.69 3.37
C GLU J 89 18.01 0.24 3.33
N LEU J 90 16.88 0.09 4.02
CA LEU J 90 16.39 -1.25 4.30
C LEU J 90 15.67 -1.82 3.08
N PRO J 91 15.78 -3.10 2.74
CA PRO J 91 15.14 -3.66 1.56
C PRO J 91 13.62 -3.70 1.56
N LEU J 92 12.99 -3.52 0.40
CA LEU J 92 11.57 -3.46 0.17
C LEU J 92 11.03 -4.50 -0.80
N PRO J 93 10.23 -5.43 -0.27
CA PRO J 93 9.34 -6.27 -1.06
C PRO J 93 8.32 -5.48 -1.88
N LEU J 94 8.45 -5.38 -3.20
CA LEU J 94 7.52 -4.74 -4.10
C LEU J 94 6.70 -5.81 -4.81
N ILE J 95 5.64 -5.32 -5.46
CA ILE J 95 4.73 -6.02 -6.35
C ILE J 95 4.51 -5.35 -7.71
N ILE J 96 4.51 -6.17 -8.76
CA ILE J 96 4.15 -5.83 -10.12
C ILE J 96 2.82 -6.50 -10.39
N LYS J 97 1.89 -5.82 -11.08
CA LYS J 97 0.61 -6.38 -11.47
C LYS J 97 0.72 -6.82 -12.93
N ILE J 98 0.10 -7.96 -13.23
CA ILE J 98 -0.03 -8.48 -14.58
C ILE J 98 -1.48 -8.28 -15.01
N GLU J 99 -1.70 -7.43 -16.03
CA GLU J 99 -3.04 -7.26 -16.55
C GLU J 99 -3.34 -8.26 -17.66
N ASP J 100 -4.65 -8.37 -17.84
CA ASP J 100 -5.19 -9.41 -18.71
C ASP J 100 -5.04 -9.15 -20.20
N GLU J 101 -5.11 -10.21 -21.00
CA GLU J 101 -5.63 -10.25 -22.36
C GLU J 101 -6.72 -11.30 -22.47
N ASN J 102 -7.51 -11.23 -23.55
CA ASN J 102 -8.75 -11.99 -23.57
C ASN J 102 -8.67 -13.51 -23.56
N ASP J 103 -7.46 -14.08 -23.56
CA ASP J 103 -7.29 -15.48 -23.91
C ASP J 103 -7.85 -16.61 -23.05
N ASN J 104 -8.64 -16.29 -22.02
CA ASN J 104 -9.59 -17.28 -21.56
C ASN J 104 -10.91 -17.28 -22.31
N TYR J 105 -11.51 -18.47 -22.50
CA TYR J 105 -12.64 -18.76 -23.35
C TYR J 105 -13.95 -18.34 -22.68
N PRO J 106 -14.94 -17.87 -23.45
CA PRO J 106 -16.27 -17.76 -22.88
C PRO J 106 -17.06 -19.04 -22.94
N ILE J 107 -17.90 -19.31 -21.94
CA ILE J 107 -18.34 -20.65 -21.59
C ILE J 107 -19.77 -20.46 -21.10
N PHE J 108 -20.76 -21.17 -21.65
CA PHE J 108 -22.18 -21.00 -21.40
C PHE J 108 -22.66 -21.59 -20.08
N THR J 109 -23.75 -21.10 -19.47
CA THR J 109 -24.35 -21.67 -18.29
C THR J 109 -25.00 -23.03 -18.53
N GLU J 110 -25.50 -23.20 -19.75
CA GLU J 110 -26.24 -24.38 -20.18
C GLU J 110 -25.81 -24.94 -21.53
N GLU J 111 -25.64 -26.26 -21.53
CA GLU J 111 -25.20 -27.15 -22.59
C GLU J 111 -26.24 -27.27 -23.70
N THR J 112 -27.51 -27.10 -23.33
CA THR J 112 -28.66 -26.82 -24.16
C THR J 112 -29.74 -26.08 -23.37
N TYR J 113 -29.96 -24.79 -23.63
CA TYR J 113 -31.12 -24.15 -23.06
C TYR J 113 -32.49 -24.63 -23.53
N THR J 114 -33.53 -24.51 -22.70
CA THR J 114 -34.90 -24.89 -22.96
C THR J 114 -35.84 -23.78 -22.49
N PHE J 115 -36.77 -23.41 -23.37
CA PHE J 115 -37.75 -22.36 -23.22
C PHE J 115 -39.05 -22.69 -23.92
N THR J 116 -40.19 -22.13 -23.51
CA THR J 116 -41.48 -22.27 -24.14
C THR J 116 -42.19 -20.94 -24.45
N ILE J 117 -42.83 -20.77 -25.61
CA ILE J 117 -43.50 -19.65 -26.24
C ILE J 117 -44.85 -19.90 -26.90
N PHE J 118 -45.62 -18.83 -27.02
CA PHE J 118 -46.95 -18.85 -27.60
C PHE J 118 -47.01 -18.48 -29.07
N GLU J 119 -47.71 -19.28 -29.88
CA GLU J 119 -47.73 -19.17 -31.33
C GLU J 119 -48.05 -17.77 -31.83
N ASN J 120 -47.62 -17.50 -33.07
CA ASN J 120 -48.05 -16.32 -33.79
C ASN J 120 -47.61 -14.96 -33.25
N CYS J 121 -46.68 -15.02 -32.30
CA CYS J 121 -46.11 -13.87 -31.62
C CYS J 121 -45.32 -12.99 -32.58
N ARG J 122 -45.45 -11.67 -32.44
CA ARG J 122 -44.79 -10.66 -33.25
C ARG J 122 -43.26 -10.68 -33.27
N VAL J 123 -42.66 -10.22 -34.37
CA VAL J 123 -41.25 -9.88 -34.43
C VAL J 123 -41.03 -9.04 -33.17
N GLY J 124 -40.13 -9.52 -32.30
CA GLY J 124 -39.65 -8.82 -31.13
C GLY J 124 -40.15 -9.38 -29.81
N THR J 125 -40.93 -10.47 -29.89
CA THR J 125 -41.25 -11.36 -28.79
C THR J 125 -40.11 -12.34 -28.57
N THR J 126 -39.74 -12.55 -27.30
CA THR J 126 -38.65 -13.39 -26.86
C THR J 126 -38.92 -14.89 -26.92
N VAL J 127 -37.98 -15.65 -27.50
CA VAL J 127 -37.98 -17.08 -27.71
C VAL J 127 -36.84 -17.78 -26.98
N GLY J 128 -35.94 -16.98 -26.39
CA GLY J 128 -34.82 -17.47 -25.61
C GLY J 128 -33.94 -16.46 -24.90
N GLN J 129 -33.18 -16.99 -23.94
CA GLN J 129 -32.08 -16.31 -23.29
C GLN J 129 -30.86 -17.20 -23.40
N VAL J 130 -29.67 -16.62 -23.21
CA VAL J 130 -28.43 -17.28 -22.86
C VAL J 130 -27.59 -16.38 -21.97
N CYS J 131 -26.57 -16.97 -21.32
CA CYS J 131 -25.57 -16.42 -20.43
C CYS J 131 -24.25 -17.15 -20.56
N ALA J 132 -23.12 -16.42 -20.59
CA ALA J 132 -21.80 -16.99 -20.66
C ALA J 132 -20.80 -16.25 -19.77
N THR J 133 -19.89 -16.96 -19.10
CA THR J 133 -18.82 -16.51 -18.24
C THR J 133 -17.47 -16.76 -18.88
N ASP J 134 -16.48 -15.98 -18.43
CA ASP J 134 -15.13 -15.90 -18.93
C ASP J 134 -14.15 -15.42 -17.87
N LYS J 135 -13.17 -16.30 -17.62
CA LYS J 135 -12.38 -16.26 -16.40
C LYS J 135 -11.28 -15.21 -16.43
N ASP J 136 -11.09 -14.46 -17.50
CA ASP J 136 -10.31 -13.23 -17.56
C ASP J 136 -10.84 -12.20 -16.59
N GLU J 137 -10.08 -11.15 -16.26
CA GLU J 137 -10.45 -10.24 -15.19
C GLU J 137 -11.81 -9.55 -15.32
N PRO J 138 -12.51 -9.36 -14.21
CA PRO J 138 -13.83 -8.75 -14.28
C PRO J 138 -13.78 -7.33 -14.83
N ASP J 139 -14.89 -6.94 -15.46
CA ASP J 139 -15.12 -5.64 -16.07
C ASP J 139 -14.05 -5.20 -17.05
N THR J 140 -13.90 -6.01 -18.11
CA THR J 140 -12.92 -5.83 -19.16
C THR J 140 -13.40 -6.15 -20.57
N MET J 141 -12.72 -5.71 -21.63
CA MET J 141 -12.96 -6.05 -23.02
C MET J 141 -12.66 -7.52 -23.18
N HIS J 142 -11.63 -7.97 -22.45
CA HIS J 142 -11.22 -9.35 -22.27
C HIS J 142 -12.28 -10.36 -21.85
N THR J 143 -13.42 -9.93 -21.32
CA THR J 143 -14.58 -10.64 -20.81
C THR J 143 -15.91 -10.09 -21.30
N ARG J 144 -15.89 -9.08 -22.18
CA ARG J 144 -17.05 -8.48 -22.79
C ARG J 144 -17.58 -9.26 -23.98
N LEU J 145 -18.83 -9.73 -23.95
CA LEU J 145 -19.25 -10.81 -24.83
C LEU J 145 -20.29 -10.39 -25.87
N LYS J 146 -20.27 -11.06 -27.01
CA LYS J 146 -21.22 -10.81 -28.09
C LYS J 146 -21.63 -12.18 -28.63
N TYR J 147 -22.93 -12.42 -28.80
CA TYR J 147 -23.64 -13.63 -29.14
C TYR J 147 -24.09 -13.58 -30.60
N SER J 148 -24.38 -14.72 -31.22
CA SER J 148 -24.99 -14.77 -32.53
C SER J 148 -25.79 -16.05 -32.70
N ILE J 149 -26.85 -16.05 -33.52
CA ILE J 149 -27.28 -17.23 -34.23
C ILE J 149 -26.33 -17.53 -35.37
N ILE J 150 -25.90 -18.79 -35.35
CA ILE J 150 -25.04 -19.31 -36.40
C ILE J 150 -25.64 -20.50 -37.14
N GLY J 151 -26.56 -21.22 -36.50
CA GLY J 151 -27.24 -22.34 -37.14
C GLY J 151 -28.67 -22.57 -36.66
N GLN J 152 -29.45 -23.39 -37.36
CA GLN J 152 -30.82 -23.75 -37.07
C GLN J 152 -31.03 -25.22 -37.43
N VAL J 153 -31.89 -25.97 -36.73
CA VAL J 153 -32.43 -27.17 -37.36
C VAL J 153 -33.94 -27.22 -37.24
N PRO J 154 -34.69 -27.42 -38.32
CA PRO J 154 -34.36 -27.44 -39.73
C PRO J 154 -33.81 -26.11 -40.21
N PRO J 155 -32.92 -26.18 -41.20
CA PRO J 155 -31.96 -25.11 -41.44
C PRO J 155 -32.60 -23.81 -41.89
N SER J 156 -33.66 -23.89 -42.69
CA SER J 156 -34.57 -22.81 -43.02
C SER J 156 -36.02 -23.20 -42.73
N PRO J 157 -37.00 -22.30 -42.73
CA PRO J 157 -36.96 -20.88 -43.05
C PRO J 157 -36.18 -20.12 -41.99
N THR J 158 -35.75 -18.96 -42.49
CA THR J 158 -35.30 -17.94 -41.56
C THR J 158 -36.37 -17.30 -40.72
N LEU J 159 -36.29 -17.57 -39.41
CA LEU J 159 -37.34 -17.33 -38.43
C LEU J 159 -36.90 -16.58 -37.19
N PHE J 160 -35.60 -16.42 -36.91
CA PHE J 160 -35.06 -16.05 -35.62
C PHE J 160 -33.88 -15.09 -35.69
N SER J 161 -33.90 -14.09 -34.79
CA SER J 161 -32.90 -13.07 -34.57
C SER J 161 -32.35 -13.17 -33.16
N MET J 162 -31.23 -12.52 -32.84
CA MET J 162 -30.55 -12.53 -31.56
C MET J 162 -30.08 -11.10 -31.34
N HIS J 163 -30.07 -10.71 -30.06
CA HIS J 163 -29.55 -9.40 -29.71
C HIS J 163 -28.09 -9.64 -29.37
N PRO J 164 -27.12 -9.13 -30.13
CA PRO J 164 -25.77 -9.64 -30.03
C PRO J 164 -25.15 -9.28 -28.69
N THR J 165 -25.44 -8.14 -28.06
CA THR J 165 -24.85 -7.79 -26.78
C THR J 165 -25.56 -8.31 -25.55
N THR J 166 -26.80 -8.80 -25.64
CA THR J 166 -27.46 -9.36 -24.48
C THR J 166 -27.98 -10.79 -24.56
N GLY J 167 -27.70 -11.53 -25.64
CA GLY J 167 -28.09 -12.90 -25.82
C GLY J 167 -29.58 -13.22 -25.90
N VAL J 168 -30.44 -12.21 -25.82
CA VAL J 168 -31.84 -12.49 -26.03
C VAL J 168 -32.20 -12.91 -27.45
N ILE J 169 -32.72 -14.12 -27.71
CA ILE J 169 -33.29 -14.61 -28.95
C ILE J 169 -34.76 -14.20 -29.14
N THR J 170 -35.16 -13.62 -30.27
CA THR J 170 -36.52 -13.21 -30.56
C THR J 170 -36.90 -13.59 -31.99
N THR J 171 -38.17 -13.47 -32.37
CA THR J 171 -38.69 -13.70 -33.71
C THR J 171 -38.18 -12.64 -34.67
N THR J 172 -37.79 -13.03 -35.89
CA THR J 172 -37.49 -12.23 -37.05
C THR J 172 -38.67 -12.37 -38.00
N SER J 173 -39.51 -13.39 -37.84
CA SER J 173 -40.67 -13.70 -38.64
C SER J 173 -41.68 -14.45 -37.78
N SER J 174 -42.91 -13.91 -37.69
CA SER J 174 -44.03 -14.23 -36.83
C SER J 174 -44.72 -15.54 -37.17
N GLN J 175 -44.10 -16.34 -38.05
CA GLN J 175 -44.74 -17.41 -38.78
C GLN J 175 -44.31 -18.67 -38.05
N LEU J 176 -45.01 -18.93 -36.94
CA LEU J 176 -44.89 -20.00 -35.97
C LEU J 176 -46.27 -20.46 -35.53
N ASP J 177 -46.69 -21.66 -35.93
CA ASP J 177 -48.05 -22.15 -35.76
C ASP J 177 -48.03 -23.47 -35.02
N ARG J 178 -48.65 -23.56 -33.85
CA ARG J 178 -48.70 -24.83 -33.14
C ARG J 178 -49.47 -25.87 -33.95
N GLU J 179 -50.49 -25.43 -34.70
CA GLU J 179 -51.26 -26.27 -35.59
C GLU J 179 -50.53 -26.72 -36.84
N LEU J 180 -49.22 -26.57 -36.96
CA LEU J 180 -48.28 -26.95 -37.99
C LEU J 180 -46.93 -27.43 -37.45
N ILE J 181 -46.45 -26.91 -36.32
CA ILE J 181 -45.13 -27.06 -35.76
C ILE J 181 -45.14 -27.47 -34.29
N ASP J 182 -44.06 -28.07 -33.80
CA ASP J 182 -43.87 -28.35 -32.38
C ASP J 182 -42.70 -27.67 -31.68
N LYS J 183 -41.53 -27.64 -32.33
CA LYS J 183 -40.35 -26.93 -31.89
C LYS J 183 -39.50 -26.36 -33.01
N TYR J 184 -38.49 -25.61 -32.54
CA TYR J 184 -37.33 -25.10 -33.25
C TYR J 184 -36.04 -25.26 -32.47
N GLN J 185 -34.93 -25.77 -33.00
CA GLN J 185 -33.64 -25.84 -32.32
C GLN J 185 -32.64 -24.90 -32.98
N LEU J 186 -31.93 -23.98 -32.31
CA LEU J 186 -30.86 -23.12 -32.74
C LEU J 186 -29.58 -23.57 -32.06
N LYS J 187 -28.47 -23.55 -32.82
CA LYS J 187 -27.12 -23.70 -32.32
C LYS J 187 -26.56 -22.29 -32.38
N ILE J 188 -26.18 -21.72 -31.24
CA ILE J 188 -25.78 -20.35 -30.99
C ILE J 188 -24.28 -20.31 -30.73
N LYS J 189 -23.73 -19.12 -31.02
CA LYS J 189 -22.38 -18.72 -30.68
C LYS J 189 -22.29 -17.56 -29.71
N VAL J 190 -21.11 -17.46 -29.10
CA VAL J 190 -20.71 -16.30 -28.32
C VAL J 190 -19.21 -16.20 -28.53
N GLN J 191 -18.65 -15.00 -28.41
CA GLN J 191 -17.24 -14.69 -28.24
C GLN J 191 -17.03 -13.44 -27.40
N ASP J 192 -15.80 -13.19 -26.93
CA ASP J 192 -15.38 -12.04 -26.16
C ASP J 192 -14.75 -10.99 -27.06
N MET J 193 -14.18 -9.90 -26.53
CA MET J 193 -13.80 -8.68 -27.21
C MET J 193 -14.95 -7.87 -27.81
N ASP J 194 -16.22 -8.05 -27.46
CA ASP J 194 -17.35 -7.30 -27.97
C ASP J 194 -17.44 -7.37 -29.49
N GLY J 195 -17.36 -8.55 -30.11
CA GLY J 195 -17.56 -8.71 -31.53
C GLY J 195 -16.29 -8.73 -32.38
N GLN J 196 -15.13 -8.38 -31.81
CA GLN J 196 -13.94 -8.17 -32.61
C GLN J 196 -13.24 -9.49 -32.92
N TYR J 197 -12.23 -9.40 -33.80
CA TYR J 197 -11.60 -10.55 -34.40
C TYR J 197 -10.58 -11.24 -33.49
N PHE J 198 -9.99 -10.56 -32.49
CA PHE J 198 -9.11 -11.13 -31.48
C PHE J 198 -9.73 -12.04 -30.43
N GLY J 199 -11.06 -12.01 -30.47
CA GLY J 199 -12.04 -12.69 -29.64
C GLY J 199 -12.03 -14.21 -29.73
N LEU J 200 -12.15 -14.94 -28.63
CA LEU J 200 -12.19 -16.40 -28.64
C LEU J 200 -13.64 -16.84 -28.52
N GLN J 201 -13.98 -17.87 -29.30
CA GLN J 201 -15.38 -18.16 -29.53
C GLN J 201 -15.70 -19.60 -29.15
N THR J 202 -16.95 -19.82 -28.73
CA THR J 202 -17.56 -21.06 -28.28
C THR J 202 -19.03 -21.21 -28.65
N THR J 203 -19.52 -22.43 -28.87
CA THR J 203 -20.92 -22.67 -29.16
C THR J 203 -21.73 -23.35 -28.07
N SER J 204 -23.05 -23.38 -28.13
CA SER J 204 -24.01 -24.17 -27.36
C SER J 204 -25.33 -24.21 -28.12
N THR J 205 -26.39 -24.78 -27.55
CA THR J 205 -27.70 -24.96 -28.14
C THR J 205 -28.92 -24.41 -27.42
N CYS J 206 -29.98 -24.00 -28.11
CA CYS J 206 -31.24 -23.56 -27.55
C CYS J 206 -32.41 -24.33 -28.15
N ILE J 207 -33.31 -24.92 -27.35
CA ILE J 207 -34.56 -25.49 -27.79
C ILE J 207 -35.60 -24.39 -27.60
N ILE J 208 -36.61 -24.34 -28.48
CA ILE J 208 -37.81 -23.51 -28.37
C ILE J 208 -38.93 -24.53 -28.42
N ASN J 209 -39.83 -24.46 -27.42
CA ASN J 209 -41.08 -25.17 -27.55
C ASN J 209 -42.21 -24.21 -27.87
N ILE J 210 -43.15 -24.56 -28.75
CA ILE J 210 -44.35 -23.81 -29.07
C ILE J 210 -45.52 -24.40 -28.28
N ASP J 211 -46.24 -23.58 -27.52
CA ASP J 211 -47.51 -23.93 -26.92
C ASP J 211 -48.68 -23.31 -27.66
N ASP J 212 -49.82 -24.00 -27.46
CA ASP J 212 -51.08 -23.66 -28.08
C ASP J 212 -51.79 -22.54 -27.34
N VAL J 213 -52.36 -21.65 -28.16
CA VAL J 213 -53.41 -20.73 -27.79
C VAL J 213 -54.59 -20.84 -28.74
N ASN J 214 -55.74 -20.36 -28.27
CA ASN J 214 -56.93 -20.14 -29.07
C ASN J 214 -56.67 -19.17 -30.21
N ASP J 215 -56.55 -19.77 -31.40
CA ASP J 215 -56.57 -19.05 -32.65
C ASP J 215 -57.37 -19.74 -33.74
N HIS J 216 -57.73 -21.03 -33.60
CA HIS J 216 -58.51 -21.82 -34.53
C HIS J 216 -60.01 -21.90 -34.22
N LEU J 217 -60.86 -21.63 -35.21
CA LEU J 217 -62.28 -21.41 -35.17
C LEU J 217 -62.98 -22.77 -35.27
N PRO J 218 -63.92 -23.02 -34.37
CA PRO J 218 -64.83 -24.14 -34.51
C PRO J 218 -65.59 -24.05 -35.83
N THR J 219 -65.39 -25.05 -36.69
CA THR J 219 -65.70 -25.19 -38.10
C THR J 219 -66.69 -26.30 -38.41
N PHE J 220 -67.92 -25.93 -38.78
CA PHE J 220 -68.98 -26.84 -39.15
C PHE J 220 -68.61 -27.83 -40.25
N THR J 221 -69.15 -29.04 -40.10
CA THR J 221 -68.74 -30.15 -40.93
C THR J 221 -69.00 -29.86 -42.40
N ARG J 222 -69.85 -28.87 -42.71
CA ARG J 222 -70.36 -28.44 -43.99
C ARG J 222 -70.70 -26.97 -43.95
N THR J 223 -70.65 -26.17 -45.02
CA THR J 223 -71.08 -24.79 -45.06
C THR J 223 -72.59 -24.58 -45.04
N SER J 224 -73.31 -25.59 -45.54
CA SER J 224 -74.76 -25.56 -45.63
C SER J 224 -75.38 -26.95 -45.45
N TYR J 225 -76.64 -26.99 -45.03
CA TYR J 225 -77.37 -28.16 -44.61
C TYR J 225 -78.86 -28.11 -44.94
N VAL J 226 -79.42 -29.28 -45.25
CA VAL J 226 -80.82 -29.50 -45.48
C VAL J 226 -81.50 -30.49 -44.55
N THR J 227 -82.67 -30.10 -44.04
CA THR J 227 -83.51 -30.75 -43.06
C THR J 227 -85.00 -30.79 -43.40
N SER J 228 -85.89 -31.47 -42.66
CA SER J 228 -87.32 -31.48 -42.83
C SER J 228 -88.07 -31.89 -41.57
N VAL J 229 -89.30 -31.36 -41.57
CA VAL J 229 -90.27 -31.73 -40.58
C VAL J 229 -91.67 -31.44 -41.11
N GLU J 230 -92.73 -32.13 -40.70
CA GLU J 230 -94.10 -31.72 -40.90
C GLU J 230 -94.50 -30.51 -40.06
N GLU J 231 -95.40 -29.70 -40.60
CA GLU J 231 -96.18 -28.73 -39.85
C GLU J 231 -96.78 -29.04 -38.48
N ASN J 232 -97.09 -28.05 -37.64
CA ASN J 232 -97.57 -28.21 -36.28
C ASN J 232 -96.67 -29.03 -35.38
N THR J 233 -95.42 -29.28 -35.78
CA THR J 233 -94.57 -30.02 -34.86
C THR J 233 -93.93 -29.06 -33.86
N VAL J 234 -93.73 -29.55 -32.63
CA VAL J 234 -92.97 -28.87 -31.59
C VAL J 234 -92.05 -29.80 -30.83
N ASP J 235 -91.08 -29.28 -30.06
CA ASP J 235 -90.25 -29.86 -29.02
C ASP J 235 -89.22 -30.91 -29.42
N VAL J 236 -89.03 -31.26 -30.69
CA VAL J 236 -88.06 -32.19 -31.21
C VAL J 236 -86.88 -31.52 -31.89
N GLU J 237 -85.75 -32.22 -31.96
CA GLU J 237 -84.64 -31.79 -32.77
C GLU J 237 -84.82 -32.13 -34.24
N ILE J 238 -84.38 -31.32 -35.21
CA ILE J 238 -84.51 -31.51 -36.64
C ILE J 238 -83.15 -31.63 -37.30
N LEU J 239 -82.05 -31.34 -36.60
CA LEU J 239 -80.70 -31.37 -37.13
C LEU J 239 -79.72 -31.65 -36.00
N ARG J 240 -78.62 -32.35 -36.28
CA ARG J 240 -77.46 -32.42 -35.41
C ARG J 240 -76.12 -32.22 -36.09
N VAL J 241 -75.33 -31.21 -35.70
CA VAL J 241 -74.07 -30.84 -36.30
C VAL J 241 -72.80 -30.95 -35.45
N THR J 242 -71.76 -31.37 -36.17
CA THR J 242 -70.40 -31.39 -35.65
C THR J 242 -69.60 -30.16 -36.08
N VAL J 243 -68.74 -29.65 -35.19
CA VAL J 243 -67.65 -28.73 -35.41
C VAL J 243 -66.27 -29.33 -35.19
N GLU J 244 -65.35 -28.83 -36.02
CA GLU J 244 -63.92 -29.05 -35.91
C GLU J 244 -63.20 -27.82 -35.41
N ASP J 245 -62.46 -27.99 -34.30
CA ASP J 245 -61.59 -26.93 -33.82
C ASP J 245 -60.22 -27.56 -33.60
N LYS J 246 -59.11 -26.91 -33.95
CA LYS J 246 -57.75 -27.41 -33.99
C LYS J 246 -56.92 -27.03 -32.77
N ASP J 247 -57.47 -26.32 -31.79
CA ASP J 247 -56.87 -26.12 -30.49
C ASP J 247 -57.25 -27.28 -29.58
N LEU J 248 -56.54 -27.34 -28.45
CA LEU J 248 -56.55 -28.42 -27.48
C LEU J 248 -57.92 -28.90 -27.02
N VAL J 249 -58.21 -30.20 -27.20
CA VAL J 249 -59.50 -30.81 -26.94
C VAL J 249 -59.94 -30.56 -25.50
N ASN J 250 -61.25 -30.43 -25.27
CA ASN J 250 -61.95 -30.36 -24.00
C ASN J 250 -61.68 -29.08 -23.23
N THR J 251 -60.61 -28.34 -23.52
CA THR J 251 -60.46 -26.97 -23.09
C THR J 251 -61.53 -26.04 -23.61
N ALA J 252 -61.73 -24.86 -23.00
CA ALA J 252 -62.52 -23.78 -23.55
C ALA J 252 -62.15 -23.33 -24.95
N ASN J 253 -60.89 -23.51 -25.37
CA ASN J 253 -60.41 -23.12 -26.68
C ASN J 253 -60.86 -24.02 -27.83
N TRP J 254 -61.59 -25.12 -27.60
CA TRP J 254 -61.99 -26.12 -28.56
C TRP J 254 -63.50 -26.27 -28.43
N ARG J 255 -64.03 -26.25 -27.21
CA ARG J 255 -65.46 -26.30 -26.90
C ARG J 255 -66.21 -25.10 -27.45
N ALA J 256 -67.44 -25.36 -27.91
CA ALA J 256 -68.14 -24.49 -28.83
C ALA J 256 -69.60 -24.28 -28.49
N ASN J 257 -70.07 -23.05 -28.69
CA ASN J 257 -71.38 -22.56 -28.36
C ASN J 257 -72.10 -22.01 -29.60
N TYR J 258 -73.40 -22.28 -29.59
CA TYR J 258 -74.17 -22.16 -30.82
C TYR J 258 -75.25 -21.08 -30.81
N THR J 259 -75.63 -20.50 -31.94
CA THR J 259 -76.57 -19.42 -32.13
C THR J 259 -77.22 -19.46 -33.51
N ILE J 260 -78.38 -18.82 -33.67
CA ILE J 260 -79.17 -18.71 -34.88
C ILE J 260 -79.02 -17.26 -35.28
N LEU J 261 -78.47 -16.92 -36.45
CA LEU J 261 -78.16 -15.56 -36.85
C LEU J 261 -79.24 -14.95 -37.73
N LYS J 262 -79.99 -15.73 -38.52
CA LYS J 262 -80.99 -15.22 -39.43
C LYS J 262 -82.21 -16.14 -39.57
N GLY J 263 -83.33 -15.54 -39.97
CA GLY J 263 -84.44 -16.34 -40.50
C GLY J 263 -85.26 -17.11 -39.48
N ASN J 264 -85.13 -16.76 -38.20
CA ASN J 264 -85.81 -17.09 -36.96
C ASN J 264 -86.67 -15.88 -36.61
N GLU J 265 -87.25 -15.25 -37.63
CA GLU J 265 -87.93 -13.97 -37.61
C GLU J 265 -89.37 -13.95 -37.10
N ASN J 266 -89.85 -15.14 -36.73
CA ASN J 266 -91.05 -15.52 -36.01
C ASN J 266 -90.82 -16.38 -34.78
N GLY J 267 -89.56 -16.47 -34.35
CA GLY J 267 -89.17 -17.30 -33.23
C GLY J 267 -89.59 -18.75 -33.23
N ASN J 268 -89.49 -19.48 -34.35
CA ASN J 268 -89.82 -20.89 -34.45
C ASN J 268 -88.70 -21.78 -33.93
N PHE J 269 -87.47 -21.27 -33.93
CA PHE J 269 -86.27 -22.06 -33.79
C PHE J 269 -85.40 -21.81 -32.56
N LYS J 270 -84.66 -22.80 -32.05
CA LYS J 270 -83.75 -22.78 -30.91
C LYS J 270 -82.61 -23.74 -31.22
N ILE J 271 -81.41 -23.44 -30.72
CA ILE J 271 -80.25 -24.31 -30.76
C ILE J 271 -79.60 -24.24 -29.38
N VAL J 272 -79.14 -25.45 -29.02
CA VAL J 272 -78.35 -25.59 -27.81
C VAL J 272 -77.04 -26.33 -27.98
N THR J 273 -76.11 -26.18 -27.03
CA THR J 273 -74.91 -26.98 -26.86
C THR J 273 -75.25 -28.30 -26.22
N ASP J 274 -74.96 -29.40 -26.92
CA ASP J 274 -75.12 -30.71 -26.31
C ASP J 274 -74.20 -30.83 -25.10
N ALA J 275 -74.75 -31.02 -23.90
CA ALA J 275 -73.94 -31.09 -22.69
C ALA J 275 -72.98 -32.26 -22.58
N LYS J 276 -72.94 -33.16 -23.57
CA LYS J 276 -72.08 -34.32 -23.65
C LYS J 276 -71.20 -34.25 -24.89
N THR J 277 -71.78 -34.02 -26.07
CA THR J 277 -71.12 -34.19 -27.34
C THR J 277 -70.47 -32.93 -27.89
N ASN J 278 -70.94 -31.76 -27.42
CA ASN J 278 -70.56 -30.49 -28.00
C ASN J 278 -71.10 -30.34 -29.41
N GLU J 279 -72.06 -31.19 -29.77
CA GLU J 279 -72.92 -31.06 -30.92
C GLU J 279 -73.85 -29.85 -30.89
N GLY J 280 -74.11 -29.24 -32.04
CA GLY J 280 -75.10 -28.20 -32.27
C GLY J 280 -76.45 -28.89 -32.40
N VAL J 281 -77.36 -28.71 -31.44
CA VAL J 281 -78.58 -29.51 -31.47
C VAL J 281 -79.77 -28.58 -31.71
N LEU J 282 -80.17 -28.39 -32.97
CA LEU J 282 -81.29 -27.60 -33.43
C LEU J 282 -82.65 -28.20 -33.08
N CYS J 283 -83.57 -27.44 -32.49
CA CYS J 283 -84.92 -27.89 -32.18
C CYS J 283 -85.93 -26.88 -32.71
N VAL J 284 -87.22 -27.20 -32.68
CA VAL J 284 -88.34 -26.32 -32.99
C VAL J 284 -89.15 -26.08 -31.72
N VAL J 285 -89.44 -24.82 -31.39
CA VAL J 285 -89.85 -24.34 -30.09
C VAL J 285 -91.21 -23.67 -30.18
N LYS J 286 -91.53 -22.87 -31.21
CA LYS J 286 -92.88 -22.66 -31.69
C LYS J 286 -93.01 -23.40 -33.02
N PRO J 287 -94.22 -23.83 -33.39
CA PRO J 287 -94.54 -24.56 -34.59
C PRO J 287 -94.60 -23.83 -35.93
N LEU J 288 -94.76 -24.58 -37.02
CA LEU J 288 -94.73 -24.15 -38.40
C LEU J 288 -96.04 -24.57 -39.07
N ASN J 289 -96.43 -23.81 -40.09
CA ASN J 289 -97.68 -24.00 -40.79
C ASN J 289 -97.47 -23.99 -42.30
N TYR J 290 -97.72 -25.10 -42.99
CA TYR J 290 -97.56 -25.36 -44.41
C TYR J 290 -98.34 -24.41 -45.31
N GLU J 291 -99.60 -24.17 -44.93
CA GLU J 291 -100.51 -23.28 -45.62
C GLU J 291 -100.07 -21.82 -45.51
N GLU J 292 -98.89 -21.48 -45.00
CA GLU J 292 -98.32 -20.14 -44.95
C GLU J 292 -96.99 -20.12 -45.70
N LYS J 293 -96.02 -20.97 -45.33
CA LYS J 293 -94.81 -21.05 -46.12
C LYS J 293 -94.30 -22.49 -46.20
N GLN J 294 -93.56 -22.91 -47.22
CA GLN J 294 -93.18 -24.29 -47.44
C GLN J 294 -91.70 -24.62 -47.27
N GLN J 295 -90.82 -23.64 -47.47
CA GLN J 295 -89.42 -23.88 -47.16
C GLN J 295 -88.85 -22.67 -46.43
N MET J 296 -87.93 -22.84 -45.49
CA MET J 296 -87.15 -21.77 -44.89
C MET J 296 -85.65 -21.99 -45.00
N ILE J 297 -84.88 -20.90 -45.01
CA ILE J 297 -83.44 -20.86 -44.95
C ILE J 297 -83.05 -20.00 -43.76
N LEU J 298 -82.48 -20.60 -42.70
CA LEU J 298 -81.89 -20.00 -41.53
C LEU J 298 -80.39 -19.77 -41.68
N GLN J 299 -79.80 -19.07 -40.71
CA GLN J 299 -78.37 -18.95 -40.50
C GLN J 299 -78.04 -19.34 -39.08
N ILE J 300 -76.90 -20.00 -38.88
CA ILE J 300 -76.48 -20.54 -37.60
C ILE J 300 -75.01 -20.17 -37.47
N GLY J 301 -74.59 -19.89 -36.24
CA GLY J 301 -73.17 -19.67 -36.02
C GLY J 301 -72.59 -20.50 -34.88
N VAL J 302 -71.26 -20.47 -34.70
CA VAL J 302 -70.51 -21.17 -33.68
C VAL J 302 -69.19 -20.47 -33.39
N VAL J 303 -68.93 -20.35 -32.09
CA VAL J 303 -67.81 -19.70 -31.44
C VAL J 303 -67.32 -20.52 -30.26
N ASN J 304 -66.02 -20.38 -29.96
CA ASN J 304 -65.43 -21.00 -28.80
C ASN J 304 -66.01 -20.32 -27.57
N GLU J 305 -65.80 -20.96 -26.42
CA GLU J 305 -65.94 -20.27 -25.15
C GLU J 305 -64.84 -19.32 -24.73
N ALA J 306 -63.58 -19.52 -25.14
CA ALA J 306 -62.49 -18.63 -24.83
C ALA J 306 -62.39 -17.45 -25.79
N PRO J 307 -61.76 -16.34 -25.36
CA PRO J 307 -61.45 -15.29 -26.31
C PRO J 307 -60.38 -15.66 -27.32
N PHE J 308 -60.17 -14.91 -28.40
CA PHE J 308 -59.23 -15.20 -29.47
C PHE J 308 -57.99 -14.33 -29.30
N SER J 309 -56.83 -14.90 -29.64
CA SER J 309 -55.57 -14.22 -29.45
C SER J 309 -55.33 -13.19 -30.54
N ARG J 310 -54.34 -12.31 -30.32
CA ARG J 310 -53.73 -11.40 -31.25
C ARG J 310 -54.67 -10.58 -32.12
N GLU J 311 -55.54 -9.80 -31.48
CA GLU J 311 -56.39 -8.76 -32.00
C GLU J 311 -57.27 -9.31 -33.11
N ALA J 312 -57.63 -10.58 -32.95
CA ALA J 312 -58.51 -11.27 -33.88
C ALA J 312 -59.99 -10.90 -33.87
N SER J 313 -60.38 -10.06 -32.91
CA SER J 313 -61.75 -9.77 -32.53
C SER J 313 -62.58 -9.43 -33.76
N PRO J 314 -62.37 -8.33 -34.50
CA PRO J 314 -63.33 -7.84 -35.45
C PRO J 314 -63.50 -8.60 -36.76
N ARG J 315 -62.73 -9.69 -36.91
CA ARG J 315 -62.76 -10.56 -38.07
C ARG J 315 -62.77 -12.06 -37.84
N SER J 316 -62.12 -12.58 -36.79
CA SER J 316 -61.83 -13.98 -36.63
C SER J 316 -62.18 -14.51 -35.25
N ALA J 317 -63.40 -14.99 -35.01
CA ALA J 317 -63.83 -15.66 -33.80
C ALA J 317 -65.00 -16.60 -34.05
N MET J 318 -65.96 -16.31 -34.94
CA MET J 318 -67.11 -17.14 -35.22
C MET J 318 -67.10 -17.57 -36.69
N SER J 319 -67.58 -18.81 -36.83
CA SER J 319 -67.78 -19.41 -38.12
C SER J 319 -69.28 -19.57 -38.33
N THR J 320 -69.76 -19.72 -39.56
CA THR J 320 -71.16 -19.72 -39.94
C THR J 320 -71.57 -20.90 -40.81
N ALA J 321 -72.86 -21.29 -40.80
CA ALA J 321 -73.52 -22.15 -41.75
C ALA J 321 -74.94 -21.64 -41.96
N THR J 322 -75.68 -22.27 -42.86
CA THR J 322 -77.08 -21.98 -43.11
C THR J 322 -77.65 -23.38 -42.96
N VAL J 323 -78.91 -23.36 -42.53
CA VAL J 323 -79.71 -24.55 -42.32
C VAL J 323 -80.95 -24.28 -43.17
N THR J 324 -81.30 -25.11 -44.15
CA THR J 324 -82.57 -25.25 -44.84
C THR J 324 -83.55 -26.23 -44.22
N VAL J 325 -84.77 -25.77 -43.93
CA VAL J 325 -85.87 -26.49 -43.33
C VAL J 325 -87.01 -26.50 -44.34
N ASN J 326 -87.30 -27.64 -44.98
CA ASN J 326 -88.53 -27.99 -45.67
C ASN J 326 -89.61 -28.25 -44.64
N VAL J 327 -90.79 -27.67 -44.82
CA VAL J 327 -92.02 -28.01 -44.12
C VAL J 327 -92.81 -29.09 -44.85
N GLU J 328 -93.32 -30.16 -44.23
CA GLU J 328 -94.13 -31.15 -44.90
C GLU J 328 -95.62 -30.93 -44.61
N ASP J 329 -96.54 -31.21 -45.53
CA ASP J 329 -97.94 -30.90 -45.32
C ASP J 329 -98.53 -32.00 -44.45
N GLN J 330 -99.27 -31.58 -43.42
CA GLN J 330 -100.26 -32.36 -42.71
C GLN J 330 -101.68 -32.12 -43.17
N ASP J 331 -102.53 -33.14 -43.15
CA ASP J 331 -103.93 -33.05 -43.49
C ASP J 331 -104.70 -32.51 -42.29
N GLU J 332 -105.27 -31.32 -42.45
CA GLU J 332 -106.08 -30.57 -41.51
C GLU J 332 -107.54 -30.68 -41.92
N GLY J 333 -108.43 -30.42 -40.97
CA GLY J 333 -109.86 -30.63 -41.03
C GLY J 333 -110.70 -29.59 -41.77
N PRO J 334 -112.00 -29.86 -41.98
CA PRO J 334 -112.87 -29.05 -42.81
C PRO J 334 -113.21 -27.70 -42.21
N GLU J 335 -113.71 -26.77 -43.04
CA GLU J 335 -114.22 -25.46 -42.69
C GLU J 335 -115.69 -25.57 -43.05
N CYS J 336 -116.60 -25.09 -42.21
CA CYS J 336 -117.98 -25.51 -42.12
C CYS J 336 -118.93 -24.42 -41.68
N ASN J 337 -120.01 -24.18 -42.44
CA ASN J 337 -120.98 -23.12 -42.35
C ASN J 337 -122.36 -23.60 -42.78
N PRO J 338 -123.46 -22.86 -42.72
CA PRO J 338 -123.65 -21.52 -42.21
C PRO J 338 -123.34 -21.33 -40.74
N PRO J 339 -123.28 -20.12 -40.17
CA PRO J 339 -123.34 -19.86 -38.75
C PRO J 339 -124.74 -20.10 -38.22
N ILE J 340 -125.80 -19.93 -39.02
CA ILE J 340 -127.16 -20.37 -38.78
C ILE J 340 -127.91 -20.66 -40.07
N GLN J 341 -128.68 -21.75 -40.19
CA GLN J 341 -129.37 -22.28 -41.35
C GLN J 341 -130.74 -22.64 -40.79
N THR J 342 -131.81 -22.10 -41.37
CA THR J 342 -133.17 -22.54 -41.12
C THR J 342 -133.66 -23.57 -42.14
N VAL J 343 -134.58 -24.37 -41.59
CA VAL J 343 -135.28 -25.38 -42.37
C VAL J 343 -136.76 -25.29 -42.08
N ARG J 344 -137.66 -25.53 -43.05
CA ARG J 344 -139.09 -25.71 -42.92
C ARG J 344 -139.47 -27.16 -43.23
N MET J 345 -140.39 -27.67 -42.41
CA MET J 345 -141.23 -28.82 -42.68
C MET J 345 -142.67 -28.41 -42.51
N LYS J 346 -143.59 -29.25 -42.99
CA LYS J 346 -144.96 -29.33 -42.51
C LYS J 346 -145.19 -30.48 -41.56
N GLU J 347 -146.08 -30.37 -40.57
CA GLU J 347 -146.13 -31.24 -39.40
C GLU J 347 -146.70 -32.60 -39.75
N ASN J 348 -147.01 -32.82 -41.03
CA ASN J 348 -147.58 -34.05 -41.55
C ASN J 348 -146.67 -34.74 -42.55
N ALA J 349 -145.56 -34.14 -42.98
CA ALA J 349 -144.60 -34.59 -43.96
C ALA J 349 -144.07 -36.01 -43.80
N GLU J 350 -143.86 -36.69 -44.92
CA GLU J 350 -143.29 -38.01 -45.11
C GLU J 350 -141.78 -38.02 -45.25
N VAL J 351 -141.13 -39.16 -45.00
CA VAL J 351 -139.73 -39.38 -45.32
C VAL J 351 -139.40 -39.24 -46.80
N GLY J 352 -138.22 -38.66 -47.05
CA GLY J 352 -137.83 -38.15 -48.36
C GLY J 352 -137.73 -36.63 -48.35
N THR J 353 -138.51 -35.90 -47.53
CA THR J 353 -138.64 -34.47 -47.43
C THR J 353 -137.36 -33.89 -46.83
N THR J 354 -136.62 -33.13 -47.64
CA THR J 354 -135.21 -32.80 -47.52
C THR J 354 -135.02 -31.30 -47.68
N SER J 355 -134.04 -30.75 -46.97
CA SER J 355 -133.75 -29.34 -47.02
C SER J 355 -132.28 -29.05 -46.77
N ASN J 356 -131.69 -28.24 -47.65
CA ASN J 356 -130.27 -27.92 -47.60
C ASN J 356 -129.92 -27.47 -46.19
N GLY J 357 -128.73 -27.82 -45.71
CA GLY J 357 -128.41 -27.79 -44.28
C GLY J 357 -127.02 -27.21 -44.08
N TYR J 358 -126.16 -27.99 -43.43
CA TYR J 358 -124.78 -27.65 -43.14
C TYR J 358 -123.94 -28.03 -44.35
N LYS J 359 -122.85 -27.30 -44.60
CA LYS J 359 -122.03 -27.55 -45.76
C LYS J 359 -120.56 -27.27 -45.42
N ALA J 360 -119.69 -28.23 -45.75
CA ALA J 360 -118.29 -28.32 -45.38
C ALA J 360 -117.33 -28.40 -46.56
N TYR J 361 -116.15 -27.77 -46.44
CA TYR J 361 -115.11 -27.74 -47.45
C TYR J 361 -113.76 -27.95 -46.78
N ASP J 362 -112.97 -28.90 -47.28
CA ASP J 362 -111.61 -28.98 -46.77
C ASP J 362 -110.81 -27.74 -47.13
N PRO J 363 -110.33 -26.95 -46.17
CA PRO J 363 -109.82 -25.62 -46.42
C PRO J 363 -108.58 -25.53 -47.29
N GLU J 364 -107.78 -26.61 -47.19
CA GLU J 364 -106.50 -26.86 -47.83
C GLU J 364 -106.66 -26.91 -49.35
N THR J 365 -107.84 -27.19 -49.92
CA THR J 365 -108.08 -27.32 -51.34
C THR J 365 -109.44 -26.76 -51.72
N ARG J 366 -110.28 -26.32 -50.77
CA ARG J 366 -111.56 -25.69 -51.04
C ARG J 366 -112.56 -26.65 -51.65
N SER J 367 -112.51 -27.92 -51.23
CA SER J 367 -113.21 -29.03 -51.82
C SER J 367 -114.09 -29.70 -50.77
N SER J 368 -115.25 -30.20 -51.18
CA SER J 368 -116.10 -31.01 -50.34
C SER J 368 -115.68 -32.45 -50.10
N SER J 369 -114.72 -32.96 -50.86
CA SER J 369 -114.21 -34.31 -50.73
C SER J 369 -113.78 -34.79 -49.35
N GLY J 370 -113.98 -36.11 -49.19
CA GLY J 370 -113.77 -36.98 -48.05
C GLY J 370 -114.53 -36.62 -46.78
N ILE J 371 -115.62 -35.85 -46.85
CA ILE J 371 -116.33 -35.37 -45.68
C ILE J 371 -117.70 -35.99 -45.44
N ARG J 372 -117.88 -36.58 -44.26
CA ARG J 372 -119.06 -37.26 -43.77
C ARG J 372 -119.73 -36.38 -42.72
N TYR J 373 -121.06 -36.43 -42.56
CA TYR J 373 -121.86 -35.69 -41.62
C TYR J 373 -122.58 -36.55 -40.58
N LYS J 374 -122.90 -35.94 -39.43
CA LYS J 374 -123.45 -36.69 -38.31
C LYS J 374 -124.26 -35.93 -37.27
N LYS J 375 -125.30 -36.57 -36.72
CA LYS J 375 -126.10 -36.06 -35.63
C LYS J 375 -125.32 -35.85 -34.35
N LEU J 376 -125.60 -34.78 -33.59
CA LEU J 376 -125.03 -34.61 -32.28
C LEU J 376 -126.04 -34.36 -31.15
N THR J 377 -127.03 -33.47 -31.26
CA THR J 377 -128.01 -33.07 -30.28
C THR J 377 -129.29 -32.53 -30.89
N ASP J 378 -130.44 -33.17 -30.64
CA ASP J 378 -131.71 -32.63 -31.07
C ASP J 378 -132.86 -32.91 -30.11
N PRO J 379 -134.02 -32.25 -29.98
CA PRO J 379 -134.90 -32.47 -28.86
C PRO J 379 -135.97 -33.53 -29.07
N THR J 380 -136.03 -34.15 -30.26
CA THR J 380 -137.16 -34.97 -30.64
C THR J 380 -136.98 -36.19 -31.52
N GLY J 381 -135.93 -36.31 -32.33
CA GLY J 381 -135.72 -37.31 -33.36
C GLY J 381 -136.74 -37.30 -34.49
N TRP J 382 -137.29 -36.14 -34.83
CA TRP J 382 -138.11 -35.97 -36.02
C TRP J 382 -137.30 -35.88 -37.29
N VAL J 383 -136.05 -35.41 -37.20
CA VAL J 383 -135.19 -35.10 -38.33
C VAL J 383 -133.78 -35.64 -38.12
N THR J 384 -133.12 -35.92 -39.25
CA THR J 384 -131.72 -36.29 -39.19
C THR J 384 -131.06 -35.55 -40.35
N ILE J 385 -129.74 -35.46 -40.23
CA ILE J 385 -128.83 -34.94 -41.25
C ILE J 385 -128.39 -36.08 -42.15
N ASP J 386 -128.42 -35.82 -43.46
CA ASP J 386 -127.86 -36.67 -44.50
C ASP J 386 -126.34 -36.76 -44.36
N GLU J 387 -125.87 -37.93 -43.94
CA GLU J 387 -124.50 -38.28 -43.62
C GLU J 387 -123.50 -38.00 -44.74
N ASN J 388 -124.03 -37.88 -45.95
CA ASN J 388 -123.29 -37.77 -47.19
C ASN J 388 -123.26 -36.32 -47.63
N THR J 389 -124.35 -35.57 -47.40
CA THR J 389 -124.54 -34.31 -48.11
C THR J 389 -124.85 -33.09 -47.25
N GLY J 390 -125.22 -33.29 -45.99
CA GLY J 390 -125.40 -32.17 -45.08
C GLY J 390 -126.80 -31.58 -44.99
N SER J 391 -127.74 -32.15 -45.74
CA SER J 391 -129.12 -31.71 -45.82
C SER J 391 -129.89 -32.37 -44.68
N ILE J 392 -130.94 -31.65 -44.28
CA ILE J 392 -131.77 -32.08 -43.17
C ILE J 392 -133.02 -32.67 -43.81
N LYS J 393 -133.35 -33.91 -43.41
CA LYS J 393 -134.47 -34.70 -43.86
C LYS J 393 -135.33 -35.18 -42.70
N VAL J 394 -136.61 -35.48 -42.94
CA VAL J 394 -137.51 -36.20 -42.06
C VAL J 394 -137.09 -37.63 -41.78
N PHE J 395 -137.08 -38.02 -40.49
CA PHE J 395 -136.60 -39.30 -40.01
C PHE J 395 -137.51 -39.98 -39.01
N ARG J 396 -138.51 -39.25 -38.54
CA ARG J 396 -139.73 -39.78 -37.95
C ARG J 396 -140.84 -38.76 -38.22
N SER J 397 -142.07 -39.14 -37.88
CA SER J 397 -143.16 -38.19 -37.78
C SER J 397 -142.89 -37.01 -36.87
N LEU J 398 -143.27 -35.82 -37.37
CA LEU J 398 -143.21 -34.55 -36.70
C LEU J 398 -144.45 -34.13 -35.92
N ASP J 399 -144.49 -33.05 -35.14
CA ASP J 399 -145.63 -32.57 -34.38
C ASP J 399 -145.51 -31.09 -34.02
N ARG J 400 -146.30 -30.18 -34.59
CA ARG J 400 -146.15 -28.78 -34.20
C ARG J 400 -146.48 -28.55 -32.75
N GLU J 401 -147.28 -29.41 -32.10
CA GLU J 401 -147.92 -29.25 -30.81
C GLU J 401 -147.22 -30.01 -29.69
N ALA J 402 -146.05 -30.64 -29.90
CA ALA J 402 -145.41 -31.23 -28.74
C ALA J 402 -144.88 -30.16 -27.80
N GLU J 403 -144.90 -30.52 -26.51
CA GLU J 403 -144.58 -29.73 -25.33
C GLU J 403 -143.09 -29.60 -25.11
N THR J 404 -142.26 -30.26 -25.93
CA THR J 404 -140.85 -30.04 -26.18
C THR J 404 -140.58 -28.74 -26.92
N ILE J 405 -141.61 -28.07 -27.43
CA ILE J 405 -141.54 -27.02 -28.43
C ILE J 405 -142.48 -25.89 -28.05
N LYS J 406 -142.19 -24.65 -28.48
CA LYS J 406 -143.11 -23.54 -28.40
C LYS J 406 -143.18 -22.88 -29.77
N ASN J 407 -144.37 -22.38 -30.13
CA ASN J 407 -144.62 -21.75 -31.41
C ASN J 407 -144.02 -22.48 -32.61
N GLY J 408 -143.86 -23.81 -32.63
CA GLY J 408 -143.49 -24.58 -33.80
C GLY J 408 -142.08 -24.34 -34.35
N ILE J 409 -141.18 -23.72 -33.58
CA ILE J 409 -139.79 -23.57 -33.95
C ILE J 409 -138.94 -24.14 -32.82
N TYR J 410 -137.84 -24.80 -33.19
CA TYR J 410 -136.72 -25.26 -32.41
C TYR J 410 -135.36 -25.18 -33.11
N ASN J 411 -134.34 -25.33 -32.28
CA ASN J 411 -132.97 -25.59 -32.66
C ASN J 411 -132.40 -26.98 -32.42
N ILE J 412 -131.48 -27.45 -33.27
CA ILE J 412 -130.70 -28.66 -33.15
C ILE J 412 -129.25 -28.28 -33.36
N THR J 413 -128.31 -29.20 -33.08
CA THR J 413 -126.91 -29.14 -33.43
C THR J 413 -126.35 -30.46 -33.92
N VAL J 414 -125.39 -30.29 -34.83
CA VAL J 414 -124.81 -31.35 -35.63
C VAL J 414 -123.29 -31.24 -35.74
N LEU J 415 -122.66 -32.20 -36.41
CA LEU J 415 -121.26 -32.08 -36.80
C LEU J 415 -121.06 -32.54 -38.23
N ALA J 416 -119.85 -32.26 -38.72
CA ALA J 416 -119.26 -33.01 -39.82
C ALA J 416 -117.85 -33.51 -39.51
N SER J 417 -117.28 -34.49 -40.21
CA SER J 417 -115.94 -34.98 -39.96
C SER J 417 -115.29 -35.46 -41.25
N ASP J 418 -113.99 -35.70 -41.14
CA ASP J 418 -113.07 -36.16 -42.17
C ASP J 418 -112.62 -37.59 -41.96
N GLN J 419 -111.95 -38.19 -42.94
CA GLN J 419 -111.40 -39.52 -42.74
C GLN J 419 -110.22 -39.62 -41.79
N GLY J 420 -109.58 -38.50 -41.45
CA GLY J 420 -108.69 -38.40 -40.31
C GLY J 420 -109.39 -38.10 -38.99
N GLY J 421 -110.71 -38.03 -38.86
CA GLY J 421 -111.43 -37.95 -37.59
C GLY J 421 -111.62 -36.54 -37.07
N ARG J 422 -111.28 -35.49 -37.83
CA ARG J 422 -111.25 -34.11 -37.39
C ARG J 422 -112.60 -33.51 -37.74
N THR J 423 -113.18 -32.60 -36.95
CA THR J 423 -114.58 -32.23 -36.97
C THR J 423 -114.81 -30.75 -37.25
N CYS J 424 -116.08 -30.36 -37.32
CA CYS J 424 -116.64 -29.03 -37.16
C CYS J 424 -118.08 -29.12 -36.67
N THR J 425 -118.61 -28.17 -35.90
CA THR J 425 -119.94 -28.34 -35.36
C THR J 425 -120.82 -27.10 -35.42
N GLY J 426 -122.14 -27.13 -35.39
CA GLY J 426 -122.95 -25.94 -35.66
C GLY J 426 -124.43 -26.11 -35.33
N THR J 427 -125.19 -25.02 -35.23
CA THR J 427 -126.62 -24.98 -35.01
C THR J 427 -127.46 -24.82 -36.28
N LEU J 428 -128.60 -25.51 -36.28
CA LEU J 428 -129.65 -25.38 -37.26
C LEU J 428 -130.98 -25.04 -36.61
N GLY J 429 -131.71 -24.07 -37.18
CA GLY J 429 -133.09 -23.80 -36.86
C GLY J 429 -134.11 -24.56 -37.70
N ILE J 430 -135.14 -25.14 -37.07
CA ILE J 430 -136.09 -26.08 -37.60
C ILE J 430 -137.50 -25.56 -37.34
N ILE J 431 -138.21 -25.17 -38.40
CA ILE J 431 -139.53 -24.58 -38.38
C ILE J 431 -140.53 -25.66 -38.75
N LEU J 432 -141.60 -25.89 -37.99
CA LEU J 432 -142.76 -26.70 -38.34
C LEU J 432 -143.95 -25.85 -38.74
N GLN J 433 -144.53 -26.00 -39.94
CA GLN J 433 -145.73 -25.38 -40.45
C GLN J 433 -146.95 -26.25 -40.15
N ASP J 434 -148.06 -25.56 -39.89
CA ASP J 434 -149.20 -26.11 -39.17
C ASP J 434 -150.32 -26.73 -40.01
N VAL J 435 -150.90 -27.83 -39.55
CA VAL J 435 -152.17 -28.28 -40.08
C VAL J 435 -153.30 -28.46 -39.06
N ASN J 436 -154.60 -28.53 -39.35
CA ASN J 436 -155.69 -28.69 -38.40
C ASN J 436 -155.70 -30.11 -37.84
N ASP J 437 -155.14 -30.42 -36.67
CA ASP J 437 -155.00 -31.71 -36.02
C ASP J 437 -155.56 -31.57 -34.62
N ASN J 438 -156.16 -30.45 -34.22
CA ASN J 438 -156.65 -30.32 -32.85
C ASN J 438 -157.95 -29.53 -32.81
N SER J 439 -158.76 -29.82 -31.77
CA SER J 439 -160.00 -29.17 -31.42
C SER J 439 -159.93 -28.03 -30.43
N PRO J 440 -160.93 -27.12 -30.32
CA PRO J 440 -160.98 -26.10 -29.30
C PRO J 440 -160.93 -26.60 -27.86
N PHE J 441 -160.43 -25.70 -27.01
CA PHE J 441 -160.49 -25.93 -25.58
C PHE J 441 -160.59 -24.60 -24.84
N ILE J 442 -160.82 -24.70 -23.52
CA ILE J 442 -161.08 -23.60 -22.62
C ILE J 442 -160.12 -23.74 -21.45
N PRO J 443 -159.16 -22.83 -21.26
CA PRO J 443 -158.28 -22.83 -20.11
C PRO J 443 -159.02 -22.75 -18.78
N LYS J 444 -160.06 -21.93 -18.70
CA LYS J 444 -160.76 -21.72 -17.45
C LYS J 444 -162.15 -22.31 -17.56
N LYS J 445 -162.30 -23.56 -17.14
CA LYS J 445 -163.55 -24.30 -17.09
C LYS J 445 -164.49 -23.80 -16.01
N THR J 446 -163.94 -23.22 -14.94
CA THR J 446 -164.71 -22.65 -13.84
C THR J 446 -165.34 -21.28 -14.03
N VAL J 447 -166.48 -20.89 -13.46
CA VAL J 447 -167.18 -19.65 -13.71
C VAL J 447 -167.95 -19.13 -12.49
N ILE J 448 -167.95 -17.81 -12.32
CA ILE J 448 -168.62 -17.07 -11.28
C ILE J 448 -169.61 -16.12 -11.93
N ILE J 449 -170.86 -16.00 -11.46
CA ILE J 449 -171.80 -14.97 -11.85
C ILE J 449 -172.36 -14.46 -10.52
N CYS J 450 -172.03 -13.20 -10.25
CA CYS J 450 -172.70 -12.54 -9.13
C CYS J 450 -174.16 -12.30 -9.47
N LYS J 451 -174.99 -13.33 -9.29
CA LYS J 451 -176.38 -13.44 -9.70
C LYS J 451 -177.28 -12.26 -9.36
N PRO J 452 -177.21 -11.63 -8.18
CA PRO J 452 -177.93 -10.40 -7.91
C PRO J 452 -177.57 -9.19 -8.76
N THR J 453 -176.42 -9.32 -9.42
CA THR J 453 -175.74 -8.32 -10.23
C THR J 453 -175.37 -8.58 -11.68
N MET J 454 -175.59 -9.81 -12.15
CA MET J 454 -175.21 -10.26 -13.48
C MET J 454 -176.27 -11.29 -13.85
N SER J 455 -176.55 -11.42 -15.14
CA SER J 455 -177.40 -12.48 -15.67
C SER J 455 -176.72 -13.48 -16.58
N SER J 456 -175.40 -13.34 -16.78
CA SER J 456 -174.54 -14.03 -17.72
C SER J 456 -173.06 -13.80 -17.45
N ALA J 457 -172.16 -14.58 -18.04
CA ALA J 457 -170.72 -14.49 -18.00
C ALA J 457 -170.01 -14.92 -19.28
N GLU J 458 -168.84 -14.31 -19.52
CA GLU J 458 -168.05 -14.61 -20.69
C GLU J 458 -167.23 -15.88 -20.49
N ILE J 459 -167.19 -16.72 -21.53
CA ILE J 459 -166.40 -17.93 -21.54
C ILE J 459 -165.47 -17.80 -22.73
N VAL J 460 -164.15 -17.83 -22.59
CA VAL J 460 -163.31 -17.78 -23.77
C VAL J 460 -162.59 -19.10 -24.07
N ALA J 461 -162.03 -19.26 -25.27
CA ALA J 461 -161.41 -20.47 -25.75
C ALA J 461 -160.17 -20.18 -26.57
N VAL J 462 -159.42 -21.28 -26.79
CA VAL J 462 -158.24 -21.39 -27.61
C VAL J 462 -158.41 -22.69 -28.39
N ASP J 463 -157.44 -22.89 -29.30
CA ASP J 463 -157.27 -24.10 -30.07
C ASP J 463 -155.79 -24.32 -30.33
N PRO J 464 -155.22 -25.52 -30.24
CA PRO J 464 -153.80 -25.73 -30.45
C PRO J 464 -153.21 -25.24 -31.76
N ASP J 465 -153.99 -25.32 -32.83
CA ASP J 465 -153.44 -24.86 -34.09
C ASP J 465 -153.26 -23.36 -34.25
N GLU J 466 -152.87 -22.92 -35.45
CA GLU J 466 -152.86 -21.55 -35.92
C GLU J 466 -154.26 -20.95 -36.00
N PRO J 467 -154.32 -19.62 -36.08
CA PRO J 467 -155.62 -19.00 -36.19
C PRO J 467 -156.44 -19.49 -37.38
N ILE J 468 -155.78 -19.74 -38.51
CA ILE J 468 -156.35 -20.35 -39.70
C ILE J 468 -156.92 -21.75 -39.56
N HIS J 469 -156.61 -22.39 -38.42
CA HIS J 469 -156.94 -23.72 -37.95
C HIS J 469 -157.69 -23.68 -36.60
N GLY J 470 -158.19 -22.56 -36.09
CA GLY J 470 -158.94 -22.39 -34.85
C GLY J 470 -160.13 -21.45 -34.96
N PRO J 471 -160.04 -20.36 -34.21
CA PRO J 471 -161.11 -19.39 -34.12
C PRO J 471 -161.30 -18.68 -35.46
N PRO J 472 -162.51 -18.23 -35.79
CA PRO J 472 -163.66 -18.13 -34.92
C PRO J 472 -164.29 -19.48 -34.57
N PHE J 473 -164.90 -19.54 -33.39
CA PHE J 473 -165.51 -20.73 -32.83
C PHE J 473 -167.04 -20.73 -32.90
N ASP J 474 -167.55 -21.90 -33.30
CA ASP J 474 -168.92 -22.26 -32.97
C ASP J 474 -168.95 -22.84 -31.57
N PHE J 475 -169.78 -22.27 -30.70
CA PHE J 475 -170.14 -22.74 -29.37
C PHE J 475 -171.51 -23.37 -29.45
N SER J 476 -171.80 -24.34 -28.58
CA SER J 476 -172.96 -25.20 -28.53
C SER J 476 -173.31 -25.79 -27.17
N LEU J 477 -174.60 -25.82 -26.82
CA LEU J 477 -175.16 -26.40 -25.62
C LEU J 477 -175.78 -27.77 -25.87
N GLU J 478 -175.39 -28.45 -26.95
CA GLU J 478 -175.86 -29.74 -27.44
C GLU J 478 -175.41 -30.89 -26.55
N SER J 479 -174.43 -30.80 -25.66
CA SER J 479 -173.96 -31.77 -24.69
C SER J 479 -174.82 -31.70 -23.43
N SER J 480 -175.39 -30.54 -23.12
CA SER J 480 -176.27 -30.50 -21.97
C SER J 480 -177.49 -31.40 -22.05
N THR J 481 -178.06 -31.75 -20.88
CA THR J 481 -179.34 -32.42 -20.83
C THR J 481 -180.47 -31.40 -20.82
N SER J 482 -181.68 -31.89 -21.03
CA SER J 482 -182.87 -31.05 -20.98
C SER J 482 -183.12 -30.20 -19.74
N GLU J 483 -182.83 -30.75 -18.56
CA GLU J 483 -182.92 -30.10 -17.26
C GLU J 483 -181.78 -29.15 -16.95
N VAL J 484 -180.84 -28.95 -17.88
CA VAL J 484 -179.77 -27.97 -17.91
C VAL J 484 -180.00 -26.97 -19.02
N GLN J 485 -180.39 -27.40 -20.23
CA GLN J 485 -181.04 -26.52 -21.17
C GLN J 485 -182.23 -25.76 -20.59
N ARG J 486 -182.90 -26.32 -19.58
CA ARG J 486 -184.03 -25.69 -18.93
C ARG J 486 -183.68 -24.55 -17.99
N MET J 487 -182.38 -24.39 -17.72
CA MET J 487 -181.77 -23.40 -16.86
C MET J 487 -180.83 -22.49 -17.63
N TRP J 488 -180.25 -23.00 -18.72
CA TRP J 488 -179.11 -22.38 -19.37
C TRP J 488 -179.25 -22.19 -20.88
N ARG J 489 -178.60 -21.16 -21.41
CA ARG J 489 -178.42 -20.96 -22.83
C ARG J 489 -177.02 -20.49 -23.22
N LEU J 490 -176.65 -20.57 -24.50
CA LEU J 490 -175.30 -20.32 -24.97
C LEU J 490 -175.17 -19.71 -26.36
N LYS J 491 -174.30 -18.68 -26.40
CA LYS J 491 -174.19 -18.00 -27.66
C LYS J 491 -172.76 -17.53 -27.87
N ALA J 492 -172.20 -17.70 -29.07
CA ALA J 492 -170.92 -17.15 -29.50
C ALA J 492 -171.17 -15.66 -29.66
N ILE J 493 -170.37 -14.83 -29.01
CA ILE J 493 -170.41 -13.37 -29.07
C ILE J 493 -169.22 -12.70 -29.74
N ASN J 494 -168.08 -13.40 -29.76
CA ASN J 494 -166.87 -12.97 -30.43
C ASN J 494 -166.07 -14.16 -30.93
N ASP J 495 -165.03 -13.94 -31.72
CA ASP J 495 -164.34 -15.03 -32.39
C ASP J 495 -163.79 -16.11 -31.48
N THR J 496 -163.16 -15.71 -30.36
CA THR J 496 -162.62 -16.52 -29.30
C THR J 496 -163.58 -16.80 -28.14
N ALA J 497 -164.79 -16.23 -28.11
CA ALA J 497 -165.62 -16.13 -26.93
C ALA J 497 -167.11 -16.32 -27.16
N ALA J 498 -167.68 -16.93 -26.13
CA ALA J 498 -169.12 -16.91 -25.88
C ALA J 498 -169.59 -16.22 -24.62
N ARG J 499 -170.88 -15.88 -24.62
CA ARG J 499 -171.75 -15.62 -23.49
C ARG J 499 -172.50 -16.90 -23.12
N LEU J 500 -172.25 -17.38 -21.91
CA LEU J 500 -173.14 -18.31 -21.22
C LEU J 500 -174.08 -17.53 -20.31
N SER J 501 -175.34 -17.97 -20.23
CA SER J 501 -176.35 -17.17 -19.59
C SER J 501 -177.42 -18.10 -19.02
N TYR J 502 -178.25 -17.77 -18.04
CA TYR J 502 -179.32 -18.56 -17.47
C TYR J 502 -180.68 -18.05 -17.93
N GLN J 503 -181.76 -18.82 -17.79
CA GLN J 503 -183.15 -18.52 -18.08
C GLN J 503 -184.06 -19.03 -16.97
N ASN J 504 -185.20 -18.37 -16.81
CA ASN J 504 -186.27 -18.66 -15.87
C ASN J 504 -185.95 -18.37 -14.41
N ASP J 505 -184.73 -17.90 -14.18
CA ASP J 505 -184.10 -17.45 -12.96
C ASP J 505 -183.81 -18.60 -12.01
N PRO J 506 -182.65 -19.26 -12.14
CA PRO J 506 -182.52 -20.47 -11.35
C PRO J 506 -182.06 -20.14 -9.94
N PRO J 507 -182.20 -21.15 -9.07
CA PRO J 507 -181.64 -21.12 -7.74
C PRO J 507 -180.19 -20.66 -7.63
N PHE J 508 -179.82 -20.10 -6.47
CA PHE J 508 -178.46 -20.07 -5.99
C PHE J 508 -177.83 -21.45 -5.97
N GLY J 509 -176.59 -21.59 -6.46
CA GLY J 509 -175.92 -22.88 -6.43
C GLY J 509 -174.86 -23.18 -7.49
N SER J 510 -174.28 -24.38 -7.46
CA SER J 510 -173.24 -24.80 -8.39
C SER J 510 -173.96 -25.62 -9.46
N TYR J 511 -173.64 -25.41 -10.74
CA TYR J 511 -174.16 -25.99 -11.96
C TYR J 511 -173.01 -26.43 -12.86
N VAL J 512 -172.95 -27.73 -13.15
CA VAL J 512 -172.10 -28.39 -14.13
C VAL J 512 -172.75 -28.67 -15.47
N VAL J 513 -172.27 -27.93 -16.48
CA VAL J 513 -172.99 -27.53 -17.67
C VAL J 513 -172.14 -27.99 -18.85
N PRO J 514 -172.59 -29.05 -19.52
CA PRO J 514 -171.93 -29.57 -20.71
C PRO J 514 -172.18 -28.72 -21.94
N ILE J 515 -171.09 -28.21 -22.53
CA ILE J 515 -170.86 -27.62 -23.82
C ILE J 515 -170.04 -28.48 -24.77
N THR J 516 -170.09 -27.95 -26.00
CA THR J 516 -169.23 -28.30 -27.11
C THR J 516 -168.80 -26.98 -27.75
N VAL J 517 -167.57 -26.95 -28.27
CA VAL J 517 -167.09 -25.91 -29.16
C VAL J 517 -166.56 -26.58 -30.43
N ARG J 518 -166.47 -25.88 -31.57
CA ARG J 518 -165.94 -26.40 -32.82
C ARG J 518 -165.04 -25.36 -33.47
N ASP J 519 -163.92 -25.69 -34.10
CA ASP J 519 -163.07 -24.72 -34.76
C ASP J 519 -163.73 -24.34 -36.08
N ARG J 520 -163.22 -23.34 -36.80
CA ARG J 520 -163.74 -22.90 -38.09
C ARG J 520 -163.75 -24.04 -39.11
N LEU J 521 -162.91 -25.07 -39.08
CA LEU J 521 -162.99 -26.17 -40.02
C LEU J 521 -163.86 -27.29 -39.44
N GLY J 522 -164.10 -27.32 -38.14
CA GLY J 522 -165.19 -28.03 -37.48
C GLY J 522 -164.62 -29.23 -36.74
N MET J 523 -163.34 -29.32 -36.36
CA MET J 523 -162.94 -30.19 -35.27
C MET J 523 -163.55 -29.86 -33.92
N SER J 524 -164.06 -30.87 -33.23
CA SER J 524 -164.91 -30.80 -32.05
C SER J 524 -164.43 -31.36 -30.72
N SER J 525 -164.66 -30.60 -29.64
CA SER J 525 -164.57 -31.16 -28.31
C SER J 525 -165.72 -30.79 -27.39
N VAL J 526 -165.94 -31.68 -26.42
CA VAL J 526 -166.78 -31.41 -25.29
C VAL J 526 -166.00 -30.69 -24.20
N THR J 527 -166.56 -29.70 -23.50
CA THR J 527 -166.16 -29.22 -22.18
C THR J 527 -167.42 -29.37 -21.34
N SER J 528 -167.26 -29.69 -20.06
CA SER J 528 -168.12 -29.43 -18.92
C SER J 528 -167.65 -28.21 -18.16
N LEU J 529 -168.50 -27.18 -18.19
CA LEU J 529 -168.37 -25.90 -17.54
C LEU J 529 -168.84 -25.93 -16.09
N ASP J 530 -168.08 -25.43 -15.12
CA ASP J 530 -168.25 -25.53 -13.68
C ASP J 530 -168.64 -24.13 -13.21
N VAL J 531 -169.95 -23.92 -13.29
CA VAL J 531 -170.59 -22.64 -13.03
C VAL J 531 -171.16 -22.56 -11.62
N THR J 532 -171.24 -21.38 -11.02
CA THR J 532 -171.95 -21.02 -9.81
C THR J 532 -172.70 -19.70 -9.91
N LEU J 533 -173.94 -19.72 -9.39
CA LEU J 533 -174.71 -18.50 -9.20
C LEU J 533 -174.63 -18.13 -7.73
N CYS J 534 -173.95 -17.01 -7.43
CA CYS J 534 -173.69 -16.42 -6.15
C CYS J 534 -174.06 -14.95 -5.99
N ASP J 535 -173.56 -14.28 -4.94
CA ASP J 535 -173.63 -12.88 -4.57
C ASP J 535 -172.28 -12.36 -4.13
N CYS J 536 -171.86 -11.11 -4.35
CA CYS J 536 -170.50 -10.61 -4.41
C CYS J 536 -170.35 -9.27 -3.70
N ILE J 537 -169.13 -8.84 -3.34
CA ILE J 537 -168.89 -7.50 -2.86
C ILE J 537 -167.60 -6.91 -3.43
N THR J 538 -166.81 -7.69 -4.17
CA THR J 538 -165.69 -7.32 -4.99
C THR J 538 -166.10 -7.08 -6.44
N GLU J 539 -167.32 -7.43 -6.86
CA GLU J 539 -167.81 -7.60 -8.21
C GLU J 539 -167.23 -8.83 -8.89
N ASN J 540 -166.26 -9.51 -8.26
CA ASN J 540 -165.51 -10.54 -8.96
C ASN J 540 -165.69 -11.92 -8.33
N ASP J 541 -165.85 -12.03 -7.01
CA ASP J 541 -165.89 -13.28 -6.28
C ASP J 541 -166.91 -13.30 -5.16
N CYS J 542 -167.38 -14.52 -4.87
CA CYS J 542 -168.53 -14.70 -4.02
C CYS J 542 -168.24 -14.38 -2.55
N THR J 543 -169.32 -14.13 -1.79
CA THR J 543 -169.31 -13.97 -0.35
C THR J 543 -169.00 -15.33 0.27
N HIS J 544 -168.40 -15.33 1.47
CA HIS J 544 -167.99 -16.50 2.21
C HIS J 544 -168.40 -16.57 3.67
N ARG K 1 1.91 52.43 54.43
CA ARG K 1 2.40 51.23 55.14
C ARG K 1 2.90 50.28 54.05
N TRP K 2 4.17 49.90 54.12
CA TRP K 2 4.83 48.95 53.26
C TRP K 2 4.39 47.50 53.50
N ALA K 3 4.74 46.70 52.49
CA ALA K 3 4.25 45.33 52.37
C ALA K 3 4.73 44.36 53.44
N PRO K 4 3.90 43.35 53.71
CA PRO K 4 4.27 42.29 54.64
C PRO K 4 5.28 41.32 54.06
N ILE K 5 6.15 40.79 54.94
CA ILE K 5 7.00 39.64 54.78
C ILE K 5 6.17 38.37 54.89
N PRO K 6 6.19 37.47 53.91
CA PRO K 6 5.63 36.13 53.90
C PRO K 6 6.33 35.03 54.69
N CYS K 7 5.58 34.03 55.17
CA CYS K 7 6.19 32.80 55.62
C CYS K 7 5.30 31.62 55.25
N SER K 8 5.96 30.48 55.05
CA SER K 8 5.40 29.31 54.39
C SER K 8 5.46 28.05 55.25
N MET K 9 4.44 27.20 55.36
CA MET K 9 4.28 26.11 56.30
C MET K 9 3.92 24.90 55.48
N LEU K 10 4.63 23.78 55.57
CA LEU K 10 4.29 22.59 54.80
C LEU K 10 3.25 21.70 55.44
N GLU K 11 2.47 20.97 54.64
CA GLU K 11 1.36 20.17 55.09
C GLU K 11 1.73 18.78 55.64
N ASN K 12 0.87 18.27 56.51
CA ASN K 12 0.91 16.91 57.06
C ASN K 12 2.32 16.46 57.38
N SER K 13 3.04 17.27 58.17
CA SER K 13 4.38 16.92 58.58
C SER K 13 4.40 16.08 59.85
N LEU K 14 5.53 15.50 60.24
CA LEU K 14 5.70 14.84 61.52
C LEU K 14 6.41 15.68 62.58
N GLY K 15 6.74 16.93 62.25
CA GLY K 15 7.49 17.89 63.03
C GLY K 15 9.01 17.79 63.00
N PRO K 16 9.70 17.78 64.14
CA PRO K 16 9.09 17.88 65.45
C PRO K 16 8.45 19.23 65.72
N PHE K 17 7.44 19.21 66.58
CA PHE K 17 6.63 20.37 66.91
C PHE K 17 6.98 21.03 68.24
N PRO K 18 6.74 22.33 68.50
CA PRO K 18 6.24 23.32 67.57
C PRO K 18 7.16 23.68 66.41
N LEU K 19 6.61 23.93 65.22
CA LEU K 19 7.33 24.23 64.01
C LEU K 19 7.42 25.73 63.72
N PHE K 20 8.63 26.26 63.52
CA PHE K 20 8.88 27.69 63.42
C PHE K 20 8.45 28.29 62.09
N LEU K 21 7.93 29.51 62.17
CA LEU K 21 7.42 30.28 61.06
C LEU K 21 7.96 31.69 60.80
N GLN K 22 8.04 32.47 61.87
CA GLN K 22 8.22 33.92 61.87
C GLN K 22 8.69 34.48 63.21
N GLN K 23 9.48 35.55 63.19
CA GLN K 23 9.93 36.30 64.34
C GLN K 23 9.89 37.80 64.05
N VAL K 24 9.03 38.46 64.82
CA VAL K 24 9.07 39.88 65.11
C VAL K 24 9.09 40.26 66.58
N GLN K 25 9.61 41.41 66.99
CA GLN K 25 9.78 41.80 68.38
C GLN K 25 9.80 43.32 68.37
N SER K 26 9.41 44.02 69.45
CA SER K 26 9.32 45.47 69.47
C SER K 26 10.70 46.02 69.78
N ASP K 27 11.16 46.95 68.91
CA ASP K 27 12.47 47.53 69.07
C ASP K 27 12.77 48.29 70.36
N THR K 28 11.76 48.45 71.21
CA THR K 28 11.81 48.84 72.61
C THR K 28 12.08 47.78 73.69
N ALA K 29 12.49 46.57 73.34
CA ALA K 29 12.66 45.56 74.37
C ALA K 29 13.92 45.75 75.20
N GLN K 30 14.94 46.31 74.55
CA GLN K 30 16.00 46.91 75.34
C GLN K 30 15.65 48.21 76.03
N ASN K 31 14.43 48.73 75.95
CA ASN K 31 14.01 49.97 76.57
C ASN K 31 12.93 49.80 77.63
N TYR K 32 12.12 48.73 77.63
CA TYR K 32 11.05 48.51 78.60
C TYR K 32 10.99 47.02 78.90
N THR K 33 10.21 46.55 79.86
CA THR K 33 9.98 45.14 80.06
C THR K 33 8.71 44.72 79.32
N ILE K 34 8.86 43.97 78.23
CA ILE K 34 7.82 43.75 77.24
C ILE K 34 7.59 42.24 77.18
N TYR K 35 6.38 41.79 76.84
CA TYR K 35 6.08 40.47 76.32
C TYR K 35 5.14 40.52 75.13
N TYR K 36 5.19 39.52 74.27
CA TYR K 36 4.42 39.41 73.05
C TYR K 36 3.14 38.58 73.09
N SER K 37 2.09 39.00 72.39
CA SER K 37 0.79 38.37 72.40
C SER K 37 0.19 38.18 71.02
N ILE K 38 -0.65 37.17 70.81
CA ILE K 38 -1.32 36.91 69.56
C ILE K 38 -2.84 36.82 69.66
N ARG K 39 -3.56 37.29 68.64
CA ARG K 39 -4.99 37.05 68.55
C ARG K 39 -5.31 36.83 67.08
N GLY K 40 -6.55 36.47 66.72
CA GLY K 40 -7.17 36.39 65.41
C GLY K 40 -7.80 35.01 65.27
N PRO K 41 -8.14 34.63 64.04
CA PRO K 41 -8.43 33.25 63.68
C PRO K 41 -7.17 32.43 63.55
N GLY K 42 -7.14 31.17 64.00
CA GLY K 42 -5.94 30.38 64.17
C GLY K 42 -5.33 30.31 65.57
N VAL K 43 -5.96 30.98 66.55
CA VAL K 43 -5.59 30.99 67.95
C VAL K 43 -6.77 31.26 68.88
N ASP K 44 -7.22 32.50 69.10
CA ASP K 44 -8.31 32.80 69.99
C ASP K 44 -9.62 32.67 69.24
N GLN K 45 -9.52 32.51 67.91
CA GLN K 45 -10.66 32.12 67.12
C GLN K 45 -10.34 30.96 66.19
N GLU K 46 -11.38 30.19 65.83
CA GLU K 46 -11.22 28.90 65.20
C GLU K 46 -10.47 28.91 63.88
N PRO K 47 -9.68 27.89 63.60
CA PRO K 47 -9.37 26.76 64.45
C PRO K 47 -8.44 27.20 65.57
N ARG K 48 -8.68 26.78 66.81
CA ARG K 48 -8.09 27.38 67.99
C ARG K 48 -6.69 26.92 68.37
N ASN K 49 -5.80 27.75 68.92
CA ASN K 49 -4.40 27.56 69.24
C ASN K 49 -3.63 26.81 68.16
N LEU K 50 -3.90 27.00 66.88
CA LEU K 50 -3.25 26.41 65.73
C LEU K 50 -1.86 27.01 65.64
N PHE K 51 -1.66 28.29 65.97
CA PHE K 51 -0.44 29.05 66.03
C PHE K 51 -0.23 29.50 67.47
N TYR K 52 1.02 29.67 67.86
CA TYR K 52 1.51 30.03 69.18
C TYR K 52 2.68 31.00 69.06
N VAL K 53 2.87 31.89 70.03
CA VAL K 53 4.04 32.74 70.06
C VAL K 53 4.81 32.49 71.35
N GLU K 54 6.13 32.71 71.44
CA GLU K 54 6.76 32.71 72.73
C GLU K 54 6.82 34.15 73.22
N ARG K 55 6.15 34.51 74.32
CA ARG K 55 6.06 35.86 74.82
C ARG K 55 7.31 36.70 75.02
N ASP K 56 8.48 36.05 75.16
CA ASP K 56 9.72 36.67 75.56
C ASP K 56 10.73 36.71 74.42
N THR K 57 10.53 36.12 73.24
CA THR K 57 11.32 36.16 72.04
C THR K 57 10.54 36.49 70.77
N GLY K 58 9.21 36.40 70.73
CA GLY K 58 8.47 36.77 69.54
C GLY K 58 8.64 35.80 68.38
N ASN K 59 9.21 34.62 68.58
CA ASN K 59 9.16 33.48 67.67
C ASN K 59 7.71 33.03 67.69
N LEU K 60 7.11 32.90 66.51
CA LEU K 60 5.83 32.31 66.19
C LEU K 60 5.97 30.95 65.53
N TYR K 61 5.12 30.03 65.99
CA TYR K 61 5.14 28.61 65.68
C TYR K 61 3.74 28.16 65.29
N CYS K 62 3.65 27.14 64.43
CA CYS K 62 2.50 26.25 64.31
C CYS K 62 2.66 25.16 65.35
N THR K 63 1.55 24.84 66.01
CA THR K 63 1.44 23.94 67.15
C THR K 63 1.05 22.50 66.89
N ARG K 64 0.54 22.12 65.72
CA ARG K 64 0.17 20.78 65.29
C ARG K 64 0.30 20.61 63.78
N PRO K 65 0.14 19.39 63.23
CA PRO K 65 0.23 19.20 61.79
C PRO K 65 -0.96 19.83 61.07
N VAL K 66 -0.80 20.52 59.94
CA VAL K 66 -1.87 21.21 59.25
C VAL K 66 -2.00 20.66 57.83
N ASP K 67 -3.21 20.60 57.25
CA ASP K 67 -3.50 20.02 55.95
C ASP K 67 -3.75 21.06 54.87
N ARG K 68 -3.08 20.95 53.72
CA ARG K 68 -3.28 21.82 52.57
C ARG K 68 -4.54 21.47 51.81
N GLU K 69 -4.97 20.20 51.93
CA GLU K 69 -6.26 19.70 51.51
C GLU K 69 -7.48 20.47 52.00
N GLN K 70 -7.31 21.24 53.07
CA GLN K 70 -8.32 21.90 53.88
C GLN K 70 -8.01 23.35 54.19
N TYR K 71 -6.77 23.77 54.51
CA TYR K 71 -6.43 25.15 54.73
C TYR K 71 -5.44 25.74 53.73
N GLU K 72 -5.46 27.05 53.52
CA GLU K 72 -4.74 27.66 52.43
C GLU K 72 -3.96 28.88 52.88
N SER K 73 -4.38 29.72 53.83
CA SER K 73 -3.71 30.90 54.39
C SER K 73 -4.29 31.31 55.73
N PHE K 74 -3.47 32.05 56.46
CA PHE K 74 -3.86 32.53 57.78
C PHE K 74 -3.25 33.89 58.11
N GLU K 75 -3.77 34.76 58.96
CA GLU K 75 -3.18 36.04 59.32
C GLU K 75 -3.45 36.40 60.77
N ILE K 76 -2.35 36.61 61.50
CA ILE K 76 -2.38 36.73 62.94
C ILE K 76 -2.09 38.15 63.35
N ILE K 77 -2.53 38.61 64.52
CA ILE K 77 -2.32 39.94 65.07
C ILE K 77 -1.23 39.95 66.13
N ALA K 78 -0.07 40.47 65.75
CA ALA K 78 1.07 40.58 66.65
C ALA K 78 1.19 41.93 67.33
N PHE K 79 1.18 41.89 68.65
CA PHE K 79 1.12 43.00 69.57
C PHE K 79 2.08 42.81 70.73
N ALA K 80 2.26 43.78 71.63
CA ALA K 80 3.25 43.75 72.69
C ALA K 80 2.81 44.56 73.90
N THR K 81 3.09 44.07 75.11
CA THR K 81 2.60 44.70 76.31
C THR K 81 3.63 44.56 77.42
N THR K 82 3.37 45.20 78.57
CA THR K 82 4.25 45.25 79.72
C THR K 82 3.54 44.78 80.97
N PRO K 83 4.17 44.32 82.06
CA PRO K 83 3.56 43.95 83.32
C PRO K 83 2.58 44.92 83.95
N ASP K 84 2.76 46.18 83.58
CA ASP K 84 1.99 47.30 84.07
C ASP K 84 1.07 47.96 83.05
N GLY K 85 0.77 47.29 81.94
CA GLY K 85 -0.22 47.53 80.92
C GLY K 85 0.09 48.55 79.82
N TYR K 86 1.34 48.99 79.75
CA TYR K 86 1.79 49.98 78.78
C TYR K 86 1.78 49.36 77.39
N THR K 87 1.37 50.18 76.43
CA THR K 87 1.55 49.90 75.02
C THR K 87 2.89 50.46 74.53
N PRO K 88 3.96 49.69 74.39
CA PRO K 88 5.22 50.16 73.85
C PRO K 88 5.21 50.39 72.34
N GLU K 89 4.42 49.56 71.65
CA GLU K 89 4.36 49.38 70.21
C GLU K 89 2.95 49.12 69.71
N LEU K 90 2.65 49.47 68.46
CA LEU K 90 1.36 49.24 67.84
C LEU K 90 1.30 47.95 67.04
N PRO K 91 0.13 47.32 66.99
CA PRO K 91 -0.04 46.02 66.41
C PRO K 91 0.52 45.88 65.00
N LEU K 92 0.79 44.65 64.53
CA LEU K 92 1.24 44.41 63.17
C LEU K 92 0.62 43.10 62.70
N PRO K 93 -0.18 43.01 61.63
CA PRO K 93 -0.60 41.74 61.10
C PRO K 93 0.49 40.95 60.37
N LEU K 94 0.60 39.63 60.56
CA LEU K 94 1.58 38.73 59.97
C LEU K 94 0.89 37.63 59.19
N ILE K 95 1.39 37.27 58.01
CA ILE K 95 0.85 36.30 57.07
C ILE K 95 1.55 34.95 57.15
N ILE K 96 0.75 33.90 56.98
CA ILE K 96 1.21 32.53 56.83
C ILE K 96 0.47 31.83 55.70
N LYS K 97 1.13 31.04 54.85
CA LYS K 97 0.59 30.24 53.77
C LYS K 97 0.86 28.75 53.99
N ILE K 98 -0.11 27.90 53.66
CA ILE K 98 0.09 26.46 53.64
C ILE K 98 0.57 25.99 52.28
N GLU K 99 1.65 25.19 52.36
CA GLU K 99 2.25 24.61 51.18
C GLU K 99 1.80 23.16 51.10
N ASP K 100 1.84 22.55 49.90
CA ASP K 100 1.36 21.27 49.43
C ASP K 100 2.45 20.19 49.43
N GLU K 101 2.13 18.98 49.87
CA GLU K 101 2.74 17.69 49.64
C GLU K 101 1.93 16.89 48.63
N ASN K 102 2.56 15.92 47.97
CA ASN K 102 2.01 15.14 46.88
C ASN K 102 1.08 14.03 47.37
N ASP K 103 0.19 14.40 48.29
CA ASP K 103 -0.46 13.42 49.17
C ASP K 103 -1.82 13.00 48.65
N ASN K 104 -2.47 13.86 47.87
CA ASN K 104 -3.88 13.67 47.60
C ASN K 104 -4.18 12.74 46.42
N TYR K 105 -4.91 11.66 46.68
CA TYR K 105 -5.32 10.79 45.60
C TYR K 105 -6.42 11.41 44.75
N PRO K 106 -6.42 11.09 43.45
CA PRO K 106 -7.51 11.45 42.57
C PRO K 106 -8.83 10.78 42.91
N ILE K 107 -9.95 11.51 42.97
CA ILE K 107 -11.22 10.91 43.31
C ILE K 107 -12.34 11.24 42.34
N PHE K 108 -13.19 10.26 42.07
CA PHE K 108 -14.23 10.30 41.05
C PHE K 108 -15.43 11.12 41.49
N THR K 109 -16.21 11.60 40.51
CA THR K 109 -17.46 12.27 40.77
C THR K 109 -18.57 11.28 41.11
N GLU K 110 -18.51 10.03 40.66
CA GLU K 110 -19.42 9.02 41.16
C GLU K 110 -18.80 7.75 41.71
N GLU K 111 -19.56 7.06 42.56
CA GLU K 111 -19.09 5.76 43.01
C GLU K 111 -19.10 4.72 41.90
N THR K 112 -20.18 4.78 41.12
CA THR K 112 -20.51 3.83 40.08
C THR K 112 -21.09 4.63 38.92
N TYR K 113 -20.53 4.52 37.71
CA TYR K 113 -20.97 5.18 36.50
C TYR K 113 -21.73 4.16 35.69
N THR K 114 -22.82 4.61 35.05
CA THR K 114 -23.71 3.73 34.32
C THR K 114 -24.11 4.36 32.98
N PHE K 115 -24.00 3.65 31.85
CA PHE K 115 -24.25 4.15 30.51
C PHE K 115 -25.12 3.20 29.70
N THR K 116 -25.60 3.53 28.50
CA THR K 116 -26.45 2.67 27.69
C THR K 116 -26.10 2.93 26.23
N ILE K 117 -25.75 1.88 25.50
CA ILE K 117 -25.44 2.00 24.09
C ILE K 117 -26.33 1.09 23.26
N PHE K 118 -26.64 1.42 22.00
CA PHE K 118 -27.23 0.48 21.07
C PHE K 118 -26.36 -0.73 20.75
N GLU K 119 -27.09 -1.84 20.60
CA GLU K 119 -26.55 -2.93 19.79
C GLU K 119 -26.31 -2.64 18.31
N ASN K 120 -25.37 -3.34 17.68
CA ASN K 120 -25.03 -3.42 16.27
C ASN K 120 -24.92 -2.07 15.57
N CYS K 121 -24.50 -1.04 16.30
CA CYS K 121 -23.92 0.17 15.79
C CYS K 121 -22.42 0.11 15.52
N ARG K 122 -21.85 1.00 14.70
CA ARG K 122 -20.45 1.10 14.32
C ARG K 122 -19.52 1.13 15.52
N VAL K 123 -18.38 0.47 15.33
CA VAL K 123 -17.24 0.53 16.22
C VAL K 123 -16.78 1.98 16.34
N GLY K 124 -16.20 2.38 17.47
CA GLY K 124 -15.76 3.74 17.77
C GLY K 124 -16.85 4.63 18.32
N THR K 125 -18.11 4.20 18.37
CA THR K 125 -19.16 4.88 19.08
C THR K 125 -18.73 5.14 20.51
N THR K 126 -19.14 6.33 20.97
CA THR K 126 -18.98 6.76 22.35
C THR K 126 -19.99 6.14 23.28
N VAL K 127 -19.51 5.71 24.45
CA VAL K 127 -20.22 5.09 25.55
C VAL K 127 -20.70 6.17 26.50
N GLY K 128 -19.72 6.83 27.13
CA GLY K 128 -19.83 7.87 28.14
C GLY K 128 -18.43 8.25 28.60
N GLN K 129 -18.36 9.35 29.35
CA GLN K 129 -17.14 9.92 29.88
C GLN K 129 -17.08 9.75 31.39
N VAL K 130 -15.91 9.45 31.97
CA VAL K 130 -15.68 9.43 33.40
C VAL K 130 -14.78 10.60 33.78
N CYS K 131 -15.06 11.13 34.98
CA CYS K 131 -14.59 12.44 35.39
C CYS K 131 -14.04 12.33 36.80
N ALA K 132 -12.83 12.86 37.05
CA ALA K 132 -12.27 12.88 38.38
C ALA K 132 -11.41 14.11 38.59
N THR K 133 -11.07 14.35 39.86
CA THR K 133 -10.38 15.55 40.32
C THR K 133 -9.37 15.28 41.43
N ASP K 134 -8.41 16.20 41.50
CA ASP K 134 -7.49 16.21 42.61
C ASP K 134 -7.39 17.53 43.35
N LYS K 135 -7.02 17.55 44.63
CA LYS K 135 -7.02 18.76 45.46
C LYS K 135 -5.62 19.22 45.86
N ASP K 136 -4.56 18.59 45.35
CA ASP K 136 -3.22 19.14 45.25
C ASP K 136 -3.09 20.41 44.41
N GLU K 137 -1.97 21.12 44.53
CA GLU K 137 -1.77 22.28 43.68
C GLU K 137 -1.75 21.99 42.19
N PRO K 138 -2.47 22.78 41.37
CA PRO K 138 -2.63 22.46 39.96
C PRO K 138 -1.48 22.81 39.02
N ASP K 139 -1.55 22.32 37.77
CA ASP K 139 -0.49 22.27 36.79
C ASP K 139 0.76 21.53 37.27
N THR K 140 0.64 20.74 38.32
CA THR K 140 1.73 19.90 38.77
C THR K 140 1.75 18.53 38.12
N MET K 141 2.77 17.72 38.43
CA MET K 141 2.78 16.34 37.98
C MET K 141 1.80 15.46 38.78
N HIS K 142 1.72 15.76 40.08
CA HIS K 142 0.95 15.01 41.06
C HIS K 142 -0.51 15.46 41.09
N THR K 143 -1.03 16.09 40.03
CA THR K 143 -2.38 16.39 39.57
C THR K 143 -2.59 15.93 38.15
N ARG K 144 -1.53 15.73 37.36
CA ARG K 144 -1.63 15.23 36.01
C ARG K 144 -2.35 13.91 35.92
N LEU K 145 -3.58 13.93 35.41
CA LEU K 145 -4.44 12.76 35.49
C LEU K 145 -4.20 11.88 34.27
N LYS K 146 -4.44 10.58 34.45
CA LYS K 146 -4.30 9.45 33.55
C LYS K 146 -5.32 8.38 33.92
N TYR K 147 -6.20 8.08 32.97
CA TYR K 147 -7.30 7.16 33.18
C TYR K 147 -7.23 5.79 32.52
N SER K 148 -7.93 4.75 32.97
CA SER K 148 -7.80 3.44 32.39
C SER K 148 -8.96 2.51 32.70
N ILE K 149 -9.09 1.49 31.85
CA ILE K 149 -9.77 0.25 32.12
C ILE K 149 -8.69 -0.70 32.68
N ILE K 150 -9.09 -1.40 33.74
CA ILE K 150 -8.30 -2.35 34.46
C ILE K 150 -8.90 -3.76 34.49
N GLY K 151 -10.17 -3.88 34.13
CA GLY K 151 -10.81 -5.12 33.74
C GLY K 151 -12.27 -5.06 33.25
N GLN K 152 -12.63 -6.11 32.51
CA GLN K 152 -13.83 -6.49 31.79
C GLN K 152 -14.38 -7.82 32.31
N VAL K 153 -15.70 -7.89 32.16
CA VAL K 153 -16.54 -9.06 32.20
C VAL K 153 -17.23 -9.03 30.84
N PRO K 154 -17.00 -10.00 29.95
CA PRO K 154 -16.15 -11.16 30.05
C PRO K 154 -14.68 -10.77 30.03
N PRO K 155 -13.85 -11.70 30.53
CA PRO K 155 -12.48 -11.34 30.87
C PRO K 155 -11.68 -11.10 29.60
N SER K 156 -11.85 -11.92 28.56
CA SER K 156 -11.26 -11.66 27.27
C SER K 156 -12.06 -12.06 26.03
N PRO K 157 -11.85 -11.49 24.84
CA PRO K 157 -11.04 -10.35 24.45
C PRO K 157 -11.72 -9.02 24.80
N THR K 158 -10.91 -7.98 24.67
CA THR K 158 -11.17 -6.59 24.97
C THR K 158 -12.17 -5.98 24.00
N LEU K 159 -13.21 -5.33 24.54
CA LEU K 159 -14.29 -4.76 23.77
C LEU K 159 -14.38 -3.24 23.79
N PHE K 160 -13.78 -2.55 24.75
CA PHE K 160 -13.85 -1.12 24.92
C PHE K 160 -12.43 -0.62 25.11
N SER K 161 -12.33 0.68 24.82
CA SER K 161 -11.12 1.45 25.02
C SER K 161 -11.48 2.82 25.61
N MET K 162 -10.60 3.48 26.39
CA MET K 162 -10.78 4.68 27.18
C MET K 162 -9.64 5.64 26.88
N HIS K 163 -9.94 6.94 26.73
CA HIS K 163 -9.01 7.99 26.35
C HIS K 163 -8.17 8.35 27.57
N PRO K 164 -6.84 8.32 27.49
CA PRO K 164 -6.02 8.33 28.68
C PRO K 164 -6.05 9.67 29.41
N THR K 165 -6.31 10.77 28.71
CA THR K 165 -6.23 12.10 29.28
C THR K 165 -7.55 12.88 29.26
N THR K 166 -8.65 12.23 28.90
CA THR K 166 -9.97 12.79 29.02
C THR K 166 -11.08 11.92 29.56
N GLY K 167 -10.82 10.61 29.70
CA GLY K 167 -11.71 9.66 30.34
C GLY K 167 -12.91 9.21 29.51
N VAL K 168 -12.88 9.45 28.21
CA VAL K 168 -13.92 9.12 27.25
C VAL K 168 -13.80 7.67 26.83
N ILE K 169 -14.84 6.83 26.96
CA ILE K 169 -14.87 5.44 26.53
C ILE K 169 -15.51 5.30 25.16
N THR K 170 -14.84 4.65 24.21
CA THR K 170 -15.38 4.34 22.90
C THR K 170 -15.26 2.84 22.62
N THR K 171 -16.00 2.25 21.68
CA THR K 171 -16.14 0.82 21.47
C THR K 171 -15.06 0.33 20.53
N THR K 172 -14.47 -0.84 20.73
CA THR K 172 -13.40 -1.45 19.96
C THR K 172 -13.52 -2.91 19.54
N SER K 173 -14.60 -3.58 19.94
CA SER K 173 -14.97 -4.85 19.35
C SER K 173 -15.52 -4.69 17.95
N SER K 174 -15.58 -5.80 17.21
CA SER K 174 -16.24 -5.71 15.93
C SER K 174 -17.76 -5.58 16.00
N GLN K 175 -18.40 -5.92 17.12
CA GLN K 175 -19.84 -6.04 17.24
C GLN K 175 -20.12 -6.07 18.74
N LEU K 176 -21.23 -5.45 19.16
CA LEU K 176 -21.94 -5.61 20.42
C LEU K 176 -23.43 -5.80 20.10
N ASP K 177 -23.93 -6.99 20.39
CA ASP K 177 -25.15 -7.62 19.89
C ASP K 177 -26.09 -8.00 21.03
N ARG K 178 -27.18 -7.25 21.12
CA ARG K 178 -28.16 -7.46 22.17
C ARG K 178 -28.71 -8.87 22.28
N GLU K 179 -29.00 -9.50 21.14
CA GLU K 179 -29.47 -10.85 21.05
C GLU K 179 -28.47 -11.96 21.41
N LEU K 180 -27.29 -11.67 21.95
CA LEU K 180 -26.49 -12.61 22.69
C LEU K 180 -26.10 -12.12 24.08
N ILE K 181 -25.57 -10.89 24.18
CA ILE K 181 -25.18 -10.30 25.45
C ILE K 181 -25.88 -8.98 25.65
N ASP K 182 -26.29 -8.70 26.89
CA ASP K 182 -27.00 -7.48 27.19
C ASP K 182 -26.25 -6.51 28.08
N LYS K 183 -25.26 -6.95 28.86
CA LYS K 183 -24.55 -6.08 29.78
C LYS K 183 -23.06 -6.34 29.83
N TYR K 184 -22.23 -5.34 30.13
CA TYR K 184 -20.80 -5.41 30.35
C TYR K 184 -20.48 -4.57 31.57
N GLN K 185 -19.86 -5.15 32.61
CA GLN K 185 -19.35 -4.39 33.73
C GLN K 185 -17.83 -4.49 33.69
N LEU K 186 -17.32 -3.27 33.63
CA LEU K 186 -15.91 -2.92 33.71
C LEU K 186 -15.53 -2.28 35.04
N LYS K 187 -14.37 -2.70 35.54
CA LYS K 187 -13.50 -1.95 36.43
C LYS K 187 -12.53 -0.96 35.78
N ILE K 188 -12.58 0.24 36.35
CA ILE K 188 -11.86 1.39 35.87
C ILE K 188 -11.05 2.06 36.99
N LYS K 189 -10.03 2.83 36.60
CA LYS K 189 -9.12 3.51 37.49
C LYS K 189 -8.68 4.87 36.97
N VAL K 190 -8.17 5.71 37.88
CA VAL K 190 -7.62 7.00 37.58
C VAL K 190 -6.34 7.11 38.39
N GLN K 191 -5.21 7.59 37.87
CA GLN K 191 -3.93 7.77 38.54
C GLN K 191 -3.47 9.20 38.26
N ASP K 192 -2.71 9.86 39.15
CA ASP K 192 -2.08 11.14 38.94
C ASP K 192 -0.64 10.87 38.55
N MET K 193 0.29 11.80 38.73
CA MET K 193 1.68 11.66 38.36
C MET K 193 1.94 11.37 36.89
N ASP K 194 0.95 11.54 36.01
CA ASP K 194 0.97 11.14 34.61
C ASP K 194 0.91 9.63 34.38
N GLY K 195 0.71 8.84 35.42
CA GLY K 195 0.72 7.40 35.44
C GLY K 195 2.09 6.77 35.66
N GLN K 196 3.04 7.65 35.95
CA GLN K 196 4.31 7.26 36.52
C GLN K 196 4.15 6.43 37.79
N TYR K 197 5.08 5.50 38.02
CA TYR K 197 4.91 4.39 38.93
C TYR K 197 4.63 4.71 40.39
N PHE K 198 4.79 5.95 40.84
CA PHE K 198 4.60 6.46 42.18
C PHE K 198 3.50 7.50 42.32
N GLY K 199 2.83 7.85 41.22
CA GLY K 199 1.48 8.37 41.39
C GLY K 199 0.58 7.52 42.25
N LEU K 200 -0.42 8.21 42.81
CA LEU K 200 -1.52 7.68 43.59
C LEU K 200 -2.65 7.35 42.63
N GLN K 201 -3.35 6.25 42.93
CA GLN K 201 -4.39 5.73 42.08
C GLN K 201 -5.65 5.28 42.81
N THR K 202 -6.79 5.33 42.14
CA THR K 202 -8.12 5.10 42.68
C THR K 202 -8.97 4.26 41.73
N THR K 203 -9.52 3.12 42.14
CA THR K 203 -10.39 2.20 41.42
C THR K 203 -11.86 2.56 41.52
N SER K 204 -12.65 2.29 40.49
CA SER K 204 -14.09 2.51 40.41
C SER K 204 -14.73 1.57 39.40
N THR K 205 -16.05 1.70 39.20
CA THR K 205 -16.82 0.80 38.36
C THR K 205 -17.62 1.56 37.32
N CYS K 206 -17.73 1.02 36.10
CA CYS K 206 -18.53 1.42 34.97
C CYS K 206 -19.34 0.22 34.49
N ILE K 207 -20.66 0.39 34.45
CA ILE K 207 -21.67 -0.44 33.83
C ILE K 207 -22.11 0.14 32.49
N ILE K 208 -22.01 -0.70 31.46
CA ILE K 208 -22.46 -0.49 30.11
C ILE K 208 -23.63 -1.45 29.94
N ASN K 209 -24.74 -0.83 29.50
CA ASN K 209 -25.88 -1.61 29.04
C ASN K 209 -25.91 -1.63 27.52
N ILE K 210 -26.51 -2.70 26.99
CA ILE K 210 -26.91 -2.86 25.62
C ILE K 210 -28.42 -2.77 25.43
N ASP K 211 -28.81 -1.94 24.45
CA ASP K 211 -30.14 -1.54 24.01
C ASP K 211 -30.48 -2.05 22.61
N ASP K 212 -31.64 -2.70 22.52
CA ASP K 212 -32.13 -3.52 21.43
C ASP K 212 -32.60 -2.66 20.27
N VAL K 213 -32.07 -2.86 19.06
CA VAL K 213 -32.57 -2.19 17.88
C VAL K 213 -33.36 -3.18 17.05
N ASN K 214 -34.22 -2.66 16.18
CA ASN K 214 -35.07 -3.50 15.36
C ASN K 214 -34.45 -4.24 14.18
N ASP K 215 -33.39 -4.96 14.53
CA ASP K 215 -32.53 -5.55 13.52
C ASP K 215 -33.16 -6.81 12.94
N HIS K 216 -33.89 -7.59 13.73
CA HIS K 216 -34.59 -8.78 13.31
C HIS K 216 -36.02 -8.60 12.82
N LEU K 217 -36.45 -9.51 11.95
CA LEU K 217 -37.73 -9.58 11.26
C LEU K 217 -38.72 -10.51 11.95
N PRO K 218 -40.03 -10.31 11.76
CA PRO K 218 -41.05 -11.31 12.00
C PRO K 218 -40.95 -12.42 10.96
N THR K 219 -40.79 -13.67 11.40
CA THR K 219 -40.51 -14.80 10.55
C THR K 219 -41.49 -15.97 10.63
N PHE K 220 -42.19 -16.18 9.51
CA PHE K 220 -43.08 -17.29 9.24
C PHE K 220 -42.39 -18.64 9.37
N THR K 221 -43.21 -19.62 9.76
CA THR K 221 -42.95 -21.01 9.44
C THR K 221 -43.73 -21.52 8.25
N ARG K 222 -44.73 -20.76 7.81
CA ARG K 222 -45.49 -20.99 6.60
C ARG K 222 -46.08 -19.77 5.88
N THR K 223 -46.14 -19.71 4.54
CA THR K 223 -46.44 -18.55 3.74
C THR K 223 -47.58 -18.83 2.77
N SER K 224 -48.10 -20.05 2.68
CA SER K 224 -49.36 -20.27 1.97
C SER K 224 -50.42 -20.93 2.84
N TYR K 225 -51.66 -20.43 2.73
CA TYR K 225 -52.74 -20.88 3.56
C TYR K 225 -54.07 -20.94 2.81
N VAL K 226 -54.92 -21.92 3.12
CA VAL K 226 -56.24 -22.14 2.58
C VAL K 226 -57.35 -22.28 3.62
N THR K 227 -58.45 -21.55 3.40
CA THR K 227 -59.58 -21.48 4.29
C THR K 227 -60.93 -21.35 3.59
N SER K 228 -62.02 -21.62 4.31
CA SER K 228 -63.39 -21.41 3.93
C SER K 228 -64.17 -20.63 4.97
N VAL K 229 -65.29 -20.01 4.58
CA VAL K 229 -66.30 -19.41 5.43
C VAL K 229 -67.63 -19.42 4.68
N GLU K 230 -68.71 -19.55 5.44
CA GLU K 230 -70.05 -19.20 5.01
C GLU K 230 -70.26 -17.73 4.64
N GLU K 231 -71.03 -17.48 3.57
CA GLU K 231 -71.61 -16.20 3.30
C GLU K 231 -72.43 -15.61 4.44
N ASN K 232 -72.86 -14.35 4.29
CA ASN K 232 -73.70 -13.60 5.20
C ASN K 232 -73.13 -13.47 6.61
N THR K 233 -71.96 -13.98 7.01
CA THR K 233 -71.47 -14.13 8.37
C THR K 233 -70.48 -13.00 8.67
N VAL K 234 -70.52 -12.46 9.89
CA VAL K 234 -69.61 -11.51 10.50
C VAL K 234 -69.20 -12.03 11.87
N ASP K 235 -68.21 -11.37 12.46
CA ASP K 235 -67.65 -11.78 13.72
C ASP K 235 -67.28 -13.25 13.84
N VAL K 236 -66.77 -13.85 12.76
CA VAL K 236 -66.13 -15.16 12.59
C VAL K 236 -64.70 -15.01 12.10
N GLU K 237 -63.76 -15.81 12.63
CA GLU K 237 -62.38 -15.75 12.21
C GLU K 237 -62.08 -16.81 11.16
N ILE K 238 -61.24 -16.54 10.16
CA ILE K 238 -61.02 -17.43 9.03
C ILE K 238 -59.59 -17.92 8.93
N LEU K 239 -58.55 -17.17 9.30
CA LEU K 239 -57.19 -17.68 9.30
C LEU K 239 -56.32 -17.03 10.38
N ARG K 240 -55.63 -17.83 11.17
CA ARG K 240 -54.55 -17.39 12.03
C ARG K 240 -53.18 -17.64 11.40
N VAL K 241 -52.29 -16.66 11.56
CA VAL K 241 -50.91 -16.80 11.14
C VAL K 241 -50.00 -16.41 12.29
N THR K 242 -48.76 -16.90 12.36
CA THR K 242 -47.81 -16.58 13.41
C THR K 242 -46.38 -16.31 12.95
N VAL K 243 -45.54 -15.78 13.85
CA VAL K 243 -44.15 -15.41 13.65
C VAL K 243 -43.27 -15.50 14.88
N GLU K 244 -42.00 -15.86 14.70
CA GLU K 244 -40.98 -15.49 15.66
C GLU K 244 -40.35 -14.15 15.31
N ASP K 245 -39.78 -13.43 16.26
CA ASP K 245 -38.86 -12.33 16.00
C ASP K 245 -37.82 -12.38 17.11
N LYS K 246 -36.53 -12.29 16.79
CA LYS K 246 -35.52 -12.53 17.80
C LYS K 246 -35.13 -11.30 18.61
N ASP K 247 -35.67 -10.12 18.29
CA ASP K 247 -35.76 -8.99 19.19
C ASP K 247 -36.36 -9.41 20.53
N LEU K 248 -36.14 -8.57 21.55
CA LEU K 248 -36.52 -8.76 22.94
C LEU K 248 -38.03 -8.62 23.11
N VAL K 249 -38.70 -9.65 23.63
CA VAL K 249 -40.08 -9.70 24.08
C VAL K 249 -40.72 -8.40 24.54
N ASN K 250 -41.98 -8.19 24.14
CA ASN K 250 -42.87 -7.11 24.52
C ASN K 250 -42.47 -5.73 24.00
N THR K 251 -41.25 -5.52 23.52
CA THR K 251 -40.74 -4.28 23.00
C THR K 251 -41.29 -3.98 21.61
N ALA K 252 -41.18 -2.72 21.19
CA ALA K 252 -41.79 -2.29 19.94
C ALA K 252 -41.19 -3.01 18.75
N ASN K 253 -40.02 -3.63 18.95
CA ASN K 253 -39.20 -4.34 17.99
C ASN K 253 -39.66 -5.79 17.84
N TRP K 254 -40.50 -6.33 18.71
CA TRP K 254 -40.92 -7.71 18.66
C TRP K 254 -42.42 -7.79 18.43
N ARG K 255 -43.21 -6.78 18.82
CA ARG K 255 -44.60 -6.55 18.48
C ARG K 255 -44.87 -6.60 16.99
N ALA K 256 -46.08 -7.04 16.64
CA ALA K 256 -46.50 -7.30 15.28
C ALA K 256 -47.73 -6.54 14.78
N ASN K 257 -47.68 -6.17 13.50
CA ASN K 257 -48.77 -5.51 12.77
C ASN K 257 -48.98 -6.11 11.40
N TYR K 258 -50.26 -6.32 11.09
CA TYR K 258 -50.58 -6.99 9.85
C TYR K 258 -51.43 -6.11 8.91
N THR K 259 -51.45 -6.52 7.64
CA THR K 259 -52.13 -5.78 6.59
C THR K 259 -52.67 -6.74 5.53
N ILE K 260 -53.79 -6.34 4.91
CA ILE K 260 -54.35 -7.10 3.81
C ILE K 260 -53.82 -6.36 2.61
N LEU K 261 -53.03 -7.02 1.75
CA LEU K 261 -52.36 -6.49 0.59
C LEU K 261 -53.11 -6.70 -0.72
N LYS K 262 -53.91 -7.76 -0.84
CA LYS K 262 -54.69 -8.02 -2.02
C LYS K 262 -56.02 -8.69 -1.71
N GLY K 263 -56.97 -8.52 -2.64
CA GLY K 263 -58.10 -9.43 -2.82
C GLY K 263 -59.34 -9.07 -2.01
N ASN K 264 -59.30 -7.94 -1.32
CA ASN K 264 -60.28 -7.34 -0.43
C ASN K 264 -60.94 -6.10 -1.00
N GLU K 265 -61.37 -6.22 -2.26
CA GLU K 265 -61.71 -5.10 -3.09
C GLU K 265 -62.80 -4.20 -2.51
N ASN K 266 -63.84 -4.82 -1.92
CA ASN K 266 -65.01 -4.11 -1.43
C ASN K 266 -65.16 -4.13 0.07
N GLY K 267 -64.19 -4.66 0.81
CA GLY K 267 -64.02 -4.65 2.25
C GLY K 267 -64.64 -5.73 3.11
N ASN K 268 -64.60 -6.99 2.66
CA ASN K 268 -65.06 -8.13 3.42
C ASN K 268 -64.19 -8.50 4.61
N PHE K 269 -62.90 -8.20 4.59
CA PHE K 269 -61.93 -8.81 5.49
C PHE K 269 -61.27 -7.76 6.38
N LYS K 270 -60.91 -8.04 7.62
CA LYS K 270 -59.97 -7.27 8.41
C LYS K 270 -58.91 -8.25 8.90
N ILE K 271 -57.71 -7.74 9.21
CA ILE K 271 -56.71 -8.48 9.95
C ILE K 271 -56.40 -7.67 11.19
N VAL K 272 -56.27 -8.30 12.35
CA VAL K 272 -55.82 -7.74 13.62
C VAL K 272 -54.77 -8.63 14.26
N THR K 273 -54.01 -8.20 15.26
CA THR K 273 -52.96 -8.95 15.91
C THR K 273 -53.49 -9.55 17.21
N ASP K 274 -53.44 -10.84 17.54
CA ASP K 274 -53.52 -11.41 18.87
C ASP K 274 -52.17 -11.37 19.59
N ALA K 275 -52.06 -10.44 20.54
CA ALA K 275 -50.77 -9.97 21.00
C ALA K 275 -49.92 -11.00 21.70
N LYS K 276 -50.54 -11.89 22.49
CA LYS K 276 -49.84 -12.74 23.41
C LYS K 276 -48.96 -13.74 22.67
N THR K 277 -49.08 -14.01 21.37
CA THR K 277 -48.19 -14.80 20.54
C THR K 277 -47.84 -14.12 19.22
N ASN K 278 -48.29 -12.87 19.09
CA ASN K 278 -48.13 -12.10 17.86
C ASN K 278 -48.87 -12.63 16.64
N GLU K 279 -49.73 -13.64 16.87
CA GLU K 279 -50.61 -14.25 15.89
C GLU K 279 -51.57 -13.32 15.16
N GLY K 280 -51.51 -13.15 13.85
CA GLY K 280 -52.32 -12.27 13.04
C GLY K 280 -53.65 -12.95 12.78
N VAL K 281 -54.76 -12.42 13.28
CA VAL K 281 -56.07 -13.02 13.11
C VAL K 281 -56.86 -12.32 12.03
N LEU K 282 -57.21 -13.06 10.97
CA LEU K 282 -58.05 -12.71 9.85
C LEU K 282 -59.49 -13.08 10.17
N CYS K 283 -60.36 -12.09 9.92
CA CYS K 283 -61.79 -12.22 10.08
C CYS K 283 -62.54 -11.56 8.92
N VAL K 284 -63.79 -11.99 8.74
CA VAL K 284 -64.81 -11.34 7.94
C VAL K 284 -65.39 -10.26 8.86
N VAL K 285 -65.24 -9.01 8.43
CA VAL K 285 -66.02 -7.91 8.96
C VAL K 285 -67.28 -7.52 8.21
N LYS K 286 -67.29 -7.57 6.88
CA LYS K 286 -68.48 -7.36 6.07
C LYS K 286 -68.70 -8.68 5.37
N PRO K 287 -69.90 -9.25 5.31
CA PRO K 287 -70.23 -10.59 4.86
C PRO K 287 -69.91 -10.83 3.40
N LEU K 288 -69.73 -12.11 3.07
CA LEU K 288 -69.67 -12.47 1.66
C LEU K 288 -71.11 -12.68 1.23
N ASN K 289 -71.21 -12.94 -0.08
CA ASN K 289 -72.42 -13.35 -0.77
C ASN K 289 -72.12 -14.43 -1.81
N TYR K 290 -72.52 -15.68 -1.61
CA TYR K 290 -72.15 -16.78 -2.48
C TYR K 290 -72.82 -16.46 -3.81
N GLU K 291 -73.92 -15.71 -3.88
CA GLU K 291 -74.65 -15.42 -5.09
C GLU K 291 -74.01 -14.28 -5.86
N GLU K 292 -72.70 -14.06 -5.75
CA GLU K 292 -71.82 -13.18 -6.50
C GLU K 292 -70.44 -13.76 -6.79
N LYS K 293 -69.93 -14.53 -5.83
CA LYS K 293 -68.60 -15.11 -5.94
C LYS K 293 -68.48 -16.37 -5.09
N GLN K 294 -67.88 -17.44 -5.63
CA GLN K 294 -67.56 -18.63 -4.89
C GLN K 294 -66.14 -18.79 -4.36
N GLN K 295 -65.09 -18.33 -5.04
CA GLN K 295 -63.72 -18.26 -4.57
C GLN K 295 -63.05 -16.89 -4.65
N MET K 296 -62.05 -16.60 -3.81
CA MET K 296 -61.21 -15.42 -3.88
C MET K 296 -59.80 -15.82 -3.45
N ILE K 297 -58.80 -15.09 -3.98
CA ILE K 297 -57.40 -15.18 -3.67
C ILE K 297 -56.82 -13.86 -3.16
N LEU K 298 -55.98 -13.93 -2.14
CA LEU K 298 -55.71 -12.86 -1.20
C LEU K 298 -54.20 -12.82 -1.00
N GLN K 299 -53.70 -11.68 -0.55
CA GLN K 299 -52.43 -11.62 0.14
C GLN K 299 -52.51 -10.80 1.41
N ILE K 300 -51.79 -11.22 2.44
CA ILE K 300 -51.47 -10.50 3.66
C ILE K 300 -49.99 -10.24 3.89
N GLY K 301 -49.74 -9.57 5.01
CA GLY K 301 -48.37 -9.24 5.36
C GLY K 301 -48.27 -8.88 6.85
N VAL K 302 -47.03 -9.00 7.33
CA VAL K 302 -46.57 -8.70 8.67
C VAL K 302 -45.22 -8.00 8.70
N VAL K 303 -45.14 -7.07 9.67
CA VAL K 303 -44.06 -6.17 10.00
C VAL K 303 -44.10 -5.69 11.45
N ASN K 304 -43.01 -5.15 12.00
CA ASN K 304 -43.08 -4.68 13.38
C ASN K 304 -43.77 -3.33 13.43
N GLU K 305 -44.33 -3.16 14.63
CA GLU K 305 -44.63 -1.84 15.15
C GLU K 305 -43.52 -0.80 15.11
N ALA K 306 -42.27 -1.26 15.27
CA ALA K 306 -41.06 -0.49 15.13
C ALA K 306 -40.66 -0.22 13.69
N PRO K 307 -40.00 0.91 13.43
CA PRO K 307 -39.36 1.13 12.14
C PRO K 307 -38.20 0.18 11.85
N PHE K 308 -37.63 0.11 10.66
CA PHE K 308 -36.48 -0.67 10.24
C PHE K 308 -35.51 0.19 9.46
N SER K 309 -34.20 -0.06 9.32
CA SER K 309 -33.20 0.73 8.65
C SER K 309 -32.70 0.17 7.33
N ARG K 310 -31.86 1.00 6.74
CA ARG K 310 -31.15 0.70 5.52
C ARG K 310 -32.04 0.29 4.36
N GLU K 311 -33.04 1.15 4.18
CA GLU K 311 -34.05 1.09 3.14
C GLU K 311 -35.07 -0.01 3.27
N ALA K 312 -35.23 -0.55 4.49
CA ALA K 312 -36.08 -1.69 4.75
C ALA K 312 -37.52 -1.21 4.90
N SER K 313 -37.81 -0.02 5.42
CA SER K 313 -39.12 0.55 5.63
C SER K 313 -40.16 0.27 4.55
N PRO K 314 -39.90 0.66 3.30
CA PRO K 314 -40.91 0.59 2.27
C PRO K 314 -41.49 -0.79 1.95
N ARG K 315 -40.77 -1.91 1.87
CA ARG K 315 -41.34 -3.22 1.67
C ARG K 315 -40.44 -4.27 2.30
N SER K 316 -39.13 -4.06 2.33
CA SER K 316 -38.20 -5.11 2.67
C SER K 316 -38.07 -5.53 4.12
N ALA K 317 -38.66 -4.75 5.03
CA ALA K 317 -38.95 -5.08 6.42
C ALA K 317 -40.19 -5.97 6.43
N MET K 318 -41.06 -5.92 5.42
CA MET K 318 -42.39 -6.48 5.36
C MET K 318 -42.26 -7.84 4.73
N SER K 319 -42.78 -8.85 5.42
CA SER K 319 -43.00 -10.20 4.95
C SER K 319 -44.43 -10.62 4.61
N THR K 320 -44.74 -11.46 3.62
CA THR K 320 -46.08 -11.67 3.10
C THR K 320 -46.46 -13.14 3.12
N ALA K 321 -47.74 -13.41 3.36
CA ALA K 321 -48.34 -14.71 3.07
C ALA K 321 -49.44 -14.75 2.03
N THR K 322 -49.51 -15.76 1.14
CA THR K 322 -50.59 -16.03 0.21
C THR K 322 -51.76 -16.71 0.91
N VAL K 323 -52.99 -16.35 0.53
CA VAL K 323 -54.23 -16.75 1.14
C VAL K 323 -55.17 -17.06 -0.01
N THR K 324 -56.04 -18.06 0.17
CA THR K 324 -57.20 -18.39 -0.65
C THR K 324 -58.37 -18.48 0.32
N VAL K 325 -59.48 -17.85 -0.03
CA VAL K 325 -60.71 -18.02 0.72
C VAL K 325 -61.87 -18.52 -0.13
N ASN K 326 -62.42 -19.65 0.30
CA ASN K 326 -63.55 -20.32 -0.32
C ASN K 326 -64.86 -19.91 0.33
N VAL K 327 -65.89 -19.53 -0.42
CA VAL K 327 -67.16 -19.24 0.21
C VAL K 327 -68.16 -20.38 0.09
N GLU K 328 -68.78 -20.81 1.19
CA GLU K 328 -69.89 -21.74 1.25
C GLU K 328 -71.19 -20.95 1.20
N ASP K 329 -72.14 -21.60 0.54
CA ASP K 329 -73.51 -21.16 0.39
C ASP K 329 -74.40 -21.33 1.62
N GLN K 330 -75.18 -20.35 2.06
CA GLN K 330 -76.37 -20.45 2.89
C GLN K 330 -77.67 -20.30 2.09
N ASP K 331 -78.60 -21.23 2.32
CA ASP K 331 -79.98 -21.11 1.91
C ASP K 331 -80.64 -19.86 2.50
N GLU K 332 -80.91 -18.87 1.65
CA GLU K 332 -81.61 -17.65 2.04
C GLU K 332 -83.06 -17.75 1.63
N GLY K 333 -83.92 -17.20 2.49
CA GLY K 333 -85.35 -17.37 2.40
C GLY K 333 -85.98 -16.43 1.38
N PRO K 334 -87.29 -16.52 1.15
CA PRO K 334 -88.02 -15.66 0.25
C PRO K 334 -88.13 -14.20 0.70
N GLU K 335 -88.09 -13.28 -0.26
CA GLU K 335 -88.78 -12.03 0.01
C GLU K 335 -90.29 -12.04 -0.09
N CYS K 336 -91.00 -11.40 0.84
CA CYS K 336 -92.43 -11.58 1.03
C CYS K 336 -93.22 -10.27 0.99
N ASN K 337 -94.50 -10.34 0.60
CA ASN K 337 -95.26 -9.13 0.45
C ASN K 337 -96.76 -9.39 0.42
N PRO K 338 -97.58 -8.36 0.67
CA PRO K 338 -97.41 -7.09 1.35
C PRO K 338 -97.48 -7.31 2.85
N PRO K 339 -96.68 -6.55 3.61
CA PRO K 339 -96.72 -6.61 5.06
C PRO K 339 -98.11 -6.33 5.61
N ILE K 340 -98.84 -5.35 5.04
CA ILE K 340 -100.18 -5.06 5.51
C ILE K 340 -101.08 -5.01 4.28
N GLN K 341 -102.30 -5.55 4.44
CA GLN K 341 -103.34 -5.45 3.43
C GLN K 341 -104.73 -5.19 4.02
N THR K 342 -105.64 -4.63 3.23
CA THR K 342 -107.05 -4.58 3.57
C THR K 342 -107.83 -5.36 2.51
N VAL K 343 -108.87 -6.10 2.87
CA VAL K 343 -109.58 -7.03 2.00
C VAL K 343 -111.06 -7.03 2.31
N ARG K 344 -111.90 -7.37 1.31
CA ARG K 344 -113.33 -7.23 1.49
C ARG K 344 -114.14 -8.50 1.32
N MET K 345 -115.12 -8.69 2.21
CA MET K 345 -116.02 -9.82 2.16
C MET K 345 -117.40 -9.36 2.60
N LYS K 346 -118.41 -10.19 2.28
CA LYS K 346 -119.77 -9.96 2.71
C LYS K 346 -120.35 -11.17 3.40
N GLU K 347 -121.33 -11.11 4.29
CA GLU K 347 -122.03 -12.21 4.92
C GLU K 347 -122.52 -13.31 3.98
N ASN K 348 -122.61 -13.11 2.67
CA ASN K 348 -122.95 -14.15 1.71
C ASN K 348 -121.77 -15.01 1.27
N ALA K 349 -120.56 -14.77 1.77
CA ALA K 349 -119.38 -15.52 1.41
C ALA K 349 -119.53 -17.01 1.57
N GLU K 350 -119.50 -17.82 0.50
CA GLU K 350 -119.64 -19.26 0.46
C GLU K 350 -118.41 -20.05 0.88
N VAL K 351 -118.70 -21.21 1.47
CA VAL K 351 -117.67 -22.03 2.09
C VAL K 351 -116.81 -22.63 0.98
N GLY K 352 -115.50 -22.38 1.06
CA GLY K 352 -114.51 -22.65 0.04
C GLY K 352 -114.10 -21.51 -0.90
N THR K 353 -114.67 -20.31 -0.75
CA THR K 353 -114.35 -19.24 -1.66
C THR K 353 -112.92 -18.76 -1.42
N THR K 354 -112.04 -18.74 -2.41
CA THR K 354 -110.61 -18.50 -2.37
C THR K 354 -110.14 -17.12 -2.79
N SER K 355 -109.08 -16.52 -2.23
CA SER K 355 -108.72 -15.12 -2.36
C SER K 355 -107.28 -14.81 -1.95
N ASN K 356 -106.81 -13.64 -2.39
CA ASN K 356 -105.38 -13.42 -2.39
C ASN K 356 -104.87 -13.29 -0.97
N GLY K 357 -103.80 -14.02 -0.65
CA GLY K 357 -103.29 -14.01 0.71
C GLY K 357 -101.94 -13.34 0.89
N TYR K 358 -100.93 -14.02 1.45
CA TYR K 358 -99.58 -13.52 1.57
C TYR K 358 -98.57 -14.18 0.65
N LYS K 359 -97.80 -13.37 -0.07
CA LYS K 359 -96.95 -13.89 -1.13
C LYS K 359 -95.49 -13.93 -0.76
N ALA K 360 -94.74 -14.75 -1.49
CA ALA K 360 -93.32 -15.01 -1.31
C ALA K 360 -92.70 -15.53 -2.59
N TYR K 361 -91.43 -15.15 -2.81
CA TYR K 361 -90.51 -15.54 -3.85
C TYR K 361 -89.07 -15.47 -3.40
N ASP K 362 -88.30 -16.49 -3.79
CA ASP K 362 -86.87 -16.62 -3.65
C ASP K 362 -86.08 -16.42 -4.93
N PRO K 363 -85.30 -15.37 -5.17
CA PRO K 363 -84.49 -15.30 -6.37
C PRO K 363 -83.41 -16.35 -6.36
N GLU K 364 -82.93 -16.90 -5.23
CA GLU K 364 -81.90 -17.92 -5.20
C GLU K 364 -82.34 -19.14 -6.00
N THR K 365 -83.64 -19.35 -6.08
CA THR K 365 -84.26 -20.46 -6.80
C THR K 365 -85.14 -20.08 -7.98
N ARG K 366 -85.34 -18.78 -8.10
CA ARG K 366 -86.12 -18.13 -9.15
C ARG K 366 -87.61 -18.45 -9.04
N SER K 367 -88.06 -18.79 -7.82
CA SER K 367 -89.32 -19.46 -7.58
C SER K 367 -90.00 -19.05 -6.28
N SER K 368 -91.32 -19.09 -6.37
CA SER K 368 -92.31 -18.84 -5.34
C SER K 368 -92.79 -20.17 -4.75
N SER K 369 -92.41 -21.32 -5.32
CA SER K 369 -92.79 -22.66 -4.91
C SER K 369 -92.16 -23.23 -3.65
N GLY K 370 -92.46 -24.43 -3.17
CA GLY K 370 -91.91 -25.01 -1.95
C GLY K 370 -92.07 -24.15 -0.69
N ILE K 371 -92.80 -23.03 -0.72
CA ILE K 371 -93.30 -22.21 0.36
C ILE K 371 -94.52 -22.72 1.12
N ARG K 372 -94.49 -22.72 2.44
CA ARG K 372 -95.54 -23.19 3.31
C ARG K 372 -96.08 -22.00 4.09
N TYR K 373 -97.40 -22.07 4.31
CA TYR K 373 -98.08 -20.90 4.83
C TYR K 373 -98.92 -21.26 6.05
N LYS K 374 -99.14 -20.38 7.02
CA LYS K 374 -99.81 -20.58 8.29
C LYS K 374 -100.54 -19.31 8.68
N LYS K 375 -101.58 -19.49 9.51
CA LYS K 375 -102.21 -18.46 10.30
C LYS K 375 -101.70 -18.50 11.73
N LEU K 376 -101.76 -17.33 12.35
CA LEU K 376 -101.12 -17.00 13.61
C LEU K 376 -102.15 -16.29 14.47
N THR K 377 -102.75 -15.15 14.15
CA THR K 377 -103.85 -14.55 14.88
C THR K 377 -105.15 -14.41 14.11
N ASP K 378 -106.29 -14.66 14.77
CA ASP K 378 -107.64 -14.56 14.28
C ASP K 378 -108.69 -14.43 15.38
N PRO K 379 -109.38 -13.28 15.56
CA PRO K 379 -110.34 -13.10 16.63
C PRO K 379 -111.73 -13.63 16.33
N THR K 380 -112.01 -14.07 15.10
CA THR K 380 -113.34 -14.47 14.68
C THR K 380 -113.50 -15.93 14.25
N GLY K 381 -112.48 -16.51 13.62
CA GLY K 381 -112.33 -17.90 13.25
C GLY K 381 -112.93 -18.34 11.92
N TRP K 382 -113.27 -17.43 11.00
CA TRP K 382 -113.95 -17.81 9.78
C TRP K 382 -113.09 -18.11 8.57
N VAL K 383 -111.81 -17.74 8.53
CA VAL K 383 -110.89 -17.89 7.42
C VAL K 383 -109.60 -18.59 7.84
N THR K 384 -109.05 -19.27 6.84
CA THR K 384 -107.80 -19.99 6.86
C THR K 384 -106.79 -19.66 5.78
N ILE K 385 -105.56 -20.18 5.80
CA ILE K 385 -104.63 -20.14 4.68
C ILE K 385 -104.16 -21.51 4.19
N ASP K 386 -104.25 -21.80 2.89
CA ASP K 386 -103.79 -22.99 2.19
C ASP K 386 -102.27 -23.19 2.25
N GLU K 387 -101.79 -24.24 2.88
CA GLU K 387 -100.40 -24.38 3.29
C GLU K 387 -99.28 -24.63 2.27
N ASN K 388 -99.65 -24.47 1.00
CA ASN K 388 -98.87 -24.61 -0.22
C ASN K 388 -99.07 -23.50 -1.24
N THR K 389 -100.10 -22.67 -1.05
CA THR K 389 -100.44 -21.68 -2.05
C THR K 389 -100.25 -20.28 -1.45
N GLY K 390 -100.59 -20.16 -0.18
CA GLY K 390 -100.65 -18.90 0.52
C GLY K 390 -101.95 -18.14 0.37
N SER K 391 -103.01 -18.68 -0.26
CA SER K 391 -104.27 -18.01 -0.50
C SER K 391 -105.23 -18.15 0.68
N ILE K 392 -106.06 -17.13 0.91
CA ILE K 392 -107.06 -17.10 1.97
C ILE K 392 -108.32 -17.83 1.53
N LYS K 393 -108.93 -18.54 2.49
CA LYS K 393 -110.05 -19.37 2.10
C LYS K 393 -111.11 -19.33 3.20
N VAL K 394 -112.42 -19.38 2.90
CA VAL K 394 -113.47 -19.26 3.89
C VAL K 394 -113.70 -20.66 4.44
N PHE K 395 -113.55 -20.83 5.77
CA PHE K 395 -113.56 -22.06 6.52
C PHE K 395 -114.95 -22.24 7.10
N ARG K 396 -115.57 -21.15 7.57
CA ARG K 396 -116.95 -20.98 7.99
C ARG K 396 -117.54 -19.63 7.58
N SER K 397 -118.87 -19.51 7.63
CA SER K 397 -119.59 -18.34 7.20
C SER K 397 -119.42 -17.09 8.06
N LEU K 398 -118.99 -15.98 7.44
CA LEU K 398 -118.73 -14.73 8.11
C LEU K 398 -120.01 -14.12 8.66
N ASP K 399 -119.88 -13.41 9.79
CA ASP K 399 -121.07 -12.81 10.36
C ASP K 399 -120.90 -11.44 10.99
N ARG K 400 -121.49 -10.41 10.39
CA ARG K 400 -121.50 -9.04 10.86
C ARG K 400 -122.40 -8.85 12.08
N GLU K 401 -123.14 -9.89 12.48
CA GLU K 401 -123.91 -9.98 13.70
C GLU K 401 -123.17 -10.59 14.88
N ALA K 402 -121.91 -11.01 14.69
CA ALA K 402 -121.08 -11.46 15.77
C ALA K 402 -120.67 -10.33 16.70
N GLU K 403 -120.08 -10.69 17.84
CA GLU K 403 -119.47 -9.85 18.84
C GLU K 403 -117.95 -9.77 18.71
N THR K 404 -117.32 -10.57 17.85
CA THR K 404 -115.94 -10.70 17.46
C THR K 404 -115.45 -9.68 16.43
N ILE K 405 -116.33 -8.81 15.92
CA ILE K 405 -116.17 -7.76 14.94
C ILE K 405 -116.69 -6.44 15.47
N LYS K 406 -115.97 -5.33 15.22
CA LYS K 406 -116.53 -4.02 15.37
C LYS K 406 -116.37 -3.18 14.09
N ASN K 407 -117.29 -2.23 14.00
CA ASN K 407 -117.21 -1.27 12.92
C ASN K 407 -117.01 -1.85 11.53
N GLY K 408 -117.50 -3.08 11.33
CA GLY K 408 -117.31 -3.87 10.13
C GLY K 408 -115.94 -4.37 9.75
N ILE K 409 -114.93 -4.12 10.59
CA ILE K 409 -113.59 -4.58 10.34
C ILE K 409 -112.95 -5.35 11.47
N TYR K 410 -112.25 -6.43 11.12
CA TYR K 410 -111.27 -7.09 11.95
C TYR K 410 -109.88 -7.32 11.36
N ASN K 411 -109.03 -8.15 11.98
CA ASN K 411 -107.69 -8.34 11.47
C ASN K 411 -107.14 -9.75 11.68
N ILE K 412 -106.41 -10.34 10.73
CA ILE K 412 -105.62 -11.52 10.99
C ILE K 412 -104.13 -11.38 10.77
N THR K 413 -103.26 -12.19 11.37
CA THR K 413 -101.87 -12.29 10.98
C THR K 413 -101.62 -13.61 10.24
N VAL K 414 -100.80 -13.60 9.18
CA VAL K 414 -100.38 -14.69 8.34
C VAL K 414 -98.86 -14.78 8.20
N LEU K 415 -98.34 -16.00 8.12
CA LEU K 415 -96.94 -16.39 8.03
C LEU K 415 -96.76 -17.02 6.66
N ALA K 416 -95.68 -16.67 5.94
CA ALA K 416 -95.09 -17.58 4.98
C ALA K 416 -93.76 -18.03 5.58
N SER K 417 -93.43 -19.30 5.40
CA SER K 417 -92.27 -20.06 5.84
C SER K 417 -91.75 -20.93 4.71
N ASP K 418 -90.43 -21.07 4.78
CA ASP K 418 -89.51 -21.82 3.95
C ASP K 418 -89.45 -23.23 4.50
N GLN K 419 -88.73 -24.18 3.92
CA GLN K 419 -88.60 -25.47 4.58
C GLN K 419 -87.62 -25.40 5.75
N GLY K 420 -86.59 -24.58 5.61
CA GLY K 420 -85.74 -24.17 6.70
C GLY K 420 -86.42 -23.15 7.62
N GLY K 421 -85.63 -22.75 8.62
CA GLY K 421 -85.99 -22.00 9.80
C GLY K 421 -86.17 -20.52 9.59
N ARG K 422 -86.86 -20.12 8.51
CA ARG K 422 -87.23 -18.75 8.27
C ARG K 422 -88.74 -18.62 8.07
N THR K 423 -89.28 -17.49 8.53
CA THR K 423 -90.67 -17.11 8.57
C THR K 423 -90.64 -15.61 8.35
N CYS K 424 -91.47 -15.04 7.45
CA CYS K 424 -91.84 -13.65 7.35
C CYS K 424 -93.30 -13.52 7.75
N THR K 425 -93.63 -12.29 8.13
CA THR K 425 -94.94 -11.91 8.62
C THR K 425 -95.62 -10.85 7.76
N GLY K 426 -96.91 -11.13 7.64
CA GLY K 426 -98.01 -10.44 7.01
C GLY K 426 -99.21 -10.19 7.92
N THR K 427 -100.10 -9.22 7.65
CA THR K 427 -101.37 -9.03 8.31
C THR K 427 -102.39 -8.70 7.23
N LEU K 428 -103.68 -8.89 7.52
CA LEU K 428 -104.79 -8.51 6.66
C LEU K 428 -105.98 -7.99 7.47
N GLY K 429 -106.38 -6.74 7.34
CA GLY K 429 -107.54 -6.14 7.95
C GLY K 429 -108.78 -6.43 7.12
N ILE K 430 -109.52 -7.48 7.51
CA ILE K 430 -110.71 -7.97 6.83
C ILE K 430 -111.91 -7.09 7.18
N ILE K 431 -112.32 -6.33 6.18
CA ILE K 431 -113.62 -5.67 6.11
C ILE K 431 -114.70 -6.70 5.77
N LEU K 432 -115.64 -6.90 6.69
CA LEU K 432 -116.89 -7.59 6.52
C LEU K 432 -118.05 -6.62 6.28
N GLN K 433 -118.51 -6.45 5.03
CA GLN K 433 -119.78 -5.86 4.66
C GLN K 433 -121.01 -6.59 5.17
N ASP K 434 -121.99 -5.86 5.70
CA ASP K 434 -123.29 -6.31 6.13
C ASP K 434 -124.17 -6.81 5.00
N VAL K 435 -125.10 -7.73 5.27
CA VAL K 435 -126.27 -8.23 4.57
C VAL K 435 -127.52 -8.23 5.43
N ASN K 436 -128.69 -8.17 4.79
CA ASN K 436 -129.94 -8.31 5.53
C ASN K 436 -130.23 -9.79 5.79
N ASP K 437 -129.86 -10.31 6.96
CA ASP K 437 -129.92 -11.71 7.32
C ASP K 437 -130.77 -11.97 8.55
N ASN K 438 -131.47 -10.98 9.08
CA ASN K 438 -132.27 -10.90 10.29
C ASN K 438 -133.55 -10.08 10.15
N SER K 439 -134.63 -10.77 10.51
CA SER K 439 -135.90 -10.10 10.69
C SER K 439 -135.88 -9.25 11.95
N PRO K 440 -136.64 -8.18 12.14
CA PRO K 440 -136.84 -7.48 13.40
C PRO K 440 -137.64 -8.22 14.46
N PHE K 441 -137.36 -7.82 15.70
CA PHE K 441 -137.70 -8.51 16.94
C PHE K 441 -137.98 -7.51 18.05
N ILE K 442 -138.35 -7.91 19.27
CA ILE K 442 -138.93 -6.97 20.21
C ILE K 442 -138.22 -7.42 21.49
N PRO K 443 -137.51 -6.52 22.18
CA PRO K 443 -137.00 -6.64 23.54
C PRO K 443 -138.00 -6.70 24.67
N LYS K 444 -138.89 -5.71 24.76
CA LYS K 444 -139.87 -5.72 25.84
C LYS K 444 -141.19 -6.32 25.37
N LYS K 445 -141.48 -7.60 25.64
CA LYS K 445 -142.68 -8.28 25.22
C LYS K 445 -143.78 -8.06 26.26
N THR K 446 -143.58 -7.63 27.52
CA THR K 446 -144.58 -7.39 28.53
C THR K 446 -145.26 -6.03 28.36
N VAL K 447 -146.59 -5.95 28.34
CA VAL K 447 -147.35 -4.72 28.26
C VAL K 447 -148.47 -4.68 29.27
N ILE K 448 -148.31 -3.91 30.35
CA ILE K 448 -149.31 -3.73 31.39
C ILE K 448 -150.10 -2.45 31.08
N ILE K 449 -151.41 -2.50 31.28
CA ILE K 449 -152.31 -1.41 30.93
C ILE K 449 -153.29 -1.29 32.09
N CYS K 450 -153.36 -0.12 32.74
CA CYS K 450 -154.48 0.21 33.59
C CYS K 450 -155.66 0.64 32.75
N LYS K 451 -156.74 -0.16 32.77
CA LYS K 451 -158.00 0.04 32.11
C LYS K 451 -158.65 1.37 32.48
N PRO K 452 -158.48 1.93 33.67
CA PRO K 452 -158.96 3.25 34.06
C PRO K 452 -158.24 4.48 33.54
N THR K 453 -156.92 4.41 33.28
CA THR K 453 -156.01 5.50 33.04
C THR K 453 -155.12 5.24 31.84
N MET K 454 -155.58 4.27 31.04
CA MET K 454 -154.99 4.02 29.75
C MET K 454 -155.97 3.54 28.69
N SER K 455 -155.78 3.94 27.43
CA SER K 455 -156.40 3.45 26.22
C SER K 455 -155.47 2.56 25.40
N SER K 456 -154.16 2.80 25.55
CA SER K 456 -153.13 2.42 24.60
C SER K 456 -151.85 2.12 25.37
N ALA K 457 -151.03 1.25 24.74
CA ALA K 457 -149.64 1.04 25.09
C ALA K 457 -148.64 1.11 23.95
N GLU K 458 -147.36 1.34 24.28
CA GLU K 458 -146.27 1.55 23.34
C GLU K 458 -145.27 0.40 23.46
N ILE K 459 -144.77 0.01 22.28
CA ILE K 459 -143.79 -1.04 22.14
C ILE K 459 -142.82 -0.69 21.01
N VAL K 460 -141.58 -1.16 21.07
CA VAL K 460 -140.48 -0.74 20.22
C VAL K 460 -139.62 -1.93 19.82
N ALA K 461 -139.08 -1.86 18.61
CA ALA K 461 -138.49 -3.04 17.99
C ALA K 461 -137.01 -2.85 17.70
N VAL K 462 -136.32 -3.84 17.11
CA VAL K 462 -134.89 -3.86 16.92
C VAL K 462 -134.60 -4.82 15.78
N ASP K 463 -133.65 -4.43 14.92
CA ASP K 463 -133.19 -5.21 13.80
C ASP K 463 -131.70 -5.47 14.02
N PRO K 464 -131.08 -6.64 13.95
CA PRO K 464 -129.65 -6.84 14.11
C PRO K 464 -128.69 -6.25 13.09
N ASP K 465 -129.19 -6.01 11.87
CA ASP K 465 -128.46 -5.54 10.71
C ASP K 465 -128.19 -4.04 10.65
N GLU K 466 -127.46 -3.50 9.67
CA GLU K 466 -127.29 -2.09 9.37
C GLU K 466 -128.58 -1.32 9.37
N PRO K 467 -128.68 0.02 9.50
CA PRO K 467 -129.85 0.85 9.32
C PRO K 467 -130.53 0.78 7.97
N ILE K 468 -129.76 0.58 6.89
CA ILE K 468 -130.20 0.19 5.58
C ILE K 468 -130.84 -1.18 5.53
N HIS K 469 -130.82 -2.04 6.57
CA HIS K 469 -131.37 -3.37 6.62
C HIS K 469 -132.22 -3.52 7.87
N GLY K 470 -132.76 -2.37 8.29
CA GLY K 470 -133.21 -2.19 9.64
C GLY K 470 -134.48 -1.32 9.59
N PRO K 471 -134.68 -0.47 10.60
CA PRO K 471 -135.79 0.45 10.57
C PRO K 471 -135.73 1.41 9.39
N PRO K 472 -136.79 2.05 8.91
CA PRO K 472 -138.16 1.97 9.41
C PRO K 472 -138.87 0.63 9.44
N PHE K 473 -139.75 0.44 10.42
CA PHE K 473 -140.55 -0.74 10.63
C PHE K 473 -142.02 -0.54 10.25
N ASP K 474 -142.64 -1.66 9.84
CA ASP K 474 -144.06 -1.85 9.61
C ASP K 474 -144.49 -2.96 10.55
N PHE K 475 -145.44 -2.70 11.44
CA PHE K 475 -146.05 -3.74 12.24
C PHE K 475 -147.43 -4.15 11.75
N SER K 476 -147.91 -5.36 12.08
CA SER K 476 -149.24 -5.81 11.73
C SER K 476 -149.80 -6.92 12.60
N LEU K 477 -151.06 -6.80 13.01
CA LEU K 477 -151.79 -7.78 13.78
C LEU K 477 -152.42 -8.84 12.89
N GLU K 478 -151.68 -9.19 11.82
CA GLU K 478 -152.04 -10.10 10.75
C GLU K 478 -151.90 -11.55 11.19
N SER K 479 -150.84 -11.83 11.95
CA SER K 479 -150.45 -13.09 12.56
C SER K 479 -151.29 -13.46 13.78
N SER K 480 -152.52 -12.93 13.91
CA SER K 480 -153.39 -12.96 15.06
C SER K 480 -154.68 -13.64 14.65
N THR K 481 -155.47 -14.17 15.60
CA THR K 481 -156.75 -14.81 15.38
C THR K 481 -157.90 -13.82 15.30
N SER K 482 -159.05 -14.19 14.73
CA SER K 482 -160.17 -13.28 14.67
C SER K 482 -160.69 -12.75 16.00
N GLU K 483 -160.59 -13.39 17.16
CA GLU K 483 -160.96 -12.86 18.47
C GLU K 483 -159.92 -11.84 18.91
N VAL K 484 -158.64 -12.09 18.63
CA VAL K 484 -157.57 -11.24 19.11
C VAL K 484 -157.55 -10.03 18.19
N GLN K 485 -157.84 -10.23 16.90
CA GLN K 485 -158.15 -9.13 15.99
C GLN K 485 -159.38 -8.35 16.42
N ARG K 486 -160.40 -8.94 17.05
CA ARG K 486 -161.59 -8.31 17.57
C ARG K 486 -161.36 -7.40 18.77
N MET K 487 -160.48 -7.88 19.65
CA MET K 487 -160.25 -7.22 20.92
C MET K 487 -159.16 -6.16 20.82
N TRP K 488 -158.23 -6.17 19.86
CA TRP K 488 -156.98 -5.44 19.86
C TRP K 488 -156.76 -4.81 18.49
N ARG K 489 -156.01 -3.69 18.49
CA ARG K 489 -155.67 -2.97 17.29
C ARG K 489 -154.28 -2.39 17.47
N LEU K 490 -153.53 -2.21 16.37
CA LEU K 490 -152.09 -2.00 16.41
C LEU K 490 -151.79 -1.03 15.28
N LYS K 491 -150.77 -0.20 15.53
CA LYS K 491 -150.35 0.84 14.62
C LYS K 491 -148.85 1.07 14.73
N ALA K 492 -148.16 1.37 13.63
CA ALA K 492 -146.84 1.97 13.69
C ALA K 492 -146.79 3.46 13.95
N ILE K 493 -145.99 3.97 14.88
CA ILE K 493 -146.10 5.34 15.35
C ILE K 493 -144.82 6.15 15.24
N ASN K 494 -143.68 5.47 15.26
CA ASN K 494 -142.41 6.06 14.90
C ASN K 494 -141.65 5.14 13.96
N ASP K 495 -140.34 5.30 13.71
CA ASP K 495 -139.56 4.45 12.84
C ASP K 495 -139.09 3.15 13.49
N THR K 496 -139.08 3.06 14.83
CA THR K 496 -138.76 1.90 15.63
C THR K 496 -139.91 1.50 16.54
N ALA K 497 -141.08 2.14 16.41
CA ALA K 497 -142.10 2.14 17.44
C ALA K 497 -143.55 1.94 17.03
N ALA K 498 -144.37 1.50 17.99
CA ALA K 498 -145.75 1.13 17.71
C ALA K 498 -146.65 1.48 18.88
N ARG K 499 -147.96 1.47 18.64
CA ARG K 499 -148.99 1.66 19.62
C ARG K 499 -150.07 0.58 19.51
N LEU K 500 -150.42 -0.05 20.62
CA LEU K 500 -151.45 -1.04 20.84
C LEU K 500 -152.62 -0.36 21.54
N SER K 501 -153.86 -0.68 21.17
CA SER K 501 -155.07 -0.31 21.89
C SER K 501 -156.03 -1.49 21.97
N TYR K 502 -156.81 -1.64 23.03
CA TYR K 502 -158.00 -2.46 22.97
C TYR K 502 -159.14 -1.75 22.27
N GLN K 503 -160.09 -2.56 21.81
CA GLN K 503 -161.39 -2.10 21.34
C GLN K 503 -162.46 -3.10 21.71
N ASN K 504 -163.73 -2.72 21.63
CA ASN K 504 -164.81 -3.65 21.93
C ASN K 504 -164.71 -4.17 23.36
N ASP K 505 -164.14 -3.36 24.26
CA ASP K 505 -164.30 -3.54 25.70
C ASP K 505 -164.07 -4.88 26.39
N PRO K 506 -162.84 -5.39 26.32
CA PRO K 506 -162.53 -6.67 26.93
C PRO K 506 -162.48 -6.67 28.44
N PRO K 507 -162.62 -7.78 29.19
CA PRO K 507 -162.42 -7.79 30.63
C PRO K 507 -160.97 -7.57 31.04
N PHE K 508 -160.86 -7.28 32.33
CA PHE K 508 -159.62 -7.44 33.06
C PHE K 508 -159.09 -8.86 32.90
N GLY K 509 -157.80 -8.96 32.59
CA GLY K 509 -156.94 -10.12 32.68
C GLY K 509 -155.78 -10.03 31.69
N SER K 510 -154.96 -11.10 31.72
CA SER K 510 -153.82 -11.23 30.84
C SER K 510 -154.24 -11.88 29.53
N TYR K 511 -153.54 -11.53 28.45
CA TYR K 511 -153.72 -12.00 27.09
C TYR K 511 -152.46 -12.32 26.30
N VAL K 512 -152.55 -13.26 25.36
CA VAL K 512 -151.52 -13.46 24.37
C VAL K 512 -151.88 -12.83 23.01
N VAL K 513 -150.92 -12.17 22.37
CA VAL K 513 -151.14 -11.37 21.18
C VAL K 513 -149.90 -11.43 20.30
N PRO K 514 -150.01 -12.32 19.32
CA PRO K 514 -149.03 -12.54 18.28
C PRO K 514 -149.05 -11.50 17.17
N ILE K 515 -147.96 -10.74 17.16
CA ILE K 515 -147.81 -9.68 16.18
C ILE K 515 -146.66 -9.85 15.19
N THR K 516 -146.73 -9.19 14.02
CA THR K 516 -145.78 -9.21 12.94
C THR K 516 -144.95 -7.94 12.97
N VAL K 517 -143.64 -8.02 12.82
CA VAL K 517 -142.84 -6.86 12.46
C VAL K 517 -141.83 -7.15 11.36
N ARG K 518 -141.59 -6.17 10.47
CA ARG K 518 -140.75 -6.38 9.31
C ARG K 518 -139.86 -5.18 8.99
N ASP K 519 -138.63 -5.41 8.55
CA ASP K 519 -137.65 -4.38 8.30
C ASP K 519 -137.94 -3.73 6.94
N ARG K 520 -137.18 -2.69 6.64
CA ARG K 520 -137.44 -1.79 5.53
C ARG K 520 -137.26 -2.34 4.12
N LEU K 521 -136.69 -3.52 3.95
CA LEU K 521 -136.70 -4.41 2.81
C LEU K 521 -137.79 -5.48 2.81
N GLY K 522 -138.53 -5.68 3.90
CA GLY K 522 -139.61 -6.63 4.01
C GLY K 522 -139.23 -7.99 4.58
N MET K 523 -138.09 -8.26 5.25
CA MET K 523 -137.77 -9.42 6.05
C MET K 523 -138.59 -9.40 7.33
N SER K 524 -139.24 -10.49 7.74
CA SER K 524 -140.29 -10.52 8.73
C SER K 524 -140.17 -11.62 9.78
N SER K 525 -140.72 -11.37 10.97
CA SER K 525 -140.92 -12.43 11.95
C SER K 525 -142.11 -12.01 12.80
N VAL K 526 -142.73 -13.03 13.42
CA VAL K 526 -143.75 -12.89 14.43
C VAL K 526 -143.17 -13.13 15.83
N THR K 527 -143.71 -12.39 16.79
CA THR K 527 -143.42 -12.32 18.21
C THR K 527 -144.73 -12.19 18.99
N SER K 528 -144.81 -12.83 20.16
CA SER K 528 -145.95 -12.62 21.04
C SER K 528 -145.68 -11.59 22.13
N LEU K 529 -146.71 -10.80 22.46
CA LEU K 529 -146.78 -9.94 23.62
C LEU K 529 -147.63 -10.62 24.67
N ASP K 530 -147.21 -10.34 25.91
CA ASP K 530 -147.88 -10.81 27.10
C ASP K 530 -148.44 -9.56 27.76
N VAL K 531 -149.73 -9.49 27.49
CA VAL K 531 -150.53 -8.30 27.75
C VAL K 531 -151.32 -8.49 29.04
N THR K 532 -151.61 -7.33 29.64
CA THR K 532 -152.57 -7.29 30.73
C THR K 532 -153.48 -6.08 30.77
N LEU K 533 -154.79 -6.32 30.86
CA LEU K 533 -155.66 -5.26 31.28
C LEU K 533 -155.83 -5.38 32.79
N CYS K 534 -155.67 -4.30 33.55
CA CYS K 534 -155.57 -4.34 34.98
C CYS K 534 -156.36 -3.25 35.71
N ASP K 535 -156.83 -3.49 36.93
CA ASP K 535 -157.54 -2.49 37.69
C ASP K 535 -156.44 -1.85 38.52
N CYS K 536 -156.04 -0.64 38.17
CA CYS K 536 -154.96 0.14 38.74
C CYS K 536 -155.10 1.63 38.42
N ILE K 537 -154.47 2.49 39.20
CA ILE K 537 -154.44 3.93 39.05
C ILE K 537 -153.24 4.45 38.28
N THR K 538 -152.02 4.21 38.79
CA THR K 538 -150.77 4.92 38.56
C THR K 538 -150.03 4.44 37.33
N GLU K 539 -150.84 4.10 36.33
CA GLU K 539 -150.70 3.83 34.91
C GLU K 539 -149.90 2.60 34.54
N ASN K 540 -148.89 2.26 35.36
CA ASN K 540 -147.70 1.57 34.90
C ASN K 540 -147.68 0.08 35.22
N ASP K 541 -148.34 -0.42 36.26
CA ASP K 541 -148.10 -1.75 36.76
C ASP K 541 -149.13 -2.26 37.77
N CYS K 542 -149.12 -3.57 38.04
CA CYS K 542 -150.01 -4.23 38.96
C CYS K 542 -149.56 -5.48 39.73
N THR K 543 -148.25 -5.72 39.78
CA THR K 543 -147.61 -6.69 40.63
C THR K 543 -146.41 -6.08 41.33
N HIS K 544 -146.09 -6.46 42.58
CA HIS K 544 -145.00 -5.88 43.34
C HIS K 544 -144.25 -7.00 44.06
N ARG L 1 31.43 24.20 133.73
CA ARG L 1 31.65 25.65 133.67
C ARG L 1 31.33 26.24 132.32
N TRP L 2 31.32 27.58 132.32
CA TRP L 2 30.80 28.32 131.19
C TRP L 2 31.96 28.91 130.39
N ALA L 3 31.63 29.78 129.43
CA ALA L 3 32.54 30.26 128.40
C ALA L 3 32.34 31.71 128.04
N PRO L 4 33.42 32.31 127.52
CA PRO L 4 33.56 33.72 127.19
C PRO L 4 32.70 34.06 125.99
N ILE L 5 32.57 35.37 125.74
CA ILE L 5 31.93 35.90 124.54
C ILE L 5 32.77 35.50 123.34
N PRO L 6 32.25 34.91 122.26
CA PRO L 6 33.15 34.33 121.29
C PRO L 6 33.80 35.41 120.43
N CYS L 7 35.04 35.20 119.99
CA CYS L 7 35.43 35.58 118.65
C CYS L 7 34.70 34.66 117.68
N SER L 8 34.45 35.20 116.49
CA SER L 8 33.73 34.48 115.46
C SER L 8 34.47 34.32 114.15
N MET L 9 33.96 33.51 113.21
CA MET L 9 34.60 33.17 111.96
C MET L 9 33.45 32.75 111.05
N LEU L 10 33.73 32.43 109.78
CA LEU L 10 32.78 31.89 108.83
C LEU L 10 32.88 30.40 108.57
N GLU L 11 31.84 29.82 107.97
CA GLU L 11 31.99 28.63 107.16
C GLU L 11 32.49 28.93 105.75
N ASN L 12 32.93 27.91 105.02
CA ASN L 12 33.40 28.05 103.65
C ASN L 12 34.43 29.14 103.39
N SER L 13 35.21 29.44 104.44
CA SER L 13 36.00 30.65 104.48
C SER L 13 37.03 30.73 103.36
N LEU L 14 37.00 31.81 102.57
CA LEU L 14 37.87 32.01 101.43
C LEU L 14 39.36 32.16 101.71
N GLY L 15 39.86 32.63 102.85
CA GLY L 15 41.27 32.90 103.06
C GLY L 15 41.84 34.30 102.87
N PRO L 16 43.15 34.53 102.95
CA PRO L 16 44.29 33.64 103.09
C PRO L 16 44.45 32.86 104.37
N PHE L 17 44.73 31.56 104.37
CA PHE L 17 45.10 30.80 105.55
C PHE L 17 46.53 30.94 106.02
N PRO L 18 46.84 30.84 107.32
CA PRO L 18 45.96 30.70 108.47
C PRO L 18 45.20 31.98 108.81
N LEU L 19 43.89 31.84 108.96
CA LEU L 19 42.93 32.89 109.25
C LEU L 19 43.09 33.33 110.71
N PHE L 20 43.41 34.59 110.98
CA PHE L 20 43.54 35.24 112.27
C PHE L 20 42.20 35.56 112.92
N LEU L 21 42.17 35.42 114.24
CA LEU L 21 40.92 35.34 114.97
C LEU L 21 41.06 36.22 116.21
N GLN L 22 42.07 36.03 117.06
CA GLN L 22 42.17 36.74 118.32
C GLN L 22 43.53 36.53 118.96
N GLN L 23 43.81 37.27 120.04
CA GLN L 23 44.87 36.98 120.99
C GLN L 23 44.49 37.00 122.47
N VAL L 24 45.11 36.20 123.34
CA VAL L 24 45.06 36.31 124.78
C VAL L 24 46.50 36.23 125.26
N GLN L 25 46.85 37.00 126.30
CA GLN L 25 48.18 37.06 126.86
C GLN L 25 48.01 37.12 128.38
N SER L 26 48.96 36.47 129.08
CA SER L 26 48.82 36.44 130.52
C SER L 26 49.33 37.71 131.18
N ASP L 27 48.73 38.36 132.18
CA ASP L 27 49.09 39.68 132.69
C ASP L 27 50.52 39.70 133.23
N THR L 28 51.27 38.61 133.34
CA THR L 28 52.66 38.70 133.74
C THR L 28 53.67 38.59 132.60
N ALA L 29 53.20 38.45 131.37
CA ALA L 29 53.97 38.16 130.17
C ALA L 29 54.92 39.27 129.70
N GLN L 30 54.71 40.52 130.14
CA GLN L 30 55.69 41.54 129.90
C GLN L 30 56.92 41.46 130.81
N ASN L 31 56.79 41.00 132.05
CA ASN L 31 57.81 40.91 133.07
C ASN L 31 58.46 39.54 133.24
N TYR L 32 57.82 38.54 132.61
CA TYR L 32 58.18 37.15 132.68
C TYR L 32 58.30 36.62 131.26
N THR L 33 59.09 35.58 130.98
CA THR L 33 59.20 34.92 129.70
C THR L 33 58.17 33.79 129.57
N ILE L 34 57.20 34.01 128.69
CA ILE L 34 56.04 33.17 128.48
C ILE L 34 55.92 32.78 127.02
N TYR L 35 55.59 31.50 126.84
CA TYR L 35 55.10 30.98 125.57
C TYR L 35 53.77 30.24 125.61
N TYR L 36 53.03 30.08 124.52
CA TYR L 36 51.62 29.76 124.58
C TYR L 36 51.31 28.51 123.75
N SER L 37 50.14 27.89 123.99
CA SER L 37 49.81 26.58 123.51
C SER L 37 48.31 26.33 123.49
N ILE L 38 47.85 25.26 122.85
CA ILE L 38 46.43 24.94 122.83
C ILE L 38 46.16 23.44 122.94
N ARG L 39 45.19 23.02 123.76
CA ARG L 39 44.67 21.68 123.83
C ARG L 39 43.15 21.59 123.68
N GLY L 40 42.66 20.37 123.38
CA GLY L 40 41.27 20.03 123.22
C GLY L 40 40.90 19.39 121.88
N PRO L 41 39.59 19.22 121.68
CA PRO L 41 39.03 18.74 120.44
C PRO L 41 39.06 19.86 119.41
N GLY L 42 40.06 19.81 118.52
CA GLY L 42 40.40 20.86 117.58
C GLY L 42 41.89 21.09 117.46
N VAL L 43 42.75 20.46 118.27
CA VAL L 43 44.19 20.49 118.05
C VAL L 43 44.80 19.13 118.35
N ASP L 44 44.42 18.48 119.44
CA ASP L 44 45.15 17.30 119.84
C ASP L 44 44.20 16.13 120.02
N GLN L 45 42.96 16.41 120.39
CA GLN L 45 41.85 15.51 120.09
C GLN L 45 41.09 15.92 118.84
N GLU L 46 40.37 14.95 118.29
CA GLU L 46 39.76 15.14 116.98
C GLU L 46 38.70 16.23 117.05
N PRO L 47 38.67 17.11 116.04
CA PRO L 47 39.50 17.24 114.86
C PRO L 47 40.83 17.95 114.99
N ARG L 48 41.93 17.22 114.76
CA ARG L 48 43.28 17.46 115.22
C ARG L 48 43.90 18.54 114.35
N ASN L 49 44.69 19.49 114.84
CA ASN L 49 45.28 20.63 114.16
C ASN L 49 44.29 21.46 113.35
N LEU L 50 43.07 21.67 113.86
CA LEU L 50 42.08 22.54 113.26
C LEU L 50 42.42 24.01 113.53
N PHE L 51 42.77 24.26 114.79
CA PHE L 51 43.18 25.57 115.26
C PHE L 51 44.69 25.69 115.38
N TYR L 52 45.33 26.85 115.37
CA TYR L 52 46.77 26.99 115.54
C TYR L 52 47.09 28.22 116.39
N VAL L 53 48.14 28.26 117.22
CA VAL L 53 48.62 29.41 117.96
C VAL L 53 50.06 29.75 117.63
N GLU L 54 50.41 31.03 117.58
CA GLU L 54 51.75 31.61 117.56
C GLU L 54 52.39 31.43 118.92
N ARG L 55 53.35 30.52 118.98
CA ARG L 55 54.03 30.17 120.21
C ARG L 55 54.63 31.35 120.96
N ASP L 56 55.13 32.38 120.26
CA ASP L 56 55.77 33.57 120.76
C ASP L 56 54.75 34.64 121.14
N THR L 57 53.66 34.80 120.38
CA THR L 57 52.85 35.98 120.54
C THR L 57 51.42 35.77 121.00
N GLY L 58 51.00 34.50 120.99
CA GLY L 58 49.68 34.05 121.41
C GLY L 58 48.51 34.40 120.50
N ASN L 59 48.86 34.95 119.34
CA ASN L 59 47.92 35.14 118.25
C ASN L 59 47.38 33.80 117.77
N LEU L 60 46.07 33.58 117.69
CA LEU L 60 45.36 32.33 117.46
C LEU L 60 44.73 32.48 116.08
N TYR L 61 44.67 31.35 115.35
CA TYR L 61 44.32 31.22 113.95
C TYR L 61 43.58 29.90 113.81
N CYS L 62 42.92 29.74 112.66
CA CYS L 62 42.48 28.49 112.05
C CYS L 62 43.14 28.29 110.68
N THR L 63 43.46 27.04 110.41
CA THR L 63 44.27 26.68 109.25
C THR L 63 43.53 26.16 108.03
N ARG L 64 42.21 25.97 108.12
CA ARG L 64 41.39 25.37 107.08
C ARG L 64 39.96 25.89 107.11
N PRO L 65 39.27 25.81 105.97
CA PRO L 65 37.82 25.76 106.14
C PRO L 65 37.28 24.85 107.23
N VAL L 66 36.14 25.29 107.75
CA VAL L 66 35.20 24.51 108.53
C VAL L 66 33.76 24.64 108.07
N ASP L 67 32.90 23.76 108.61
CA ASP L 67 31.51 23.62 108.25
C ASP L 67 30.46 23.92 109.30
N ARG L 68 29.38 24.59 108.89
CA ARG L 68 28.41 25.01 109.87
C ARG L 68 27.36 23.97 110.19
N GLU L 69 26.97 23.13 109.24
CA GLU L 69 25.85 22.21 109.43
C GLU L 69 25.57 21.60 110.78
N GLN L 70 26.49 20.76 111.27
CA GLN L 70 26.24 20.09 112.52
C GLN L 70 26.54 20.97 113.75
N TYR L 71 27.37 22.00 113.62
CA TYR L 71 27.87 22.83 114.68
C TYR L 71 28.02 24.32 114.43
N GLU L 72 27.58 25.07 115.45
CA GLU L 72 27.72 26.51 115.50
C GLU L 72 28.87 27.00 116.37
N SER L 73 29.47 26.12 117.16
CA SER L 73 30.27 26.47 118.32
C SER L 73 31.47 25.53 118.26
N PHE L 74 32.70 26.01 118.44
CA PHE L 74 33.92 25.25 118.47
C PHE L 74 34.59 25.70 119.77
N GLU L 75 34.83 24.89 120.81
CA GLU L 75 35.54 25.16 122.04
C GLU L 75 36.81 24.37 122.35
N ILE L 76 37.83 25.11 122.73
CA ILE L 76 39.20 24.69 123.03
C ILE L 76 39.71 25.34 124.32
N ILE L 77 40.82 24.86 124.84
CA ILE L 77 41.58 25.39 125.96
C ILE L 77 42.94 25.86 125.44
N ALA L 78 43.38 26.97 126.04
CA ALA L 78 44.66 27.55 125.73
C ALA L 78 45.53 27.62 126.98
N PHE L 79 46.87 27.57 126.90
CA PHE L 79 47.73 27.49 128.06
C PHE L 79 49.03 28.26 127.94
N ALA L 80 49.42 28.96 129.00
CA ALA L 80 50.70 29.62 129.23
C ALA L 80 51.68 28.64 129.84
N THR L 81 52.92 28.70 129.34
CA THR L 81 54.07 28.05 129.96
C THR L 81 55.30 28.94 129.91
N THR L 82 56.29 28.76 130.78
CA THR L 82 57.55 29.47 130.84
C THR L 82 58.66 28.57 130.31
N PRO L 83 59.80 29.07 129.83
CA PRO L 83 61.00 28.32 129.53
C PRO L 83 61.52 27.52 130.72
N ASP L 84 61.28 27.91 131.97
CA ASP L 84 61.56 27.18 133.20
C ASP L 84 60.61 26.00 133.36
N GLY L 85 59.81 25.72 132.33
CA GLY L 85 59.01 24.54 132.16
C GLY L 85 57.78 24.59 133.07
N TYR L 86 57.66 25.39 134.13
CA TYR L 86 56.49 25.46 134.96
C TYR L 86 55.41 26.32 134.32
N THR L 87 54.16 26.23 134.81
CA THR L 87 52.95 26.83 134.28
C THR L 87 52.62 28.11 135.03
N PRO L 88 52.81 29.29 134.42
CA PRO L 88 52.68 30.59 135.03
C PRO L 88 51.24 30.86 135.42
N GLU L 89 50.23 30.48 134.61
CA GLU L 89 48.85 30.76 134.98
C GLU L 89 47.97 29.55 134.78
N LEU L 90 46.80 29.41 135.40
CA LEU L 90 45.79 28.44 135.04
C LEU L 90 45.39 28.68 133.59
N PRO L 91 45.02 27.62 132.84
CA PRO L 91 44.58 27.71 131.48
C PRO L 91 43.23 28.35 131.20
N LEU L 92 42.97 28.80 129.97
CA LEU L 92 41.80 29.58 129.60
C LEU L 92 40.94 28.80 128.61
N PRO L 93 39.78 28.27 129.01
CA PRO L 93 38.81 27.86 128.02
C PRO L 93 38.30 28.97 127.09
N LEU L 94 38.27 28.77 125.76
CA LEU L 94 37.74 29.69 124.77
C LEU L 94 36.75 29.05 123.82
N ILE L 95 35.96 29.87 123.11
CA ILE L 95 34.93 29.48 122.17
C ILE L 95 35.17 30.34 120.94
N ILE L 96 35.22 29.74 119.76
CA ILE L 96 34.89 30.33 118.47
C ILE L 96 33.42 30.04 118.18
N LYS L 97 32.75 30.96 117.47
CA LYS L 97 31.44 30.85 116.85
C LYS L 97 31.43 30.90 115.34
N ILE L 98 30.63 30.09 114.64
CA ILE L 98 30.64 30.08 113.18
C ILE L 98 29.35 30.63 112.60
N GLU L 99 29.48 31.37 111.49
CA GLU L 99 28.46 32.15 110.84
C GLU L 99 28.29 31.76 109.38
N ASP L 100 27.17 32.10 108.72
CA ASP L 100 26.58 31.16 107.81
C ASP L 100 26.71 31.62 106.36
N GLU L 101 26.68 30.66 105.43
CA GLU L 101 26.63 30.69 103.99
C GLU L 101 25.44 29.87 103.50
N ASN L 102 24.94 30.24 102.32
CA ASN L 102 23.78 29.64 101.70
C ASN L 102 23.82 28.18 101.25
N ASP L 103 24.95 27.52 101.45
CA ASP L 103 25.37 26.30 100.77
C ASP L 103 24.44 25.11 100.80
N ASN L 104 23.63 24.95 101.84
CA ASN L 104 22.62 23.91 101.93
C ASN L 104 21.39 24.33 101.13
N TYR L 105 20.83 23.36 100.42
CA TYR L 105 19.77 23.63 99.45
C TYR L 105 18.49 24.00 100.18
N PRO L 106 17.57 24.69 99.50
CA PRO L 106 16.16 24.74 99.84
C PRO L 106 15.56 23.41 99.41
N ILE L 107 14.84 22.71 100.29
CA ILE L 107 14.33 21.38 100.02
C ILE L 107 12.82 21.43 100.06
N PHE L 108 12.12 20.81 99.10
CA PHE L 108 10.69 20.95 98.94
C PHE L 108 9.92 20.16 99.98
N THR L 109 8.75 20.66 100.38
CA THR L 109 8.04 20.19 101.55
C THR L 109 7.32 18.87 101.35
N GLU L 110 6.99 18.52 100.10
CA GLU L 110 6.34 17.29 99.72
C GLU L 110 6.91 16.96 98.36
N GLU L 111 6.75 15.70 97.91
CA GLU L 111 7.10 15.20 96.61
C GLU L 111 5.90 15.11 95.67
N THR L 112 4.72 15.62 96.05
CA THR L 112 3.45 15.62 95.34
C THR L 112 2.67 16.89 95.62
N TYR L 113 2.33 17.66 94.59
CA TYR L 113 1.65 18.94 94.64
C TYR L 113 0.59 18.97 93.56
N THR L 114 -0.69 19.03 93.99
CA THR L 114 -1.85 18.73 93.18
C THR L 114 -2.91 19.81 93.27
N PHE L 115 -3.55 19.98 92.11
CA PHE L 115 -4.74 20.78 91.85
C PHE L 115 -5.68 20.20 90.80
N THR L 116 -6.94 20.64 90.84
CA THR L 116 -7.99 20.23 89.91
C THR L 116 -8.73 21.46 89.38
N ILE L 117 -8.94 21.58 88.08
CA ILE L 117 -9.65 22.68 87.48
C ILE L 117 -10.60 22.25 86.39
N PHE L 118 -11.74 22.91 86.13
CA PHE L 118 -12.49 22.68 84.90
C PHE L 118 -11.83 23.24 83.66
N GLU L 119 -12.11 22.72 82.48
CA GLU L 119 -11.83 23.28 81.17
C GLU L 119 -12.51 24.60 80.84
N ASN L 120 -12.24 25.22 79.69
CA ASN L 120 -12.94 26.45 79.38
C ASN L 120 -12.80 27.56 80.39
N CYS L 121 -11.56 27.89 80.75
CA CYS L 121 -11.16 28.62 81.95
C CYS L 121 -10.93 30.07 81.60
N ARG L 122 -10.21 30.76 82.50
CA ARG L 122 -9.86 32.17 82.47
C ARG L 122 -8.48 32.40 83.03
N VAL L 123 -7.76 33.47 82.66
CA VAL L 123 -6.38 33.70 83.04
C VAL L 123 -6.53 34.12 84.49
N GLY L 124 -5.58 33.61 85.28
CA GLY L 124 -5.53 34.00 86.68
C GLY L 124 -6.25 33.10 87.68
N THR L 125 -6.91 32.03 87.22
CA THR L 125 -7.47 30.92 87.95
C THR L 125 -6.37 30.30 88.81
N THR L 126 -6.53 30.41 90.13
CA THR L 126 -5.54 29.88 91.05
C THR L 126 -5.52 28.37 91.20
N VAL L 127 -4.30 27.85 91.32
CA VAL L 127 -4.03 26.44 91.40
C VAL L 127 -3.11 26.08 92.56
N GLY L 128 -3.08 26.78 93.69
CA GLY L 128 -2.37 26.42 94.89
C GLY L 128 -0.92 26.87 94.96
N GLN L 129 -0.12 26.22 95.80
CA GLN L 129 1.18 26.76 96.13
C GLN L 129 2.18 25.64 96.37
N VAL L 130 3.48 25.92 96.18
CA VAL L 130 4.56 25.00 96.47
C VAL L 130 5.42 25.60 97.57
N CYS L 131 6.07 24.86 98.47
CA CYS L 131 6.79 25.36 99.62
C CYS L 131 8.10 24.62 99.86
N ALA L 132 9.05 25.20 100.58
CA ALA L 132 10.45 24.80 100.72
C ALA L 132 11.01 25.46 101.97
N THR L 133 11.97 24.82 102.63
CA THR L 133 12.65 25.25 103.85
C THR L 133 14.07 24.69 103.82
N ASP L 134 15.02 25.44 104.40
CA ASP L 134 16.44 25.42 104.13
C ASP L 134 17.25 25.40 105.42
N LYS L 135 18.26 24.52 105.55
CA LYS L 135 18.93 24.26 106.80
C LYS L 135 19.91 25.30 107.31
N ASP L 136 20.23 26.33 106.54
CA ASP L 136 20.91 27.54 106.98
C ASP L 136 20.13 28.38 107.98
N GLU L 137 20.68 29.41 108.61
CA GLU L 137 20.15 30.20 109.72
C GLU L 137 18.97 31.00 109.18
N PRO L 138 17.86 31.00 109.92
CA PRO L 138 16.72 31.85 109.69
C PRO L 138 16.89 33.35 109.88
N ASP L 139 16.13 34.20 109.21
CA ASP L 139 16.22 35.64 109.08
C ASP L 139 17.37 36.19 108.24
N THR L 140 17.98 35.32 107.44
CA THR L 140 19.06 35.65 106.54
C THR L 140 18.68 35.37 105.10
N MET L 141 19.55 35.83 104.19
CA MET L 141 19.65 35.54 102.77
C MET L 141 19.82 34.04 102.48
N HIS L 142 20.45 33.30 103.38
CA HIS L 142 20.95 31.96 103.11
C HIS L 142 19.84 30.93 102.98
N THR L 143 18.61 31.35 103.25
CA THR L 143 17.28 30.74 103.27
C THR L 143 16.19 31.55 102.59
N ARG L 144 16.49 32.71 102.02
CA ARG L 144 15.51 33.45 101.24
C ARG L 144 15.41 32.84 99.84
N LEU L 145 14.21 32.81 99.24
CA LEU L 145 13.86 31.91 98.16
C LEU L 145 13.33 32.74 97.00
N LYS L 146 13.32 32.13 95.81
CA LYS L 146 12.64 32.59 94.62
C LYS L 146 12.32 31.47 93.64
N TYR L 147 11.27 31.64 92.84
CA TYR L 147 10.50 30.61 92.18
C TYR L 147 10.33 30.80 90.68
N SER L 148 10.16 29.69 89.96
CA SER L 148 9.95 29.69 88.53
C SER L 148 9.46 28.34 88.00
N ILE L 149 8.93 28.40 86.77
CA ILE L 149 8.57 27.35 85.86
C ILE L 149 9.66 26.95 84.87
N ILE L 150 9.81 25.65 84.68
CA ILE L 150 10.90 25.05 83.94
C ILE L 150 10.37 24.05 82.92
N GLY L 151 9.06 23.92 82.68
CA GLY L 151 8.52 22.95 81.74
C GLY L 151 7.15 22.43 82.14
N GLN L 152 6.51 21.72 81.20
CA GLN L 152 5.18 21.13 81.27
C GLN L 152 5.14 19.90 80.37
N VAL L 153 4.33 18.94 80.81
CA VAL L 153 3.98 17.84 79.92
C VAL L 153 2.49 17.80 79.66
N PRO L 154 2.03 17.60 78.41
CA PRO L 154 2.79 17.97 77.23
C PRO L 154 3.32 19.40 77.19
N PRO L 155 4.31 19.73 76.37
CA PRO L 155 5.03 20.99 76.49
C PRO L 155 4.24 22.26 76.15
N SER L 156 3.30 22.05 75.25
CA SER L 156 2.36 23.08 74.85
C SER L 156 0.94 22.65 75.17
N PRO L 157 -0.02 23.55 75.34
CA PRO L 157 0.04 25.00 75.24
C PRO L 157 0.59 25.57 76.53
N THR L 158 0.86 26.88 76.57
CA THR L 158 1.28 27.63 77.74
C THR L 158 0.03 27.94 78.57
N LEU L 159 0.00 27.46 79.81
CA LEU L 159 -1.19 27.43 80.61
C LEU L 159 -1.06 27.99 82.02
N PHE L 160 0.15 28.20 82.54
CA PHE L 160 0.36 28.46 83.95
C PHE L 160 1.46 29.49 84.19
N SER L 161 1.58 29.97 85.43
CA SER L 161 2.26 31.16 85.89
C SER L 161 2.40 31.08 87.40
N MET L 162 3.46 31.68 87.95
CA MET L 162 3.64 31.61 89.39
C MET L 162 4.32 32.83 90.00
N HIS L 163 4.05 33.06 91.30
CA HIS L 163 4.58 34.07 92.17
C HIS L 163 6.09 33.89 92.38
N PRO L 164 6.91 34.82 91.91
CA PRO L 164 8.36 34.84 92.04
C PRO L 164 8.85 34.67 93.47
N THR L 165 8.15 35.26 94.44
CA THR L 165 8.49 35.18 95.84
C THR L 165 7.80 34.00 96.52
N THR L 166 6.46 33.95 96.49
CA THR L 166 5.73 33.14 97.46
C THR L 166 5.56 31.71 96.98
N GLY L 167 5.71 31.32 95.71
CA GLY L 167 5.26 30.06 95.16
C GLY L 167 3.78 29.90 94.85
N VAL L 168 2.88 30.89 94.91
CA VAL L 168 1.50 30.72 94.45
C VAL L 168 1.45 30.63 92.94
N ILE L 169 0.79 29.59 92.40
CA ILE L 169 0.53 29.25 91.02
C ILE L 169 -0.85 29.65 90.50
N THR L 170 -0.90 30.30 89.32
CA THR L 170 -2.05 30.73 88.56
C THR L 170 -2.07 30.09 87.17
N THR L 171 -3.23 30.23 86.51
CA THR L 171 -3.34 30.10 85.08
C THR L 171 -2.79 31.29 84.31
N THR L 172 -2.03 31.06 83.23
CA THR L 172 -1.64 32.06 82.26
C THR L 172 -2.44 32.02 80.97
N SER L 173 -3.39 31.14 80.70
CA SER L 173 -4.25 31.04 79.52
C SER L 173 -5.68 30.68 79.95
N SER L 174 -6.63 31.13 79.15
CA SER L 174 -8.01 30.68 79.26
C SER L 174 -8.28 29.44 78.43
N GLN L 175 -7.32 28.76 77.80
CA GLN L 175 -7.65 27.87 76.71
C GLN L 175 -7.65 26.38 76.96
N LEU L 176 -8.13 25.94 78.14
CA LEU L 176 -8.02 24.55 78.51
C LEU L 176 -9.16 23.73 77.91
N ASP L 177 -8.87 22.48 77.56
CA ASP L 177 -9.84 21.67 76.86
C ASP L 177 -9.72 20.22 77.27
N ARG L 178 -10.85 19.69 77.76
CA ARG L 178 -10.96 18.40 78.42
C ARG L 178 -11.23 17.30 77.40
N GLU L 179 -11.73 17.66 76.21
CA GLU L 179 -11.83 16.78 75.06
C GLU L 179 -10.49 16.61 74.35
N LEU L 180 -9.43 17.12 74.97
CA LEU L 180 -8.05 16.90 74.56
C LEU L 180 -7.28 15.93 75.43
N ILE L 181 -7.36 16.18 76.75
CA ILE L 181 -6.51 15.57 77.74
C ILE L 181 -7.21 15.73 79.09
N ASP L 182 -6.82 14.98 80.12
CA ASP L 182 -7.40 14.89 81.44
C ASP L 182 -6.44 15.25 82.57
N LYS L 183 -5.14 15.42 82.33
CA LYS L 183 -4.15 15.88 83.30
C LYS L 183 -2.96 16.56 82.64
N TYR L 184 -2.44 17.65 83.21
CA TYR L 184 -1.20 18.31 82.87
C TYR L 184 -0.32 18.21 84.11
N GLN L 185 0.97 18.00 83.85
CA GLN L 185 2.14 18.04 84.72
C GLN L 185 2.84 19.34 84.38
N LEU L 186 3.21 20.06 85.44
CA LEU L 186 3.95 21.31 85.37
C LEU L 186 5.15 21.23 86.32
N LYS L 187 6.34 21.61 85.84
CA LYS L 187 7.60 21.42 86.52
C LYS L 187 8.25 22.75 86.91
N ILE L 188 8.87 22.81 88.09
CA ILE L 188 9.15 24.05 88.79
C ILE L 188 10.47 23.91 89.55
N LYS L 189 10.94 25.08 89.97
CA LYS L 189 12.20 25.31 90.66
C LYS L 189 12.13 26.27 91.85
N VAL L 190 12.67 25.92 93.02
CA VAL L 190 13.04 26.95 93.97
C VAL L 190 14.54 27.17 93.96
N GLN L 191 15.00 28.38 94.24
CA GLN L 191 16.39 28.73 94.50
C GLN L 191 16.51 29.65 95.71
N ASP L 192 17.60 29.56 96.49
CA ASP L 192 17.91 30.49 97.55
C ASP L 192 18.72 31.71 97.16
N MET L 193 19.16 32.37 98.24
CA MET L 193 19.89 33.60 98.14
C MET L 193 19.08 34.69 97.47
N ASP L 194 17.79 34.85 97.74
CA ASP L 194 16.82 35.76 97.17
C ASP L 194 16.99 35.96 95.68
N GLY L 195 17.06 34.90 94.87
CA GLY L 195 17.36 34.92 93.44
C GLY L 195 18.70 35.34 92.88
N GLN L 196 19.70 35.60 93.72
CA GLN L 196 21.01 35.98 93.24
C GLN L 196 21.74 34.79 92.63
N TYR L 197 22.76 35.11 91.84
CA TYR L 197 23.38 34.08 91.02
C TYR L 197 24.09 32.94 91.72
N PHE L 198 24.72 33.15 92.89
CA PHE L 198 25.31 32.14 93.73
C PHE L 198 24.26 31.29 94.44
N GLY L 199 22.96 31.30 94.14
CA GLY L 199 21.92 30.57 94.83
C GLY L 199 21.68 29.10 94.48
N LEU L 200 21.52 28.27 95.50
CA LEU L 200 21.43 26.82 95.45
C LEU L 200 20.06 26.45 94.90
N GLN L 201 20.00 25.59 93.88
CA GLN L 201 18.79 25.33 93.11
C GLN L 201 18.21 23.94 93.26
N THR L 202 16.92 23.83 93.57
CA THR L 202 16.13 22.60 93.62
C THR L 202 14.94 22.60 92.70
N THR L 203 14.58 21.49 92.04
CA THR L 203 13.54 21.34 91.03
C THR L 203 12.59 20.20 91.40
N SER L 204 11.33 20.25 90.96
CA SER L 204 10.25 19.31 91.21
C SER L 204 9.14 19.40 90.19
N THR L 205 8.02 18.67 90.33
CA THR L 205 6.80 18.72 89.55
C THR L 205 5.53 18.88 90.37
N CYS L 206 4.56 19.69 89.95
CA CYS L 206 3.16 19.84 90.32
C CYS L 206 2.26 19.33 89.21
N ILE L 207 1.06 18.87 89.60
CA ILE L 207 0.09 18.27 88.72
C ILE L 207 -1.27 18.96 88.82
N ILE L 208 -1.87 19.24 87.66
CA ILE L 208 -3.19 19.80 87.50
C ILE L 208 -4.02 18.83 86.68
N ASN L 209 -5.17 18.47 87.27
CA ASN L 209 -6.20 17.57 86.78
C ASN L 209 -7.25 18.41 86.09
N ILE L 210 -7.75 17.88 84.97
CA ILE L 210 -8.59 18.65 84.07
C ILE L 210 -9.99 18.06 84.06
N ASP L 211 -11.06 18.82 84.29
CA ASP L 211 -12.46 18.43 84.40
C ASP L 211 -13.38 18.98 83.33
N ASP L 212 -14.59 18.47 83.09
CA ASP L 212 -15.39 18.61 81.90
C ASP L 212 -16.55 19.57 82.14
N VAL L 213 -16.94 20.39 81.16
CA VAL L 213 -18.24 21.03 81.07
C VAL L 213 -18.76 20.90 79.64
N ASN L 214 -20.07 20.99 79.42
CA ASN L 214 -20.58 20.87 78.07
C ASN L 214 -20.18 22.04 77.17
N ASP L 215 -19.61 21.68 76.01
CA ASP L 215 -19.16 22.61 75.01
C ASP L 215 -19.35 21.98 73.65
N HIS L 216 -19.17 20.65 73.63
CA HIS L 216 -19.27 19.94 72.37
C HIS L 216 -20.74 19.67 72.10
N LEU L 217 -21.20 19.84 70.86
CA LEU L 217 -22.58 19.70 70.45
C LEU L 217 -22.86 18.28 69.99
N PRO L 218 -24.01 17.68 70.32
CA PRO L 218 -24.57 16.52 69.63
C PRO L 218 -24.85 16.77 68.16
N THR L 219 -24.90 15.70 67.34
CA THR L 219 -25.20 15.77 65.93
C THR L 219 -25.77 14.42 65.51
N PHE L 220 -26.56 14.45 64.44
CA PHE L 220 -27.01 13.27 63.73
C PHE L 220 -25.88 12.78 62.85
N THR L 221 -25.90 11.47 62.49
CA THR L 221 -25.03 10.83 61.54
C THR L 221 -24.94 11.44 60.16
N ARG L 222 -25.95 12.15 59.68
CA ARG L 222 -26.00 12.71 58.35
C ARG L 222 -26.53 14.13 58.49
N THR L 223 -26.42 14.91 57.40
CA THR L 223 -27.04 16.17 57.05
C THR L 223 -28.48 15.96 56.57
N SER L 224 -28.78 14.84 55.91
CA SER L 224 -29.98 14.67 55.13
C SER L 224 -30.33 13.20 55.14
N TYR L 225 -31.63 12.86 55.30
CA TYR L 225 -32.15 11.54 55.08
C TYR L 225 -33.27 11.57 54.06
N VAL L 226 -33.68 10.39 53.56
CA VAL L 226 -34.86 10.15 52.73
C VAL L 226 -35.53 8.87 53.21
N THR L 227 -36.86 8.92 53.22
CA THR L 227 -37.81 7.97 53.76
C THR L 227 -39.05 7.92 52.89
N SER L 228 -39.90 6.91 53.15
CA SER L 228 -41.23 6.71 52.62
C SER L 228 -42.29 6.30 53.63
N VAL L 229 -43.54 6.76 53.44
CA VAL L 229 -44.68 6.59 54.30
C VAL L 229 -46.05 6.39 53.63
N GLU L 230 -47.17 6.18 54.35
CA GLU L 230 -48.47 6.11 53.73
C GLU L 230 -49.52 6.99 54.38
N GLU L 231 -50.49 7.50 53.61
CA GLU L 231 -51.59 8.26 54.13
C GLU L 231 -52.48 7.48 55.10
N ASN L 232 -53.25 8.15 55.96
CA ASN L 232 -54.20 7.56 56.86
C ASN L 232 -53.58 6.48 57.73
N THR L 233 -52.37 6.72 58.24
CA THR L 233 -51.60 5.85 59.11
C THR L 233 -50.97 6.65 60.26
N VAL L 234 -50.95 6.07 61.46
CA VAL L 234 -50.36 6.53 62.71
C VAL L 234 -49.48 5.39 63.19
N ASP L 235 -48.58 5.76 64.12
CA ASP L 235 -47.80 4.94 65.02
C ASP L 235 -46.72 4.10 64.36
N VAL L 236 -46.13 4.75 63.36
CA VAL L 236 -45.20 4.10 62.46
C VAL L 236 -43.90 4.89 62.49
N GLU L 237 -42.79 4.22 62.81
CA GLU L 237 -41.42 4.63 62.58
C GLU L 237 -41.14 4.86 61.10
N ILE L 238 -40.63 6.03 60.73
CA ILE L 238 -40.12 6.32 59.40
C ILE L 238 -38.61 6.31 59.31
N LEU L 239 -37.91 6.55 60.44
CA LEU L 239 -36.50 6.78 60.55
C LEU L 239 -36.01 6.46 61.94
N ARG L 240 -34.84 5.81 62.06
CA ARG L 240 -34.11 5.51 63.28
C ARG L 240 -32.67 6.01 63.21
N VAL L 241 -32.04 6.56 64.26
CA VAL L 241 -30.76 7.22 64.29
C VAL L 241 -30.12 7.16 65.67
N THR L 242 -28.84 7.47 65.75
CA THR L 242 -28.07 7.77 66.96
C THR L 242 -27.65 9.23 67.03
N VAL L 243 -27.16 9.63 68.21
CA VAL L 243 -26.48 10.87 68.51
C VAL L 243 -25.10 10.60 69.10
N GLU L 244 -24.05 11.32 68.69
CA GLU L 244 -22.70 11.25 69.19
C GLU L 244 -22.36 12.65 69.67
N ASP L 245 -21.70 12.69 70.84
CA ASP L 245 -21.24 13.87 71.55
C ASP L 245 -19.93 13.42 72.17
N LYS L 246 -18.92 14.30 72.32
CA LYS L 246 -17.59 13.97 72.78
C LYS L 246 -17.33 14.38 74.23
N ASP L 247 -18.30 15.06 74.87
CA ASP L 247 -18.42 15.01 76.31
C ASP L 247 -18.48 13.58 76.82
N LEU L 248 -18.20 13.45 78.11
CA LEU L 248 -18.23 12.16 78.77
C LEU L 248 -19.53 11.38 78.62
N VAL L 249 -19.42 10.07 78.36
CA VAL L 249 -20.53 9.15 78.18
C VAL L 249 -21.27 9.13 79.51
N ASN L 250 -22.58 9.17 79.29
CA ASN L 250 -23.54 9.06 80.39
C ASN L 250 -23.62 10.25 81.34
N THR L 251 -23.25 11.40 80.78
CA THR L 251 -23.41 12.63 81.54
C THR L 251 -24.50 13.53 81.00
N ALA L 252 -24.92 14.57 81.73
CA ALA L 252 -25.81 15.62 81.25
C ALA L 252 -25.17 16.38 80.08
N ASN L 253 -23.84 16.38 80.03
CA ASN L 253 -23.12 17.05 78.95
C ASN L 253 -23.12 16.32 77.62
N TRP L 254 -23.49 15.05 77.68
CA TRP L 254 -23.64 14.10 76.60
C TRP L 254 -25.07 13.76 76.19
N ARG L 255 -25.95 13.35 77.10
CA ARG L 255 -27.35 13.07 76.76
C ARG L 255 -28.14 14.01 75.84
N ALA L 256 -28.86 13.47 74.86
CA ALA L 256 -29.46 14.21 73.77
C ALA L 256 -30.93 14.47 74.07
N ASN L 257 -31.47 15.58 73.56
CA ASN L 257 -32.84 16.01 73.65
C ASN L 257 -33.28 16.82 72.43
N TYR L 258 -34.46 16.48 71.91
CA TYR L 258 -34.83 16.53 70.52
C TYR L 258 -35.94 17.53 70.21
N THR L 259 -36.04 18.13 69.03
CA THR L 259 -37.14 18.96 68.61
C THR L 259 -37.33 18.79 67.10
N ILE L 260 -38.48 19.18 66.57
CA ILE L 260 -38.84 19.26 65.17
C ILE L 260 -39.09 20.74 64.90
N LEU L 261 -38.35 21.32 63.95
CA LEU L 261 -38.22 22.75 63.76
C LEU L 261 -39.12 23.21 62.61
N LYS L 262 -39.11 22.44 61.51
CA LYS L 262 -39.84 22.74 60.30
C LYS L 262 -40.38 21.48 59.68
N GLY L 263 -41.45 21.57 58.89
CA GLY L 263 -42.01 20.41 58.23
C GLY L 263 -43.19 19.70 58.88
N ASN L 264 -43.69 20.28 59.97
CA ASN L 264 -44.57 19.71 60.99
C ASN L 264 -45.58 20.72 61.51
N GLU L 265 -45.93 21.71 60.68
CA GLU L 265 -46.85 22.78 61.02
C GLU L 265 -48.25 22.37 61.44
N ASN L 266 -48.70 21.18 61.06
CA ASN L 266 -49.91 20.56 61.57
C ASN L 266 -49.65 19.39 62.51
N GLY L 267 -48.43 19.01 62.87
CA GLY L 267 -48.11 18.21 64.04
C GLY L 267 -48.08 16.70 63.80
N ASN L 268 -47.58 16.33 62.62
CA ASN L 268 -47.73 14.95 62.23
C ASN L 268 -46.65 14.00 62.71
N PHE L 269 -45.62 14.46 63.40
CA PHE L 269 -44.45 13.70 63.80
C PHE L 269 -43.94 14.02 65.21
N LYS L 270 -43.30 13.07 65.89
CA LYS L 270 -42.60 13.16 67.16
C LYS L 270 -41.28 12.42 67.04
N ILE L 271 -40.31 12.77 67.88
CA ILE L 271 -39.10 12.02 68.12
C ILE L 271 -39.28 11.29 69.44
N VAL L 272 -38.91 10.02 69.58
CA VAL L 272 -38.84 9.21 70.78
C VAL L 272 -37.51 8.50 70.94
N THR L 273 -37.04 8.19 72.15
CA THR L 273 -35.89 7.37 72.48
C THR L 273 -36.41 5.98 72.77
N ASP L 274 -35.88 5.01 72.02
CA ASP L 274 -36.20 3.60 72.13
C ASP L 274 -35.48 2.99 73.33
N ALA L 275 -36.33 2.73 74.33
CA ALA L 275 -35.95 2.36 75.68
C ALA L 275 -34.97 1.18 75.73
N LYS L 276 -34.96 0.33 74.72
CA LYS L 276 -34.10 -0.84 74.63
C LYS L 276 -32.72 -0.54 74.11
N THR L 277 -32.57 0.44 73.18
CA THR L 277 -31.39 0.53 72.37
C THR L 277 -30.61 1.85 72.34
N ASN L 278 -31.23 2.89 72.93
CA ASN L 278 -30.59 4.16 73.17
C ASN L 278 -30.33 4.84 71.84
N GLU L 279 -31.34 4.72 70.98
CA GLU L 279 -31.43 5.33 69.66
C GLU L 279 -32.69 6.19 69.57
N GLY L 280 -32.67 7.24 68.74
CA GLY L 280 -33.82 8.09 68.57
C GLY L 280 -34.61 7.62 67.37
N VAL L 281 -35.92 7.88 67.42
CA VAL L 281 -36.81 7.30 66.43
C VAL L 281 -37.76 8.44 66.08
N LEU L 282 -37.89 8.69 64.78
CA LEU L 282 -38.85 9.63 64.22
C LEU L 282 -40.11 8.92 63.73
N CYS L 283 -41.27 9.28 64.29
CA CYS L 283 -42.49 8.55 64.03
C CYS L 283 -43.78 9.35 63.93
N VAL L 284 -44.74 8.88 63.12
CA VAL L 284 -46.05 9.45 62.93
C VAL L 284 -46.84 9.43 64.24
N VAL L 285 -47.25 10.60 64.72
CA VAL L 285 -48.19 10.83 65.80
C VAL L 285 -49.61 11.01 65.29
N LYS L 286 -49.85 11.60 64.11
CA LYS L 286 -51.15 11.98 63.58
C LYS L 286 -51.04 11.92 62.07
N PRO L 287 -52.06 11.53 61.31
CA PRO L 287 -51.90 10.87 60.03
C PRO L 287 -51.62 11.84 58.89
N LEU L 288 -51.11 11.30 57.77
CA LEU L 288 -50.83 11.99 56.52
C LEU L 288 -51.97 11.89 55.51
N ASN L 289 -51.80 12.65 54.43
CA ASN L 289 -52.75 12.73 53.33
C ASN L 289 -52.18 13.05 51.95
N TYR L 290 -52.21 12.14 50.97
CA TYR L 290 -51.55 12.21 49.69
C TYR L 290 -52.33 13.21 48.84
N GLU L 291 -53.65 13.38 49.01
CA GLU L 291 -54.44 14.43 48.41
C GLU L 291 -54.19 15.88 48.83
N GLU L 292 -53.17 16.12 49.66
CA GLU L 292 -52.69 17.42 50.10
C GLU L 292 -51.32 17.76 49.56
N LYS L 293 -50.31 16.91 49.78
CA LYS L 293 -48.94 16.83 49.32
C LYS L 293 -48.43 15.39 49.26
N GLN L 294 -47.43 15.12 48.41
CA GLN L 294 -46.75 13.89 48.04
C GLN L 294 -45.36 13.73 48.63
N GLN L 295 -44.59 14.80 48.78
CA GLN L 295 -43.25 14.83 49.31
C GLN L 295 -42.92 16.11 50.07
N MET L 296 -42.21 16.07 51.21
CA MET L 296 -41.93 17.24 52.02
C MET L 296 -40.73 16.96 52.90
N ILE L 297 -40.03 18.00 53.39
CA ILE L 297 -38.79 17.83 54.12
C ILE L 297 -39.04 18.42 55.49
N LEU L 298 -38.75 17.69 56.57
CA LEU L 298 -38.67 18.18 57.93
C LEU L 298 -37.25 18.62 58.24
N GLN L 299 -37.17 19.55 59.19
CA GLN L 299 -35.93 19.96 59.80
C GLN L 299 -35.90 19.44 61.22
N ILE L 300 -35.01 18.57 61.69
CA ILE L 300 -35.01 17.96 63.00
C ILE L 300 -33.82 18.48 63.81
N GLY L 301 -33.86 18.64 65.14
CA GLY L 301 -32.80 19.27 65.90
C GLY L 301 -32.49 18.44 67.14
N VAL L 302 -31.30 18.68 67.68
CA VAL L 302 -30.90 18.19 68.98
C VAL L 302 -30.00 19.07 69.84
N VAL L 303 -30.29 19.15 71.14
CA VAL L 303 -29.51 19.73 72.22
C VAL L 303 -29.08 18.76 73.30
N ASN L 304 -28.21 19.23 74.21
CA ASN L 304 -27.83 18.48 75.39
C ASN L 304 -28.74 18.80 76.57
N GLU L 305 -28.85 17.87 77.52
CA GLU L 305 -29.65 18.05 78.73
C GLU L 305 -29.14 19.20 79.60
N ALA L 306 -27.82 19.43 79.52
CA ALA L 306 -27.18 20.52 80.22
C ALA L 306 -27.13 21.75 79.32
N PRO L 307 -27.21 22.94 79.91
CA PRO L 307 -26.66 24.14 79.30
C PRO L 307 -25.25 23.94 78.76
N PHE L 308 -24.70 25.02 78.21
CA PHE L 308 -23.45 24.96 77.48
C PHE L 308 -22.54 26.13 77.83
N SER L 309 -21.26 25.82 78.08
CA SER L 309 -20.20 26.64 78.63
C SER L 309 -19.60 27.47 77.52
N ARG L 310 -18.71 28.40 77.86
CA ARG L 310 -18.37 29.59 77.10
C ARG L 310 -19.57 30.44 76.72
N GLU L 311 -20.54 30.57 77.63
CA GLU L 311 -21.80 31.30 77.56
C GLU L 311 -22.59 31.04 76.28
N ALA L 312 -22.71 29.76 75.94
CA ALA L 312 -23.20 29.23 74.67
C ALA L 312 -24.68 28.92 74.55
N SER L 313 -25.46 28.99 75.62
CA SER L 313 -26.91 28.87 75.58
C SER L 313 -27.60 29.52 74.38
N PRO L 314 -27.41 30.80 74.05
CA PRO L 314 -28.31 31.53 73.19
C PRO L 314 -27.99 31.27 71.73
N ARG L 315 -26.78 30.73 71.45
CA ARG L 315 -26.18 30.65 70.14
C ARG L 315 -25.43 29.36 69.81
N SER L 316 -24.96 28.50 70.71
CA SER L 316 -24.07 27.39 70.44
C SER L 316 -24.34 26.12 71.22
N ALA L 317 -25.52 25.59 70.90
CA ALA L 317 -26.09 24.37 71.45
C ALA L 317 -26.66 23.31 70.52
N MET L 318 -27.40 23.75 69.49
CA MET L 318 -28.17 22.88 68.61
C MET L 318 -27.53 22.49 67.28
N SER L 319 -27.70 21.26 66.82
CA SER L 319 -27.31 20.88 65.47
C SER L 319 -28.55 20.28 64.81
N THR L 320 -28.68 20.36 63.49
CA THR L 320 -29.87 19.89 62.81
C THR L 320 -29.46 18.86 61.77
N ALA L 321 -30.48 18.26 61.16
CA ALA L 321 -30.54 17.52 59.91
C ALA L 321 -31.83 17.72 59.14
N THR L 322 -32.01 17.16 57.93
CA THR L 322 -33.21 17.22 57.15
C THR L 322 -33.72 15.82 56.84
N VAL L 323 -35.03 15.62 56.78
CA VAL L 323 -35.66 14.36 56.44
C VAL L 323 -36.69 14.52 55.32
N THR L 324 -36.47 13.88 54.17
CA THR L 324 -37.43 13.79 53.09
C THR L 324 -38.46 12.70 53.35
N VAL L 325 -39.73 13.00 53.52
CA VAL L 325 -40.86 12.12 53.78
C VAL L 325 -41.74 12.01 52.54
N ASN L 326 -41.59 10.92 51.79
CA ASN L 326 -42.38 10.57 50.63
C ASN L 326 -43.70 9.96 51.08
N VAL L 327 -44.87 10.48 50.72
CA VAL L 327 -46.16 9.91 51.07
C VAL L 327 -46.51 8.92 49.96
N GLU L 328 -47.30 7.88 50.23
CA GLU L 328 -47.83 7.06 49.16
C GLU L 328 -49.35 7.14 49.20
N ASP L 329 -50.01 7.05 48.05
CA ASP L 329 -51.45 7.10 47.91
C ASP L 329 -51.90 5.75 48.43
N GLN L 330 -52.95 5.83 49.26
CA GLN L 330 -53.91 4.76 49.31
C GLN L 330 -55.30 5.09 48.79
N ASP L 331 -55.94 4.23 48.00
CA ASP L 331 -57.23 4.41 47.38
C ASP L 331 -58.33 4.38 48.43
N GLU L 332 -59.03 5.50 48.58
CA GLU L 332 -60.05 5.82 49.58
C GLU L 332 -61.44 5.74 48.94
N GLY L 333 -62.44 5.31 49.71
CA GLY L 333 -63.81 5.24 49.25
C GLY L 333 -64.73 6.38 49.69
N PRO L 334 -66.02 6.28 49.41
CA PRO L 334 -66.89 7.45 49.45
C PRO L 334 -66.97 8.16 50.78
N GLU L 335 -67.19 9.47 50.69
CA GLU L 335 -67.61 10.38 51.72
C GLU L 335 -68.96 11.02 51.40
N CYS L 336 -69.89 10.92 52.33
CA CYS L 336 -71.31 11.07 52.06
C CYS L 336 -71.97 12.13 52.93
N ASN L 337 -72.93 12.81 52.30
CA ASN L 337 -73.59 14.00 52.80
C ASN L 337 -74.94 14.20 52.15
N PRO L 338 -75.85 15.03 52.69
CA PRO L 338 -75.72 15.57 54.02
C PRO L 338 -76.10 14.62 55.15
N PRO L 339 -75.69 14.83 56.40
CA PRO L 339 -75.92 13.91 57.51
C PRO L 339 -77.33 13.92 58.06
N ILE L 340 -77.97 15.07 58.21
CA ILE L 340 -79.42 15.13 58.35
C ILE L 340 -79.93 16.24 57.44
N GLN L 341 -81.04 16.09 56.71
CA GLN L 341 -81.79 17.07 55.95
C GLN L 341 -83.28 16.80 55.84
N THR L 342 -84.11 17.83 55.73
CA THR L 342 -85.56 17.82 55.58
C THR L 342 -85.92 18.23 54.16
N VAL L 343 -86.80 17.44 53.56
CA VAL L 343 -87.12 17.48 52.16
C VAL L 343 -88.63 17.55 52.00
N ARG L 344 -89.13 18.30 51.01
CA ARG L 344 -90.52 18.65 50.84
C ARG L 344 -91.13 17.96 49.63
N MET L 345 -92.21 17.20 49.81
CA MET L 345 -93.11 16.77 48.76
C MET L 345 -94.54 17.15 49.12
N LYS L 346 -95.47 17.08 48.18
CA LYS L 346 -96.87 17.43 48.41
C LYS L 346 -97.85 16.31 48.13
N GLU L 347 -99.07 16.34 48.66
CA GLU L 347 -100.05 15.28 48.46
C GLU L 347 -100.68 15.18 47.08
N ASN L 348 -100.55 16.18 46.19
CA ASN L 348 -100.86 15.99 44.78
C ASN L 348 -99.91 15.18 43.90
N ALA L 349 -98.70 14.99 44.39
CA ALA L 349 -97.59 14.38 43.67
C ALA L 349 -97.71 12.91 43.32
N GLU L 350 -97.78 12.49 42.04
CA GLU L 350 -98.01 11.16 41.54
C GLU L 350 -96.81 10.24 41.70
N VAL L 351 -97.06 8.95 41.44
CA VAL L 351 -96.01 7.94 41.46
C VAL L 351 -94.88 8.33 40.52
N GLY L 352 -93.63 8.39 40.97
CA GLY L 352 -92.43 8.82 40.28
C GLY L 352 -92.00 10.27 40.49
N THR L 353 -92.78 11.15 41.11
CA THR L 353 -92.44 12.54 41.41
C THR L 353 -91.22 12.55 42.32
N THR L 354 -90.21 13.38 42.06
CA THR L 354 -88.90 13.23 42.67
C THR L 354 -88.35 14.47 43.34
N SER L 355 -87.45 14.40 44.32
CA SER L 355 -86.84 15.46 45.08
C SER L 355 -85.45 15.09 45.59
N ASN L 356 -84.66 16.08 46.03
CA ASN L 356 -83.36 15.99 46.67
C ASN L 356 -83.24 15.06 47.86
N GLY L 357 -82.04 14.50 48.04
CA GLY L 357 -81.71 13.58 49.10
C GLY L 357 -80.23 13.45 49.44
N TYR L 358 -79.83 12.22 49.78
CA TYR L 358 -78.47 11.81 50.06
C TYR L 358 -77.52 11.76 48.89
N LYS L 359 -76.22 12.07 49.09
CA LYS L 359 -75.25 12.18 48.04
C LYS L 359 -73.89 11.68 48.49
N ALA L 360 -73.07 11.21 47.53
CA ALA L 360 -71.73 10.73 47.80
C ALA L 360 -70.77 10.78 46.64
N TYR L 361 -69.54 11.17 46.96
CA TYR L 361 -68.36 11.19 46.12
C TYR L 361 -67.31 10.27 46.72
N ASP L 362 -66.48 9.69 45.85
CA ASP L 362 -65.10 9.34 46.15
C ASP L 362 -64.31 10.63 46.40
N PRO L 363 -63.80 10.78 47.62
CA PRO L 363 -63.16 11.99 48.08
C PRO L 363 -62.02 12.46 47.18
N GLU L 364 -61.20 11.56 46.63
CA GLU L 364 -59.95 11.85 45.98
C GLU L 364 -60.07 12.46 44.60
N THR L 365 -61.03 11.98 43.78
CA THR L 365 -61.23 12.44 42.43
C THR L 365 -62.54 13.19 42.21
N ARG L 366 -63.47 13.16 43.17
CA ARG L 366 -64.78 13.74 43.03
C ARG L 366 -65.72 13.23 41.94
N SER L 367 -65.59 11.91 41.70
CA SER L 367 -66.51 11.14 40.88
C SER L 367 -67.69 10.64 41.69
N SER L 368 -68.81 10.44 41.00
CA SER L 368 -70.11 9.98 41.47
C SER L 368 -70.32 8.51 41.13
N SER L 369 -69.69 7.89 40.14
CA SER L 369 -70.01 6.60 39.58
C SER L 369 -69.51 5.43 40.42
N GLY L 370 -70.19 4.30 40.27
CA GLY L 370 -69.88 3.09 41.02
C GLY L 370 -70.55 3.06 42.38
N ILE L 371 -70.88 4.21 42.98
CA ILE L 371 -71.54 4.27 44.25
C ILE L 371 -73.04 4.11 44.06
N ARG L 372 -73.65 3.28 44.92
CA ARG L 372 -75.04 2.90 44.75
C ARG L 372 -75.86 3.02 46.04
N TYR L 373 -77.13 3.45 45.93
CA TYR L 373 -77.91 3.84 47.08
C TYR L 373 -79.03 2.85 47.37
N LYS L 374 -79.41 2.70 48.64
CA LYS L 374 -80.33 1.75 49.24
C LYS L 374 -80.99 2.29 50.49
N LYS L 375 -82.10 1.62 50.90
CA LYS L 375 -82.83 2.00 52.07
C LYS L 375 -82.31 1.31 53.32
N LEU L 376 -82.63 1.88 54.48
CA LEU L 376 -82.44 1.31 55.81
C LEU L 376 -83.68 1.30 56.70
N THR L 377 -84.59 2.26 56.52
CA THR L 377 -85.85 2.35 57.24
C THR L 377 -86.81 3.15 56.40
N ASP L 378 -88.10 3.06 56.72
CA ASP L 378 -89.25 3.58 56.00
C ASP L 378 -90.48 3.56 56.90
N PRO L 379 -91.11 4.67 57.25
CA PRO L 379 -92.18 4.75 58.23
C PRO L 379 -93.54 4.58 57.57
N THR L 380 -93.76 5.10 56.37
CA THR L 380 -95.02 5.14 55.65
C THR L 380 -95.23 4.24 54.44
N GLY L 381 -94.26 3.57 53.83
CA GLY L 381 -94.38 2.81 52.59
C GLY L 381 -94.58 3.60 51.31
N TRP L 382 -94.12 4.85 51.25
CA TRP L 382 -94.60 5.87 50.34
C TRP L 382 -93.53 6.36 49.37
N VAL L 383 -92.27 6.30 49.79
CA VAL L 383 -91.21 6.96 49.06
C VAL L 383 -89.94 6.12 49.00
N THR L 384 -89.11 6.34 47.98
CA THR L 384 -87.96 5.49 47.77
C THR L 384 -86.74 6.38 47.52
N ILE L 385 -85.54 6.03 48.01
CA ILE L 385 -84.27 6.58 47.58
C ILE L 385 -83.81 5.96 46.28
N ASP L 386 -83.92 6.70 45.19
CA ASP L 386 -83.45 6.42 43.84
C ASP L 386 -82.05 5.84 43.72
N GLU L 387 -81.90 4.57 43.34
CA GLU L 387 -80.71 3.80 43.62
C GLU L 387 -79.38 4.17 42.98
N ASN L 388 -79.48 4.81 41.81
CA ASN L 388 -78.35 5.34 41.09
C ASN L 388 -78.03 6.77 41.50
N THR L 389 -78.82 7.44 42.33
CA THR L 389 -78.86 8.89 42.38
C THR L 389 -78.86 9.51 43.77
N GLY L 390 -79.52 8.86 44.74
CA GLY L 390 -79.80 9.35 46.08
C GLY L 390 -81.01 10.25 46.27
N SER L 391 -81.68 10.65 45.18
CA SER L 391 -82.92 11.40 45.20
C SER L 391 -83.97 10.55 45.89
N ILE L 392 -85.08 11.10 46.36
CA ILE L 392 -86.28 10.46 46.85
C ILE L 392 -87.39 10.74 45.84
N LYS L 393 -88.17 9.71 45.50
CA LYS L 393 -89.27 9.67 44.58
C LYS L 393 -90.51 8.98 45.12
N VAL L 394 -91.72 9.33 44.63
CA VAL L 394 -92.94 8.76 45.13
C VAL L 394 -93.11 7.34 44.63
N PHE L 395 -93.42 6.36 45.49
CA PHE L 395 -93.74 4.95 45.29
C PHE L 395 -95.23 4.64 45.35
N ARG L 396 -95.97 5.35 46.20
CA ARG L 396 -97.39 5.19 46.42
C ARG L 396 -98.04 6.53 46.70
N SER L 397 -99.32 6.65 46.35
CA SER L 397 -100.09 7.88 46.51
C SER L 397 -100.13 8.40 47.93
N LEU L 398 -99.94 9.71 48.11
CA LEU L 398 -99.79 10.39 49.37
C LEU L 398 -101.11 10.94 49.88
N ASP L 399 -101.12 11.29 51.17
CA ASP L 399 -102.20 12.02 51.81
C ASP L 399 -101.75 12.84 53.02
N ARG L 400 -101.91 14.16 52.90
CA ARG L 400 -101.55 14.95 54.07
C ARG L 400 -102.40 14.71 55.30
N GLU L 401 -103.63 14.26 55.08
CA GLU L 401 -104.64 14.27 56.11
C GLU L 401 -104.53 13.05 57.02
N ALA L 402 -103.87 11.97 56.56
CA ALA L 402 -103.53 10.78 57.31
C ALA L 402 -103.02 11.04 58.71
N GLU L 403 -103.55 10.29 59.68
CA GLU L 403 -103.28 10.44 61.09
C GLU L 403 -101.84 10.05 61.43
N THR L 404 -101.18 9.27 60.57
CA THR L 404 -99.79 8.90 60.69
C THR L 404 -98.88 10.12 60.75
N ILE L 405 -99.12 11.24 60.05
CA ILE L 405 -98.03 12.09 59.65
C ILE L 405 -97.83 13.17 60.71
N LYS L 406 -97.18 12.85 61.84
CA LYS L 406 -97.07 13.67 63.03
C LYS L 406 -96.31 14.96 62.77
N ASN L 407 -96.89 16.09 63.19
CA ASN L 407 -96.40 17.41 62.87
C ASN L 407 -96.09 17.69 61.42
N GLY L 408 -96.57 16.86 60.49
CA GLY L 408 -96.47 16.94 59.05
C GLY L 408 -95.22 16.30 58.47
N ILE L 409 -94.34 15.71 59.27
CA ILE L 409 -93.09 15.11 58.89
C ILE L 409 -92.97 13.66 59.34
N TYR L 410 -92.22 12.89 58.55
CA TYR L 410 -91.78 11.57 58.98
C TYR L 410 -90.32 11.34 58.62
N ASN L 411 -89.66 10.27 59.05
CA ASN L 411 -88.21 10.24 58.97
C ASN L 411 -87.62 8.93 58.49
N ILE L 412 -86.52 8.94 57.70
CA ILE L 412 -85.85 7.78 57.16
C ILE L 412 -84.35 7.80 57.45
N THR L 413 -83.74 6.62 57.55
CA THR L 413 -82.36 6.23 57.38
C THR L 413 -82.14 5.62 56.01
N VAL L 414 -81.03 6.13 55.46
CA VAL L 414 -80.53 5.97 54.10
C VAL L 414 -79.05 5.62 54.01
N LEU L 415 -78.68 4.84 53.01
CA LEU L 415 -77.39 4.22 52.82
C LEU L 415 -76.91 4.34 51.38
N ALA L 416 -75.59 4.38 51.20
CA ALA L 416 -74.87 4.05 49.99
C ALA L 416 -73.62 3.22 50.24
N SER L 417 -73.17 2.48 49.22
CA SER L 417 -71.91 1.77 49.14
C SER L 417 -71.35 1.53 47.74
N ASP L 418 -70.02 1.54 47.58
CA ASP L 418 -69.34 1.49 46.31
C ASP L 418 -69.10 0.05 45.89
N GLN L 419 -68.38 -0.11 44.78
CA GLN L 419 -67.97 -1.36 44.16
C GLN L 419 -66.95 -2.14 45.00
N GLY L 420 -66.32 -1.57 46.03
CA GLY L 420 -65.59 -2.23 47.10
C GLY L 420 -66.49 -2.65 48.24
N GLY L 421 -67.74 -2.18 48.31
CA GLY L 421 -68.65 -2.32 49.43
C GLY L 421 -68.38 -1.33 50.56
N ARG L 422 -67.74 -0.19 50.31
CA ARG L 422 -67.36 0.74 51.36
C ARG L 422 -68.60 1.60 51.61
N THR L 423 -69.10 1.57 52.85
CA THR L 423 -70.46 1.91 53.22
C THR L 423 -70.56 3.23 53.98
N CYS L 424 -71.62 4.00 53.72
CA CYS L 424 -72.02 5.15 54.50
C CYS L 424 -73.52 5.06 54.78
N THR L 425 -73.87 5.59 55.94
CA THR L 425 -75.23 5.67 56.45
C THR L 425 -75.56 7.04 57.03
N GLY L 426 -76.73 7.56 56.68
CA GLY L 426 -77.19 8.86 57.14
C GLY L 426 -78.71 9.04 57.15
N THR L 427 -79.25 10.22 57.40
CA THR L 427 -80.65 10.33 57.74
C THR L 427 -81.34 11.46 56.99
N LEU L 428 -82.68 11.38 56.96
CA LEU L 428 -83.45 12.32 56.18
C LEU L 428 -84.82 12.53 56.81
N GLY L 429 -85.47 13.68 56.72
CA GLY L 429 -86.84 13.86 57.13
C GLY L 429 -87.72 14.28 55.96
N ILE L 430 -88.92 13.71 55.75
CA ILE L 430 -89.81 13.93 54.64
C ILE L 430 -91.06 14.67 55.13
N ILE L 431 -91.33 15.82 54.53
CA ILE L 431 -92.42 16.69 54.90
C ILE L 431 -93.49 16.56 53.83
N LEU L 432 -94.73 16.32 54.29
CA LEU L 432 -95.89 16.38 53.41
C LEU L 432 -96.68 17.67 53.47
N GLN L 433 -96.77 18.37 52.34
CA GLN L 433 -97.44 19.65 52.16
C GLN L 433 -98.80 19.51 51.51
N ASP L 434 -99.74 20.43 51.72
CA ASP L 434 -101.18 20.27 51.55
C ASP L 434 -101.63 20.78 50.19
N VAL L 435 -102.79 20.26 49.79
CA VAL L 435 -103.71 20.80 48.79
C VAL L 435 -105.17 20.74 49.19
N ASN L 436 -105.95 21.62 48.55
CA ASN L 436 -107.37 21.61 48.85
C ASN L 436 -108.15 20.47 48.22
N ASP L 437 -108.21 19.32 48.89
CA ASP L 437 -108.88 18.12 48.49
C ASP L 437 -110.02 17.69 49.42
N ASN L 438 -110.41 18.50 50.41
CA ASN L 438 -111.53 18.27 51.29
C ASN L 438 -112.43 19.49 51.41
N SER L 439 -113.73 19.33 51.23
CA SER L 439 -114.75 20.34 51.48
C SER L 439 -115.23 20.40 52.92
N PRO L 440 -115.93 21.46 53.32
CA PRO L 440 -116.42 21.58 54.68
C PRO L 440 -117.53 20.64 55.14
N PHE L 441 -117.71 20.63 56.46
CA PHE L 441 -118.78 19.92 57.13
C PHE L 441 -119.28 20.62 58.39
N ILE L 442 -120.53 20.37 58.80
CA ILE L 442 -121.15 21.02 59.92
C ILE L 442 -121.50 19.92 60.90
N PRO L 443 -120.84 19.89 62.07
CA PRO L 443 -120.87 18.82 63.02
C PRO L 443 -122.19 18.64 63.77
N LYS L 444 -122.86 19.70 64.19
CA LYS L 444 -124.06 19.66 65.01
C LYS L 444 -125.28 19.74 64.11
N LYS L 445 -126.20 18.79 64.30
CA LYS L 445 -127.31 18.66 63.37
C LYS L 445 -128.65 19.11 63.92
N THR L 446 -128.88 18.94 65.23
CA THR L 446 -130.13 19.31 65.84
C THR L 446 -130.07 20.73 66.37
N VAL L 447 -131.03 21.56 65.98
CA VAL L 447 -131.14 22.95 66.37
C VAL L 447 -132.49 23.21 67.03
N ILE L 448 -132.50 23.84 68.19
CA ILE L 448 -133.65 23.93 69.08
C ILE L 448 -133.88 25.42 69.33
N ILE L 449 -134.95 25.96 68.76
CA ILE L 449 -135.28 27.37 68.87
C ILE L 449 -136.61 27.42 69.59
N CYS L 450 -136.62 28.05 70.78
CA CYS L 450 -137.79 28.43 71.55
C CYS L 450 -138.34 29.71 70.96
N LYS L 451 -139.44 29.74 70.20
CA LYS L 451 -139.91 30.96 69.56
C LYS L 451 -140.11 32.15 70.49
N PRO L 452 -140.85 32.03 71.60
CA PRO L 452 -141.13 33.08 72.54
C PRO L 452 -139.89 33.81 73.06
N THR L 453 -138.67 33.30 72.92
CA THR L 453 -137.49 33.84 73.56
C THR L 453 -136.27 33.91 72.66
N MET L 454 -136.22 33.13 71.58
CA MET L 454 -135.11 32.91 70.67
C MET L 454 -135.49 33.29 69.25
N SER L 455 -134.57 33.66 68.36
CA SER L 455 -134.82 34.01 66.97
C SER L 455 -133.91 33.43 65.91
N SER L 456 -132.64 33.14 66.17
CA SER L 456 -131.63 32.58 65.28
C SER L 456 -130.78 31.56 66.02
N ALA L 457 -130.13 30.59 65.36
CA ALA L 457 -129.09 29.77 65.94
C ALA L 457 -127.74 29.95 65.28
N GLU L 458 -126.62 29.86 66.00
CA GLU L 458 -125.30 29.88 65.38
C GLU L 458 -124.97 28.56 64.69
N ILE L 459 -124.50 28.57 63.45
CA ILE L 459 -124.03 27.49 62.60
C ILE L 459 -122.52 27.43 62.54
N VAL L 460 -121.86 26.29 62.82
CA VAL L 460 -120.42 26.21 62.83
C VAL L 460 -119.88 25.04 62.02
N ALA L 461 -118.75 25.26 61.33
CA ALA L 461 -118.21 24.42 60.29
C ALA L 461 -116.72 24.18 60.42
N VAL L 462 -116.26 23.07 59.84
CA VAL L 462 -114.88 22.61 59.80
C VAL L 462 -114.54 22.16 58.38
N ASP L 463 -113.25 22.16 58.04
CA ASP L 463 -112.69 21.63 56.82
C ASP L 463 -111.39 20.85 57.05
N PRO L 464 -111.25 19.62 56.57
CA PRO L 464 -110.14 18.73 56.89
C PRO L 464 -108.80 19.24 56.36
N ASP L 465 -108.66 20.35 55.64
CA ASP L 465 -107.40 20.86 55.14
C ASP L 465 -106.89 21.98 56.05
N GLU L 466 -105.64 22.43 55.95
CA GLU L 466 -105.08 23.54 56.67
C GLU L 466 -105.83 24.86 56.43
N PRO L 467 -105.66 25.87 57.30
CA PRO L 467 -106.29 27.17 57.16
C PRO L 467 -106.37 27.81 55.77
N ILE L 468 -105.26 27.74 55.05
CA ILE L 468 -105.12 28.23 53.69
C ILE L 468 -106.05 27.61 52.67
N HIS L 469 -106.53 26.41 53.01
CA HIS L 469 -107.41 25.57 52.23
C HIS L 469 -108.70 25.29 52.97
N GLY L 470 -109.08 26.04 54.01
CA GLY L 470 -110.25 25.89 54.85
C GLY L 470 -110.96 27.22 55.00
N PRO L 471 -111.08 27.74 56.23
CA PRO L 471 -111.83 28.95 56.53
C PRO L 471 -111.14 30.21 56.05
N PRO L 472 -111.84 31.31 55.74
CA PRO L 472 -113.25 31.55 56.00
C PRO L 472 -114.17 30.73 55.12
N PHE L 473 -115.21 30.21 55.76
CA PHE L 473 -116.30 29.41 55.21
C PHE L 473 -117.46 30.30 54.79
N ASP L 474 -117.95 29.99 53.59
CA ASP L 474 -119.18 30.58 53.10
C ASP L 474 -120.33 29.60 53.12
N PHE L 475 -121.51 30.02 53.56
CA PHE L 475 -122.71 29.22 53.72
C PHE L 475 -123.78 29.65 52.73
N SER L 476 -124.64 28.73 52.27
CA SER L 476 -125.76 28.92 51.36
C SER L 476 -126.96 28.01 51.54
N LEU L 477 -128.16 28.49 51.24
CA LEU L 477 -129.41 27.76 51.24
C LEU L 477 -129.79 27.21 49.88
N GLU L 478 -128.88 27.28 48.89
CA GLU L 478 -129.15 26.77 47.56
C GLU L 478 -129.69 25.35 47.47
N SER L 479 -129.43 24.52 48.47
CA SER L 479 -129.78 23.12 48.68
C SER L 479 -131.05 22.83 49.46
N SER L 480 -131.72 23.92 49.85
CA SER L 480 -132.95 23.80 50.58
C SER L 480 -134.19 23.91 49.70
N THR L 481 -135.33 23.30 50.08
CA THR L 481 -136.53 23.48 49.30
C THR L 481 -137.30 24.78 49.51
N SER L 482 -138.13 25.15 48.54
CA SER L 482 -138.47 26.54 48.27
C SER L 482 -139.21 27.19 49.44
N GLU L 483 -140.11 26.47 50.10
CA GLU L 483 -140.73 26.97 51.31
C GLU L 483 -139.71 27.23 52.41
N VAL L 484 -138.75 26.31 52.56
CA VAL L 484 -137.61 26.48 53.45
C VAL L 484 -136.90 27.78 53.07
N GLN L 485 -136.43 27.96 51.83
CA GLN L 485 -135.62 29.09 51.42
C GLN L 485 -136.52 30.32 51.51
N ARG L 486 -137.84 30.31 51.56
CA ARG L 486 -138.75 31.42 51.78
C ARG L 486 -138.86 31.80 53.25
N MET L 487 -138.76 30.84 54.16
CA MET L 487 -139.17 31.06 55.54
C MET L 487 -137.91 31.09 56.40
N TRP L 488 -136.73 30.71 55.89
CA TRP L 488 -135.51 30.81 56.64
C TRP L 488 -134.46 31.55 55.80
N ARG L 489 -133.52 32.17 56.49
CA ARG L 489 -132.47 33.02 55.95
C ARG L 489 -131.13 32.84 56.64
N LEU L 490 -130.02 33.29 56.05
CA LEU L 490 -128.71 33.02 56.58
C LEU L 490 -127.66 34.11 56.37
N LYS L 491 -126.87 34.41 57.40
CA LYS L 491 -125.88 35.48 57.43
C LYS L 491 -124.60 35.08 58.15
N ALA L 492 -123.43 35.19 57.50
CA ALA L 492 -122.16 34.90 58.13
C ALA L 492 -121.59 36.06 58.94
N ILE L 493 -121.16 35.69 60.15
CA ILE L 493 -120.68 36.64 61.12
C ILE L 493 -119.28 36.45 61.69
N ASN L 494 -118.57 35.37 61.34
CA ASN L 494 -117.19 35.05 61.63
C ASN L 494 -116.65 34.00 60.67
N ASP L 495 -115.35 33.97 60.40
CA ASP L 495 -114.66 33.15 59.43
C ASP L 495 -115.30 31.78 59.37
N THR L 496 -115.59 31.25 60.57
CA THR L 496 -116.03 29.86 60.71
C THR L 496 -117.52 29.62 60.83
N ALA L 497 -118.35 30.67 60.88
CA ALA L 497 -119.67 30.59 61.50
C ALA L 497 -120.63 31.70 61.08
N ALA L 498 -121.91 31.30 61.10
CA ALA L 498 -123.08 31.99 60.59
C ALA L 498 -124.22 31.89 61.59
N ARG L 499 -125.29 32.67 61.40
CA ARG L 499 -126.49 32.64 62.20
C ARG L 499 -127.68 32.37 61.29
N LEU L 500 -128.46 31.31 61.56
CA LEU L 500 -129.62 30.81 60.86
C LEU L 500 -130.97 31.19 61.46
N SER L 501 -131.83 31.95 60.78
CA SER L 501 -132.88 32.78 61.31
C SER L 501 -134.10 32.54 60.43
N TYR L 502 -135.22 32.53 61.15
CA TYR L 502 -136.50 32.57 60.48
C TYR L 502 -136.88 33.88 59.83
N GLN L 503 -137.91 33.90 58.98
CA GLN L 503 -138.47 35.03 58.28
C GLN L 503 -139.91 34.91 57.80
N ASN L 504 -140.61 36.05 57.71
CA ASN L 504 -142.02 36.14 57.31
C ASN L 504 -142.92 35.35 58.25
N ASP L 505 -142.61 35.29 59.55
CA ASP L 505 -143.41 34.61 60.53
C ASP L 505 -143.88 33.21 60.20
N PRO L 506 -142.99 32.22 60.02
CA PRO L 506 -143.34 30.81 59.98
C PRO L 506 -143.81 30.15 61.27
N PRO L 507 -144.83 29.28 61.33
CA PRO L 507 -145.40 28.74 62.53
C PRO L 507 -144.56 27.59 63.11
N PHE L 508 -145.05 27.09 64.24
CA PHE L 508 -144.37 26.04 64.98
C PHE L 508 -144.33 24.76 64.16
N GLY L 509 -143.16 24.13 64.03
CA GLY L 509 -142.82 23.10 63.07
C GLY L 509 -141.44 22.52 63.35
N SER L 510 -141.19 21.35 62.79
CA SER L 510 -139.88 20.72 62.66
C SER L 510 -139.54 20.60 61.19
N TYR L 511 -138.34 20.99 60.73
CA TYR L 511 -137.92 21.37 59.41
C TYR L 511 -136.58 20.69 59.10
N VAL L 512 -136.33 20.42 57.83
CA VAL L 512 -135.04 19.99 57.31
C VAL L 512 -134.43 21.17 56.54
N VAL L 513 -133.20 21.48 56.95
CA VAL L 513 -132.49 22.61 56.36
C VAL L 513 -131.16 22.05 55.88
N PRO L 514 -131.05 21.54 54.66
CA PRO L 514 -129.75 21.34 54.04
C PRO L 514 -129.03 22.61 53.64
N ILE L 515 -127.80 22.73 54.17
CA ILE L 515 -126.93 23.88 54.02
C ILE L 515 -125.78 23.57 53.06
N THR L 516 -125.50 24.33 52.00
CA THR L 516 -124.30 24.22 51.21
C THR L 516 -123.23 25.07 51.86
N VAL L 517 -122.00 24.57 52.03
CA VAL L 517 -120.78 25.19 52.49
C VAL L 517 -119.71 25.15 51.42
N ARG L 518 -119.02 26.27 51.21
CA ARG L 518 -117.80 26.33 50.45
C ARG L 518 -116.62 26.80 51.30
N ASP L 519 -115.45 26.22 51.01
CA ASP L 519 -114.19 26.70 51.53
C ASP L 519 -113.63 27.84 50.66
N ARG L 520 -112.48 28.38 51.05
CA ARG L 520 -112.04 29.65 50.50
C ARG L 520 -111.43 29.63 49.10
N LEU L 521 -111.33 28.41 48.56
CA LEU L 521 -110.93 28.15 47.20
C LEU L 521 -112.06 27.46 46.45
N GLY L 522 -113.34 27.61 46.74
CA GLY L 522 -114.52 27.15 46.03
C GLY L 522 -114.66 25.64 46.05
N MET L 523 -114.04 24.86 46.92
CA MET L 523 -114.39 23.46 47.12
C MET L 523 -115.63 23.36 48.01
N SER L 524 -116.55 22.42 47.77
CA SER L 524 -117.90 22.46 48.30
C SER L 524 -118.54 21.15 48.71
N SER L 525 -119.54 21.20 49.59
CA SER L 525 -120.49 20.16 49.95
C SER L 525 -121.69 20.63 50.75
N VAL L 526 -122.84 19.97 50.59
CA VAL L 526 -124.01 20.04 51.45
C VAL L 526 -123.94 19.21 52.72
N THR L 527 -124.41 19.78 53.83
CA THR L 527 -124.70 19.11 55.07
C THR L 527 -126.00 19.53 55.76
N SER L 528 -126.78 18.64 56.39
CA SER L 528 -128.15 18.98 56.74
C SER L 528 -128.28 19.19 58.23
N LEU L 529 -129.26 19.99 58.65
CA LEU L 529 -129.77 20.23 59.98
C LEU L 529 -131.20 19.77 60.17
N ASP L 530 -131.57 19.37 61.40
CA ASP L 530 -132.89 19.06 61.92
C ASP L 530 -133.30 20.24 62.79
N VAL L 531 -134.32 21.02 62.43
CA VAL L 531 -134.54 22.32 63.04
C VAL L 531 -135.99 22.40 63.52
N THR L 532 -136.13 22.82 64.78
CA THR L 532 -137.39 22.76 65.50
C THR L 532 -137.72 24.12 66.13
N LEU L 533 -138.93 24.63 65.88
CA LEU L 533 -139.36 26.00 66.11
C LEU L 533 -140.61 25.85 66.94
N CYS L 534 -140.47 26.01 68.27
CA CYS L 534 -141.40 25.57 69.29
C CYS L 534 -141.77 26.64 70.29
N ASP L 535 -142.79 26.44 71.13
CA ASP L 535 -142.98 27.16 72.37
C ASP L 535 -142.14 26.54 73.47
N CYS L 536 -141.70 27.37 74.43
CA CYS L 536 -141.00 26.97 75.63
C CYS L 536 -141.25 27.68 76.94
N ILE L 537 -141.52 26.90 77.99
CA ILE L 537 -141.84 27.27 79.34
C ILE L 537 -140.52 27.18 80.10
N THR L 538 -139.64 26.20 79.93
CA THR L 538 -138.30 26.06 80.45
C THR L 538 -137.28 26.86 79.64
N GLU L 539 -137.73 27.83 78.84
CA GLU L 539 -136.98 28.80 78.09
C GLU L 539 -135.88 28.29 77.16
N ASN L 540 -135.71 26.97 77.04
CA ASN L 540 -134.61 26.38 76.29
C ASN L 540 -135.00 25.24 75.36
N ASP L 541 -135.89 24.35 75.82
CA ASP L 541 -136.38 23.15 75.19
C ASP L 541 -137.90 22.99 75.19
N CYS L 542 -138.49 22.29 74.22
CA CYS L 542 -139.85 22.53 73.80
C CYS L 542 -140.96 22.12 74.76
N THR L 543 -142.14 22.75 74.67
CA THR L 543 -143.29 22.20 75.35
C THR L 543 -143.75 20.89 74.74
N HIS L 544 -144.49 20.06 75.49
CA HIS L 544 -144.95 18.74 75.11
C HIS L 544 -146.26 18.78 74.37
N ARG M 1 -10.29 -71.02 -77.85
CA ARG M 1 -9.08 -71.27 -77.05
C ARG M 1 -9.45 -72.09 -75.83
N TRP M 2 -8.78 -73.22 -75.56
CA TRP M 2 -8.93 -73.96 -74.33
C TRP M 2 -8.71 -73.12 -73.09
N ALA M 3 -9.31 -73.55 -71.98
CA ALA M 3 -9.18 -72.80 -70.74
C ALA M 3 -7.78 -72.82 -70.17
N PRO M 4 -7.44 -71.89 -69.29
CA PRO M 4 -6.23 -71.82 -68.49
C PRO M 4 -6.02 -72.90 -67.43
N ILE M 5 -4.74 -73.11 -67.14
CA ILE M 5 -4.20 -74.18 -66.31
C ILE M 5 -3.96 -73.59 -64.92
N PRO M 6 -3.96 -74.38 -63.84
CA PRO M 6 -3.92 -73.87 -62.49
C PRO M 6 -2.57 -74.12 -61.85
N CYS M 7 -2.28 -73.33 -60.81
CA CYS M 7 -1.24 -73.52 -59.81
C CYS M 7 -1.83 -73.14 -58.46
N SER M 8 -1.42 -73.87 -57.43
CA SER M 8 -2.06 -73.80 -56.12
C SER M 8 -1.03 -74.04 -55.03
N MET M 9 -1.23 -73.49 -53.83
CA MET M 9 -0.27 -73.46 -52.75
C MET M 9 -0.96 -73.21 -51.41
N LEU M 10 -0.68 -74.04 -50.41
CA LEU M 10 -1.31 -73.94 -49.10
C LEU M 10 -0.74 -72.81 -48.25
N GLU M 11 -1.58 -72.19 -47.43
CA GLU M 11 -1.19 -71.31 -46.34
C GLU M 11 -0.23 -71.92 -45.34
N ASN M 12 0.47 -71.03 -44.62
CA ASN M 12 1.36 -71.40 -43.53
C ASN M 12 2.41 -72.43 -43.92
N SER M 13 2.74 -72.68 -45.19
CA SER M 13 3.67 -73.65 -45.70
C SER M 13 4.98 -73.53 -44.93
N LEU M 14 5.55 -74.65 -44.50
CA LEU M 14 6.82 -74.70 -43.79
C LEU M 14 8.09 -74.68 -44.60
N GLY M 15 7.99 -74.84 -45.92
CA GLY M 15 9.07 -74.92 -46.90
C GLY M 15 10.10 -76.04 -46.82
N PRO M 16 11.42 -75.83 -46.70
CA PRO M 16 12.09 -74.54 -46.64
C PRO M 16 11.89 -73.68 -47.88
N PHE M 17 12.19 -72.38 -47.82
CA PHE M 17 12.11 -71.42 -48.89
C PHE M 17 13.40 -71.10 -49.61
N PRO M 18 13.39 -70.82 -50.91
CA PRO M 18 12.28 -70.84 -51.84
C PRO M 18 11.61 -72.20 -51.99
N LEU M 19 10.28 -72.18 -52.08
CA LEU M 19 9.36 -73.28 -52.25
C LEU M 19 8.99 -73.44 -53.72
N PHE M 20 9.19 -74.60 -54.37
CA PHE M 20 8.92 -74.79 -55.78
C PHE M 20 7.46 -74.82 -56.21
N LEU M 21 6.98 -74.12 -57.24
CA LEU M 21 5.64 -74.09 -57.78
C LEU M 21 5.54 -75.02 -58.97
N GLN M 22 5.95 -74.55 -60.15
CA GLN M 22 6.05 -75.23 -61.43
C GLN M 22 7.27 -74.79 -62.22
N GLN M 23 7.62 -75.60 -63.23
CA GLN M 23 8.56 -75.08 -64.20
C GLN M 23 7.81 -74.50 -65.39
N VAL M 24 7.78 -73.19 -65.63
CA VAL M 24 7.06 -72.59 -66.74
C VAL M 24 8.07 -72.19 -67.81
N GLN M 25 8.13 -72.88 -68.95
CA GLN M 25 9.26 -72.99 -69.84
C GLN M 25 8.78 -73.14 -71.27
N SER M 26 9.50 -72.50 -72.21
CA SER M 26 9.14 -72.48 -73.61
C SER M 26 9.64 -73.67 -74.42
N ASP M 27 8.91 -74.04 -75.47
CA ASP M 27 8.84 -75.38 -76.00
C ASP M 27 9.80 -75.65 -77.14
N THR M 28 9.97 -74.63 -77.98
CA THR M 28 10.60 -74.65 -79.28
C THR M 28 11.85 -73.78 -79.32
N ALA M 29 12.65 -73.73 -78.25
CA ALA M 29 13.78 -72.85 -78.02
C ALA M 29 15.16 -73.41 -78.36
N GLN M 30 15.26 -74.55 -79.05
CA GLN M 30 16.45 -75.37 -78.96
C GLN M 30 17.65 -74.73 -79.68
N ASN M 31 17.49 -73.76 -80.57
CA ASN M 31 18.63 -73.20 -81.28
C ASN M 31 18.96 -71.76 -80.90
N TYR M 32 18.39 -71.11 -79.88
CA TYR M 32 18.63 -69.77 -79.39
C TYR M 32 18.79 -69.75 -77.87
N THR M 33 19.43 -68.70 -77.39
CA THR M 33 19.66 -68.37 -75.99
C THR M 33 18.59 -67.44 -75.45
N ILE M 34 18.26 -67.70 -74.18
CA ILE M 34 16.95 -67.44 -73.61
C ILE M 34 17.05 -67.40 -72.09
N TYR M 35 16.38 -66.46 -71.42
CA TYR M 35 16.22 -66.36 -69.98
C TYR M 35 14.78 -66.07 -69.58
N TYR M 36 14.39 -66.58 -68.41
CA TYR M 36 13.03 -66.53 -67.92
C TYR M 36 12.99 -65.49 -66.81
N SER M 37 11.89 -64.73 -66.79
CA SER M 37 11.56 -63.70 -65.83
C SER M 37 10.07 -63.67 -65.54
N ILE M 38 9.59 -62.95 -64.53
CA ILE M 38 8.20 -62.69 -64.18
C ILE M 38 7.95 -61.24 -63.80
N ARG M 39 6.69 -60.80 -63.91
CA ARG M 39 6.12 -59.58 -63.38
C ARG M 39 4.71 -59.84 -62.87
N GLY M 40 4.16 -58.89 -62.11
CA GLY M 40 2.82 -58.97 -61.58
C GLY M 40 2.55 -58.78 -60.10
N PRO M 41 1.35 -58.44 -59.61
CA PRO M 41 1.05 -58.40 -58.19
C PRO M 41 1.54 -59.60 -57.38
N GLY M 42 2.66 -59.44 -56.67
CA GLY M 42 3.32 -60.58 -56.06
C GLY M 42 4.81 -60.65 -56.35
N VAL M 43 5.41 -59.75 -57.13
CA VAL M 43 6.81 -59.60 -57.45
C VAL M 43 7.29 -58.16 -57.58
N ASP M 44 6.86 -57.39 -58.58
CA ASP M 44 7.27 -56.01 -58.79
C ASP M 44 6.11 -55.13 -58.35
N GLN M 45 4.85 -55.43 -58.70
CA GLN M 45 3.69 -55.02 -57.93
C GLN M 45 3.58 -55.78 -56.62
N GLU M 46 2.77 -55.23 -55.73
CA GLU M 46 2.63 -55.76 -54.38
C GLU M 46 1.92 -57.11 -54.39
N PRO M 47 2.16 -58.00 -53.41
CA PRO M 47 3.16 -57.87 -52.38
C PRO M 47 4.54 -58.33 -52.85
N ARG M 48 5.51 -57.46 -52.64
CA ARG M 48 6.73 -57.40 -53.44
C ARG M 48 7.53 -58.67 -53.14
N ASN M 49 8.12 -59.26 -54.17
CA ASN M 49 9.05 -60.38 -54.10
C ASN M 49 8.50 -61.70 -53.57
N LEU M 50 7.18 -61.77 -53.34
CA LEU M 50 6.56 -63.00 -52.90
C LEU M 50 6.69 -64.22 -53.80
N PHE M 51 7.04 -63.97 -55.07
CA PHE M 51 7.33 -64.94 -56.10
C PHE M 51 8.66 -64.69 -56.79
N TYR M 52 9.36 -65.77 -57.16
CA TYR M 52 10.65 -65.84 -57.81
C TYR M 52 10.66 -66.83 -58.97
N VAL M 53 11.61 -66.68 -59.89
CA VAL M 53 11.93 -67.60 -60.96
C VAL M 53 13.42 -67.86 -61.14
N GLU M 54 13.84 -69.07 -61.53
CA GLU M 54 15.17 -69.41 -61.99
C GLU M 54 15.26 -68.90 -63.42
N ARG M 55 16.36 -68.24 -63.81
CA ARG M 55 16.52 -67.67 -65.13
C ARG M 55 16.93 -68.60 -66.26
N ASP M 56 17.43 -69.81 -66.03
CA ASP M 56 17.76 -70.73 -67.09
C ASP M 56 16.76 -71.85 -67.30
N THR M 57 15.71 -71.96 -66.48
CA THR M 57 14.86 -73.13 -66.42
C THR M 57 13.39 -72.76 -66.23
N GLY M 58 13.12 -71.60 -65.64
CA GLY M 58 11.73 -71.21 -65.43
C GLY M 58 11.03 -71.82 -64.22
N ASN M 59 11.74 -72.42 -63.28
CA ASN M 59 11.19 -72.94 -62.04
C ASN M 59 10.72 -71.73 -61.23
N LEU M 60 9.40 -71.69 -61.06
CA LEU M 60 8.78 -70.78 -60.12
C LEU M 60 8.93 -71.19 -58.67
N TYR M 61 9.19 -70.19 -57.81
CA TYR M 61 9.22 -70.37 -56.38
C TYR M 61 8.40 -69.26 -55.72
N CYS M 62 7.77 -69.60 -54.60
CA CYS M 62 7.31 -68.66 -53.60
C CYS M 62 8.29 -68.44 -52.46
N THR M 63 8.40 -67.26 -51.88
CA THR M 63 9.56 -66.85 -51.12
C THR M 63 9.37 -66.87 -49.61
N ARG M 64 8.12 -66.80 -49.15
CA ARG M 64 7.83 -66.87 -47.73
C ARG M 64 6.38 -67.36 -47.63
N PRO M 65 5.95 -67.82 -46.46
CA PRO M 65 4.54 -68.05 -46.21
C PRO M 65 3.55 -66.92 -46.46
N VAL M 66 2.29 -67.32 -46.62
CA VAL M 66 1.20 -66.42 -46.86
C VAL M 66 -0.13 -66.94 -46.35
N ASP M 67 -1.03 -66.07 -45.87
CA ASP M 67 -2.32 -66.26 -45.25
C ASP M 67 -3.48 -66.18 -46.23
N ARG M 68 -4.15 -67.33 -46.24
CA ARG M 68 -5.38 -67.57 -46.99
C ARG M 68 -6.48 -66.62 -46.56
N GLU M 69 -6.49 -66.29 -45.27
CA GLU M 69 -7.33 -65.29 -44.64
C GLU M 69 -7.66 -64.07 -45.48
N GLN M 70 -6.55 -63.47 -45.92
CA GLN M 70 -6.51 -62.22 -46.66
C GLN M 70 -6.15 -62.44 -48.12
N TYR M 71 -5.45 -63.50 -48.51
CA TYR M 71 -5.10 -63.69 -49.91
C TYR M 71 -5.70 -64.97 -50.47
N GLU M 72 -6.50 -64.85 -51.52
CA GLU M 72 -7.06 -65.97 -52.26
C GLU M 72 -6.42 -66.22 -53.62
N SER M 73 -5.87 -65.20 -54.28
CA SER M 73 -5.05 -65.46 -55.45
C SER M 73 -4.08 -64.33 -55.77
N PHE M 74 -2.93 -64.59 -56.40
CA PHE M 74 -2.06 -63.60 -57.00
C PHE M 74 -2.02 -63.78 -58.51
N GLU M 75 -1.64 -62.73 -59.23
CA GLU M 75 -1.85 -62.68 -60.67
C GLU M 75 -0.55 -62.42 -61.43
N ILE M 76 0.33 -63.41 -61.33
CA ILE M 76 1.67 -63.41 -61.89
C ILE M 76 1.76 -63.66 -63.38
N ILE M 77 2.75 -63.15 -64.13
CA ILE M 77 2.90 -63.26 -65.56
C ILE M 77 4.35 -63.62 -65.86
N ALA M 78 4.51 -64.69 -66.66
CA ALA M 78 5.79 -65.23 -67.09
C ALA M 78 6.14 -64.85 -68.52
N PHE M 79 7.33 -64.30 -68.77
CA PHE M 79 7.78 -63.86 -70.08
C PHE M 79 9.25 -64.18 -70.27
N ALA M 80 9.55 -64.74 -71.44
CA ALA M 80 10.85 -65.23 -71.87
C ALA M 80 11.50 -64.19 -72.77
N THR M 81 12.82 -64.04 -72.64
CA THR M 81 13.64 -63.08 -73.33
C THR M 81 15.03 -63.61 -73.66
N THR M 82 15.70 -63.06 -74.66
CA THR M 82 17.10 -63.35 -74.92
C THR M 82 18.09 -62.34 -74.34
N PRO M 83 19.41 -62.59 -74.35
CA PRO M 83 20.36 -61.63 -73.83
C PRO M 83 20.58 -60.49 -74.81
N ASP M 84 19.98 -60.34 -75.99
CA ASP M 84 20.04 -59.13 -76.79
C ASP M 84 18.73 -58.35 -76.78
N GLY M 85 17.88 -58.71 -75.82
CA GLY M 85 16.60 -58.09 -75.59
C GLY M 85 15.44 -58.69 -76.39
N TYR M 86 15.62 -59.69 -77.25
CA TYR M 86 14.55 -60.19 -78.09
C TYR M 86 13.56 -61.11 -77.39
N THR M 87 12.27 -60.96 -77.71
CA THR M 87 11.17 -61.59 -77.01
C THR M 87 10.68 -62.73 -77.87
N PRO M 88 11.06 -64.00 -77.70
CA PRO M 88 10.71 -65.15 -78.51
C PRO M 88 9.58 -66.00 -77.94
N GLU M 89 8.84 -65.52 -76.94
CA GLU M 89 7.65 -66.15 -76.39
C GLU M 89 6.67 -65.11 -75.89
N LEU M 90 5.38 -65.37 -76.13
CA LEU M 90 4.25 -64.64 -75.55
C LEU M 90 4.11 -64.83 -74.05
N PRO M 91 3.66 -63.81 -73.33
CA PRO M 91 3.51 -63.86 -71.89
C PRO M 91 2.45 -64.88 -71.49
N LEU M 92 2.72 -65.68 -70.46
CA LEU M 92 1.75 -66.58 -69.87
C LEU M 92 1.39 -66.09 -68.48
N PRO M 93 0.18 -65.54 -68.26
CA PRO M 93 -0.41 -65.23 -66.97
C PRO M 93 -0.68 -66.58 -66.32
N LEU M 94 -0.31 -66.72 -65.05
CA LEU M 94 -0.66 -67.89 -64.27
C LEU M 94 -1.20 -67.35 -62.95
N ILE M 95 -2.29 -67.89 -62.40
CA ILE M 95 -2.91 -67.54 -61.13
C ILE M 95 -2.36 -68.48 -60.06
N ILE M 96 -1.59 -67.94 -59.11
CA ILE M 96 -1.27 -68.71 -57.92
C ILE M 96 -2.49 -68.55 -57.04
N LYS M 97 -3.17 -69.69 -56.89
CA LYS M 97 -4.22 -69.81 -55.90
C LYS M 97 -3.69 -70.08 -54.50
N ILE M 98 -4.23 -69.38 -53.49
CA ILE M 98 -3.92 -69.76 -52.14
C ILE M 98 -4.97 -70.76 -51.67
N GLU M 99 -4.53 -71.78 -50.93
CA GLU M 99 -5.30 -72.87 -50.34
C GLU M 99 -5.35 -72.82 -48.82
N ASP M 100 -6.46 -73.26 -48.21
CA ASP M 100 -6.96 -73.06 -46.87
C ASP M 100 -6.74 -74.21 -45.92
N GLU M 101 -6.23 -73.96 -44.71
CA GLU M 101 -6.23 -74.81 -43.54
C GLU M 101 -6.83 -74.23 -42.28
N ASN M 102 -7.23 -75.08 -41.34
CA ASN M 102 -8.15 -74.78 -40.25
C ASN M 102 -7.74 -73.76 -39.20
N ASP M 103 -6.67 -73.01 -39.47
CA ASP M 103 -5.92 -72.08 -38.66
C ASP M 103 -6.60 -70.91 -37.96
N ASN M 104 -7.84 -70.52 -38.25
CA ASN M 104 -8.58 -69.70 -37.31
C ASN M 104 -9.10 -70.56 -36.16
N TYR M 105 -9.01 -70.15 -34.89
CA TYR M 105 -9.58 -70.83 -33.75
C TYR M 105 -11.10 -70.67 -33.82
N PRO M 106 -11.85 -71.55 -33.15
CA PRO M 106 -13.22 -71.19 -32.85
C PRO M 106 -13.17 -70.38 -31.56
N ILE M 107 -14.09 -69.41 -31.47
CA ILE M 107 -14.14 -68.58 -30.29
C ILE M 107 -15.61 -68.55 -29.88
N PHE M 108 -15.92 -68.59 -28.59
CA PHE M 108 -17.22 -68.39 -27.98
C PHE M 108 -17.70 -66.95 -28.13
N THR M 109 -19.02 -66.79 -28.09
CA THR M 109 -19.69 -65.53 -28.32
C THR M 109 -19.69 -64.72 -27.03
N GLU M 110 -19.19 -65.18 -25.88
CA GLU M 110 -18.95 -64.44 -24.66
C GLU M 110 -17.72 -65.10 -24.07
N GLU M 111 -17.11 -64.40 -23.10
CA GLU M 111 -15.87 -64.93 -22.54
C GLU M 111 -16.15 -66.13 -21.66
N THR M 112 -17.23 -66.07 -20.87
CA THR M 112 -17.77 -67.10 -20.00
C THR M 112 -19.28 -66.96 -19.94
N TYR M 113 -20.01 -67.91 -19.35
CA TYR M 113 -21.47 -67.91 -19.31
C TYR M 113 -22.03 -68.20 -17.93
N THR M 114 -23.22 -67.69 -17.59
CA THR M 114 -23.92 -67.89 -16.34
C THR M 114 -25.38 -68.23 -16.63
N PHE M 115 -25.87 -69.28 -15.98
CA PHE M 115 -27.18 -69.87 -16.21
C PHE M 115 -27.90 -69.96 -14.89
N THR M 116 -29.24 -70.07 -14.89
CA THR M 116 -30.12 -70.28 -13.76
C THR M 116 -31.07 -71.46 -13.99
N ILE M 117 -31.03 -72.39 -13.03
CA ILE M 117 -31.95 -73.51 -13.05
C ILE M 117 -32.46 -73.81 -11.66
N PHE M 118 -33.59 -74.51 -11.52
CA PHE M 118 -34.16 -74.84 -10.23
C PHE M 118 -33.49 -75.99 -9.50
N GLU M 119 -33.65 -76.15 -8.18
CA GLU M 119 -33.44 -77.31 -7.33
C GLU M 119 -34.43 -78.44 -7.65
N ASN M 120 -34.21 -79.64 -7.13
CA ASN M 120 -34.98 -80.85 -7.35
C ASN M 120 -35.42 -81.26 -8.75
N CYS M 121 -35.34 -80.40 -9.76
CA CYS M 121 -35.87 -80.58 -11.09
C CYS M 121 -35.50 -81.89 -11.78
N ARG M 122 -36.33 -82.37 -12.72
CA ARG M 122 -36.16 -83.60 -13.45
C ARG M 122 -34.91 -83.61 -14.32
N VAL M 123 -34.27 -84.77 -14.33
CA VAL M 123 -33.08 -85.10 -15.11
C VAL M 123 -33.25 -84.75 -16.57
N GLY M 124 -32.34 -83.94 -17.12
CA GLY M 124 -32.26 -83.42 -18.46
C GLY M 124 -32.87 -82.04 -18.73
N THR M 125 -33.39 -81.39 -17.69
CA THR M 125 -33.73 -79.99 -17.73
C THR M 125 -32.65 -79.21 -18.47
N THR M 126 -33.01 -78.42 -19.49
CA THR M 126 -32.18 -77.51 -20.26
C THR M 126 -31.76 -76.51 -19.21
N VAL M 127 -30.43 -76.41 -19.07
CA VAL M 127 -29.79 -75.38 -18.28
C VAL M 127 -29.69 -74.09 -19.09
N GLY M 128 -29.28 -74.10 -20.36
CA GLY M 128 -29.26 -73.08 -21.39
C GLY M 128 -28.26 -73.38 -22.50
N GLN M 129 -27.92 -72.44 -23.38
CA GLN M 129 -27.16 -72.65 -24.60
C GLN M 129 -25.93 -71.77 -24.71
N VAL M 130 -24.76 -72.34 -25.03
CA VAL M 130 -23.51 -71.67 -25.34
C VAL M 130 -23.28 -71.71 -26.85
N CYS M 131 -22.47 -70.80 -27.37
CA CYS M 131 -22.17 -70.77 -28.79
C CYS M 131 -20.79 -70.20 -29.11
N ALA M 132 -20.34 -70.48 -30.34
CA ALA M 132 -19.08 -70.12 -30.94
C ALA M 132 -19.09 -69.94 -32.44
N THR M 133 -18.10 -69.24 -33.01
CA THR M 133 -17.89 -69.21 -34.44
C THR M 133 -16.40 -69.33 -34.77
N ASP M 134 -16.02 -69.51 -36.04
CA ASP M 134 -14.68 -69.72 -36.56
C ASP M 134 -14.42 -68.96 -37.85
N LYS M 135 -13.27 -68.32 -37.98
CA LYS M 135 -13.00 -67.42 -39.09
C LYS M 135 -12.13 -67.88 -40.24
N ASP M 136 -12.05 -69.20 -40.44
CA ASP M 136 -11.93 -69.75 -41.79
C ASP M 136 -13.27 -69.72 -42.51
N GLU M 137 -13.40 -70.21 -43.74
CA GLU M 137 -14.52 -70.19 -44.65
C GLU M 137 -15.71 -70.97 -44.14
N PRO M 138 -16.96 -70.53 -44.27
CA PRO M 138 -18.15 -71.32 -44.01
C PRO M 138 -18.30 -72.63 -44.77
N ASP M 139 -19.07 -73.57 -44.20
CA ASP M 139 -19.45 -74.81 -44.85
C ASP M 139 -18.30 -75.75 -45.16
N THR M 140 -17.06 -75.32 -44.88
CA THR M 140 -15.96 -76.26 -44.86
C THR M 140 -15.76 -77.04 -43.56
N MET M 141 -14.82 -77.98 -43.48
CA MET M 141 -14.37 -78.64 -42.28
C MET M 141 -13.48 -77.73 -41.46
N HIS M 142 -13.01 -76.58 -41.97
CA HIS M 142 -12.06 -75.68 -41.34
C HIS M 142 -12.75 -74.90 -40.23
N THR M 143 -14.09 -74.87 -40.18
CA THR M 143 -14.98 -74.22 -39.25
C THR M 143 -16.12 -75.06 -38.67
N ARG M 144 -16.04 -76.37 -38.80
CA ARG M 144 -16.99 -77.37 -38.33
C ARG M 144 -16.85 -77.62 -36.83
N LEU M 145 -17.80 -77.12 -36.04
CA LEU M 145 -17.66 -77.02 -34.59
C LEU M 145 -17.93 -78.33 -33.86
N LYS M 146 -17.36 -78.50 -32.66
CA LYS M 146 -17.88 -79.44 -31.70
C LYS M 146 -17.81 -78.76 -30.33
N TYR M 147 -18.62 -79.16 -29.34
CA TYR M 147 -18.58 -78.73 -27.97
C TYR M 147 -18.43 -79.95 -27.06
N SER M 148 -17.84 -79.73 -25.89
CA SER M 148 -17.51 -80.75 -24.92
C SER M 148 -17.19 -80.15 -23.55
N ILE M 149 -17.39 -80.93 -22.48
CA ILE M 149 -17.10 -80.50 -21.13
C ILE M 149 -15.70 -80.94 -20.72
N ILE M 150 -15.10 -80.22 -19.76
CA ILE M 150 -13.74 -80.47 -19.31
C ILE M 150 -13.76 -80.76 -17.82
N GLY M 151 -14.52 -80.09 -16.97
CA GLY M 151 -14.74 -80.46 -15.58
C GLY M 151 -15.94 -79.85 -14.86
N GLN M 152 -16.21 -80.38 -13.66
CA GLN M 152 -17.26 -79.93 -12.78
C GLN M 152 -16.88 -79.68 -11.33
N VAL M 153 -17.50 -78.72 -10.63
CA VAL M 153 -17.31 -78.53 -9.21
C VAL M 153 -18.59 -78.28 -8.43
N PRO M 154 -18.92 -79.11 -7.45
CA PRO M 154 -18.40 -80.46 -7.27
C PRO M 154 -18.68 -81.36 -8.47
N PRO M 155 -17.80 -82.35 -8.67
CA PRO M 155 -17.97 -83.33 -9.73
C PRO M 155 -18.60 -84.60 -9.16
N SER M 156 -19.39 -84.47 -8.09
CA SER M 156 -20.14 -85.55 -7.48
C SER M 156 -21.54 -85.11 -7.08
N PRO M 157 -22.58 -85.57 -7.77
CA PRO M 157 -22.53 -86.42 -8.94
C PRO M 157 -21.91 -85.80 -10.19
N THR M 158 -21.65 -86.64 -11.19
CA THR M 158 -21.62 -86.05 -12.51
C THR M 158 -23.01 -85.44 -12.68
N LEU M 159 -23.12 -84.12 -12.80
CA LEU M 159 -24.31 -83.32 -12.54
C LEU M 159 -24.88 -82.59 -13.75
N PHE M 160 -24.06 -82.16 -14.71
CA PHE M 160 -24.51 -81.67 -16.00
C PHE M 160 -24.06 -82.51 -17.19
N SER M 161 -24.64 -82.21 -18.35
CA SER M 161 -24.35 -82.66 -19.69
C SER M 161 -24.52 -81.58 -20.74
N MET M 162 -24.13 -81.86 -21.98
CA MET M 162 -24.18 -80.96 -23.11
C MET M 162 -24.39 -81.74 -24.41
N HIS M 163 -24.70 -80.96 -25.44
CA HIS M 163 -24.73 -81.33 -26.84
C HIS M 163 -23.44 -81.03 -27.60
N PRO M 164 -22.94 -82.04 -28.31
CA PRO M 164 -21.76 -81.97 -29.16
C PRO M 164 -21.89 -80.93 -30.25
N THR M 165 -23.08 -80.87 -30.87
CA THR M 165 -23.33 -80.09 -32.06
C THR M 165 -23.89 -78.70 -31.82
N THR M 166 -24.39 -78.37 -30.63
CA THR M 166 -25.16 -77.16 -30.44
C THR M 166 -24.88 -76.29 -29.22
N GLY M 167 -24.04 -76.90 -28.38
CA GLY M 167 -23.73 -76.25 -27.12
C GLY M 167 -24.97 -75.93 -26.28
N VAL M 168 -26.10 -76.65 -26.35
CA VAL M 168 -27.12 -76.69 -25.32
C VAL M 168 -26.71 -77.58 -24.16
N ILE M 169 -26.74 -77.02 -22.95
CA ILE M 169 -26.29 -77.70 -21.75
C ILE M 169 -27.49 -78.27 -21.01
N THR M 170 -27.45 -79.45 -20.38
CA THR M 170 -28.53 -80.04 -19.62
C THR M 170 -28.06 -80.59 -18.28
N THR M 171 -29.06 -80.91 -17.46
CA THR M 171 -28.77 -81.63 -16.23
C THR M 171 -28.67 -83.12 -16.50
N THR M 172 -27.97 -83.87 -15.65
CA THR M 172 -28.09 -85.31 -15.58
C THR M 172 -28.61 -85.95 -14.30
N SER M 173 -28.84 -85.23 -13.20
CA SER M 173 -29.24 -85.68 -11.88
C SER M 173 -30.29 -84.77 -11.22
N SER M 174 -31.14 -85.26 -10.32
CA SER M 174 -32.10 -84.51 -9.52
C SER M 174 -31.51 -84.24 -8.15
N GLN M 175 -30.21 -84.48 -7.93
CA GLN M 175 -29.53 -84.30 -6.67
C GLN M 175 -29.09 -82.87 -6.37
N LEU M 176 -30.06 -81.95 -6.43
CA LEU M 176 -29.93 -80.51 -6.33
C LEU M 176 -30.74 -80.06 -5.12
N ASP M 177 -30.24 -79.15 -4.28
CA ASP M 177 -30.95 -78.55 -3.16
C ASP M 177 -30.37 -77.16 -2.88
N ARG M 178 -31.24 -76.16 -3.03
CA ARG M 178 -30.78 -74.81 -2.75
C ARG M 178 -30.53 -74.52 -1.27
N GLU M 179 -31.17 -75.39 -0.47
CA GLU M 179 -30.94 -75.34 0.95
C GLU M 179 -29.57 -75.84 1.38
N LEU M 180 -28.74 -76.25 0.42
CA LEU M 180 -27.40 -76.74 0.64
C LEU M 180 -26.35 -76.14 -0.28
N ILE M 181 -26.61 -76.07 -1.59
CA ILE M 181 -25.75 -75.56 -2.64
C ILE M 181 -26.54 -74.74 -3.64
N ASP M 182 -26.11 -73.50 -3.84
CA ASP M 182 -26.77 -72.40 -4.53
C ASP M 182 -26.05 -71.97 -5.79
N LYS M 183 -24.79 -72.39 -5.95
CA LYS M 183 -24.07 -72.38 -7.20
C LYS M 183 -23.22 -73.57 -7.59
N TYR M 184 -23.15 -73.84 -8.89
CA TYR M 184 -22.09 -74.63 -9.50
C TYR M 184 -21.07 -73.94 -10.40
N GLN M 185 -19.95 -74.58 -10.72
CA GLN M 185 -19.12 -74.26 -11.87
C GLN M 185 -19.08 -75.50 -12.75
N LEU M 186 -18.89 -75.27 -14.05
CA LEU M 186 -18.74 -76.25 -15.12
C LEU M 186 -17.80 -75.69 -16.18
N LYS M 187 -16.85 -76.52 -16.60
CA LYS M 187 -15.80 -76.14 -17.52
C LYS M 187 -15.99 -76.65 -18.93
N ILE M 188 -15.82 -75.85 -19.99
CA ILE M 188 -16.26 -76.25 -21.31
C ILE M 188 -15.36 -75.69 -22.40
N LYS M 189 -15.28 -76.41 -23.52
CA LYS M 189 -14.50 -76.03 -24.68
C LYS M 189 -15.36 -76.21 -25.93
N VAL M 190 -15.04 -75.36 -26.91
CA VAL M 190 -15.35 -75.50 -28.32
C VAL M 190 -14.06 -75.76 -29.10
N GLN M 191 -14.17 -76.51 -30.20
CA GLN M 191 -13.09 -76.97 -31.04
C GLN M 191 -13.56 -77.10 -32.49
N ASP M 192 -12.69 -76.82 -33.46
CA ASP M 192 -13.07 -77.02 -34.85
C ASP M 192 -12.63 -78.36 -35.39
N MET M 193 -12.69 -78.45 -36.72
CA MET M 193 -12.34 -79.65 -37.45
C MET M 193 -13.07 -80.89 -36.96
N ASP M 194 -14.37 -80.73 -36.68
CA ASP M 194 -15.20 -81.72 -36.03
C ASP M 194 -14.50 -82.49 -34.91
N GLY M 195 -13.77 -81.75 -34.06
CA GLY M 195 -13.12 -82.30 -32.89
C GLY M 195 -11.86 -83.13 -33.11
N GLN M 196 -11.36 -83.30 -34.34
CA GLN M 196 -10.14 -84.04 -34.60
C GLN M 196 -8.91 -83.47 -33.91
N TYR M 197 -7.79 -84.20 -33.92
CA TYR M 197 -6.53 -83.84 -33.31
C TYR M 197 -5.96 -82.47 -33.64
N PHE M 198 -5.70 -82.07 -34.88
CA PHE M 198 -5.39 -80.71 -35.26
C PHE M 198 -6.59 -79.78 -35.33
N GLY M 199 -7.69 -80.11 -34.66
CA GLY M 199 -8.76 -79.15 -34.47
C GLY M 199 -8.34 -78.21 -33.35
N LEU M 200 -8.34 -76.91 -33.65
CA LEU M 200 -7.95 -75.86 -32.73
C LEU M 200 -9.08 -75.62 -31.74
N GLN M 201 -8.76 -75.24 -30.50
CA GLN M 201 -9.65 -75.31 -29.36
C GLN M 201 -9.55 -74.17 -28.35
N THR M 202 -10.71 -73.75 -27.84
CA THR M 202 -10.79 -72.60 -26.97
C THR M 202 -11.75 -72.84 -25.81
N THR M 203 -11.27 -72.48 -24.61
CA THR M 203 -11.84 -73.01 -23.38
C THR M 203 -12.49 -71.88 -22.59
N SER M 204 -13.62 -72.23 -21.98
CA SER M 204 -14.30 -71.31 -21.10
C SER M 204 -14.81 -71.98 -19.83
N THR M 205 -15.50 -71.24 -18.95
CA THR M 205 -16.21 -71.69 -17.77
C THR M 205 -17.64 -71.21 -17.97
N CYS M 206 -18.54 -71.89 -17.25
CA CYS M 206 -19.79 -71.26 -16.90
C CYS M 206 -20.17 -71.62 -15.47
N ILE M 207 -21.04 -70.81 -14.87
CA ILE M 207 -21.57 -70.94 -13.52
C ILE M 207 -23.05 -71.30 -13.66
N ILE M 208 -23.56 -72.15 -12.75
CA ILE M 208 -24.97 -72.49 -12.78
C ILE M 208 -25.48 -72.08 -11.40
N ASN M 209 -26.39 -71.11 -11.38
CA ASN M 209 -27.07 -70.59 -10.21
C ASN M 209 -28.27 -71.49 -9.93
N ILE M 210 -28.50 -72.01 -8.73
CA ILE M 210 -29.70 -72.74 -8.41
C ILE M 210 -30.70 -71.75 -7.82
N ASP M 211 -31.94 -71.65 -8.32
CA ASP M 211 -33.14 -71.04 -7.79
C ASP M 211 -33.89 -71.98 -6.86
N ASP M 212 -34.84 -71.42 -6.11
CA ASP M 212 -35.50 -72.04 -4.98
C ASP M 212 -36.90 -72.53 -5.34
N VAL M 213 -37.32 -73.70 -4.85
CA VAL M 213 -38.70 -74.13 -4.96
C VAL M 213 -39.17 -74.36 -3.54
N ASN M 214 -40.48 -74.38 -3.24
CA ASN M 214 -40.99 -74.51 -1.90
C ASN M 214 -41.20 -75.95 -1.48
N ASP M 215 -40.19 -76.50 -0.79
CA ASP M 215 -40.00 -77.88 -0.36
C ASP M 215 -39.73 -77.99 1.13
N HIS M 216 -39.52 -76.86 1.81
CA HIS M 216 -39.61 -76.76 3.25
C HIS M 216 -40.99 -76.22 3.61
N LEU M 217 -41.77 -76.81 4.51
CA LEU M 217 -42.95 -76.19 5.08
C LEU M 217 -42.64 -75.31 6.27
N PRO M 218 -43.57 -74.41 6.66
CA PRO M 218 -43.32 -73.62 7.84
C PRO M 218 -43.77 -74.49 9.00
N THR M 219 -42.81 -74.80 9.88
CA THR M 219 -42.99 -75.37 11.19
C THR M 219 -42.96 -74.37 12.33
N PHE M 220 -43.83 -74.52 13.34
CA PHE M 220 -43.86 -73.62 14.47
C PHE M 220 -42.61 -73.95 15.26
N THR M 221 -41.99 -72.92 15.83
CA THR M 221 -40.93 -73.00 16.81
C THR M 221 -41.32 -73.75 18.08
N ARG M 222 -42.60 -73.78 18.46
CA ARG M 222 -43.03 -74.41 19.68
C ARG M 222 -44.19 -75.33 19.30
N THR M 223 -44.32 -76.49 19.96
CA THR M 223 -45.40 -77.45 19.79
C THR M 223 -46.76 -76.90 20.19
N SER M 224 -46.85 -76.21 21.34
CA SER M 224 -48.04 -75.48 21.72
C SER M 224 -47.73 -74.12 22.35
N TYR M 225 -48.78 -73.46 22.81
CA TYR M 225 -48.66 -72.20 23.52
C TYR M 225 -49.78 -71.97 24.52
N VAL M 226 -49.70 -70.93 25.36
CA VAL M 226 -50.71 -70.46 26.29
C VAL M 226 -50.66 -68.96 26.52
N THR M 227 -51.81 -68.28 26.66
CA THR M 227 -51.99 -66.86 26.86
C THR M 227 -53.33 -66.54 27.52
N SER M 228 -53.55 -65.30 27.95
CA SER M 228 -54.70 -64.74 28.65
C SER M 228 -55.17 -63.40 28.10
N VAL M 229 -56.47 -63.14 27.95
CA VAL M 229 -57.12 -61.88 27.69
C VAL M 229 -58.41 -61.69 28.48
N GLU M 230 -58.86 -60.44 28.60
CA GLU M 230 -60.02 -60.11 29.38
C GLU M 230 -61.26 -60.27 28.49
N GLU M 231 -62.40 -60.45 29.16
CA GLU M 231 -63.76 -60.34 28.64
C GLU M 231 -63.92 -58.98 27.98
N ASN M 232 -65.05 -58.85 27.28
CA ASN M 232 -65.52 -57.62 26.67
C ASN M 232 -64.48 -56.82 25.91
N THR M 233 -63.50 -57.48 25.28
CA THR M 233 -62.30 -56.91 24.72
C THR M 233 -61.94 -57.56 23.39
N VAL M 234 -61.73 -56.69 22.40
CA VAL M 234 -61.54 -56.79 20.97
C VAL M 234 -60.47 -55.82 20.49
N ASP M 235 -59.88 -56.05 19.31
CA ASP M 235 -58.80 -55.39 18.60
C ASP M 235 -57.48 -55.31 19.35
N VAL M 236 -57.10 -56.35 20.09
CA VAL M 236 -55.84 -56.37 20.79
C VAL M 236 -55.08 -57.67 20.57
N GLU M 237 -53.74 -57.67 20.54
CA GLU M 237 -52.84 -58.80 20.48
C GLU M 237 -53.00 -59.61 21.77
N ILE M 238 -53.09 -60.94 21.62
CA ILE M 238 -53.03 -61.82 22.77
C ILE M 238 -51.78 -62.69 22.70
N LEU M 239 -51.31 -63.06 21.51
CA LEU M 239 -50.10 -63.86 21.41
C LEU M 239 -49.36 -63.69 20.10
N ARG M 240 -48.03 -63.61 20.18
CA ARG M 240 -47.13 -63.56 19.05
C ARG M 240 -46.26 -64.81 19.05
N VAL M 241 -46.16 -65.40 17.84
CA VAL M 241 -45.44 -66.60 17.51
C VAL M 241 -44.61 -66.44 16.24
N THR M 242 -43.69 -67.41 16.09
CA THR M 242 -42.77 -67.54 14.97
C THR M 242 -42.83 -68.90 14.30
N VAL M 243 -42.25 -69.00 13.10
CA VAL M 243 -42.06 -70.20 12.30
C VAL M 243 -40.71 -70.30 11.60
N GLU M 244 -40.12 -71.47 11.36
CA GLU M 244 -38.90 -71.84 10.67
C GLU M 244 -39.12 -72.62 9.38
N ASP M 245 -38.39 -72.22 8.34
CA ASP M 245 -38.62 -72.64 6.98
C ASP M 245 -37.39 -72.46 6.10
N LYS M 246 -36.62 -73.48 5.72
CA LYS M 246 -35.25 -73.33 5.27
C LYS M 246 -34.99 -72.71 3.90
N ASP M 247 -36.06 -72.53 3.13
CA ASP M 247 -36.17 -71.82 1.88
C ASP M 247 -35.75 -70.36 2.00
N LEU M 248 -35.52 -69.70 0.86
CA LEU M 248 -34.90 -68.39 0.72
C LEU M 248 -35.58 -67.24 1.45
N VAL M 249 -35.00 -66.65 2.49
CA VAL M 249 -35.47 -65.46 3.17
C VAL M 249 -36.03 -64.37 2.26
N ASN M 250 -37.18 -63.81 2.62
CA ASN M 250 -37.86 -62.69 2.02
C ASN M 250 -38.61 -63.06 0.75
N THR M 251 -38.77 -64.34 0.43
CA THR M 251 -39.45 -64.89 -0.73
C THR M 251 -40.84 -65.49 -0.54
N ALA M 252 -41.63 -65.73 -1.57
CA ALA M 252 -42.86 -66.48 -1.44
C ALA M 252 -42.73 -67.88 -0.86
N ASN M 253 -41.52 -68.45 -1.00
CA ASN M 253 -41.14 -69.76 -0.52
C ASN M 253 -40.91 -69.83 0.98
N TRP M 254 -40.78 -68.64 1.57
CA TRP M 254 -40.41 -68.40 2.96
C TRP M 254 -41.55 -67.73 3.71
N ARG M 255 -42.21 -66.81 3.01
CA ARG M 255 -43.39 -66.13 3.51
C ARG M 255 -44.51 -67.10 3.87
N ALA M 256 -45.00 -67.05 5.11
CA ALA M 256 -46.00 -67.92 5.69
C ALA M 256 -47.28 -67.18 6.08
N ASN M 257 -48.38 -67.93 6.02
CA ASN M 257 -49.76 -67.48 6.06
C ASN M 257 -50.59 -68.37 6.99
N TYR M 258 -51.29 -67.86 8.01
CA TYR M 258 -51.65 -68.62 9.19
C TYR M 258 -53.11 -69.00 9.03
N THR M 259 -53.60 -69.87 9.91
CA THR M 259 -54.98 -70.31 9.90
C THR M 259 -55.47 -70.67 11.30
N ILE M 260 -56.78 -70.64 11.51
CA ILE M 260 -57.33 -71.09 12.77
C ILE M 260 -58.19 -72.28 12.35
N LEU M 261 -57.97 -73.47 12.93
CA LEU M 261 -58.53 -74.74 12.52
C LEU M 261 -59.54 -75.24 13.54
N LYS M 262 -59.49 -74.90 14.82
CA LYS M 262 -60.36 -75.43 15.86
C LYS M 262 -60.37 -74.37 16.94
N GLY M 263 -61.46 -74.25 17.70
CA GLY M 263 -61.55 -73.40 18.88
C GLY M 263 -62.08 -71.99 18.76
N ASN M 264 -62.82 -71.75 17.67
CA ASN M 264 -63.21 -70.43 17.22
C ASN M 264 -64.61 -70.46 16.66
N GLU M 265 -65.61 -71.17 17.19
CA GLU M 265 -66.83 -71.55 16.50
C GLU M 265 -67.82 -70.39 16.48
N ASN M 266 -67.58 -69.31 17.24
CA ASN M 266 -68.29 -68.07 17.05
C ASN M 266 -67.46 -66.93 16.47
N GLY M 267 -66.20 -67.11 16.05
CA GLY M 267 -65.50 -66.11 15.28
C GLY M 267 -64.73 -65.12 16.14
N ASN M 268 -64.37 -65.40 17.39
CA ASN M 268 -63.73 -64.44 18.27
C ASN M 268 -62.26 -64.09 18.11
N PHE M 269 -61.57 -65.05 17.49
CA PHE M 269 -60.14 -65.01 17.28
C PHE M 269 -59.68 -64.85 15.84
N LYS M 270 -58.58 -64.15 15.57
CA LYS M 270 -57.96 -63.97 14.26
C LYS M 270 -56.45 -64.05 14.27
N ILE M 271 -55.84 -64.59 13.21
CA ILE M 271 -54.40 -64.65 13.09
C ILE M 271 -53.92 -64.22 11.71
N VAL M 272 -52.97 -63.28 11.70
CA VAL M 272 -52.43 -62.57 10.56
C VAL M 272 -50.90 -62.45 10.61
N THR M 273 -50.21 -62.56 9.49
CA THR M 273 -48.77 -62.36 9.51
C THR M 273 -48.42 -60.88 9.55
N ASP M 274 -47.38 -60.53 10.32
CA ASP M 274 -46.85 -59.20 10.45
C ASP M 274 -46.02 -58.79 9.25
N ALA M 275 -46.46 -57.76 8.53
CA ALA M 275 -45.70 -57.23 7.42
C ALA M 275 -44.34 -56.62 7.76
N LYS M 276 -44.01 -56.47 9.05
CA LYS M 276 -42.73 -55.92 9.45
C LYS M 276 -41.95 -56.84 10.38
N THR M 277 -42.50 -57.64 11.29
CA THR M 277 -41.73 -58.64 12.01
C THR M 277 -41.83 -60.05 11.46
N ASN M 278 -42.71 -60.34 10.49
CA ASN M 278 -42.82 -61.64 9.86
C ASN M 278 -43.19 -62.63 10.96
N GLU M 279 -43.99 -62.29 11.96
CA GLU M 279 -44.52 -63.13 13.02
C GLU M 279 -45.95 -63.56 12.75
N GLY M 280 -46.44 -64.66 13.33
CA GLY M 280 -47.86 -64.95 13.32
C GLY M 280 -48.59 -64.40 14.54
N VAL M 281 -49.44 -63.40 14.30
CA VAL M 281 -50.01 -62.54 15.33
C VAL M 281 -51.50 -62.76 15.50
N LEU M 282 -51.84 -63.59 16.49
CA LEU M 282 -53.14 -63.74 17.11
C LEU M 282 -53.69 -62.63 17.99
N CYS M 283 -54.96 -62.31 17.70
CA CYS M 283 -55.64 -61.18 18.30
C CYS M 283 -57.09 -61.59 18.55
N VAL M 284 -57.79 -60.79 19.37
CA VAL M 284 -59.22 -60.92 19.55
C VAL M 284 -59.97 -59.85 18.76
N VAL M 285 -61.12 -60.18 18.16
CA VAL M 285 -61.83 -59.30 17.25
C VAL M 285 -63.34 -59.22 17.39
N LYS M 286 -63.92 -60.20 18.07
CA LYS M 286 -65.28 -60.27 18.59
C LYS M 286 -65.24 -60.77 20.02
N PRO M 287 -65.93 -60.14 20.99
CA PRO M 287 -65.48 -60.19 22.36
C PRO M 287 -65.91 -61.46 23.10
N LEU M 288 -65.40 -61.66 24.31
CA LEU M 288 -65.59 -62.85 25.12
C LEU M 288 -66.10 -62.47 26.50
N ASN M 289 -66.52 -63.41 27.36
CA ASN M 289 -67.29 -63.35 28.58
C ASN M 289 -66.88 -64.25 29.74
N TYR M 290 -66.45 -63.59 30.82
CA TYR M 290 -65.93 -64.38 31.92
C TYR M 290 -66.95 -65.29 32.60
N GLU M 291 -68.14 -64.72 32.81
CA GLU M 291 -69.31 -65.28 33.47
C GLU M 291 -69.94 -66.46 32.75
N GLU M 292 -69.47 -66.86 31.57
CA GLU M 292 -70.02 -67.99 30.85
C GLU M 292 -68.88 -68.80 30.26
N LYS M 293 -67.67 -68.25 30.07
CA LYS M 293 -66.58 -69.06 29.55
C LYS M 293 -65.20 -68.56 29.93
N GLN M 294 -64.50 -69.29 30.80
CA GLN M 294 -63.14 -68.97 31.22
C GLN M 294 -61.92 -69.44 30.44
N GLN M 295 -62.00 -70.51 29.64
CA GLN M 295 -60.87 -71.10 28.96
C GLN M 295 -61.25 -71.68 27.60
N MET M 296 -60.31 -71.70 26.65
CA MET M 296 -60.52 -72.33 25.37
C MET M 296 -59.19 -72.81 24.82
N ILE M 297 -59.26 -73.75 23.87
CA ILE M 297 -58.15 -74.42 23.23
C ILE M 297 -58.48 -74.13 21.76
N LEU M 298 -57.55 -73.47 21.07
CA LEU M 298 -57.50 -73.27 19.64
C LEU M 298 -56.42 -74.15 19.03
N GLN M 299 -56.68 -74.81 17.89
CA GLN M 299 -55.60 -75.25 17.04
C GLN M 299 -55.45 -74.17 15.98
N ILE M 300 -54.18 -73.93 15.66
CA ILE M 300 -53.71 -73.11 14.55
C ILE M 300 -52.78 -73.87 13.61
N GLY M 301 -52.79 -73.35 12.39
CA GLY M 301 -52.09 -73.84 11.22
C GLY M 301 -51.29 -72.72 10.57
N VAL M 302 -50.46 -73.12 9.60
CA VAL M 302 -49.57 -72.27 8.86
C VAL M 302 -49.17 -72.93 7.55
N VAL M 303 -49.08 -72.14 6.47
CA VAL M 303 -48.74 -72.57 5.13
C VAL M 303 -47.90 -71.48 4.48
N ASN M 304 -47.08 -71.78 3.47
CA ASN M 304 -46.39 -70.80 2.67
C ASN M 304 -47.29 -70.16 1.62
N GLU M 305 -46.85 -68.99 1.12
CA GLU M 305 -47.39 -68.22 0.02
C GLU M 305 -47.31 -68.93 -1.33
N ALA M 306 -46.17 -69.57 -1.61
CA ALA M 306 -46.16 -70.52 -2.71
C ALA M 306 -46.78 -71.87 -2.39
N PRO M 307 -47.48 -72.58 -3.27
CA PRO M 307 -47.84 -73.96 -3.04
C PRO M 307 -46.65 -74.89 -2.83
N PHE M 308 -46.91 -76.12 -2.38
CA PHE M 308 -45.90 -77.10 -2.07
C PHE M 308 -45.53 -78.14 -3.14
N SER M 309 -44.43 -78.86 -2.96
CA SER M 309 -43.72 -79.67 -3.93
C SER M 309 -44.27 -81.06 -4.22
N ARG M 310 -44.05 -81.54 -5.44
CA ARG M 310 -44.44 -82.85 -5.92
C ARG M 310 -45.86 -83.36 -5.68
N GLU M 311 -46.88 -82.50 -5.81
CA GLU M 311 -48.28 -82.84 -5.65
C GLU M 311 -48.55 -83.50 -4.30
N ALA M 312 -47.79 -83.18 -3.26
CA ALA M 312 -47.95 -83.78 -1.95
C ALA M 312 -49.11 -83.25 -1.11
N SER M 313 -49.77 -82.17 -1.55
CA SER M 313 -50.99 -81.58 -1.03
C SER M 313 -50.85 -80.92 0.34
N PRO M 314 -51.93 -80.67 1.08
CA PRO M 314 -51.91 -79.99 2.35
C PRO M 314 -51.14 -80.78 3.42
N ARG M 315 -51.21 -82.10 3.55
CA ARG M 315 -50.40 -82.86 4.48
C ARG M 315 -48.90 -82.64 4.56
N SER M 316 -48.30 -82.08 3.51
CA SER M 316 -46.90 -81.74 3.44
C SER M 316 -46.63 -80.24 3.33
N ALA M 317 -47.66 -79.52 2.91
CA ALA M 317 -47.57 -78.08 2.71
C ALA M 317 -47.75 -77.26 3.97
N MET M 318 -48.63 -77.75 4.85
CA MET M 318 -48.95 -77.11 6.11
C MET M 318 -48.62 -77.81 7.42
N SER M 319 -48.28 -77.02 8.44
CA SER M 319 -48.08 -77.43 9.81
C SER M 319 -49.06 -76.82 10.80
N THR M 320 -49.10 -77.38 12.01
CA THR M 320 -50.05 -77.02 13.04
C THR M 320 -49.36 -76.78 14.38
N ALA M 321 -49.98 -76.07 15.32
CA ALA M 321 -49.68 -76.11 16.74
C ALA M 321 -51.02 -75.87 17.44
N THR M 322 -51.05 -75.79 18.77
CA THR M 322 -52.16 -75.55 19.67
C THR M 322 -51.93 -74.31 20.54
N VAL M 323 -52.95 -73.50 20.80
CA VAL M 323 -52.89 -72.38 21.72
C VAL M 323 -53.93 -72.62 22.80
N THR M 324 -53.57 -72.38 24.06
CA THR M 324 -54.49 -72.33 25.18
C THR M 324 -54.78 -70.89 25.55
N VAL M 325 -56.04 -70.42 25.42
CA VAL M 325 -56.41 -69.07 25.74
C VAL M 325 -57.23 -69.07 27.01
N ASN M 326 -56.95 -68.12 27.91
CA ASN M 326 -57.59 -67.81 29.17
C ASN M 326 -58.40 -66.53 29.11
N VAL M 327 -59.70 -66.58 29.37
CA VAL M 327 -60.57 -65.44 29.58
C VAL M 327 -60.38 -65.01 31.03
N GLU M 328 -60.28 -63.71 31.26
CA GLU M 328 -60.26 -63.08 32.57
C GLU M 328 -61.34 -62.03 32.76
N ASP M 329 -61.81 -61.93 34.01
CA ASP M 329 -62.90 -61.12 34.49
C ASP M 329 -62.68 -59.63 34.24
N GLN M 330 -63.70 -58.80 34.11
CA GLN M 330 -63.77 -57.35 34.27
C GLN M 330 -65.07 -57.09 34.99
N ASP M 331 -65.17 -55.93 35.65
CA ASP M 331 -66.31 -55.41 36.38
C ASP M 331 -67.26 -54.68 35.45
N GLU M 332 -68.50 -55.16 35.33
CA GLU M 332 -69.66 -54.81 34.53
C GLU M 332 -70.81 -54.38 35.43
N GLY M 333 -71.77 -53.68 34.81
CA GLY M 333 -72.97 -53.38 35.56
C GLY M 333 -74.14 -54.34 35.44
N PRO M 334 -75.23 -54.04 36.17
CA PRO M 334 -76.34 -54.96 36.25
C PRO M 334 -77.09 -55.24 34.95
N GLU M 335 -77.46 -56.48 34.68
CA GLU M 335 -78.20 -56.80 33.47
C GLU M 335 -79.70 -56.83 33.72
N CYS M 336 -80.50 -56.31 32.78
CA CYS M 336 -81.94 -56.26 32.99
C CYS M 336 -82.61 -57.51 32.44
N ASN M 337 -81.90 -58.62 32.26
CA ASN M 337 -82.37 -59.72 31.42
C ASN M 337 -83.16 -60.71 32.25
N PRO M 338 -84.02 -61.57 31.69
CA PRO M 338 -84.66 -61.39 30.41
C PRO M 338 -85.49 -60.11 30.33
N PRO M 339 -85.64 -59.52 29.14
CA PRO M 339 -86.39 -58.30 28.91
C PRO M 339 -87.83 -58.44 29.40
N ILE M 340 -88.56 -59.45 28.93
CA ILE M 340 -89.91 -59.78 29.36
C ILE M 340 -89.85 -60.63 30.62
N GLN M 341 -90.44 -60.18 31.75
CA GLN M 341 -90.41 -60.92 32.99
C GLN M 341 -91.83 -61.25 33.39
N THR M 342 -92.11 -62.40 34.00
CA THR M 342 -93.44 -62.80 34.41
C THR M 342 -93.55 -63.10 35.90
N VAL M 343 -94.64 -62.69 36.54
CA VAL M 343 -95.02 -62.94 37.92
C VAL M 343 -96.45 -63.38 38.12
N ARG M 344 -96.76 -64.14 39.17
CA ARG M 344 -98.07 -64.60 39.60
C ARG M 344 -98.63 -63.94 40.84
N MET M 345 -99.77 -63.24 40.79
CA MET M 345 -100.36 -62.55 41.92
C MET M 345 -101.85 -62.85 41.94
N LYS M 346 -102.43 -62.98 43.14
CA LYS M 346 -103.84 -63.21 43.37
C LYS M 346 -104.72 -61.98 43.43
N GLU M 347 -105.97 -62.07 42.97
CA GLU M 347 -106.88 -60.94 42.94
C GLU M 347 -107.35 -60.35 44.27
N ASN M 348 -107.15 -61.10 45.36
CA ASN M 348 -107.42 -60.77 46.75
C ASN M 348 -106.31 -59.94 47.38
N ALA M 349 -105.26 -59.60 46.63
CA ALA M 349 -104.15 -59.02 47.38
C ALA M 349 -104.46 -57.65 47.95
N GLU M 350 -104.11 -57.37 49.20
CA GLU M 350 -104.45 -56.16 49.92
C GLU M 350 -103.75 -54.94 49.34
N VAL M 351 -104.43 -53.80 49.33
CA VAL M 351 -103.92 -52.49 48.98
C VAL M 351 -102.81 -52.14 49.96
N GLY M 352 -101.64 -51.69 49.51
CA GLY M 352 -100.46 -51.40 50.29
C GLY M 352 -99.32 -52.41 50.39
N THR M 353 -99.59 -53.60 49.86
CA THR M 353 -98.61 -54.67 49.91
C THR M 353 -97.66 -54.57 48.73
N THR M 354 -96.44 -55.08 48.87
CA THR M 354 -95.34 -55.13 47.92
C THR M 354 -94.96 -56.59 47.73
N SER M 355 -94.48 -56.95 46.54
CA SER M 355 -94.55 -58.28 45.95
C SER M 355 -93.53 -58.46 44.84
N ASN M 356 -93.26 -59.67 44.35
CA ASN M 356 -92.43 -59.98 43.21
C ASN M 356 -92.56 -58.95 42.09
N GLY M 357 -91.41 -58.49 41.60
CA GLY M 357 -91.44 -57.70 40.38
C GLY M 357 -90.24 -57.77 39.43
N TYR M 358 -89.90 -56.69 38.73
CA TYR M 358 -88.90 -56.75 37.68
C TYR M 358 -87.51 -56.75 38.30
N LYS M 359 -86.62 -57.48 37.64
CA LYS M 359 -85.34 -57.78 38.28
C LYS M 359 -84.10 -57.47 37.44
N ALA M 360 -83.00 -57.13 38.11
CA ALA M 360 -81.73 -56.89 37.46
C ALA M 360 -80.57 -57.28 38.37
N TYR M 361 -79.41 -57.65 37.82
CA TYR M 361 -78.34 -58.28 38.57
C TYR M 361 -76.97 -57.97 37.97
N ASP M 362 -76.02 -57.68 38.87
CA ASP M 362 -74.63 -57.45 38.53
C ASP M 362 -73.98 -58.78 38.15
N PRO M 363 -73.16 -58.89 37.11
CA PRO M 363 -72.57 -60.14 36.68
C PRO M 363 -71.48 -60.68 37.59
N GLU M 364 -70.79 -59.88 38.41
CA GLU M 364 -69.67 -60.31 39.22
C GLU M 364 -70.18 -60.88 40.53
N THR M 365 -71.28 -60.32 41.03
CA THR M 365 -71.76 -60.42 42.39
C THR M 365 -73.13 -61.07 42.55
N ARG M 366 -74.01 -60.86 41.58
CA ARG M 366 -75.46 -60.96 41.64
C ARG M 366 -76.16 -59.90 42.49
N SER M 367 -75.41 -58.85 42.85
CA SER M 367 -76.04 -57.72 43.52
C SER M 367 -77.17 -57.12 42.70
N SER M 368 -78.23 -56.65 43.37
CA SER M 368 -79.29 -55.84 42.82
C SER M 368 -79.41 -54.40 43.31
N SER M 369 -78.43 -53.89 44.06
CA SER M 369 -78.41 -52.63 44.79
C SER M 369 -77.99 -51.39 44.02
N GLY M 370 -78.49 -50.20 44.36
CA GLY M 370 -78.08 -48.93 43.77
C GLY M 370 -78.80 -48.63 42.47
N ILE M 371 -79.65 -49.57 42.07
CA ILE M 371 -80.63 -49.35 41.03
C ILE M 371 -81.79 -48.41 41.36
N ARG M 372 -82.52 -48.02 40.31
CA ARG M 372 -83.69 -47.16 40.30
C ARG M 372 -84.58 -47.48 39.10
N TYR M 373 -85.88 -47.46 39.39
CA TYR M 373 -86.86 -48.10 38.53
C TYR M 373 -88.08 -47.26 38.18
N LYS M 374 -88.80 -47.54 37.10
CA LYS M 374 -90.15 -47.03 36.91
C LYS M 374 -91.11 -47.85 36.06
N LYS M 375 -92.42 -47.69 36.26
CA LYS M 375 -93.43 -47.97 35.25
C LYS M 375 -93.46 -46.90 34.17
N LEU M 376 -93.91 -47.21 32.96
CA LEU M 376 -94.02 -46.29 31.85
C LEU M 376 -95.46 -46.32 31.35
N THR M 377 -96.14 -47.45 31.22
CA THR M 377 -97.52 -47.67 30.83
C THR M 377 -98.17 -48.85 31.54
N ASP M 378 -99.42 -48.60 31.93
CA ASP M 378 -100.31 -49.47 32.69
C ASP M 378 -101.76 -49.21 32.33
N PRO M 379 -102.42 -50.17 31.67
CA PRO M 379 -103.83 -50.11 31.37
C PRO M 379 -104.77 -50.36 32.55
N THR M 380 -104.38 -51.11 33.58
CA THR M 380 -105.27 -51.52 34.65
C THR M 380 -105.24 -50.64 35.89
N GLY M 381 -104.17 -49.87 36.07
CA GLY M 381 -104.01 -49.01 37.22
C GLY M 381 -103.86 -49.61 38.61
N TRP M 382 -104.00 -50.93 38.75
CA TRP M 382 -103.88 -51.57 40.04
C TRP M 382 -102.56 -51.50 40.78
N VAL M 383 -101.45 -51.33 40.04
CA VAL M 383 -100.11 -51.44 40.57
C VAL M 383 -99.31 -50.13 40.57
N THR M 384 -98.39 -49.98 41.53
CA THR M 384 -97.21 -49.15 41.40
C THR M 384 -95.97 -50.03 41.42
N ILE M 385 -94.80 -49.44 41.16
CA ILE M 385 -93.50 -50.03 41.39
C ILE M 385 -92.86 -49.43 42.64
N ASP M 386 -92.03 -50.23 43.32
CA ASP M 386 -91.28 -49.75 44.46
C ASP M 386 -89.91 -49.31 43.98
N GLU M 387 -89.57 -48.02 44.09
CA GLU M 387 -88.72 -47.30 43.16
C GLU M 387 -87.23 -47.62 43.18
N ASN M 388 -86.68 -48.37 44.13
CA ASN M 388 -85.28 -48.75 44.24
C ASN M 388 -85.09 -50.22 43.96
N THR M 389 -86.19 -50.97 43.89
CA THR M 389 -86.20 -52.40 44.09
C THR M 389 -87.00 -53.07 42.99
N GLY M 390 -87.93 -52.39 42.31
CA GLY M 390 -88.64 -52.91 41.16
C GLY M 390 -89.73 -53.93 41.43
N SER M 391 -89.93 -54.28 42.71
CA SER M 391 -91.03 -54.99 43.34
C SER M 391 -92.31 -54.24 42.97
N ILE M 392 -93.35 -55.06 42.81
CA ILE M 392 -94.65 -54.55 42.40
C ILE M 392 -95.47 -54.29 43.66
N LYS M 393 -96.28 -53.23 43.70
CA LYS M 393 -96.97 -52.74 44.87
C LYS M 393 -98.44 -52.43 44.60
N VAL M 394 -99.38 -52.69 45.51
CA VAL M 394 -100.80 -52.69 45.21
C VAL M 394 -101.21 -51.26 45.55
N PHE M 395 -101.66 -50.57 44.51
CA PHE M 395 -102.19 -49.25 44.79
C PHE M 395 -103.72 -49.18 44.83
N ARG M 396 -104.36 -50.05 44.05
CA ARG M 396 -105.80 -50.21 43.88
C ARG M 396 -106.07 -51.71 43.80
N SER M 397 -107.27 -52.09 44.24
CA SER M 397 -107.67 -53.48 44.39
C SER M 397 -107.85 -54.17 43.05
N LEU M 398 -107.28 -55.37 42.99
CA LEU M 398 -107.20 -56.17 41.77
C LEU M 398 -108.43 -57.00 41.44
N ASP M 399 -108.75 -57.25 40.17
CA ASP M 399 -109.85 -58.13 39.80
C ASP M 399 -109.67 -59.02 38.58
N ARG M 400 -109.76 -60.33 38.80
CA ARG M 400 -109.84 -61.32 37.74
C ARG M 400 -111.16 -61.27 36.98
N GLU M 401 -112.18 -60.66 37.59
CA GLU M 401 -113.48 -60.50 36.98
C GLU M 401 -113.64 -59.22 36.18
N ALA M 402 -112.60 -58.40 36.12
CA ALA M 402 -112.64 -57.17 35.35
C ALA M 402 -112.77 -57.52 33.87
N GLU M 403 -113.45 -56.65 33.13
CA GLU M 403 -113.50 -56.81 31.69
C GLU M 403 -112.21 -56.56 30.93
N THR M 404 -111.27 -55.78 31.46
CA THR M 404 -110.11 -55.16 30.86
C THR M 404 -108.84 -55.98 31.01
N ILE M 405 -109.00 -57.24 31.44
CA ILE M 405 -108.00 -58.27 31.53
C ILE M 405 -108.58 -59.52 30.88
N LYS M 406 -107.88 -60.02 29.87
CA LYS M 406 -108.23 -61.19 29.09
C LYS M 406 -107.28 -62.37 29.27
N ASN M 407 -107.70 -63.63 29.31
CA ASN M 407 -106.79 -64.73 29.51
C ASN M 407 -105.94 -64.64 30.78
N GLY M 408 -106.35 -63.83 31.75
CA GLY M 408 -105.82 -63.86 33.10
C GLY M 408 -104.43 -63.27 33.29
N ILE M 409 -104.01 -62.40 32.37
CA ILE M 409 -102.65 -61.88 32.33
C ILE M 409 -102.67 -60.51 31.67
N TYR M 410 -101.72 -59.61 31.91
CA TYR M 410 -101.54 -58.36 31.20
C TYR M 410 -100.12 -57.84 31.23
N ASN M 411 -99.82 -56.64 30.72
CA ASN M 411 -98.52 -56.03 30.56
C ASN M 411 -98.41 -54.63 31.13
N ILE M 412 -97.33 -54.40 31.90
CA ILE M 412 -96.83 -53.06 32.14
C ILE M 412 -95.45 -52.83 31.55
N THR M 413 -95.14 -51.71 30.89
CA THR M 413 -93.83 -51.37 30.38
C THR M 413 -92.89 -50.73 31.39
N VAL M 414 -91.63 -51.16 31.45
CA VAL M 414 -90.78 -50.89 32.61
C VAL M 414 -89.41 -50.41 32.17
N LEU M 415 -88.94 -49.41 32.91
CA LEU M 415 -87.60 -48.87 32.93
C LEU M 415 -86.74 -49.33 34.10
N ALA M 416 -85.46 -49.66 33.87
CA ALA M 416 -84.57 -49.52 35.01
C ALA M 416 -83.37 -48.67 34.65
N SER M 417 -82.67 -48.15 35.65
CA SER M 417 -81.62 -47.15 35.56
C SER M 417 -80.67 -47.32 36.75
N ASP M 418 -79.37 -47.28 36.49
CA ASP M 418 -78.42 -47.70 37.49
C ASP M 418 -77.39 -46.61 37.76
N GLN M 419 -76.49 -46.74 38.73
CA GLN M 419 -75.36 -45.85 38.92
C GLN M 419 -74.29 -45.91 37.85
N GLY M 420 -74.24 -47.03 37.13
CA GLY M 420 -73.29 -47.45 36.10
C GLY M 420 -73.47 -46.72 34.79
N GLY M 421 -74.22 -45.61 34.76
CA GLY M 421 -74.48 -44.83 33.57
C GLY M 421 -75.23 -45.56 32.46
N ARG M 422 -76.07 -46.55 32.75
CA ARG M 422 -76.91 -47.04 31.68
C ARG M 422 -78.38 -47.20 32.06
N THR M 423 -79.28 -47.21 31.07
CA THR M 423 -80.70 -47.45 31.19
C THR M 423 -81.14 -48.59 30.27
N CYS M 424 -82.14 -49.38 30.68
CA CYS M 424 -82.62 -50.59 30.07
C CYS M 424 -84.15 -50.56 30.16
N THR M 425 -84.77 -51.10 29.13
CA THR M 425 -86.21 -51.12 28.92
C THR M 425 -86.72 -52.55 28.78
N GLY M 426 -87.87 -52.82 29.41
CA GLY M 426 -88.45 -54.14 29.31
C GLY M 426 -89.97 -54.20 29.47
N THR M 427 -90.54 -55.40 29.66
CA THR M 427 -91.93 -55.53 30.01
C THR M 427 -92.00 -56.38 31.26
N LEU M 428 -93.09 -56.25 32.04
CA LEU M 428 -93.42 -57.07 33.19
C LEU M 428 -94.87 -57.52 33.03
N GLY M 429 -95.04 -58.84 32.91
CA GLY M 429 -96.36 -59.42 32.76
C GLY M 429 -96.90 -60.03 34.05
N ILE M 430 -97.89 -59.43 34.71
CA ILE M 430 -98.50 -59.99 35.90
C ILE M 430 -99.61 -60.95 35.52
N ILE M 431 -99.35 -62.21 35.83
CA ILE M 431 -100.39 -63.23 35.79
C ILE M 431 -101.25 -63.03 37.04
N LEU M 432 -102.53 -62.69 36.87
CA LEU M 432 -103.52 -62.44 37.90
C LEU M 432 -104.45 -63.63 38.09
N GLN M 433 -104.39 -64.16 39.31
CA GLN M 433 -104.99 -65.46 39.62
C GLN M 433 -106.29 -65.28 40.39
N ASP M 434 -107.37 -65.94 39.95
CA ASP M 434 -108.71 -65.87 40.46
C ASP M 434 -108.82 -66.40 41.89
N VAL M 435 -109.64 -65.72 42.70
CA VAL M 435 -110.03 -66.18 44.02
C VAL M 435 -111.55 -66.21 44.10
N ASN M 436 -112.07 -67.28 44.69
CA ASN M 436 -113.50 -67.51 44.80
C ASN M 436 -114.14 -66.50 45.75
N ASP M 437 -114.26 -65.28 45.23
CA ASP M 437 -114.75 -64.09 45.88
C ASP M 437 -116.21 -63.77 45.54
N ASN M 438 -116.76 -64.55 44.61
CA ASN M 438 -118.16 -64.51 44.22
C ASN M 438 -118.95 -65.76 44.58
N SER M 439 -120.11 -65.74 45.22
CA SER M 439 -121.05 -66.83 45.18
C SER M 439 -121.84 -66.83 43.88
N PRO M 440 -122.68 -67.80 43.54
CA PRO M 440 -123.69 -67.73 42.50
C PRO M 440 -124.81 -66.73 42.75
N PHE M 441 -125.39 -66.14 41.72
CA PHE M 441 -126.71 -65.51 41.72
C PHE M 441 -127.72 -66.06 40.72
N ILE M 442 -129.00 -65.70 40.80
CA ILE M 442 -130.04 -66.11 39.88
C ILE M 442 -130.60 -64.95 39.07
N PRO M 443 -130.50 -64.92 37.74
CA PRO M 443 -130.90 -63.81 36.90
C PRO M 443 -132.41 -63.60 36.77
N LYS M 444 -133.17 -64.64 36.46
CA LYS M 444 -134.63 -64.67 36.46
C LYS M 444 -135.11 -65.22 37.79
N LYS M 445 -135.54 -64.36 38.71
CA LYS M 445 -136.24 -64.66 39.94
C LYS M 445 -137.69 -65.10 39.77
N THR M 446 -138.30 -64.94 38.60
CA THR M 446 -139.74 -64.91 38.42
C THR M 446 -140.23 -66.24 37.85
N VAL M 447 -141.32 -66.75 38.44
CA VAL M 447 -141.84 -68.06 38.14
C VAL M 447 -143.36 -67.95 38.14
N ILE M 448 -144.00 -68.67 37.22
CA ILE M 448 -145.42 -68.95 37.28
C ILE M 448 -145.61 -70.43 36.98
N ILE M 449 -146.28 -71.11 37.91
CA ILE M 449 -146.52 -72.53 37.78
C ILE M 449 -148.01 -72.80 37.58
N CYS M 450 -148.29 -73.42 36.43
CA CYS M 450 -149.66 -73.86 36.20
C CYS M 450 -150.11 -75.02 37.09
N LYS M 451 -150.67 -74.70 38.26
CA LYS M 451 -150.77 -75.71 39.29
C LYS M 451 -151.56 -76.93 38.83
N PRO M 452 -152.70 -76.86 38.15
CA PRO M 452 -153.44 -78.07 37.82
C PRO M 452 -152.72 -79.05 36.92
N THR M 453 -151.81 -78.53 36.09
CA THR M 453 -151.30 -79.23 34.92
C THR M 453 -149.80 -79.50 34.92
N MET M 454 -148.96 -78.71 35.59
CA MET M 454 -147.52 -78.78 35.72
C MET M 454 -147.16 -78.76 37.20
N SER M 455 -146.18 -79.61 37.52
CA SER M 455 -145.80 -79.92 38.88
C SER M 455 -144.63 -79.17 39.51
N SER M 456 -143.93 -78.30 38.75
CA SER M 456 -142.73 -77.66 39.22
C SER M 456 -142.35 -76.53 38.28
N ALA M 457 -141.24 -75.89 38.65
CA ALA M 457 -140.49 -74.90 37.91
C ALA M 457 -138.99 -75.16 37.89
N GLU M 458 -138.25 -74.67 36.89
CA GLU M 458 -136.81 -74.81 36.73
C GLU M 458 -136.11 -73.47 36.66
N ILE M 459 -135.05 -73.38 37.47
CA ILE M 459 -134.37 -72.19 37.95
C ILE M 459 -132.86 -72.27 37.75
N VAL M 460 -132.30 -71.22 37.15
CA VAL M 460 -130.97 -71.15 36.59
C VAL M 460 -130.04 -70.14 37.26
N ALA M 461 -128.82 -70.50 37.63
CA ALA M 461 -127.88 -69.64 38.32
C ALA M 461 -126.72 -69.20 37.42
N VAL M 462 -125.95 -68.17 37.79
CA VAL M 462 -124.68 -67.79 37.21
C VAL M 462 -123.77 -67.54 38.39
N ASP M 463 -122.47 -67.87 38.31
CA ASP M 463 -121.41 -67.32 39.14
C ASP M 463 -120.31 -66.51 38.47
N PRO M 464 -120.06 -65.25 38.84
CA PRO M 464 -119.09 -64.42 38.17
C PRO M 464 -117.66 -64.93 38.04
N ASP M 465 -117.15 -65.80 38.92
CA ASP M 465 -115.80 -66.31 38.83
C ASP M 465 -115.65 -67.29 37.67
N GLU M 466 -114.45 -67.76 37.35
CA GLU M 466 -114.35 -68.79 36.34
C GLU M 466 -114.96 -70.09 36.85
N PRO M 467 -115.34 -71.05 36.01
CA PRO M 467 -115.93 -72.33 36.34
C PRO M 467 -115.24 -73.17 37.40
N ILE M 468 -113.91 -73.17 37.55
CA ILE M 468 -113.21 -73.80 38.64
C ILE M 468 -113.50 -73.21 40.02
N HIS M 469 -114.27 -72.12 39.99
CA HIS M 469 -114.89 -71.36 41.06
C HIS M 469 -116.39 -71.11 41.01
N GLY M 470 -117.04 -71.89 40.15
CA GLY M 470 -118.41 -71.74 39.70
C GLY M 470 -119.22 -73.02 39.74
N PRO M 471 -119.88 -73.43 38.65
CA PRO M 471 -120.65 -74.64 38.75
C PRO M 471 -119.81 -75.91 38.71
N PRO M 472 -120.25 -77.04 39.28
CA PRO M 472 -121.63 -77.27 39.68
C PRO M 472 -122.17 -76.63 40.95
N PHE M 473 -123.41 -76.15 40.96
CA PHE M 473 -124.01 -75.54 42.13
C PHE M 473 -124.94 -76.43 42.94
N ASP M 474 -125.07 -76.10 44.22
CA ASP M 474 -125.84 -76.74 45.27
C ASP M 474 -126.93 -75.77 45.72
N PHE M 475 -128.19 -76.18 45.57
CA PHE M 475 -129.30 -75.27 45.74
C PHE M 475 -130.12 -75.74 46.93
N SER M 476 -130.40 -74.89 47.93
CA SER M 476 -131.04 -75.25 49.18
C SER M 476 -132.18 -74.36 49.66
N LEU M 477 -133.15 -75.00 50.31
CA LEU M 477 -134.25 -74.39 51.04
C LEU M 477 -134.00 -74.14 52.52
N GLU M 478 -132.74 -74.21 52.96
CA GLU M 478 -132.40 -73.89 54.34
C GLU M 478 -132.60 -72.41 54.62
N SER M 479 -132.74 -71.45 53.70
CA SER M 479 -133.18 -70.09 53.90
C SER M 479 -134.65 -69.99 54.28
N SER M 480 -135.51 -70.97 53.96
CA SER M 480 -136.95 -70.93 54.15
C SER M 480 -137.43 -71.56 55.45
N THR M 481 -138.71 -71.42 55.83
CA THR M 481 -139.20 -71.93 57.11
C THR M 481 -139.58 -73.39 56.98
N SER M 482 -139.85 -74.03 58.12
CA SER M 482 -140.30 -75.40 58.01
C SER M 482 -141.59 -75.55 57.23
N GLU M 483 -142.36 -74.46 57.13
CA GLU M 483 -143.64 -74.34 56.47
C GLU M 483 -143.57 -74.33 54.96
N VAL M 484 -142.51 -73.67 54.49
CA VAL M 484 -142.07 -73.72 53.11
C VAL M 484 -141.43 -75.05 52.72
N GLN M 485 -140.75 -75.69 53.67
CA GLN M 485 -140.15 -76.98 53.38
C GLN M 485 -141.18 -78.10 53.44
N ARG M 486 -142.28 -78.04 54.19
CA ARG M 486 -143.42 -78.91 53.97
C ARG M 486 -144.17 -78.68 52.66
N MET M 487 -144.29 -77.42 52.24
CA MET M 487 -144.90 -77.00 51.00
C MET M 487 -144.18 -77.34 49.70
N TRP M 488 -142.86 -77.43 49.68
CA TRP M 488 -142.10 -77.73 48.49
C TRP M 488 -140.91 -78.64 48.77
N ARG M 489 -140.36 -79.26 47.72
CA ARG M 489 -138.98 -79.71 47.71
C ARG M 489 -138.15 -79.24 46.53
N LEU M 490 -136.86 -79.02 46.79
CA LEU M 490 -135.85 -78.69 45.80
C LEU M 490 -134.79 -79.73 45.50
N LYS M 491 -134.38 -79.82 44.23
CA LYS M 491 -133.09 -80.39 43.88
C LYS M 491 -132.45 -79.68 42.69
N ALA M 492 -131.14 -79.88 42.57
CA ALA M 492 -130.42 -79.62 41.33
C ALA M 492 -130.68 -80.68 40.27
N ILE M 493 -130.70 -80.24 39.02
CA ILE M 493 -130.92 -81.10 37.88
C ILE M 493 -129.77 -81.14 36.88
N ASN M 494 -128.96 -80.08 36.80
CA ASN M 494 -127.73 -80.06 36.03
C ASN M 494 -126.81 -79.10 36.77
N ASP M 495 -125.65 -78.74 36.21
CA ASP M 495 -124.68 -78.06 37.04
C ASP M 495 -125.01 -76.61 37.33
N THR M 496 -125.82 -76.07 36.42
CA THR M 496 -126.21 -74.67 36.40
C THR M 496 -127.66 -74.49 36.84
N ALA M 497 -128.54 -75.49 36.87
CA ALA M 497 -129.96 -75.43 37.19
C ALA M 497 -130.57 -76.45 38.14
N ALA M 498 -131.76 -76.11 38.63
CA ALA M 498 -132.43 -76.78 39.74
C ALA M 498 -133.92 -76.74 39.46
N ARG M 499 -134.64 -77.80 39.84
CA ARG M 499 -136.08 -77.92 39.81
C ARG M 499 -136.75 -77.80 41.16
N LEU M 500 -137.78 -76.95 41.30
CA LEU M 500 -138.53 -76.64 42.49
C LEU M 500 -139.93 -77.22 42.33
N SER M 501 -140.34 -78.12 43.23
CA SER M 501 -141.51 -78.96 43.06
C SER M 501 -142.42 -78.78 44.26
N TYR M 502 -143.70 -78.50 44.04
CA TYR M 502 -144.62 -78.37 45.16
C TYR M 502 -145.12 -79.65 45.80
N GLN M 503 -145.71 -79.68 47.00
CA GLN M 503 -146.18 -80.82 47.74
C GLN M 503 -147.41 -80.62 48.63
N ASN M 504 -148.22 -81.63 48.96
CA ASN M 504 -149.38 -81.60 49.82
C ASN M 504 -150.40 -80.55 49.39
N ASP M 505 -150.55 -80.29 48.09
CA ASP M 505 -151.66 -79.62 47.44
C ASP M 505 -151.96 -78.21 47.92
N PRO M 506 -151.04 -77.26 47.73
CA PRO M 506 -151.18 -75.88 48.12
C PRO M 506 -152.30 -75.16 47.37
N PRO M 507 -152.98 -74.17 47.94
CA PRO M 507 -153.83 -73.29 47.16
C PRO M 507 -153.15 -72.33 46.21
N PHE M 508 -153.91 -71.76 45.27
CA PHE M 508 -153.52 -70.71 44.35
C PHE M 508 -153.13 -69.43 45.09
N GLY M 509 -151.98 -68.86 44.72
CA GLY M 509 -151.51 -67.60 45.26
C GLY M 509 -150.15 -67.31 44.66
N SER M 510 -149.68 -66.12 45.01
CA SER M 510 -148.31 -65.70 44.76
C SER M 510 -147.45 -65.64 46.01
N TYR M 511 -146.31 -66.32 46.03
CA TYR M 511 -145.59 -66.66 47.25
C TYR M 511 -144.14 -66.25 47.15
N VAL M 512 -143.46 -65.91 48.26
CA VAL M 512 -142.02 -65.89 48.39
C VAL M 512 -141.50 -67.29 48.68
N VAL M 513 -140.46 -67.77 47.99
CA VAL M 513 -139.74 -69.02 48.17
C VAL M 513 -138.26 -68.70 48.02
N PRO M 514 -137.52 -68.47 49.11
CA PRO M 514 -136.12 -68.12 49.06
C PRO M 514 -135.11 -69.26 49.08
N ILE M 515 -134.05 -69.18 48.26
CA ILE M 515 -133.11 -70.22 47.91
C ILE M 515 -131.68 -69.79 48.18
N THR M 516 -130.95 -70.58 48.97
CA THR M 516 -129.51 -70.40 49.05
C THR M 516 -128.83 -71.19 47.95
N VAL M 517 -127.76 -70.59 47.43
CA VAL M 517 -126.88 -71.04 46.38
C VAL M 517 -125.44 -71.01 46.89
N ARG M 518 -124.71 -72.03 46.46
CA ARG M 518 -123.31 -72.33 46.71
C ARG M 518 -122.64 -72.86 45.46
N ASP M 519 -121.38 -72.48 45.21
CA ASP M 519 -120.54 -73.05 44.18
C ASP M 519 -119.84 -74.33 44.64
N ARG M 520 -119.00 -74.95 43.81
CA ARG M 520 -118.34 -76.22 43.96
C ARG M 520 -117.24 -76.15 45.02
N LEU M 521 -116.76 -74.98 45.43
CA LEU M 521 -115.97 -74.83 46.63
C LEU M 521 -116.78 -74.45 47.87
N GLY M 522 -117.96 -73.84 47.78
CA GLY M 522 -118.93 -73.60 48.83
C GLY M 522 -119.34 -72.15 49.10
N MET M 523 -119.07 -71.24 48.16
CA MET M 523 -119.24 -69.82 48.37
C MET M 523 -120.70 -69.41 48.31
N SER M 524 -121.33 -68.90 49.37
CA SER M 524 -122.76 -68.91 49.57
C SER M 524 -123.37 -67.52 49.64
N SER M 525 -124.60 -67.46 49.13
CA SER M 525 -125.52 -66.34 49.02
C SER M 525 -126.96 -66.82 48.97
N VAL M 526 -127.83 -65.94 49.48
CA VAL M 526 -129.25 -66.17 49.66
C VAL M 526 -129.90 -65.34 48.57
N THR M 527 -130.89 -65.86 47.83
CA THR M 527 -131.75 -65.15 46.91
C THR M 527 -133.24 -65.47 47.02
N SER M 528 -134.15 -64.73 46.39
CA SER M 528 -135.58 -64.95 46.50
C SER M 528 -136.30 -64.96 45.16
N LEU M 529 -136.92 -66.11 44.91
CA LEU M 529 -137.88 -66.22 43.84
C LEU M 529 -139.18 -65.46 44.10
N ASP M 530 -140.00 -65.40 43.05
CA ASP M 530 -141.27 -64.70 42.94
C ASP M 530 -142.28 -65.63 42.28
N VAL M 531 -142.82 -66.58 43.05
CA VAL M 531 -143.53 -67.73 42.53
C VAL M 531 -145.03 -67.50 42.53
N THR M 532 -145.60 -67.39 41.33
CA THR M 532 -147.03 -67.44 41.23
C THR M 532 -147.33 -68.93 41.08
N LEU M 533 -148.32 -69.43 41.83
CA LEU M 533 -149.13 -70.57 41.48
C LEU M 533 -150.48 -70.20 40.88
N CYS M 534 -150.94 -70.73 39.74
CA CYS M 534 -152.23 -70.37 39.18
C CYS M 534 -152.74 -71.48 38.27
N ASP M 535 -154.04 -71.51 37.98
CA ASP M 535 -154.59 -72.18 36.83
C ASP M 535 -154.37 -71.36 35.58
N CYS M 536 -153.92 -72.01 34.51
CA CYS M 536 -153.62 -71.39 33.23
C CYS M 536 -154.58 -71.70 32.08
N ILE M 537 -154.70 -70.73 31.17
CA ILE M 537 -155.67 -70.76 30.08
C ILE M 537 -155.37 -71.93 29.17
N THR M 538 -154.08 -72.11 28.93
CA THR M 538 -153.44 -73.23 28.26
C THR M 538 -151.95 -73.34 28.58
N GLU M 539 -151.62 -73.63 29.84
CA GLU M 539 -150.31 -74.11 30.24
C GLU M 539 -149.20 -73.07 30.24
N ASN M 540 -149.52 -71.78 30.29
CA ASN M 540 -148.53 -70.72 30.23
C ASN M 540 -148.81 -69.67 31.29
N ASP M 541 -149.89 -68.91 31.09
CA ASP M 541 -150.36 -67.70 31.72
C ASP M 541 -151.61 -67.85 32.57
N CYS M 542 -151.77 -67.11 33.67
CA CYS M 542 -152.92 -67.25 34.53
C CYS M 542 -154.15 -66.52 34.00
N THR M 543 -153.95 -65.55 33.12
CA THR M 543 -155.04 -64.68 32.70
C THR M 543 -155.07 -64.63 31.17
N HIS M 544 -156.29 -64.64 30.64
CA HIS M 544 -156.64 -64.27 29.28
C HIS M 544 -156.26 -62.86 28.83
N ARG N 1 14.78 -88.35 -7.67
CA ARG N 1 14.38 -87.01 -8.13
C ARG N 1 14.63 -86.07 -6.95
N TRP N 2 14.79 -84.77 -7.22
CA TRP N 2 14.51 -83.72 -6.27
C TRP N 2 13.04 -83.48 -5.97
N ALA N 3 12.64 -83.45 -4.69
CA ALA N 3 11.35 -83.03 -4.19
C ALA N 3 11.18 -81.53 -4.33
N PRO N 4 9.94 -81.04 -4.35
CA PRO N 4 9.56 -79.64 -4.43
C PRO N 4 9.96 -78.75 -3.26
N ILE N 5 9.83 -77.43 -3.42
CA ILE N 5 10.25 -76.40 -2.50
C ILE N 5 9.08 -75.80 -1.72
N PRO N 6 9.12 -75.59 -0.41
CA PRO N 6 8.00 -75.00 0.30
C PRO N 6 7.67 -73.56 -0.09
N CYS N 7 6.51 -73.04 0.28
CA CYS N 7 6.08 -71.69 -0.01
C CYS N 7 5.19 -71.16 1.11
N SER N 8 4.97 -69.84 1.17
CA SER N 8 4.05 -69.14 2.04
C SER N 8 3.44 -67.81 1.62
N MET N 9 2.41 -67.32 2.32
CA MET N 9 1.82 -66.00 2.16
C MET N 9 1.53 -65.31 3.49
N LEU N 10 1.91 -64.05 3.68
CA LEU N 10 1.67 -63.28 4.89
C LEU N 10 0.19 -62.91 5.00
N GLU N 11 -0.38 -63.00 6.19
CA GLU N 11 -1.82 -62.87 6.36
C GLU N 11 -2.27 -61.45 6.04
N ASN N 12 -3.57 -61.40 5.74
CA ASN N 12 -4.40 -60.21 5.66
C ASN N 12 -3.87 -59.25 4.61
N SER N 13 -3.15 -59.72 3.58
CA SER N 13 -2.40 -58.96 2.60
C SER N 13 -3.36 -57.99 1.93
N LEU N 14 -2.87 -56.78 1.67
CA LEU N 14 -3.57 -55.67 1.06
C LEU N 14 -3.90 -55.83 -0.42
N GLY N 15 -3.05 -56.42 -1.26
CA GLY N 15 -3.25 -56.61 -2.69
C GLY N 15 -2.74 -55.46 -3.54
N PRO N 16 -3.20 -55.36 -4.79
CA PRO N 16 -4.40 -56.00 -5.30
C PRO N 16 -4.12 -57.39 -5.85
N PHE N 17 -5.21 -58.13 -6.06
CA PHE N 17 -5.20 -59.53 -6.43
C PHE N 17 -5.34 -59.80 -7.92
N PRO N 18 -4.67 -60.84 -8.43
CA PRO N 18 -4.07 -61.92 -7.67
C PRO N 18 -2.63 -61.66 -7.26
N LEU N 19 -2.21 -62.22 -6.13
CA LEU N 19 -0.88 -62.09 -5.57
C LEU N 19 -0.06 -63.35 -5.83
N PHE N 20 1.12 -63.19 -6.45
CA PHE N 20 1.95 -64.28 -6.94
C PHE N 20 2.67 -65.08 -5.88
N LEU N 21 2.70 -66.41 -6.01
CA LEU N 21 3.39 -67.24 -5.04
C LEU N 21 4.62 -67.98 -5.55
N GLN N 22 4.59 -68.62 -6.71
CA GLN N 22 5.73 -69.29 -7.30
C GLN N 22 5.44 -69.47 -8.79
N GLN N 23 6.47 -69.84 -9.54
CA GLN N 23 6.43 -70.39 -10.88
C GLN N 23 6.66 -71.88 -10.83
N VAL N 24 5.66 -72.64 -11.31
CA VAL N 24 5.72 -74.09 -11.44
C VAL N 24 5.50 -74.59 -12.85
N GLN N 25 6.59 -74.81 -13.58
CA GLN N 25 6.61 -75.37 -14.91
C GLN N 25 7.15 -76.79 -14.84
N SER N 26 7.05 -77.46 -16.00
CA SER N 26 7.59 -78.75 -16.35
C SER N 26 8.44 -78.58 -17.62
N ASP N 27 9.61 -79.22 -17.69
CA ASP N 27 10.48 -79.17 -18.84
C ASP N 27 9.97 -79.92 -20.05
N THR N 28 8.87 -80.68 -19.89
CA THR N 28 8.25 -81.54 -20.87
C THR N 28 7.44 -80.72 -21.86
N ALA N 29 7.15 -79.45 -21.57
CA ALA N 29 6.46 -78.59 -22.52
C ALA N 29 7.34 -78.33 -23.74
N GLN N 30 8.64 -78.55 -23.54
CA GLN N 30 9.63 -78.57 -24.59
C GLN N 30 9.53 -79.72 -25.59
N ASN N 31 8.87 -80.84 -25.31
CA ASN N 31 8.92 -82.05 -26.11
C ASN N 31 7.52 -82.44 -26.54
N TYR N 32 6.48 -81.91 -25.87
CA TYR N 32 5.12 -81.83 -26.34
C TYR N 32 4.21 -80.92 -25.53
N THR N 33 3.03 -80.62 -26.07
CA THR N 33 2.12 -79.57 -25.66
C THR N 33 1.36 -80.00 -24.41
N ILE N 34 1.63 -79.31 -23.30
CA ILE N 34 0.96 -79.48 -22.02
C ILE N 34 0.37 -78.13 -21.63
N TYR N 35 -0.63 -78.10 -20.74
CA TYR N 35 -1.05 -76.92 -20.02
C TYR N 35 -1.26 -77.30 -18.55
N TYR N 36 -1.23 -76.20 -17.79
CA TYR N 36 -1.10 -76.17 -16.35
C TYR N 36 -2.41 -76.07 -15.59
N SER N 37 -2.54 -76.89 -14.54
CA SER N 37 -3.64 -76.85 -13.58
C SER N 37 -3.22 -77.21 -12.17
N ILE N 38 -4.09 -76.94 -11.20
CA ILE N 38 -4.05 -77.23 -9.78
C ILE N 38 -5.35 -77.83 -9.27
N ARG N 39 -5.25 -78.56 -8.15
CA ARG N 39 -6.39 -79.18 -7.51
C ARG N 39 -6.13 -79.39 -6.03
N GLY N 40 -7.18 -79.19 -5.22
CA GLY N 40 -7.22 -79.60 -3.84
C GLY N 40 -8.09 -78.65 -3.01
N PRO N 41 -8.14 -78.80 -1.69
CA PRO N 41 -8.82 -77.89 -0.79
C PRO N 41 -8.07 -76.57 -0.84
N GLY N 42 -8.56 -75.68 -1.71
CA GLY N 42 -7.77 -74.55 -2.16
C GLY N 42 -8.18 -74.08 -3.55
N VAL N 43 -8.85 -74.93 -4.34
CA VAL N 43 -9.41 -74.57 -5.63
C VAL N 43 -10.79 -75.17 -5.92
N ASP N 44 -10.89 -76.50 -5.84
CA ASP N 44 -12.05 -77.25 -6.28
C ASP N 44 -12.74 -77.93 -5.10
N GLN N 45 -11.97 -78.26 -4.06
CA GLN N 45 -12.42 -78.44 -2.70
C GLN N 45 -12.37 -77.17 -1.87
N GLU N 46 -13.31 -76.99 -0.94
CA GLU N 46 -13.36 -75.83 -0.06
C GLU N 46 -12.02 -75.76 0.66
N PRO N 47 -11.28 -74.65 0.72
CA PRO N 47 -11.79 -73.37 0.28
C PRO N 47 -11.82 -73.35 -1.23
N ARG N 48 -12.88 -72.93 -1.95
CA ARG N 48 -12.85 -72.85 -3.39
C ARG N 48 -12.30 -71.52 -3.90
N ASN N 49 -11.69 -71.61 -5.09
CA ASN N 49 -11.07 -70.55 -5.87
C ASN N 49 -9.90 -69.80 -5.25
N LEU N 50 -9.42 -70.04 -4.02
CA LEU N 50 -8.29 -69.40 -3.39
C LEU N 50 -7.00 -69.31 -4.19
N PHE N 51 -6.57 -70.40 -4.83
CA PHE N 51 -5.40 -70.39 -5.70
C PHE N 51 -5.73 -70.29 -7.17
N TYR N 52 -4.84 -69.73 -7.99
CA TYR N 52 -5.12 -69.66 -9.42
C TYR N 52 -3.77 -69.89 -10.10
N VAL N 53 -3.70 -70.34 -11.35
CA VAL N 53 -2.54 -70.69 -12.15
C VAL N 53 -2.76 -70.19 -13.57
N GLU N 54 -1.67 -69.82 -14.25
CA GLU N 54 -1.60 -69.47 -15.65
C GLU N 54 -1.44 -70.73 -16.47
N ARG N 55 -2.47 -70.97 -17.29
CA ARG N 55 -2.47 -72.23 -18.02
C ARG N 55 -1.43 -72.25 -19.13
N ASP N 56 -0.66 -71.17 -19.31
CA ASP N 56 0.32 -71.02 -20.36
C ASP N 56 1.78 -70.80 -19.98
N THR N 57 2.13 -70.64 -18.70
CA THR N 57 3.41 -70.28 -18.12
C THR N 57 3.57 -70.85 -16.72
N GLY N 58 2.55 -71.46 -16.10
CA GLY N 58 2.71 -72.09 -14.81
C GLY N 58 2.92 -71.15 -13.62
N ASN N 59 2.87 -69.82 -13.75
CA ASN N 59 2.78 -68.87 -12.67
C ASN N 59 1.57 -69.13 -11.79
N LEU N 60 1.83 -69.17 -10.47
CA LEU N 60 0.89 -69.67 -9.49
C LEU N 60 0.71 -68.59 -8.44
N TYR N 61 -0.54 -68.16 -8.26
CA TYR N 61 -1.01 -67.01 -7.50
C TYR N 61 -2.12 -67.36 -6.51
N CYS N 62 -2.56 -66.47 -5.60
CA CYS N 62 -3.74 -66.47 -4.78
C CYS N 62 -4.71 -65.35 -5.14
N THR N 63 -6.01 -65.51 -4.89
CA THR N 63 -7.03 -64.69 -5.51
C THR N 63 -7.53 -63.62 -4.54
N ARG N 64 -7.35 -63.78 -3.22
CA ARG N 64 -7.94 -63.04 -2.13
C ARG N 64 -7.04 -63.20 -0.91
N PRO N 65 -7.19 -62.40 0.14
CA PRO N 65 -6.47 -62.38 1.40
C PRO N 65 -6.94 -63.46 2.36
N VAL N 66 -5.99 -64.11 3.03
CA VAL N 66 -6.28 -65.08 4.06
C VAL N 66 -6.06 -64.56 5.48
N ASP N 67 -6.26 -65.42 6.49
CA ASP N 67 -6.08 -65.02 7.86
C ASP N 67 -5.41 -66.14 8.64
N ARG N 68 -4.28 -65.91 9.32
CA ARG N 68 -3.61 -66.77 10.29
C ARG N 68 -4.50 -67.12 11.46
N GLU N 69 -5.43 -66.20 11.72
CA GLU N 69 -6.56 -66.36 12.61
C GLU N 69 -7.32 -67.64 12.28
N GLN N 70 -7.73 -67.75 11.02
CA GLN N 70 -8.62 -68.78 10.52
C GLN N 70 -7.96 -70.05 9.99
N TYR N 71 -6.81 -69.92 9.35
CA TYR N 71 -6.14 -70.98 8.61
C TYR N 71 -4.71 -71.22 9.06
N GLU N 72 -4.04 -72.32 8.69
CA GLU N 72 -2.66 -72.59 9.01
C GLU N 72 -1.86 -72.96 7.77
N SER N 73 -2.25 -74.00 7.03
CA SER N 73 -1.48 -74.54 5.93
C SER N 73 -2.39 -75.24 4.95
N PHE N 74 -1.84 -75.51 3.76
CA PHE N 74 -2.57 -76.00 2.61
C PHE N 74 -1.64 -76.84 1.73
N GLU N 75 -2.29 -77.93 1.31
CA GLU N 75 -1.74 -78.91 0.39
C GLU N 75 -2.56 -78.87 -0.89
N ILE N 76 -1.81 -78.60 -1.96
CA ILE N 76 -2.32 -78.47 -3.30
C ILE N 76 -1.48 -79.27 -4.28
N ILE N 77 -2.10 -80.05 -5.19
CA ILE N 77 -1.53 -80.76 -6.30
C ILE N 77 -1.43 -79.91 -7.56
N ALA N 78 -0.24 -79.78 -8.16
CA ALA N 78 -0.13 -79.31 -9.51
C ALA N 78 -0.10 -80.45 -10.52
N PHE N 79 -0.73 -80.31 -11.69
CA PHE N 79 -0.66 -81.25 -12.79
C PHE N 79 -0.83 -80.69 -14.19
N ALA N 80 -0.22 -81.46 -15.09
CA ALA N 80 -0.20 -81.16 -16.50
C ALA N 80 -1.07 -82.09 -17.34
N THR N 81 -1.68 -81.53 -18.39
CA THR N 81 -2.63 -82.28 -19.18
C THR N 81 -2.46 -81.86 -20.63
N THR N 82 -2.66 -82.77 -21.58
CA THR N 82 -2.65 -82.31 -22.96
C THR N 82 -4.00 -81.79 -23.43
N PRO N 83 -4.02 -80.95 -24.46
CA PRO N 83 -5.26 -80.53 -25.09
C PRO N 83 -6.19 -81.60 -25.63
N ASP N 84 -5.74 -82.83 -25.86
CA ASP N 84 -6.49 -83.97 -26.37
C ASP N 84 -6.94 -84.93 -25.27
N GLY N 85 -6.67 -84.46 -24.05
CA GLY N 85 -7.34 -85.06 -22.91
C GLY N 85 -6.67 -86.27 -22.29
N TYR N 86 -5.37 -86.13 -21.99
CA TYR N 86 -4.55 -87.15 -21.37
C TYR N 86 -3.39 -86.67 -20.51
N THR N 87 -2.92 -87.50 -19.58
CA THR N 87 -2.01 -87.08 -18.53
C THR N 87 -0.73 -87.90 -18.53
N PRO N 88 0.32 -87.56 -19.29
CA PRO N 88 1.41 -88.46 -19.59
C PRO N 88 2.50 -88.52 -18.54
N GLU N 89 2.40 -87.69 -17.50
CA GLU N 89 3.43 -87.63 -16.48
C GLU N 89 2.80 -87.36 -15.12
N LEU N 90 3.55 -87.72 -14.08
CA LEU N 90 3.32 -87.55 -12.66
C LEU N 90 3.04 -86.15 -12.13
N PRO N 91 2.22 -86.09 -11.08
CA PRO N 91 1.81 -84.82 -10.52
C PRO N 91 2.80 -84.39 -9.45
N LEU N 92 2.76 -83.08 -9.17
CA LEU N 92 3.60 -82.43 -8.17
C LEU N 92 2.71 -81.97 -7.03
N PRO N 93 2.78 -82.62 -5.86
CA PRO N 93 2.32 -82.04 -4.62
C PRO N 93 3.05 -80.80 -4.12
N LEU N 94 2.33 -79.77 -3.69
CA LEU N 94 2.81 -78.49 -3.20
C LEU N 94 2.42 -78.37 -1.74
N ILE N 95 3.29 -77.69 -1.00
CA ILE N 95 3.03 -77.32 0.38
C ILE N 95 3.10 -75.81 0.62
N ILE N 96 2.11 -75.30 1.35
CA ILE N 96 1.92 -73.87 1.39
C ILE N 96 1.37 -73.40 2.74
N LYS N 97 2.16 -72.58 3.44
CA LYS N 97 1.82 -72.10 4.76
C LYS N 97 1.37 -70.66 4.87
N ILE N 98 0.38 -70.35 5.71
CA ILE N 98 0.01 -69.01 6.10
C ILE N 98 0.93 -68.50 7.20
N GLU N 99 1.40 -67.25 7.10
CA GLU N 99 2.29 -66.61 8.04
C GLU N 99 1.56 -65.59 8.91
N ASP N 100 1.98 -65.47 10.18
CA ASP N 100 1.34 -64.73 11.25
C ASP N 100 1.95 -63.42 11.74
N GLU N 101 1.16 -62.34 11.87
CA GLU N 101 1.44 -61.05 12.46
C GLU N 101 0.48 -60.81 13.61
N ASN N 102 0.71 -59.77 14.43
CA ASN N 102 -0.08 -59.51 15.61
C ASN N 102 -1.48 -58.95 15.41
N ASP N 103 -1.78 -58.72 14.12
CA ASP N 103 -2.83 -57.97 13.47
C ASP N 103 -4.25 -58.09 14.00
N ASN N 104 -4.57 -59.13 14.76
CA ASN N 104 -5.78 -59.30 15.52
C ASN N 104 -5.60 -58.58 16.85
N TYR N 105 -6.51 -57.64 17.10
CA TYR N 105 -6.55 -56.76 18.25
C TYR N 105 -6.78 -57.52 19.54
N PRO N 106 -6.35 -57.02 20.71
CA PRO N 106 -6.93 -57.35 21.99
C PRO N 106 -8.32 -56.75 22.12
N ILE N 107 -9.16 -57.39 22.95
CA ILE N 107 -10.56 -57.07 23.19
C ILE N 107 -10.86 -57.49 24.63
N PHE N 108 -11.30 -56.55 25.46
CA PHE N 108 -11.95 -56.77 26.75
C PHE N 108 -13.07 -57.80 26.79
N THR N 109 -13.12 -58.70 27.77
CA THR N 109 -14.04 -59.82 27.86
C THR N 109 -15.43 -59.50 28.40
N GLU N 110 -15.71 -58.20 28.32
CA GLU N 110 -16.98 -57.68 28.79
C GLU N 110 -17.31 -56.40 28.02
N GLU N 111 -18.58 -56.03 27.85
CA GLU N 111 -19.12 -54.90 27.12
C GLU N 111 -18.81 -53.62 27.89
N THR N 112 -18.96 -53.61 29.22
CA THR N 112 -18.40 -52.66 30.15
C THR N 112 -18.11 -53.38 31.46
N TYR N 113 -16.95 -53.10 32.07
CA TYR N 113 -16.49 -53.49 33.38
C TYR N 113 -17.10 -52.67 34.51
N THR N 114 -17.63 -53.41 35.49
CA THR N 114 -18.08 -52.72 36.68
C THR N 114 -17.43 -53.17 37.99
N PHE N 115 -17.41 -52.24 38.94
CA PHE N 115 -16.75 -52.44 40.22
C PHE N 115 -17.45 -51.79 41.41
N THR N 116 -17.45 -52.36 42.62
CA THR N 116 -18.05 -51.73 43.77
C THR N 116 -17.03 -51.73 44.91
N ILE N 117 -16.86 -50.60 45.60
CA ILE N 117 -15.93 -50.49 46.70
C ILE N 117 -16.44 -49.89 48.00
N PHE N 118 -16.24 -50.35 49.24
CA PHE N 118 -16.92 -49.84 50.42
C PHE N 118 -16.37 -48.48 50.80
N GLU N 119 -17.24 -47.58 51.29
CA GLU N 119 -16.90 -46.20 51.57
C GLU N 119 -15.60 -46.00 52.34
N ASN N 120 -14.71 -45.15 51.85
CA ASN N 120 -13.39 -44.95 52.40
C ASN N 120 -12.54 -46.17 52.74
N CYS N 121 -12.51 -47.20 51.88
CA CYS N 121 -11.60 -48.32 51.96
C CYS N 121 -10.21 -47.71 51.96
N ARG N 122 -9.23 -48.50 52.39
CA ARG N 122 -7.84 -48.11 52.59
C ARG N 122 -7.11 -48.09 51.27
N VAL N 123 -6.19 -47.15 51.10
CA VAL N 123 -5.22 -47.01 50.04
C VAL N 123 -4.59 -48.34 49.60
N GLY N 124 -4.63 -48.64 48.30
CA GLY N 124 -4.30 -49.88 47.66
C GLY N 124 -5.29 -51.03 47.86
N THR N 125 -6.54 -50.84 48.31
CA THR N 125 -7.61 -51.81 48.19
C THR N 125 -7.69 -52.17 46.71
N THR N 126 -7.96 -53.43 46.36
CA THR N 126 -8.17 -53.91 45.02
C THR N 126 -9.62 -53.71 44.61
N VAL N 127 -9.81 -52.75 43.70
CA VAL N 127 -11.04 -52.19 43.15
C VAL N 127 -11.67 -53.25 42.26
N GLY N 128 -10.86 -54.00 41.51
CA GLY N 128 -11.22 -55.13 40.69
C GLY N 128 -10.16 -55.37 39.62
N GLN N 129 -10.45 -56.08 38.52
CA GLN N 129 -9.66 -56.33 37.34
C GLN N 129 -10.36 -56.41 35.99
N VAL N 130 -9.72 -55.84 34.97
CA VAL N 130 -10.16 -55.79 33.59
C VAL N 130 -9.44 -56.84 32.77
N CYS N 131 -10.18 -57.78 32.17
CA CYS N 131 -9.53 -58.81 31.38
C CYS N 131 -9.70 -58.62 29.88
N ALA N 132 -8.69 -58.88 29.04
CA ALA N 132 -8.77 -58.92 27.60
C ALA N 132 -8.05 -60.17 27.08
N THR N 133 -8.50 -60.50 25.86
CA THR N 133 -7.95 -61.60 25.09
C THR N 133 -7.68 -61.22 23.63
N ASP N 134 -6.83 -62.04 23.01
CA ASP N 134 -6.16 -61.84 21.74
C ASP N 134 -5.87 -63.16 21.05
N LYS N 135 -6.41 -63.24 19.82
CA LYS N 135 -6.61 -64.44 19.03
C LYS N 135 -5.44 -64.85 18.15
N ASP N 136 -4.28 -64.19 18.18
CA ASP N 136 -3.02 -64.65 17.61
C ASP N 136 -2.46 -65.76 18.48
N GLU N 137 -1.42 -66.46 18.02
CA GLU N 137 -0.90 -67.62 18.72
C GLU N 137 -0.50 -67.40 20.17
N PRO N 138 -1.02 -68.13 21.15
CA PRO N 138 -0.78 -67.87 22.56
C PRO N 138 0.65 -68.07 23.05
N ASP N 139 1.02 -67.43 24.16
CA ASP N 139 2.34 -67.20 24.67
C ASP N 139 3.42 -66.53 23.82
N THR N 140 2.91 -65.66 22.94
CA THR N 140 3.80 -64.97 22.03
C THR N 140 3.81 -63.45 22.24
N MET N 141 4.66 -62.71 21.54
CA MET N 141 4.65 -61.26 21.48
C MET N 141 3.38 -60.74 20.81
N HIS N 142 2.88 -61.47 19.81
CA HIS N 142 1.63 -61.17 19.14
C HIS N 142 0.36 -61.16 19.99
N THR N 143 0.40 -61.83 21.15
CA THR N 143 -0.54 -61.83 22.24
C THR N 143 -0.07 -61.27 23.59
N ARG N 144 1.12 -60.67 23.65
CA ARG N 144 1.65 -60.18 24.90
C ARG N 144 1.01 -58.85 25.21
N LEU N 145 0.18 -58.67 26.24
CA LEU N 145 -0.50 -57.44 26.58
C LEU N 145 0.15 -56.62 27.68
N LYS N 146 -0.17 -55.32 27.64
CA LYS N 146 0.20 -54.21 28.48
C LYS N 146 -1.00 -53.29 28.71
N TYR N 147 -1.37 -52.99 29.96
CA TYR N 147 -2.55 -52.37 30.49
C TYR N 147 -2.19 -51.02 31.08
N SER N 148 -2.98 -50.04 30.65
CA SER N 148 -2.88 -48.65 31.07
C SER N 148 -4.24 -48.03 31.32
N ILE N 149 -4.47 -47.27 32.40
CA ILE N 149 -5.27 -46.07 32.53
C ILE N 149 -4.76 -45.00 31.58
N ILE N 150 -5.68 -44.27 30.95
CA ILE N 150 -5.37 -43.08 30.19
C ILE N 150 -5.97 -41.83 30.84
N GLY N 151 -7.13 -41.91 31.50
CA GLY N 151 -7.69 -40.74 32.17
C GLY N 151 -8.92 -40.99 33.03
N GLN N 152 -9.41 -40.02 33.81
CA GLN N 152 -10.47 -40.16 34.79
C GLN N 152 -11.54 -39.09 34.65
N VAL N 153 -12.78 -39.54 34.87
CA VAL N 153 -14.01 -38.78 34.87
C VAL N 153 -14.71 -39.08 36.18
N PRO N 154 -14.87 -38.15 37.13
CA PRO N 154 -14.33 -36.80 37.10
C PRO N 154 -12.81 -36.83 37.24
N PRO N 155 -12.12 -35.79 36.77
CA PRO N 155 -10.69 -35.74 36.54
C PRO N 155 -9.98 -35.70 37.88
N SER N 156 -10.74 -35.61 38.98
CA SER N 156 -10.26 -35.34 40.32
C SER N 156 -11.15 -35.93 41.40
N PRO N 157 -10.67 -36.20 42.61
CA PRO N 157 -9.33 -36.56 43.02
C PRO N 157 -8.70 -37.73 42.30
N THR N 158 -7.40 -37.92 42.51
CA THR N 158 -6.62 -39.04 42.01
C THR N 158 -6.67 -40.15 43.04
N LEU N 159 -7.24 -41.28 42.59
CA LEU N 159 -7.96 -42.24 43.39
C LEU N 159 -7.59 -43.69 43.09
N PHE N 160 -7.17 -44.03 41.87
CA PHE N 160 -6.93 -45.35 41.31
C PHE N 160 -5.59 -45.49 40.59
N SER N 161 -5.12 -46.73 40.50
CA SER N 161 -3.93 -47.17 39.79
C SER N 161 -4.11 -48.57 39.24
N MET N 162 -3.46 -48.83 38.10
CA MET N 162 -3.58 -50.07 37.37
C MET N 162 -2.20 -50.70 37.16
N HIS N 163 -2.12 -51.96 37.61
CA HIS N 163 -1.17 -53.01 37.29
C HIS N 163 -1.04 -53.30 35.79
N PRO N 164 0.18 -53.21 35.28
CA PRO N 164 0.47 -53.16 33.85
C PRO N 164 0.29 -54.50 33.14
N THR N 165 0.62 -55.60 33.80
CA THR N 165 0.68 -56.89 33.12
C THR N 165 -0.71 -57.53 33.16
N THR N 166 -1.58 -57.22 34.13
CA THR N 166 -2.84 -57.90 34.36
C THR N 166 -4.08 -57.00 34.40
N GLY N 167 -3.99 -55.67 34.37
CA GLY N 167 -5.15 -54.81 34.46
C GLY N 167 -5.73 -54.75 35.86
N VAL N 168 -4.98 -55.08 36.91
CA VAL N 168 -5.42 -55.21 38.29
C VAL N 168 -5.52 -53.75 38.74
N ILE N 169 -6.72 -53.34 39.14
CA ILE N 169 -7.02 -52.01 39.67
C ILE N 169 -6.96 -51.99 41.19
N THR N 170 -6.13 -51.10 41.75
CA THR N 170 -6.18 -50.74 43.16
C THR N 170 -6.61 -49.30 43.36
N THR N 171 -6.96 -48.88 44.58
CA THR N 171 -7.07 -47.54 45.15
C THR N 171 -5.78 -46.84 45.51
N THR N 172 -5.66 -45.51 45.54
CA THR N 172 -4.46 -44.79 45.93
C THR N 172 -4.84 -43.85 47.06
N SER N 173 -6.10 -43.66 47.47
CA SER N 173 -6.53 -42.55 48.30
C SER N 173 -7.89 -42.81 48.95
N SER N 174 -8.07 -42.48 50.24
CA SER N 174 -9.16 -42.89 51.10
C SER N 174 -10.23 -41.84 51.38
N GLN N 175 -10.24 -40.84 50.50
CA GLN N 175 -11.28 -39.84 50.43
C GLN N 175 -12.58 -40.28 49.78
N LEU N 176 -12.88 -41.59 49.79
CA LEU N 176 -13.94 -42.18 49.00
C LEU N 176 -15.29 -42.13 49.72
N ASP N 177 -15.88 -40.94 49.87
CA ASP N 177 -17.24 -40.81 50.34
C ASP N 177 -18.20 -40.88 49.17
N ARG N 178 -19.10 -41.87 49.21
CA ARG N 178 -20.20 -42.02 48.29
C ARG N 178 -21.07 -40.77 48.32
N GLU N 179 -21.33 -40.17 49.48
CA GLU N 179 -22.20 -39.03 49.67
C GLU N 179 -21.63 -37.73 49.12
N LEU N 180 -20.37 -37.66 48.69
CA LEU N 180 -19.82 -36.58 47.89
C LEU N 180 -19.76 -36.97 46.43
N ILE N 181 -19.22 -38.12 46.00
CA ILE N 181 -19.13 -38.63 44.66
C ILE N 181 -19.42 -40.12 44.64
N ASP N 182 -20.46 -40.59 43.94
CA ASP N 182 -21.00 -41.91 43.99
C ASP N 182 -20.55 -42.88 42.89
N LYS N 183 -20.07 -42.36 41.77
CA LYS N 183 -19.44 -43.18 40.75
C LYS N 183 -18.33 -42.40 40.04
N TYR N 184 -17.28 -43.10 39.62
CA TYR N 184 -16.16 -42.74 38.77
C TYR N 184 -16.23 -43.56 37.49
N GLN N 185 -15.59 -43.03 36.45
CA GLN N 185 -15.28 -43.79 35.25
C GLN N 185 -13.81 -43.64 34.90
N LEU N 186 -13.22 -44.71 34.34
CA LEU N 186 -11.80 -44.70 34.05
C LEU N 186 -11.65 -45.05 32.58
N LYS N 187 -11.04 -44.20 31.74
CA LYS N 187 -10.77 -44.37 30.33
C LYS N 187 -9.54 -45.27 30.25
N ILE N 188 -9.64 -46.49 29.74
CA ILE N 188 -8.70 -47.59 29.85
C ILE N 188 -8.21 -48.05 28.49
N LYS N 189 -6.95 -48.50 28.38
CA LYS N 189 -6.36 -49.00 27.17
C LYS N 189 -5.65 -50.33 27.37
N VAL N 190 -5.86 -51.28 26.46
CA VAL N 190 -5.12 -52.52 26.31
C VAL N 190 -4.56 -52.62 24.89
N GLN N 191 -3.31 -53.10 24.76
CA GLN N 191 -2.53 -53.21 23.56
C GLN N 191 -1.65 -54.46 23.48
N ASP N 192 -1.33 -54.97 22.29
CA ASP N 192 -0.50 -56.17 22.24
C ASP N 192 0.99 -55.85 22.18
N MET N 193 1.88 -56.78 21.83
CA MET N 193 3.28 -56.49 21.59
C MET N 193 4.06 -55.84 22.73
N ASP N 194 3.78 -56.28 23.96
CA ASP N 194 4.33 -55.74 25.18
C ASP N 194 4.07 -54.25 25.38
N GLY N 195 2.98 -53.82 24.74
CA GLY N 195 2.51 -52.46 24.59
C GLY N 195 3.47 -51.58 23.81
N GLN N 196 4.27 -52.10 22.88
CA GLN N 196 5.30 -51.40 22.13
C GLN N 196 4.56 -50.48 21.16
N TYR N 197 5.30 -49.59 20.50
CA TYR N 197 4.77 -48.62 19.56
C TYR N 197 3.92 -49.25 18.46
N PHE N 198 4.32 -50.47 18.10
CA PHE N 198 3.78 -51.18 16.97
C PHE N 198 2.65 -52.14 17.32
N GLY N 199 2.39 -52.36 18.61
CA GLY N 199 1.24 -53.09 19.09
C GLY N 199 -0.10 -52.36 18.99
N LEU N 200 -1.18 -53.13 18.88
CA LEU N 200 -2.44 -52.61 18.39
C LEU N 200 -3.36 -52.49 19.60
N GLN N 201 -3.93 -51.29 19.74
CA GLN N 201 -4.67 -50.79 20.88
C GLN N 201 -6.18 -50.84 20.70
N THR N 202 -6.83 -51.24 21.79
CA THR N 202 -8.27 -51.16 21.89
C THR N 202 -8.59 -50.47 23.20
N THR N 203 -9.53 -49.52 23.20
CA THR N 203 -9.86 -48.73 24.37
C THR N 203 -11.27 -49.05 24.84
N SER N 204 -11.50 -48.88 26.14
CA SER N 204 -12.79 -49.01 26.78
C SER N 204 -12.89 -48.01 27.92
N THR N 205 -14.03 -47.89 28.60
CA THR N 205 -14.17 -47.18 29.85
C THR N 205 -14.78 -48.17 30.84
N CYS N 206 -14.25 -48.22 32.06
CA CYS N 206 -14.77 -49.06 33.13
C CYS N 206 -15.34 -48.15 34.22
N ILE N 207 -16.24 -48.72 35.02
CA ILE N 207 -16.94 -47.97 36.04
C ILE N 207 -16.55 -48.46 37.43
N ILE N 208 -16.42 -47.55 38.40
CA ILE N 208 -16.22 -47.86 39.80
C ILE N 208 -17.27 -47.12 40.63
N ASN N 209 -18.07 -47.95 41.31
CA ASN N 209 -19.01 -47.47 42.29
C ASN N 209 -18.45 -47.38 43.70
N ILE N 210 -18.95 -46.48 44.55
CA ILE N 210 -18.60 -46.39 45.95
C ILE N 210 -19.83 -47.00 46.61
N ASP N 211 -19.65 -48.22 47.11
CA ASP N 211 -20.68 -49.09 47.66
C ASP N 211 -21.02 -48.66 49.08
N ASP N 212 -22.31 -48.50 49.36
CA ASP N 212 -22.82 -47.69 50.45
C ASP N 212 -22.58 -48.42 51.78
N VAL N 213 -22.21 -47.69 52.83
CA VAL N 213 -22.46 -48.00 54.23
C VAL N 213 -23.49 -47.00 54.74
N ASN N 214 -24.07 -47.24 55.91
CA ASN N 214 -24.88 -46.24 56.58
C ASN N 214 -24.02 -45.29 57.41
N ASP N 215 -23.93 -44.04 56.92
CA ASP N 215 -23.23 -43.07 57.74
C ASP N 215 -23.87 -41.69 57.65
N HIS N 216 -24.73 -41.35 56.69
CA HIS N 216 -25.40 -40.08 56.56
C HIS N 216 -26.62 -40.12 57.48
N LEU N 217 -26.82 -39.12 58.34
CA LEU N 217 -27.84 -39.02 59.36
C LEU N 217 -29.22 -38.69 58.79
N PRO N 218 -30.27 -39.42 59.18
CA PRO N 218 -31.63 -39.01 58.92
C PRO N 218 -31.96 -37.83 59.82
N THR N 219 -32.44 -36.70 59.27
CA THR N 219 -32.79 -35.51 60.01
C THR N 219 -34.21 -35.12 59.63
N PHE N 220 -35.01 -34.52 60.52
CA PHE N 220 -36.31 -33.93 60.28
C PHE N 220 -36.10 -32.69 59.41
N THR N 221 -37.16 -32.39 58.64
CA THR N 221 -37.34 -31.22 57.82
C THR N 221 -38.08 -30.13 58.58
N ARG N 222 -38.86 -30.43 59.62
CA ARG N 222 -39.36 -29.51 60.63
C ARG N 222 -39.47 -30.08 62.04
N THR N 223 -39.00 -29.35 63.07
CA THR N 223 -38.93 -29.91 64.41
C THR N 223 -39.95 -29.35 65.38
N SER N 224 -40.90 -28.50 64.95
CA SER N 224 -42.15 -28.16 65.59
C SER N 224 -43.32 -28.18 64.63
N TYR N 225 -44.05 -29.30 64.63
CA TYR N 225 -45.29 -29.38 63.87
C TYR N 225 -46.52 -28.96 64.65
N VAL N 226 -47.57 -28.58 63.91
CA VAL N 226 -48.90 -28.22 64.35
C VAL N 226 -49.92 -28.86 63.42
N THR N 227 -50.92 -29.60 63.91
CA THR N 227 -51.99 -30.25 63.20
C THR N 227 -53.35 -30.27 63.89
N SER N 228 -54.48 -30.68 63.29
CA SER N 228 -55.77 -30.80 63.91
C SER N 228 -56.60 -31.99 63.42
N VAL N 229 -57.39 -32.52 64.36
CA VAL N 229 -58.43 -33.46 63.98
C VAL N 229 -59.74 -33.23 64.73
N GLU N 230 -60.87 -33.55 64.10
CA GLU N 230 -62.16 -33.50 64.78
C GLU N 230 -62.20 -34.59 65.83
N GLU N 231 -62.92 -34.48 66.95
CA GLU N 231 -63.03 -35.48 67.99
C GLU N 231 -63.75 -36.68 67.39
N ASN N 232 -63.65 -37.77 68.16
CA ASN N 232 -64.11 -39.11 67.83
C ASN N 232 -63.43 -39.79 66.64
N THR N 233 -62.44 -39.10 66.05
CA THR N 233 -61.74 -39.61 64.89
C THR N 233 -60.78 -40.71 65.33
N VAL N 234 -60.74 -41.78 64.54
CA VAL N 234 -59.84 -42.90 64.78
C VAL N 234 -59.56 -43.68 63.51
N ASP N 235 -58.49 -44.46 63.48
CA ASP N 235 -58.24 -45.32 62.34
C ASP N 235 -57.97 -44.64 61.00
N VAL N 236 -57.35 -43.46 61.02
CA VAL N 236 -56.98 -42.66 59.87
C VAL N 236 -55.69 -41.88 60.17
N GLU N 237 -54.91 -41.53 59.15
CA GLU N 237 -53.81 -40.62 59.39
C GLU N 237 -54.25 -39.16 59.52
N ILE N 238 -53.54 -38.33 60.29
CA ILE N 238 -53.76 -36.92 60.55
C ILE N 238 -52.59 -36.04 60.14
N LEU N 239 -51.43 -36.65 59.91
CA LEU N 239 -50.17 -35.97 59.66
C LEU N 239 -49.22 -36.92 58.93
N ARG N 240 -48.48 -36.47 57.92
CA ARG N 240 -47.24 -37.10 57.50
C ARG N 240 -46.10 -36.10 57.33
N VAL N 241 -44.90 -36.59 57.63
CA VAL N 241 -43.69 -35.79 57.75
C VAL N 241 -42.53 -36.61 57.19
N THR N 242 -41.64 -35.85 56.54
CA THR N 242 -40.46 -36.27 55.84
C THR N 242 -39.20 -36.34 56.70
N VAL N 243 -38.26 -37.20 56.38
CA VAL N 243 -36.92 -37.27 56.95
C VAL N 243 -35.92 -37.23 55.80
N GLU N 244 -34.73 -36.68 55.99
CA GLU N 244 -33.71 -36.49 54.98
C GLU N 244 -32.44 -37.31 55.23
N ASP N 245 -32.08 -38.27 54.38
CA ASP N 245 -30.92 -39.13 54.52
C ASP N 245 -30.36 -39.28 53.11
N LYS N 246 -29.07 -39.00 52.94
CA LYS N 246 -28.44 -39.10 51.63
C LYS N 246 -28.01 -40.52 51.29
N ASP N 247 -28.00 -41.46 52.24
CA ASP N 247 -27.68 -42.83 51.92
C ASP N 247 -28.69 -43.45 50.96
N LEU N 248 -28.39 -44.64 50.44
CA LEU N 248 -29.01 -45.18 49.25
C LEU N 248 -30.51 -45.45 49.31
N VAL N 249 -31.25 -44.89 48.34
CA VAL N 249 -32.69 -44.99 48.29
C VAL N 249 -33.18 -46.43 48.19
N ASN N 250 -34.28 -46.74 48.87
CA ASN N 250 -34.83 -48.07 49.01
C ASN N 250 -34.02 -49.12 49.76
N THR N 251 -33.09 -48.69 50.63
CA THR N 251 -32.31 -49.45 51.58
C THR N 251 -32.41 -49.05 53.05
N ALA N 252 -32.20 -49.95 54.00
CA ALA N 252 -32.13 -49.70 55.42
C ALA N 252 -31.13 -48.64 55.87
N ASN N 253 -30.25 -48.27 54.93
CA ASN N 253 -29.40 -47.11 55.08
C ASN N 253 -30.11 -45.77 55.07
N TRP N 254 -31.29 -45.78 54.42
CA TRP N 254 -32.11 -44.61 54.18
C TRP N 254 -33.45 -44.78 54.89
N ARG N 255 -34.06 -45.95 54.76
CA ARG N 255 -35.42 -46.20 55.21
C ARG N 255 -35.51 -45.92 56.69
N ALA N 256 -36.68 -45.46 57.16
CA ALA N 256 -36.89 -44.94 58.50
C ALA N 256 -37.53 -45.98 59.41
N ASN N 257 -37.01 -46.05 60.64
CA ASN N 257 -37.70 -46.59 61.78
C ASN N 257 -38.16 -45.52 62.74
N TYR N 258 -39.48 -45.34 62.90
CA TYR N 258 -40.06 -44.27 63.69
C TYR N 258 -40.52 -44.72 65.07
N THR N 259 -40.44 -43.78 66.01
CA THR N 259 -40.86 -43.91 67.39
C THR N 259 -41.48 -42.64 67.93
N ILE N 260 -42.56 -42.84 68.69
CA ILE N 260 -43.09 -41.77 69.51
C ILE N 260 -42.38 -41.82 70.87
N LEU N 261 -41.63 -40.77 71.22
CA LEU N 261 -40.70 -40.78 72.32
C LEU N 261 -41.48 -40.46 73.60
N LYS N 262 -42.30 -39.41 73.53
CA LYS N 262 -43.05 -38.86 74.65
C LYS N 262 -44.50 -38.60 74.26
N GLY N 263 -45.29 -38.39 75.31
CA GLY N 263 -46.62 -37.85 75.14
C GLY N 263 -47.78 -38.80 74.83
N ASN N 264 -47.56 -40.11 74.87
CA ASN N 264 -48.57 -41.03 74.38
C ASN N 264 -49.14 -41.90 75.49
N GLU N 265 -49.46 -41.34 76.65
CA GLU N 265 -49.55 -42.03 77.93
C GLU N 265 -50.78 -42.90 78.04
N ASN N 266 -51.73 -42.58 77.16
CA ASN N 266 -53.02 -43.26 77.08
C ASN N 266 -53.16 -44.25 75.94
N GLY N 267 -52.23 -44.22 74.99
CA GLY N 267 -52.24 -44.93 73.72
C GLY N 267 -53.08 -44.34 72.61
N ASN N 268 -53.01 -43.01 72.41
CA ASN N 268 -53.94 -42.34 71.52
C ASN N 268 -53.53 -42.35 70.05
N PHE N 269 -52.23 -42.44 69.76
CA PHE N 269 -51.62 -42.37 68.45
C PHE N 269 -50.68 -43.55 68.27
N LYS N 270 -50.23 -43.86 67.04
CA LYS N 270 -49.09 -44.68 66.70
C LYS N 270 -48.36 -43.91 65.60
N ILE N 271 -47.05 -44.07 65.43
CA ILE N 271 -46.34 -43.65 64.24
C ILE N 271 -45.77 -44.82 63.45
N VAL N 272 -45.76 -44.78 62.11
CA VAL N 272 -45.19 -45.79 61.25
C VAL N 272 -44.60 -45.19 59.98
N THR N 273 -43.84 -45.96 59.19
CA THR N 273 -43.14 -45.57 57.99
C THR N 273 -43.88 -45.92 56.71
N ASP N 274 -43.97 -45.02 55.74
CA ASP N 274 -44.48 -45.32 54.42
C ASP N 274 -43.52 -46.22 53.64
N ALA N 275 -43.97 -47.37 53.12
CA ALA N 275 -43.12 -48.23 52.32
C ALA N 275 -42.67 -47.64 50.98
N LYS N 276 -43.05 -46.44 50.51
CA LYS N 276 -42.65 -45.94 49.22
C LYS N 276 -41.89 -44.62 49.32
N THR N 277 -42.47 -43.70 50.10
CA THR N 277 -42.01 -42.32 50.15
C THR N 277 -41.11 -41.93 51.32
N ASN N 278 -40.97 -42.85 52.27
CA ASN N 278 -40.24 -42.74 53.52
C ASN N 278 -40.72 -41.73 54.55
N GLU N 279 -41.89 -41.14 54.30
CA GLU N 279 -42.65 -40.48 55.35
C GLU N 279 -42.85 -41.27 56.63
N GLY N 280 -42.94 -40.59 57.77
CA GLY N 280 -43.50 -40.98 59.06
C GLY N 280 -44.97 -40.60 59.09
N VAL N 281 -45.87 -41.52 59.46
CA VAL N 281 -47.29 -41.30 59.28
C VAL N 281 -48.00 -41.56 60.59
N LEU N 282 -48.72 -40.55 61.09
CA LEU N 282 -49.28 -40.42 62.42
C LEU N 282 -50.75 -40.84 62.37
N CYS N 283 -51.06 -42.03 62.89
CA CYS N 283 -52.42 -42.51 63.00
C CYS N 283 -52.96 -42.14 64.36
N VAL N 284 -54.23 -41.75 64.53
CA VAL N 284 -54.99 -41.84 65.76
C VAL N 284 -55.63 -43.22 65.93
N VAL N 285 -55.01 -44.01 66.81
CA VAL N 285 -55.45 -45.35 67.14
C VAL N 285 -56.47 -45.48 68.26
N LYS N 286 -56.50 -44.49 69.16
CA LYS N 286 -57.57 -44.33 70.12
C LYS N 286 -58.18 -42.95 70.12
N PRO N 287 -59.48 -42.81 69.87
CA PRO N 287 -60.17 -41.55 69.69
C PRO N 287 -60.00 -40.51 70.79
N LEU N 288 -60.24 -39.24 70.45
CA LEU N 288 -59.96 -37.99 71.13
C LEU N 288 -61.27 -37.23 71.32
N ASN N 289 -61.64 -37.10 72.60
CA ASN N 289 -62.83 -36.33 72.93
C ASN N 289 -62.49 -34.89 73.29
N TYR N 290 -63.23 -33.96 72.68
CA TYR N 290 -63.17 -32.51 72.84
C TYR N 290 -63.67 -32.08 74.21
N GLU N 291 -64.77 -32.67 74.67
CA GLU N 291 -65.33 -32.59 76.01
C GLU N 291 -64.64 -33.40 77.09
N GLU N 292 -63.38 -33.74 76.82
CA GLU N 292 -62.41 -34.20 77.80
C GLU N 292 -61.13 -33.38 77.70
N LYS N 293 -60.51 -33.21 76.54
CA LYS N 293 -59.17 -32.66 76.46
C LYS N 293 -59.01 -32.06 75.08
N GLN N 294 -58.48 -30.84 74.97
CA GLN N 294 -58.50 -30.06 73.75
C GLN N 294 -57.28 -30.11 72.83
N GLN N 295 -56.16 -30.68 73.29
CA GLN N 295 -54.85 -30.74 72.68
C GLN N 295 -54.00 -31.86 73.27
N MET N 296 -53.19 -32.58 72.48
CA MET N 296 -52.13 -33.48 72.88
C MET N 296 -50.85 -33.13 72.13
N ILE N 297 -49.71 -33.02 72.82
CA ILE N 297 -48.41 -32.62 72.34
C ILE N 297 -47.50 -33.81 72.61
N LEU N 298 -46.84 -34.18 71.50
CA LEU N 298 -46.02 -35.37 71.35
C LEU N 298 -44.58 -35.02 70.95
N GLN N 299 -43.63 -35.91 71.25
CA GLN N 299 -42.32 -35.89 70.64
C GLN N 299 -42.06 -37.17 69.85
N ILE N 300 -41.63 -36.98 68.60
CA ILE N 300 -41.41 -38.05 67.63
C ILE N 300 -39.95 -38.03 67.16
N GLY N 301 -39.52 -39.26 66.92
CA GLY N 301 -38.11 -39.41 66.62
C GLY N 301 -37.81 -40.51 65.61
N VAL N 302 -36.62 -40.46 64.99
CA VAL N 302 -36.29 -41.28 63.85
C VAL N 302 -34.82 -41.65 63.79
N VAL N 303 -34.62 -42.94 63.53
CA VAL N 303 -33.35 -43.48 63.08
C VAL N 303 -33.52 -44.28 61.80
N ASN N 304 -32.43 -44.88 61.31
CA ASN N 304 -32.49 -45.84 60.23
C ASN N 304 -32.69 -47.25 60.74
N GLU N 305 -33.06 -48.27 59.95
CA GLU N 305 -33.08 -49.67 60.26
C GLU N 305 -31.68 -50.29 60.24
N ALA N 306 -30.70 -49.73 59.51
CA ALA N 306 -29.31 -50.09 59.71
C ALA N 306 -28.76 -49.31 60.90
N PRO N 307 -28.13 -50.04 61.83
CA PRO N 307 -27.52 -49.37 62.96
C PRO N 307 -26.39 -48.44 62.52
N PHE N 308 -26.11 -47.53 63.45
CA PHE N 308 -25.04 -46.56 63.31
C PHE N 308 -24.30 -46.58 64.64
N SER N 309 -23.08 -46.05 64.56
CA SER N 309 -22.04 -45.96 65.57
C SER N 309 -21.91 -47.24 66.39
N ARG N 310 -21.44 -48.31 65.73
CA ARG N 310 -21.24 -49.58 66.38
C ARG N 310 -22.48 -50.04 67.14
N GLU N 311 -23.63 -50.09 66.47
CA GLU N 311 -24.93 -50.53 66.96
C GLU N 311 -25.47 -49.77 68.15
N ALA N 312 -25.16 -48.48 68.37
CA ALA N 312 -25.56 -47.64 69.47
C ALA N 312 -26.90 -46.96 69.25
N SER N 313 -27.21 -46.64 67.98
CA SER N 313 -28.34 -45.85 67.59
C SER N 313 -28.51 -44.58 68.43
N PRO N 314 -29.68 -44.37 69.04
CA PRO N 314 -29.97 -43.10 69.68
C PRO N 314 -29.19 -42.81 70.96
N ARG N 315 -28.54 -43.77 71.62
CA ARG N 315 -27.52 -43.46 72.60
C ARG N 315 -26.41 -42.57 72.08
N SER N 316 -26.10 -42.56 70.78
CA SER N 316 -25.00 -41.75 70.27
C SER N 316 -25.43 -40.67 69.31
N ALA N 317 -26.49 -40.97 68.53
CA ALA N 317 -27.10 -40.10 67.55
C ALA N 317 -28.56 -40.36 67.22
N MET N 318 -29.39 -39.36 67.50
CA MET N 318 -30.82 -39.33 67.25
C MET N 318 -31.26 -37.98 66.71
N SER N 319 -32.38 -38.07 66.00
CA SER N 319 -33.08 -36.94 65.42
C SER N 319 -34.51 -36.93 65.96
N THR N 320 -34.98 -35.85 66.59
CA THR N 320 -36.22 -35.70 67.34
C THR N 320 -36.86 -34.38 66.91
N ALA N 321 -38.20 -34.38 66.92
CA ALA N 321 -39.14 -33.33 66.63
C ALA N 321 -40.34 -33.36 67.56
N THR N 322 -40.91 -32.19 67.84
CA THR N 322 -42.18 -32.02 68.52
C THR N 322 -43.32 -31.86 67.53
N VAL N 323 -44.47 -32.46 67.84
CA VAL N 323 -45.78 -32.47 67.22
C VAL N 323 -46.83 -31.96 68.20
N THR N 324 -47.66 -31.02 67.71
CA THR N 324 -48.85 -30.53 68.39
C THR N 324 -50.07 -31.10 67.69
N VAL N 325 -51.14 -31.60 68.31
CA VAL N 325 -52.41 -32.00 67.75
C VAL N 325 -53.48 -31.27 68.55
N ASN N 326 -54.35 -30.53 67.86
CA ASN N 326 -55.56 -29.89 68.34
C ASN N 326 -56.75 -30.81 68.10
N VAL N 327 -57.78 -30.71 68.95
CA VAL N 327 -59.07 -31.36 68.79
C VAL N 327 -60.14 -30.31 68.52
N GLU N 328 -60.96 -30.67 67.52
CA GLU N 328 -62.04 -29.82 67.08
C GLU N 328 -63.38 -30.41 67.49
N ASP N 329 -64.31 -29.59 68.00
CA ASP N 329 -65.59 -30.08 68.45
C ASP N 329 -66.46 -30.54 67.29
N GLN N 330 -67.14 -31.68 67.45
CA GLN N 330 -68.21 -32.18 66.61
C GLN N 330 -69.45 -32.26 67.50
N ASP N 331 -70.65 -31.97 67.00
CA ASP N 331 -71.91 -32.18 67.68
C ASP N 331 -72.30 -33.62 67.92
N GLU N 332 -72.62 -33.97 69.16
CA GLU N 332 -72.95 -35.24 69.76
C GLU N 332 -74.39 -35.19 70.26
N GLY N 333 -74.93 -36.39 70.50
CA GLY N 333 -76.37 -36.47 70.37
C GLY N 333 -77.13 -36.39 71.69
N PRO N 334 -78.46 -36.27 71.67
CA PRO N 334 -79.28 -36.00 72.83
C PRO N 334 -79.71 -37.24 73.58
N GLU N 335 -80.00 -37.15 74.89
CA GLU N 335 -80.35 -38.13 75.89
C GLU N 335 -81.62 -37.74 76.64
N CYS N 336 -82.71 -38.52 76.60
CA CYS N 336 -84.08 -38.12 76.85
C CYS N 336 -84.68 -39.01 77.92
N ASN N 337 -84.18 -38.78 79.15
CA ASN N 337 -84.51 -39.49 80.36
C ASN N 337 -85.16 -38.57 81.38
N PRO N 338 -86.23 -38.96 82.07
CA PRO N 338 -87.14 -40.04 81.74
C PRO N 338 -88.03 -39.72 80.55
N PRO N 339 -88.30 -40.69 79.68
CA PRO N 339 -89.08 -40.46 78.47
C PRO N 339 -90.48 -40.00 78.86
N ILE N 340 -91.06 -40.49 79.96
CA ILE N 340 -92.37 -40.10 80.44
C ILE N 340 -92.20 -39.22 81.67
N GLN N 341 -92.77 -38.02 81.65
CA GLN N 341 -92.56 -37.02 82.68
C GLN N 341 -93.89 -36.47 83.14
N THR N 342 -94.08 -36.15 84.43
CA THR N 342 -95.35 -35.78 85.04
C THR N 342 -95.37 -34.30 85.35
N VAL N 343 -96.53 -33.64 85.19
CA VAL N 343 -96.76 -32.25 85.45
C VAL N 343 -98.20 -32.03 85.92
N ARG N 344 -98.65 -30.84 86.32
CA ARG N 344 -99.90 -30.58 87.02
C ARG N 344 -100.55 -29.28 86.56
N MET N 345 -101.87 -29.23 86.34
CA MET N 345 -102.66 -28.04 86.08
C MET N 345 -104.02 -28.13 86.77
N LYS N 346 -104.79 -27.06 86.71
CA LYS N 346 -106.20 -26.97 87.07
C LYS N 346 -107.01 -26.53 85.87
N GLU N 347 -108.28 -26.93 85.73
CA GLU N 347 -109.18 -26.70 84.62
C GLU N 347 -109.52 -25.22 84.65
N ASN N 348 -109.15 -24.39 85.63
CA ASN N 348 -109.54 -22.99 85.64
C ASN N 348 -108.49 -22.10 84.98
N ALA N 349 -107.36 -22.59 84.49
CA ALA N 349 -106.25 -21.84 83.92
C ALA N 349 -106.67 -21.27 82.58
N GLU N 350 -105.94 -20.27 82.07
CA GLU N 350 -106.38 -19.42 80.99
C GLU N 350 -105.48 -19.37 79.76
N VAL N 351 -106.13 -19.13 78.61
CA VAL N 351 -105.57 -19.08 77.29
C VAL N 351 -104.34 -18.17 77.40
N GLY N 352 -103.26 -18.69 76.81
CA GLY N 352 -102.02 -18.01 76.52
C GLY N 352 -101.02 -18.06 77.66
N THR N 353 -101.35 -18.36 78.92
CA THR N 353 -100.45 -18.53 80.03
C THR N 353 -99.52 -19.71 79.74
N THR N 354 -98.33 -19.70 80.35
CA THR N 354 -97.29 -20.63 79.99
C THR N 354 -96.76 -21.22 81.29
N SER N 355 -96.53 -22.54 81.29
CA SER N 355 -96.13 -23.35 82.42
C SER N 355 -95.08 -24.38 82.07
N ASN N 356 -94.44 -25.01 83.07
CA ASN N 356 -93.44 -25.97 82.67
C ASN N 356 -93.91 -27.26 82.01
N GLY N 357 -93.22 -27.68 80.94
CA GLY N 357 -93.55 -28.90 80.24
C GLY N 357 -92.39 -29.87 80.26
N TYR N 358 -92.04 -30.36 79.07
CA TYR N 358 -91.03 -31.38 78.92
C TYR N 358 -89.61 -30.82 78.87
N LYS N 359 -88.63 -31.69 79.13
CA LYS N 359 -87.22 -31.40 79.05
C LYS N 359 -86.47 -32.57 78.44
N ALA N 360 -85.41 -32.31 77.66
CA ALA N 360 -84.51 -33.31 77.16
C ALA N 360 -83.11 -32.68 77.13
N TYR N 361 -82.06 -33.43 76.79
CA TYR N 361 -80.74 -33.00 77.21
C TYR N 361 -79.63 -33.41 76.25
N ASP N 362 -78.55 -32.66 76.16
CA ASP N 362 -77.39 -32.88 75.31
C ASP N 362 -76.13 -32.82 76.16
N PRO N 363 -75.47 -33.93 76.51
CA PRO N 363 -74.33 -33.99 77.41
C PRO N 363 -73.24 -32.94 77.31
N GLU N 364 -73.03 -32.37 76.13
CA GLU N 364 -71.95 -31.47 75.80
C GLU N 364 -72.21 -30.13 76.51
N THR N 365 -73.42 -29.76 76.90
CA THR N 365 -73.73 -28.61 77.74
C THR N 365 -74.58 -29.00 78.95
N ARG N 366 -74.95 -30.26 79.16
CA ARG N 366 -75.76 -30.83 80.21
C ARG N 366 -77.05 -30.03 80.34
N SER N 367 -77.54 -29.57 79.18
CA SER N 367 -78.69 -28.68 79.17
C SER N 367 -79.74 -29.03 78.13
N SER N 368 -80.83 -28.26 78.17
CA SER N 368 -81.96 -28.35 77.27
C SER N 368 -82.02 -27.26 76.21
N SER N 369 -81.42 -26.10 76.49
CA SER N 369 -81.48 -24.82 75.83
C SER N 369 -81.23 -24.81 74.33
N GLY N 370 -80.69 -25.88 73.75
CA GLY N 370 -80.43 -25.94 72.33
C GLY N 370 -81.53 -26.66 71.58
N ILE N 371 -82.23 -27.57 72.26
CA ILE N 371 -83.09 -28.60 71.73
C ILE N 371 -84.48 -28.03 71.48
N ARG N 372 -85.15 -28.43 70.40
CA ARG N 372 -86.42 -27.98 69.86
C ARG N 372 -87.46 -29.04 70.17
N TYR N 373 -88.75 -28.68 70.25
CA TYR N 373 -89.72 -29.62 70.74
C TYR N 373 -90.95 -29.75 69.86
N LYS N 374 -91.49 -30.95 69.66
CA LYS N 374 -92.63 -31.15 68.79
C LYS N 374 -93.73 -31.94 69.50
N LYS N 375 -95.00 -31.85 69.09
CA LYS N 375 -96.07 -32.68 69.62
C LYS N 375 -96.50 -33.81 68.69
N LEU N 376 -96.54 -35.05 69.18
CA LEU N 376 -96.75 -36.26 68.42
C LEU N 376 -98.24 -36.60 68.43
N THR N 377 -98.79 -37.14 69.52
CA THR N 377 -100.19 -37.52 69.57
C THR N 377 -100.81 -37.11 70.90
N ASP N 378 -101.96 -36.45 70.78
CA ASP N 378 -102.75 -35.84 71.82
C ASP N 378 -104.22 -36.15 71.63
N PRO N 379 -104.99 -36.59 72.62
CA PRO N 379 -106.38 -37.00 72.49
C PRO N 379 -107.36 -35.83 72.57
N THR N 380 -106.96 -34.64 73.04
CA THR N 380 -107.81 -33.52 73.37
C THR N 380 -107.53 -32.24 72.59
N GLY N 381 -106.29 -31.83 72.37
CA GLY N 381 -105.93 -30.70 71.53
C GLY N 381 -105.84 -29.31 72.16
N TRP N 382 -106.30 -29.14 73.41
CA TRP N 382 -106.32 -27.94 74.22
C TRP N 382 -104.97 -27.25 74.38
N VAL N 383 -103.87 -28.01 74.42
CA VAL N 383 -102.61 -27.32 74.65
C VAL N 383 -101.65 -27.20 73.48
N THR N 384 -100.92 -26.08 73.40
CA THR N 384 -99.85 -25.88 72.45
C THR N 384 -98.50 -26.02 73.14
N ILE N 385 -97.46 -26.55 72.51
CA ILE N 385 -96.13 -26.72 73.04
C ILE N 385 -95.33 -25.54 72.50
N ASP N 386 -94.47 -24.95 73.32
CA ASP N 386 -93.41 -24.04 72.92
C ASP N 386 -92.32 -24.81 72.19
N GLU N 387 -92.30 -24.65 70.86
CA GLU N 387 -91.42 -25.36 69.94
C GLU N 387 -89.95 -25.07 70.12
N ASN N 388 -89.63 -24.02 70.87
CA ASN N 388 -88.26 -23.68 71.19
C ASN N 388 -87.90 -24.43 72.46
N THR N 389 -88.68 -24.42 73.55
CA THR N 389 -88.40 -24.82 74.91
C THR N 389 -89.12 -26.00 75.54
N GLY N 390 -90.12 -26.55 74.85
CA GLY N 390 -90.97 -27.66 75.23
C GLY N 390 -92.05 -27.34 76.25
N SER N 391 -92.18 -26.10 76.73
CA SER N 391 -93.20 -25.61 77.63
C SER N 391 -94.61 -25.89 77.12
N ILE N 392 -95.55 -26.09 78.03
CA ILE N 392 -96.99 -26.03 77.84
C ILE N 392 -97.45 -24.57 77.85
N LYS N 393 -98.35 -24.34 76.89
CA LYS N 393 -99.08 -23.10 76.71
C LYS N 393 -100.54 -23.45 76.53
N VAL N 394 -101.53 -22.83 77.17
CA VAL N 394 -102.92 -23.24 77.05
C VAL N 394 -103.51 -22.59 75.80
N PHE N 395 -104.11 -23.35 74.89
CA PHE N 395 -104.83 -22.83 73.74
C PHE N 395 -106.35 -22.73 73.87
N ARG N 396 -106.84 -23.70 74.65
CA ARG N 396 -108.27 -23.90 74.86
C ARG N 396 -108.56 -24.51 76.22
N SER N 397 -109.80 -24.32 76.70
CA SER N 397 -110.24 -24.81 78.00
C SER N 397 -110.06 -26.30 78.21
N LEU N 398 -109.17 -26.59 79.16
CA LEU N 398 -108.98 -27.86 79.81
C LEU N 398 -110.23 -28.30 80.57
N ASP N 399 -110.70 -29.54 80.44
CA ASP N 399 -111.82 -30.04 81.21
C ASP N 399 -111.62 -31.35 81.95
N ARG N 400 -111.53 -31.31 83.27
CA ARG N 400 -111.59 -32.44 84.17
C ARG N 400 -112.86 -33.28 83.98
N GLU N 401 -113.82 -32.89 83.14
CA GLU N 401 -115.10 -33.55 82.96
C GLU N 401 -115.25 -34.28 81.62
N ALA N 402 -114.19 -34.32 80.83
CA ALA N 402 -114.11 -35.15 79.64
C ALA N 402 -113.88 -36.58 80.10
N GLU N 403 -114.41 -37.57 79.37
CA GLU N 403 -114.44 -38.99 79.65
C GLU N 403 -113.08 -39.68 79.64
N THR N 404 -112.10 -39.15 78.90
CA THR N 404 -110.75 -39.66 78.75
C THR N 404 -109.71 -39.01 79.67
N ILE N 405 -110.09 -38.25 80.70
CA ILE N 405 -109.13 -37.74 81.65
C ILE N 405 -109.12 -38.69 82.84
N LYS N 406 -108.86 -39.99 82.64
CA LYS N 406 -109.10 -41.07 83.58
C LYS N 406 -108.28 -40.76 84.81
N ASN N 407 -109.00 -40.85 85.94
CA ASN N 407 -108.53 -40.60 87.29
C ASN N 407 -107.73 -39.32 87.35
N GLY N 408 -108.33 -38.25 86.81
CA GLY N 408 -107.83 -36.88 86.77
C GLY N 408 -106.48 -36.70 86.10
N ILE N 409 -106.11 -37.65 85.23
CA ILE N 409 -104.90 -37.51 84.46
C ILE N 409 -105.17 -37.64 82.97
N TYR N 410 -104.41 -36.98 82.09
CA TYR N 410 -104.34 -37.27 80.68
C TYR N 410 -102.93 -37.12 80.13
N ASN N 411 -102.64 -37.48 78.87
CA ASN N 411 -101.28 -37.46 78.37
C ASN N 411 -101.18 -37.04 76.91
N ILE N 412 -100.09 -36.34 76.57
CA ILE N 412 -99.67 -36.04 75.22
C ILE N 412 -98.30 -36.65 74.94
N THR N 413 -98.12 -37.07 73.69
CA THR N 413 -96.84 -37.61 73.29
C THR N 413 -96.00 -36.55 72.58
N VAL N 414 -94.70 -36.54 72.89
CA VAL N 414 -93.79 -35.44 72.67
C VAL N 414 -92.59 -36.09 71.99
N LEU N 415 -92.01 -35.20 71.17
CA LEU N 415 -90.81 -35.42 70.41
C LEU N 415 -89.85 -34.25 70.63
N ALA N 416 -88.53 -34.48 70.64
CA ALA N 416 -87.53 -33.44 70.82
C ALA N 416 -86.42 -33.81 69.85
N SER N 417 -85.49 -32.88 69.61
CA SER N 417 -84.76 -32.77 68.37
C SER N 417 -83.75 -31.64 68.46
N ASP N 418 -82.82 -31.65 67.50
CA ASP N 418 -81.74 -30.68 67.48
C ASP N 418 -81.23 -30.65 66.05
N GLN N 419 -79.97 -30.32 65.79
CA GLN N 419 -79.32 -30.35 64.48
C GLN N 419 -78.47 -31.60 64.27
N GLY N 420 -77.83 -31.72 63.11
CA GLY N 420 -77.58 -33.06 62.63
C GLY N 420 -78.72 -34.07 62.52
N GLY N 421 -79.98 -33.62 62.64
CA GLY N 421 -81.21 -34.38 62.67
C GLY N 421 -81.25 -35.55 63.65
N ARG N 422 -81.15 -35.26 64.95
CA ARG N 422 -81.06 -36.21 66.04
C ARG N 422 -82.13 -35.99 67.10
N THR N 423 -83.01 -36.99 67.24
CA THR N 423 -84.35 -36.81 67.76
C THR N 423 -84.64 -37.87 68.81
N CYS N 424 -85.72 -37.71 69.57
CA CYS N 424 -86.10 -38.60 70.66
C CYS N 424 -87.56 -38.40 71.06
N THR N 425 -88.20 -39.41 71.65
CA THR N 425 -89.63 -39.40 71.82
C THR N 425 -89.99 -39.81 73.24
N GLY N 426 -91.18 -39.38 73.69
CA GLY N 426 -91.53 -39.34 75.09
C GLY N 426 -92.98 -39.01 75.41
N THR N 427 -93.40 -38.81 76.67
CA THR N 427 -94.79 -38.64 77.04
C THR N 427 -94.86 -37.62 78.16
N LEU N 428 -95.69 -36.59 77.96
CA LEU N 428 -95.99 -35.65 79.02
C LEU N 428 -97.39 -35.91 79.56
N GLY N 429 -97.54 -36.23 80.85
CA GLY N 429 -98.80 -36.40 81.55
C GLY N 429 -99.20 -35.24 82.44
N ILE N 430 -100.46 -34.84 82.30
CA ILE N 430 -100.97 -33.74 83.10
C ILE N 430 -101.88 -34.28 84.19
N ILE N 431 -101.54 -34.05 85.47
CA ILE N 431 -102.53 -34.13 86.52
C ILE N 431 -103.40 -32.90 86.31
N LEU N 432 -104.70 -33.11 86.06
CA LEU N 432 -105.63 -32.00 85.98
C LEU N 432 -106.46 -31.96 87.26
N GLN N 433 -106.45 -30.87 88.03
CA GLN N 433 -107.32 -30.63 89.16
C GLN N 433 -108.75 -30.19 88.84
N ASP N 434 -109.69 -30.61 89.69
CA ASP N 434 -111.10 -30.31 89.57
C ASP N 434 -111.45 -28.96 90.19
N VAL N 435 -112.34 -28.19 89.56
CA VAL N 435 -113.14 -27.16 90.19
C VAL N 435 -114.60 -27.48 89.93
N ASN N 436 -115.53 -26.87 90.67
CA ASN N 436 -116.95 -26.95 90.39
C ASN N 436 -117.17 -25.93 89.28
N ASP N 437 -117.55 -26.37 88.08
CA ASP N 437 -117.79 -25.49 86.95
C ASP N 437 -118.94 -26.01 86.10
N ASN N 438 -119.01 -27.31 85.85
CA ASN N 438 -120.22 -27.88 85.28
C ASN N 438 -121.40 -27.89 86.24
N SER N 439 -122.61 -27.83 85.66
CA SER N 439 -123.90 -27.80 86.31
C SER N 439 -124.71 -29.09 86.36
N PRO N 440 -125.72 -29.24 87.20
CA PRO N 440 -126.62 -30.37 87.11
C PRO N 440 -127.27 -30.46 85.73
N PHE N 441 -127.59 -31.73 85.48
CA PHE N 441 -128.21 -32.22 84.26
C PHE N 441 -129.20 -33.32 84.61
N ILE N 442 -130.24 -33.42 83.78
CA ILE N 442 -131.25 -34.45 83.93
C ILE N 442 -131.17 -35.22 82.63
N PRO N 443 -130.81 -36.50 82.69
CA PRO N 443 -130.69 -37.38 81.53
C PRO N 443 -131.97 -37.84 80.87
N LYS N 444 -133.11 -37.82 81.57
CA LYS N 444 -134.44 -38.11 81.07
C LYS N 444 -135.39 -36.95 81.30
N LYS N 445 -135.67 -36.09 80.32
CA LYS N 445 -136.67 -35.05 80.38
C LYS N 445 -138.11 -35.43 80.08
N THR N 446 -138.28 -36.63 79.51
CA THR N 446 -139.54 -37.23 79.17
C THR N 446 -140.29 -37.77 80.39
N VAL N 447 -141.46 -37.22 80.67
CA VAL N 447 -142.34 -37.68 81.74
C VAL N 447 -143.65 -38.18 81.14
N ILE N 448 -144.13 -39.27 81.74
CA ILE N 448 -145.34 -39.96 81.33
C ILE N 448 -146.06 -40.30 82.62
N ILE N 449 -147.01 -39.42 82.98
CA ILE N 449 -147.81 -39.61 84.17
C ILE N 449 -149.09 -40.32 83.77
N CYS N 450 -149.32 -41.50 84.37
CA CYS N 450 -150.51 -42.31 84.23
C CYS N 450 -151.50 -41.83 85.27
N LYS N 451 -152.02 -40.60 85.11
CA LYS N 451 -152.90 -39.95 86.05
C LYS N 451 -153.82 -40.85 86.88
N PRO N 452 -154.67 -41.70 86.29
CA PRO N 452 -155.64 -42.56 86.94
C PRO N 452 -155.01 -43.45 88.00
N THR N 453 -153.74 -43.83 87.79
CA THR N 453 -152.98 -44.62 88.73
C THR N 453 -151.89 -43.89 89.50
N MET N 454 -151.57 -42.62 89.22
CA MET N 454 -150.39 -41.91 89.68
C MET N 454 -150.78 -40.54 90.19
N SER N 455 -149.93 -39.92 91.02
CA SER N 455 -150.22 -38.65 91.66
C SER N 455 -149.13 -37.59 91.57
N SER N 456 -147.95 -38.02 91.16
CA SER N 456 -146.77 -37.25 90.81
C SER N 456 -145.72 -38.07 90.07
N ALA N 457 -144.75 -37.43 89.43
CA ALA N 457 -143.50 -38.02 88.97
C ALA N 457 -142.33 -37.65 89.86
N GLU N 458 -141.31 -38.52 89.85
CA GLU N 458 -139.99 -38.30 90.41
C GLU N 458 -138.93 -37.98 89.39
N ILE N 459 -138.15 -36.91 89.57
CA ILE N 459 -137.15 -36.34 88.68
C ILE N 459 -135.74 -36.59 89.21
N VAL N 460 -134.93 -37.24 88.37
CA VAL N 460 -133.62 -37.66 88.81
C VAL N 460 -132.57 -36.97 87.95
N ALA N 461 -131.56 -36.42 88.62
CA ALA N 461 -130.50 -35.57 88.12
C ALA N 461 -129.10 -36.00 88.50
N VAL N 462 -128.04 -35.51 87.84
CA VAL N 462 -126.64 -35.89 87.97
C VAL N 462 -125.82 -34.66 87.63
N ASP N 463 -124.57 -34.56 88.09
CA ASP N 463 -123.58 -33.57 87.70
C ASP N 463 -122.51 -34.15 86.80
N PRO N 464 -121.91 -33.54 85.78
CA PRO N 464 -120.65 -33.99 85.21
C PRO N 464 -119.50 -34.16 86.20
N ASP N 465 -119.33 -33.21 87.12
CA ASP N 465 -118.30 -33.20 88.13
C ASP N 465 -118.54 -34.36 89.09
N GLU N 466 -117.54 -34.75 89.88
CA GLU N 466 -117.64 -35.75 90.94
C GLU N 466 -118.57 -35.23 92.02
N PRO N 467 -118.98 -36.04 93.01
CA PRO N 467 -120.01 -35.72 93.99
C PRO N 467 -119.69 -34.60 94.97
N ILE N 468 -118.43 -34.19 95.14
CA ILE N 468 -118.02 -33.08 95.97
C ILE N 468 -118.35 -31.80 95.20
N HIS N 469 -118.66 -31.83 93.90
CA HIS N 469 -119.02 -30.74 93.04
C HIS N 469 -120.35 -30.97 92.35
N GLY N 470 -121.25 -31.73 93.00
CA GLY N 470 -122.51 -32.24 92.52
C GLY N 470 -123.66 -32.18 93.51
N PRO N 471 -124.24 -33.34 93.85
CA PRO N 471 -125.38 -33.43 94.73
C PRO N 471 -125.07 -32.94 96.14
N PRO N 472 -126.00 -32.33 96.89
CA PRO N 472 -127.42 -32.21 96.67
C PRO N 472 -127.78 -31.31 95.50
N PHE N 473 -128.75 -31.69 94.68
CA PHE N 473 -129.39 -30.71 93.82
C PHE N 473 -130.55 -29.97 94.49
N ASP N 474 -130.58 -28.65 94.28
CA ASP N 474 -131.67 -27.81 94.75
C ASP N 474 -132.51 -27.33 93.58
N PHE N 475 -133.75 -27.84 93.57
CA PHE N 475 -134.66 -27.79 92.45
C PHE N 475 -135.68 -26.67 92.63
N SER N 476 -135.93 -25.88 91.59
CA SER N 476 -136.96 -24.87 91.66
C SER N 476 -137.68 -24.79 90.31
N LEU N 477 -138.73 -23.98 90.28
CA LEU N 477 -139.40 -23.53 89.08
C LEU N 477 -139.04 -22.12 88.63
N GLU N 478 -137.80 -21.70 88.89
CA GLU N 478 -137.34 -20.34 88.80
C GLU N 478 -137.29 -19.67 87.43
N SER N 479 -137.41 -20.42 86.33
CA SER N 479 -137.38 -19.77 85.03
C SER N 479 -138.77 -19.82 84.41
N SER N 480 -139.80 -20.25 85.15
CA SER N 480 -141.14 -20.43 84.62
C SER N 480 -142.09 -19.34 85.12
N THR N 481 -142.97 -18.95 84.19
CA THR N 481 -143.94 -17.91 84.48
C THR N 481 -144.87 -18.24 85.63
N SER N 482 -145.51 -17.25 86.25
CA SER N 482 -146.40 -17.38 87.40
C SER N 482 -147.57 -18.34 87.33
N GLU N 483 -148.10 -18.60 86.14
CA GLU N 483 -149.12 -19.59 85.85
C GLU N 483 -148.64 -21.03 85.77
N VAL N 484 -147.38 -21.24 85.37
CA VAL N 484 -146.73 -22.53 85.50
C VAL N 484 -146.54 -22.95 86.95
N GLN N 485 -146.18 -21.99 87.82
CA GLN N 485 -146.15 -22.17 89.26
C GLN N 485 -147.47 -22.33 90.01
N ARG N 486 -148.61 -22.07 89.38
CA ARG N 486 -149.94 -22.34 89.90
C ARG N 486 -150.45 -23.63 89.26
N MET N 487 -150.01 -24.06 88.07
CA MET N 487 -150.29 -25.40 87.61
C MET N 487 -149.47 -26.46 88.33
N TRP N 488 -148.16 -26.24 88.47
CA TRP N 488 -147.22 -27.24 88.95
C TRP N 488 -146.62 -27.03 90.33
N ARG N 489 -146.01 -28.07 90.90
CA ARG N 489 -145.17 -27.98 92.08
C ARG N 489 -143.96 -28.91 92.02
N LEU N 490 -142.90 -28.47 92.71
CA LEU N 490 -141.66 -29.21 92.78
C LEU N 490 -141.10 -29.25 94.19
N LYS N 491 -140.53 -30.39 94.61
CA LYS N 491 -140.07 -30.61 95.97
C LYS N 491 -139.03 -31.72 96.01
N ALA N 492 -137.88 -31.30 96.52
CA ALA N 492 -136.71 -32.14 96.67
C ALA N 492 -136.94 -33.31 97.62
N ILE N 493 -136.54 -34.52 97.23
CA ILE N 493 -136.95 -35.71 97.95
C ILE N 493 -135.72 -36.51 98.33
N ASN N 494 -134.64 -36.40 97.56
CA ASN N 494 -133.30 -36.90 97.80
C ASN N 494 -132.22 -35.95 97.31
N ASP N 495 -131.03 -35.97 97.91
CA ASP N 495 -129.79 -35.56 97.28
C ASP N 495 -129.79 -35.57 95.76
N THR N 496 -130.23 -36.60 95.04
CA THR N 496 -130.11 -36.75 93.61
C THR N 496 -131.45 -36.58 92.92
N ALA N 497 -132.57 -36.32 93.59
CA ALA N 497 -133.89 -36.41 93.00
C ALA N 497 -134.99 -35.57 93.67
N ALA N 498 -136.02 -35.18 92.92
CA ALA N 498 -137.10 -34.36 93.42
C ALA N 498 -138.41 -34.87 92.80
N ARG N 499 -139.50 -34.50 93.47
CA ARG N 499 -140.88 -34.84 93.12
C ARG N 499 -141.60 -33.71 92.43
N LEU N 500 -142.14 -34.04 91.25
CA LEU N 500 -143.01 -33.13 90.53
C LEU N 500 -144.44 -33.58 90.69
N SER N 501 -145.28 -32.65 91.16
CA SER N 501 -146.69 -32.82 91.45
C SER N 501 -147.55 -31.76 90.81
N TYR N 502 -148.86 -31.95 90.61
CA TYR N 502 -149.74 -30.96 90.01
C TYR N 502 -150.84 -30.39 90.90
N GLN N 503 -151.28 -29.15 90.68
CA GLN N 503 -152.31 -28.40 91.38
C GLN N 503 -153.61 -28.46 90.58
N ASN N 504 -154.70 -28.65 91.32
CA ASN N 504 -156.10 -28.44 91.01
C ASN N 504 -156.55 -29.21 89.78
N ASP N 505 -156.22 -30.51 89.83
CA ASP N 505 -156.65 -31.61 88.99
C ASP N 505 -156.76 -31.27 87.51
N PRO N 506 -155.65 -30.94 86.85
CA PRO N 506 -155.67 -30.55 85.45
C PRO N 506 -155.91 -31.74 84.53
N PRO N 507 -156.79 -31.62 83.54
CA PRO N 507 -157.16 -32.69 82.62
C PRO N 507 -155.99 -33.23 81.82
N PHE N 508 -156.26 -34.46 81.36
CA PHE N 508 -155.45 -35.15 80.39
C PHE N 508 -155.04 -34.38 79.14
N GLY N 509 -153.75 -34.56 78.80
CA GLY N 509 -153.02 -33.87 77.76
C GLY N 509 -151.54 -33.65 78.08
N SER N 510 -150.77 -33.21 77.08
CA SER N 510 -149.34 -33.02 77.15
C SER N 510 -148.88 -31.58 77.27
N TYR N 511 -147.91 -31.24 78.12
CA TYR N 511 -147.57 -29.87 78.45
C TYR N 511 -146.06 -29.75 78.54
N VAL N 512 -145.54 -28.51 78.46
CA VAL N 512 -144.14 -28.19 78.62
C VAL N 512 -143.90 -27.60 80.01
N VAL N 513 -142.84 -28.01 80.70
CA VAL N 513 -142.56 -27.40 81.99
C VAL N 513 -141.08 -27.07 82.14
N PRO N 514 -140.61 -25.82 82.08
CA PRO N 514 -139.26 -25.42 82.42
C PRO N 514 -138.96 -25.50 83.90
N ILE N 515 -137.92 -26.23 84.30
CA ILE N 515 -137.41 -26.28 85.65
C ILE N 515 -136.09 -25.54 85.79
N THR N 516 -135.63 -25.41 87.04
CA THR N 516 -134.33 -24.92 87.43
C THR N 516 -133.69 -25.84 88.47
N VAL N 517 -132.37 -25.98 88.42
CA VAL N 517 -131.64 -26.84 89.35
C VAL N 517 -130.20 -26.37 89.49
N ARG N 518 -129.65 -26.46 90.70
CA ARG N 518 -128.34 -26.02 91.15
C ARG N 518 -127.63 -27.17 91.84
N ASP N 519 -126.31 -27.06 92.03
CA ASP N 519 -125.46 -28.02 92.71
C ASP N 519 -125.09 -27.47 94.09
N ARG N 520 -124.42 -28.29 94.89
CA ARG N 520 -123.95 -28.01 96.24
C ARG N 520 -122.98 -26.84 96.38
N LEU N 521 -122.44 -26.30 95.28
CA LEU N 521 -121.78 -25.00 95.24
C LEU N 521 -122.28 -24.00 94.22
N GLY N 522 -123.56 -24.04 93.87
CA GLY N 522 -124.26 -22.95 93.22
C GLY N 522 -124.25 -22.89 91.70
N MET N 523 -123.58 -23.75 90.94
CA MET N 523 -123.61 -23.72 89.49
C MET N 523 -124.91 -24.34 89.01
N SER N 524 -125.55 -23.64 88.06
CA SER N 524 -126.97 -23.90 87.92
C SER N 524 -127.33 -24.34 86.51
N SER N 525 -128.53 -24.84 86.22
CA SER N 525 -129.18 -25.17 84.97
C SER N 525 -130.68 -24.94 85.04
N VAL N 526 -131.27 -24.38 83.98
CA VAL N 526 -132.61 -24.68 83.53
C VAL N 526 -132.62 -26.00 82.77
N THR N 527 -133.82 -26.53 82.56
CA THR N 527 -134.06 -27.78 81.85
C THR N 527 -135.56 -27.93 81.68
N SER N 528 -136.08 -28.22 80.47
CA SER N 528 -137.49 -28.23 80.11
C SER N 528 -138.01 -29.66 80.05
N LEU N 529 -139.08 -29.92 80.80
CA LEU N 529 -139.67 -31.24 80.80
C LEU N 529 -140.83 -31.34 79.82
N ASP N 530 -140.93 -32.52 79.21
CA ASP N 530 -142.03 -32.95 78.36
C ASP N 530 -142.95 -33.78 79.24
N VAL N 531 -144.05 -33.28 79.80
CA VAL N 531 -144.94 -34.01 80.68
C VAL N 531 -146.16 -34.44 79.87
N THR N 532 -146.70 -35.65 79.99
CA THR N 532 -148.02 -36.07 79.57
C THR N 532 -148.86 -36.71 80.67
N LEU N 533 -150.03 -36.10 80.87
CA LEU N 533 -151.08 -36.60 81.71
C LEU N 533 -152.09 -37.39 80.89
N CYS N 534 -152.23 -38.68 81.25
CA CYS N 534 -152.83 -39.69 80.41
C CYS N 534 -153.33 -40.88 81.23
N ASP N 535 -153.91 -41.93 80.65
CA ASP N 535 -154.33 -43.16 81.28
C ASP N 535 -153.56 -44.33 80.68
N CYS N 536 -153.09 -45.22 81.55
CA CYS N 536 -152.37 -46.42 81.20
C CYS N 536 -153.15 -47.66 81.64
N ILE N 537 -153.18 -48.61 80.71
CA ILE N 537 -153.53 -49.98 81.03
C ILE N 537 -152.41 -50.80 81.65
N THR N 538 -151.17 -50.38 81.39
CA THR N 538 -149.96 -51.02 81.86
C THR N 538 -149.55 -50.54 83.24
N GLU N 539 -150.08 -49.38 83.64
CA GLU N 539 -149.53 -48.48 84.62
C GLU N 539 -148.20 -47.82 84.30
N ASN N 540 -147.68 -47.98 83.07
CA ASN N 540 -146.37 -47.46 82.74
C ASN N 540 -146.53 -46.37 81.68
N ASP N 541 -147.17 -46.75 80.57
CA ASP N 541 -147.19 -46.01 79.32
C ASP N 541 -148.59 -45.65 78.82
N CYS N 542 -148.76 -44.43 78.30
CA CYS N 542 -150.01 -43.83 77.91
C CYS N 542 -150.74 -44.80 76.97
N THR N 543 -152.00 -45.10 77.26
CA THR N 543 -152.84 -45.91 76.39
C THR N 543 -152.83 -45.41 74.96
N HIS N 544 -152.71 -46.31 73.96
CA HIS N 544 -152.65 -46.02 72.55
C HIS N 544 -153.16 -47.18 71.71
#